data_7SJ9
#
_entry.id   7SJ9
#
_cell.length_a   1.00
_cell.length_b   1.00
_cell.length_c   1.00
_cell.angle_alpha   90.00
_cell.angle_beta   90.00
_cell.angle_gamma   90.00
#
_symmetry.space_group_name_H-M   'P 1'
#
loop_
_entity.id
_entity.type
_entity.pdbx_description
1 polymer 'Tubulin alpha-1B chain'
2 polymer 'Tubulin beta-3 chain'
3 polymer 'Microtubule-associated protein RP/EB family member 3'
4 non-polymer "GUANOSINE-5'-TRIPHOSPHATE"
5 non-polymer 'MAGNESIUM ION'
#
loop_
_entity_poly.entity_id
_entity_poly.type
_entity_poly.pdbx_seq_one_letter_code
_entity_poly.pdbx_strand_id
1 'polypeptide(L)'
;MRECISIHVGQAGVQIGNACWELYCLEHGIQPDGQMPSDKTIHHHHHHGGGDDSFNTFFSETGAGKHVPRAVFVDLEPTV
IDEVRTGTYRQLFHPEQLITGKEDAANNYARGHYTIGKEIIDLVLDRIRKLADQCTGLQGFLVFHSFGGGTGSGFTSLLM
ERLSVDYGKKSKLEFSIYPAPQVSTAVVEPYNSILTTHTTLEHSDCAFMVDNEAIYDICRRNLDIERPTYTNLNRLISQI
VSSITASLRFDGALNVDLTAFQTNLVPYPRIHFPLATYAPVISAEKAYHEQLSVAEITNACFEPANQMVKCDPRHGKYMA
CCLLYRGDVVPKDVNAAIATIKTKRSIQFVDWCPTGFKVGINYQPPTVVPGGDLAKVQRAVCMLSNTTAIAEAWARLDHK
FDLMYAKRAFVHWYVGEGMEEGEFSEAREDMAALEKDYEEVGVDSVEGEGEEEGEEY
;
A,C,E,J,K,L
2 'polypeptide(L)'
;MREIVHIQAGQCGNQIGAKFWEVISDEHGIDPSGNYVGDSDLQLERISVYYNEASSHKYVPRAILVDLEPGTMDSVRSGA
FGHLFRPDNFIFGQSGAGNNWAKGHYTEGAELVDSVLDVVRKECENCDCLQGFQLTHSLGGGTGSGMGTLLISKVREEYP
DRIMNTFSVVPSPKVSDTVVEPYNATLSIHQLVENTDETYCIDNEALYDICFRTLKLATPTYGDLNHLVSATMSGVTTSL
RFPGQLNADLRKLAVNMVPFPRLHFFMPGFAPLTARGSQQYRALTVPELTQQMFDAKNMMAACDPRHGRYLTVATVFRGR
MSMKEVDEQMLAIQSKNSSYFVEWIPNNVKVAVCDIPPRGLKMSSTFIGNSTAIQELFKRISEQFTAMFRRKAFLHWYTG
EGMDEMEFTEAESNMNDLVSEYQQYQDATAEEEGEMYEDDEEESEAQGPKENLYFQ
;
B,D,F,G,H,I
3 'polypeptide(L)'
;MAVNVYSTSVTSENLSRHDMLAWVNDSLHLNYTKIEQLCSGAAYCQFMDMLFPGCVHLRKVKFQAKLEHEYIHNFKVLQA
AFKKMGVDKIIPVEKLVKGKFQDNFEFIQWFKKFFDANYDGKDYNPLLARQGQDVAPPPNPGDQIFNKSKKLIGTAVPQR
TSPTGPKNMQTSGRLSNVAPPCILRKNPPSARNGGHETDAQILELNQQLVDLKLTVDGLEKERDFYFSKLRDIELICQEH
ESENSPVISGIIGILYATEEGFAPPEDDEIEEHQQEDQDEY
;
M,N
#
# COMPACT_ATOMS: atom_id res chain seq x y z
N MET A 1 6.19 5.82 -15.66
CA MET A 1 4.93 5.47 -16.33
C MET A 1 3.75 5.90 -15.48
N ARG A 2 4.03 6.28 -14.24
CA ARG A 2 3.04 6.89 -13.35
C ARG A 2 3.59 8.28 -12.98
N GLU A 3 3.19 9.30 -13.73
CA GLU A 3 3.81 10.61 -13.64
C GLU A 3 2.91 11.62 -12.93
N CYS A 4 3.54 12.54 -12.22
CA CYS A 4 2.82 13.60 -11.51
C CYS A 4 3.76 14.78 -11.38
N ILE A 5 3.38 15.92 -11.94
CA ILE A 5 4.31 17.04 -12.07
C ILE A 5 4.03 18.05 -10.96
N SER A 6 5.03 18.87 -10.67
CA SER A 6 4.96 19.85 -9.59
C SER A 6 5.08 21.25 -10.16
N ILE A 7 4.35 22.19 -9.56
CA ILE A 7 4.32 23.58 -9.98
C ILE A 7 4.49 24.43 -8.73
N HIS A 8 5.61 25.14 -8.64
CA HIS A 8 5.94 25.95 -7.47
C HIS A 8 5.81 27.43 -7.84
N VAL A 9 4.82 28.10 -7.26
CA VAL A 9 4.53 29.50 -7.55
C VAL A 9 4.88 30.33 -6.33
N GLY A 10 5.54 31.45 -6.56
CA GLY A 10 5.91 32.35 -5.48
C GLY A 10 7.19 31.94 -4.79
N GLN A 11 7.72 32.87 -3.99
CA GLN A 11 8.97 32.62 -3.28
C GLN A 11 8.85 31.45 -2.32
N ALA A 12 7.74 31.38 -1.59
CA ALA A 12 7.49 30.22 -0.73
C ALA A 12 7.44 28.95 -1.55
N GLY A 13 6.78 28.99 -2.71
CA GLY A 13 6.76 27.83 -3.59
C GLY A 13 8.15 27.38 -3.98
N VAL A 14 9.02 28.32 -4.33
CA VAL A 14 10.37 27.97 -4.75
C VAL A 14 11.16 27.38 -3.59
N GLN A 15 11.03 27.95 -2.40
CA GLN A 15 11.80 27.43 -1.27
C GLN A 15 11.34 26.04 -0.85
N ILE A 16 10.02 25.83 -0.76
CA ILE A 16 9.52 24.48 -0.52
C ILE A 16 9.92 23.54 -1.65
N GLY A 17 10.06 24.06 -2.87
CA GLY A 17 10.56 23.23 -3.95
C GLY A 17 12.00 22.80 -3.73
N ASN A 18 12.84 23.74 -3.29
CA ASN A 18 14.21 23.38 -2.93
C ASN A 18 14.22 22.25 -1.91
N ALA A 19 13.42 22.40 -0.85
CA ALA A 19 13.38 21.38 0.19
C ALA A 19 12.88 20.04 -0.36
N CYS A 20 11.76 20.07 -1.09
CA CYS A 20 11.15 18.84 -1.58
C CYS A 20 12.07 18.11 -2.54
N TRP A 21 12.74 18.84 -3.44
CA TRP A 21 13.58 18.16 -4.42
C TRP A 21 14.90 17.72 -3.81
N GLU A 22 15.40 18.41 -2.78
CA GLU A 22 16.51 17.85 -2.00
C GLU A 22 16.10 16.52 -1.38
N LEU A 23 14.89 16.48 -0.79
CA LEU A 23 14.41 15.25 -0.19
C LEU A 23 14.26 14.14 -1.22
N TYR A 24 13.75 14.48 -2.41
CA TYR A 24 13.57 13.48 -3.46
C TYR A 24 14.90 12.95 -3.94
N CYS A 25 15.86 13.84 -4.22
CA CYS A 25 17.18 13.42 -4.66
C CYS A 25 17.83 12.51 -3.63
N LEU A 26 17.60 12.79 -2.35
CA LEU A 26 18.11 11.89 -1.31
C LEU A 26 17.37 10.56 -1.32
N GLU A 27 16.05 10.59 -1.56
CA GLU A 27 15.25 9.38 -1.47
C GLU A 27 15.63 8.36 -2.54
N HIS A 28 15.84 8.81 -3.78
CA HIS A 28 16.10 7.93 -4.89
C HIS A 28 17.59 7.78 -5.20
N GLY A 29 18.46 8.24 -4.31
CA GLY A 29 19.89 8.09 -4.52
C GLY A 29 20.40 8.84 -5.73
N ILE A 30 20.01 10.11 -5.87
CA ILE A 30 20.39 10.94 -7.01
C ILE A 30 21.37 11.99 -6.54
N GLN A 31 22.55 12.01 -7.15
CA GLN A 31 23.51 13.06 -6.92
C GLN A 31 22.96 14.38 -7.46
N PRO A 32 23.44 15.52 -6.95
CA PRO A 32 22.98 16.81 -7.47
C PRO A 32 23.24 16.97 -8.97
N ASP A 33 24.25 16.29 -9.50
CA ASP A 33 24.51 16.29 -10.94
C ASP A 33 23.60 15.33 -11.71
N GLY A 34 22.59 14.76 -11.06
CA GLY A 34 21.59 13.94 -11.75
C GLY A 34 21.97 12.51 -12.00
N GLN A 35 23.10 12.04 -11.50
CA GLN A 35 23.56 10.68 -11.75
C GLN A 35 23.15 9.74 -10.62
N MET A 36 23.20 8.44 -10.91
CA MET A 36 22.93 7.38 -9.93
C MET A 36 24.12 6.44 -9.89
N PRO A 37 24.98 6.56 -8.87
CA PRO A 37 26.14 5.67 -8.69
C PRO A 37 25.73 4.22 -8.44
N HIS A 46 12.29 -2.60 -1.55
CA HIS A 46 11.27 -1.57 -1.39
C HIS A 46 11.22 -0.68 -2.62
N HIS A 47 12.16 -0.91 -3.55
CA HIS A 47 12.30 -0.10 -4.75
C HIS A 47 11.93 -0.92 -5.97
N HIS A 48 11.16 -0.32 -6.87
CA HIS A 48 10.74 -0.98 -8.10
C HIS A 48 11.93 -1.18 -9.04
N ASP A 53 11.07 1.08 -11.72
CA ASP A 53 11.64 2.42 -11.67
C ASP A 53 10.82 3.34 -10.77
N SER A 54 11.23 3.43 -9.50
CA SER A 54 10.52 4.30 -8.56
C SER A 54 10.66 5.76 -8.95
N PHE A 55 11.85 6.18 -9.39
CA PHE A 55 12.10 7.58 -9.71
C PHE A 55 11.39 8.04 -10.97
N ASN A 56 10.79 7.13 -11.74
CA ASN A 56 10.18 7.49 -13.00
C ASN A 56 9.00 8.43 -12.80
N THR A 57 8.48 8.51 -11.57
CA THR A 57 7.37 9.42 -11.28
C THR A 57 7.79 10.88 -11.40
N PHE A 58 8.75 11.29 -10.57
CA PHE A 58 9.19 12.69 -10.56
C PHE A 58 10.30 12.95 -11.56
N PHE A 59 11.14 11.95 -11.86
CA PHE A 59 12.37 12.15 -12.60
C PHE A 59 12.22 11.55 -13.99
N SER A 60 12.28 12.40 -15.01
CA SER A 60 12.41 11.90 -16.37
C SER A 60 13.87 11.59 -16.67
N GLU A 61 14.09 10.61 -17.54
CA GLU A 61 15.41 10.06 -17.79
C GLU A 61 15.87 10.42 -19.20
N THR A 62 17.15 10.77 -19.31
CA THR A 62 17.74 11.14 -20.59
C THR A 62 18.42 9.92 -21.20
N GLY A 63 19.16 10.14 -22.30
CA GLY A 63 19.90 9.05 -22.92
C GLY A 63 20.97 8.49 -22.00
N ALA A 64 21.70 9.37 -21.31
CA ALA A 64 22.67 8.94 -20.32
C ALA A 64 21.94 8.65 -19.01
N GLY A 65 22.70 8.50 -17.92
CA GLY A 65 22.11 8.26 -16.62
C GLY A 65 21.55 9.49 -15.94
N LYS A 66 21.63 10.65 -16.58
CA LYS A 66 21.13 11.88 -15.98
C LYS A 66 19.61 11.85 -15.86
N HIS A 67 19.11 12.28 -14.71
CA HIS A 67 17.68 12.37 -14.45
C HIS A 67 17.33 13.82 -14.11
N VAL A 68 16.22 14.31 -14.68
CA VAL A 68 15.82 15.69 -14.42
C VAL A 68 14.39 15.72 -13.89
N PRO A 69 14.08 16.64 -12.99
CA PRO A 69 12.74 16.67 -12.39
C PRO A 69 11.68 17.19 -13.34
N ARG A 70 10.45 16.76 -13.10
CA ARG A 70 9.28 17.27 -13.82
C ARG A 70 8.60 18.29 -12.93
N ALA A 71 9.21 19.47 -12.85
CA ALA A 71 8.67 20.55 -12.02
C ALA A 71 8.88 21.88 -12.74
N VAL A 72 8.07 22.86 -12.37
CA VAL A 72 8.14 24.20 -12.95
C VAL A 72 8.30 25.19 -11.80
N PHE A 73 9.41 25.94 -11.81
CA PHE A 73 9.65 27.00 -10.86
C PHE A 73 9.41 28.33 -11.55
N VAL A 74 8.32 29.01 -11.18
CA VAL A 74 7.92 30.27 -11.78
C VAL A 74 7.79 31.31 -10.67
N ASP A 75 8.42 32.46 -10.88
CA ASP A 75 8.37 33.54 -9.90
C ASP A 75 8.78 34.83 -10.59
N LEU A 76 8.06 35.92 -10.29
CA LEU A 76 8.25 37.17 -11.02
C LEU A 76 9.52 37.92 -10.59
N GLU A 77 10.02 37.70 -9.39
CA GLU A 77 11.26 38.34 -8.96
C GLU A 77 12.41 37.35 -9.10
N PRO A 78 13.46 37.68 -9.86
CA PRO A 78 14.47 36.68 -10.19
C PRO A 78 15.41 36.31 -9.06
N THR A 79 15.19 36.83 -7.85
CA THR A 79 16.13 36.62 -6.75
C THR A 79 16.22 35.14 -6.37
N VAL A 80 15.09 34.54 -6.02
CA VAL A 80 15.10 33.15 -5.57
C VAL A 80 15.49 32.21 -6.71
N ILE A 81 15.10 32.53 -7.94
CA ILE A 81 15.45 31.68 -9.06
C ILE A 81 16.95 31.75 -9.32
N ASP A 82 17.55 32.93 -9.18
CA ASP A 82 19.00 33.04 -9.29
C ASP A 82 19.69 32.26 -8.18
N GLU A 83 19.14 32.29 -6.96
CA GLU A 83 19.71 31.50 -5.88
C GLU A 83 19.65 30.01 -6.19
N VAL A 84 18.55 29.55 -6.78
CA VAL A 84 18.46 28.15 -7.20
C VAL A 84 19.47 27.85 -8.30
N ARG A 85 19.60 28.76 -9.27
CA ARG A 85 20.49 28.53 -10.41
C ARG A 85 21.95 28.44 -9.96
N THR A 86 22.36 29.33 -9.06
CA THR A 86 23.74 29.37 -8.58
C THR A 86 23.96 28.45 -7.37
N GLY A 87 22.92 27.79 -6.88
CA GLY A 87 23.04 26.93 -5.74
C GLY A 87 23.68 25.60 -6.08
N THR A 88 23.66 24.69 -5.10
CA THR A 88 24.26 23.37 -5.30
C THR A 88 23.52 22.58 -6.36
N TYR A 89 22.19 22.68 -6.38
CA TYR A 89 21.38 21.95 -7.36
C TYR A 89 21.32 22.72 -8.67
N ARG A 90 22.48 23.01 -9.24
CA ARG A 90 22.56 23.79 -10.47
C ARG A 90 22.38 22.91 -11.70
N GLN A 91 23.24 21.89 -11.85
CA GLN A 91 23.20 21.04 -13.04
C GLN A 91 21.93 20.22 -13.13
N LEU A 92 21.20 20.04 -12.03
CA LEU A 92 20.07 19.11 -12.01
C LEU A 92 18.95 19.58 -12.93
N PHE A 93 18.41 20.76 -12.67
CA PHE A 93 17.22 21.22 -13.37
C PHE A 93 17.51 21.54 -14.83
N HIS A 94 16.51 21.30 -15.67
CA HIS A 94 16.54 21.76 -17.05
C HIS A 94 16.33 23.26 -17.07
N PRO A 95 17.21 24.04 -17.70
CA PRO A 95 17.18 25.51 -17.54
C PRO A 95 15.87 26.16 -17.94
N GLU A 96 14.99 25.47 -18.67
CA GLU A 96 13.75 26.09 -19.11
C GLU A 96 12.76 26.28 -17.97
N GLN A 97 12.61 25.27 -17.11
CA GLN A 97 11.60 25.35 -16.06
C GLN A 97 11.97 26.30 -14.93
N LEU A 98 13.07 27.03 -15.04
CA LEU A 98 13.41 28.07 -14.08
C LEU A 98 13.00 29.38 -14.74
N ILE A 99 11.72 29.71 -14.61
CA ILE A 99 11.10 30.83 -15.30
C ILE A 99 11.06 32.02 -14.34
N THR A 100 11.52 33.17 -14.81
CA THR A 100 11.54 34.37 -14.01
C THR A 100 10.73 35.45 -14.71
N GLY A 101 10.17 36.35 -13.91
CA GLY A 101 9.59 37.57 -14.39
C GLY A 101 10.60 38.68 -14.38
N LYS A 102 10.11 39.92 -14.31
CA LYS A 102 11.01 41.05 -14.21
C LYS A 102 10.75 41.88 -12.97
N GLU A 103 9.49 42.15 -12.65
CA GLU A 103 9.10 42.84 -11.43
C GLU A 103 8.12 41.96 -10.65
N ASP A 104 8.18 42.05 -9.32
CA ASP A 104 7.29 41.25 -8.49
C ASP A 104 5.90 41.89 -8.38
N ALA A 105 4.91 41.05 -8.10
CA ALA A 105 3.54 41.52 -7.98
C ALA A 105 3.33 42.38 -6.73
N ALA A 106 4.21 42.27 -5.75
CA ALA A 106 4.22 43.12 -4.55
C ALA A 106 2.89 43.02 -3.78
N ASN A 107 2.60 41.80 -3.34
CA ASN A 107 1.45 41.53 -2.48
C ASN A 107 0.15 42.09 -3.06
N ASN A 108 0.05 42.06 -4.39
CA ASN A 108 -1.10 42.63 -5.10
C ASN A 108 -1.67 41.57 -6.03
N TYR A 109 -2.84 41.03 -5.66
CA TYR A 109 -3.49 40.02 -6.49
C TYR A 109 -3.77 40.55 -7.90
N ALA A 110 -4.11 41.83 -8.00
CA ALA A 110 -4.39 42.42 -9.31
C ALA A 110 -3.16 42.38 -10.21
N ARG A 111 -2.00 42.77 -9.67
CA ARG A 111 -0.78 42.75 -10.47
C ARG A 111 -0.38 41.33 -10.85
N GLY A 112 -0.62 40.36 -9.97
CA GLY A 112 -0.26 38.99 -10.23
C GLY A 112 -1.30 38.19 -11.00
N HIS A 113 -2.42 38.80 -11.39
CA HIS A 113 -3.49 38.09 -12.07
C HIS A 113 -3.96 38.76 -13.35
N TYR A 114 -3.77 40.06 -13.52
CA TYR A 114 -4.24 40.76 -14.71
C TYR A 114 -3.16 41.48 -15.49
N THR A 115 -2.19 42.10 -14.81
CA THR A 115 -1.23 42.95 -15.50
C THR A 115 0.07 42.23 -15.86
N ILE A 116 0.73 41.63 -14.88
CA ILE A 116 2.04 41.03 -15.08
C ILE A 116 1.93 39.53 -15.36
N GLY A 117 1.02 38.84 -14.68
CA GLY A 117 0.87 37.41 -14.89
C GLY A 117 0.56 37.05 -16.33
N LYS A 118 -0.19 37.90 -17.03
CA LYS A 118 -0.51 37.63 -18.42
C LYS A 118 0.72 37.64 -19.31
N GLU A 119 1.77 38.36 -18.92
CA GLU A 119 2.92 38.55 -19.80
C GLU A 119 3.79 37.31 -19.92
N ILE A 120 3.68 36.36 -19.00
CA ILE A 120 4.48 35.14 -19.03
C ILE A 120 3.65 33.88 -18.89
N ILE A 121 2.32 33.99 -18.82
CA ILE A 121 1.49 32.80 -18.63
C ILE A 121 1.60 31.85 -19.81
N ASP A 122 1.73 32.39 -21.03
CA ASP A 122 1.78 31.53 -22.21
C ASP A 122 3.03 30.64 -22.19
N LEU A 123 4.17 31.19 -21.77
CA LEU A 123 5.39 30.39 -21.69
C LEU A 123 5.24 29.28 -20.66
N VAL A 124 4.64 29.58 -19.51
CA VAL A 124 4.44 28.57 -18.48
C VAL A 124 3.53 27.46 -18.99
N LEU A 125 2.43 27.83 -19.65
CA LEU A 125 1.54 26.82 -20.20
C LEU A 125 2.23 25.98 -21.26
N ASP A 126 3.05 26.62 -22.10
CA ASP A 126 3.78 25.87 -23.13
C ASP A 126 4.73 24.87 -22.50
N ARG A 127 5.46 25.27 -21.46
CA ARG A 127 6.39 24.36 -20.82
C ARG A 127 5.65 23.22 -20.13
N ILE A 128 4.51 23.52 -19.50
CA ILE A 128 3.70 22.48 -18.87
C ILE A 128 3.20 21.49 -19.91
N ARG A 129 2.74 21.99 -21.05
CA ARG A 129 2.28 21.12 -22.12
C ARG A 129 3.42 20.26 -22.66
N LYS A 130 4.61 20.84 -22.79
CA LYS A 130 5.77 20.06 -23.23
C LYS A 130 6.09 18.95 -22.24
N LEU A 131 6.03 19.24 -20.94
CA LEU A 131 6.25 18.20 -19.94
C LEU A 131 5.19 17.11 -20.03
N ALA A 132 3.92 17.51 -20.20
CA ALA A 132 2.83 16.54 -20.19
C ALA A 132 2.85 15.66 -21.42
N ASP A 133 3.19 16.22 -22.58
CA ASP A 133 3.07 15.48 -23.83
C ASP A 133 4.03 14.30 -23.92
N GLN A 134 5.12 14.31 -23.15
CA GLN A 134 6.06 13.20 -23.14
C GLN A 134 5.84 12.24 -21.98
N CYS A 135 4.80 12.45 -21.18
CA CYS A 135 4.42 11.51 -20.15
C CYS A 135 3.49 10.44 -20.73
N THR A 136 3.20 9.43 -19.93
CA THR A 136 2.34 8.33 -20.38
C THR A 136 1.09 8.17 -19.54
N GLY A 137 1.18 8.31 -18.22
CA GLY A 137 0.03 8.14 -17.36
C GLY A 137 -0.17 9.24 -16.35
N LEU A 138 0.06 10.49 -16.76
CA LEU A 138 0.02 11.65 -15.87
C LEU A 138 -1.22 11.64 -14.98
N GLN A 139 -1.01 11.60 -13.67
CA GLN A 139 -2.13 11.73 -12.74
C GLN A 139 -2.49 13.19 -12.46
N GLY A 140 -1.52 14.04 -12.13
CA GLY A 140 -1.91 15.40 -11.82
C GLY A 140 -0.76 16.29 -11.39
N PHE A 141 -1.16 17.41 -10.80
CA PHE A 141 -0.29 18.55 -10.52
C PHE A 141 -0.24 18.78 -9.02
N LEU A 142 0.96 19.00 -8.49
CA LEU A 142 1.16 19.39 -7.09
C LEU A 142 1.57 20.85 -7.08
N VAL A 143 0.66 21.73 -6.64
CA VAL A 143 0.87 23.16 -6.70
C VAL A 143 1.25 23.66 -5.31
N PHE A 144 2.43 24.27 -5.21
CA PHE A 144 2.94 24.81 -3.95
C PHE A 144 2.97 26.33 -4.07
N HIS A 145 2.11 27.01 -3.32
CA HIS A 145 2.02 28.46 -3.40
C HIS A 145 1.50 29.00 -2.07
N SER A 146 1.70 30.30 -1.86
CA SER A 146 1.17 30.99 -0.69
C SER A 146 -0.01 31.87 -1.07
N PHE A 147 -0.83 32.17 -0.06
CA PHE A 147 -1.90 33.15 -0.20
C PHE A 147 -1.48 34.56 0.16
N GLY A 148 -0.29 34.74 0.73
CA GLY A 148 0.14 36.06 1.16
C GLY A 148 0.65 36.94 0.04
N GLY A 149 1.67 36.46 -0.68
CA GLY A 149 2.23 37.24 -1.75
C GLY A 149 1.27 37.40 -2.92
N GLY A 150 1.40 38.53 -3.60
CA GLY A 150 0.60 38.76 -4.80
C GLY A 150 0.94 37.79 -5.91
N THR A 151 2.23 37.52 -6.09
CA THR A 151 2.66 36.56 -7.11
C THR A 151 1.99 35.22 -6.90
N GLY A 152 2.23 34.59 -5.76
CA GLY A 152 1.64 33.31 -5.45
C GLY A 152 0.15 33.26 -5.70
N SER A 153 -0.60 34.10 -4.99
CA SER A 153 -2.06 34.07 -5.09
C SER A 153 -2.54 34.32 -6.52
N GLY A 154 -2.18 35.46 -7.09
CA GLY A 154 -2.73 35.83 -8.39
C GLY A 154 -2.31 34.89 -9.50
N PHE A 155 -1.01 34.59 -9.57
CA PHE A 155 -0.53 33.73 -10.65
C PHE A 155 -1.06 32.32 -10.49
N THR A 156 -1.17 31.82 -9.26
CA THR A 156 -1.75 30.50 -9.05
C THR A 156 -3.20 30.46 -9.47
N SER A 157 -3.96 31.52 -9.16
CA SER A 157 -5.35 31.59 -9.61
C SER A 157 -5.44 31.54 -11.12
N LEU A 158 -4.65 32.38 -11.80
CA LEU A 158 -4.66 32.38 -13.26
C LEU A 158 -4.26 31.03 -13.82
N LEU A 159 -3.21 30.43 -13.27
CA LEU A 159 -2.71 29.16 -13.77
C LEU A 159 -3.71 28.04 -13.56
N MET A 160 -4.39 28.03 -12.41
CA MET A 160 -5.44 27.04 -12.18
C MET A 160 -6.57 27.22 -13.19
N GLU A 161 -6.96 28.46 -13.48
CA GLU A 161 -7.95 28.67 -14.53
C GLU A 161 -7.50 28.08 -15.85
N ARG A 162 -6.27 28.40 -16.27
CA ARG A 162 -5.80 27.95 -17.58
C ARG A 162 -5.69 26.43 -17.63
N LEU A 163 -5.19 25.81 -16.56
CA LEU A 163 -5.05 24.36 -16.54
C LEU A 163 -6.41 23.68 -16.56
N SER A 164 -7.38 24.18 -15.79
CA SER A 164 -8.71 23.61 -15.81
C SER A 164 -9.34 23.72 -17.19
N VAL A 165 -9.17 24.88 -17.85
CA VAL A 165 -9.70 25.04 -19.20
C VAL A 165 -9.01 24.10 -20.18
N ASP A 166 -7.69 23.90 -20.02
CA ASP A 166 -6.92 23.12 -20.97
C ASP A 166 -6.98 21.63 -20.67
N TYR A 167 -6.74 21.24 -19.42
CA TYR A 167 -6.82 19.85 -18.99
C TYR A 167 -8.14 19.65 -18.26
N GLY A 168 -8.92 18.66 -18.70
CA GLY A 168 -10.28 18.51 -18.21
C GLY A 168 -10.42 18.08 -16.77
N LYS A 169 -10.06 16.83 -16.47
CA LYS A 169 -10.21 16.28 -15.12
C LYS A 169 -8.93 15.57 -14.70
N LYS A 170 -7.98 16.33 -14.16
CA LYS A 170 -6.80 15.79 -13.51
C LYS A 170 -6.74 16.39 -12.11
N SER A 171 -6.42 15.56 -11.12
CA SER A 171 -6.36 16.04 -9.75
C SER A 171 -5.31 17.13 -9.61
N LYS A 172 -5.68 18.23 -8.97
CA LYS A 172 -4.82 19.41 -8.83
C LYS A 172 -4.75 19.75 -7.34
N LEU A 173 -3.66 19.34 -6.71
CA LEU A 173 -3.51 19.51 -5.27
C LEU A 173 -2.81 20.83 -4.96
N GLU A 174 -3.35 21.56 -3.99
CA GLU A 174 -2.77 22.82 -3.54
C GLU A 174 -2.31 22.67 -2.10
N PHE A 175 -1.03 22.92 -1.85
CA PHE A 175 -0.47 22.92 -0.50
C PHE A 175 -0.12 24.37 -0.19
N SER A 176 -1.10 25.12 0.28
CA SER A 176 -0.98 26.57 0.44
C SER A 176 -0.49 26.95 1.82
N ILE A 177 0.18 28.11 1.89
CA ILE A 177 0.58 28.72 3.15
C ILE A 177 -0.57 29.64 3.55
N TYR A 178 -1.51 29.10 4.31
CA TYR A 178 -2.65 29.89 4.76
C TYR A 178 -2.19 31.00 5.69
N PRO A 179 -2.73 32.21 5.56
CA PRO A 179 -2.30 33.31 6.43
C PRO A 179 -2.61 33.02 7.89
N ALA A 180 -1.65 33.32 8.77
CA ALA A 180 -1.77 33.00 10.17
C ALA A 180 -2.75 33.95 10.86
N PRO A 181 -3.32 33.54 12.00
CA PRO A 181 -4.28 34.41 12.70
C PRO A 181 -3.67 35.73 13.17
N GLN A 182 -2.52 35.68 13.83
CA GLN A 182 -1.91 36.87 14.39
C GLN A 182 -0.51 37.15 13.88
N VAL A 183 0.24 36.13 13.48
CA VAL A 183 1.63 36.32 13.03
C VAL A 183 1.60 36.51 11.52
N SER A 184 1.59 37.77 11.11
CA SER A 184 1.57 38.14 9.70
C SER A 184 2.85 38.88 9.32
N THR A 185 3.25 38.71 8.06
CA THR A 185 4.37 39.46 7.51
C THR A 185 3.94 40.58 6.58
N ALA A 186 2.74 40.53 6.04
CA ALA A 186 2.21 41.57 5.15
C ALA A 186 1.07 42.31 5.83
N VAL A 187 0.46 43.23 5.10
CA VAL A 187 -0.65 44.02 5.62
C VAL A 187 -1.89 43.75 4.77
N VAL A 188 -1.67 43.44 3.49
CA VAL A 188 -2.76 43.23 2.55
C VAL A 188 -3.00 41.74 2.31
N GLU A 189 -2.57 40.88 3.23
CA GLU A 189 -2.88 39.46 3.13
C GLU A 189 -4.38 39.16 3.05
N PRO A 190 -5.27 39.81 3.82
CA PRO A 190 -6.70 39.48 3.69
C PRO A 190 -7.26 39.63 2.28
N TYR A 191 -7.02 40.77 1.62
CA TYR A 191 -7.56 40.96 0.28
C TYR A 191 -7.08 39.87 -0.66
N ASN A 192 -5.76 39.62 -0.69
CA ASN A 192 -5.22 38.61 -1.58
C ASN A 192 -5.78 37.23 -1.26
N SER A 193 -5.91 36.91 0.03
CA SER A 193 -6.39 35.59 0.43
C SER A 193 -7.82 35.37 -0.02
N ILE A 194 -8.71 36.32 0.23
CA ILE A 194 -10.11 36.16 -0.19
C ILE A 194 -10.19 36.10 -1.70
N LEU A 195 -9.46 36.97 -2.40
CA LEU A 195 -9.53 36.95 -3.86
C LEU A 195 -9.06 35.62 -4.43
N THR A 196 -7.92 35.11 -3.94
CA THR A 196 -7.40 33.86 -4.50
C THR A 196 -8.28 32.68 -4.12
N THR A 197 -8.85 32.67 -2.90
CA THR A 197 -9.74 31.59 -2.52
C THR A 197 -11.00 31.59 -3.38
N HIS A 198 -11.62 32.76 -3.56
CA HIS A 198 -12.80 32.85 -4.40
C HIS A 198 -12.50 32.45 -5.83
N THR A 199 -11.29 32.75 -6.31
CA THR A 199 -10.93 32.37 -7.67
C THR A 199 -10.70 30.88 -7.81
N THR A 200 -9.96 30.27 -6.88
CA THR A 200 -9.57 28.88 -7.01
C THR A 200 -10.60 27.90 -6.46
N LEU A 201 -11.69 28.38 -5.84
CA LEU A 201 -12.67 27.47 -5.27
C LEU A 201 -13.28 26.53 -6.31
N GLU A 202 -13.26 26.91 -7.59
CA GLU A 202 -13.85 26.12 -8.64
C GLU A 202 -12.83 25.27 -9.40
N HIS A 203 -11.57 25.30 -8.99
CA HIS A 203 -10.53 24.59 -9.74
C HIS A 203 -9.71 23.69 -8.83
N SER A 204 -9.63 24.05 -7.55
CA SER A 204 -8.84 23.26 -6.59
C SER A 204 -9.57 21.97 -6.31
N ASP A 205 -9.08 20.87 -6.88
CA ASP A 205 -9.67 19.56 -6.60
C ASP A 205 -9.49 19.15 -5.14
N CYS A 206 -8.43 19.62 -4.49
CA CYS A 206 -8.24 19.45 -3.06
C CYS A 206 -7.12 20.38 -2.59
N ALA A 207 -7.40 21.20 -1.58
CA ALA A 207 -6.43 22.17 -1.09
C ALA A 207 -6.12 21.88 0.38
N PHE A 208 -4.84 21.77 0.70
CA PHE A 208 -4.39 21.35 2.01
C PHE A 208 -3.80 22.56 2.73
N MET A 209 -4.50 23.00 3.78
CA MET A 209 -4.10 24.19 4.51
C MET A 209 -2.96 23.89 5.46
N VAL A 210 -1.99 24.79 5.53
CA VAL A 210 -0.90 24.71 6.51
C VAL A 210 -0.55 26.13 6.93
N ASP A 211 -0.25 26.31 8.21
CA ASP A 211 -0.08 27.64 8.80
C ASP A 211 1.32 27.76 9.41
N ASN A 212 1.84 28.99 9.37
CA ASN A 212 3.22 29.22 9.84
C ASN A 212 3.31 29.19 11.35
N GLU A 213 2.35 29.78 12.06
CA GLU A 213 2.43 29.85 13.52
C GLU A 213 2.46 28.46 14.13
N ALA A 214 1.61 27.55 13.63
CA ALA A 214 1.56 26.21 14.18
C ALA A 214 2.88 25.48 13.98
N ILE A 215 3.50 25.66 12.81
CA ILE A 215 4.78 25.00 12.56
C ILE A 215 5.87 25.59 13.44
N TYR A 216 5.83 26.91 13.66
CA TYR A 216 6.74 27.52 14.63
C TYR A 216 6.59 26.88 16.00
N ASP A 217 5.34 26.71 16.45
CA ASP A 217 5.09 26.13 17.76
C ASP A 217 5.59 24.69 17.81
N ILE A 218 5.36 23.92 16.75
CA ILE A 218 5.81 22.54 16.70
C ILE A 218 7.33 22.47 16.78
N CYS A 219 8.02 23.32 16.01
CA CYS A 219 9.47 23.32 16.01
C CYS A 219 10.01 23.70 17.38
N ARG A 220 9.42 24.70 18.02
CA ARG A 220 9.89 25.10 19.35
C ARG A 220 9.65 23.99 20.37
N ARG A 221 8.48 23.36 20.32
CA ARG A 221 8.10 22.39 21.35
C ARG A 221 8.81 21.05 21.16
N ASN A 222 8.77 20.49 19.96
CA ASN A 222 9.25 19.13 19.74
C ASN A 222 10.71 19.11 19.30
N LEU A 223 11.05 19.82 18.23
CA LEU A 223 12.42 19.81 17.74
C LEU A 223 13.40 20.45 18.70
N ASP A 224 12.92 21.20 19.69
CA ASP A 224 13.77 21.86 20.68
C ASP A 224 14.74 22.84 20.02
N ILE A 225 14.39 23.34 18.84
CA ILE A 225 15.17 24.37 18.16
C ILE A 225 14.60 25.70 18.63
N GLU A 226 15.32 26.37 19.52
CA GLU A 226 14.80 27.60 20.11
C GLU A 226 14.65 28.70 19.07
N ARG A 227 15.39 28.65 17.96
CA ARG A 227 15.33 29.65 16.89
C ARG A 227 15.34 28.97 15.53
N PRO A 228 14.21 28.41 15.09
CA PRO A 228 14.15 27.80 13.76
C PRO A 228 13.97 28.86 12.66
N THR A 229 14.32 28.45 11.45
CA THR A 229 14.18 29.25 10.24
C THR A 229 13.27 28.56 9.24
N TYR A 230 12.98 29.25 8.14
CA TYR A 230 12.11 28.69 7.09
C TYR A 230 12.62 27.38 6.54
N THR A 231 13.93 27.13 6.64
CA THR A 231 14.45 25.85 6.17
C THR A 231 13.75 24.68 6.85
N ASN A 232 13.52 24.79 8.16
CA ASN A 232 12.90 23.71 8.90
C ASN A 232 11.44 23.51 8.51
N LEU A 233 10.69 24.60 8.35
CA LEU A 233 9.31 24.50 7.90
C LEU A 233 9.24 23.86 6.53
N ASN A 234 10.14 24.25 5.62
CA ASN A 234 10.18 23.64 4.31
C ASN A 234 10.50 22.15 4.40
N ARG A 235 11.40 21.78 5.32
CA ARG A 235 11.71 20.36 5.53
C ARG A 235 10.46 19.59 5.96
N LEU A 236 9.70 20.15 6.90
CA LEU A 236 8.49 19.47 7.36
C LEU A 236 7.47 19.32 6.23
N ILE A 237 7.27 20.39 5.46
CA ILE A 237 6.30 20.33 4.37
C ILE A 237 6.76 19.33 3.31
N SER A 238 8.06 19.28 3.05
CA SER A 238 8.60 18.30 2.10
C SER A 238 8.38 16.88 2.61
N GLN A 239 8.56 16.67 3.91
CA GLN A 239 8.28 15.35 4.48
C GLN A 239 6.82 14.98 4.29
N ILE A 240 5.92 15.94 4.49
CA ILE A 240 4.49 15.68 4.27
C ILE A 240 4.25 15.26 2.82
N VAL A 241 4.83 16.02 1.89
CA VAL A 241 4.58 15.74 0.47
C VAL A 241 5.16 14.38 0.08
N SER A 242 6.34 14.06 0.60
CA SER A 242 6.95 12.76 0.34
C SER A 242 6.09 11.64 0.90
N SER A 243 5.54 11.84 2.10
CA SER A 243 4.63 10.84 2.67
C SER A 243 3.40 10.66 1.78
N ILE A 244 2.92 11.77 1.20
CA ILE A 244 1.76 11.68 0.31
C ILE A 244 2.11 10.87 -0.94
N THR A 245 3.28 11.11 -1.53
CA THR A 245 3.65 10.47 -2.79
C THR A 245 4.35 9.13 -2.60
N ALA A 246 4.56 8.69 -1.36
CA ALA A 246 5.24 7.42 -1.12
C ALA A 246 4.51 6.25 -1.76
N SER A 247 3.18 6.23 -1.66
CA SER A 247 2.42 5.12 -2.22
C SER A 247 2.62 5.03 -3.73
N LEU A 248 2.61 6.17 -4.41
CA LEU A 248 2.89 6.17 -5.84
C LEU A 248 4.32 5.74 -6.14
N ARG A 249 5.28 6.22 -5.36
CA ARG A 249 6.68 6.04 -5.69
C ARG A 249 7.30 4.77 -5.13
N PHE A 250 6.57 3.98 -4.35
CA PHE A 250 7.18 2.85 -3.68
C PHE A 250 6.18 1.72 -3.51
N ASP A 251 6.72 0.52 -3.26
CA ASP A 251 5.90 -0.63 -2.94
C ASP A 251 5.25 -0.42 -1.57
N GLY A 252 4.04 -0.92 -1.41
CA GLY A 252 3.31 -0.75 -0.17
C GLY A 252 2.37 -1.91 0.07
N ALA A 253 2.09 -2.18 1.35
CA ALA A 253 1.12 -3.21 1.70
C ALA A 253 -0.30 -2.79 1.34
N LEU A 254 -0.57 -1.49 1.31
CA LEU A 254 -1.89 -0.97 0.96
C LEU A 254 -1.67 0.36 0.24
N ASN A 255 -1.68 0.31 -1.09
CA ASN A 255 -1.37 1.49 -1.89
C ASN A 255 -2.59 2.42 -2.01
N VAL A 256 -2.30 3.69 -2.29
CA VAL A 256 -3.32 4.73 -2.39
C VAL A 256 -2.88 5.74 -3.46
N ASP A 257 -3.81 6.16 -4.30
CA ASP A 257 -3.50 7.10 -5.37
C ASP A 257 -4.10 8.48 -5.09
N LEU A 258 -3.78 9.42 -5.98
CA LEU A 258 -4.22 10.80 -5.80
C LEU A 258 -5.74 10.91 -5.90
N THR A 259 -6.34 10.18 -6.84
CA THR A 259 -7.80 10.16 -6.94
C THR A 259 -8.43 9.65 -5.65
N ALA A 260 -7.77 8.71 -4.97
CA ALA A 260 -8.25 8.26 -3.68
C ALA A 260 -8.25 9.39 -2.67
N PHE A 261 -7.20 10.20 -2.65
CA PHE A 261 -7.17 11.38 -1.80
C PHE A 261 -8.32 12.32 -2.12
N GLN A 262 -8.53 12.59 -3.41
CA GLN A 262 -9.58 13.50 -3.84
C GLN A 262 -10.98 12.95 -3.55
N THR A 263 -11.13 11.64 -3.45
CA THR A 263 -12.44 11.02 -3.26
C THR A 263 -12.79 10.85 -1.80
N ASN A 264 -11.87 10.33 -0.99
CA ASN A 264 -12.18 10.02 0.40
C ASN A 264 -12.23 11.26 1.28
N LEU A 265 -11.65 12.38 0.85
CA LEU A 265 -11.53 13.56 1.69
C LEU A 265 -12.52 14.67 1.35
N VAL A 266 -13.26 14.54 0.24
CA VAL A 266 -14.14 15.61 -0.20
C VAL A 266 -15.58 15.10 -0.21
N PRO A 267 -16.34 15.33 0.85
CA PRO A 267 -17.76 14.92 0.83
C PRO A 267 -18.62 15.83 -0.03
N TYR A 268 -18.37 17.13 0.00
CA TYR A 268 -19.11 18.09 -0.77
C TYR A 268 -18.15 18.89 -1.65
N PRO A 269 -18.54 19.24 -2.87
CA PRO A 269 -17.57 19.84 -3.80
C PRO A 269 -16.98 21.15 -3.31
N ARG A 270 -17.76 21.95 -2.57
CA ARG A 270 -17.28 23.25 -2.13
C ARG A 270 -16.37 23.14 -0.90
N ILE A 271 -16.54 22.08 -0.11
CA ILE A 271 -15.76 21.87 1.11
C ILE A 271 -14.68 20.84 0.76
N HIS A 272 -13.50 21.33 0.43
CA HIS A 272 -12.38 20.48 0.02
C HIS A 272 -11.08 21.01 0.64
N PHE A 273 -11.11 21.32 1.94
CA PHE A 273 -10.00 21.97 2.62
C PHE A 273 -9.56 21.15 3.82
N PRO A 274 -8.81 20.06 3.60
CA PRO A 274 -8.20 19.35 4.71
C PRO A 274 -6.97 20.07 5.24
N LEU A 275 -6.54 19.64 6.43
CA LEU A 275 -5.33 20.11 7.06
C LEU A 275 -4.42 18.93 7.34
N ALA A 276 -3.12 19.21 7.40
CA ALA A 276 -2.08 18.19 7.49
C ALA A 276 -1.45 18.14 8.87
N THR A 277 -0.88 16.98 9.19
CA THR A 277 -0.15 16.76 10.42
C THR A 277 0.86 15.64 10.17
N TYR A 278 2.03 15.73 10.80
CA TYR A 278 3.08 14.75 10.63
C TYR A 278 3.56 14.26 11.98
N ALA A 279 3.98 13.00 12.03
CA ALA A 279 4.55 12.44 13.26
C ALA A 279 5.41 11.25 12.90
N PRO A 280 6.42 10.91 13.73
CA PRO A 280 6.85 11.71 14.86
C PRO A 280 7.80 12.81 14.45
N VAL A 281 7.92 13.86 15.27
CA VAL A 281 8.88 14.94 15.05
C VAL A 281 9.69 15.09 16.34
N ILE A 282 10.81 14.36 16.41
CA ILE A 282 11.64 14.31 17.61
C ILE A 282 13.10 14.38 17.20
N SER A 283 13.90 15.01 18.06
CA SER A 283 15.31 15.24 17.77
C SER A 283 16.12 13.97 18.00
N ALA A 284 17.36 13.99 17.51
CA ALA A 284 18.26 12.84 17.68
C ALA A 284 18.54 12.60 19.16
N GLU A 285 18.71 13.67 19.95
CA GLU A 285 18.89 13.50 21.39
C GLU A 285 17.68 12.84 22.02
N LYS A 286 16.48 13.15 21.53
CA LYS A 286 15.25 12.56 22.03
C LYS A 286 14.79 11.39 21.14
N ALA A 287 15.61 11.00 20.16
CA ALA A 287 15.26 9.87 19.30
C ALA A 287 15.11 8.59 20.13
N TYR A 288 15.95 8.44 21.14
CA TYR A 288 15.85 7.31 22.07
C TYR A 288 14.75 7.61 23.09
N HIS A 289 14.70 6.80 24.14
CA HIS A 289 13.85 6.98 25.32
C HIS A 289 12.37 6.69 25.05
N GLU A 290 11.98 6.41 23.81
CA GLU A 290 10.62 5.99 23.51
C GLU A 290 10.63 5.19 22.22
N GLN A 291 9.80 4.14 22.18
CA GLN A 291 9.82 3.19 21.08
C GLN A 291 9.06 3.66 19.85
N LEU A 292 8.28 4.73 19.96
CA LEU A 292 7.50 5.28 18.85
C LEU A 292 6.57 4.22 18.24
N SER A 293 5.72 3.66 19.09
CA SER A 293 4.73 2.71 18.63
C SER A 293 3.68 3.42 17.78
N VAL A 294 3.00 2.65 16.93
CA VAL A 294 2.02 3.22 16.02
C VAL A 294 0.89 3.88 16.80
N ALA A 295 0.49 3.28 17.92
CA ALA A 295 -0.52 3.91 18.77
C ALA A 295 -0.02 5.24 19.31
N GLU A 296 1.26 5.28 19.73
CA GLU A 296 1.83 6.51 20.26
C GLU A 296 1.84 7.62 19.23
N ILE A 297 2.32 7.33 18.02
CA ILE A 297 2.39 8.37 17.00
C ILE A 297 1.00 8.78 16.53
N THR A 298 0.05 7.84 16.48
CA THR A 298 -1.32 8.20 16.12
C THR A 298 -1.93 9.11 17.17
N ASN A 299 -1.70 8.81 18.46
CA ASN A 299 -2.15 9.69 19.53
C ASN A 299 -1.54 11.07 19.39
N ALA A 300 -0.25 11.12 19.03
CA ALA A 300 0.40 12.41 18.80
C ALA A 300 -0.25 13.16 17.65
N CYS A 301 -0.60 12.44 16.58
CA CYS A 301 -1.26 13.07 15.43
C CYS A 301 -2.60 13.67 15.83
N PHE A 302 -3.45 12.90 16.50
CA PHE A 302 -4.76 13.41 16.87
C PHE A 302 -4.70 14.42 18.01
N GLU A 303 -3.55 14.58 18.65
CA GLU A 303 -3.39 15.65 19.63
C GLU A 303 -3.49 17.00 18.93
N PRO A 304 -4.26 17.96 19.47
CA PRO A 304 -4.45 19.24 18.76
C PRO A 304 -3.20 20.09 18.67
N ALA A 305 -2.17 19.80 19.46
CA ALA A 305 -0.96 20.63 19.44
C ALA A 305 -0.12 20.34 18.21
N ASN A 306 -0.10 19.10 17.73
CA ASN A 306 0.76 18.70 16.63
C ASN A 306 0.16 19.08 15.28
N GLN A 307 -1.04 19.64 15.25
CA GLN A 307 -1.63 20.05 13.98
C GLN A 307 -0.95 21.32 13.49
N MET A 308 -0.94 21.48 12.16
CA MET A 308 -0.19 22.54 11.51
C MET A 308 -1.06 23.73 11.11
N VAL A 309 -2.22 23.88 11.73
CA VAL A 309 -3.07 25.06 11.56
C VAL A 309 -3.52 25.52 12.95
N LYS A 310 -3.52 26.83 13.17
CA LYS A 310 -4.11 27.35 14.40
C LYS A 310 -5.63 27.27 14.34
N CYS A 311 -6.13 26.03 14.40
CA CYS A 311 -7.54 25.74 14.57
C CYS A 311 -7.63 24.49 15.42
N ASP A 312 -8.36 24.56 16.53
CA ASP A 312 -8.49 23.42 17.42
C ASP A 312 -9.69 22.57 17.05
N PRO A 313 -9.50 21.32 16.60
CA PRO A 313 -10.63 20.52 16.10
C PRO A 313 -11.64 20.14 17.18
N ARG A 314 -11.28 20.26 18.46
CA ARG A 314 -12.18 19.80 19.51
C ARG A 314 -13.47 20.60 19.59
N HIS A 315 -13.54 21.78 18.98
CA HIS A 315 -14.78 22.54 18.89
C HIS A 315 -15.47 22.37 17.55
N GLY A 316 -15.09 21.37 16.76
CA GLY A 316 -15.78 21.07 15.53
C GLY A 316 -16.05 19.59 15.37
N LYS A 317 -16.14 19.12 14.13
CA LYS A 317 -16.39 17.72 13.85
C LYS A 317 -15.44 17.25 12.76
N TYR A 318 -15.15 15.95 12.78
CA TYR A 318 -14.27 15.33 11.80
C TYR A 318 -15.14 14.72 10.70
N MET A 319 -15.15 15.35 9.52
CA MET A 319 -15.85 14.74 8.40
C MET A 319 -15.07 13.56 7.82
N ALA A 320 -13.76 13.69 7.71
CA ALA A 320 -12.98 12.58 7.15
C ALA A 320 -11.54 12.68 7.61
N CYS A 321 -10.87 11.54 7.59
CA CYS A 321 -9.45 11.45 7.92
C CYS A 321 -8.78 10.43 7.01
N CYS A 322 -7.53 10.73 6.63
CA CYS A 322 -6.72 9.81 5.84
C CYS A 322 -5.34 9.74 6.48
N LEU A 323 -4.98 8.55 6.95
CA LEU A 323 -3.70 8.33 7.62
C LEU A 323 -2.80 7.46 6.75
N LEU A 324 -1.60 7.95 6.48
CA LEU A 324 -0.63 7.21 5.68
C LEU A 324 0.53 6.84 6.59
N TYR A 325 0.81 5.55 6.70
CA TYR A 325 1.91 5.03 7.47
C TYR A 325 3.00 4.56 6.52
N ARG A 326 4.24 4.74 6.94
CA ARG A 326 5.35 4.23 6.15
C ARG A 326 6.41 3.67 7.09
N GLY A 327 7.09 2.64 6.62
CA GLY A 327 8.07 1.93 7.42
C GLY A 327 7.58 0.56 7.84
N ASP A 328 8.24 0.03 8.88
CA ASP A 328 7.92 -1.29 9.42
C ASP A 328 6.65 -1.17 10.27
N VAL A 329 5.51 -1.17 9.59
CA VAL A 329 4.21 -0.96 10.21
C VAL A 329 3.41 -2.25 10.09
N VAL A 330 2.95 -2.77 11.22
CA VAL A 330 2.18 -4.01 11.29
C VAL A 330 0.70 -3.65 11.31
N PRO A 331 -0.10 -4.15 10.36
CA PRO A 331 -1.48 -3.65 10.21
C PRO A 331 -2.39 -3.88 11.41
N LYS A 332 -2.23 -4.97 12.16
CA LYS A 332 -3.13 -5.19 13.29
C LYS A 332 -2.97 -4.09 14.32
N ASP A 333 -1.74 -3.68 14.59
CA ASP A 333 -1.52 -2.56 15.49
C ASP A 333 -2.16 -1.29 14.95
N VAL A 334 -2.15 -1.11 13.62
CA VAL A 334 -2.87 -0.01 13.01
C VAL A 334 -4.35 -0.07 13.37
N ASN A 335 -4.96 -1.24 13.21
CA ASN A 335 -6.38 -1.39 13.51
C ASN A 335 -6.66 -1.10 14.98
N ALA A 336 -5.84 -1.64 15.87
CA ALA A 336 -6.04 -1.43 17.30
C ALA A 336 -5.92 0.05 17.64
N ALA A 337 -4.90 0.72 17.09
CA ALA A 337 -4.71 2.14 17.37
C ALA A 337 -5.88 2.95 16.86
N ILE A 338 -6.38 2.65 15.66
CA ILE A 338 -7.51 3.39 15.12
C ILE A 338 -8.75 3.19 15.97
N ALA A 339 -8.97 1.96 16.44
CA ALA A 339 -10.10 1.70 17.32
C ALA A 339 -9.99 2.51 18.61
N THR A 340 -8.80 2.53 19.21
CA THR A 340 -8.61 3.31 20.43
C THR A 340 -8.83 4.80 20.18
N ILE A 341 -8.39 5.30 19.02
CA ILE A 341 -8.65 6.69 18.66
C ILE A 341 -10.15 6.94 18.58
N LYS A 342 -10.87 6.03 17.93
CA LYS A 342 -12.32 6.18 17.78
C LYS A 342 -13.02 6.17 19.13
N THR A 343 -12.47 5.44 20.11
CA THR A 343 -13.11 5.38 21.43
C THR A 343 -12.94 6.65 22.24
N LYS A 344 -11.95 7.49 21.93
CA LYS A 344 -11.64 8.62 22.80
C LYS A 344 -12.75 9.67 22.75
N ARG A 345 -12.58 10.70 23.59
CA ARG A 345 -13.60 11.71 23.83
C ARG A 345 -13.43 12.95 22.96
N SER A 346 -12.22 13.27 22.54
CA SER A 346 -11.94 14.50 21.80
C SER A 346 -12.16 14.35 20.31
N ILE A 347 -12.65 13.20 19.85
CA ILE A 347 -12.90 12.95 18.44
C ILE A 347 -14.37 12.53 18.33
N GLN A 348 -15.24 13.47 18.00
CA GLN A 348 -16.65 13.19 17.77
C GLN A 348 -16.94 13.39 16.29
N PHE A 349 -17.45 12.35 15.65
CA PHE A 349 -17.66 12.39 14.22
C PHE A 349 -19.01 13.01 13.87
N VAL A 350 -19.11 13.47 12.63
CA VAL A 350 -20.36 14.05 12.16
C VAL A 350 -21.39 12.94 11.94
N ASP A 351 -22.66 13.32 12.01
CA ASP A 351 -23.75 12.34 11.99
C ASP A 351 -23.73 11.53 10.69
N TRP A 352 -23.56 12.21 9.55
CA TRP A 352 -23.71 11.54 8.27
C TRP A 352 -22.50 10.70 7.88
N CYS A 353 -21.39 10.79 8.61
CA CYS A 353 -20.23 9.97 8.30
C CYS A 353 -19.97 9.01 9.45
N PRO A 354 -20.45 7.77 9.38
CA PRO A 354 -20.12 6.80 10.44
C PRO A 354 -18.76 6.18 10.28
N THR A 355 -18.12 6.34 9.12
CA THR A 355 -16.82 5.74 8.83
C THR A 355 -15.97 6.81 8.15
N GLY A 356 -15.09 7.45 8.93
CA GLY A 356 -14.30 8.55 8.41
C GLY A 356 -12.81 8.32 8.36
N PHE A 357 -12.39 7.06 8.39
CA PHE A 357 -10.97 6.73 8.37
C PHE A 357 -10.60 6.03 7.06
N LYS A 358 -9.55 6.54 6.42
CA LYS A 358 -8.85 5.81 5.38
C LYS A 358 -7.42 5.54 5.84
N VAL A 359 -6.90 4.38 5.49
CA VAL A 359 -5.56 3.95 5.91
C VAL A 359 -4.75 3.57 4.68
N GLY A 360 -3.51 4.02 4.65
CA GLY A 360 -2.58 3.58 3.63
C GLY A 360 -1.27 3.15 4.27
N ILE A 361 -0.64 2.16 3.66
CA ILE A 361 0.57 1.54 4.22
C ILE A 361 1.65 1.49 3.14
N ASN A 362 2.87 1.89 3.50
CA ASN A 362 4.01 1.79 2.60
C ASN A 362 5.19 1.20 3.36
N TYR A 363 5.98 0.38 2.66
CA TYR A 363 7.13 -0.27 3.27
C TYR A 363 8.32 0.66 3.43
N GLN A 364 8.44 1.67 2.58
CA GLN A 364 9.63 2.52 2.59
C GLN A 364 9.61 3.44 3.80
N PRO A 365 10.59 3.37 4.68
CA PRO A 365 10.64 4.29 5.82
C PRO A 365 11.01 5.69 5.38
N PRO A 366 10.73 6.70 6.19
CA PRO A 366 11.09 8.07 5.80
C PRO A 366 12.60 8.23 5.71
N THR A 367 13.02 9.15 4.84
CA THR A 367 14.43 9.39 4.56
C THR A 367 14.90 10.62 5.31
N VAL A 368 16.05 10.51 5.98
CA VAL A 368 16.62 11.59 6.78
C VAL A 368 17.58 12.39 5.91
N VAL A 369 17.44 13.71 5.93
CA VAL A 369 18.34 14.60 5.21
C VAL A 369 19.56 14.90 6.08
N PRO A 370 20.77 14.68 5.58
CA PRO A 370 21.96 15.07 6.33
C PRO A 370 21.96 16.58 6.58
N GLY A 371 22.38 16.95 7.79
CA GLY A 371 22.32 18.33 8.21
C GLY A 371 20.94 18.80 8.64
N GLY A 372 19.96 17.91 8.66
CA GLY A 372 18.60 18.27 9.02
C GLY A 372 18.41 18.35 10.52
N ASP A 373 17.15 18.35 10.92
CA ASP A 373 16.77 18.49 12.33
C ASP A 373 16.07 17.26 12.90
N LEU A 374 15.30 16.54 12.10
CA LEU A 374 14.62 15.35 12.57
C LEU A 374 15.62 14.22 12.78
N ALA A 375 15.12 13.09 13.27
CA ALA A 375 15.93 11.92 13.53
C ALA A 375 15.43 10.74 12.70
N LYS A 376 16.35 9.86 12.31
CA LYS A 376 15.99 8.69 11.52
C LYS A 376 15.13 7.75 12.35
N VAL A 377 13.89 7.55 11.91
CA VAL A 377 12.95 6.69 12.63
C VAL A 377 12.61 5.49 11.75
N GLN A 378 11.87 4.53 12.31
CA GLN A 378 11.47 3.34 11.58
C GLN A 378 10.01 3.37 11.13
N ARG A 379 9.18 4.21 11.75
CA ARG A 379 7.80 4.36 11.34
C ARG A 379 7.47 5.85 11.24
N ALA A 380 6.59 6.18 10.30
CA ALA A 380 6.17 7.56 10.13
C ALA A 380 4.70 7.59 9.73
N VAL A 381 4.05 8.70 10.03
CA VAL A 381 2.62 8.86 9.87
C VAL A 381 2.29 10.28 9.41
N CYS A 382 1.47 10.36 8.35
CA CYS A 382 0.89 11.62 7.88
C CYS A 382 -0.62 11.56 8.07
N MET A 383 -1.18 12.59 8.69
CA MET A 383 -2.60 12.70 8.95
C MET A 383 -3.16 13.83 8.10
N LEU A 384 -4.12 13.50 7.25
CA LEU A 384 -4.77 14.45 6.36
C LEU A 384 -6.25 14.46 6.71
N SER A 385 -6.70 15.48 7.44
CA SER A 385 -8.03 15.46 8.02
C SER A 385 -8.87 16.61 7.47
N ASN A 386 -10.07 16.29 7.01
CA ASN A 386 -11.07 17.29 6.64
C ASN A 386 -12.03 17.39 7.82
N THR A 387 -11.91 18.48 8.58
CA THR A 387 -12.70 18.72 9.77
C THR A 387 -13.46 20.05 9.63
N THR A 388 -14.21 20.40 10.67
CA THR A 388 -15.11 21.54 10.63
C THR A 388 -14.54 22.79 11.29
N ALA A 389 -13.65 22.63 12.28
CA ALA A 389 -13.09 23.78 12.98
C ALA A 389 -12.36 24.74 12.06
N ILE A 390 -11.87 24.25 10.92
CA ILE A 390 -11.16 25.12 9.97
C ILE A 390 -12.05 26.27 9.53
N ALA A 391 -13.36 26.06 9.48
CA ALA A 391 -14.28 27.13 9.09
C ALA A 391 -14.09 28.35 9.99
N GLU A 392 -13.86 28.12 11.28
CA GLU A 392 -13.63 29.23 12.20
C GLU A 392 -12.55 30.16 11.67
N ALA A 393 -11.44 29.58 11.20
CA ALA A 393 -10.36 30.40 10.66
C ALA A 393 -10.88 31.37 9.61
N TRP A 394 -11.69 30.86 8.67
CA TRP A 394 -12.23 31.71 7.61
C TRP A 394 -12.91 32.94 8.20
N ALA A 395 -13.73 32.74 9.24
CA ALA A 395 -14.43 33.85 9.86
C ALA A 395 -13.48 34.96 10.21
N ARG A 396 -12.35 34.61 10.84
CA ARG A 396 -11.35 35.61 11.20
C ARG A 396 -10.99 36.46 10.00
N LEU A 397 -10.60 35.81 8.91
CA LEU A 397 -10.24 36.55 7.70
C LEU A 397 -11.36 37.48 7.30
N ASP A 398 -12.59 36.94 7.25
CA ASP A 398 -13.74 37.75 6.87
C ASP A 398 -13.80 39.02 7.71
N HIS A 399 -13.72 38.86 9.04
CA HIS A 399 -13.76 40.02 9.91
C HIS A 399 -12.70 41.02 9.49
N LYS A 400 -11.45 40.56 9.39
CA LYS A 400 -10.36 41.43 8.97
C LYS A 400 -10.71 42.12 7.66
N PHE A 401 -11.16 41.33 6.68
CA PHE A 401 -11.52 41.88 5.39
C PHE A 401 -12.53 43.01 5.57
N ASP A 402 -13.61 42.75 6.29
CA ASP A 402 -14.63 43.79 6.46
C ASP A 402 -14.03 45.02 7.11
N LEU A 403 -13.19 44.83 8.12
CA LEU A 403 -12.52 45.98 8.73
C LEU A 403 -11.74 46.74 7.68
N MET A 404 -10.88 46.04 6.94
CA MET A 404 -10.12 46.71 5.90
C MET A 404 -11.00 47.20 4.77
N TYR A 405 -12.21 46.64 4.64
CA TYR A 405 -13.13 47.12 3.62
C TYR A 405 -14.07 48.17 4.15
N ALA A 406 -14.02 48.48 5.46
CA ALA A 406 -14.90 49.49 6.01
C ALA A 406 -14.53 50.89 5.52
N LYS A 407 -13.25 51.16 5.34
CA LYS A 407 -12.77 52.49 4.95
C LYS A 407 -12.18 52.52 3.56
N ARG A 408 -12.34 51.45 2.78
CA ARG A 408 -11.80 51.36 1.42
C ARG A 408 -10.28 51.50 1.41
N ALA A 409 -9.61 50.80 2.33
CA ALA A 409 -8.16 50.86 2.43
C ALA A 409 -7.52 50.02 1.34
N PHE A 410 -6.40 50.51 0.80
CA PHE A 410 -5.57 49.84 -0.20
C PHE A 410 -6.32 49.49 -1.47
N VAL A 411 -7.54 49.99 -1.64
CA VAL A 411 -8.36 49.59 -2.79
C VAL A 411 -7.79 50.14 -4.09
N HIS A 412 -7.20 51.34 -4.04
CA HIS A 412 -6.77 52.01 -5.27
C HIS A 412 -5.73 51.19 -6.01
N TRP A 413 -4.87 50.47 -5.29
CA TRP A 413 -3.84 49.68 -5.95
C TRP A 413 -4.46 48.63 -6.86
N TYR A 414 -5.53 47.98 -6.40
CA TYR A 414 -6.24 47.03 -7.24
C TYR A 414 -7.07 47.72 -8.31
N VAL A 415 -7.72 48.83 -7.96
CA VAL A 415 -8.62 49.50 -8.91
C VAL A 415 -7.84 50.00 -10.12
N GLY A 416 -6.70 50.65 -9.89
CA GLY A 416 -5.90 51.18 -10.97
C GLY A 416 -5.03 50.17 -11.69
N GLU A 417 -5.26 48.88 -11.46
CA GLU A 417 -4.43 47.84 -12.07
C GLU A 417 -5.26 46.81 -12.83
N GLY A 418 -6.54 47.06 -13.04
CA GLY A 418 -7.37 46.14 -13.81
C GLY A 418 -8.30 45.30 -12.97
N MET A 419 -8.83 45.88 -11.89
CA MET A 419 -9.76 45.19 -11.01
C MET A 419 -10.98 46.07 -10.78
N GLU A 420 -12.12 45.41 -10.54
CA GLU A 420 -13.38 46.10 -10.26
C GLU A 420 -13.76 45.87 -8.80
N GLU A 421 -14.37 46.89 -8.20
CA GLU A 421 -14.84 46.77 -6.83
C GLU A 421 -15.87 45.64 -6.69
N GLY A 422 -16.65 45.40 -7.74
CA GLY A 422 -17.57 44.28 -7.73
C GLY A 422 -16.88 42.96 -7.53
N GLU A 423 -15.62 42.84 -7.97
CA GLU A 423 -14.87 41.62 -7.71
C GLU A 423 -14.65 41.40 -6.21
N PHE A 424 -14.24 42.45 -5.51
CA PHE A 424 -14.10 42.38 -4.05
C PHE A 424 -15.42 42.00 -3.41
N SER A 425 -16.50 42.67 -3.83
CA SER A 425 -17.81 42.36 -3.26
C SER A 425 -18.17 40.90 -3.48
N GLU A 426 -18.16 40.44 -4.73
CA GLU A 426 -18.59 39.08 -5.04
C GLU A 426 -17.72 38.06 -4.32
N ALA A 427 -16.44 38.35 -4.16
CA ALA A 427 -15.61 37.49 -3.32
C ALA A 427 -16.14 37.47 -1.90
N ARG A 428 -16.58 38.61 -1.38
CA ARG A 428 -17.07 38.64 0.00
C ARG A 428 -18.35 37.81 0.16
N GLU A 429 -19.33 37.99 -0.74
CA GLU A 429 -20.53 37.16 -0.62
C GLU A 429 -20.23 35.69 -0.85
N ASP A 430 -19.35 35.36 -1.80
CA ASP A 430 -19.01 33.95 -2.00
C ASP A 430 -18.36 33.35 -0.76
N MET A 431 -17.50 34.12 -0.10
CA MET A 431 -16.85 33.63 1.11
C MET A 431 -17.85 33.44 2.24
N ALA A 432 -18.79 34.37 2.38
CA ALA A 432 -19.85 34.22 3.38
C ALA A 432 -20.70 32.99 3.08
N ALA A 433 -20.98 32.73 1.80
CA ALA A 433 -21.72 31.54 1.42
C ALA A 433 -20.94 30.28 1.77
N LEU A 434 -19.63 30.30 1.58
CA LEU A 434 -18.81 29.15 1.98
C LEU A 434 -18.89 28.91 3.48
N GLU A 435 -18.85 29.99 4.27
CA GLU A 435 -19.00 29.84 5.71
C GLU A 435 -20.36 29.26 6.08
N LYS A 436 -21.42 29.73 5.42
CA LYS A 436 -22.75 29.18 5.67
C LYS A 436 -22.82 27.71 5.31
N ASP A 437 -22.18 27.31 4.21
CA ASP A 437 -22.14 25.91 3.83
C ASP A 437 -21.42 25.07 4.88
N TYR A 438 -20.29 25.57 5.37
CA TYR A 438 -19.57 24.87 6.44
C TYR A 438 -20.47 24.71 7.67
N GLU A 439 -21.19 25.77 8.03
CA GLU A 439 -22.06 25.70 9.20
C GLU A 439 -23.16 24.67 9.01
N GLU A 440 -23.81 24.67 7.84
CA GLU A 440 -24.92 23.75 7.63
C GLU A 440 -24.43 22.31 7.55
N VAL A 441 -23.23 22.09 7.02
CA VAL A 441 -22.63 20.76 7.11
C VAL A 441 -22.38 20.38 8.57
N GLY A 442 -21.99 21.36 9.40
CA GLY A 442 -21.68 21.06 10.79
C GLY A 442 -22.86 20.52 11.57
N VAL A 443 -24.06 21.05 11.29
CA VAL A 443 -25.23 20.67 12.10
C VAL A 443 -25.67 19.25 11.77
N ASP A 444 -26.50 18.70 12.65
CA ASP A 444 -27.06 17.36 12.48
C ASP A 444 -28.48 17.45 11.91
N SER A 445 -28.89 16.37 11.25
CA SER A 445 -30.19 16.27 10.61
C SER A 445 -31.17 15.50 11.48
N VAL A 446 -32.43 15.61 11.14
CA VAL A 446 -33.52 15.04 11.91
C VAL A 446 -33.69 13.58 11.54
N GLU A 447 -34.12 12.78 12.51
CA GLU A 447 -34.42 11.36 12.30
C GLU A 447 -33.20 10.57 11.84
N MET B 1 -9.68 -32.32 -17.27
CA MET B 1 -11.00 -32.61 -16.74
C MET B 1 -11.35 -31.69 -15.58
N ARG B 2 -12.49 -30.99 -15.69
CA ARG B 2 -12.98 -30.09 -14.67
C ARG B 2 -11.96 -29.01 -14.34
N GLU B 3 -11.66 -28.19 -15.34
CA GLU B 3 -10.68 -27.13 -15.20
C GLU B 3 -11.34 -25.87 -14.64
N ILE B 4 -10.55 -25.11 -13.88
CA ILE B 4 -11.03 -23.92 -13.18
C ILE B 4 -10.15 -22.74 -13.57
N VAL B 5 -10.77 -21.64 -13.98
CA VAL B 5 -10.07 -20.40 -14.28
C VAL B 5 -10.15 -19.51 -13.05
N HIS B 6 -9.00 -19.09 -12.52
CA HIS B 6 -8.93 -18.27 -11.32
C HIS B 6 -8.68 -16.82 -11.71
N ILE B 7 -9.53 -15.92 -11.22
CA ILE B 7 -9.42 -14.50 -11.52
C ILE B 7 -9.12 -13.77 -10.21
N GLN B 8 -8.24 -12.78 -10.29
CA GLN B 8 -7.88 -11.97 -9.13
C GLN B 8 -8.10 -10.51 -9.46
N ALA B 9 -8.84 -9.81 -8.60
CA ALA B 9 -9.19 -8.41 -8.82
C ALA B 9 -8.86 -7.61 -7.56
N GLY B 10 -8.28 -6.44 -7.76
CA GLY B 10 -7.87 -5.60 -6.66
C GLY B 10 -6.55 -6.05 -6.06
N GLN B 11 -5.95 -5.16 -5.26
CA GLN B 11 -4.68 -5.47 -4.62
C GLN B 11 -4.83 -6.63 -3.65
N CYS B 12 -5.91 -6.61 -2.87
CA CYS B 12 -6.23 -7.75 -2.00
C CYS B 12 -6.38 -9.02 -2.81
N GLY B 13 -7.07 -8.95 -3.95
CA GLY B 13 -7.22 -10.12 -4.78
C GLY B 13 -5.89 -10.66 -5.25
N ASN B 14 -5.00 -9.78 -5.70
CA ASN B 14 -3.70 -10.22 -6.18
C ASN B 14 -2.86 -10.83 -5.07
N GLN B 15 -2.87 -10.22 -3.88
CA GLN B 15 -2.06 -10.76 -2.79
C GLN B 15 -2.59 -12.12 -2.32
N ILE B 16 -3.90 -12.23 -2.12
CA ILE B 16 -4.47 -13.51 -1.74
C ILE B 16 -4.23 -14.55 -2.81
N GLY B 17 -4.30 -14.15 -4.09
CA GLY B 17 -4.03 -15.08 -5.16
C GLY B 17 -2.58 -15.54 -5.18
N ALA B 18 -1.65 -14.64 -4.91
CA ALA B 18 -0.24 -15.03 -4.85
C ALA B 18 -0.01 -16.06 -3.74
N LYS B 19 -0.55 -15.80 -2.55
CA LYS B 19 -0.40 -16.77 -1.47
C LYS B 19 -1.12 -18.08 -1.80
N PHE B 20 -2.27 -17.98 -2.46
CA PHE B 20 -3.05 -19.15 -2.84
C PHE B 20 -2.28 -20.02 -3.81
N TRP B 21 -1.66 -19.41 -4.82
CA TRP B 21 -0.90 -20.18 -5.79
C TRP B 21 0.37 -20.74 -5.18
N GLU B 22 0.96 -20.04 -4.21
CA GLU B 22 2.06 -20.64 -3.46
C GLU B 22 1.59 -21.90 -2.73
N VAL B 23 0.41 -21.83 -2.11
CA VAL B 23 -0.11 -22.99 -1.38
C VAL B 23 -0.37 -24.15 -2.34
N ILE B 24 -0.97 -23.88 -3.49
CA ILE B 24 -1.25 -24.93 -4.46
C ILE B 24 0.04 -25.52 -5.02
N SER B 25 1.04 -24.67 -5.27
CA SER B 25 2.33 -25.18 -5.73
C SER B 25 2.96 -26.10 -4.69
N ASP B 26 2.84 -25.74 -3.41
CA ASP B 26 3.31 -26.63 -2.36
C ASP B 26 2.53 -27.94 -2.35
N GLU B 27 1.21 -27.86 -2.53
CA GLU B 27 0.39 -29.07 -2.50
C GLU B 27 0.75 -30.02 -3.64
N HIS B 28 0.92 -29.48 -4.84
CA HIS B 28 1.23 -30.30 -6.02
C HIS B 28 2.73 -30.43 -6.25
N GLY B 29 3.56 -29.85 -5.39
CA GLY B 29 5.00 -29.98 -5.50
C GLY B 29 5.55 -29.43 -6.79
N ILE B 30 5.48 -28.11 -6.96
CA ILE B 30 5.91 -27.45 -8.18
C ILE B 30 7.00 -26.43 -7.84
N ASP B 31 8.11 -26.50 -8.58
CA ASP B 31 9.16 -25.51 -8.48
C ASP B 31 8.59 -24.16 -8.92
N PRO B 32 8.98 -23.05 -8.27
CA PRO B 32 8.60 -21.74 -8.83
C PRO B 32 9.07 -21.54 -10.26
N SER B 33 10.12 -22.23 -10.70
CA SER B 33 10.45 -22.27 -12.11
C SER B 33 9.33 -22.92 -12.94
N GLY B 34 8.47 -23.72 -12.32
CA GLY B 34 7.38 -24.38 -13.00
C GLY B 34 7.56 -25.84 -13.31
N ASN B 35 8.68 -26.43 -12.91
CA ASN B 35 8.91 -27.85 -13.12
C ASN B 35 8.29 -28.68 -11.99
N TYR B 36 8.12 -29.97 -12.26
CA TYR B 36 7.56 -30.89 -11.28
C TYR B 36 8.69 -31.50 -10.46
N VAL B 37 8.66 -31.26 -9.15
CA VAL B 37 9.67 -31.77 -8.23
C VAL B 37 9.06 -32.64 -7.14
N GLY B 38 7.85 -33.17 -7.38
CA GLY B 38 7.17 -33.99 -6.40
C GLY B 38 7.74 -35.41 -6.35
N ASP B 39 7.05 -36.25 -5.59
CA ASP B 39 7.48 -37.63 -5.39
C ASP B 39 6.35 -38.64 -5.48
N SER B 40 5.13 -38.23 -5.84
CA SER B 40 4.01 -39.15 -5.95
C SER B 40 3.22 -38.82 -7.21
N ASP B 41 2.81 -39.87 -7.93
CA ASP B 41 2.06 -39.67 -9.17
C ASP B 41 0.72 -38.99 -8.94
N LEU B 42 0.15 -39.13 -7.75
CA LEU B 42 -1.16 -38.55 -7.48
C LEU B 42 -1.13 -37.03 -7.59
N GLN B 43 0.02 -36.42 -7.32
CA GLN B 43 0.15 -34.98 -7.49
C GLN B 43 -0.03 -34.57 -8.95
N LEU B 44 0.35 -35.43 -9.89
CA LEU B 44 0.24 -35.12 -11.31
C LEU B 44 -1.01 -35.68 -11.96
N GLU B 45 -1.68 -36.66 -11.34
CA GLU B 45 -2.84 -37.28 -11.97
C GLU B 45 -4.00 -36.29 -12.15
N ARG B 46 -4.04 -35.21 -11.37
CA ARG B 46 -5.03 -34.16 -11.55
C ARG B 46 -4.37 -32.79 -11.57
N ILE B 47 -3.19 -32.69 -12.18
CA ILE B 47 -2.48 -31.42 -12.27
C ILE B 47 -3.20 -30.44 -13.16
N SER B 48 -4.02 -30.92 -14.10
CA SER B 48 -4.62 -30.08 -15.12
C SER B 48 -5.75 -29.19 -14.61
N VAL B 49 -6.23 -29.41 -13.39
CA VAL B 49 -7.37 -28.64 -12.89
C VAL B 49 -7.00 -27.17 -12.78
N TYR B 50 -5.81 -26.87 -12.26
CA TYR B 50 -5.34 -25.50 -12.13
C TYR B 50 -4.18 -25.16 -13.06
N TYR B 51 -3.45 -26.14 -13.55
CA TYR B 51 -2.25 -25.89 -14.33
C TYR B 51 -2.45 -26.36 -15.76
N ASN B 52 -1.97 -25.55 -16.70
CA ASN B 52 -1.89 -25.90 -18.11
C ASN B 52 -0.47 -26.42 -18.37
N GLU B 53 -0.39 -27.57 -19.02
CA GLU B 53 0.89 -28.22 -19.29
C GLU B 53 1.46 -27.63 -20.59
N ALA B 54 2.35 -26.67 -20.44
CA ALA B 54 3.06 -26.12 -21.59
C ALA B 54 4.14 -27.11 -22.04
N SER B 55 4.87 -26.73 -23.08
CA SER B 55 5.90 -27.62 -23.60
C SER B 55 7.05 -27.78 -22.59
N SER B 56 7.88 -28.79 -22.85
CA SER B 56 9.06 -29.07 -22.03
C SER B 56 8.70 -29.34 -20.57
N HIS B 57 7.59 -30.05 -20.35
CA HIS B 57 7.18 -30.55 -19.03
C HIS B 57 7.00 -29.40 -18.03
N LYS B 58 6.64 -28.22 -18.51
CA LYS B 58 6.43 -27.06 -17.65
C LYS B 58 4.93 -26.89 -17.39
N TYR B 59 4.59 -26.41 -16.19
CA TYR B 59 3.22 -26.18 -15.80
C TYR B 59 3.02 -24.72 -15.46
N VAL B 60 2.01 -24.09 -16.05
CA VAL B 60 1.71 -22.70 -15.71
C VAL B 60 0.29 -22.59 -15.20
N PRO B 61 0.04 -21.79 -14.16
CA PRO B 61 -1.31 -21.72 -13.60
C PRO B 61 -2.29 -21.07 -14.56
N ARG B 62 -3.55 -21.47 -14.42
CA ARG B 62 -4.64 -20.94 -15.22
C ARG B 62 -5.30 -19.77 -14.49
N ALA B 63 -4.49 -18.74 -14.23
CA ALA B 63 -4.88 -17.61 -13.43
C ALA B 63 -4.79 -16.32 -14.24
N ILE B 64 -5.70 -15.39 -13.92
CA ILE B 64 -5.72 -14.07 -14.54
C ILE B 64 -5.63 -13.04 -13.43
N LEU B 65 -4.68 -12.12 -13.55
CA LEU B 65 -4.45 -11.07 -12.57
C LEU B 65 -4.88 -9.73 -13.15
N VAL B 66 -5.78 -9.05 -12.46
CA VAL B 66 -6.37 -7.81 -12.95
C VAL B 66 -6.25 -6.74 -11.88
N ASP B 67 -5.80 -5.55 -12.28
CA ASP B 67 -5.71 -4.40 -11.40
C ASP B 67 -5.66 -3.15 -12.26
N LEU B 68 -5.74 -2.00 -11.63
CA LEU B 68 -5.61 -0.73 -12.32
C LEU B 68 -4.38 0.06 -11.91
N GLU B 69 -3.57 -0.46 -10.99
CA GLU B 69 -2.31 0.15 -10.61
C GLU B 69 -1.19 -0.87 -10.75
N PRO B 70 -0.06 -0.48 -11.36
CA PRO B 70 0.99 -1.46 -11.66
C PRO B 70 1.82 -1.85 -10.44
N GLY B 71 1.60 -1.23 -9.28
CA GLY B 71 2.41 -1.57 -8.12
C GLY B 71 2.25 -3.01 -7.69
N THR B 72 1.01 -3.49 -7.61
CA THR B 72 0.77 -4.87 -7.22
C THR B 72 1.35 -5.85 -8.24
N MET B 73 1.19 -5.54 -9.53
CA MET B 73 1.74 -6.41 -10.57
C MET B 73 3.25 -6.47 -10.49
N ASP B 74 3.90 -5.33 -10.25
CA ASP B 74 5.35 -5.30 -10.11
C ASP B 74 5.79 -6.08 -8.89
N SER B 75 5.06 -5.97 -7.78
CA SER B 75 5.39 -6.73 -6.59
C SER B 75 5.28 -8.23 -6.84
N VAL B 76 4.23 -8.64 -7.55
CA VAL B 76 4.07 -10.06 -7.87
C VAL B 76 5.19 -10.55 -8.79
N ARG B 77 5.53 -9.75 -9.80
CA ARG B 77 6.58 -10.16 -10.74
C ARG B 77 7.94 -10.26 -10.07
N SER B 78 8.28 -9.29 -9.22
CA SER B 78 9.63 -9.21 -8.68
C SER B 78 9.91 -10.35 -7.71
N GLY B 79 8.94 -10.68 -6.86
CA GLY B 79 9.18 -11.65 -5.81
C GLY B 79 9.25 -13.07 -6.33
N ALA B 80 9.61 -13.98 -5.42
CA ALA B 80 9.66 -15.39 -5.75
C ALA B 80 8.27 -15.90 -6.12
N PHE B 81 8.25 -17.10 -6.74
CA PHE B 81 7.02 -17.69 -7.24
C PHE B 81 6.34 -16.77 -8.26
N GLY B 82 7.15 -16.05 -9.03
CA GLY B 82 6.64 -15.06 -9.96
C GLY B 82 6.91 -15.38 -11.42
N HIS B 83 7.90 -16.24 -11.69
CA HIS B 83 8.20 -16.63 -13.06
C HIS B 83 7.23 -17.66 -13.61
N LEU B 84 6.36 -18.19 -12.76
CA LEU B 84 5.38 -19.19 -13.18
C LEU B 84 4.20 -18.63 -13.95
N PHE B 85 3.76 -17.41 -13.67
CA PHE B 85 2.59 -16.87 -14.34
C PHE B 85 2.90 -16.52 -15.79
N ARG B 86 1.92 -16.77 -16.66
CA ARG B 86 2.10 -16.50 -18.08
C ARG B 86 2.04 -14.99 -18.31
N PRO B 87 3.08 -14.39 -18.90
CA PRO B 87 3.22 -12.92 -18.83
C PRO B 87 2.08 -12.13 -19.44
N ASP B 88 1.34 -12.70 -20.40
CA ASP B 88 0.27 -11.94 -21.02
C ASP B 88 -0.91 -11.75 -20.07
N ASN B 89 -1.11 -12.68 -19.14
CA ASN B 89 -2.23 -12.62 -18.21
C ASN B 89 -2.11 -11.45 -17.24
N PHE B 90 -0.94 -10.83 -17.14
CA PHE B 90 -0.73 -9.69 -16.24
C PHE B 90 -1.38 -8.46 -16.87
N ILE B 91 -2.70 -8.41 -16.78
CA ILE B 91 -3.47 -7.29 -17.31
C ILE B 91 -3.64 -6.25 -16.21
N PHE B 92 -3.21 -5.03 -16.47
CA PHE B 92 -3.25 -3.99 -15.47
C PHE B 92 -3.47 -2.63 -16.12
N GLY B 93 -4.09 -1.73 -15.37
CA GLY B 93 -4.34 -0.38 -15.81
C GLY B 93 -3.18 0.53 -15.46
N GLN B 94 -3.46 1.83 -15.47
CA GLN B 94 -2.36 2.75 -15.19
C GLN B 94 -2.65 3.71 -14.06
N SER B 95 -3.89 4.22 -13.95
CA SER B 95 -4.19 5.27 -12.99
C SER B 95 -4.76 4.76 -11.67
N GLY B 96 -5.43 3.60 -11.67
CA GLY B 96 -6.08 3.12 -10.48
C GLY B 96 -7.46 3.71 -10.30
N ALA B 97 -8.41 2.90 -9.84
CA ALA B 97 -9.80 3.35 -9.73
C ALA B 97 -10.00 4.38 -8.62
N GLY B 98 -9.05 4.56 -7.72
CA GLY B 98 -9.16 5.60 -6.71
C GLY B 98 -10.32 5.41 -5.75
N ASN B 99 -10.53 4.18 -5.27
CA ASN B 99 -11.56 3.85 -4.29
C ASN B 99 -12.96 4.15 -4.79
N ASN B 100 -13.14 4.36 -6.10
CA ASN B 100 -14.42 4.75 -6.65
C ASN B 100 -14.97 3.58 -7.46
N TRP B 101 -16.17 3.13 -7.10
CA TRP B 101 -16.75 1.97 -7.76
C TRP B 101 -17.16 2.28 -9.19
N ALA B 102 -17.50 3.54 -9.48
CA ALA B 102 -17.85 3.91 -10.84
C ALA B 102 -16.68 3.69 -11.80
N LYS B 103 -15.50 4.17 -11.40
CA LYS B 103 -14.32 3.98 -12.23
C LYS B 103 -13.93 2.52 -12.35
N GLY B 104 -14.26 1.70 -11.36
CA GLY B 104 -13.92 0.30 -11.42
C GLY B 104 -14.93 -0.54 -12.19
N HIS B 105 -16.14 -0.02 -12.37
CA HIS B 105 -17.20 -0.77 -13.02
C HIS B 105 -17.70 -0.14 -14.31
N TYR B 106 -17.50 1.16 -14.51
CA TYR B 106 -17.96 1.84 -15.72
C TYR B 106 -16.85 2.53 -16.48
N THR B 107 -16.00 3.31 -15.81
CA THR B 107 -15.10 4.22 -16.53
C THR B 107 -13.76 3.58 -16.85
N GLU B 108 -13.00 3.16 -15.82
CA GLU B 108 -11.70 2.56 -16.07
C GLU B 108 -11.83 1.07 -16.40
N GLY B 109 -12.70 0.36 -15.69
CA GLY B 109 -12.86 -1.06 -15.92
C GLY B 109 -13.27 -1.40 -17.34
N ALA B 110 -14.01 -0.50 -17.99
CA ALA B 110 -14.40 -0.71 -19.38
C ALA B 110 -13.21 -0.68 -20.32
N GLU B 111 -12.10 -0.09 -19.90
CA GLU B 111 -10.92 -0.01 -20.75
C GLU B 111 -10.09 -1.28 -20.75
N LEU B 112 -10.29 -2.17 -19.79
CA LEU B 112 -9.59 -3.45 -19.74
C LEU B 112 -10.51 -4.65 -19.78
N VAL B 113 -11.83 -4.44 -19.68
CA VAL B 113 -12.76 -5.57 -19.63
C VAL B 113 -12.69 -6.37 -20.93
N ASP B 114 -12.50 -5.70 -22.06
CA ASP B 114 -12.45 -6.41 -23.33
C ASP B 114 -11.24 -7.35 -23.38
N SER B 115 -10.05 -6.84 -23.02
CA SER B 115 -8.86 -7.69 -23.01
C SER B 115 -9.00 -8.84 -22.02
N VAL B 116 -9.54 -8.55 -20.83
CA VAL B 116 -9.72 -9.61 -19.85
C VAL B 116 -10.66 -10.68 -20.39
N LEU B 117 -11.75 -10.26 -21.04
CA LEU B 117 -12.69 -11.22 -21.60
C LEU B 117 -12.08 -12.03 -22.73
N ASP B 118 -11.22 -11.43 -23.55
CA ASP B 118 -10.55 -12.21 -24.58
C ASP B 118 -9.62 -13.26 -23.96
N VAL B 119 -8.91 -12.89 -22.89
CA VAL B 119 -8.07 -13.87 -22.20
C VAL B 119 -8.92 -15.00 -21.63
N VAL B 120 -10.04 -14.64 -21.01
CA VAL B 120 -10.96 -15.65 -20.45
C VAL B 120 -11.48 -16.56 -21.55
N ARG B 121 -11.85 -15.98 -22.69
CA ARG B 121 -12.37 -16.77 -23.81
C ARG B 121 -11.32 -17.74 -24.33
N LYS B 122 -10.09 -17.26 -24.49
CA LYS B 122 -9.01 -18.14 -24.96
C LYS B 122 -8.79 -19.29 -23.98
N GLU B 123 -8.77 -18.99 -22.68
CA GLU B 123 -8.55 -20.04 -21.70
C GLU B 123 -9.71 -21.04 -21.69
N CYS B 124 -10.94 -20.55 -21.80
CA CYS B 124 -12.09 -21.45 -21.84
C CYS B 124 -12.06 -22.35 -23.07
N GLU B 125 -11.69 -21.80 -24.23
CA GLU B 125 -11.57 -22.63 -25.42
C GLU B 125 -10.45 -23.66 -25.26
N ASN B 126 -9.35 -23.28 -24.61
CA ASN B 126 -8.22 -24.19 -24.48
C ASN B 126 -8.49 -25.31 -23.47
N CYS B 127 -9.35 -25.08 -22.49
CA CYS B 127 -9.63 -26.10 -21.49
C CYS B 127 -10.43 -27.24 -22.09
N ASP B 128 -10.37 -28.40 -21.42
CA ASP B 128 -11.05 -29.58 -21.91
C ASP B 128 -12.54 -29.53 -21.57
N CYS B 129 -12.86 -29.49 -20.28
CA CYS B 129 -14.25 -29.47 -19.82
C CYS B 129 -14.32 -28.54 -18.62
N LEU B 130 -14.72 -27.29 -18.87
CA LEU B 130 -14.71 -26.26 -17.84
C LEU B 130 -15.67 -26.60 -16.70
N GLN B 131 -15.23 -26.37 -15.47
CA GLN B 131 -16.06 -26.57 -14.28
C GLN B 131 -16.70 -25.26 -13.84
N GLY B 132 -15.89 -24.24 -13.58
CA GLY B 132 -16.42 -22.97 -13.10
C GLY B 132 -15.30 -22.00 -12.84
N PHE B 133 -15.70 -20.82 -12.36
CA PHE B 133 -14.77 -19.73 -12.09
C PHE B 133 -14.79 -19.38 -10.60
N GLN B 134 -13.63 -19.00 -10.07
CA GLN B 134 -13.52 -18.47 -8.72
C GLN B 134 -12.79 -17.13 -8.76
N LEU B 135 -13.39 -16.12 -8.14
CA LEU B 135 -12.85 -14.77 -8.12
C LEU B 135 -12.43 -14.39 -6.72
N THR B 136 -11.25 -13.81 -6.58
CA THR B 136 -10.74 -13.30 -5.31
C THR B 136 -10.63 -11.78 -5.42
N HIS B 137 -11.43 -11.06 -4.64
CA HIS B 137 -11.44 -9.61 -4.67
C HIS B 137 -11.93 -9.10 -3.32
N SER B 138 -12.11 -7.78 -3.22
CA SER B 138 -12.62 -7.14 -2.03
C SER B 138 -13.74 -6.17 -2.39
N LEU B 139 -14.57 -5.86 -1.41
CA LEU B 139 -15.69 -4.96 -1.60
C LEU B 139 -15.43 -3.57 -1.04
N GLY B 140 -14.21 -3.31 -0.56
CA GLY B 140 -13.89 -2.00 -0.02
C GLY B 140 -13.32 -1.06 -1.05
N GLY B 141 -12.27 -1.49 -1.75
CA GLY B 141 -11.67 -0.67 -2.77
C GLY B 141 -12.53 -0.58 -4.02
N GLY B 142 -12.37 0.51 -4.76
CA GLY B 142 -13.11 0.69 -5.98
C GLY B 142 -12.70 -0.30 -7.07
N THR B 143 -11.39 -0.50 -7.24
CA THR B 143 -10.90 -1.36 -8.31
C THR B 143 -11.46 -2.77 -8.17
N GLY B 144 -11.15 -3.44 -7.06
CA GLY B 144 -11.57 -4.83 -6.92
C GLY B 144 -13.07 -4.99 -7.01
N SER B 145 -13.81 -4.16 -6.28
CA SER B 145 -15.26 -4.26 -6.26
C SER B 145 -15.86 -4.07 -7.66
N GLY B 146 -15.61 -2.90 -8.26
CA GLY B 146 -16.22 -2.61 -9.54
C GLY B 146 -15.79 -3.55 -10.64
N MET B 147 -14.47 -3.80 -10.74
CA MET B 147 -13.98 -4.66 -11.81
C MET B 147 -14.49 -6.09 -11.63
N GLY B 148 -14.51 -6.60 -10.40
CA GLY B 148 -15.04 -7.93 -10.17
C GLY B 148 -16.51 -8.04 -10.53
N THR B 149 -17.31 -7.04 -10.15
CA THR B 149 -18.73 -7.07 -10.49
C THR B 149 -18.90 -7.08 -12.01
N LEU B 150 -18.17 -6.21 -12.71
CA LEU B 150 -18.29 -6.14 -14.17
C LEU B 150 -17.88 -7.46 -14.82
N LEU B 151 -16.76 -8.02 -14.38
CA LEU B 151 -16.29 -9.28 -14.96
C LEU B 151 -17.25 -10.42 -14.68
N ILE B 152 -17.79 -10.49 -13.47
CA ILE B 152 -18.78 -11.54 -13.18
C ILE B 152 -19.98 -11.39 -14.09
N SER B 153 -20.48 -10.16 -14.26
CA SER B 153 -21.62 -9.95 -15.13
C SER B 153 -21.34 -10.44 -16.54
N LYS B 154 -20.23 -9.98 -17.14
CA LYS B 154 -19.95 -10.34 -18.52
C LYS B 154 -19.68 -11.83 -18.67
N VAL B 155 -18.95 -12.43 -17.74
CA VAL B 155 -18.63 -13.86 -17.86
C VAL B 155 -19.89 -14.70 -17.73
N ARG B 156 -20.74 -14.43 -16.73
CA ARG B 156 -21.94 -15.23 -16.59
C ARG B 156 -22.90 -15.00 -17.75
N GLU B 157 -22.94 -13.80 -18.32
CA GLU B 157 -23.69 -13.62 -19.55
C GLU B 157 -23.05 -14.34 -20.72
N GLU B 158 -21.76 -14.64 -20.64
CA GLU B 158 -21.09 -15.45 -21.65
C GLU B 158 -21.21 -16.94 -21.38
N TYR B 159 -21.42 -17.34 -20.13
CA TYR B 159 -21.54 -18.75 -19.75
C TYR B 159 -22.63 -18.86 -18.69
N PRO B 160 -23.86 -19.22 -19.10
CA PRO B 160 -24.97 -19.20 -18.12
C PRO B 160 -24.93 -20.33 -17.12
N ASP B 161 -24.63 -21.55 -17.56
CA ASP B 161 -24.78 -22.72 -16.70
C ASP B 161 -23.54 -23.02 -15.86
N ARG B 162 -22.46 -22.28 -16.05
CA ARG B 162 -21.29 -22.47 -15.20
C ARG B 162 -21.54 -21.90 -13.80
N ILE B 163 -20.70 -22.31 -12.87
CA ILE B 163 -20.76 -21.85 -11.50
C ILE B 163 -19.60 -20.90 -11.24
N MET B 164 -19.83 -19.93 -10.37
CA MET B 164 -18.88 -18.83 -10.19
C MET B 164 -18.73 -18.53 -8.70
N ASN B 165 -17.50 -18.59 -8.22
CA ASN B 165 -17.18 -18.37 -6.81
C ASN B 165 -16.55 -17.00 -6.64
N THR B 166 -16.89 -16.34 -5.53
CA THR B 166 -16.28 -15.08 -5.15
C THR B 166 -15.92 -15.13 -3.68
N PHE B 167 -14.70 -14.73 -3.35
CA PHE B 167 -14.23 -14.70 -1.97
C PHE B 167 -13.95 -13.22 -1.66
N SER B 168 -15.00 -12.50 -1.26
CA SER B 168 -14.98 -11.04 -1.22
C SER B 168 -14.76 -10.56 0.20
N VAL B 169 -13.76 -9.70 0.38
CA VAL B 169 -13.46 -9.14 1.70
C VAL B 169 -14.54 -8.13 2.07
N VAL B 170 -15.22 -8.37 3.18
CA VAL B 170 -16.32 -7.53 3.65
C VAL B 170 -15.77 -6.57 4.70
N PRO B 171 -16.17 -5.30 4.70
CA PRO B 171 -15.61 -4.35 5.67
C PRO B 171 -15.87 -4.75 7.12
N SER B 172 -14.91 -4.43 7.97
CA SER B 172 -15.02 -4.75 9.39
C SER B 172 -16.08 -3.86 10.06
N PRO B 173 -16.75 -4.38 11.09
CA PRO B 173 -17.77 -3.55 11.77
C PRO B 173 -17.16 -2.44 12.62
N LYS B 174 -16.09 -2.74 13.36
CA LYS B 174 -15.52 -1.75 14.27
C LYS B 174 -14.87 -0.60 13.50
N VAL B 175 -13.90 -0.93 12.65
CA VAL B 175 -13.11 0.07 11.96
C VAL B 175 -13.47 0.04 10.48
N SER B 176 -13.19 1.14 9.80
CA SER B 176 -13.33 1.24 8.36
C SER B 176 -11.97 1.55 7.74
N ASP B 177 -11.55 0.71 6.80
CA ASP B 177 -10.27 0.95 6.14
C ASP B 177 -10.38 2.05 5.08
N THR B 178 -11.56 2.25 4.52
CA THR B 178 -11.85 3.34 3.61
C THR B 178 -12.96 4.20 4.19
N VAL B 179 -13.41 5.19 3.41
CA VAL B 179 -14.40 6.16 3.87
C VAL B 179 -15.74 5.97 3.17
N VAL B 180 -15.72 5.61 1.89
CA VAL B 180 -16.95 5.55 1.11
C VAL B 180 -17.30 4.11 0.76
N GLU B 181 -16.83 3.17 1.59
CA GLU B 181 -17.12 1.76 1.35
C GLU B 181 -18.58 1.36 1.47
N PRO B 182 -19.46 2.10 2.19
CA PRO B 182 -20.89 1.74 2.12
C PRO B 182 -21.45 1.64 0.71
N TYR B 183 -21.25 2.66 -0.13
CA TYR B 183 -21.77 2.62 -1.49
C TYR B 183 -21.16 1.47 -2.28
N ASN B 184 -19.84 1.33 -2.20
CA ASN B 184 -19.15 0.30 -2.97
C ASN B 184 -19.63 -1.09 -2.58
N ALA B 185 -19.72 -1.33 -1.27
CA ALA B 185 -20.19 -2.61 -0.77
C ALA B 185 -21.64 -2.87 -1.18
N THR B 186 -22.49 -1.84 -1.11
CA THR B 186 -23.89 -2.02 -1.47
C THR B 186 -24.03 -2.41 -2.93
N LEU B 187 -23.38 -1.67 -3.82
CA LEU B 187 -23.47 -1.97 -5.25
C LEU B 187 -22.84 -3.33 -5.56
N SER B 188 -21.72 -3.65 -4.94
CA SER B 188 -21.06 -4.93 -5.20
C SER B 188 -21.91 -6.09 -4.73
N ILE B 189 -22.53 -5.97 -3.55
CA ILE B 189 -23.41 -7.04 -3.06
C ILE B 189 -24.64 -7.16 -3.95
N HIS B 190 -25.15 -6.03 -4.46
CA HIS B 190 -26.23 -6.10 -5.43
C HIS B 190 -25.83 -6.94 -6.64
N GLN B 191 -24.67 -6.64 -7.22
CA GLN B 191 -24.22 -7.41 -8.38
C GLN B 191 -24.04 -8.88 -8.02
N LEU B 192 -23.47 -9.15 -6.84
CA LEU B 192 -23.20 -10.53 -6.43
C LEU B 192 -24.50 -11.32 -6.26
N VAL B 193 -25.51 -10.72 -5.64
CA VAL B 193 -26.78 -11.42 -5.48
C VAL B 193 -27.44 -11.63 -6.82
N GLU B 194 -27.19 -10.72 -7.78
CA GLU B 194 -27.74 -10.95 -9.11
C GLU B 194 -27.10 -12.15 -9.80
N ASN B 195 -25.76 -12.23 -9.80
CA ASN B 195 -25.12 -13.11 -10.76
C ASN B 195 -23.97 -13.92 -10.17
N THR B 196 -24.13 -14.43 -8.95
CA THR B 196 -23.17 -15.38 -8.39
C THR B 196 -23.91 -16.52 -7.70
N ASP B 197 -23.37 -17.73 -7.82
CA ASP B 197 -23.98 -18.92 -7.24
C ASP B 197 -23.60 -19.16 -5.79
N GLU B 198 -22.54 -18.52 -5.29
CA GLU B 198 -22.20 -18.52 -3.88
C GLU B 198 -21.04 -17.56 -3.67
N THR B 199 -20.93 -17.05 -2.45
CA THR B 199 -19.88 -16.13 -2.04
C THR B 199 -19.50 -16.46 -0.61
N TYR B 200 -18.23 -16.27 -0.27
CA TYR B 200 -17.74 -16.52 1.08
C TYR B 200 -17.37 -15.18 1.70
N CYS B 201 -18.22 -14.67 2.59
CA CYS B 201 -17.93 -13.39 3.23
C CYS B 201 -16.72 -13.56 4.14
N ILE B 202 -15.74 -12.67 3.99
CA ILE B 202 -14.49 -12.74 4.73
C ILE B 202 -14.17 -11.34 5.24
N ASP B 203 -13.74 -11.25 6.49
CA ASP B 203 -13.58 -9.96 7.16
C ASP B 203 -12.24 -9.89 7.87
N ASN B 204 -11.56 -8.74 7.75
CA ASN B 204 -10.25 -8.58 8.36
C ASN B 204 -10.29 -8.61 9.88
N GLU B 205 -11.34 -8.05 10.48
CA GLU B 205 -11.44 -8.04 11.95
C GLU B 205 -11.44 -9.46 12.51
N ALA B 206 -12.20 -10.35 11.86
CA ALA B 206 -12.27 -11.73 12.32
C ALA B 206 -10.91 -12.43 12.23
N LEU B 207 -10.19 -12.21 11.13
CA LEU B 207 -8.86 -12.80 10.99
C LEU B 207 -7.90 -12.24 12.03
N TYR B 208 -7.95 -10.93 12.29
CA TYR B 208 -7.10 -10.37 13.33
C TYR B 208 -7.39 -11.01 14.68
N ASP B 209 -8.67 -11.14 15.01
CA ASP B 209 -9.04 -11.75 16.29
C ASP B 209 -8.59 -13.20 16.36
N ILE B 210 -8.77 -13.95 15.27
CA ILE B 210 -8.41 -15.37 15.25
C ILE B 210 -6.91 -15.53 15.41
N CYS B 211 -6.14 -14.76 14.65
CA CYS B 211 -4.69 -14.88 14.69
C CYS B 211 -4.14 -14.45 16.05
N PHE B 212 -4.74 -13.42 16.66
CA PHE B 212 -4.26 -12.98 17.96
C PHE B 212 -4.61 -13.98 19.06
N ARG B 213 -5.85 -14.48 19.06
CA ARG B 213 -6.27 -15.37 20.13
C ARG B 213 -5.81 -16.81 19.88
N THR B 214 -6.27 -17.42 18.80
CA THR B 214 -6.00 -18.83 18.57
C THR B 214 -4.55 -19.07 18.16
N LEU B 215 -4.04 -18.28 17.21
CA LEU B 215 -2.69 -18.48 16.71
C LEU B 215 -1.63 -17.91 17.65
N LYS B 216 -2.02 -17.05 18.59
CA LYS B 216 -1.09 -16.44 19.55
C LYS B 216 0.03 -15.69 18.84
N LEU B 217 -0.29 -15.04 17.73
CA LEU B 217 0.65 -14.21 17.00
C LEU B 217 0.39 -12.75 17.34
N ALA B 218 1.34 -12.12 18.03
CA ALA B 218 1.20 -10.72 18.44
C ALA B 218 1.47 -9.75 17.30
N THR B 219 2.16 -10.19 16.25
CA THR B 219 2.54 -9.32 15.11
C THR B 219 2.09 -9.96 13.80
N PRO B 220 0.79 -10.00 13.53
CA PRO B 220 0.28 -10.64 12.31
C PRO B 220 0.36 -9.71 11.11
N THR B 221 1.20 -10.08 10.14
CA THR B 221 1.22 -9.39 8.87
C THR B 221 0.12 -9.92 7.97
N TYR B 222 -0.13 -9.21 6.87
CA TYR B 222 -1.03 -9.70 5.84
C TYR B 222 -0.62 -11.06 5.29
N GLY B 223 0.66 -11.40 5.38
CA GLY B 223 1.08 -12.71 4.92
C GLY B 223 0.31 -13.83 5.60
N ASP B 224 0.13 -13.73 6.91
CA ASP B 224 -0.56 -14.78 7.64
C ASP B 224 -2.05 -14.81 7.32
N LEU B 225 -2.70 -13.64 7.25
CA LEU B 225 -4.12 -13.60 6.94
C LEU B 225 -4.39 -14.17 5.55
N ASN B 226 -3.59 -13.76 4.56
CA ASN B 226 -3.74 -14.34 3.24
C ASN B 226 -3.42 -15.83 3.25
N HIS B 227 -2.51 -16.28 4.12
CA HIS B 227 -2.21 -17.70 4.22
C HIS B 227 -3.43 -18.48 4.70
N LEU B 228 -4.14 -17.97 5.72
CA LEU B 228 -5.36 -18.63 6.17
C LEU B 228 -6.44 -18.60 5.09
N VAL B 229 -6.59 -17.49 4.38
CA VAL B 229 -7.58 -17.44 3.30
C VAL B 229 -7.24 -18.46 2.22
N SER B 230 -5.95 -18.57 1.86
CA SER B 230 -5.53 -19.54 0.87
C SER B 230 -5.73 -20.97 1.36
N ALA B 231 -5.49 -21.21 2.65
CA ALA B 231 -5.73 -22.54 3.21
C ALA B 231 -7.20 -22.90 3.12
N THR B 232 -8.09 -21.94 3.39
CA THR B 232 -9.52 -22.17 3.21
C THR B 232 -9.85 -22.48 1.76
N MET B 233 -9.26 -21.71 0.84
CA MET B 233 -9.43 -21.99 -0.60
C MET B 233 -9.07 -23.43 -0.92
N SER B 234 -7.87 -23.84 -0.50
CA SER B 234 -7.38 -25.18 -0.83
C SER B 234 -8.24 -26.24 -0.17
N GLY B 235 -8.68 -26.01 1.07
CA GLY B 235 -9.52 -26.98 1.74
C GLY B 235 -10.87 -27.15 1.06
N VAL B 236 -11.44 -26.05 0.54
CA VAL B 236 -12.68 -26.16 -0.22
C VAL B 236 -12.45 -26.95 -1.50
N THR B 237 -11.37 -26.65 -2.22
CA THR B 237 -11.17 -27.23 -3.54
C THR B 237 -10.58 -28.65 -3.51
N THR B 238 -10.04 -29.10 -2.38
CA THR B 238 -9.30 -30.36 -2.35
C THR B 238 -10.15 -31.57 -2.73
N SER B 239 -11.46 -31.50 -2.58
CA SER B 239 -12.31 -32.65 -2.90
C SER B 239 -12.34 -32.95 -4.38
N LEU B 240 -11.89 -32.03 -5.23
CA LEU B 240 -11.91 -32.20 -6.68
C LEU B 240 -10.58 -32.63 -7.25
N ARG B 241 -9.46 -32.23 -6.64
CA ARG B 241 -8.14 -32.46 -7.19
C ARG B 241 -7.47 -33.73 -6.66
N PHE B 242 -8.13 -34.46 -5.77
CA PHE B 242 -7.57 -35.66 -5.17
C PHE B 242 -8.69 -36.64 -4.86
N PRO B 243 -8.39 -37.93 -4.77
CA PRO B 243 -9.43 -38.91 -4.43
C PRO B 243 -9.86 -38.79 -2.98
N GLY B 244 -10.92 -39.51 -2.65
CA GLY B 244 -11.38 -39.61 -1.28
C GLY B 244 -12.38 -40.72 -1.14
N GLN B 245 -12.57 -41.17 0.10
CA GLN B 245 -13.60 -42.15 0.37
C GLN B 245 -15.00 -41.60 0.10
N LEU B 246 -15.15 -40.27 0.08
CA LEU B 246 -16.40 -39.62 -0.30
C LEU B 246 -16.04 -38.35 -1.07
N ASN B 247 -15.99 -38.47 -2.39
CA ASN B 247 -15.59 -37.37 -3.24
C ASN B 247 -16.69 -36.32 -3.36
N ALA B 248 -16.26 -35.07 -3.45
CA ALA B 248 -17.17 -33.95 -3.69
C ALA B 248 -16.50 -32.98 -4.66
N ASP B 249 -17.26 -31.97 -5.07
CA ASP B 249 -16.71 -30.89 -5.88
C ASP B 249 -17.47 -29.61 -5.54
N LEU B 250 -17.22 -28.55 -6.32
CA LEU B 250 -17.90 -27.29 -6.10
C LEU B 250 -19.40 -27.40 -6.34
N ARG B 251 -19.79 -28.22 -7.33
CA ARG B 251 -21.20 -28.37 -7.64
C ARG B 251 -21.98 -28.99 -6.48
N LYS B 252 -21.41 -30.01 -5.83
CA LYS B 252 -22.11 -30.66 -4.73
C LYS B 252 -22.34 -29.69 -3.57
N LEU B 253 -21.31 -28.92 -3.22
CA LEU B 253 -21.45 -27.94 -2.16
C LEU B 253 -22.42 -26.85 -2.54
N ALA B 254 -22.38 -26.41 -3.81
CA ALA B 254 -23.32 -25.38 -4.26
C ALA B 254 -24.77 -25.87 -4.14
N VAL B 255 -25.02 -27.13 -4.52
CA VAL B 255 -26.37 -27.66 -4.45
C VAL B 255 -26.82 -27.83 -3.00
N ASN B 256 -25.95 -28.36 -2.14
CA ASN B 256 -26.34 -28.67 -0.78
C ASN B 256 -26.50 -27.40 0.06
N MET B 257 -25.63 -26.41 -0.13
CA MET B 257 -25.55 -25.24 0.71
C MET B 257 -26.47 -24.10 0.28
N VAL B 258 -27.14 -24.21 -0.87
CA VAL B 258 -27.99 -23.14 -1.37
C VAL B 258 -29.42 -23.63 -1.50
N PRO B 259 -30.29 -23.42 -0.49
CA PRO B 259 -31.69 -23.82 -0.63
C PRO B 259 -32.53 -22.83 -1.41
N PHE B 260 -32.10 -21.58 -1.56
CA PHE B 260 -32.84 -20.59 -2.32
C PHE B 260 -31.82 -19.78 -3.11
N PRO B 261 -32.13 -19.42 -4.36
CA PRO B 261 -31.09 -18.89 -5.26
C PRO B 261 -30.43 -17.62 -4.74
N ARG B 262 -31.19 -16.74 -4.09
CA ARG B 262 -30.60 -15.51 -3.58
C ARG B 262 -29.68 -15.78 -2.40
N LEU B 263 -30.08 -16.69 -1.50
CA LEU B 263 -29.30 -16.97 -0.30
C LEU B 263 -28.07 -17.81 -0.63
N HIS B 264 -26.96 -17.14 -0.95
CA HIS B 264 -25.71 -17.81 -1.31
C HIS B 264 -24.52 -17.08 -0.70
N PHE B 265 -24.66 -16.63 0.54
CA PHE B 265 -23.60 -15.93 1.25
C PHE B 265 -23.21 -16.72 2.48
N PHE B 266 -21.96 -17.15 2.53
CA PHE B 266 -21.52 -18.19 3.44
C PHE B 266 -20.41 -17.64 4.31
N MET B 267 -20.03 -18.41 5.33
CA MET B 267 -18.85 -18.04 6.11
C MET B 267 -17.85 -19.18 6.16
N PRO B 268 -16.57 -18.90 5.96
CA PRO B 268 -15.54 -19.95 5.98
C PRO B 268 -14.96 -20.18 7.38
N GLY B 269 -14.34 -21.33 7.53
CA GLY B 269 -13.63 -21.67 8.76
C GLY B 269 -12.59 -22.73 8.48
N PHE B 270 -11.55 -22.75 9.31
CA PHE B 270 -10.44 -23.66 9.13
C PHE B 270 -10.06 -24.32 10.45
N ALA B 271 -9.48 -25.52 10.35
CA ALA B 271 -9.04 -26.28 11.51
C ALA B 271 -8.08 -27.37 11.05
N PRO B 272 -7.08 -27.74 11.88
CA PRO B 272 -6.78 -27.16 13.19
C PRO B 272 -5.96 -25.88 13.08
N LEU B 273 -6.05 -25.04 14.11
CA LEU B 273 -5.25 -23.83 14.20
C LEU B 273 -4.59 -23.82 15.57
N THR B 274 -3.25 -23.82 15.58
CA THR B 274 -2.49 -23.97 16.81
C THR B 274 -1.36 -22.95 16.84
N ALA B 275 -0.98 -22.57 18.06
CA ALA B 275 0.20 -21.74 18.23
C ALA B 275 1.45 -22.56 17.92
N ARG B 276 2.59 -21.86 17.85
CA ARG B 276 3.84 -22.52 17.51
C ARG B 276 4.25 -23.54 18.57
N GLY B 277 4.09 -23.17 19.85
CA GLY B 277 4.49 -24.05 20.92
C GLY B 277 3.44 -25.04 21.37
N SER B 278 2.17 -24.69 21.20
CA SER B 278 1.06 -25.52 21.67
C SER B 278 0.61 -26.56 20.66
N GLN B 279 1.47 -26.94 19.70
CA GLN B 279 1.06 -27.88 18.67
C GLN B 279 1.14 -29.33 19.14
N GLN B 280 2.19 -29.69 19.88
CA GLN B 280 2.36 -31.06 20.32
C GLN B 280 1.58 -31.39 21.58
N TYR B 281 0.96 -30.41 22.22
CA TYR B 281 0.20 -30.64 23.44
C TYR B 281 -1.24 -31.06 23.19
N ARG B 282 -1.56 -31.45 21.95
CA ARG B 282 -2.94 -31.74 21.59
C ARG B 282 -2.96 -32.84 20.55
N ALA B 283 -3.84 -33.82 20.74
CA ALA B 283 -4.00 -34.91 19.78
C ALA B 283 -4.95 -34.46 18.68
N LEU B 284 -4.53 -34.66 17.43
CA LEU B 284 -5.36 -34.28 16.28
C LEU B 284 -6.28 -35.45 15.94
N THR B 285 -7.44 -35.44 16.58
CA THR B 285 -8.50 -36.40 16.34
C THR B 285 -9.70 -35.69 15.73
N VAL B 286 -10.54 -36.46 15.04
CA VAL B 286 -11.70 -35.89 14.37
C VAL B 286 -12.59 -35.06 15.31
N PRO B 287 -12.94 -35.52 16.52
CA PRO B 287 -13.75 -34.64 17.38
C PRO B 287 -13.06 -33.33 17.67
N GLU B 288 -11.78 -33.34 18.02
CA GLU B 288 -11.08 -32.10 18.34
C GLU B 288 -11.29 -31.06 17.25
N LEU B 289 -11.13 -31.46 15.99
CA LEU B 289 -11.49 -30.58 14.89
C LEU B 289 -12.97 -30.20 14.96
N THR B 290 -13.84 -31.15 15.30
CA THR B 290 -15.27 -30.86 15.27
C THR B 290 -15.66 -29.74 16.23
N GLN B 291 -15.20 -29.80 17.49
CA GLN B 291 -15.49 -28.66 18.35
C GLN B 291 -14.59 -27.46 18.04
N GLN B 292 -13.53 -27.64 17.26
CA GLN B 292 -12.77 -26.45 16.89
C GLN B 292 -13.49 -25.64 15.83
N MET B 293 -14.27 -26.29 14.96
CA MET B 293 -15.01 -25.54 13.95
C MET B 293 -16.17 -24.77 14.56
N PHE B 294 -17.10 -25.48 15.20
CA PHE B 294 -18.38 -24.90 15.61
C PHE B 294 -18.20 -24.01 16.84
N ASP B 295 -17.73 -22.79 16.60
CA ASP B 295 -17.69 -21.74 17.60
C ASP B 295 -17.37 -20.42 16.90
N ALA B 296 -17.72 -19.32 17.57
CA ALA B 296 -17.55 -18.00 16.95
C ALA B 296 -16.09 -17.66 16.73
N LYS B 297 -15.22 -18.00 17.68
CA LYS B 297 -13.83 -17.56 17.61
C LYS B 297 -13.07 -18.18 16.45
N ASN B 298 -13.62 -19.23 15.82
CA ASN B 298 -13.00 -19.82 14.64
C ASN B 298 -13.82 -19.53 13.38
N MET B 299 -14.76 -18.58 13.46
CA MET B 299 -15.53 -18.14 12.32
C MET B 299 -14.93 -16.87 11.75
N MET B 300 -14.58 -16.91 10.47
CA MET B 300 -13.89 -15.80 9.82
C MET B 300 -14.82 -14.67 9.41
N ALA B 301 -16.09 -14.71 9.81
CA ALA B 301 -17.03 -13.63 9.56
C ALA B 301 -17.35 -12.90 10.86
N ALA B 302 -17.50 -11.59 10.79
CA ALA B 302 -17.76 -10.77 11.97
C ALA B 302 -19.26 -10.78 12.31
N CYS B 303 -19.74 -11.96 12.67
CA CYS B 303 -21.13 -12.15 13.07
C CYS B 303 -21.23 -13.41 13.89
N ASP B 304 -21.75 -13.30 15.10
CA ASP B 304 -21.85 -14.46 15.98
C ASP B 304 -22.96 -15.39 15.51
N PRO B 305 -22.66 -16.63 15.17
CA PRO B 305 -23.73 -17.55 14.71
C PRO B 305 -24.80 -17.80 15.75
N ARG B 306 -24.48 -17.69 17.04
CA ARG B 306 -25.50 -17.85 18.07
C ARG B 306 -26.53 -16.74 18.05
N HIS B 307 -26.25 -15.62 17.38
CA HIS B 307 -27.28 -14.60 17.16
C HIS B 307 -28.37 -15.06 16.20
N GLY B 308 -28.09 -16.05 15.35
CA GLY B 308 -29.06 -16.49 14.37
C GLY B 308 -29.23 -17.99 14.31
N ARG B 309 -29.59 -18.49 13.14
CA ARG B 309 -29.80 -19.92 12.92
C ARG B 309 -28.84 -20.43 11.87
N TYR B 310 -28.42 -21.68 12.04
CA TYR B 310 -27.63 -22.38 11.03
C TYR B 310 -28.57 -23.04 10.04
N LEU B 311 -28.49 -22.62 8.78
CA LEU B 311 -29.36 -23.19 7.75
C LEU B 311 -28.74 -24.47 7.18
N THR B 312 -27.53 -24.37 6.62
CA THR B 312 -26.81 -25.53 6.12
C THR B 312 -25.33 -25.40 6.46
N VAL B 313 -24.64 -26.54 6.53
CA VAL B 313 -23.23 -26.58 6.91
C VAL B 313 -22.51 -27.64 6.08
N ALA B 314 -21.51 -27.22 5.32
CA ALA B 314 -20.60 -28.15 4.63
C ALA B 314 -19.32 -28.32 5.45
N THR B 315 -18.85 -29.55 5.55
CA THR B 315 -17.64 -29.87 6.28
C THR B 315 -16.78 -30.77 5.40
N VAL B 316 -15.61 -30.27 4.99
CA VAL B 316 -14.67 -31.01 4.17
C VAL B 316 -13.51 -31.44 5.06
N PHE B 317 -13.08 -32.69 4.90
CA PHE B 317 -11.98 -33.25 5.67
C PHE B 317 -10.87 -33.72 4.73
N ARG B 318 -9.65 -33.74 5.26
CA ARG B 318 -8.47 -34.22 4.54
C ARG B 318 -7.63 -35.03 5.49
N GLY B 319 -7.16 -36.18 5.04
CA GLY B 319 -6.34 -37.05 5.86
C GLY B 319 -7.03 -38.37 6.18
N ARG B 320 -6.23 -39.40 6.43
CA ARG B 320 -6.76 -40.71 6.79
C ARG B 320 -7.53 -40.70 8.09
N MET B 321 -8.85 -40.93 7.99
CA MET B 321 -9.74 -40.94 9.12
C MET B 321 -10.75 -42.07 8.94
N SER B 322 -11.35 -42.49 10.05
CA SER B 322 -12.46 -43.42 10.00
C SER B 322 -13.76 -42.65 9.81
N MET B 323 -14.51 -43.04 8.77
CA MET B 323 -15.70 -42.29 8.39
C MET B 323 -16.76 -42.35 9.50
N LYS B 324 -16.83 -43.47 10.21
CA LYS B 324 -17.80 -43.60 11.30
C LYS B 324 -17.59 -42.53 12.35
N GLU B 325 -16.32 -42.26 12.69
CA GLU B 325 -16.04 -41.27 13.71
C GLU B 325 -16.47 -39.88 13.25
N VAL B 326 -16.24 -39.56 11.98
CA VAL B 326 -16.71 -38.30 11.40
C VAL B 326 -18.21 -38.20 11.51
N ASP B 327 -18.91 -39.27 11.11
CA ASP B 327 -20.37 -39.27 11.12
C ASP B 327 -20.91 -39.15 12.54
N GLU B 328 -20.29 -39.84 13.49
CA GLU B 328 -20.71 -39.74 14.89
C GLU B 328 -20.53 -38.33 15.42
N GLN B 329 -19.39 -37.70 15.09
CA GLN B 329 -19.15 -36.33 15.53
C GLN B 329 -20.19 -35.38 14.93
N MET B 330 -20.50 -35.55 13.65
CA MET B 330 -21.49 -34.70 13.00
C MET B 330 -22.87 -34.87 13.64
N LEU B 331 -23.26 -36.13 13.90
CA LEU B 331 -24.55 -36.38 14.53
C LEU B 331 -24.61 -35.77 15.92
N ALA B 332 -23.54 -35.93 16.71
CA ALA B 332 -23.52 -35.37 18.06
C ALA B 332 -23.60 -33.85 18.02
N ILE B 333 -22.83 -33.21 17.14
CA ILE B 333 -22.81 -31.75 17.12
C ILE B 333 -24.13 -31.20 16.60
N GLN B 334 -24.82 -31.95 15.73
CA GLN B 334 -26.15 -31.52 15.30
C GLN B 334 -27.17 -31.70 16.41
N SER B 335 -27.10 -32.83 17.13
CA SER B 335 -28.09 -33.11 18.16
C SER B 335 -27.98 -32.16 19.33
N LYS B 336 -26.76 -31.92 19.82
CA LYS B 336 -26.59 -31.09 21.01
C LYS B 336 -26.79 -29.61 20.74
N ASN B 337 -26.89 -29.20 19.48
CA ASN B 337 -27.12 -27.82 19.11
C ASN B 337 -28.40 -27.68 18.29
N SER B 338 -29.42 -28.48 18.64
CA SER B 338 -30.64 -28.53 17.85
C SER B 338 -31.35 -27.19 17.77
N SER B 339 -31.14 -26.31 18.74
CA SER B 339 -31.76 -24.99 18.69
C SER B 339 -31.20 -24.16 17.54
N TYR B 340 -29.93 -24.38 17.16
CA TYR B 340 -29.24 -23.49 16.24
C TYR B 340 -29.43 -23.87 14.78
N PHE B 341 -29.98 -25.04 14.48
CA PHE B 341 -30.19 -25.49 13.11
C PHE B 341 -31.66 -25.43 12.76
N VAL B 342 -31.95 -25.13 11.49
CA VAL B 342 -33.32 -25.02 11.03
C VAL B 342 -34.01 -26.37 11.13
N GLU B 343 -35.25 -26.37 11.63
CA GLU B 343 -35.98 -27.61 11.84
C GLU B 343 -36.50 -28.20 10.55
N TRP B 344 -36.97 -27.36 9.63
CA TRP B 344 -37.51 -27.85 8.36
C TRP B 344 -36.42 -28.21 7.34
N ILE B 345 -35.17 -28.28 7.78
CA ILE B 345 -34.09 -28.97 7.06
C ILE B 345 -33.54 -30.08 7.96
N PRO B 346 -34.16 -31.26 7.99
CA PRO B 346 -33.54 -32.39 8.69
C PRO B 346 -32.25 -32.80 8.00
N ASN B 347 -31.24 -33.12 8.81
CA ASN B 347 -29.91 -33.50 8.31
C ASN B 347 -29.34 -32.42 7.39
N ASN B 348 -29.11 -31.25 7.98
CA ASN B 348 -28.65 -30.07 7.27
C ASN B 348 -27.13 -29.99 7.19
N VAL B 349 -26.43 -31.13 7.20
CA VAL B 349 -24.98 -31.15 7.17
C VAL B 349 -24.53 -31.96 5.96
N LYS B 350 -23.69 -31.35 5.14
CA LYS B 350 -22.96 -32.03 4.08
C LYS B 350 -21.57 -32.37 4.55
N VAL B 351 -21.12 -33.59 4.27
CA VAL B 351 -19.79 -34.06 4.66
C VAL B 351 -19.06 -34.51 3.41
N ALA B 352 -17.83 -34.06 3.25
CA ALA B 352 -16.95 -34.51 2.18
C ALA B 352 -15.61 -34.90 2.78
N VAL B 353 -14.98 -35.92 2.23
CA VAL B 353 -13.71 -36.43 2.75
C VAL B 353 -12.75 -36.63 1.58
N CYS B 354 -11.57 -36.03 1.68
CA CYS B 354 -10.52 -36.21 0.69
C CYS B 354 -9.51 -37.22 1.20
N ASP B 355 -8.40 -37.40 0.47
CA ASP B 355 -7.41 -38.41 0.80
C ASP B 355 -6.04 -37.86 1.16
N ILE B 356 -5.73 -36.63 0.77
CA ILE B 356 -4.40 -36.06 0.94
C ILE B 356 -4.47 -35.00 2.05
N PRO B 357 -3.71 -35.14 3.13
CA PRO B 357 -3.65 -34.07 4.12
C PRO B 357 -2.95 -32.86 3.54
N PRO B 358 -3.08 -31.71 4.23
CA PRO B 358 -2.42 -30.44 3.89
C PRO B 358 -0.96 -30.40 4.39
N ARG B 359 -0.30 -29.25 4.27
CA ARG B 359 1.09 -29.13 4.67
C ARG B 359 1.37 -29.34 6.17
N GLY B 360 2.48 -30.03 6.46
CA GLY B 360 2.93 -30.34 7.81
C GLY B 360 1.87 -30.66 8.84
N LEU B 361 0.82 -31.35 8.41
CA LEU B 361 -0.31 -31.72 9.26
C LEU B 361 -0.82 -33.10 8.88
N LYS B 362 -1.13 -33.91 9.90
CA LYS B 362 -1.62 -35.26 9.63
C LYS B 362 -3.00 -35.25 9.00
N MET B 363 -3.87 -34.34 9.45
CA MET B 363 -5.18 -34.18 8.82
C MET B 363 -5.72 -32.81 9.17
N SER B 364 -6.70 -32.35 8.38
CA SER B 364 -7.28 -31.03 8.59
C SER B 364 -8.70 -31.01 8.07
N SER B 365 -9.34 -29.84 8.17
CA SER B 365 -10.73 -29.68 7.82
C SER B 365 -10.94 -28.34 7.13
N THR B 366 -12.20 -28.09 6.77
CA THR B 366 -12.63 -26.85 6.16
C THR B 366 -14.14 -26.75 6.36
N PHE B 367 -14.59 -25.56 6.76
CA PHE B 367 -15.95 -25.34 7.21
C PHE B 367 -16.60 -24.29 6.34
N ILE B 368 -17.78 -24.60 5.82
CA ILE B 368 -18.61 -23.65 5.08
C ILE B 368 -19.94 -23.56 5.80
N GLY B 369 -20.32 -22.36 6.22
CA GLY B 369 -21.57 -22.23 6.96
C GLY B 369 -22.54 -21.27 6.34
N ASN B 370 -23.70 -21.77 5.91
CA ASN B 370 -24.81 -20.94 5.45
C ASN B 370 -25.72 -20.74 6.64
N SER B 371 -25.57 -19.60 7.30
CA SER B 371 -26.37 -19.22 8.47
C SER B 371 -26.91 -17.82 8.25
N THR B 372 -28.00 -17.52 8.93
CA THR B 372 -28.67 -16.25 8.75
C THR B 372 -28.03 -15.11 9.52
N ALA B 373 -27.09 -15.40 10.44
CA ALA B 373 -26.52 -14.34 11.27
C ALA B 373 -25.91 -13.22 10.43
N ILE B 374 -25.36 -13.57 9.28
CA ILE B 374 -24.71 -12.59 8.41
C ILE B 374 -25.63 -11.45 8.03
N GLN B 375 -26.96 -11.63 8.15
CA GLN B 375 -27.86 -10.54 7.80
C GLN B 375 -27.59 -9.31 8.65
N GLU B 376 -27.16 -9.52 9.91
CA GLU B 376 -26.76 -8.38 10.74
C GLU B 376 -25.77 -7.51 10.00
N LEU B 377 -24.71 -8.15 9.46
CA LEU B 377 -23.74 -7.49 8.60
C LEU B 377 -24.45 -6.57 7.61
N PHE B 378 -25.30 -7.15 6.78
CA PHE B 378 -25.99 -6.37 5.75
C PHE B 378 -26.71 -5.18 6.38
N LYS B 379 -27.49 -5.43 7.44
CA LYS B 379 -28.22 -4.35 8.07
C LYS B 379 -27.30 -3.20 8.41
N ARG B 380 -26.17 -3.51 9.06
CA ARG B 380 -25.23 -2.47 9.44
C ARG B 380 -24.85 -1.64 8.22
N ILE B 381 -24.40 -2.31 7.16
CA ILE B 381 -24.02 -1.58 5.96
C ILE B 381 -25.19 -0.77 5.45
N SER B 382 -26.38 -1.40 5.39
CA SER B 382 -27.56 -0.69 4.94
C SER B 382 -27.76 0.59 5.73
N GLU B 383 -27.69 0.48 7.06
CA GLU B 383 -27.85 1.67 7.88
C GLU B 383 -26.81 2.72 7.52
N GLN B 384 -25.54 2.30 7.46
CA GLN B 384 -24.49 3.23 7.08
C GLN B 384 -24.78 3.81 5.70
N PHE B 385 -25.26 2.99 4.77
CA PHE B 385 -25.62 3.49 3.46
C PHE B 385 -26.61 4.64 3.59
N THR B 386 -27.69 4.41 4.34
CA THR B 386 -28.65 5.48 4.56
C THR B 386 -27.99 6.66 5.23
N ALA B 387 -27.15 6.39 6.23
CA ALA B 387 -26.47 7.46 6.95
C ALA B 387 -25.62 8.31 6.01
N MET B 388 -25.16 7.72 4.91
CA MET B 388 -24.38 8.48 3.94
C MET B 388 -25.16 8.78 2.67
N PHE B 389 -26.40 8.31 2.55
CA PHE B 389 -27.20 8.57 1.38
C PHE B 389 -28.30 9.61 1.62
N ARG B 390 -28.68 9.84 2.87
CA ARG B 390 -29.77 10.79 3.14
C ARG B 390 -29.32 12.23 2.93
N ARG B 391 -28.05 12.53 3.19
CA ARG B 391 -27.51 13.87 3.00
C ARG B 391 -26.68 14.03 1.73
N LYS B 392 -26.72 13.06 0.83
CA LYS B 392 -26.00 13.14 -0.44
C LYS B 392 -24.49 13.24 -0.21
N ALA B 393 -23.95 12.33 0.59
CA ALA B 393 -22.55 12.39 0.98
C ALA B 393 -21.69 11.67 -0.05
N PHE B 394 -20.66 12.38 -0.56
CA PHE B 394 -19.77 11.89 -1.60
C PHE B 394 -20.51 11.45 -2.87
N LEU B 395 -21.80 11.76 -2.98
CA LEU B 395 -22.58 11.22 -4.09
C LEU B 395 -22.14 11.82 -5.42
N HIS B 396 -21.75 13.09 -5.43
CA HIS B 396 -21.44 13.76 -6.69
C HIS B 396 -20.26 13.12 -7.41
N TRP B 397 -19.40 12.40 -6.68
CA TRP B 397 -18.31 11.68 -7.34
C TRP B 397 -18.86 10.60 -8.26
N TYR B 398 -19.80 9.80 -7.75
CA TYR B 398 -20.46 8.77 -8.55
C TYR B 398 -21.45 9.38 -9.54
N THR B 399 -21.95 10.57 -9.25
CA THR B 399 -22.81 11.27 -10.20
C THR B 399 -22.00 11.85 -11.36
N GLY B 400 -20.77 12.28 -11.08
CA GLY B 400 -19.90 12.80 -12.12
C GLY B 400 -19.35 11.77 -13.07
N GLU B 401 -19.47 10.48 -12.74
CA GLU B 401 -19.07 9.41 -13.63
C GLU B 401 -20.26 8.81 -14.39
N GLY B 402 -21.45 9.36 -14.21
CA GLY B 402 -22.60 9.00 -15.02
C GLY B 402 -23.70 8.22 -14.32
N MET B 403 -23.46 7.68 -13.13
CA MET B 403 -24.53 6.95 -12.47
C MET B 403 -25.62 7.88 -11.95
N ASP B 404 -26.81 7.32 -11.80
CA ASP B 404 -27.98 8.00 -11.31
C ASP B 404 -28.34 7.50 -9.92
N GLU B 405 -28.98 8.36 -9.14
CA GLU B 405 -29.36 8.01 -7.78
C GLU B 405 -30.33 6.83 -7.75
N MET B 406 -31.11 6.65 -8.82
CA MET B 406 -32.03 5.51 -8.87
C MET B 406 -31.28 4.19 -8.74
N GLU B 407 -30.06 4.11 -9.26
CA GLU B 407 -29.27 2.89 -9.10
C GLU B 407 -28.98 2.62 -7.62
N PHE B 408 -28.54 3.65 -6.89
CA PHE B 408 -28.28 3.49 -5.46
C PHE B 408 -29.56 3.08 -4.72
N THR B 409 -30.67 3.74 -5.04
CA THR B 409 -31.93 3.42 -4.37
C THR B 409 -32.35 1.98 -4.65
N GLU B 410 -32.23 1.55 -5.90
CA GLU B 410 -32.66 0.20 -6.27
C GLU B 410 -31.76 -0.85 -5.63
N ALA B 411 -30.45 -0.60 -5.58
CA ALA B 411 -29.54 -1.52 -4.92
C ALA B 411 -29.84 -1.62 -3.43
N GLU B 412 -30.10 -0.47 -2.78
CA GLU B 412 -30.47 -0.49 -1.37
C GLU B 412 -31.77 -1.27 -1.15
N SER B 413 -32.74 -1.08 -2.05
CA SER B 413 -34.01 -1.80 -1.92
C SER B 413 -33.79 -3.30 -2.06
N ASN B 414 -32.96 -3.72 -3.02
CA ASN B 414 -32.71 -5.15 -3.19
C ASN B 414 -31.99 -5.72 -1.98
N MET B 415 -31.02 -4.99 -1.42
CA MET B 415 -30.34 -5.47 -0.23
C MET B 415 -31.29 -5.58 0.96
N ASN B 416 -32.18 -4.60 1.13
CA ASN B 416 -33.17 -4.70 2.19
C ASN B 416 -34.13 -5.86 1.97
N ASP B 417 -34.48 -6.14 0.72
CA ASP B 417 -35.30 -7.31 0.42
C ASP B 417 -34.57 -8.60 0.81
N LEU B 418 -33.27 -8.65 0.54
CA LEU B 418 -32.47 -9.79 0.96
C LEU B 418 -32.46 -9.95 2.47
N VAL B 419 -32.31 -8.85 3.20
CA VAL B 419 -32.36 -8.90 4.65
C VAL B 419 -33.71 -9.43 5.11
N SER B 420 -34.79 -8.98 4.47
CA SER B 420 -36.12 -9.46 4.82
C SER B 420 -36.27 -10.96 4.56
N GLU B 421 -35.70 -11.45 3.45
CA GLU B 421 -35.78 -12.88 3.17
C GLU B 421 -35.02 -13.69 4.21
N TYR B 422 -33.83 -13.24 4.59
CA TYR B 422 -33.11 -13.90 5.67
C TYR B 422 -33.93 -13.91 6.95
N GLN B 423 -34.53 -12.78 7.31
CA GLN B 423 -35.33 -12.72 8.52
C GLN B 423 -36.51 -13.71 8.46
N GLN B 424 -37.21 -13.73 7.33
CA GLN B 424 -38.38 -14.59 7.19
C GLN B 424 -37.99 -16.07 7.26
N TYR B 425 -36.97 -16.46 6.50
CA TYR B 425 -36.55 -17.86 6.51
C TYR B 425 -35.96 -18.25 7.86
N GLN B 426 -35.39 -17.30 8.60
CA GLN B 426 -34.98 -17.58 9.97
C GLN B 426 -36.18 -17.78 10.88
N ASP B 427 -37.28 -17.08 10.62
CA ASP B 427 -38.49 -17.20 11.42
C ASP B 427 -39.41 -18.31 10.93
N ALA B 428 -39.03 -19.04 9.89
CA ALA B 428 -39.87 -20.10 9.36
C ALA B 428 -39.93 -21.28 10.35
N THR B 429 -41.01 -22.04 10.27
CA THR B 429 -41.19 -23.19 11.15
C THR B 429 -41.71 -24.40 10.38
N MET C 1 4.87 -6.18 32.51
CA MET C 1 3.43 -6.26 32.30
C MET C 1 2.69 -5.74 33.52
N ARG C 2 3.42 -5.51 34.60
CA ARG C 2 2.88 -4.95 35.84
C ARG C 2 3.55 -3.60 36.05
N GLU C 3 2.85 -2.52 35.75
CA GLU C 3 3.46 -1.20 35.75
C GLU C 3 2.97 -0.36 36.93
N CYS C 4 3.87 0.48 37.43
CA CYS C 4 3.57 1.34 38.58
C CYS C 4 4.49 2.54 38.52
N ILE C 5 3.92 3.73 38.35
CA ILE C 5 4.73 4.90 38.04
C ILE C 5 4.95 5.73 39.29
N SER C 6 6.00 6.54 39.28
CA SER C 6 6.40 7.34 40.42
C SER C 6 6.29 8.82 40.08
N ILE C 7 5.89 9.61 41.09
CA ILE C 7 5.71 11.05 40.94
C ILE C 7 6.42 11.71 42.12
N HIS C 8 7.47 12.46 41.83
CA HIS C 8 8.30 13.09 42.85
C HIS C 8 8.03 14.59 42.85
N VAL C 9 7.44 15.10 43.93
CA VAL C 9 7.09 16.50 44.05
C VAL C 9 7.98 17.14 45.12
N GLY C 10 8.48 18.33 44.82
CA GLY C 10 9.30 19.06 45.76
C GLY C 10 10.76 18.62 45.73
N GLN C 11 11.60 19.44 46.36
CA GLN C 11 13.03 19.15 46.39
C GLN C 11 13.33 17.84 47.11
N ALA C 12 12.65 17.61 48.23
CA ALA C 12 12.76 16.32 48.91
C ALA C 12 12.34 15.19 47.99
N GLY C 13 11.25 15.38 47.25
CA GLY C 13 10.83 14.36 46.30
C GLY C 13 11.89 14.06 45.28
N VAL C 14 12.53 15.09 44.74
CA VAL C 14 13.55 14.87 43.71
C VAL C 14 14.77 14.17 44.29
N GLN C 15 15.19 14.53 45.51
CA GLN C 15 16.35 13.88 46.10
C GLN C 15 16.07 12.42 46.45
N ILE C 16 14.90 12.15 47.05
CA ILE C 16 14.51 10.77 47.29
C ILE C 16 14.39 10.01 45.98
N GLY C 17 13.97 10.68 44.91
CA GLY C 17 13.94 10.03 43.61
C GLY C 17 15.33 9.67 43.10
N ASN C 18 16.28 10.60 43.27
CA ASN C 18 17.66 10.28 42.94
C ASN C 18 18.12 9.01 43.64
N ALA C 19 17.88 8.95 44.95
CA ALA C 19 18.30 7.78 45.72
C ALA C 19 17.57 6.52 45.25
N CYS C 20 16.25 6.60 45.10
CA CYS C 20 15.45 5.44 44.74
C CYS C 20 15.83 4.89 43.38
N TRP C 21 16.02 5.77 42.39
CA TRP C 21 16.34 5.30 41.06
C TRP C 21 17.79 4.85 40.95
N GLU C 22 18.70 5.41 41.73
CA GLU C 22 20.04 4.83 41.83
C GLU C 22 19.96 3.41 42.37
N LEU C 23 19.16 3.22 43.43
CA LEU C 23 18.98 1.89 43.99
C LEU C 23 18.38 0.93 42.97
N TYR C 24 17.38 1.39 42.22
CA TYR C 24 16.74 0.54 41.22
C TYR C 24 17.72 0.16 40.11
N CYS C 25 18.50 1.13 39.63
CA CYS C 25 19.49 0.85 38.60
C CYS C 25 20.49 -0.18 39.07
N LEU C 26 20.92 -0.09 40.33
CA LEU C 26 21.80 -1.14 40.87
C LEU C 26 21.07 -2.47 40.99
N GLU C 27 19.79 -2.46 41.36
CA GLU C 27 19.06 -3.71 41.58
C GLU C 27 18.93 -4.53 40.31
N HIS C 28 18.57 -3.89 39.20
CA HIS C 28 18.31 -4.58 37.94
C HIS C 28 19.53 -4.61 37.02
N GLY C 29 20.71 -4.24 37.51
CA GLY C 29 21.91 -4.29 36.70
C GLY C 29 21.86 -3.38 35.49
N ILE C 30 21.44 -2.13 35.71
CA ILE C 30 21.29 -1.14 34.65
C ILE C 30 22.37 -0.10 34.80
N GLN C 31 23.17 0.09 33.74
CA GLN C 31 24.14 1.16 33.72
C GLN C 31 23.43 2.51 33.70
N PRO C 32 24.10 3.58 34.16
CA PRO C 32 23.48 4.91 34.09
C PRO C 32 23.09 5.32 32.69
N ASP C 33 23.77 4.80 31.67
CA ASP C 33 23.43 5.06 30.28
C ASP C 33 22.26 4.20 29.78
N GLY C 34 21.59 3.47 30.67
CA GLY C 34 20.40 2.73 30.32
C GLY C 34 20.62 1.37 29.70
N GLN C 35 21.85 0.91 29.58
CA GLN C 35 22.15 -0.37 28.97
C GLN C 35 22.30 -1.45 30.04
N MET C 36 22.15 -2.70 29.60
CA MET C 36 22.31 -3.87 30.46
C MET C 36 23.32 -4.82 29.83
N PRO C 37 24.56 -4.86 30.33
CA PRO C 37 25.60 -5.75 29.83
C PRO C 37 25.25 -7.23 30.03
N HIS C 46 16.14 -15.69 40.87
CA HIS C 46 15.31 -14.75 41.60
C HIS C 46 14.75 -13.68 40.67
N HIS C 47 15.18 -13.72 39.41
CA HIS C 47 14.81 -12.74 38.41
C HIS C 47 13.92 -13.38 37.35
N HIS C 48 12.84 -12.69 37.00
CA HIS C 48 11.92 -13.18 35.98
C HIS C 48 12.58 -13.17 34.60
N ASP C 53 10.96 -10.64 32.97
CA ASP C 53 11.30 -9.21 32.91
C ASP C 53 10.95 -8.45 34.20
N SER C 54 11.83 -8.58 35.20
CA SER C 54 11.61 -7.91 36.47
C SER C 54 11.60 -6.40 36.30
N PHE C 55 12.49 -5.86 35.48
CA PHE C 55 12.62 -4.42 35.31
C PHE C 55 11.43 -3.79 34.59
N ASN C 56 10.54 -4.60 34.00
CA ASN C 56 9.45 -4.05 33.20
C ASN C 56 8.50 -3.21 34.05
N THR C 57 8.56 -3.36 35.38
CA THR C 57 7.71 -2.57 36.25
C THR C 57 8.07 -1.09 36.20
N PHE C 58 9.30 -0.76 36.60
CA PHE C 58 9.72 0.63 36.63
C PHE C 58 10.30 1.10 35.30
N PHE C 59 10.89 0.20 34.53
CA PHE C 59 11.69 0.56 33.36
C PHE C 59 10.93 0.17 32.10
N SER C 60 10.56 1.16 31.29
CA SER C 60 10.06 0.88 29.96
C SER C 60 11.24 0.70 29.00
N GLU C 61 11.03 -0.12 27.98
CA GLU C 61 12.10 -0.54 27.09
C GLU C 61 11.90 0.04 25.70
N THR C 62 12.99 0.52 25.10
CA THR C 62 12.96 1.09 23.77
C THR C 62 13.35 0.01 22.75
N GLY C 63 13.54 0.42 21.50
CA GLY C 63 13.94 -0.54 20.47
C GLY C 63 15.28 -1.17 20.75
N ALA C 64 16.26 -0.37 21.18
CA ALA C 64 17.56 -0.89 21.56
C ALA C 64 17.49 -1.41 23.00
N GLY C 65 18.66 -1.67 23.59
CA GLY C 65 18.70 -2.13 24.97
C GLY C 65 18.51 -1.05 26.01
N LYS C 66 18.30 0.19 25.58
CA LYS C 66 18.12 1.30 26.51
C LYS C 66 16.79 1.16 27.26
N HIS C 67 16.83 1.40 28.56
CA HIS C 67 15.66 1.38 29.42
C HIS C 67 15.50 2.73 30.10
N VAL C 68 14.28 3.23 30.14
CA VAL C 68 14.02 4.54 30.75
C VAL C 68 12.99 4.40 31.86
N PRO C 69 13.12 5.16 32.95
CA PRO C 69 12.18 5.02 34.07
C PRO C 69 10.83 5.62 33.78
N ARG C 70 9.81 5.10 34.46
CA ARG C 70 8.45 5.64 34.42
C ARG C 70 8.24 6.48 35.67
N ALA C 71 8.84 7.66 35.67
CA ALA C 71 8.74 8.58 36.80
C ALA C 71 8.63 10.00 36.29
N VAL C 72 8.08 10.88 37.13
CA VAL C 72 7.92 12.29 36.81
C VAL C 72 8.58 13.10 37.91
N PHE C 73 9.57 13.91 37.55
CA PHE C 73 10.24 14.81 38.48
C PHE C 73 9.75 16.22 38.19
N VAL C 74 8.99 16.79 39.12
CA VAL C 74 8.39 18.11 38.97
C VAL C 74 8.81 18.96 40.17
N ASP C 75 9.29 20.18 39.87
CA ASP C 75 9.63 21.13 40.92
C ASP C 75 9.66 22.52 40.28
N LEU C 76 9.12 23.50 41.00
CA LEU C 76 9.03 24.85 40.46
C LEU C 76 10.38 25.57 40.45
N GLU C 77 11.34 25.14 41.26
CA GLU C 77 12.67 25.71 41.24
C GLU C 77 13.61 24.83 40.45
N PRO C 78 14.26 25.34 39.41
CA PRO C 78 15.02 24.47 38.50
C PRO C 78 16.36 23.99 39.04
N THR C 79 16.69 24.31 40.29
CA THR C 79 18.02 23.99 40.81
C THR C 79 18.25 22.48 40.88
N VAL C 80 17.38 21.77 41.60
CA VAL C 80 17.58 20.34 41.77
C VAL C 80 17.41 19.61 40.44
N ILE C 81 16.51 20.08 39.58
CA ILE C 81 16.33 19.43 38.29
C ILE C 81 17.56 19.62 37.42
N ASP C 82 18.19 20.80 37.49
CA ASP C 82 19.45 21.01 36.78
C ASP C 82 20.54 20.10 37.33
N GLU C 83 20.58 19.91 38.64
CA GLU C 83 21.55 19.00 39.23
C GLU C 83 21.34 17.57 38.75
N VAL C 84 20.07 17.15 38.63
CA VAL C 84 19.78 15.83 38.08
C VAL C 84 20.21 15.76 36.62
N ARG C 85 19.92 16.80 35.85
CA ARG C 85 20.23 16.81 34.42
C ARG C 85 21.73 16.73 34.17
N THR C 86 22.51 17.50 34.93
CA THR C 86 23.96 17.54 34.78
C THR C 86 24.66 16.46 35.61
N GLY C 87 23.92 15.68 36.38
CA GLY C 87 24.52 14.65 37.22
C GLY C 87 24.93 13.43 36.41
N THR C 88 25.33 12.39 37.14
CA THR C 88 25.76 11.16 36.50
C THR C 88 24.62 10.48 35.76
N TYR C 89 23.41 10.51 36.32
CA TYR C 89 22.26 9.90 35.70
C TYR C 89 21.64 10.83 34.67
N ARG C 90 22.44 11.29 33.73
CA ARG C 90 21.99 12.24 32.72
C ARG C 90 21.27 11.56 31.57
N GLN C 91 21.96 10.62 30.90
CA GLN C 91 21.40 9.98 29.72
C GLN C 91 20.18 9.11 30.04
N LEU C 92 20.01 8.72 31.30
CA LEU C 92 18.98 7.74 31.65
C LEU C 92 17.58 8.29 31.39
N PHE C 93 17.24 9.39 32.04
CA PHE C 93 15.86 9.88 32.01
C PHE C 93 15.49 10.44 30.64
N HIS C 94 14.22 10.28 30.30
CA HIS C 94 13.64 10.97 29.14
C HIS C 94 13.48 12.44 29.48
N PRO C 95 13.99 13.35 28.63
CA PRO C 95 14.06 14.77 29.02
C PRO C 95 12.71 15.41 29.36
N GLU C 96 11.59 14.79 28.98
CA GLU C 96 10.30 15.42 29.24
C GLU C 96 9.92 15.37 30.72
N GLN C 97 10.15 14.24 31.38
CA GLN C 97 9.70 14.10 32.76
C GLN C 97 10.53 14.90 33.75
N LEU C 98 11.49 15.69 33.29
CA LEU C 98 12.25 16.60 34.14
C LEU C 98 11.61 17.97 33.95
N ILE C 99 10.53 18.21 34.67
CA ILE C 99 9.70 19.39 34.50
C ILE C 99 10.09 20.42 35.54
N THR C 100 10.33 21.65 35.09
CA THR C 100 10.74 22.74 35.97
C THR C 100 9.76 23.89 35.84
N GLY C 101 9.64 24.65 36.93
CA GLY C 101 8.92 25.90 36.92
C GLY C 101 9.87 27.07 36.73
N LYS C 102 9.46 28.23 37.22
CA LYS C 102 10.31 29.42 37.17
C LYS C 102 10.59 29.97 38.56
N GLU C 103 9.57 30.10 39.40
CA GLU C 103 9.72 30.53 40.77
C GLU C 103 9.13 29.49 41.71
N ASP C 104 9.75 29.34 42.87
CA ASP C 104 9.31 28.37 43.86
C ASP C 104 8.13 28.90 44.66
N ALA C 105 7.33 27.97 45.20
CA ALA C 105 6.18 28.35 46.01
C ALA C 105 6.58 29.02 47.31
N ALA C 106 7.81 28.81 47.76
CA ALA C 106 8.37 29.47 48.95
C ALA C 106 7.52 29.19 50.19
N ASN C 107 7.38 27.91 50.50
CA ASN C 107 6.72 27.44 51.72
C ASN C 107 5.32 28.04 51.85
N ASN C 108 4.64 28.20 50.72
CA ASN C 108 3.31 28.81 50.69
C ASN C 108 2.37 27.86 49.95
N TYR C 109 1.48 27.20 50.70
CA TYR C 109 0.51 26.30 50.08
C TYR C 109 -0.35 27.04 49.06
N ALA C 110 -0.66 28.31 49.32
CA ALA C 110 -1.44 29.09 48.38
C ALA C 110 -0.72 29.23 47.04
N ARG C 111 0.58 29.55 47.09
CA ARG C 111 1.34 29.71 45.86
C ARG C 111 1.50 28.39 45.12
N GLY C 112 1.64 27.28 45.85
CA GLY C 112 1.81 25.99 45.25
C GLY C 112 0.53 25.28 44.86
N HIS C 113 -0.63 25.89 45.10
CA HIS C 113 -1.90 25.26 44.81
C HIS C 113 -2.87 26.12 44.00
N TYR C 114 -2.74 27.44 44.02
CA TYR C 114 -3.66 28.31 43.32
C TYR C 114 -2.99 29.23 42.31
N THR C 115 -1.81 29.77 42.63
CA THR C 115 -1.22 30.82 41.79
C THR C 115 -0.28 30.26 40.73
N ILE C 116 0.76 29.52 41.14
CA ILE C 116 1.78 29.02 40.23
C ILE C 116 1.50 27.58 39.82
N GLY C 117 1.01 26.76 40.75
CA GLY C 117 0.77 25.35 40.43
C GLY C 117 -0.15 25.14 39.25
N LYS C 118 -1.10 26.05 39.03
CA LYS C 118 -2.00 25.94 37.89
C LYS C 118 -1.28 26.12 36.57
N GLU C 119 -0.15 26.82 36.56
CA GLU C 119 0.49 27.21 35.31
C GLU C 119 1.20 26.05 34.61
N ILE C 120 1.50 24.96 35.32
CA ILE C 120 2.19 23.82 34.74
C ILE C 120 1.47 22.51 35.00
N ILE C 121 0.31 22.53 35.66
CA ILE C 121 -0.38 21.29 36.00
C ILE C 121 -0.77 20.52 34.73
N ASP C 122 -1.17 21.24 33.68
CA ASP C 122 -1.63 20.57 32.47
C ASP C 122 -0.51 19.79 31.81
N LEU C 123 0.70 20.35 31.78
CA LEU C 123 1.82 19.64 31.16
C LEU C 123 2.16 18.37 31.93
N VAL C 124 2.17 18.45 33.27
CA VAL C 124 2.44 17.27 34.08
C VAL C 124 1.38 16.21 33.83
N LEU C 125 0.11 16.62 33.81
CA LEU C 125 -0.98 15.68 33.58
C LEU C 125 -0.86 15.02 32.21
N ASP C 126 -0.48 15.80 31.20
CA ASP C 126 -0.29 15.25 29.87
C ASP C 126 0.85 14.24 29.84
N ARG C 127 1.94 14.51 30.55
CA ARG C 127 3.03 13.54 30.58
C ARG C 127 2.59 12.26 31.31
N ILE C 128 1.82 12.41 32.39
CA ILE C 128 1.32 11.22 33.09
C ILE C 128 0.39 10.41 32.18
N ARG C 129 -0.47 11.09 31.42
CA ARG C 129 -1.38 10.34 30.57
C ARG C 129 -0.62 9.64 29.45
N LYS C 130 0.41 10.27 28.89
CA LYS C 130 1.27 9.55 27.94
C LYS C 130 1.91 8.34 28.58
N LEU C 131 2.42 8.48 29.81
CA LEU C 131 3.06 7.34 30.47
C LEU C 131 2.05 6.21 30.69
N ALA C 132 0.84 6.54 31.12
CA ALA C 132 -0.16 5.52 31.43
C ALA C 132 -0.69 4.85 30.17
N ASP C 133 -0.88 5.60 29.08
CA ASP C 133 -1.54 5.04 27.90
C ASP C 133 -0.72 3.95 27.23
N GLN C 134 0.58 3.87 27.48
CA GLN C 134 1.41 2.84 26.89
C GLN C 134 1.68 1.67 27.85
N CYS C 135 1.10 1.70 29.04
CA CYS C 135 1.21 0.59 29.98
C CYS C 135 0.10 -0.42 29.73
N THR C 136 0.20 -1.56 30.41
CA THR C 136 -0.77 -2.65 30.26
C THR C 136 -1.45 -3.02 31.56
N GLY C 137 -0.71 -3.10 32.66
CA GLY C 137 -1.25 -3.50 33.94
C GLY C 137 -0.93 -2.53 35.06
N LEU C 138 -0.98 -1.25 34.75
CA LEU C 138 -0.66 -0.20 35.71
C LEU C 138 -1.42 -0.40 37.02
N GLN C 139 -0.68 -0.55 38.12
CA GLN C 139 -1.33 -0.66 39.42
C GLN C 139 -1.56 0.71 40.06
N GLY C 140 -0.56 1.59 40.06
CA GLY C 140 -0.77 2.86 40.74
C GLY C 140 0.45 3.75 40.74
N PHE C 141 0.38 4.73 41.65
CA PHE C 141 1.30 5.86 41.69
C PHE C 141 2.03 5.85 43.02
N LEU C 142 3.34 6.09 42.98
CA LEU C 142 4.16 6.26 44.17
C LEU C 142 4.54 7.73 44.27
N VAL C 143 3.90 8.45 45.20
CA VAL C 143 4.06 9.90 45.30
C VAL C 143 5.03 10.20 46.44
N PHE C 144 6.11 10.92 46.11
CA PHE C 144 7.16 11.27 47.07
C PHE C 144 7.15 12.79 47.23
N HIS C 145 6.69 13.27 48.38
CA HIS C 145 6.58 14.71 48.60
C HIS C 145 6.70 15.00 50.08
N SER C 146 7.02 16.26 50.40
CA SER C 146 7.08 16.73 51.78
C SER C 146 5.86 17.60 52.10
N PHE C 147 5.56 17.70 53.39
CA PHE C 147 4.56 18.63 53.90
C PHE C 147 5.13 20.00 54.27
N GLY C 148 6.44 20.14 54.28
CA GLY C 148 7.05 21.40 54.69
C GLY C 148 7.05 22.45 53.60
N GLY C 149 7.64 22.14 52.45
CA GLY C 149 7.69 23.10 51.37
C GLY C 149 6.32 23.38 50.78
N GLY C 150 6.16 24.62 50.30
CA GLY C 150 4.92 24.99 49.63
C GLY C 150 4.73 24.22 48.33
N THR C 151 5.80 24.04 47.57
CA THR C 151 5.72 23.30 46.32
C THR C 151 5.18 21.90 46.55
N GLY C 152 5.88 21.11 47.35
CA GLY C 152 5.45 19.77 47.67
C GLY C 152 4.00 19.69 48.08
N SER C 153 3.66 20.36 49.18
CA SER C 153 2.30 20.28 49.73
C SER C 153 1.25 20.71 48.70
N GLY C 154 1.36 21.95 48.21
CA GLY C 154 0.31 22.47 47.36
C GLY C 154 0.18 21.74 46.03
N PHE C 155 1.31 21.55 45.34
CA PHE C 155 1.25 20.90 44.03
C PHE C 155 0.83 19.45 44.17
N THR C 156 1.26 18.76 45.24
CA THR C 156 0.80 17.41 45.46
C THR C 156 -0.69 17.37 45.72
N SER C 157 -1.22 18.32 46.51
CA SER C 157 -2.66 18.36 46.74
C SER C 157 -3.41 18.52 45.43
N LEU C 158 -2.98 19.47 44.60
CA LEU C 158 -3.63 19.68 43.31
C LEU C 158 -3.53 18.44 42.44
N LEU C 159 -2.36 17.81 42.41
CA LEU C 159 -2.13 16.65 41.55
C LEU C 159 -2.99 15.47 42.00
N MET C 160 -3.08 15.21 43.30
CA MET C 160 -3.94 14.13 43.77
C MET C 160 -5.40 14.41 43.44
N GLU C 161 -5.84 15.66 43.62
CA GLU C 161 -7.20 16.00 43.21
C GLU C 161 -7.43 15.64 41.75
N ARG C 162 -6.54 16.10 40.88
CA ARG C 162 -6.75 15.94 39.45
C ARG C 162 -6.67 14.47 39.04
N LEU C 163 -5.73 13.73 39.60
CA LEU C 163 -5.60 12.31 39.28
C LEU C 163 -6.83 11.53 39.74
N SER C 164 -7.32 11.82 40.95
CA SER C 164 -8.53 11.16 41.43
C SER C 164 -9.71 11.48 40.51
N VAL C 165 -9.81 12.73 40.06
CA VAL C 165 -10.87 13.08 39.11
C VAL C 165 -10.69 12.32 37.81
N ASP C 166 -9.46 12.15 37.35
CA ASP C 166 -9.22 11.59 36.03
C ASP C 166 -9.10 10.06 36.05
N TYR C 167 -8.36 9.51 37.01
CA TYR C 167 -8.25 8.07 37.18
C TYR C 167 -9.10 7.62 38.36
N GLY C 168 -9.97 6.64 38.13
CA GLY C 168 -10.93 6.22 39.15
C GLY C 168 -10.37 5.47 40.34
N LYS C 169 -9.94 4.22 40.13
CA LYS C 169 -9.52 3.32 41.20
C LYS C 169 -8.10 2.84 40.94
N LYS C 170 -7.12 3.66 41.28
CA LYS C 170 -5.72 3.23 41.29
C LYS C 170 -5.12 3.63 42.63
N SER C 171 -4.43 2.69 43.27
CA SER C 171 -3.83 2.95 44.57
C SER C 171 -2.81 4.07 44.46
N LYS C 172 -2.92 5.05 45.36
CA LYS C 172 -2.09 6.24 45.35
C LYS C 172 -1.41 6.34 46.71
N LEU C 173 -0.18 5.86 46.79
CA LEU C 173 0.55 5.85 48.06
C LEU C 173 1.42 7.09 48.18
N GLU C 174 1.41 7.69 49.36
CA GLU C 174 2.20 8.88 49.66
C GLU C 174 3.23 8.55 50.72
N PHE C 175 4.50 8.79 50.42
CA PHE C 175 5.58 8.64 51.39
C PHE C 175 6.04 10.04 51.73
N SER C 176 5.35 10.67 52.68
CA SER C 176 5.55 12.08 52.98
C SER C 176 6.56 12.29 54.09
N ILE C 177 7.22 13.44 54.05
CA ILE C 177 8.13 13.87 55.13
C ILE C 177 7.29 14.66 56.11
N TYR C 178 6.74 13.96 57.10
CA TYR C 178 5.92 14.61 58.11
C TYR C 178 6.80 15.57 58.92
N PRO C 179 6.32 16.78 59.23
CA PRO C 179 7.16 17.73 59.95
C PRO C 179 7.47 17.24 61.37
N ALA C 180 8.71 17.46 61.78
CA ALA C 180 9.18 16.93 63.05
C ALA C 180 8.61 17.73 64.22
N PRO C 181 8.58 17.14 65.42
CA PRO C 181 8.02 17.87 66.57
C PRO C 181 8.81 19.10 66.95
N GLN C 182 10.12 18.98 67.11
CA GLN C 182 10.95 20.10 67.55
C GLN C 182 12.01 20.50 66.54
N VAL C 183 12.51 19.58 65.72
CA VAL C 183 13.57 19.89 64.76
C VAL C 183 12.86 20.28 63.45
N SER C 184 12.54 21.56 63.34
CA SER C 184 11.87 22.11 62.17
C SER C 184 12.80 23.08 61.45
N THR C 185 12.70 23.08 60.11
CA THR C 185 13.55 23.92 59.28
C THR C 185 12.87 25.19 58.79
N ALA C 186 11.55 25.21 58.70
CA ALA C 186 10.80 26.38 58.31
C ALA C 186 10.01 26.91 59.49
N VAL C 187 9.19 27.93 59.23
CA VAL C 187 8.40 28.58 60.28
C VAL C 187 6.92 28.36 60.01
N VAL C 188 6.56 28.23 58.74
CA VAL C 188 5.17 28.09 58.34
C VAL C 188 4.82 26.65 57.99
N GLU C 189 5.59 25.69 58.49
CA GLU C 189 5.27 24.28 58.22
C GLU C 189 3.89 23.86 58.71
N PRO C 190 3.44 24.21 59.91
CA PRO C 190 2.10 23.76 60.33
C PRO C 190 0.96 24.20 59.42
N TYR C 191 0.95 25.45 58.95
CA TYR C 191 -0.11 25.87 58.03
C TYR C 191 -0.14 24.98 56.79
N ASN C 192 1.02 24.82 56.15
CA ASN C 192 1.07 24.02 54.93
C ASN C 192 0.67 22.57 55.21
N SER C 193 1.12 22.03 56.34
CA SER C 193 0.83 20.64 56.66
C SER C 193 -0.66 20.42 56.90
N ILE C 194 -1.30 21.30 57.67
CA ILE C 194 -2.74 21.18 57.89
C ILE C 194 -3.50 21.32 56.58
N LEU C 195 -3.13 22.33 55.77
CA LEU C 195 -3.83 22.53 54.51
C LEU C 195 -3.70 21.32 53.59
N THR C 196 -2.48 20.79 53.45
CA THR C 196 -2.28 19.68 52.53
C THR C 196 -2.91 18.40 53.06
N THR C 197 -2.89 18.19 54.38
CA THR C 197 -3.55 17.00 54.93
C THR C 197 -5.06 17.07 54.73
N HIS C 198 -5.66 18.22 55.03
CA HIS C 198 -7.10 18.39 54.81
C HIS C 198 -7.44 18.21 53.34
N THR C 199 -6.55 18.64 52.45
CA THR C 199 -6.84 18.50 51.02
C THR C 199 -6.71 17.05 50.55
N THR C 200 -5.66 16.35 50.96
CA THR C 200 -5.39 15.02 50.46
C THR C 200 -6.09 13.92 51.25
N LEU C 201 -6.81 14.27 52.32
CA LEU C 201 -7.48 13.25 53.12
C LEU C 201 -8.43 12.38 52.31
N GLU C 202 -9.03 12.94 51.26
CA GLU C 202 -10.00 12.21 50.46
C GLU C 202 -9.45 11.74 49.12
N HIS C 203 -8.13 11.75 48.94
CA HIS C 203 -7.53 11.18 47.74
C HIS C 203 -6.45 10.18 48.09
N SER C 204 -5.80 10.35 49.25
CA SER C 204 -4.70 9.49 49.64
C SER C 204 -5.25 8.11 49.99
N ASP C 205 -5.05 7.15 49.10
CA ASP C 205 -5.48 5.78 49.37
C ASP C 205 -4.73 5.16 50.53
N CYS C 206 -3.47 5.56 50.74
CA CYS C 206 -2.70 5.19 51.92
C CYS C 206 -1.46 6.07 52.00
N ALA C 207 -1.21 6.70 53.14
CA ALA C 207 -0.11 7.63 53.31
C ALA C 207 0.82 7.13 54.41
N PHE C 208 2.10 7.06 54.09
CA PHE C 208 3.12 6.49 54.99
C PHE C 208 3.94 7.62 55.58
N MET C 209 3.78 7.86 56.87
CA MET C 209 4.48 8.94 57.55
C MET C 209 5.92 8.54 57.87
N VAL C 210 6.84 9.48 57.66
CA VAL C 210 8.24 9.32 58.07
C VAL C 210 8.76 10.68 58.51
N ASP C 211 9.56 10.69 59.58
CA ASP C 211 9.99 11.92 60.23
C ASP C 211 11.50 12.01 60.21
N ASN C 212 12.00 13.24 60.15
CA ASN C 212 13.44 13.48 60.01
C ASN C 212 14.18 13.20 61.32
N GLU C 213 13.61 13.62 62.46
CA GLU C 213 14.29 13.46 63.73
C GLU C 213 14.57 11.99 64.03
N ALA C 214 13.59 11.12 63.79
CA ALA C 214 13.77 9.70 64.07
C ALA C 214 14.86 9.10 63.21
N ILE C 215 14.92 9.49 61.93
CA ILE C 215 15.95 8.95 61.06
C ILE C 215 17.33 9.47 61.46
N TYR C 216 17.41 10.73 61.88
CA TYR C 216 18.67 11.24 62.44
C TYR C 216 19.10 10.39 63.63
N ASP C 217 18.17 10.11 64.54
CA ASP C 217 18.49 9.32 65.72
C ASP C 217 18.96 7.92 65.33
N ILE C 218 18.27 7.30 64.37
CA ILE C 218 18.65 5.96 63.92
C ILE C 218 20.04 5.97 63.33
N CYS C 219 20.34 6.97 62.49
CA CYS C 219 21.66 7.06 61.88
C CYS C 219 22.75 7.22 62.93
N ARG C 220 22.52 8.10 63.91
CA ARG C 220 23.55 8.33 64.93
C ARG C 220 23.74 7.10 65.81
N ARG C 221 22.64 6.41 66.15
CA ARG C 221 22.74 5.24 67.00
C ARG C 221 23.32 4.03 66.27
N ASN C 222 22.71 3.66 65.15
CA ASN C 222 23.02 2.38 64.50
C ASN C 222 24.15 2.52 63.48
N LEU C 223 23.99 3.42 62.50
CA LEU C 223 25.01 3.59 61.48
C LEU C 223 26.31 4.17 62.03
N ASP C 224 26.29 4.70 63.24
CA ASP C 224 27.48 5.27 63.89
C ASP C 224 28.06 6.42 63.07
N ILE C 225 27.21 7.09 62.28
CA ILE C 225 27.61 8.27 61.53
C ILE C 225 27.24 9.48 62.37
N GLU C 226 28.25 10.10 62.98
CA GLU C 226 28.01 11.22 63.88
C GLU C 226 27.45 12.42 63.14
N ARG C 227 27.76 12.57 61.86
CA ARG C 227 27.34 13.72 61.07
C ARG C 227 26.75 13.25 59.74
N PRO C 228 25.53 12.72 59.77
CA PRO C 228 24.89 12.27 58.53
C PRO C 228 24.30 13.42 57.74
N THR C 229 24.12 13.18 56.44
CA THR C 229 23.51 14.11 55.51
C THR C 229 22.23 13.51 54.92
N TYR C 230 21.50 14.35 54.18
CA TYR C 230 20.25 13.90 53.56
C TYR C 230 20.46 12.71 52.64
N THR C 231 21.66 12.52 52.10
CA THR C 231 21.91 11.34 51.27
C THR C 231 21.56 10.07 52.00
N ASN C 232 21.95 9.97 53.28
CA ASN C 232 21.69 8.76 54.04
C ASN C 232 20.20 8.54 54.28
N LEU C 233 19.47 9.60 54.66
CA LEU C 233 18.04 9.47 54.85
C LEU C 233 17.35 9.03 53.56
N ASN C 234 17.78 9.60 52.44
CA ASN C 234 17.24 9.18 51.16
C ASN C 234 17.55 7.73 50.88
N ARG C 235 18.74 7.26 51.27
CA ARG C 235 19.09 5.85 51.10
C ARG C 235 18.14 4.94 51.88
N LEU C 236 17.86 5.29 53.14
CA LEU C 236 16.94 4.49 53.93
C LEU C 236 15.53 4.51 53.34
N ILE C 237 15.06 5.67 52.91
CA ILE C 237 13.71 5.74 52.33
C ILE C 237 13.65 4.93 51.04
N SER C 238 14.71 5.00 50.23
CA SER C 238 14.76 4.19 49.02
C SER C 238 14.76 2.71 49.33
N GLN C 239 15.47 2.30 50.38
CA GLN C 239 15.43 0.91 50.80
C GLN C 239 14.02 0.49 51.20
N ILE C 240 13.30 1.38 51.89
CA ILE C 240 11.92 1.08 52.25
C ILE C 240 11.06 0.87 51.01
N VAL C 241 11.20 1.77 50.04
CA VAL C 241 10.38 1.67 48.83
C VAL C 241 10.73 0.42 48.04
N SER C 242 12.02 0.09 47.96
CA SER C 242 12.45 -1.11 47.27
C SER C 242 11.90 -2.36 47.95
N SER C 243 11.91 -2.38 49.29
CA SER C 243 11.31 -3.50 50.00
C SER C 243 9.82 -3.61 49.72
N ILE C 244 9.14 -2.46 49.59
CA ILE C 244 7.71 -2.47 49.30
C ILE C 244 7.46 -3.05 47.90
N THR C 245 8.25 -2.66 46.92
CA THR C 245 8.03 -3.07 45.54
C THR C 245 8.72 -4.38 45.16
N ALA C 246 9.45 -4.99 46.10
CA ALA C 246 10.14 -6.24 45.80
C ALA C 246 9.17 -7.33 45.36
N SER C 247 8.01 -7.42 46.02
CA SER C 247 7.06 -8.48 45.69
C SER C 247 6.60 -8.37 44.24
N LEU C 248 6.31 -7.15 43.79
CA LEU C 248 5.95 -6.95 42.38
C LEU C 248 7.13 -7.23 41.47
N ARG C 249 8.33 -6.78 41.84
CA ARG C 249 9.46 -6.83 40.93
C ARG C 249 10.24 -8.14 40.98
N PHE C 250 9.88 -9.08 41.85
CA PHE C 250 10.71 -10.27 42.01
C PHE C 250 9.86 -11.46 42.40
N ASP C 251 10.43 -12.65 42.21
CA ASP C 251 9.80 -13.87 42.67
C ASP C 251 9.80 -13.90 44.19
N GLY C 252 8.76 -14.48 44.77
CA GLY C 252 8.65 -14.56 46.21
C GLY C 252 7.87 -15.79 46.62
N ALA C 253 8.18 -16.29 47.83
CA ALA C 253 7.43 -17.43 48.36
C ALA C 253 6.01 -17.04 48.73
N LEU C 254 5.80 -15.77 49.06
CA LEU C 254 4.46 -15.27 49.41
C LEU C 254 4.37 -13.82 48.93
N ASN C 255 3.76 -13.64 47.76
CA ASN C 255 3.70 -12.34 47.13
C ASN C 255 2.57 -11.50 47.73
N VAL C 256 2.72 -10.17 47.60
CA VAL C 256 1.73 -9.20 48.05
C VAL C 256 1.72 -8.03 47.09
N ASP C 257 0.54 -7.55 46.74
CA ASP C 257 0.39 -6.43 45.81
C ASP C 257 -0.02 -5.15 46.54
N LEU C 258 -0.07 -4.06 45.77
CA LEU C 258 -0.37 -2.76 46.36
C LEU C 258 -1.79 -2.72 46.94
N THR C 259 -2.74 -3.34 46.24
CA THR C 259 -4.10 -3.41 46.76
C THR C 259 -4.14 -4.12 48.11
N ALA C 260 -3.28 -5.12 48.29
CA ALA C 260 -3.19 -5.78 49.60
C ALA C 260 -2.71 -4.80 50.66
N PHE C 261 -1.73 -3.96 50.33
CA PHE C 261 -1.30 -2.92 51.25
C PHE C 261 -2.45 -2.00 51.61
N GLN C 262 -3.19 -1.54 50.60
CA GLN C 262 -4.29 -0.62 50.82
C GLN C 262 -5.43 -1.25 51.59
N THR C 263 -5.59 -2.58 51.53
CA THR C 263 -6.70 -3.27 52.15
C THR C 263 -6.40 -3.66 53.59
N ASN C 264 -5.24 -4.28 53.83
CA ASN C 264 -4.94 -4.82 55.15
C ASN C 264 -4.52 -3.76 56.15
N LEU C 265 -4.15 -2.57 55.69
CA LEU C 265 -3.64 -1.52 56.58
C LEU C 265 -4.66 -0.42 56.87
N VAL C 266 -5.81 -0.42 56.21
CA VAL C 266 -6.78 0.65 56.37
C VAL C 266 -8.10 0.07 56.90
N PRO C 267 -8.31 0.08 58.22
CA PRO C 267 -9.61 -0.40 58.73
C PRO C 267 -10.74 0.58 58.47
N TYR C 268 -10.48 1.88 58.60
CA TYR C 268 -11.48 2.90 58.37
C TYR C 268 -10.97 3.88 57.32
N PRO C 269 -11.85 4.39 56.45
CA PRO C 269 -11.37 5.19 55.31
C PRO C 269 -10.59 6.42 55.70
N ARG C 270 -10.95 7.06 56.82
CA ARG C 270 -10.28 8.29 57.22
C ARG C 270 -8.95 8.03 57.91
N ILE C 271 -8.79 6.85 58.52
CA ILE C 271 -7.55 6.50 59.24
C ILE C 271 -6.75 5.62 58.30
N HIS C 272 -5.83 6.22 57.57
CA HIS C 272 -5.01 5.52 56.59
C HIS C 272 -3.56 6.04 56.65
N PHE C 273 -3.02 6.14 57.86
CA PHE C 273 -1.71 6.74 58.09
C PHE C 273 -0.79 5.77 58.82
N PRO C 274 -0.25 4.77 58.13
CA PRO C 274 0.78 3.92 58.74
C PRO C 274 2.13 4.62 58.78
N LEU C 275 3.01 4.05 59.59
CA LEU C 275 4.39 4.47 59.71
C LEU C 275 5.32 3.32 59.38
N ALA C 276 6.52 3.65 58.90
CA ALA C 276 7.46 2.68 58.38
C ALA C 276 8.64 2.46 59.33
N THR C 277 9.27 1.31 59.18
CA THR C 277 10.47 0.94 59.92
C THR C 277 11.24 -0.07 59.09
N TYR C 278 12.56 -0.01 59.15
CA TYR C 278 13.42 -0.91 58.39
C TYR C 278 14.43 -1.58 59.31
N ALA C 279 14.80 -2.81 58.96
CA ALA C 279 15.84 -3.51 59.71
C ALA C 279 16.44 -4.59 58.83
N PRO C 280 17.69 -5.00 59.08
CA PRO C 280 18.60 -4.36 60.04
C PRO C 280 19.29 -3.15 59.42
N VAL C 281 19.78 -2.24 60.27
CA VAL C 281 20.55 -1.08 59.83
C VAL C 281 21.84 -1.08 60.65
N ILE C 282 22.86 -1.77 60.13
CA ILE C 282 24.12 -1.95 60.84
C ILE C 282 25.27 -1.75 59.87
N SER C 283 26.36 -1.18 60.38
CA SER C 283 27.52 -0.86 59.56
C SER C 283 28.33 -2.10 59.23
N ALA C 284 29.24 -1.95 58.27
CA ALA C 284 30.10 -3.06 57.88
C ALA C 284 30.99 -3.51 59.04
N GLU C 285 31.52 -2.55 59.81
CA GLU C 285 32.31 -2.91 60.99
C GLU C 285 31.47 -3.68 62.00
N LYS C 286 30.18 -3.40 62.09
CA LYS C 286 29.27 -4.14 62.95
C LYS C 286 28.45 -5.17 62.18
N ALA C 287 28.77 -5.39 60.90
CA ALA C 287 28.06 -6.40 60.13
C ALA C 287 28.26 -7.78 60.74
N TYR C 288 29.44 -8.04 61.29
CA TYR C 288 29.71 -9.27 62.01
C TYR C 288 29.16 -9.15 63.43
N HIS C 289 29.55 -10.07 64.30
CA HIS C 289 29.26 -10.09 65.74
C HIS C 289 27.81 -10.44 66.04
N GLU C 290 26.96 -10.59 65.04
CA GLU C 290 25.59 -11.03 65.26
C GLU C 290 25.06 -11.63 63.96
N GLN C 291 24.28 -12.70 64.07
CA GLN C 291 23.85 -13.47 62.92
C GLN C 291 22.62 -12.91 62.24
N LEU C 292 21.96 -11.91 62.83
CA LEU C 292 20.78 -11.27 62.26
C LEU C 292 19.68 -12.30 61.97
N SER C 293 19.27 -13.01 63.01
CA SER C 293 18.15 -13.93 62.90
C SER C 293 16.85 -13.15 62.70
N VAL C 294 15.86 -13.82 62.11
CA VAL C 294 14.59 -13.16 61.83
C VAL C 294 13.93 -12.68 63.11
N ALA C 295 14.03 -13.46 64.19
CA ALA C 295 13.50 -13.03 65.47
C ALA C 295 14.22 -11.77 65.95
N GLU C 296 15.54 -11.72 65.77
CA GLU C 296 16.31 -10.56 66.20
C GLU C 296 15.89 -9.30 65.46
N ILE C 297 15.80 -9.38 64.12
CA ILE C 297 15.44 -8.20 63.35
C ILE C 297 13.99 -7.80 63.62
N THR C 298 13.10 -8.77 63.82
CA THR C 298 11.72 -8.42 64.14
C THR C 298 11.63 -7.72 65.50
N ASN C 299 12.39 -8.21 66.48
CA ASN C 299 12.48 -7.53 67.77
C ASN C 299 13.01 -6.11 67.61
N ALA C 300 14.01 -5.94 66.74
CA ALA C 300 14.53 -4.60 66.47
C ALA C 300 13.45 -3.71 65.86
N CYS C 301 12.64 -4.26 64.95
CA CYS C 301 11.56 -3.49 64.33
C CYS C 301 10.55 -3.04 65.37
N PHE C 302 10.06 -3.96 66.19
CA PHE C 302 9.04 -3.61 67.16
C PHE C 302 9.58 -2.79 68.33
N GLU C 303 10.89 -2.64 68.43
CA GLU C 303 11.48 -1.71 69.39
C GLU C 303 11.08 -0.29 69.01
N PRO C 304 10.61 0.53 69.96
CA PRO C 304 10.16 1.89 69.61
C PRO C 304 11.28 2.81 69.15
N ALA C 305 12.54 2.45 69.37
CA ALA C 305 13.65 3.33 68.98
C ALA C 305 13.89 3.29 67.47
N ASN C 306 13.68 2.14 66.85
CA ASN C 306 13.99 1.96 65.43
C ASN C 306 12.87 2.51 64.53
N GLN C 307 11.78 3.00 65.11
CA GLN C 307 10.72 3.55 64.29
C GLN C 307 11.12 4.92 63.74
N MET C 308 10.54 5.27 62.59
CA MET C 308 10.92 6.46 61.85
C MET C 308 9.95 7.63 62.06
N VAL C 309 9.18 7.61 63.14
CA VAL C 309 8.36 8.75 63.54
C VAL C 309 8.58 9.02 65.01
N LYS C 310 8.69 10.29 65.38
CA LYS C 310 8.91 10.65 66.78
C LYS C 310 7.62 10.44 67.58
N CYS C 311 7.23 9.17 67.74
CA CYS C 311 6.03 8.82 68.48
C CYS C 311 6.28 7.46 69.14
N ASP C 312 5.87 7.33 70.39
CA ASP C 312 6.04 6.07 71.11
C ASP C 312 4.81 5.18 70.98
N PRO C 313 4.88 4.08 70.24
CA PRO C 313 3.69 3.24 70.04
C PRO C 313 3.20 2.57 71.30
N ARG C 314 4.05 2.49 72.34
CA ARG C 314 3.66 1.84 73.59
C ARG C 314 2.58 2.60 74.34
N HIS C 315 2.29 3.85 73.96
CA HIS C 315 1.22 4.63 74.56
C HIS C 315 -0.08 4.55 73.77
N GLY C 316 -0.15 3.69 72.75
CA GLY C 316 -1.36 3.52 71.98
C GLY C 316 -1.69 2.08 71.69
N LYS C 317 -2.31 1.82 70.55
CA LYS C 317 -2.68 0.46 70.16
C LYS C 317 -2.32 0.23 68.70
N TYR C 318 -2.10 -1.03 68.35
CA TYR C 318 -1.79 -1.44 66.99
C TYR C 318 -3.08 -1.92 66.32
N MET C 319 -3.59 -1.13 65.36
CA MET C 319 -4.70 -1.63 64.55
C MET C 319 -4.22 -2.65 63.54
N ALA C 320 -3.09 -2.43 62.90
CA ALA C 320 -2.63 -3.39 61.89
C ALA C 320 -1.12 -3.26 61.71
N CYS C 321 -0.52 -4.36 61.24
CA CYS C 321 0.90 -4.39 60.93
C CYS C 321 1.12 -5.26 59.70
N CYS C 322 2.09 -4.86 58.88
CA CYS C 322 2.47 -5.59 57.68
C CYS C 322 3.99 -5.72 57.67
N LEU C 323 4.47 -6.95 57.68
CA LEU C 323 5.90 -7.24 57.65
C LEU C 323 6.26 -7.86 56.32
N LEU C 324 7.26 -7.28 55.65
CA LEU C 324 7.79 -7.82 54.41
C LEU C 324 9.23 -8.26 54.66
N TYR C 325 9.49 -9.54 54.43
CA TYR C 325 10.82 -10.12 54.55
C TYR C 325 11.38 -10.35 53.16
N ARG C 326 12.68 -10.20 53.01
CA ARG C 326 13.34 -10.51 51.76
C ARG C 326 14.68 -11.16 52.05
N GLY C 327 15.07 -12.07 51.17
CA GLY C 327 16.28 -12.84 51.35
C GLY C 327 16.00 -14.28 51.72
N ASP C 328 17.04 -14.92 52.28
CA ASP C 328 16.96 -16.31 52.69
C ASP C 328 16.20 -16.40 54.01
N VAL C 329 14.87 -16.38 53.89
CA VAL C 329 13.97 -16.32 55.04
C VAL C 329 13.21 -17.63 55.13
N VAL C 330 13.24 -18.26 56.29
CA VAL C 330 12.56 -19.54 56.52
C VAL C 330 11.21 -19.24 57.15
N PRO C 331 10.10 -19.66 56.53
CA PRO C 331 8.77 -19.25 57.04
C PRO C 331 8.43 -19.72 58.44
N LYS C 332 8.90 -20.90 58.87
CA LYS C 332 8.61 -21.33 60.23
C LYS C 332 9.26 -20.40 61.23
N ASP C 333 10.48 -19.95 60.95
CA ASP C 333 11.13 -18.97 61.80
C ASP C 333 10.31 -17.67 61.84
N VAL C 334 9.71 -17.31 60.70
CA VAL C 334 8.80 -16.18 60.66
C VAL C 334 7.65 -16.38 61.64
N ASN C 335 7.03 -17.57 61.60
CA ASN C 335 5.91 -17.86 62.49
C ASN C 335 6.32 -17.79 63.95
N ALA C 336 7.47 -18.38 64.29
CA ALA C 336 7.94 -18.36 65.67
C ALA C 336 8.20 -16.93 66.13
N ALA C 337 8.84 -16.13 65.28
CA ALA C 337 9.11 -14.74 65.63
C ALA C 337 7.82 -13.97 65.84
N ILE C 338 6.83 -14.17 64.96
CA ILE C 338 5.57 -13.45 65.08
C ILE C 338 4.86 -13.84 66.38
N ALA C 339 4.86 -15.13 66.71
CA ALA C 339 4.24 -15.56 67.95
C ALA C 339 4.92 -14.93 69.16
N THR C 340 6.26 -14.93 69.16
CA THR C 340 6.99 -14.33 70.28
C THR C 340 6.68 -12.83 70.39
N ILE C 341 6.58 -12.13 69.26
CA ILE C 341 6.21 -10.73 69.28
C ILE C 341 4.83 -10.56 69.89
N LYS C 342 3.88 -11.40 69.48
CA LYS C 342 2.52 -11.31 69.99
C LYS C 342 2.47 -11.56 71.49
N THR C 343 3.38 -12.38 72.01
CA THR C 343 3.36 -12.68 73.45
C THR C 343 3.87 -11.54 74.31
N LYS C 344 4.64 -10.61 73.76
CA LYS C 344 5.33 -9.62 74.59
C LYS C 344 4.34 -8.64 75.22
N ARG C 345 4.88 -7.75 76.06
CA ARG C 345 4.11 -6.85 76.88
C ARG C 345 3.89 -5.47 76.25
N SER C 346 4.79 -5.03 75.38
CA SER C 346 4.70 -3.71 74.77
C SER C 346 3.84 -3.70 73.52
N ILE C 347 3.22 -4.82 73.18
CA ILE C 347 2.39 -4.95 71.98
C ILE C 347 1.02 -5.46 72.42
N GLN C 348 0.09 -4.54 72.63
CA GLN C 348 -1.31 -4.86 72.89
C GLN C 348 -2.14 -4.40 71.71
N PHE C 349 -2.90 -5.33 71.12
CA PHE C 349 -3.71 -5.01 69.96
C PHE C 349 -5.03 -4.38 70.38
N VAL C 350 -5.67 -3.71 69.42
CA VAL C 350 -6.94 -3.06 69.70
C VAL C 350 -8.02 -4.12 69.86
N ASP C 351 -9.10 -3.74 70.55
CA ASP C 351 -10.13 -4.70 70.93
C ASP C 351 -10.75 -5.36 69.71
N TRP C 352 -11.09 -4.57 68.68
CA TRP C 352 -11.85 -5.10 67.56
C TRP C 352 -11.01 -5.85 66.55
N CYS C 353 -9.68 -5.80 66.64
CA CYS C 353 -8.83 -6.50 65.69
C CYS C 353 -8.09 -7.62 66.39
N PRO C 354 -8.53 -8.87 66.27
CA PRO C 354 -7.80 -9.97 66.90
C PRO C 354 -6.58 -10.43 66.10
N THR C 355 -6.50 -10.05 64.83
CA THR C 355 -5.42 -10.50 63.94
C THR C 355 -4.99 -9.31 63.10
N GLY C 356 -3.88 -8.68 63.46
CA GLY C 356 -3.43 -7.50 62.77
C GLY C 356 -2.08 -7.64 62.08
N PHE C 357 -1.70 -8.87 61.74
CA PHE C 357 -0.42 -9.16 61.13
C PHE C 357 -0.60 -9.67 59.71
N LYS C 358 0.08 -9.05 58.76
CA LYS C 358 0.23 -9.58 57.41
C LYS C 358 1.70 -9.85 57.15
N VAL C 359 1.98 -10.94 56.42
CA VAL C 359 3.33 -11.38 56.16
C VAL C 359 3.54 -11.52 54.66
N GLY C 360 4.65 -10.98 54.17
CA GLY C 360 5.06 -11.20 52.81
C GLY C 360 6.52 -11.62 52.77
N ILE C 361 6.84 -12.47 51.80
CA ILE C 361 8.17 -13.05 51.69
C ILE C 361 8.66 -12.93 50.25
N ASN C 362 9.91 -12.50 50.09
CA ASN C 362 10.55 -12.42 48.78
C ASN C 362 11.93 -13.05 48.84
N TYR C 363 12.31 -13.72 47.75
CA TYR C 363 13.60 -14.40 47.70
C TYR C 363 14.76 -13.43 47.48
N GLN C 364 14.52 -12.29 46.84
CA GLN C 364 15.60 -11.39 46.48
C GLN C 364 16.12 -10.67 47.72
N PRO C 365 17.38 -10.85 48.10
CA PRO C 365 17.92 -10.10 49.23
C PRO C 365 18.13 -8.64 48.88
N PRO C 366 18.23 -7.77 49.88
CA PRO C 366 18.41 -6.34 49.58
C PRO C 366 19.73 -6.08 48.86
N THR C 367 19.73 -5.03 48.06
CA THR C 367 20.89 -4.68 47.24
C THR C 367 21.69 -3.58 47.94
N VAL C 368 23.00 -3.79 48.04
CA VAL C 368 23.90 -2.83 48.68
C VAL C 368 24.46 -1.89 47.62
N VAL C 369 24.33 -0.59 47.86
CA VAL C 369 24.83 0.41 46.93
C VAL C 369 26.30 0.72 47.24
N PRO C 370 27.18 0.67 46.25
CA PRO C 370 28.58 1.04 46.50
C PRO C 370 28.69 2.48 46.98
N GLY C 371 29.58 2.71 47.93
CA GLY C 371 29.72 4.01 48.54
C GLY C 371 28.68 4.33 49.59
N GLY C 372 27.79 3.40 49.91
CA GLY C 372 26.75 3.64 50.88
C GLY C 372 27.23 3.49 52.30
N ASP C 373 26.27 3.37 53.21
CA ASP C 373 26.55 3.27 54.63
C ASP C 373 26.15 1.94 55.25
N LEU C 374 25.09 1.30 54.74
CA LEU C 374 24.67 0.01 55.27
C LEU C 374 25.65 -1.08 54.85
N ALA C 375 25.39 -2.29 55.31
CA ALA C 375 26.21 -3.45 55.01
C ALA C 375 25.38 -4.51 54.30
N LYS C 376 26.02 -5.26 53.42
CA LYS C 376 25.33 -6.30 52.67
C LYS C 376 24.90 -7.42 53.61
N VAL C 377 23.59 -7.62 53.72
CA VAL C 377 23.04 -8.63 54.62
C VAL C 377 22.33 -9.70 53.81
N GLN C 378 21.89 -10.77 54.47
CA GLN C 378 21.21 -11.86 53.80
C GLN C 378 19.70 -11.85 54.03
N ARG C 379 19.23 -11.16 55.06
CA ARG C 379 17.80 -11.02 55.32
C ARG C 379 17.49 -9.57 55.60
N ALA C 380 16.30 -9.13 55.21
CA ALA C 380 15.87 -7.76 55.44
C ALA C 380 14.38 -7.74 55.71
N VAL C 381 13.94 -6.69 56.40
CA VAL C 381 12.58 -6.58 56.89
C VAL C 381 12.11 -5.13 56.83
N CYS C 382 10.92 -4.93 56.28
CA CYS C 382 10.20 -3.67 56.31
C CYS C 382 8.91 -3.85 57.10
N MET C 383 8.69 -2.95 58.06
CA MET C 383 7.53 -2.99 58.94
C MET C 383 6.68 -1.76 58.68
N LEU C 384 5.40 -1.98 58.33
CA LEU C 384 4.46 -0.92 58.06
C LEU C 384 3.31 -1.07 59.04
N SER C 385 3.20 -0.17 60.01
CA SER C 385 2.24 -0.32 61.08
C SER C 385 1.23 0.82 61.06
N ASN C 386 -0.05 0.47 61.10
CA ASN C 386 -1.11 1.44 61.35
C ASN C 386 -1.45 1.32 62.83
N THR C 387 -1.00 2.30 63.62
CA THR C 387 -1.15 2.33 65.07
C THR C 387 -1.89 3.60 65.49
N THR C 388 -2.06 3.76 66.81
CA THR C 388 -2.87 4.83 67.36
C THR C 388 -2.04 6.00 67.88
N ALA C 389 -0.81 5.75 68.33
CA ALA C 389 0.01 6.81 68.90
C ALA C 389 0.29 7.93 67.90
N ILE C 390 0.24 7.64 66.60
CA ILE C 390 0.48 8.66 65.58
C ILE C 390 -0.49 9.83 65.74
N ALA C 391 -1.71 9.56 66.21
CA ALA C 391 -2.69 10.62 66.41
C ALA C 391 -2.14 11.70 67.34
N GLU C 392 -1.36 11.30 68.35
CA GLU C 392 -0.75 12.26 69.26
C GLU C 392 0.00 13.34 68.48
N ALA C 393 0.77 12.92 67.47
CA ALA C 393 1.52 13.88 66.66
C ALA C 393 0.60 14.96 66.10
N TRP C 394 -0.55 14.55 65.56
CA TRP C 394 -1.50 15.52 65.02
C TRP C 394 -1.83 16.60 66.04
N ALA C 395 -2.10 16.19 67.28
CA ALA C 395 -2.43 17.15 68.33
C ALA C 395 -1.38 18.25 68.40
N ARG C 396 -0.10 17.86 68.40
CA ARG C 396 0.97 18.84 68.46
C ARG C 396 0.80 19.88 67.37
N LEU C 397 0.67 19.41 66.12
CA LEU C 397 0.48 20.34 65.01
C LEU C 397 -0.69 21.26 65.28
N ASP C 398 -1.83 20.69 65.66
CA ASP C 398 -3.02 21.48 65.95
C ASP C 398 -2.67 22.59 66.93
N HIS C 399 -2.03 22.22 68.05
CA HIS C 399 -1.66 23.23 69.04
C HIS C 399 -0.84 24.33 68.39
N LYS C 400 0.23 23.93 67.68
CA LYS C 400 1.05 24.91 67.00
C LYS C 400 0.20 25.79 66.10
N PHE C 401 -0.64 25.15 65.27
CA PHE C 401 -1.50 25.89 64.38
C PHE C 401 -2.31 26.93 65.16
N ASP C 402 -2.97 26.47 66.23
CA ASP C 402 -3.81 27.39 66.99
C ASP C 402 -3.01 28.56 67.51
N LEU C 403 -1.80 28.29 68.01
CA LEU C 403 -0.95 29.38 68.49
C LEU C 403 -0.72 30.40 67.38
N MET C 404 -0.25 29.94 66.23
CA MET C 404 0.00 30.89 65.15
C MET C 404 -1.29 31.42 64.55
N TYR C 405 -2.43 30.77 64.84
CA TYR C 405 -3.71 31.29 64.39
C TYR C 405 -4.35 32.20 65.44
N ALA C 406 -3.75 32.29 66.63
CA ALA C 406 -4.27 33.20 67.65
C ALA C 406 -4.07 34.66 67.25
N LYS C 407 -2.96 34.97 66.57
CA LYS C 407 -2.62 36.34 66.22
C LYS C 407 -2.68 36.60 64.72
N ARG C 408 -3.21 35.67 63.94
CA ARG C 408 -3.33 35.81 62.48
C ARG C 408 -1.96 36.02 61.83
N ALA C 409 -0.97 35.24 62.26
CA ALA C 409 0.38 35.35 61.71
C ALA C 409 0.47 34.71 60.33
N PHE C 410 1.24 35.34 59.45
CA PHE C 410 1.54 34.87 58.10
C PHE C 410 0.30 34.67 57.24
N VAL C 411 -0.87 35.14 57.69
CA VAL C 411 -2.10 34.88 56.96
C VAL C 411 -2.13 35.66 55.65
N HIS C 412 -1.56 36.87 55.64
CA HIS C 412 -1.69 37.74 54.47
C HIS C 412 -1.07 37.10 53.23
N TRP C 413 0.00 36.32 53.39
CA TRP C 413 0.64 35.69 52.25
C TRP C 413 -0.32 34.76 51.54
N TYR C 414 -1.10 33.98 52.30
CA TYR C 414 -2.10 33.13 51.71
C TYR C 414 -3.30 33.93 51.20
N VAL C 415 -3.71 34.95 51.94
CA VAL C 415 -4.89 35.73 51.56
C VAL C 415 -4.68 36.41 50.21
N GLY C 416 -3.50 36.99 49.99
CA GLY C 416 -3.20 37.69 48.78
C GLY C 416 -2.81 36.83 47.60
N GLU C 417 -2.98 35.51 47.69
CA GLU C 417 -2.63 34.61 46.61
C GLU C 417 -3.79 33.72 46.17
N GLY C 418 -5.01 33.99 46.64
CA GLY C 418 -6.15 33.21 46.21
C GLY C 418 -6.63 32.21 47.26
N MET C 419 -6.56 32.59 48.53
CA MET C 419 -6.98 31.73 49.62
C MET C 419 -7.98 32.47 50.49
N GLU C 420 -8.89 31.72 51.10
CA GLU C 420 -9.90 32.27 52.00
C GLU C 420 -9.63 31.81 53.42
N GLU C 421 -9.90 32.71 54.37
CA GLU C 421 -9.72 32.37 55.78
C GLU C 421 -10.60 31.19 56.19
N GLY C 422 -11.78 31.08 55.58
CA GLY C 422 -12.64 29.94 55.84
C GLY C 422 -11.99 28.62 55.49
N GLU C 423 -11.08 28.61 54.51
CA GLU C 423 -10.34 27.40 54.20
C GLU C 423 -9.44 26.99 55.36
N PHE C 424 -8.72 27.95 55.95
CA PHE C 424 -7.95 27.65 57.15
C PHE C 424 -8.85 27.13 58.26
N SER C 425 -10.00 27.78 58.48
CA SER C 425 -10.91 27.32 59.51
C SER C 425 -11.34 25.88 59.26
N GLU C 426 -11.88 25.60 58.06
CA GLU C 426 -12.43 24.28 57.77
C GLU C 426 -11.34 23.22 57.86
N ALA C 427 -10.11 23.56 57.49
CA ALA C 427 -9.00 22.64 57.73
C ALA C 427 -8.83 22.37 59.22
N ARG C 428 -9.00 23.40 60.05
CA ARG C 428 -8.84 23.20 61.48
C ARG C 428 -9.93 22.28 62.05
N GLU C 429 -11.20 22.52 61.70
CA GLU C 429 -12.24 21.60 62.18
C GLU C 429 -12.05 20.20 61.61
N ASP C 430 -11.59 20.08 60.36
CA ASP C 430 -11.37 18.74 59.80
C ASP C 430 -10.28 18.00 60.56
N MET C 431 -9.20 18.70 60.92
CA MET C 431 -8.15 18.07 61.73
C MET C 431 -8.67 17.67 63.11
N ALA C 432 -9.47 18.54 63.73
CA ALA C 432 -10.05 18.20 65.03
C ALA C 432 -10.96 16.98 64.92
N ALA C 433 -11.74 16.90 63.83
CA ALA C 433 -12.59 15.74 63.62
C ALA C 433 -11.77 14.47 63.41
N LEU C 434 -10.65 14.58 62.68
CA LEU C 434 -9.77 13.43 62.51
C LEU C 434 -9.22 12.96 63.86
N GLU C 435 -8.82 13.91 64.71
CA GLU C 435 -8.35 13.54 66.04
C GLU C 435 -9.45 12.86 66.85
N LYS C 436 -10.67 13.37 66.78
CA LYS C 436 -11.79 12.74 67.49
C LYS C 436 -12.03 11.34 66.98
N ASP C 437 -11.95 11.13 65.67
CA ASP C 437 -12.11 9.80 65.09
C ASP C 437 -11.02 8.86 65.57
N TYR C 438 -9.77 9.33 65.60
CA TYR C 438 -8.68 8.51 66.12
C TYR C 438 -8.93 8.11 67.57
N GLU C 439 -9.36 9.07 68.39
CA GLU C 439 -9.64 8.77 69.79
C GLU C 439 -10.77 7.75 69.92
N GLU C 440 -11.82 7.91 69.13
CA GLU C 440 -12.96 6.98 69.18
C GLU C 440 -12.52 5.57 68.77
N VAL C 441 -11.70 5.47 67.73
CA VAL C 441 -11.18 4.17 67.33
C VAL C 441 -10.29 3.58 68.43
N GLY C 442 -9.59 4.43 69.18
CA GLY C 442 -8.71 3.94 70.21
C GLY C 442 -9.42 3.15 71.29
N VAL C 443 -10.63 3.59 71.67
CA VAL C 443 -11.32 2.95 72.80
C VAL C 443 -11.83 1.57 72.40
N ASP C 444 -12.16 0.77 73.42
CA ASP C 444 -12.71 -0.56 73.23
C ASP C 444 -14.23 -0.55 73.23
N SER C 445 -14.81 -1.66 72.82
CA SER C 445 -16.26 -1.80 72.74
C SER C 445 -16.83 -2.40 74.02
N VAL C 446 -18.13 -2.22 74.18
CA VAL C 446 -18.87 -2.84 75.27
C VAL C 446 -19.28 -4.25 74.85
N GLU C 447 -19.31 -5.16 75.81
CA GLU C 447 -19.73 -6.54 75.59
C GLU C 447 -18.84 -7.25 74.55
N MET D 1 -11.07 -43.61 31.36
CA MET D 1 -12.05 -44.12 32.31
C MET D 1 -11.88 -43.46 33.68
N ARG D 2 -12.96 -42.82 34.15
CA ARG D 2 -12.98 -42.15 35.45
C ARG D 2 -11.87 -41.10 35.53
N GLU D 3 -11.93 -40.14 34.62
CA GLU D 3 -10.91 -39.10 34.55
C GLU D 3 -11.28 -37.95 35.47
N ILE D 4 -10.25 -37.28 35.99
CA ILE D 4 -10.40 -36.24 37.00
C ILE D 4 -9.71 -34.98 36.50
N VAL D 5 -10.42 -33.85 36.57
CA VAL D 5 -9.87 -32.55 36.19
C VAL D 5 -9.39 -31.86 37.46
N HIS D 6 -8.13 -31.42 37.44
CA HIS D 6 -7.50 -30.77 38.58
C HIS D 6 -7.47 -29.27 38.34
N ILE D 7 -7.96 -28.51 39.33
CA ILE D 7 -7.98 -27.05 39.25
C ILE D 7 -7.14 -26.50 40.40
N GLN D 8 -6.39 -25.44 40.12
CA GLN D 8 -5.55 -24.80 41.13
C GLN D 8 -5.87 -23.32 41.17
N ALA D 9 -6.15 -22.81 42.37
CA ALA D 9 -6.51 -21.42 42.57
C ALA D 9 -5.67 -20.83 43.70
N GLY D 10 -5.20 -19.60 43.49
CA GLY D 10 -4.35 -18.95 44.46
C GLY D 10 -2.92 -19.47 44.41
N GLN D 11 -2.01 -18.66 44.97
CA GLN D 11 -0.59 -18.99 44.90
C GLN D 11 -0.30 -20.31 45.60
N CYS D 12 -0.92 -20.52 46.77
CA CYS D 12 -0.90 -21.84 47.39
C CYS D 12 -1.42 -22.90 46.44
N GLY D 13 -2.49 -22.60 45.71
CA GLY D 13 -3.05 -23.56 44.78
C GLY D 13 -2.03 -24.00 43.74
N ASN D 14 -1.36 -23.03 43.11
CA ASN D 14 -0.39 -23.37 42.07
C ASN D 14 0.81 -24.10 42.66
N GLN D 15 1.29 -23.68 43.84
CA GLN D 15 2.48 -24.33 44.40
C GLN D 15 2.19 -25.77 44.81
N ILE D 16 1.10 -25.99 45.55
CA ILE D 16 0.72 -27.34 45.92
C ILE D 16 0.42 -28.18 44.69
N GLY D 17 -0.19 -27.57 43.67
CA GLY D 17 -0.45 -28.31 42.44
C GLY D 17 0.83 -28.73 41.73
N ALA D 18 1.83 -27.84 41.70
CA ALA D 18 3.10 -28.19 41.08
C ALA D 18 3.75 -29.35 41.82
N LYS D 19 3.77 -29.29 43.15
CA LYS D 19 4.36 -30.39 43.91
C LYS D 19 3.56 -31.67 43.71
N PHE D 20 2.23 -31.55 43.65
CA PHE D 20 1.35 -32.70 43.45
C PHE D 20 1.62 -33.36 42.11
N TRP D 21 1.76 -32.56 41.06
CA TRP D 21 2.02 -33.12 39.74
C TRP D 21 3.42 -33.70 39.65
N GLU D 22 4.39 -33.15 40.38
CA GLU D 22 5.68 -33.79 40.49
C GLU D 22 5.54 -35.18 41.12
N VAL D 23 4.77 -35.28 42.20
CA VAL D 23 4.58 -36.58 42.87
C VAL D 23 3.90 -37.56 41.92
N ILE D 24 2.88 -37.10 41.20
CA ILE D 24 2.16 -37.99 40.28
C ILE D 24 3.08 -38.44 39.14
N SER D 25 3.89 -37.52 38.60
CA SER D 25 4.82 -37.90 37.55
C SER D 25 5.83 -38.91 38.05
N ASP D 26 6.30 -38.76 39.29
CA ASP D 26 7.17 -39.77 39.88
C ASP D 26 6.46 -41.10 40.00
N GLU D 27 5.19 -41.08 40.41
CA GLU D 27 4.43 -42.32 40.59
C GLU D 27 4.25 -43.05 39.26
N HIS D 28 3.91 -42.32 38.21
CA HIS D 28 3.66 -42.91 36.90
C HIS D 28 4.89 -42.92 35.99
N GLY D 29 6.03 -42.43 36.47
CA GLY D 29 7.26 -42.47 35.70
C GLY D 29 7.21 -41.69 34.40
N ILE D 30 7.13 -40.36 34.49
CA ILE D 30 7.03 -39.48 33.34
C ILE D 30 8.13 -38.42 33.43
N ASP D 31 8.80 -38.18 32.31
CA ASP D 31 9.84 -37.17 32.24
C ASP D 31 9.25 -35.77 32.37
N PRO D 32 10.10 -34.75 32.60
CA PRO D 32 9.62 -33.38 32.43
C PRO D 32 9.04 -33.12 31.05
N SER D 33 9.63 -33.72 30.01
CA SER D 33 9.14 -33.55 28.65
C SER D 33 7.78 -34.21 28.44
N GLY D 34 7.40 -35.17 29.28
CA GLY D 34 6.13 -35.85 29.14
C GLY D 34 6.20 -37.24 28.52
N ASN D 35 7.38 -37.76 28.25
CA ASN D 35 7.50 -39.11 27.72
C ASN D 35 7.46 -40.14 28.84
N TYR D 36 7.17 -41.39 28.47
CA TYR D 36 7.08 -42.48 29.43
C TYR D 36 8.42 -43.20 29.52
N VAL D 37 9.02 -43.17 30.71
CA VAL D 37 10.26 -43.88 30.98
C VAL D 37 10.09 -44.82 32.19
N GLY D 38 8.89 -45.32 32.40
CA GLY D 38 8.65 -46.31 33.43
C GLY D 38 9.17 -47.68 33.03
N ASP D 39 8.90 -48.66 33.88
CA ASP D 39 9.35 -50.02 33.64
C ASP D 39 8.29 -51.08 33.89
N SER D 40 7.05 -50.69 34.18
CA SER D 40 5.96 -51.63 34.39
C SER D 40 4.74 -51.14 33.64
N ASP D 41 4.03 -52.07 33.00
CA ASP D 41 2.85 -51.70 32.23
C ASP D 41 1.76 -51.08 33.10
N LEU D 42 1.72 -51.44 34.39
CA LEU D 42 0.66 -50.96 35.26
C LEU D 42 0.69 -49.44 35.39
N GLN D 43 1.88 -48.83 35.26
CA GLN D 43 1.97 -47.37 35.29
C GLN D 43 1.19 -46.75 34.15
N LEU D 44 1.10 -47.44 33.01
CA LEU D 44 0.38 -46.91 31.85
C LEU D 44 -1.04 -47.45 31.73
N GLU D 45 -1.37 -48.55 32.41
CA GLU D 45 -2.70 -49.16 32.25
C GLU D 45 -3.81 -48.25 32.73
N ARG D 46 -3.52 -47.28 33.60
CA ARG D 46 -4.51 -46.31 34.04
C ARG D 46 -3.93 -44.90 33.98
N ILE D 47 -3.10 -44.63 32.97
CA ILE D 47 -2.46 -43.32 32.83
C ILE D 47 -3.46 -42.23 32.53
N SER D 48 -4.63 -42.58 31.97
CA SER D 48 -5.58 -41.60 31.49
C SER D 48 -6.31 -40.85 32.60
N VAL D 49 -6.17 -41.28 33.86
CA VAL D 49 -6.96 -40.67 34.93
C VAL D 49 -6.61 -39.20 35.08
N TYR D 50 -5.31 -38.86 35.07
CA TYR D 50 -4.89 -37.47 35.08
C TYR D 50 -4.24 -37.01 33.79
N TYR D 51 -3.80 -37.91 32.93
CA TYR D 51 -3.03 -37.52 31.76
C TYR D 51 -3.83 -37.77 30.49
N ASN D 52 -3.80 -36.80 29.60
CA ASN D 52 -4.34 -36.91 28.25
C ASN D 52 -3.20 -37.30 27.32
N GLU D 53 -3.43 -38.32 26.51
CA GLU D 53 -2.41 -38.85 25.61
C GLU D 53 -2.46 -38.05 24.32
N ALA D 54 -1.57 -37.06 24.21
CA ALA D 54 -1.43 -36.31 22.97
C ALA D 54 -0.66 -37.16 21.95
N SER D 55 -0.44 -36.59 20.78
CA SER D 55 0.24 -37.32 19.73
C SER D 55 1.70 -37.57 20.11
N SER D 56 2.33 -38.49 19.37
CA SER D 56 3.74 -38.84 19.55
C SER D 56 4.04 -39.35 20.95
N HIS D 57 3.11 -40.13 21.51
CA HIS D 57 3.32 -40.85 22.77
C HIS D 57 3.62 -39.89 23.93
N LYS D 58 3.12 -38.66 23.86
CA LYS D 58 3.32 -37.66 24.88
C LYS D 58 2.09 -37.61 25.79
N TYR D 59 2.31 -37.37 27.07
CA TYR D 59 1.24 -37.28 28.06
C TYR D 59 1.23 -35.89 28.67
N VAL D 60 0.08 -35.25 28.71
CA VAL D 60 -0.02 -33.93 29.35
C VAL D 60 -1.05 -33.99 30.47
N PRO D 61 -0.80 -33.33 31.60
CA PRO D 61 -1.75 -33.41 32.72
C PRO D 61 -3.06 -32.72 32.41
N ARG D 62 -4.11 -33.22 33.05
CA ARG D 62 -5.44 -32.65 32.93
C ARG D 62 -5.68 -31.64 34.05
N ALA D 63 -4.83 -30.62 34.06
CA ALA D 63 -4.82 -29.62 35.13
C ALA D 63 -5.09 -28.24 34.55
N ILE D 64 -5.76 -27.41 35.37
CA ILE D 64 -6.03 -26.02 35.04
C ILE D 64 -5.45 -25.15 36.15
N LEU D 65 -4.62 -24.19 35.76
CA LEU D 65 -3.95 -23.31 36.71
C LEU D 65 -4.56 -21.92 36.59
N VAL D 66 -5.04 -21.38 37.70
CA VAL D 66 -5.78 -20.12 37.72
C VAL D 66 -5.18 -19.22 38.79
N ASP D 67 -4.93 -17.96 38.43
CA ASP D 67 -4.45 -16.95 39.36
C ASP D 67 -4.76 -15.59 38.75
N LEU D 68 -4.52 -14.54 39.53
CA LEU D 68 -4.68 -13.17 39.06
C LEU D 68 -3.36 -12.41 38.98
N GLU D 69 -2.25 -13.04 39.36
CA GLU D 69 -0.94 -12.41 39.32
C GLU D 69 0.03 -13.29 38.54
N PRO D 70 0.77 -12.71 37.59
CA PRO D 70 1.61 -13.54 36.71
C PRO D 70 2.87 -14.10 37.37
N GLY D 71 3.18 -13.69 38.60
CA GLY D 71 4.40 -14.16 39.24
C GLY D 71 4.42 -15.66 39.45
N THR D 72 3.31 -16.20 39.97
CA THR D 72 3.23 -17.63 40.20
C THR D 72 3.30 -18.41 38.89
N MET D 73 2.61 -17.92 37.86
CA MET D 73 2.65 -18.59 36.57
C MET D 73 4.05 -18.58 35.98
N ASP D 74 4.75 -17.46 36.10
CA ASP D 74 6.13 -17.38 35.63
C ASP D 74 7.03 -18.34 36.39
N SER D 75 6.84 -18.44 37.71
CA SER D 75 7.62 -19.39 38.49
C SER D 75 7.35 -20.83 38.05
N VAL D 76 6.09 -21.16 37.79
CA VAL D 76 5.75 -22.51 37.36
C VAL D 76 6.37 -22.81 35.99
N ARG D 77 6.26 -21.88 35.05
CA ARG D 77 6.79 -22.13 33.71
C ARG D 77 8.32 -22.21 33.71
N SER D 78 8.97 -21.33 34.48
CA SER D 78 10.44 -21.24 34.40
C SER D 78 11.10 -22.51 34.94
N GLY D 79 10.60 -23.05 36.04
CA GLY D 79 11.25 -24.17 36.70
C GLY D 79 11.04 -25.48 35.97
N ALA D 80 11.74 -26.50 36.47
CA ALA D 80 11.59 -27.84 35.93
C ALA D 80 10.16 -28.35 36.12
N PHE D 81 9.83 -29.41 35.39
CA PHE D 81 8.47 -29.95 35.36
C PHE D 81 7.47 -28.88 34.92
N GLY D 82 7.90 -28.02 34.01
CA GLY D 82 7.06 -26.93 33.54
C GLY D 82 6.67 -27.03 32.08
N HIS D 83 7.47 -27.76 31.29
CA HIS D 83 7.14 -27.97 29.88
C HIS D 83 6.03 -28.97 29.67
N LEU D 84 5.64 -29.70 30.73
CA LEU D 84 4.60 -30.70 30.64
C LEU D 84 3.19 -30.14 30.61
N PHE D 85 2.94 -28.97 31.20
CA PHE D 85 1.60 -28.41 31.18
C PHE D 85 1.24 -27.85 29.81
N ARG D 86 -0.03 -27.97 29.45
CA ARG D 86 -0.53 -27.43 28.20
C ARG D 86 -0.59 -25.90 28.27
N PRO D 87 0.08 -25.18 27.38
CA PRO D 87 0.24 -23.73 27.57
C PRO D 87 -1.05 -22.94 27.63
N ASP D 88 -2.12 -23.41 26.98
CA ASP D 88 -3.36 -22.63 26.97
C ASP D 88 -4.06 -22.66 28.31
N ASN D 89 -3.86 -23.72 29.10
CA ASN D 89 -4.49 -23.83 30.41
C ASN D 89 -3.94 -22.81 31.41
N PHE D 90 -2.82 -22.15 31.09
CA PHE D 90 -2.22 -21.16 31.98
C PHE D 90 -3.05 -19.88 31.91
N ILE D 91 -4.18 -19.90 32.59
CA ILE D 91 -5.07 -18.75 32.66
C ILE D 91 -4.70 -17.93 33.88
N PHE D 92 -4.42 -16.65 33.68
CA PHE D 92 -3.98 -15.78 34.77
C PHE D 92 -4.44 -14.36 34.51
N GLY D 93 -4.58 -13.60 35.59
CA GLY D 93 -5.00 -12.23 35.54
C GLY D 93 -3.83 -11.27 35.48
N GLN D 94 -4.09 -10.03 35.83
CA GLN D 94 -3.05 -9.01 35.72
C GLN D 94 -2.79 -8.26 37.01
N SER D 95 -3.82 -7.90 37.76
CA SER D 95 -3.65 -7.03 38.92
C SER D 95 -3.55 -7.79 40.24
N GLY D 96 -4.12 -8.98 40.32
CA GLY D 96 -4.20 -9.68 41.58
C GLY D 96 -5.39 -9.22 42.39
N ALA D 97 -6.03 -10.13 43.12
CA ALA D 97 -7.23 -9.78 43.89
C ALA D 97 -6.93 -8.88 45.07
N GLY D 98 -5.66 -8.69 45.41
CA GLY D 98 -5.32 -7.81 46.53
C GLY D 98 -5.83 -8.31 47.86
N ASN D 99 -5.79 -9.63 48.08
CA ASN D 99 -6.21 -10.25 49.33
C ASN D 99 -7.66 -9.93 49.68
N ASN D 100 -8.48 -9.60 48.67
CA ASN D 100 -9.87 -9.22 48.86
C ASN D 100 -10.75 -10.29 48.23
N TRP D 101 -11.68 -10.83 49.02
CA TRP D 101 -12.55 -11.89 48.51
C TRP D 101 -13.57 -11.36 47.52
N ALA D 102 -14.01 -10.11 47.68
CA ALA D 102 -14.97 -9.54 46.74
C ALA D 102 -14.39 -9.46 45.34
N LYS D 103 -13.16 -8.98 45.21
CA LYS D 103 -12.52 -8.93 43.90
C LYS D 103 -12.24 -10.32 43.34
N GLY D 104 -12.06 -11.31 44.21
CA GLY D 104 -11.78 -12.66 43.74
C GLY D 104 -13.01 -13.46 43.38
N HIS D 105 -14.16 -13.01 43.87
CA HIS D 105 -15.43 -13.70 43.59
C HIS D 105 -16.40 -12.88 42.77
N TYR D 106 -16.27 -11.56 42.74
CA TYR D 106 -17.23 -10.71 42.04
C TYR D 106 -16.59 -9.90 40.93
N THR D 107 -15.51 -9.18 41.22
CA THR D 107 -15.01 -8.13 40.31
C THR D 107 -13.96 -8.67 39.35
N GLU D 108 -12.85 -9.19 39.88
CA GLU D 108 -11.78 -9.68 39.02
C GLU D 108 -12.05 -11.10 38.53
N GLY D 109 -12.58 -11.95 39.41
CA GLY D 109 -12.87 -13.32 39.01
C GLY D 109 -13.83 -13.42 37.85
N ALA D 110 -14.72 -12.43 37.70
CA ALA D 110 -15.66 -12.43 36.59
C ALA D 110 -14.96 -12.25 35.25
N GLU D 111 -13.75 -11.69 35.24
CA GLU D 111 -13.03 -11.43 33.99
C GLU D 111 -12.29 -12.66 33.47
N LEU D 112 -12.12 -13.70 34.27
CA LEU D 112 -11.51 -14.94 33.81
C LEU D 112 -12.41 -16.15 34.00
N VAL D 113 -13.55 -16.00 34.68
CA VAL D 113 -14.41 -17.15 34.95
C VAL D 113 -14.92 -17.75 33.65
N ASP D 114 -15.25 -16.90 32.67
CA ASP D 114 -15.77 -17.43 31.41
C ASP D 114 -14.72 -18.27 30.69
N SER D 115 -13.48 -17.79 30.61
CA SER D 115 -12.42 -18.55 29.95
C SER D 115 -12.14 -19.85 30.69
N VAL D 116 -12.11 -19.79 32.03
CA VAL D 116 -11.86 -21.00 32.81
C VAL D 116 -12.94 -22.04 32.56
N LEU D 117 -14.21 -21.60 32.56
CA LEU D 117 -15.30 -22.54 32.29
C LEU D 117 -15.29 -23.06 30.85
N ASP D 118 -14.84 -22.26 29.88
CA ASP D 118 -14.70 -22.82 28.54
C ASP D 118 -13.63 -23.90 28.50
N VAL D 119 -12.51 -23.69 29.19
CA VAL D 119 -11.48 -24.73 29.25
C VAL D 119 -12.04 -25.98 29.93
N VAL D 120 -12.76 -25.81 31.04
CA VAL D 120 -13.35 -26.94 31.74
C VAL D 120 -14.33 -27.67 30.84
N ARG D 121 -15.16 -26.93 30.10
CA ARG D 121 -16.14 -27.54 29.21
C ARG D 121 -15.45 -28.34 28.12
N LYS D 122 -14.39 -27.78 27.53
CA LYS D 122 -13.66 -28.50 26.49
C LYS D 122 -13.07 -29.80 27.03
N GLU D 123 -12.45 -29.73 28.21
CA GLU D 123 -11.85 -30.94 28.77
C GLU D 123 -12.91 -31.97 29.13
N CYS D 124 -14.04 -31.53 29.67
CA CYS D 124 -15.13 -32.44 30.02
C CYS D 124 -15.69 -33.12 28.77
N GLU D 125 -15.83 -32.36 27.68
CA GLU D 125 -16.25 -32.99 26.42
C GLU D 125 -15.20 -33.99 25.95
N ASN D 126 -13.92 -33.68 26.14
CA ASN D 126 -12.85 -34.55 25.64
C ASN D 126 -12.70 -35.83 26.45
N CYS D 127 -13.02 -35.80 27.75
CA CYS D 127 -12.79 -36.97 28.57
C CYS D 127 -13.83 -38.05 28.27
N ASP D 128 -13.48 -39.29 28.64
CA ASP D 128 -14.32 -40.43 28.29
C ASP D 128 -15.55 -40.52 29.19
N CYS D 129 -15.34 -40.71 30.50
CA CYS D 129 -16.43 -40.74 31.47
C CYS D 129 -15.93 -40.05 32.73
N LEU D 130 -16.28 -38.77 32.87
CA LEU D 130 -15.75 -37.94 33.94
C LEU D 130 -16.14 -38.50 35.30
N GLN D 131 -15.19 -38.48 36.24
CA GLN D 131 -15.44 -38.93 37.60
C GLN D 131 -15.81 -37.76 38.50
N GLY D 132 -14.97 -36.75 38.57
CA GLY D 132 -15.21 -35.63 39.46
C GLY D 132 -14.08 -34.62 39.36
N PHE D 133 -14.21 -33.58 40.19
CA PHE D 133 -13.27 -32.47 40.22
C PHE D 133 -12.60 -32.40 41.59
N GLN D 134 -11.34 -31.97 41.60
CA GLN D 134 -10.64 -31.65 42.83
C GLN D 134 -9.95 -30.29 42.69
N LEU D 135 -10.17 -29.43 43.68
CA LEU D 135 -9.61 -28.08 43.69
C LEU D 135 -8.62 -27.95 44.84
N THR D 136 -7.47 -27.36 44.56
CA THR D 136 -6.46 -27.03 45.57
C THR D 136 -6.36 -25.51 45.66
N HIS D 137 -6.74 -24.96 46.80
CA HIS D 137 -6.73 -23.52 47.01
C HIS D 137 -6.58 -23.25 48.50
N SER D 138 -6.68 -21.97 48.88
CA SER D 138 -6.63 -21.56 50.27
C SER D 138 -7.76 -20.58 50.56
N LEU D 139 -8.09 -20.45 51.83
CA LEU D 139 -9.17 -19.57 52.28
C LEU D 139 -8.65 -18.29 52.89
N GLY D 140 -7.34 -18.04 52.84
CA GLY D 140 -6.79 -16.82 53.41
C GLY D 140 -6.70 -15.69 52.42
N GLY D 141 -6.08 -15.94 51.27
CA GLY D 141 -5.99 -14.92 50.26
C GLY D 141 -7.30 -14.70 49.53
N GLY D 142 -7.47 -13.49 49.00
CA GLY D 142 -8.67 -13.19 48.24
C GLY D 142 -8.77 -13.97 46.94
N THR D 143 -7.65 -14.06 46.21
CA THR D 143 -7.66 -14.71 44.91
C THR D 143 -8.15 -16.15 45.01
N GLY D 144 -7.41 -16.99 45.74
CA GLY D 144 -7.76 -18.39 45.82
C GLY D 144 -9.15 -18.61 46.35
N SER D 145 -9.48 -17.95 47.47
CA SER D 145 -10.79 -18.14 48.10
C SER D 145 -11.92 -17.77 47.16
N GLY D 146 -11.94 -16.51 46.70
CA GLY D 146 -13.05 -16.06 45.86
C GLY D 146 -13.14 -16.80 44.55
N MET D 147 -12.00 -16.96 43.86
CA MET D 147 -12.02 -17.64 42.59
C MET D 147 -12.46 -19.09 42.73
N GLY D 148 -11.98 -19.79 43.76
CA GLY D 148 -12.39 -21.16 43.96
C GLY D 148 -13.88 -21.28 44.27
N THR D 149 -14.40 -20.39 45.12
CA THR D 149 -15.82 -20.43 45.42
C THR D 149 -16.64 -20.23 44.14
N LEU D 150 -16.28 -19.21 43.35
CA LEU D 150 -17.02 -18.93 42.13
C LEU D 150 -16.95 -20.12 41.16
N LEU D 151 -15.75 -20.65 40.95
CA LEU D 151 -15.59 -21.75 40.01
C LEU D 151 -16.36 -22.98 40.45
N ILE D 152 -16.31 -23.31 41.74
CA ILE D 152 -17.05 -24.47 42.23
C ILE D 152 -18.54 -24.28 42.05
N SER D 153 -19.04 -23.07 42.35
CA SER D 153 -20.46 -22.80 42.15
C SER D 153 -20.86 -23.02 40.69
N LYS D 154 -20.12 -22.40 39.77
CA LYS D 154 -20.48 -22.53 38.36
C LYS D 154 -20.36 -23.97 37.86
N VAL D 155 -19.31 -24.68 38.28
CA VAL D 155 -19.12 -26.06 37.82
C VAL D 155 -20.25 -26.96 38.31
N ARG D 156 -20.59 -26.86 39.61
CA ARG D 156 -21.69 -27.68 40.11
C ARG D 156 -23.02 -27.31 39.46
N GLU D 157 -23.22 -26.03 39.14
CA GLU D 157 -24.42 -25.68 38.39
C GLU D 157 -24.37 -26.20 36.96
N GLU D 158 -23.17 -26.48 36.44
CA GLU D 158 -23.04 -27.10 35.12
C GLU D 158 -23.04 -28.62 35.19
N TYR D 159 -22.67 -29.20 36.34
CA TYR D 159 -22.62 -30.65 36.50
C TYR D 159 -23.14 -30.98 37.89
N PRO D 160 -24.42 -31.34 38.03
CA PRO D 160 -24.99 -31.52 39.37
C PRO D 160 -24.53 -32.78 40.07
N ASP D 161 -24.46 -33.91 39.36
CA ASP D 161 -24.23 -35.20 40.00
C ASP D 161 -22.75 -35.56 40.14
N ARG D 162 -21.84 -34.73 39.61
CA ARG D 162 -20.43 -34.99 39.80
C ARG D 162 -20.01 -34.63 41.23
N ILE D 163 -18.84 -35.11 41.61
CA ILE D 163 -18.30 -34.84 42.94
C ILE D 163 -17.11 -33.89 42.80
N MET D 164 -16.94 -33.03 43.81
CA MET D 164 -15.93 -31.98 43.79
C MET D 164 -15.22 -31.95 45.13
N ASN D 165 -13.90 -32.09 45.10
CA ASN D 165 -13.08 -32.06 46.29
C ASN D 165 -12.34 -30.73 46.37
N THR D 166 -12.19 -30.22 47.58
CA THR D 166 -11.45 -28.99 47.83
C THR D 166 -10.46 -29.25 48.95
N PHE D 167 -9.20 -28.88 48.73
CA PHE D 167 -8.15 -29.06 49.73
C PHE D 167 -7.72 -27.65 50.15
N SER D 168 -8.47 -27.06 51.08
CA SER D 168 -8.36 -25.66 51.39
C SER D 168 -7.51 -25.45 52.64
N VAL D 169 -6.50 -24.59 52.52
CA VAL D 169 -5.67 -24.25 53.67
C VAL D 169 -6.46 -23.34 54.61
N VAL D 170 -6.65 -23.80 55.83
CA VAL D 170 -7.44 -23.05 56.83
C VAL D 170 -6.46 -22.23 57.68
N PRO D 171 -6.79 -20.98 58.00
CA PRO D 171 -5.84 -20.14 58.74
C PRO D 171 -5.52 -20.72 60.11
N SER D 172 -4.28 -20.48 60.55
CA SER D 172 -3.79 -21.00 61.81
C SER D 172 -4.46 -20.29 62.98
N PRO D 173 -4.60 -20.98 64.12
CA PRO D 173 -5.19 -20.32 65.29
C PRO D 173 -4.26 -19.32 65.95
N LYS D 174 -2.98 -19.68 66.12
CA LYS D 174 -2.05 -18.80 66.83
C LYS D 174 -1.79 -17.52 66.06
N VAL D 175 -1.39 -17.64 64.79
CA VAL D 175 -1.02 -16.50 63.98
C VAL D 175 -2.00 -16.37 62.83
N SER D 176 -2.07 -15.17 62.28
CA SER D 176 -2.78 -14.91 61.02
C SER D 176 -1.77 -14.41 60.01
N ASP D 177 -1.73 -15.07 58.85
CA ASP D 177 -0.82 -14.63 57.80
C ASP D 177 -1.32 -13.37 57.11
N THR D 178 -2.62 -13.14 57.13
CA THR D 178 -3.22 -11.90 56.64
C THR D 178 -3.97 -11.23 57.78
N VAL D 179 -4.70 -10.16 57.46
CA VAL D 179 -5.39 -9.35 58.46
C VAL D 179 -6.90 -9.52 58.40
N VAL D 180 -7.47 -9.69 57.21
CA VAL D 180 -8.91 -9.73 57.05
C VAL D 180 -9.36 -11.14 56.67
N GLU D 181 -8.58 -12.14 57.05
CA GLU D 181 -8.90 -13.53 56.71
C GLU D 181 -10.19 -14.06 57.34
N PRO D 182 -10.69 -13.54 58.48
CA PRO D 182 -12.01 -14.00 58.94
C PRO D 182 -13.14 -13.84 57.94
N TYR D 183 -13.28 -12.67 57.32
CA TYR D 183 -14.35 -12.49 56.33
C TYR D 183 -14.19 -13.46 55.18
N ASN D 184 -12.97 -13.55 54.64
CA ASN D 184 -12.74 -14.40 53.47
C ASN D 184 -13.02 -15.86 53.80
N ALA D 185 -12.54 -16.31 54.96
CA ALA D 185 -12.77 -17.69 55.38
C ALA D 185 -14.25 -17.95 55.61
N THR D 186 -14.97 -17.00 56.21
CA THR D 186 -16.39 -17.19 56.45
C THR D 186 -17.14 -17.34 55.14
N LEU D 187 -16.93 -16.42 54.20
CA LEU D 187 -17.63 -16.49 52.93
C LEU D 187 -17.26 -17.74 52.14
N SER D 188 -15.98 -18.11 52.15
CA SER D 188 -15.56 -19.30 51.41
C SER D 188 -16.13 -20.56 52.01
N ILE D 189 -16.14 -20.66 53.34
CA ILE D 189 -16.72 -21.83 54.01
C ILE D 189 -18.22 -21.89 53.75
N HIS D 190 -18.88 -20.74 53.71
CA HIS D 190 -20.29 -20.71 53.35
C HIS D 190 -20.51 -21.30 51.96
N GLN D 191 -19.72 -20.85 50.98
CA GLN D 191 -19.84 -21.39 49.63
C GLN D 191 -19.56 -22.89 49.62
N LEU D 192 -18.56 -23.34 50.36
CA LEU D 192 -18.21 -24.76 50.39
C LEU D 192 -19.33 -25.59 50.99
N VAL D 193 -19.94 -25.13 52.08
CA VAL D 193 -21.04 -25.90 52.67
C VAL D 193 -22.22 -25.94 51.72
N GLU D 194 -22.41 -24.89 50.90
CA GLU D 194 -23.47 -25.00 49.90
C GLU D 194 -23.14 -26.04 48.84
N ASN D 195 -21.93 -25.97 48.25
CA ASN D 195 -21.73 -26.65 46.98
C ASN D 195 -20.42 -27.44 46.94
N THR D 196 -20.11 -28.18 47.99
CA THR D 196 -19.00 -29.12 47.97
C THR D 196 -19.42 -30.43 48.62
N ASP D 197 -18.97 -31.55 48.03
CA ASP D 197 -19.30 -32.87 48.55
C ASP D 197 -18.32 -33.36 49.61
N GLU D 198 -17.14 -32.73 49.73
CA GLU D 198 -16.22 -32.93 50.84
C GLU D 198 -15.09 -31.93 50.70
N THR D 199 -14.45 -31.63 51.84
CA THR D 199 -13.33 -30.71 51.90
C THR D 199 -12.35 -31.24 52.94
N TYR D 200 -11.06 -31.02 52.72
CA TYR D 200 -10.02 -31.46 53.65
C TYR D 200 -9.38 -30.22 54.27
N CYS D 201 -9.71 -29.94 55.52
CA CYS D 201 -9.13 -28.78 56.19
C CYS D 201 -7.66 -29.03 56.46
N ILE D 202 -6.81 -28.06 56.10
CA ILE D 202 -5.37 -28.16 56.28
C ILE D 202 -4.88 -26.84 56.86
N ASP D 203 -3.96 -26.90 57.82
CA ASP D 203 -3.48 -25.72 58.50
C ASP D 203 -1.95 -25.68 58.46
N ASN D 204 -1.40 -24.49 58.25
CA ASN D 204 0.05 -24.32 58.23
C ASN D 204 0.67 -24.59 59.59
N GLU D 205 -0.03 -24.21 60.66
CA GLU D 205 0.51 -24.42 62.01
C GLU D 205 0.73 -25.91 62.29
N ALA D 206 -0.27 -26.73 61.98
CA ALA D 206 -0.15 -28.17 62.19
C ALA D 206 0.97 -28.76 61.34
N LEU D 207 1.08 -28.31 60.09
CA LEU D 207 2.13 -28.81 59.22
C LEU D 207 3.52 -28.44 59.76
N TYR D 208 3.66 -27.20 60.24
CA TYR D 208 4.92 -26.79 60.86
C TYR D 208 5.24 -27.65 62.06
N ASP D 209 4.25 -27.90 62.91
CA ASP D 209 4.47 -28.72 64.09
C ASP D 209 4.89 -30.14 63.72
N ILE D 210 4.23 -30.72 62.72
CA ILE D 210 4.58 -32.08 62.29
C ILE D 210 5.99 -32.12 61.73
N CYS D 211 6.35 -31.14 60.90
CA CYS D 211 7.69 -31.11 60.31
C CYS D 211 8.76 -30.94 61.39
N PHE D 212 8.50 -30.09 62.38
CA PHE D 212 9.51 -29.84 63.40
C PHE D 212 9.65 -31.03 64.35
N ARG D 213 8.53 -31.60 64.80
CA ARG D 213 8.60 -32.68 65.79
C ARG D 213 8.88 -34.02 65.13
N THR D 214 7.97 -34.49 64.27
CA THR D 214 8.09 -35.83 63.72
C THR D 214 9.21 -35.93 62.68
N LEU D 215 9.25 -34.99 61.74
CA LEU D 215 10.25 -35.03 60.69
C LEU D 215 11.63 -34.56 61.15
N LYS D 216 11.70 -33.88 62.30
CA LYS D 216 12.96 -33.37 62.84
C LYS D 216 13.66 -32.45 61.85
N LEU D 217 12.87 -31.65 61.14
CA LEU D 217 13.40 -30.66 60.20
C LEU D 217 13.39 -29.29 60.88
N ALA D 218 14.58 -28.77 61.19
CA ALA D 218 14.67 -27.47 61.84
C ALA D 218 14.42 -26.32 60.88
N THR D 219 14.58 -26.54 59.58
CA THR D 219 14.40 -25.50 58.56
C THR D 219 13.43 -25.98 57.48
N PRO D 220 12.14 -26.09 57.81
CA PRO D 220 11.15 -26.60 56.85
C PRO D 220 10.68 -25.50 55.91
N THR D 221 11.05 -25.61 54.64
CA THR D 221 10.54 -24.71 53.62
C THR D 221 9.15 -25.14 53.17
N TYR D 222 8.48 -24.26 52.43
CA TYR D 222 7.20 -24.60 51.81
C TYR D 222 7.29 -25.82 50.91
N GLY D 223 8.48 -26.12 50.38
CA GLY D 223 8.62 -27.31 49.57
C GLY D 223 8.20 -28.56 50.32
N ASP D 224 8.63 -28.68 51.58
CA ASP D 224 8.30 -29.88 52.34
C ASP D 224 6.81 -29.93 52.71
N LEU D 225 6.23 -28.81 53.12
CA LEU D 225 4.81 -28.79 53.45
C LEU D 225 3.96 -29.16 52.26
N ASN D 226 4.25 -28.55 51.09
CA ASN D 226 3.55 -28.94 49.88
C ASN D 226 3.81 -30.38 49.52
N HIS D 227 5.00 -30.90 49.85
CA HIS D 227 5.27 -32.32 49.57
C HIS D 227 4.36 -33.22 50.39
N LEU D 228 4.17 -32.90 51.69
CA LEU D 228 3.25 -33.68 52.51
C LEU D 228 1.82 -33.56 52.01
N VAL D 229 1.40 -32.35 51.62
CA VAL D 229 0.04 -32.20 51.09
C VAL D 229 -0.14 -33.02 49.82
N SER D 230 0.86 -33.00 48.94
CA SER D 230 0.80 -33.78 47.71
C SER D 230 0.79 -35.28 48.00
N ALA D 231 1.58 -35.71 48.99
CA ALA D 231 1.58 -37.12 49.37
C ALA D 231 0.21 -37.55 49.87
N THR D 232 -0.44 -36.69 50.67
CA THR D 232 -1.81 -36.97 51.10
C THR D 232 -2.76 -37.06 49.90
N MET D 233 -2.61 -36.14 48.95
CA MET D 233 -3.42 -36.18 47.72
C MET D 233 -3.26 -37.52 47.02
N SER D 234 -2.00 -37.93 46.79
CA SER D 234 -1.73 -39.16 46.08
C SER D 234 -2.24 -40.37 46.85
N GLY D 235 -2.09 -40.36 48.17
CA GLY D 235 -2.59 -41.47 48.97
C GLY D 235 -4.09 -41.59 48.93
N VAL D 236 -4.79 -40.45 48.89
CA VAL D 236 -6.25 -40.50 48.73
C VAL D 236 -6.62 -41.07 47.37
N THR D 237 -5.95 -40.61 46.31
CA THR D 237 -6.35 -40.97 44.96
C THR D 237 -5.85 -42.35 44.51
N THR D 238 -4.88 -42.94 45.21
CA THR D 238 -4.23 -44.15 44.72
C THR D 238 -5.18 -45.33 44.56
N SER D 239 -6.30 -45.35 45.28
CA SER D 239 -7.21 -46.49 45.18
C SER D 239 -7.90 -46.59 43.82
N LEU D 240 -7.82 -45.54 43.01
CA LEU D 240 -8.50 -45.49 41.72
C LEU D 240 -7.57 -45.78 40.54
N ARG D 241 -6.29 -45.41 40.64
CA ARG D 241 -5.36 -45.46 39.53
C ARG D 241 -4.57 -46.76 39.47
N PHE D 242 -4.77 -47.66 40.42
CA PHE D 242 -4.03 -48.91 40.48
C PHE D 242 -4.94 -49.97 41.08
N PRO D 243 -4.67 -51.25 40.83
CA PRO D 243 -5.52 -52.30 41.42
C PRO D 243 -5.35 -52.37 42.92
N GLY D 244 -6.23 -53.15 43.54
CA GLY D 244 -6.11 -53.42 44.95
C GLY D 244 -6.89 -54.65 45.33
N GLN D 245 -6.41 -55.32 46.38
CA GLN D 245 -7.18 -56.42 46.96
C GLN D 245 -8.45 -55.92 47.63
N LEU D 246 -8.58 -54.61 47.83
CA LEU D 246 -9.87 -53.97 48.15
C LEU D 246 -9.88 -52.59 47.48
N ASN D 247 -10.45 -52.52 46.28
CA ASN D 247 -10.48 -51.28 45.52
C ASN D 247 -11.45 -50.28 46.12
N ALA D 248 -11.10 -49.00 46.01
CA ALA D 248 -11.99 -47.91 46.37
C ALA D 248 -11.80 -46.77 45.38
N ASP D 249 -12.63 -45.74 45.53
CA ASP D 249 -12.47 -44.51 44.78
C ASP D 249 -13.00 -43.35 45.62
N LEU D 250 -13.06 -42.16 45.02
CA LEU D 250 -13.56 -41.01 45.73
C LEU D 250 -15.05 -41.14 46.06
N ARG D 251 -15.81 -41.83 45.20
CA ARG D 251 -17.22 -42.04 45.49
C ARG D 251 -17.42 -42.86 46.76
N LYS D 252 -16.66 -43.94 46.92
CA LYS D 252 -16.81 -44.80 48.10
C LYS D 252 -16.48 -44.02 49.36
N LEU D 253 -15.39 -43.26 49.32
CA LEU D 253 -14.98 -42.47 50.48
C LEU D 253 -16.01 -41.39 50.80
N ALA D 254 -16.54 -40.73 49.77
CA ALA D 254 -17.56 -39.71 49.99
C ALA D 254 -18.81 -40.30 50.61
N VAL D 255 -19.24 -41.46 50.13
CA VAL D 255 -20.43 -42.09 50.68
C VAL D 255 -20.21 -42.52 52.12
N ASN D 256 -19.06 -43.12 52.42
CA ASN D 256 -18.83 -43.65 53.77
C ASN D 256 -18.58 -42.55 54.79
N MET D 257 -17.88 -41.49 54.39
CA MET D 257 -17.41 -40.46 55.30
C MET D 257 -18.41 -39.31 55.50
N VAL D 258 -19.51 -39.29 54.76
CA VAL D 258 -20.48 -38.20 54.85
C VAL D 258 -21.84 -38.74 55.27
N PRO D 259 -22.17 -38.73 56.57
CA PRO D 259 -23.51 -39.19 56.99
C PRO D 259 -24.59 -38.13 56.82
N PHE D 260 -24.24 -36.85 56.71
CA PHE D 260 -25.20 -35.78 56.53
C PHE D 260 -24.62 -34.80 55.52
N PRO D 261 -25.45 -34.28 54.60
CA PRO D 261 -24.89 -33.55 53.45
C PRO D 261 -24.03 -32.35 53.83
N ARG D 262 -24.42 -31.62 54.88
CA ARG D 262 -23.64 -30.45 55.27
C ARG D 262 -22.29 -30.85 55.86
N LEU D 263 -22.27 -31.90 56.68
CA LEU D 263 -21.04 -32.33 57.35
C LEU D 263 -20.11 -33.02 56.38
N HIS D 264 -19.24 -32.26 55.72
CA HIS D 264 -18.28 -32.81 54.76
C HIS D 264 -16.94 -32.11 54.90
N PHE D 265 -16.51 -31.88 56.14
CA PHE D 265 -15.24 -31.23 56.44
C PHE D 265 -14.37 -32.20 57.22
N PHE D 266 -13.22 -32.55 56.66
CA PHE D 266 -12.46 -33.71 57.09
C PHE D 266 -11.06 -33.25 57.48
N MET D 267 -10.30 -34.16 58.10
CA MET D 267 -8.90 -33.87 58.39
C MET D 267 -7.99 -34.93 57.76
N PRO D 268 -6.92 -34.52 57.10
CA PRO D 268 -5.99 -35.48 56.50
C PRO D 268 -4.88 -35.90 57.44
N GLY D 269 -4.28 -37.04 57.11
CA GLY D 269 -3.12 -37.53 57.84
C GLY D 269 -2.32 -38.48 56.97
N PHE D 270 -1.02 -38.57 57.26
CA PHE D 270 -0.12 -39.38 56.47
C PHE D 270 0.78 -40.20 57.37
N ALA D 271 1.25 -41.35 56.84
CA ALA D 271 2.15 -42.25 57.53
C ALA D 271 2.80 -43.19 56.53
N PRO D 272 4.05 -43.64 56.75
CA PRO D 272 4.92 -43.27 57.87
C PRO D 272 5.65 -41.96 57.66
N LEU D 273 6.05 -41.31 58.76
CA LEU D 273 6.84 -40.10 58.73
C LEU D 273 7.99 -40.26 59.71
N THR D 274 9.22 -40.27 59.20
CA THR D 274 10.39 -40.46 60.03
C THR D 274 11.48 -39.48 59.61
N ALA D 275 12.36 -39.17 60.55
CA ALA D 275 13.49 -38.30 60.26
C ALA D 275 14.47 -39.02 59.32
N ARG D 276 15.46 -38.26 58.85
CA ARG D 276 16.42 -38.80 57.89
C ARG D 276 17.22 -39.94 58.50
N GLY D 277 17.65 -39.80 59.75
CA GLY D 277 18.47 -40.80 60.39
C GLY D 277 17.68 -41.90 61.09
N SER D 278 16.48 -41.58 61.54
CA SER D 278 15.66 -42.50 62.32
C SER D 278 14.81 -43.43 61.46
N GLN D 279 15.15 -43.63 60.19
CA GLN D 279 14.33 -44.44 59.30
C GLN D 279 14.61 -45.93 59.44
N GLN D 280 15.87 -46.32 59.60
CA GLN D 280 16.21 -47.74 59.68
C GLN D 280 16.05 -48.32 61.07
N TYR D 281 15.80 -47.49 62.09
CA TYR D 281 15.61 -47.98 63.45
C TYR D 281 14.20 -48.44 63.74
N ARG D 282 13.30 -48.46 62.75
CA ARG D 282 11.90 -48.81 62.98
C ARG D 282 11.44 -49.72 61.86
N ALA D 283 10.73 -50.79 62.24
CA ALA D 283 10.16 -51.71 61.28
C ALA D 283 8.82 -51.17 60.79
N LEU D 284 8.63 -51.19 59.47
CA LEU D 284 7.39 -50.68 58.88
C LEU D 284 6.39 -51.82 58.78
N THR D 285 5.61 -51.97 59.84
CA THR D 285 4.53 -52.94 59.92
C THR D 285 3.20 -52.19 60.02
N VAL D 286 2.13 -52.87 59.61
CA VAL D 286 0.78 -52.30 59.61
C VAL D 286 0.41 -51.71 60.97
N PRO D 287 0.59 -52.42 62.11
CA PRO D 287 0.24 -51.79 63.38
C PRO D 287 0.98 -50.51 63.66
N GLU D 288 2.26 -50.43 63.27
CA GLU D 288 3.05 -49.22 63.51
C GLU D 288 2.41 -48.02 62.83
N LEU D 289 2.04 -48.17 61.56
CA LEU D 289 1.26 -47.14 60.88
C LEU D 289 -0.02 -46.86 61.64
N THR D 290 -0.64 -47.90 62.19
CA THR D 290 -1.92 -47.71 62.87
C THR D 290 -1.79 -46.78 64.09
N GLN D 291 -0.82 -47.03 64.98
CA GLN D 291 -0.74 -46.08 66.10
C GLN D 291 -0.08 -44.77 65.69
N GLN D 292 0.61 -44.73 64.55
CA GLN D 292 1.14 -43.44 64.11
C GLN D 292 0.02 -42.53 63.64
N MET D 293 -1.02 -43.09 63.03
CA MET D 293 -2.11 -42.28 62.49
C MET D 293 -2.94 -41.63 63.60
N PHE D 294 -3.51 -42.46 64.48
CA PHE D 294 -4.48 -42.00 65.47
C PHE D 294 -3.76 -41.29 66.62
N ASP D 295 -3.37 -40.05 66.36
CA ASP D 295 -2.84 -39.14 67.37
C ASP D 295 -2.84 -37.72 66.80
N ALA D 296 -2.78 -36.75 67.70
CA ALA D 296 -2.89 -35.35 67.30
C ALA D 296 -1.67 -34.89 66.51
N LYS D 297 -0.48 -35.35 66.91
CA LYS D 297 0.75 -34.84 66.30
C LYS D 297 0.90 -35.24 64.84
N ASN D 298 0.07 -36.15 64.34
CA ASN D 298 0.10 -36.53 62.93
C ASN D 298 -1.17 -36.03 62.22
N MET D 299 -1.92 -35.14 62.85
CA MET D 299 -3.12 -34.57 62.27
C MET D 299 -2.81 -33.19 61.72
N MET D 300 -3.12 -32.98 60.45
CA MET D 300 -2.80 -31.74 59.74
C MET D 300 -3.77 -30.60 60.03
N ALA D 301 -4.73 -30.81 60.93
CA ALA D 301 -5.66 -29.76 61.33
C ALA D 301 -5.36 -29.33 62.76
N ALA D 302 -5.49 -28.03 63.01
CA ALA D 302 -5.15 -27.45 64.32
C ALA D 302 -6.35 -27.53 65.27
N CYS D 303 -6.67 -28.76 65.66
CA CYS D 303 -7.72 -29.01 66.65
C CYS D 303 -7.48 -30.41 67.20
N ASP D 304 -7.36 -30.52 68.52
CA ASP D 304 -7.07 -31.81 69.12
C ASP D 304 -8.30 -32.72 69.01
N PRO D 305 -8.18 -33.87 68.35
CA PRO D 305 -9.34 -34.74 68.18
C PRO D 305 -9.93 -35.25 69.49
N ARG D 306 -9.10 -35.42 70.53
CA ARG D 306 -9.64 -35.87 71.80
C ARG D 306 -10.56 -34.85 72.47
N HIS D 307 -10.55 -33.59 72.02
CA HIS D 307 -11.57 -32.66 72.49
C HIS D 307 -12.96 -33.02 72.01
N GLY D 308 -13.06 -33.84 70.95
CA GLY D 308 -14.36 -34.18 70.41
C GLY D 308 -14.56 -35.66 70.17
N ARG D 309 -15.40 -36.00 69.20
CA ARG D 309 -15.76 -37.37 68.90
C ARG D 309 -15.43 -37.70 67.45
N TYR D 310 -15.06 -38.95 67.20
CA TYR D 310 -14.85 -39.44 65.85
C TYR D 310 -16.18 -39.90 65.28
N LEU D 311 -16.59 -39.29 64.16
CA LEU D 311 -17.82 -39.74 63.51
C LEU D 311 -17.53 -40.87 62.53
N THR D 312 -16.66 -40.63 61.55
CA THR D 312 -16.22 -41.66 60.62
C THR D 312 -14.74 -41.49 60.31
N VAL D 313 -14.10 -42.56 59.86
CA VAL D 313 -12.67 -42.57 59.59
C VAL D 313 -12.38 -43.45 58.36
N ALA D 314 -11.78 -42.86 57.34
CA ALA D 314 -11.29 -43.58 56.18
C ALA D 314 -9.80 -43.87 56.31
N THR D 315 -9.40 -45.07 55.94
CA THR D 315 -8.02 -45.53 56.04
C THR D 315 -7.63 -46.20 54.73
N VAL D 316 -6.72 -45.56 53.98
CA VAL D 316 -6.22 -46.10 52.72
C VAL D 316 -4.81 -46.62 52.95
N PHE D 317 -4.51 -47.79 52.41
CA PHE D 317 -3.20 -48.40 52.51
C PHE D 317 -2.63 -48.67 51.12
N ARG D 318 -1.30 -48.69 51.06
CA ARG D 318 -0.59 -49.01 49.83
C ARG D 318 0.58 -49.91 50.17
N GLY D 319 0.76 -50.97 49.40
CA GLY D 319 1.85 -51.90 49.65
C GLY D 319 1.35 -53.28 50.04
N ARG D 320 2.20 -54.28 49.82
CA ARG D 320 1.91 -55.67 50.18
C ARG D 320 1.72 -55.87 51.67
N MET D 321 0.49 -56.17 52.08
CA MET D 321 0.14 -56.38 53.47
C MET D 321 -0.90 -57.48 53.55
N SER D 322 -1.02 -58.08 54.73
CA SER D 322 -2.08 -59.04 55.00
C SER D 322 -3.32 -58.31 55.51
N MET D 323 -4.46 -58.58 54.87
CA MET D 323 -5.71 -57.93 55.27
C MET D 323 -6.14 -58.30 56.67
N LYS D 324 -5.83 -59.51 57.13
CA LYS D 324 -6.18 -59.88 58.49
C LYS D 324 -5.49 -58.95 59.48
N GLU D 325 -4.21 -58.64 59.25
CA GLU D 325 -3.48 -57.78 60.16
C GLU D 325 -4.07 -56.38 60.16
N VAL D 326 -4.43 -55.86 59.00
CA VAL D 326 -5.06 -54.54 58.90
C VAL D 326 -6.37 -54.52 59.68
N ASP D 327 -7.21 -55.54 59.46
CA ASP D 327 -8.50 -55.60 60.10
C ASP D 327 -8.37 -55.76 61.61
N GLU D 328 -7.40 -56.55 62.05
CA GLU D 328 -7.14 -56.69 63.48
C GLU D 328 -6.67 -55.37 64.08
N GLN D 329 -5.87 -54.61 63.34
CA GLN D 329 -5.43 -53.30 63.83
C GLN D 329 -6.61 -52.35 63.95
N MET D 330 -7.54 -52.41 62.99
CA MET D 330 -8.79 -51.65 63.13
C MET D 330 -9.57 -52.10 64.36
N LEU D 331 -9.65 -53.41 64.59
CA LEU D 331 -10.24 -53.90 65.84
C LEU D 331 -9.61 -53.25 67.06
N ALA D 332 -8.28 -53.27 67.14
CA ALA D 332 -7.59 -52.73 68.30
C ALA D 332 -7.89 -51.24 68.46
N ILE D 333 -7.71 -50.46 67.38
CA ILE D 333 -7.81 -49.02 67.51
C ILE D 333 -9.23 -48.58 67.80
N GLN D 334 -10.23 -49.27 67.24
CA GLN D 334 -11.61 -48.89 67.51
C GLN D 334 -12.04 -49.34 68.90
N SER D 335 -11.66 -50.55 69.30
CA SER D 335 -12.10 -51.08 70.59
C SER D 335 -11.49 -50.30 71.75
N LYS D 336 -10.18 -50.04 71.70
CA LYS D 336 -9.55 -49.40 72.85
C LYS D 336 -9.86 -47.90 72.94
N ASN D 337 -10.50 -47.33 71.93
CA ASN D 337 -10.86 -45.92 71.91
C ASN D 337 -12.36 -45.74 71.75
N SER D 338 -13.13 -46.63 72.37
CA SER D 338 -14.58 -46.65 72.19
C SER D 338 -15.26 -45.36 72.62
N SER D 339 -14.64 -44.60 73.53
CA SER D 339 -15.22 -43.32 73.93
C SER D 339 -15.21 -42.30 72.80
N TYR D 340 -14.21 -42.39 71.93
CA TYR D 340 -13.96 -41.34 70.95
C TYR D 340 -14.76 -41.50 69.66
N PHE D 341 -15.40 -42.65 69.45
CA PHE D 341 -16.19 -42.89 68.26
C PHE D 341 -17.67 -42.87 68.59
N VAL D 342 -18.48 -42.44 67.61
CA VAL D 342 -19.92 -42.34 67.79
C VAL D 342 -20.51 -43.72 68.02
N GLU D 343 -21.39 -43.83 69.01
CA GLU D 343 -22.01 -45.11 69.34
C GLU D 343 -23.09 -45.51 68.34
N TRP D 344 -23.88 -44.56 67.87
CA TRP D 344 -24.91 -44.84 66.89
C TRP D 344 -24.38 -44.97 65.47
N ILE D 345 -23.07 -45.11 65.31
CA ILE D 345 -22.45 -45.54 64.05
C ILE D 345 -21.55 -46.73 64.36
N PRO D 346 -22.10 -47.94 64.49
CA PRO D 346 -21.23 -49.11 64.65
C PRO D 346 -20.40 -49.35 63.41
N ASN D 347 -19.14 -49.74 63.63
CA ASN D 347 -18.17 -49.99 62.56
C ASN D 347 -18.04 -48.76 61.66
N ASN D 348 -17.54 -47.69 62.27
CA ASN D 348 -17.41 -46.39 61.63
C ASN D 348 -16.06 -46.21 60.95
N VAL D 349 -15.46 -47.28 60.47
CA VAL D 349 -14.16 -47.23 59.79
C VAL D 349 -14.29 -47.82 58.40
N LYS D 350 -13.90 -47.04 57.40
CA LYS D 350 -13.78 -47.50 56.02
C LYS D 350 -12.31 -47.84 55.76
N VAL D 351 -12.08 -48.97 55.09
CA VAL D 351 -10.75 -49.46 54.81
C VAL D 351 -10.63 -49.69 53.31
N ALA D 352 -9.55 -49.17 52.71
CA ALA D 352 -9.23 -49.40 51.31
C ALA D 352 -7.76 -49.74 51.18
N VAL D 353 -7.42 -50.62 50.23
CA VAL D 353 -6.04 -51.07 50.05
C VAL D 353 -5.73 -51.12 48.56
N CYS D 354 -4.60 -50.51 48.18
CA CYS D 354 -4.08 -50.56 46.82
C CYS D 354 -2.94 -51.58 46.74
N ASP D 355 -2.26 -51.63 45.59
CA ASP D 355 -1.15 -52.55 45.41
C ASP D 355 0.21 -51.87 45.23
N ILE D 356 0.25 -50.60 44.89
CA ILE D 356 1.50 -49.92 44.55
C ILE D 356 1.92 -49.06 45.74
N PRO D 357 3.07 -49.32 46.36
CA PRO D 357 3.56 -48.41 47.40
C PRO D 357 3.99 -47.09 46.79
N PRO D 358 4.14 -46.04 47.60
CA PRO D 358 4.57 -44.78 47.00
C PRO D 358 6.06 -44.41 46.78
N ARG D 359 6.90 -45.34 46.27
CA ARG D 359 8.36 -45.14 45.99
C ARG D 359 9.35 -45.23 47.17
N GLY D 360 10.56 -45.75 47.00
CA GLY D 360 11.40 -45.88 48.19
C GLY D 360 10.83 -46.51 49.44
N LEU D 361 9.56 -46.27 49.72
CA LEU D 361 8.91 -46.83 50.89
C LEU D 361 8.24 -48.15 50.55
N LYS D 362 8.39 -49.12 51.45
CA LYS D 362 7.81 -50.44 51.20
C LYS D 362 6.29 -50.40 51.23
N MET D 363 5.71 -49.64 52.15
CA MET D 363 4.27 -49.46 52.19
C MET D 363 3.95 -48.19 52.97
N SER D 364 2.74 -47.67 52.77
CA SER D 364 2.35 -46.43 53.43
C SER D 364 0.83 -46.40 53.58
N SER D 365 0.34 -45.30 54.15
CA SER D 365 -1.06 -45.15 54.47
C SER D 365 -1.52 -43.73 54.16
N THR D 366 -2.80 -43.50 54.42
CA THR D 366 -3.44 -42.19 54.28
C THR D 366 -4.70 -42.21 55.12
N PHE D 367 -4.90 -41.13 55.87
CA PHE D 367 -5.95 -41.06 56.88
C PHE D 367 -6.89 -39.91 56.56
N ILE D 368 -8.18 -40.19 56.56
CA ILE D 368 -9.22 -39.18 56.43
C ILE D 368 -10.09 -39.28 57.67
N GLY D 369 -10.26 -38.17 58.38
CA GLY D 369 -11.05 -38.22 59.59
C GLY D 369 -12.19 -37.24 59.61
N ASN D 370 -13.43 -37.75 59.64
CA ASN D 370 -14.61 -36.92 59.85
C ASN D 370 -14.92 -36.97 61.34
N SER D 371 -14.44 -35.96 62.05
CA SER D 371 -14.64 -35.83 63.48
C SER D 371 -15.16 -34.42 63.76
N THR D 372 -15.86 -34.28 64.88
CA THR D 372 -16.52 -33.02 65.19
C THR D 372 -15.58 -31.98 65.78
N ALA D 373 -14.35 -32.35 66.14
CA ALA D 373 -13.46 -31.41 66.82
C ALA D 373 -13.25 -30.15 66.00
N ILE D 374 -13.21 -30.27 64.68
CA ILE D 374 -12.98 -29.13 63.81
C ILE D 374 -13.96 -28.00 64.05
N GLN D 375 -15.10 -28.28 64.70
CA GLN D 375 -16.08 -27.21 64.93
C GLN D 375 -15.48 -26.09 65.76
N GLU D 376 -14.56 -26.42 66.68
CA GLU D 376 -13.87 -25.37 67.43
C GLU D 376 -13.26 -24.35 66.48
N LEU D 377 -12.53 -24.84 65.47
CA LEU D 377 -12.02 -24.00 64.39
C LEU D 377 -13.07 -22.98 63.97
N PHE D 378 -14.23 -23.49 63.50
CA PHE D 378 -15.28 -22.60 63.05
C PHE D 378 -15.63 -21.57 64.11
N LYS D 379 -15.86 -22.02 65.35
CA LYS D 379 -16.21 -21.09 66.41
C LYS D 379 -15.21 -19.96 66.47
N ARG D 380 -13.92 -20.31 66.50
CA ARG D 380 -12.89 -19.28 66.60
C ARG D 380 -13.06 -18.26 65.49
N ILE D 381 -13.14 -18.73 64.25
CA ILE D 381 -13.30 -17.79 63.13
C ILE D 381 -14.57 -16.98 63.33
N SER D 382 -15.67 -17.66 63.69
CA SER D 382 -16.91 -16.96 63.91
C SER D 382 -16.72 -15.83 64.92
N GLU D 383 -16.07 -16.14 66.05
CA GLU D 383 -15.84 -15.12 67.05
C GLU D 383 -15.04 -13.97 66.44
N GLN D 384 -13.93 -14.31 65.77
CA GLN D 384 -13.13 -13.26 65.14
C GLN D 384 -13.97 -12.48 64.14
N PHE D 385 -14.83 -13.17 63.39
CA PHE D 385 -15.71 -12.48 62.47
C PHE D 385 -16.53 -11.43 63.21
N THR D 386 -17.20 -11.85 64.29
CA THR D 386 -17.95 -10.90 65.09
C THR D 386 -17.05 -9.80 65.61
N ALA D 387 -15.85 -10.18 66.06
CA ALA D 387 -14.92 -9.20 66.61
C ALA D 387 -14.61 -8.09 65.62
N MET D 388 -14.67 -8.40 64.33
CA MET D 388 -14.43 -7.37 63.32
C MET D 388 -15.68 -6.96 62.56
N PHE D 389 -16.84 -7.53 62.89
CA PHE D 389 -18.09 -7.15 62.24
C PHE D 389 -18.94 -6.22 63.08
N ARG D 390 -18.76 -6.23 64.40
CA ARG D 390 -19.51 -5.34 65.27
C ARG D 390 -19.15 -3.87 65.03
N ARG D 391 -17.87 -3.58 64.80
CA ARG D 391 -17.42 -2.22 64.56
C ARG D 391 -17.20 -1.91 63.09
N LYS D 392 -17.56 -2.83 62.19
CA LYS D 392 -17.51 -2.60 60.75
C LYS D 392 -16.08 -2.29 60.29
N ALA D 393 -15.17 -3.20 60.63
CA ALA D 393 -13.76 -3.04 60.29
C ALA D 393 -13.45 -3.63 58.93
N PHE D 394 -12.89 -2.81 58.04
CA PHE D 394 -12.54 -3.18 56.66
C PHE D 394 -13.75 -3.54 55.81
N LEU D 395 -14.98 -3.38 56.32
CA LEU D 395 -16.13 -3.74 55.51
C LEU D 395 -16.34 -2.80 54.33
N HIS D 396 -15.92 -1.53 54.45
CA HIS D 396 -16.16 -0.61 53.35
C HIS D 396 -15.43 -1.05 52.08
N TRP D 397 -14.39 -1.88 52.21
CA TRP D 397 -13.72 -2.42 51.03
C TRP D 397 -14.64 -3.34 50.25
N TYR D 398 -15.26 -4.30 50.93
CA TYR D 398 -16.18 -5.21 50.27
C TYR D 398 -17.50 -4.54 49.92
N THR D 399 -17.85 -3.46 50.63
CA THR D 399 -19.04 -2.69 50.29
C THR D 399 -18.82 -1.85 49.04
N GLY D 400 -17.59 -1.38 48.83
CA GLY D 400 -17.28 -0.65 47.62
C GLY D 400 -17.20 -1.50 46.37
N GLU D 401 -17.22 -2.83 46.53
CA GLU D 401 -17.30 -3.75 45.41
C GLU D 401 -18.70 -4.26 45.16
N GLY D 402 -19.69 -3.76 45.90
CA GLY D 402 -21.08 -4.10 45.68
C GLY D 402 -21.66 -5.06 46.69
N MET D 403 -20.84 -5.72 47.48
CA MET D 403 -21.38 -6.63 48.49
C MET D 403 -22.10 -5.84 49.58
N ASP D 404 -23.12 -6.47 50.15
CA ASP D 404 -23.93 -5.88 51.19
C ASP D 404 -23.78 -6.65 52.50
N GLU D 405 -24.06 -5.97 53.61
CA GLU D 405 -23.88 -6.58 54.93
C GLU D 405 -24.79 -7.80 55.11
N MET D 406 -25.89 -7.88 54.36
CA MET D 406 -26.77 -9.03 54.47
C MET D 406 -26.07 -10.33 54.12
N GLU D 407 -25.19 -10.30 53.11
CA GLU D 407 -24.42 -11.50 52.79
C GLU D 407 -23.53 -11.93 53.95
N PHE D 408 -22.87 -10.96 54.58
CA PHE D 408 -22.03 -11.28 55.73
C PHE D 408 -22.85 -11.88 56.86
N THR D 409 -23.99 -11.28 57.17
CA THR D 409 -24.83 -11.77 58.25
C THR D 409 -25.37 -13.16 57.95
N GLU D 410 -25.81 -13.38 56.71
CA GLU D 410 -26.37 -14.68 56.34
C GLU D 410 -25.31 -15.77 56.36
N ALA D 411 -24.10 -15.45 55.87
CA ALA D 411 -23.00 -16.41 55.93
C ALA D 411 -22.62 -16.74 57.36
N GLU D 412 -22.57 -15.73 58.23
CA GLU D 412 -22.28 -15.98 59.63
C GLU D 412 -23.35 -16.85 60.28
N SER D 413 -24.62 -16.58 59.95
CA SER D 413 -25.71 -17.39 60.49
C SER D 413 -25.60 -18.83 60.02
N ASN D 414 -25.28 -19.05 58.75
CA ASN D 414 -25.15 -20.42 58.25
C ASN D 414 -23.98 -21.14 58.90
N MET D 415 -22.85 -20.44 59.09
CA MET D 415 -21.72 -21.06 59.78
C MET D 415 -22.07 -21.42 61.21
N ASN D 416 -22.77 -20.53 61.91
CA ASN D 416 -23.20 -20.84 63.28
C ASN D 416 -24.17 -22.02 63.29
N ASP D 417 -25.03 -22.12 62.28
CA ASP D 417 -25.91 -23.28 62.16
C ASP D 417 -25.11 -24.56 61.97
N LEU D 418 -24.06 -24.50 61.16
CA LEU D 418 -23.19 -25.67 60.98
C LEU D 418 -22.54 -26.07 62.29
N VAL D 419 -22.06 -25.08 63.06
CA VAL D 419 -21.49 -25.36 64.37
C VAL D 419 -22.52 -26.02 65.28
N SER D 420 -23.75 -25.52 65.25
CA SER D 420 -24.81 -26.09 66.08
C SER D 420 -25.11 -27.54 65.69
N GLU D 421 -25.13 -27.83 64.38
CA GLU D 421 -25.35 -29.20 63.94
C GLU D 421 -24.21 -30.11 64.39
N TYR D 422 -22.97 -29.63 64.28
CA TYR D 422 -21.84 -30.40 64.80
C TYR D 422 -22.02 -30.70 66.28
N GLN D 423 -22.37 -29.68 67.06
CA GLN D 423 -22.57 -29.88 68.50
C GLN D 423 -23.67 -30.89 68.78
N GLN D 424 -24.80 -30.76 68.08
CA GLN D 424 -25.93 -31.64 68.34
C GLN D 424 -25.60 -33.08 67.98
N TYR D 425 -25.02 -33.30 66.80
CA TYR D 425 -24.66 -34.66 66.41
C TYR D 425 -23.54 -35.22 67.29
N GLN D 426 -22.71 -34.35 67.87
CA GLN D 426 -21.77 -34.79 68.88
C GLN D 426 -22.48 -35.24 70.15
N ASP D 427 -23.57 -34.59 70.50
CA ASP D 427 -24.30 -34.90 71.72
C ASP D 427 -25.36 -35.96 71.52
N ALA D 428 -25.50 -36.51 70.31
CA ALA D 428 -26.48 -37.55 70.07
C ALA D 428 -26.07 -38.84 70.78
N THR D 429 -27.07 -39.66 71.09
CA THR D 429 -26.84 -40.91 71.82
C THR D 429 -27.57 -42.08 71.17
N MET E 1 29.02 8.66 -58.83
CA MET E 1 28.18 8.36 -59.97
C MET E 1 26.88 9.15 -59.93
N ARG E 2 26.58 9.72 -58.76
CA ARG E 2 25.35 10.48 -58.55
C ARG E 2 25.78 11.91 -58.22
N GLU E 3 25.81 12.77 -59.24
CA GLU E 3 26.44 14.08 -59.14
C GLU E 3 25.39 15.20 -59.10
N CYS E 4 25.69 16.25 -58.33
CA CYS E 4 24.77 17.37 -58.16
C CYS E 4 25.61 18.60 -57.83
N ILE E 5 25.52 19.63 -58.65
CA ILE E 5 26.44 20.76 -58.54
C ILE E 5 25.75 21.91 -57.84
N SER E 6 26.57 22.82 -57.28
CA SER E 6 26.09 23.96 -56.52
C SER E 6 26.51 25.26 -57.19
N ILE E 7 25.63 26.26 -57.12
CA ILE E 7 25.87 27.58 -57.70
C ILE E 7 25.52 28.60 -56.64
N HIS E 8 26.51 29.35 -56.17
CA HIS E 8 26.32 30.35 -55.13
C HIS E 8 26.47 31.74 -55.75
N VAL E 9 25.37 32.49 -55.75
CA VAL E 9 25.31 33.83 -56.34
C VAL E 9 25.17 34.85 -55.22
N GLY E 10 25.92 35.94 -55.33
CA GLY E 10 25.83 37.02 -54.38
C GLY E 10 26.67 36.76 -53.13
N GLN E 11 26.84 37.82 -52.34
CA GLN E 11 27.63 37.72 -51.11
C GLN E 11 27.02 36.72 -50.14
N ALA E 12 25.69 36.76 -49.98
CA ALA E 12 25.03 35.77 -49.15
C ALA E 12 25.27 34.37 -49.70
N GLY E 13 25.19 34.22 -51.02
CA GLY E 13 25.46 32.93 -51.63
C GLY E 13 26.84 32.41 -51.31
N VAL E 14 27.85 33.28 -51.40
CA VAL E 14 29.22 32.85 -51.15
C VAL E 14 29.42 32.50 -49.68
N GLN E 15 28.81 33.26 -48.77
CA GLN E 15 28.97 32.92 -47.36
C GLN E 15 28.26 31.61 -47.02
N ILE E 16 27.06 31.39 -47.57
CA ILE E 16 26.42 30.09 -47.43
C ILE E 16 27.31 29.01 -48.00
N GLY E 17 28.02 29.30 -49.10
CA GLY E 17 28.93 28.32 -49.66
C GLY E 17 30.07 27.99 -48.73
N ASN E 18 30.66 29.02 -48.10
CA ASN E 18 31.70 28.78 -47.11
C ASN E 18 31.21 27.83 -46.03
N ALA E 19 30.05 28.13 -45.46
CA ALA E 19 29.52 27.29 -44.38
C ALA E 19 29.22 25.87 -44.88
N CYS E 20 28.54 25.76 -46.00
CA CYS E 20 28.12 24.45 -46.51
C CYS E 20 29.32 23.59 -46.86
N TRP E 21 30.34 24.17 -47.50
CA TRP E 21 31.48 23.36 -47.88
C TRP E 21 32.39 23.05 -46.69
N GLU E 22 32.44 23.92 -45.67
CA GLU E 22 33.07 23.52 -44.42
C GLU E 22 32.36 22.30 -43.84
N LEU E 23 31.03 22.32 -43.83
CA LEU E 23 30.27 21.19 -43.31
C LEU E 23 30.51 19.93 -44.13
N TYR E 24 30.55 20.07 -45.46
CA TYR E 24 30.78 18.91 -46.31
C TYR E 24 32.17 18.33 -46.10
N CYS E 25 33.20 19.18 -46.06
CA CYS E 25 34.56 18.71 -45.81
C CYS E 25 34.65 17.99 -44.47
N LEU E 26 33.91 18.48 -43.46
CA LEU E 26 33.89 17.78 -42.19
C LEU E 26 33.16 16.44 -42.30
N GLU E 27 32.09 16.40 -43.09
CA GLU E 27 31.27 15.18 -43.17
C GLU E 27 32.04 14.02 -43.79
N HIS E 28 32.78 14.28 -44.86
CA HIS E 28 33.45 13.22 -45.61
C HIS E 28 34.91 13.06 -45.20
N GLY E 29 35.34 13.68 -44.11
CA GLY E 29 36.70 13.53 -43.65
C GLY E 29 37.72 14.08 -44.61
N ILE E 30 37.49 15.30 -45.10
CA ILE E 30 38.36 15.94 -46.09
C ILE E 30 39.11 17.07 -45.41
N GLN E 31 40.45 16.99 -45.46
CA GLN E 31 41.27 18.09 -44.99
C GLN E 31 41.11 19.29 -45.91
N PRO E 32 41.37 20.50 -45.41
CA PRO E 32 41.25 21.69 -46.28
C PRO E 32 42.14 21.63 -47.51
N ASP E 33 43.24 20.89 -47.45
CA ASP E 33 44.08 20.69 -48.63
C ASP E 33 43.55 19.60 -49.56
N GLY E 34 42.33 19.12 -49.34
CA GLY E 34 41.69 18.19 -50.24
C GLY E 34 42.08 16.73 -50.07
N GLN E 35 42.85 16.38 -49.05
CA GLN E 35 43.29 15.01 -48.85
C GLN E 35 42.38 14.27 -47.87
N MET E 36 42.49 12.94 -47.90
CA MET E 36 41.76 12.06 -46.99
C MET E 36 42.76 11.17 -46.26
N PRO E 37 43.09 11.47 -45.00
CA PRO E 37 44.00 10.65 -44.20
C PRO E 37 43.43 9.25 -43.92
N HIS E 46 28.00 3.32 -42.66
CA HIS E 46 27.09 4.35 -43.12
C HIS E 46 27.64 5.03 -44.37
N HIS E 47 28.86 4.66 -44.75
CA HIS E 47 29.56 5.26 -45.87
C HIS E 47 29.71 4.25 -46.99
N HIS E 48 29.43 4.68 -48.22
CA HIS E 48 29.55 3.81 -49.38
C HIS E 48 31.01 3.48 -49.67
N ASP E 53 31.60 5.13 -52.63
CA ASP E 53 32.09 6.50 -52.57
C ASP E 53 30.97 7.48 -52.28
N SER E 54 30.87 7.90 -51.03
CA SER E 54 29.86 8.90 -50.66
C SER E 54 30.21 10.27 -51.23
N PHE E 55 31.49 10.63 -51.20
CA PHE E 55 31.93 11.97 -51.61
C PHE E 55 31.84 12.21 -53.11
N ASN E 56 31.56 11.17 -53.90
CA ASN E 56 31.53 11.34 -55.35
C ASN E 56 30.44 12.30 -55.81
N THR E 57 29.47 12.60 -54.93
CA THR E 57 28.40 13.52 -55.30
C THR E 57 28.94 14.94 -55.46
N PHE E 58 29.48 15.51 -54.37
CA PHE E 58 29.95 16.89 -54.39
C PHE E 58 31.39 17.00 -54.83
N PHE E 59 32.20 15.98 -54.58
CA PHE E 59 33.66 16.06 -54.72
C PHE E 59 34.09 15.24 -55.92
N SER E 60 34.64 15.89 -56.93
CA SER E 60 35.31 15.19 -58.00
C SER E 60 36.74 14.87 -57.59
N GLU E 61 37.27 13.77 -58.12
CA GLU E 61 38.55 13.22 -57.69
C GLU E 61 39.58 13.36 -58.81
N THR E 62 40.78 13.78 -58.43
CA THR E 62 41.88 13.92 -59.37
C THR E 62 42.71 12.64 -59.37
N GLY E 63 43.87 12.67 -60.05
CA GLY E 63 44.72 11.50 -60.07
C GLY E 63 45.25 11.11 -58.71
N ALA E 64 45.66 12.10 -57.92
CA ALA E 64 46.10 11.86 -56.56
C ALA E 64 44.88 11.78 -55.64
N GLY E 65 45.10 11.85 -54.33
CA GLY E 65 44.02 11.83 -53.38
C GLY E 65 43.29 13.14 -53.21
N LYS E 66 43.69 14.18 -53.94
CA LYS E 66 43.03 15.47 -53.83
C LYS E 66 41.61 15.39 -54.40
N HIS E 67 40.68 16.01 -53.68
CA HIS E 67 39.28 16.11 -54.10
C HIS E 67 38.90 17.57 -54.19
N VAL E 68 38.19 17.93 -55.26
CA VAL E 68 37.79 19.32 -55.45
C VAL E 68 36.26 19.40 -55.58
N PRO E 69 35.64 20.45 -55.06
CA PRO E 69 34.18 20.54 -55.10
C PRO E 69 33.66 20.90 -56.48
N ARG E 70 32.42 20.49 -56.74
CA ARG E 70 31.70 20.85 -57.96
C ARG E 70 30.75 21.99 -57.62
N ALA E 71 31.32 23.18 -57.49
CA ALA E 71 30.55 24.37 -57.15
C ALA E 71 31.10 25.56 -57.93
N VAL E 72 30.25 26.57 -58.08
CA VAL E 72 30.62 27.81 -58.77
C VAL E 72 30.32 28.97 -57.84
N PHE E 73 31.34 29.73 -57.48
CA PHE E 73 31.20 30.95 -56.68
C PHE E 73 31.36 32.14 -57.60
N VAL E 74 30.26 32.86 -57.83
CA VAL E 74 30.24 34.01 -58.72
C VAL E 74 29.75 35.23 -57.93
N ASP E 75 30.48 36.33 -58.04
CA ASP E 75 30.08 37.58 -57.42
C ASP E 75 30.82 38.71 -58.11
N LEU E 76 30.11 39.81 -58.34
CA LEU E 76 30.66 40.92 -59.09
C LEU E 76 31.67 41.74 -58.29
N GLU E 77 31.62 41.67 -56.96
CA GLU E 77 32.54 42.42 -56.11
C GLU E 77 33.62 41.51 -55.57
N PRO E 78 34.90 41.86 -55.70
CA PRO E 78 35.98 40.92 -55.36
C PRO E 78 36.22 40.70 -53.89
N THR E 79 35.44 41.35 -53.00
CA THR E 79 35.74 41.29 -51.58
C THR E 79 35.62 39.87 -51.02
N VAL E 80 34.41 39.29 -51.11
CA VAL E 80 34.19 37.99 -50.51
C VAL E 80 34.96 36.91 -51.25
N ILE E 81 35.14 37.07 -52.56
CA ILE E 81 35.90 36.07 -53.31
C ILE E 81 37.37 36.09 -52.89
N ASP E 82 37.94 37.28 -52.68
CA ASP E 82 39.30 37.37 -52.17
C ASP E 82 39.39 36.79 -50.77
N GLU E 83 38.37 37.01 -49.94
CA GLU E 83 38.36 36.42 -48.60
C GLU E 83 38.37 34.89 -48.68
N VAL E 84 37.61 34.32 -49.61
CA VAL E 84 37.64 32.87 -49.81
C VAL E 84 39.00 32.42 -50.30
N ARG E 85 39.59 33.17 -51.24
CA ARG E 85 40.87 32.79 -51.83
C ARG E 85 41.98 32.79 -50.78
N THR E 86 42.02 33.82 -49.94
CA THR E 86 43.03 33.96 -48.92
C THR E 86 42.68 33.25 -47.61
N GLY E 87 41.50 32.66 -47.53
CA GLY E 87 41.06 31.99 -46.32
C GLY E 87 41.73 30.63 -46.13
N THR E 88 41.24 29.91 -45.13
CA THR E 88 41.78 28.59 -44.84
C THR E 88 41.53 27.61 -45.98
N TYR E 89 40.35 27.68 -46.59
CA TYR E 89 40.01 26.78 -47.69
C TYR E 89 40.56 27.32 -49.01
N ARG E 90 41.87 27.55 -49.05
CA ARG E 90 42.51 28.11 -50.23
C ARG E 90 42.83 27.03 -51.26
N GLN E 91 43.61 26.02 -50.87
CA GLN E 91 44.04 24.99 -51.80
C GLN E 91 42.89 24.14 -52.31
N LEU E 92 41.76 24.12 -51.61
CA LEU E 92 40.68 23.20 -51.93
C LEU E 92 40.06 23.51 -53.29
N PHE E 93 39.50 24.71 -53.44
CA PHE E 93 38.74 25.02 -54.64
C PHE E 93 39.65 25.12 -55.86
N HIS E 94 39.11 24.70 -56.99
CA HIS E 94 39.81 24.87 -58.27
C HIS E 94 39.75 26.34 -58.64
N PRO E 95 40.88 26.99 -58.95
CA PRO E 95 40.90 28.46 -59.08
C PRO E 95 39.93 29.01 -60.11
N GLU E 96 39.42 28.19 -61.03
CA GLU E 96 38.54 28.69 -62.07
C GLU E 96 37.14 29.01 -61.52
N GLN E 97 36.65 28.19 -60.59
CA GLN E 97 35.28 28.35 -60.09
C GLN E 97 35.12 29.52 -59.14
N LEU E 98 36.15 30.34 -58.95
CA LEU E 98 36.04 31.56 -58.14
C LEU E 98 36.00 32.72 -59.14
N ILE E 99 34.79 33.02 -59.61
CA ILE E 99 34.57 33.96 -60.70
C ILE E 99 34.19 35.30 -60.13
N THR E 100 34.88 36.36 -60.57
CA THR E 100 34.70 37.70 -60.02
C THR E 100 34.49 38.69 -61.16
N GLY E 101 33.69 39.70 -60.88
CA GLY E 101 33.50 40.84 -61.76
C GLY E 101 34.38 42.01 -61.37
N LYS E 102 33.92 43.21 -61.68
CA LYS E 102 34.65 44.43 -61.33
C LYS E 102 33.86 45.34 -60.41
N GLU E 103 32.60 45.62 -60.75
CA GLU E 103 31.74 46.47 -59.94
C GLU E 103 30.49 45.71 -59.56
N ASP E 104 29.98 46.00 -58.36
CA ASP E 104 28.78 45.33 -57.87
C ASP E 104 27.52 45.95 -58.47
N ALA E 105 26.45 45.15 -58.53
CA ALA E 105 25.19 45.64 -59.07
C ALA E 105 24.53 46.67 -58.16
N ALA E 106 24.89 46.70 -56.88
CA ALA E 106 24.43 47.70 -55.93
C ALA E 106 22.90 47.72 -55.82
N ASN E 107 22.35 46.59 -55.40
CA ASN E 107 20.93 46.46 -55.09
C ASN E 107 20.07 46.90 -56.28
N ASN E 108 20.56 46.64 -57.49
CA ASN E 108 19.88 47.07 -58.71
C ASN E 108 19.72 45.84 -59.61
N TYR E 109 18.49 45.35 -59.71
CA TYR E 109 18.21 44.23 -60.60
C TYR E 109 18.58 44.56 -62.03
N ALA E 110 18.48 45.84 -62.41
CA ALA E 110 18.85 46.25 -63.75
C ALA E 110 20.33 45.99 -64.03
N ARG E 111 21.21 46.42 -63.11
CA ARG E 111 22.63 46.27 -63.32
C ARG E 111 23.06 44.81 -63.29
N GLY E 112 22.39 43.99 -62.49
CA GLY E 112 22.73 42.59 -62.38
C GLY E 112 22.09 41.67 -63.39
N HIS E 113 21.28 42.20 -64.31
CA HIS E 113 20.56 41.36 -65.27
C HIS E 113 20.72 41.79 -66.72
N TYR E 114 21.06 43.05 -67.01
CA TYR E 114 21.16 43.52 -68.38
C TYR E 114 22.51 44.12 -68.74
N THR E 115 23.16 44.84 -67.82
CA THR E 115 24.39 45.54 -68.19
C THR E 115 25.65 44.79 -67.77
N ILE E 116 25.75 44.44 -66.49
CA ILE E 116 26.97 43.84 -65.96
C ILE E 116 26.91 42.31 -65.99
N GLY E 117 25.73 41.75 -65.74
CA GLY E 117 25.60 40.30 -65.77
C GLY E 117 25.97 39.69 -67.12
N LYS E 118 25.64 40.37 -68.22
CA LYS E 118 25.97 39.83 -69.53
C LYS E 118 27.47 39.76 -69.77
N GLU E 119 28.26 40.60 -69.09
CA GLU E 119 29.69 40.68 -69.38
C GLU E 119 30.46 39.46 -68.90
N ILE E 120 29.89 38.67 -67.99
CA ILE E 120 30.55 37.48 -67.48
C ILE E 120 29.67 36.25 -67.52
N ILE E 121 28.45 36.34 -68.07
CA ILE E 121 27.54 35.21 -68.07
C ILE E 121 28.10 34.06 -68.92
N ASP E 122 28.78 34.40 -70.02
CA ASP E 122 29.30 33.36 -70.91
C ASP E 122 30.35 32.51 -70.20
N LEU E 123 31.24 33.15 -69.42
CA LEU E 123 32.25 32.40 -68.69
C LEU E 123 31.62 31.47 -67.67
N VAL E 124 30.60 31.94 -66.95
CA VAL E 124 29.92 31.11 -65.95
C VAL E 124 29.27 29.91 -66.63
N LEU E 125 28.57 30.16 -67.74
CA LEU E 125 27.93 29.07 -68.47
C LEU E 125 28.97 28.07 -68.98
N ASP E 126 30.11 28.56 -69.47
CA ASP E 126 31.16 27.69 -69.97
C ASP E 126 31.72 26.81 -68.86
N ARG E 127 31.96 27.39 -67.69
CA ARG E 127 32.50 26.58 -66.58
C ARG E 127 31.47 25.58 -66.09
N ILE E 128 30.19 25.97 -66.06
CA ILE E 128 29.13 25.03 -65.69
C ILE E 128 29.09 23.87 -66.67
N ARG E 129 29.22 24.17 -67.96
CA ARG E 129 29.22 23.13 -68.98
C ARG E 129 30.43 22.21 -68.82
N LYS E 130 31.60 22.78 -68.50
CA LYS E 130 32.77 21.93 -68.24
C LYS E 130 32.53 21.01 -67.06
N LEU E 131 31.94 21.53 -65.98
CA LEU E 131 31.64 20.69 -64.83
C LEU E 131 30.66 19.59 -65.20
N ALA E 132 29.62 19.92 -65.98
CA ALA E 132 28.58 18.94 -66.29
C ALA E 132 29.09 17.86 -67.24
N ASP E 133 29.94 18.24 -68.21
CA ASP E 133 30.33 17.30 -69.26
C ASP E 133 31.16 16.14 -68.74
N GLN E 134 31.78 16.28 -67.57
CA GLN E 134 32.58 15.21 -66.99
C GLN E 134 31.83 14.44 -65.92
N CYS E 135 30.56 14.76 -65.67
CA CYS E 135 29.73 13.99 -64.76
C CYS E 135 29.08 12.82 -65.50
N THR E 136 28.42 11.95 -64.74
CA THR E 136 27.77 10.78 -65.30
C THR E 136 26.28 10.74 -65.06
N GLY E 137 25.83 11.11 -63.87
CA GLY E 137 24.42 11.07 -63.55
C GLY E 137 23.89 12.34 -62.92
N LEU E 138 24.35 13.49 -63.41
CA LEU E 138 24.00 14.79 -62.83
C LEU E 138 22.50 14.93 -62.63
N GLN E 139 22.09 15.18 -61.38
CA GLN E 139 20.67 15.39 -61.10
C GLN E 139 20.26 16.85 -61.16
N GLY E 140 21.07 17.77 -60.65
CA GLY E 140 20.64 19.15 -60.72
C GLY E 140 21.57 20.12 -60.01
N PHE E 141 21.01 21.32 -59.85
CA PHE E 141 21.74 22.51 -59.41
C PHE E 141 21.15 22.99 -58.10
N LEU E 142 22.01 23.27 -57.13
CA LEU E 142 21.61 23.85 -55.85
C LEU E 142 22.01 25.32 -55.87
N VAL E 143 21.03 26.21 -55.99
CA VAL E 143 21.28 27.63 -56.19
C VAL E 143 21.08 28.35 -54.87
N PHE E 144 22.12 29.04 -54.40
CA PHE E 144 22.10 29.78 -53.15
C PHE E 144 22.26 31.26 -53.47
N HIS E 145 21.19 32.03 -53.29
CA HIS E 145 21.22 33.45 -53.62
C HIS E 145 20.19 34.18 -52.77
N SER E 146 20.37 35.49 -52.65
CA SER E 146 19.43 36.36 -51.96
C SER E 146 18.57 37.13 -52.95
N PHE E 147 17.41 37.58 -52.48
CA PHE E 147 16.55 38.48 -53.24
C PHE E 147 16.84 39.95 -52.97
N GLY E 148 17.68 40.26 -51.98
CA GLY E 148 17.94 41.64 -51.64
C GLY E 148 18.94 42.33 -52.55
N GLY E 149 20.14 41.77 -52.65
CA GLY E 149 21.15 42.39 -53.48
C GLY E 149 20.80 42.32 -54.96
N GLY E 150 21.27 43.33 -55.70
CA GLY E 150 21.08 43.33 -57.14
C GLY E 150 21.82 42.20 -57.82
N THR E 151 23.05 41.93 -57.37
CA THR E 151 23.83 40.83 -57.93
C THR E 151 23.07 39.52 -57.86
N GLY E 152 22.75 39.08 -56.64
CA GLY E 152 22.02 37.85 -56.44
C GLY E 152 20.81 37.74 -57.32
N SER E 153 19.85 38.66 -57.14
CA SER E 153 18.58 38.59 -57.85
C SER E 153 18.79 38.59 -59.36
N GLY E 154 19.43 39.64 -59.89
CA GLY E 154 19.54 39.78 -61.33
C GLY E 154 20.34 38.67 -61.99
N PHE E 155 21.54 38.40 -61.46
CA PHE E 155 22.39 37.40 -62.08
C PHE E 155 21.78 36.01 -61.94
N THR E 156 21.10 35.74 -60.81
CA THR E 156 20.42 34.47 -60.67
C THR E 156 19.29 34.33 -61.68
N SER E 157 18.54 35.41 -61.91
CA SER E 157 17.48 35.36 -62.92
C SER E 157 18.06 35.04 -64.29
N LEU E 158 19.12 35.76 -64.67
CA LEU E 158 19.75 35.52 -65.97
C LEU E 158 20.28 34.09 -66.07
N LEU E 159 20.91 33.61 -65.00
CA LEU E 159 21.51 32.28 -65.00
C LEU E 159 20.43 31.19 -65.08
N MET E 160 19.32 31.36 -64.36
CA MET E 160 18.22 30.41 -64.47
C MET E 160 17.66 30.38 -65.88
N GLU E 161 17.49 31.56 -66.49
CA GLU E 161 17.07 31.58 -67.89
C GLU E 161 18.02 30.78 -68.77
N ARG E 162 19.32 31.07 -68.65
CA ARG E 162 20.30 30.44 -69.52
C ARG E 162 20.37 28.94 -69.31
N LEU E 163 20.32 28.49 -68.05
CA LEU E 163 20.37 27.07 -67.76
C LEU E 163 19.13 26.36 -68.27
N SER E 164 17.95 26.94 -68.06
CA SER E 164 16.73 26.32 -68.57
C SER E 164 16.75 26.23 -70.08
N VAL E 165 17.24 27.27 -70.75
CA VAL E 165 17.35 27.22 -72.21
C VAL E 165 18.36 26.16 -72.63
N ASP E 166 19.45 26.02 -71.89
CA ASP E 166 20.52 25.10 -72.28
C ASP E 166 20.25 23.68 -71.80
N TYR E 167 19.90 23.51 -70.53
CA TYR E 167 19.57 22.20 -69.97
C TYR E 167 18.05 22.12 -69.84
N GLY E 168 17.47 21.08 -70.45
CA GLY E 168 16.03 21.02 -70.60
C GLY E 168 15.24 20.80 -69.33
N LYS E 169 15.32 19.60 -68.75
CA LYS E 169 14.52 19.21 -67.59
C LYS E 169 15.44 18.64 -66.52
N LYS E 170 15.98 19.51 -65.67
CA LYS E 170 16.80 19.09 -64.55
C LYS E 170 16.37 19.90 -63.33
N SER E 171 16.22 19.22 -62.19
CA SER E 171 15.74 19.90 -60.99
C SER E 171 16.69 21.03 -60.59
N LYS E 172 16.12 22.19 -60.30
CA LYS E 172 16.87 23.40 -60.00
C LYS E 172 16.29 24.02 -58.75
N LEU E 173 16.88 23.74 -57.59
CA LEU E 173 16.37 24.20 -56.32
C LEU E 173 16.98 25.55 -55.94
N GLU E 174 16.15 26.44 -55.43
CA GLU E 174 16.56 27.76 -55.02
C GLU E 174 16.40 27.89 -53.51
N PHE E 175 17.49 28.20 -52.82
CA PHE E 175 17.50 28.40 -51.37
C PHE E 175 17.74 29.88 -51.14
N SER E 176 16.66 30.65 -51.14
CA SER E 176 16.74 32.11 -51.16
C SER E 176 16.65 32.70 -49.77
N ILE E 177 17.23 33.89 -49.63
CA ILE E 177 17.05 34.72 -48.43
C ILE E 177 15.91 35.68 -48.75
N TYR E 178 14.69 35.25 -48.43
CA TYR E 178 13.52 36.08 -48.66
C TYR E 178 13.60 37.33 -47.79
N PRO E 179 13.26 38.50 -48.33
CA PRO E 179 13.35 39.73 -47.51
C PRO E 179 12.39 39.68 -46.34
N ALA E 180 12.87 40.15 -45.19
CA ALA E 180 12.10 40.06 -43.96
C ALA E 180 10.95 41.06 -43.95
N PRO E 181 9.92 40.82 -43.13
CA PRO E 181 8.78 41.75 -43.09
C PRO E 181 9.17 43.15 -42.63
N GLN E 182 9.93 43.26 -41.55
CA GLN E 182 10.34 44.55 -41.04
C GLN E 182 11.84 44.76 -40.99
N VAL E 183 12.62 43.72 -40.73
CA VAL E 183 14.08 43.87 -40.56
C VAL E 183 14.71 43.73 -41.95
N SER E 184 14.85 44.87 -42.61
CA SER E 184 15.47 44.94 -43.93
C SER E 184 16.79 45.67 -43.85
N THR E 185 17.73 45.27 -44.71
CA THR E 185 19.03 45.93 -44.78
C THR E 185 19.12 46.97 -45.89
N ALA E 186 18.32 46.84 -46.94
CA ALA E 186 18.33 47.76 -48.06
C ALA E 186 17.03 48.57 -48.08
N VAL E 187 16.86 49.38 -49.12
CA VAL E 187 15.69 50.22 -49.27
C VAL E 187 14.93 49.80 -50.52
N VAL E 188 15.65 49.28 -51.52
CA VAL E 188 15.07 48.91 -52.78
C VAL E 188 14.86 47.40 -52.88
N GLU E 189 14.81 46.70 -51.75
CA GLU E 189 14.51 45.28 -51.77
C GLU E 189 13.19 44.93 -52.43
N PRO E 190 12.08 45.66 -52.23
CA PRO E 190 10.84 45.27 -52.91
C PRO E 190 10.96 45.18 -54.43
N TYR E 191 11.55 46.19 -55.08
CA TYR E 191 11.67 46.15 -56.53
C TYR E 191 12.46 44.92 -56.98
N ASN E 192 13.64 44.71 -56.39
CA ASN E 192 14.48 43.59 -56.81
C ASN E 192 13.77 42.26 -56.56
N SER E 193 13.11 42.13 -55.41
CA SER E 193 12.45 40.88 -55.07
C SER E 193 11.30 40.58 -56.03
N ILE E 194 10.48 41.58 -56.34
CA ILE E 194 9.38 41.36 -57.27
C ILE E 194 9.91 41.01 -58.64
N LEU E 195 10.94 41.73 -59.11
CA LEU E 195 11.49 41.46 -60.43
C LEU E 195 12.07 40.05 -60.51
N THR E 196 12.84 39.65 -59.49
CA THR E 196 13.48 38.33 -59.55
C THR E 196 12.46 37.22 -59.41
N THR E 197 11.41 37.42 -58.59
CA THR E 197 10.37 36.41 -58.47
C THR E 197 9.63 36.25 -59.79
N HIS E 198 9.24 37.37 -60.40
CA HIS E 198 8.54 37.30 -61.68
C HIS E 198 9.41 36.65 -62.75
N THR E 199 10.71 36.91 -62.71
CA THR E 199 11.60 36.35 -63.74
C THR E 199 11.81 34.85 -63.52
N THR E 200 12.08 34.43 -62.28
CA THR E 200 12.42 33.05 -62.00
C THR E 200 11.21 32.15 -61.75
N LEU E 201 9.99 32.70 -61.80
CA LEU E 201 8.81 31.87 -61.54
C LEU E 201 8.68 30.71 -62.51
N GLU E 202 9.18 30.85 -63.74
CA GLU E 202 9.04 29.81 -64.75
C GLU E 202 10.32 29.01 -64.98
N HIS E 203 11.31 29.15 -64.10
CA HIS E 203 12.51 28.32 -64.19
C HIS E 203 12.76 27.58 -62.88
N SER E 204 12.32 28.15 -61.77
CA SER E 204 12.55 27.56 -60.45
C SER E 204 11.68 26.31 -60.32
N ASP E 205 12.31 25.14 -60.43
CA ASP E 205 11.57 23.90 -60.24
C ASP E 205 11.06 23.74 -58.81
N CYS E 206 11.75 24.32 -57.83
CA CYS E 206 11.28 24.37 -56.46
C CYS E 206 12.15 25.36 -55.69
N ALA E 207 11.53 26.32 -55.01
CA ALA E 207 12.25 27.39 -54.32
C ALA E 207 11.90 27.36 -52.84
N PHE E 208 12.91 27.34 -51.99
CA PHE E 208 12.75 27.16 -50.55
C PHE E 208 12.99 28.51 -49.87
N MET E 209 11.93 29.07 -49.32
CA MET E 209 12.02 30.40 -48.71
C MET E 209 12.66 30.33 -47.33
N VAL E 210 13.57 31.26 -47.07
CA VAL E 210 14.25 31.38 -45.79
C VAL E 210 14.34 32.87 -45.43
N ASP E 211 14.05 33.19 -44.18
CA ASP E 211 14.01 34.59 -43.73
C ASP E 211 15.00 34.80 -42.59
N ASN E 212 15.58 36.00 -42.54
CA ASN E 212 16.64 36.29 -41.57
C ASN E 212 16.07 36.49 -40.17
N GLU E 213 14.95 37.21 -40.05
CA GLU E 213 14.43 37.54 -38.72
C GLU E 213 14.07 36.29 -37.94
N ALA E 214 13.46 35.31 -38.61
CA ALA E 214 13.07 34.08 -37.93
C ALA E 214 14.30 33.33 -37.42
N ILE E 215 15.38 33.32 -38.19
CA ILE E 215 16.59 32.66 -37.74
C ILE E 215 17.21 33.41 -36.56
N TYR E 216 17.15 34.75 -36.59
CA TYR E 216 17.57 35.53 -35.43
C TYR E 216 16.78 35.11 -34.19
N ASP E 217 15.46 34.99 -34.34
CA ASP E 217 14.61 34.61 -33.21
C ASP E 217 14.95 33.21 -32.71
N ILE E 218 15.16 32.27 -33.64
CA ILE E 218 15.50 30.90 -33.26
C ILE E 218 16.82 30.89 -32.49
N CYS E 219 17.82 31.62 -32.99
CA CYS E 219 19.12 31.61 -32.35
C CYS E 219 19.06 32.22 -30.95
N ARG E 220 18.35 33.35 -30.81
CA ARG E 220 18.27 33.96 -29.48
C ARG E 220 17.50 33.06 -28.51
N ARG E 221 16.45 32.40 -29.00
CA ARG E 221 15.61 31.61 -28.11
C ARG E 221 16.26 30.27 -27.76
N ASN E 222 16.73 29.54 -28.77
CA ASN E 222 17.20 28.18 -28.57
C ASN E 222 18.70 28.11 -28.31
N LEU E 223 19.51 28.69 -29.19
CA LEU E 223 20.95 28.63 -29.02
C LEU E 223 21.44 29.45 -27.84
N ASP E 224 20.61 30.33 -27.29
CA ASP E 224 20.98 31.20 -26.17
C ASP E 224 22.17 32.08 -26.50
N ILE E 225 22.35 32.39 -27.79
CA ILE E 225 23.40 33.29 -28.23
C ILE E 225 22.78 34.68 -28.30
N GLU E 226 23.10 35.52 -27.32
CA GLU E 226 22.51 36.85 -27.25
C GLU E 226 22.99 37.74 -28.39
N ARG E 227 24.17 37.47 -28.96
CA ARG E 227 24.72 38.25 -30.05
C ARG E 227 25.36 37.34 -31.10
N PRO E 228 24.56 36.65 -31.91
CA PRO E 228 25.10 35.87 -33.02
C PRO E 228 25.39 36.73 -34.24
N THR E 229 26.18 36.16 -35.14
CA THR E 229 26.56 36.76 -36.41
C THR E 229 26.01 35.92 -37.56
N TYR E 230 26.21 36.41 -38.79
CA TYR E 230 25.78 35.66 -39.98
C TYR E 230 26.39 34.26 -40.03
N THR E 231 27.54 34.05 -39.39
CA THR E 231 28.16 32.73 -39.40
C THR E 231 27.18 31.66 -38.91
N ASN E 232 26.44 31.97 -37.86
CA ASN E 232 25.52 30.98 -37.29
C ASN E 232 24.34 30.70 -38.21
N LEU E 233 23.75 31.74 -38.81
CA LEU E 233 22.69 31.53 -39.78
C LEU E 233 23.19 30.68 -40.94
N ASN E 234 24.42 30.94 -41.39
CA ASN E 234 25.01 30.12 -42.43
C ASN E 234 25.14 28.68 -41.98
N ARG E 235 25.50 28.47 -40.71
CA ARG E 235 25.61 27.12 -40.17
C ARG E 235 24.27 26.38 -40.21
N LEU E 236 23.20 27.06 -39.80
CA LEU E 236 21.88 26.44 -39.87
C LEU E 236 21.47 26.12 -41.30
N ILE E 237 21.72 27.03 -42.23
CA ILE E 237 21.36 26.76 -43.62
C ILE E 237 22.18 25.61 -44.18
N SER E 238 23.46 25.53 -43.78
CA SER E 238 24.30 24.41 -44.19
C SER E 238 23.79 23.10 -43.62
N GLN E 239 23.32 23.12 -42.37
CA GLN E 239 22.74 21.92 -41.79
C GLN E 239 21.50 21.50 -42.58
N ILE E 240 20.69 22.46 -42.99
CA ILE E 240 19.50 22.16 -43.79
C ILE E 240 19.90 21.49 -45.10
N VAL E 241 20.87 22.06 -45.81
CA VAL E 241 21.23 21.51 -47.12
C VAL E 241 21.88 20.14 -46.96
N SER E 242 22.67 19.96 -45.89
CA SER E 242 23.23 18.64 -45.62
C SER E 242 22.15 17.62 -45.34
N SER E 243 21.12 18.00 -44.58
CA SER E 243 20.00 17.10 -44.36
C SER E 243 19.29 16.77 -45.66
N ILE E 244 19.18 17.74 -46.56
CA ILE E 244 18.53 17.51 -47.84
C ILE E 244 19.33 16.50 -48.67
N THR E 245 20.64 16.65 -48.72
CA THR E 245 21.49 15.81 -49.55
C THR E 245 21.98 14.55 -48.86
N ALA E 246 21.59 14.32 -47.60
CA ALA E 246 22.02 13.13 -46.88
C ALA E 246 21.57 11.86 -47.60
N SER E 247 20.33 11.84 -48.10
CA SER E 247 19.82 10.65 -48.76
C SER E 247 20.66 10.30 -49.99
N LEU E 248 21.03 11.32 -50.77
CA LEU E 248 21.89 11.08 -51.92
C LEU E 248 23.29 10.63 -51.51
N ARG E 249 23.85 11.27 -50.47
CA ARG E 249 25.25 11.08 -50.14
C ARG E 249 25.49 9.93 -49.16
N PHE E 250 24.44 9.27 -48.66
CA PHE E 250 24.65 8.26 -47.64
C PHE E 250 23.63 7.14 -47.77
N ASP E 251 23.96 6.01 -47.18
CA ASP E 251 23.02 4.90 -47.08
C ASP E 251 21.90 5.29 -46.15
N GLY E 252 20.68 4.86 -46.48
CA GLY E 252 19.51 5.24 -45.71
C GLY E 252 18.48 4.13 -45.68
N ALA E 253 17.68 4.13 -44.61
CA ALA E 253 16.61 3.14 -44.51
C ALA E 253 15.47 3.44 -45.46
N LEU E 254 15.28 4.71 -45.82
CA LEU E 254 14.26 5.10 -46.80
C LEU E 254 14.80 6.30 -47.57
N ASN E 255 15.33 6.04 -48.76
CA ASN E 255 16.01 7.05 -49.54
C ASN E 255 15.01 7.90 -50.32
N VAL E 256 15.45 9.11 -50.68
CA VAL E 256 14.66 10.08 -51.42
C VAL E 256 15.58 10.89 -52.32
N ASP E 257 15.16 11.15 -53.55
CA ASP E 257 15.95 11.91 -54.50
C ASP E 257 15.40 13.31 -54.70
N LEU E 258 16.11 14.11 -55.49
CA LEU E 258 15.72 15.49 -55.72
C LEU E 258 14.40 15.57 -56.47
N THR E 259 14.21 14.68 -57.47
CA THR E 259 12.94 14.64 -58.19
C THR E 259 11.79 14.34 -57.25
N ALA E 260 12.05 13.53 -56.21
CA ALA E 260 11.02 13.28 -55.20
C ALA E 260 10.64 14.56 -54.48
N PHE E 261 11.63 15.38 -54.13
CA PHE E 261 11.34 16.70 -53.56
C PHE E 261 10.50 17.54 -54.50
N GLN E 262 10.90 17.58 -55.77
CA GLN E 262 10.18 18.38 -56.76
C GLN E 262 8.77 17.87 -57.02
N THR E 263 8.52 16.58 -56.80
CA THR E 263 7.23 15.98 -57.11
C THR E 263 6.25 16.05 -55.94
N ASN E 264 6.70 15.68 -54.75
CA ASN E 264 5.79 15.59 -53.61
C ASN E 264 5.43 16.96 -53.02
N LEU E 265 6.20 18.00 -53.34
CA LEU E 265 6.01 19.30 -52.71
C LEU E 265 5.33 20.32 -53.61
N VAL E 266 5.12 20.00 -54.89
CA VAL E 266 4.58 20.97 -55.84
C VAL E 266 3.25 20.47 -56.38
N PRO E 267 2.11 20.90 -55.80
CA PRO E 267 0.82 20.47 -56.37
C PRO E 267 0.48 21.18 -57.66
N TYR E 268 0.79 22.47 -57.77
CA TYR E 268 0.49 23.24 -58.95
C TYR E 268 1.76 23.90 -59.47
N PRO E 269 1.90 24.04 -60.80
CA PRO E 269 3.19 24.52 -61.34
C PRO E 269 3.59 25.89 -60.83
N ARG E 270 2.64 26.77 -60.56
CA ARG E 270 2.96 28.13 -60.16
C ARG E 270 3.25 28.23 -58.66
N ILE E 271 2.71 27.31 -57.87
CA ILE E 271 2.90 27.31 -56.41
C ILE E 271 3.97 26.27 -56.10
N HIS E 272 5.21 26.73 -55.97
CA HIS E 272 6.35 25.85 -55.74
C HIS E 272 7.29 26.47 -54.70
N PHE E 273 6.73 26.96 -53.59
CA PHE E 273 7.48 27.72 -52.60
C PHE E 273 7.35 27.08 -51.22
N PRO E 274 8.05 25.99 -50.96
CA PRO E 274 8.09 25.45 -49.60
C PRO E 274 9.01 26.26 -48.70
N LEU E 275 8.88 26.01 -47.40
CA LEU E 275 9.65 26.65 -46.36
C LEU E 275 10.32 25.60 -45.49
N ALA E 276 11.45 25.95 -44.91
CA ALA E 276 12.30 24.99 -44.21
C ALA E 276 12.25 25.17 -42.70
N THR E 277 12.54 24.09 -41.99
CA THR E 277 12.66 24.11 -40.53
C THR E 277 13.61 22.98 -40.13
N TYR E 278 14.40 23.21 -39.09
CA TYR E 278 15.36 22.23 -38.62
C TYR E 278 15.19 22.00 -37.13
N ALA E 279 15.47 20.78 -36.68
CA ALA E 279 15.43 20.46 -35.26
C ALA E 279 16.29 19.23 -35.01
N PRO E 280 16.80 19.04 -33.80
CA PRO E 280 16.75 20.03 -32.71
C PRO E 280 17.85 21.07 -32.86
N VAL E 281 17.66 22.24 -32.25
CA VAL E 281 18.67 23.30 -32.20
C VAL E 281 18.85 23.66 -30.73
N ILE E 282 19.79 22.99 -30.07
CA ILE E 282 20.02 23.15 -28.64
C ILE E 282 21.51 23.20 -28.37
N SER E 283 21.90 23.97 -27.36
CA SER E 283 23.29 24.17 -27.02
C SER E 283 23.84 22.96 -26.27
N ALA E 284 25.17 22.92 -26.15
CA ALA E 284 25.83 21.84 -25.42
C ALA E 284 25.42 21.83 -23.95
N GLU E 285 25.32 23.02 -23.34
CA GLU E 285 24.86 23.10 -21.96
C GLU E 285 23.43 22.57 -21.82
N LYS E 286 22.61 22.73 -22.84
CA LYS E 286 21.26 22.19 -22.86
C LYS E 286 21.16 20.90 -23.65
N ALA E 287 22.30 20.35 -24.09
CA ALA E 287 22.27 19.08 -24.80
C ALA E 287 21.71 17.97 -23.92
N TYR E 288 22.01 18.01 -22.63
CA TYR E 288 21.48 17.06 -21.67
C TYR E 288 20.07 17.50 -21.28
N HIS E 289 19.53 16.89 -20.23
CA HIS E 289 18.27 17.23 -19.57
C HIS E 289 17.04 16.83 -20.37
N GLU E 290 17.20 16.37 -21.61
CA GLU E 290 16.08 15.97 -22.44
C GLU E 290 16.60 15.10 -23.58
N GLN E 291 15.85 14.03 -23.88
CA GLN E 291 16.37 12.89 -24.62
C GLN E 291 16.28 13.02 -26.14
N LEU E 292 15.55 14.00 -26.66
CA LEU E 292 15.33 14.15 -28.11
C LEU E 292 14.65 12.91 -28.70
N SER E 293 13.47 12.60 -28.19
CA SER E 293 12.64 11.61 -28.86
C SER E 293 12.15 12.18 -30.19
N VAL E 294 11.87 11.28 -31.13
CA VAL E 294 11.45 11.71 -32.46
C VAL E 294 10.13 12.49 -32.38
N ALA E 295 9.25 12.08 -31.48
CA ALA E 295 8.01 12.82 -31.27
C ALA E 295 8.31 14.23 -30.77
N GLU E 296 9.27 14.36 -29.85
CA GLU E 296 9.61 15.67 -29.31
C GLU E 296 10.13 16.60 -30.41
N ILE E 297 11.07 16.12 -31.22
CA ILE E 297 11.63 16.98 -32.27
C ILE E 297 10.58 17.27 -33.34
N THR E 298 9.69 16.31 -33.62
CA THR E 298 8.64 16.57 -34.60
C THR E 298 7.68 17.64 -34.10
N ASN E 299 7.29 17.58 -32.82
CA ASN E 299 6.48 18.64 -32.24
C ASN E 299 7.21 19.97 -32.27
N ALA E 300 8.52 19.95 -32.05
CA ALA E 300 9.30 21.19 -32.16
C ALA E 300 9.26 21.75 -33.58
N CYS E 301 9.35 20.86 -34.58
CA CYS E 301 9.28 21.30 -35.97
C CYS E 301 7.93 21.93 -36.29
N PHE E 302 6.83 21.26 -35.94
CA PHE E 302 5.53 21.80 -36.27
C PHE E 302 5.14 22.99 -35.40
N GLU E 303 5.89 23.28 -34.35
CA GLU E 303 5.67 24.49 -33.58
C GLU E 303 5.97 25.70 -34.46
N PRO E 304 5.10 26.73 -34.47
CA PRO E 304 5.33 27.88 -35.36
C PRO E 304 6.55 28.71 -35.01
N ALA E 305 7.11 28.55 -33.80
CA ALA E 305 8.25 29.38 -33.41
C ALA E 305 9.55 28.90 -34.06
N ASN E 306 9.72 27.59 -34.24
CA ASN E 306 10.92 27.05 -34.83
C ASN E 306 10.99 27.22 -36.34
N GLN E 307 9.97 27.84 -36.94
CA GLN E 307 9.93 28.09 -38.36
C GLN E 307 10.92 29.18 -38.75
N MET E 308 11.45 29.08 -39.97
CA MET E 308 12.47 29.99 -40.45
C MET E 308 11.91 31.06 -41.39
N VAL E 309 10.61 31.29 -41.36
CA VAL E 309 9.97 32.39 -42.07
C VAL E 309 8.99 33.06 -41.12
N LYS E 310 8.95 34.40 -41.14
CA LYS E 310 7.92 35.10 -40.40
C LYS E 310 6.58 34.99 -41.11
N CYS E 311 6.03 33.79 -41.10
CA CYS E 311 4.66 33.52 -41.53
C CYS E 311 4.15 32.40 -40.62
N ASP E 312 3.01 32.63 -39.97
CA ASP E 312 2.46 31.64 -39.05
C ASP E 312 1.48 30.71 -39.75
N PRO E 313 1.78 29.42 -39.87
CA PRO E 313 0.92 28.52 -40.66
C PRO E 313 -0.47 28.34 -40.08
N ARG E 314 -0.69 28.65 -38.81
CA ARG E 314 -1.96 28.36 -38.16
C ARG E 314 -3.12 29.16 -38.73
N HIS E 315 -2.86 30.20 -39.52
CA HIS E 315 -3.89 30.90 -40.26
C HIS E 315 -3.93 30.49 -41.73
N GLY E 316 -3.28 29.38 -42.09
CA GLY E 316 -3.39 28.86 -43.44
C GLY E 316 -3.62 27.37 -43.45
N LYS E 317 -3.23 26.71 -44.54
CA LYS E 317 -3.41 25.27 -44.68
C LYS E 317 -2.12 24.65 -45.17
N TYR E 318 -1.92 23.38 -44.83
CA TYR E 318 -0.74 22.63 -45.22
C TYR E 318 -1.06 21.84 -46.48
N MET E 319 -0.52 22.28 -47.63
CA MET E 319 -0.68 21.50 -48.84
C MET E 319 0.17 20.24 -48.82
N ALA E 320 1.42 20.35 -48.35
CA ALA E 320 2.28 19.17 -48.32
C ALA E 320 3.39 19.38 -47.29
N CYS E 321 3.96 18.27 -46.83
CA CYS E 321 5.08 18.28 -45.91
C CYS E 321 6.03 17.16 -46.28
N CYS E 322 7.32 17.40 -46.07
CA CYS E 322 8.36 16.40 -46.28
C CYS E 322 9.30 16.42 -45.09
N LEU E 323 9.37 15.32 -44.36
CA LEU E 323 10.20 15.19 -43.18
C LEU E 323 11.36 14.26 -43.48
N LEU E 324 12.57 14.75 -43.24
CA LEU E 324 13.79 13.96 -43.41
C LEU E 324 14.43 13.78 -42.04
N TYR E 325 14.59 12.53 -41.63
CA TYR E 325 15.23 12.19 -40.38
C TYR E 325 16.58 11.56 -40.67
N ARG E 326 17.54 11.82 -39.79
CA ARG E 326 18.85 11.22 -39.92
C ARG E 326 19.36 10.83 -38.53
N GLY E 327 20.11 9.75 -38.49
CA GLY E 327 20.59 9.19 -37.25
C GLY E 327 19.88 7.90 -36.87
N ASP E 328 19.98 7.57 -35.59
CA ASP E 328 19.37 6.35 -35.04
C ASP E 328 17.87 6.60 -34.87
N VAL E 329 17.14 6.49 -35.98
CA VAL E 329 15.72 6.80 -36.02
C VAL E 329 14.95 5.50 -36.24
N VAL E 330 13.99 5.25 -35.36
CA VAL E 330 13.19 4.02 -35.39
C VAL E 330 11.90 4.32 -36.15
N PRO E 331 11.61 3.61 -37.25
CA PRO E 331 10.47 4.00 -38.10
C PRO E 331 9.11 3.92 -37.43
N LYS E 332 8.90 2.97 -36.51
CA LYS E 332 7.59 2.90 -35.85
C LYS E 332 7.36 4.15 -35.01
N ASP E 333 8.41 4.64 -34.36
CA ASP E 333 8.32 5.90 -33.64
C ASP E 333 7.99 7.03 -34.59
N VAL E 334 8.55 6.99 -35.80
CA VAL E 334 8.18 7.96 -36.84
C VAL E 334 6.68 7.90 -37.10
N ASN E 335 6.15 6.69 -37.29
CA ASN E 335 4.72 6.55 -37.56
C ASN E 335 3.88 7.09 -36.42
N ALA E 336 4.24 6.75 -35.18
CA ALA E 336 3.48 7.21 -34.03
C ALA E 336 3.51 8.73 -33.92
N ALA E 337 4.69 9.33 -34.10
CA ALA E 337 4.81 10.78 -34.01
C ALA E 337 4.00 11.47 -35.11
N ILE E 338 4.05 10.93 -36.33
CA ILE E 338 3.32 11.55 -37.43
C ILE E 338 1.81 11.44 -37.20
N ALA E 339 1.35 10.30 -36.69
CA ALA E 339 -0.07 10.16 -36.38
C ALA E 339 -0.48 11.17 -35.30
N THR E 340 0.33 11.32 -34.26
CA THR E 340 0.01 12.28 -33.21
C THR E 340 -0.05 13.70 -33.75
N ILE E 341 0.88 14.05 -34.64
CA ILE E 341 0.82 15.36 -35.29
C ILE E 341 -0.46 15.50 -36.10
N LYS E 342 -0.83 14.44 -36.82
CA LYS E 342 -2.07 14.46 -37.59
C LYS E 342 -3.28 14.75 -36.69
N THR E 343 -3.27 14.22 -35.46
CA THR E 343 -4.41 14.40 -34.57
C THR E 343 -4.51 15.81 -34.00
N LYS E 344 -3.44 16.59 -34.03
CA LYS E 344 -3.41 17.86 -33.33
C LYS E 344 -4.37 18.87 -33.97
N ARG E 345 -4.52 20.02 -33.31
CA ARG E 345 -5.50 21.03 -33.69
C ARG E 345 -4.93 22.12 -34.57
N SER E 346 -3.63 22.40 -34.47
CA SER E 346 -3.02 23.51 -35.20
C SER E 346 -2.55 23.10 -36.59
N ILE E 347 -2.85 21.88 -37.03
CA ILE E 347 -2.46 21.39 -38.34
C ILE E 347 -3.75 20.94 -39.02
N GLN E 348 -4.33 21.81 -39.84
CA GLN E 348 -5.51 21.50 -40.62
C GLN E 348 -5.14 21.45 -42.09
N PHE E 349 -5.42 20.33 -42.74
CA PHE E 349 -4.98 20.13 -44.11
C PHE E 349 -6.00 20.66 -45.11
N VAL E 350 -5.52 20.91 -46.32
CA VAL E 350 -6.38 21.44 -47.37
C VAL E 350 -7.31 20.34 -47.87
N ASP E 351 -8.42 20.76 -48.49
CA ASP E 351 -9.48 19.83 -48.85
C ASP E 351 -8.99 18.78 -49.84
N TRP E 352 -8.25 19.19 -50.87
CA TRP E 352 -7.95 18.25 -51.94
C TRP E 352 -6.89 17.23 -51.56
N CYS E 353 -6.13 17.48 -50.50
CA CYS E 353 -5.01 16.62 -50.12
C CYS E 353 -5.31 15.91 -48.81
N PRO E 354 -5.76 14.65 -48.84
CA PRO E 354 -5.93 13.92 -47.57
C PRO E 354 -4.63 13.34 -47.04
N THR E 355 -3.57 13.33 -47.84
CA THR E 355 -2.30 12.68 -47.47
C THR E 355 -1.17 13.61 -47.86
N GLY E 356 -0.64 14.35 -46.89
CA GLY E 356 0.35 15.37 -47.18
C GLY E 356 1.70 15.21 -46.53
N PHE E 357 2.05 13.99 -46.10
CA PHE E 357 3.33 13.73 -45.47
C PHE E 357 4.20 12.82 -46.34
N LYS E 358 5.44 13.23 -46.52
CA LYS E 358 6.51 12.34 -46.98
C LYS E 358 7.50 12.13 -45.85
N VAL E 359 8.05 10.91 -45.78
CA VAL E 359 9.03 10.54 -44.78
C VAL E 359 10.27 10.01 -45.47
N GLY E 360 11.44 10.47 -45.04
CA GLY E 360 12.69 9.90 -45.49
C GLY E 360 13.61 9.67 -44.30
N ILE E 361 14.34 8.56 -44.35
CA ILE E 361 15.18 8.11 -43.25
C ILE E 361 16.61 7.92 -43.76
N ASN E 362 17.58 8.41 -42.98
CA ASN E 362 18.99 8.17 -43.26
C ASN E 362 19.69 7.76 -41.98
N TYR E 363 20.63 6.81 -42.10
CA TYR E 363 21.34 6.31 -40.92
C TYR E 363 22.39 7.28 -40.41
N GLN E 364 22.93 8.12 -41.29
CA GLN E 364 24.06 8.97 -40.92
C GLN E 364 23.58 10.09 -40.00
N PRO E 365 24.10 10.20 -38.79
CA PRO E 365 23.70 11.30 -37.90
C PRO E 365 24.28 12.61 -38.37
N PRO E 366 23.73 13.75 -37.93
CA PRO E 366 24.31 15.03 -38.33
C PRO E 366 25.71 15.21 -37.78
N THR E 367 26.52 15.97 -38.52
CA THR E 367 27.91 16.18 -38.18
C THR E 367 28.08 17.54 -37.51
N VAL E 368 28.80 17.56 -36.40
CA VAL E 368 29.03 18.78 -35.62
C VAL E 368 30.32 19.43 -36.08
N VAL E 369 30.25 20.75 -36.31
CA VAL E 369 31.42 21.53 -36.71
C VAL E 369 32.17 21.98 -35.45
N PRO E 370 33.47 21.71 -35.34
CA PRO E 370 34.23 22.27 -34.22
C PRO E 370 34.19 23.78 -34.23
N GLY E 371 34.06 24.36 -33.04
CA GLY E 371 33.90 25.79 -32.93
C GLY E 371 32.50 26.30 -33.22
N GLY E 372 31.55 25.41 -33.49
CA GLY E 372 30.19 25.81 -33.80
C GLY E 372 29.39 26.13 -32.56
N ASP E 373 28.07 26.18 -32.75
CA ASP E 373 27.14 26.52 -31.68
C ASP E 373 26.21 25.39 -31.29
N LEU E 374 25.82 24.53 -32.23
CA LEU E 374 24.94 23.42 -31.92
C LEU E 374 25.69 22.35 -31.12
N ALA E 375 24.97 21.30 -30.74
CA ALA E 375 25.53 20.20 -29.97
C ALA E 375 25.38 18.90 -30.75
N LYS E 376 26.33 17.99 -30.55
CA LYS E 376 26.30 16.71 -31.23
C LYS E 376 25.11 15.89 -30.73
N VAL E 377 24.19 15.59 -31.63
CA VAL E 377 22.98 14.85 -31.27
C VAL E 377 22.97 13.52 -32.00
N GLN E 378 22.01 12.66 -31.67
CA GLN E 378 21.90 11.34 -32.30
C GLN E 378 20.78 11.27 -33.32
N ARG E 379 19.81 12.18 -33.28
CA ARG E 379 18.74 12.22 -34.27
C ARG E 379 18.57 13.66 -34.73
N ALA E 380 18.21 13.82 -36.00
CA ALA E 380 17.97 15.14 -36.56
C ALA E 380 16.82 15.07 -37.54
N VAL E 381 16.15 16.21 -37.73
CA VAL E 381 14.93 16.30 -38.52
C VAL E 381 14.92 17.63 -39.27
N CYS E 382 14.60 17.55 -40.56
CA CYS E 382 14.34 18.71 -41.40
C CYS E 382 12.93 18.61 -41.95
N MET E 383 12.17 19.70 -41.82
CA MET E 383 10.80 19.77 -42.33
C MET E 383 10.77 20.75 -43.49
N LEU E 384 10.31 20.28 -44.64
CA LEU E 384 10.15 21.08 -45.85
C LEU E 384 8.66 21.12 -46.15
N SER E 385 8.00 22.23 -45.83
CA SER E 385 6.55 22.29 -45.84
C SER E 385 6.07 23.30 -46.86
N ASN E 386 5.15 22.88 -47.72
CA ASN E 386 4.48 23.77 -48.66
C ASN E 386 3.09 24.04 -48.09
N THR E 387 2.90 25.26 -47.58
CA THR E 387 1.68 25.66 -46.90
C THR E 387 1.09 26.91 -47.58
N THR E 388 0.03 27.45 -46.99
CA THR E 388 -0.72 28.55 -47.58
C THR E 388 -0.39 29.91 -46.95
N ALA E 389 0.01 29.93 -45.68
CA ALA E 389 0.28 31.20 -45.00
C ALA E 389 1.38 32.00 -45.67
N ILE E 390 2.30 31.32 -46.38
CA ILE E 390 3.40 32.02 -47.05
C ILE E 390 2.86 33.07 -48.01
N ALA E 391 1.70 32.82 -48.62
CA ALA E 391 1.11 33.78 -49.54
C ALA E 391 0.94 35.14 -48.88
N GLU E 392 0.59 35.15 -47.60
CA GLU E 392 0.44 36.40 -46.87
C GLU E 392 1.67 37.28 -47.03
N ALA E 393 2.86 36.68 -46.91
CA ALA E 393 4.09 37.43 -47.06
C ALA E 393 4.11 38.20 -48.37
N TRP E 394 3.75 37.54 -49.47
CA TRP E 394 3.74 38.20 -50.76
C TRP E 394 2.93 39.49 -50.72
N ALA E 395 1.75 39.43 -50.10
CA ALA E 395 0.90 40.62 -50.01
C ALA E 395 1.68 41.79 -49.45
N ARG E 396 2.40 41.56 -48.35
CA ARG E 396 3.20 42.61 -47.74
C ARG E 396 4.11 43.26 -48.79
N LEU E 397 4.90 42.43 -49.49
CA LEU E 397 5.79 42.97 -50.50
C LEU E 397 5.01 43.79 -51.51
N ASP E 398 3.91 43.24 -52.01
CA ASP E 398 3.08 43.96 -52.97
C ASP E 398 2.73 45.33 -52.44
N HIS E 399 2.23 45.38 -51.20
CA HIS E 399 1.87 46.67 -50.62
C HIS E 399 3.06 47.61 -50.64
N LYS E 400 4.20 47.15 -50.12
CA LYS E 400 5.40 47.97 -50.15
C LYS E 400 5.69 48.43 -51.56
N PHE E 401 5.69 47.47 -52.50
CA PHE E 401 5.95 47.81 -53.89
C PHE E 401 5.03 48.93 -54.35
N ASP E 402 3.73 48.76 -54.11
CA ASP E 402 2.78 49.76 -54.56
C ASP E 402 3.09 51.11 -53.94
N LEU E 403 3.41 51.13 -52.64
CA LEU E 403 3.80 52.38 -52.00
C LEU E 403 5.00 52.98 -52.71
N MET E 404 6.05 52.18 -52.88
CA MET E 404 7.24 52.69 -53.58
C MET E 404 6.95 52.97 -55.04
N TYR E 405 5.89 52.39 -55.59
CA TYR E 405 5.52 52.67 -56.96
C TYR E 405 4.50 53.78 -57.07
N ALA E 406 4.00 54.29 -55.93
CA ALA E 406 3.02 55.37 -55.99
C ALA E 406 3.64 56.67 -56.47
N LYS E 407 4.90 56.93 -56.11
CA LYS E 407 5.56 58.19 -56.44
C LYS E 407 6.69 58.01 -57.43
N ARG E 408 6.82 56.83 -58.05
CA ARG E 408 7.88 56.53 -59.00
C ARG E 408 9.27 56.71 -58.37
N ALA E 409 9.42 56.22 -57.15
CA ALA E 409 10.70 56.33 -56.44
C ALA E 409 11.71 55.32 -56.96
N PHE E 410 12.97 55.75 -57.04
CA PHE E 410 14.11 54.92 -57.44
C PHE E 410 13.96 54.35 -58.84
N VAL E 411 12.96 54.79 -59.61
CA VAL E 411 12.70 54.19 -60.91
C VAL E 411 13.80 54.54 -61.91
N HIS E 412 14.38 55.74 -61.80
CA HIS E 412 15.33 56.21 -62.80
C HIS E 412 16.56 55.32 -62.87
N TRP E 413 17.02 54.80 -61.73
CA TRP E 413 18.19 53.93 -61.72
C TRP E 413 17.99 52.73 -62.62
N TYR E 414 16.80 52.14 -62.57
CA TYR E 414 16.48 51.06 -63.48
C TYR E 414 16.29 51.57 -64.91
N VAL E 415 15.53 52.64 -65.09
CA VAL E 415 15.11 53.06 -66.43
C VAL E 415 16.32 53.43 -67.28
N GLY E 416 17.26 54.19 -66.72
CA GLY E 416 18.43 54.59 -67.47
C GLY E 416 19.51 53.54 -67.61
N GLU E 417 19.18 52.27 -67.40
CA GLU E 417 20.19 51.22 -67.31
C GLU E 417 19.90 50.09 -68.30
N GLY E 418 18.91 50.24 -69.17
CA GLY E 418 18.50 49.20 -70.07
C GLY E 418 17.23 48.51 -69.62
N MET E 419 16.31 49.28 -69.03
CA MET E 419 15.14 48.75 -68.37
C MET E 419 13.90 49.56 -68.75
N GLU E 420 12.74 48.91 -68.64
CA GLU E 420 11.46 49.52 -69.00
C GLU E 420 10.51 49.53 -67.79
N GLU E 421 9.66 50.55 -67.75
CA GLU E 421 8.57 50.58 -66.77
C GLU E 421 7.57 49.44 -66.99
N GLY E 422 7.41 49.01 -68.25
CA GLY E 422 6.40 48.02 -68.58
C GLY E 422 6.61 46.70 -67.87
N GLU E 423 7.85 46.27 -67.68
CA GLU E 423 8.08 45.05 -66.92
C GLU E 423 7.73 45.24 -65.45
N PHE E 424 7.94 46.44 -64.92
CA PHE E 424 7.52 46.70 -63.54
C PHE E 424 6.03 46.49 -63.42
N SER E 425 5.26 47.05 -64.35
CA SER E 425 3.82 46.79 -64.36
C SER E 425 3.55 45.29 -64.47
N GLU E 426 4.13 44.64 -65.48
CA GLU E 426 3.85 43.23 -65.76
C GLU E 426 4.17 42.35 -64.55
N ALA E 427 5.28 42.63 -63.89
CA ALA E 427 5.61 41.91 -62.66
C ALA E 427 4.58 42.16 -61.59
N ARG E 428 4.04 43.39 -61.51
CA ARG E 428 3.02 43.64 -60.51
C ARG E 428 1.76 42.81 -60.76
N GLU E 429 1.27 42.78 -62.01
CA GLU E 429 0.11 41.92 -62.27
C GLU E 429 0.46 40.45 -62.07
N ASP E 430 1.69 40.03 -62.40
CA ASP E 430 2.04 38.63 -62.21
C ASP E 430 2.04 38.25 -60.72
N MET E 431 2.55 39.14 -59.87
CA MET E 431 2.50 38.90 -58.43
C MET E 431 1.06 38.86 -57.92
N ALA E 432 0.22 39.78 -58.41
CA ALA E 432 -1.19 39.76 -58.02
C ALA E 432 -1.86 38.47 -58.46
N ALA E 433 -1.53 37.98 -59.66
CA ALA E 433 -2.10 36.73 -60.15
C ALA E 433 -1.62 35.56 -59.30
N LEU E 434 -0.36 35.57 -58.88
CA LEU E 434 0.14 34.53 -57.99
C LEU E 434 -0.62 34.54 -56.67
N GLU E 435 -0.88 35.73 -56.13
CA GLU E 435 -1.67 35.83 -54.90
C GLU E 435 -3.08 35.29 -55.11
N LYS E 436 -3.71 35.64 -56.23
CA LYS E 436 -5.04 35.14 -56.52
C LYS E 436 -5.04 33.62 -56.63
N ASP E 437 -4.01 33.06 -57.27
CA ASP E 437 -3.91 31.60 -57.38
C ASP E 437 -3.76 30.96 -56.01
N TYR E 438 -2.93 31.54 -55.14
CA TYR E 438 -2.79 31.03 -53.78
C TYR E 438 -4.13 31.05 -53.04
N GLU E 439 -4.84 32.16 -53.15
CA GLU E 439 -6.14 32.28 -52.49
C GLU E 439 -7.12 31.25 -53.02
N GLU E 440 -7.14 31.04 -54.33
CA GLU E 440 -8.04 30.06 -54.93
C GLU E 440 -7.70 28.65 -54.45
N VAL E 441 -6.41 28.32 -54.39
CA VAL E 441 -6.00 27.02 -53.87
C VAL E 441 -6.43 26.86 -52.43
N GLY E 442 -6.46 27.96 -51.66
CA GLY E 442 -6.81 27.86 -50.25
C GLY E 442 -8.22 27.35 -50.01
N VAL E 443 -9.18 27.76 -50.86
CA VAL E 443 -10.59 27.55 -50.53
C VAL E 443 -10.96 26.07 -50.67
N ASP E 444 -12.12 25.73 -50.08
CA ASP E 444 -12.65 24.37 -50.12
C ASP E 444 -13.66 24.22 -51.27
N SER E 445 -13.92 22.96 -51.63
CA SER E 445 -14.72 22.64 -52.80
C SER E 445 -16.18 22.37 -52.45
N VAL E 446 -17.01 22.35 -53.46
CA VAL E 446 -18.40 21.97 -53.32
C VAL E 446 -18.52 20.47 -53.52
N GLU E 447 -19.45 19.86 -52.81
CA GLU E 447 -19.67 18.41 -52.88
C GLU E 447 -18.41 17.63 -52.55
N MET F 1 13.33 -28.79 -61.43
CA MET F 1 11.90 -29.03 -61.52
C MET F 1 11.12 -27.94 -60.80
N ARG F 2 10.19 -27.31 -61.53
CA ARG F 2 9.32 -26.26 -60.98
C ARG F 2 10.15 -25.12 -60.40
N GLU F 3 10.90 -24.45 -61.27
CA GLU F 3 11.77 -23.36 -60.88
C GLU F 3 10.99 -22.05 -60.84
N ILE F 4 11.41 -21.15 -59.95
CA ILE F 4 10.74 -19.87 -59.75
C ILE F 4 11.77 -18.76 -59.85
N VAL F 5 11.47 -17.75 -60.66
CA VAL F 5 12.32 -16.57 -60.81
C VAL F 5 11.77 -15.49 -59.89
N HIS F 6 12.63 -14.94 -59.04
CA HIS F 6 12.24 -13.92 -58.07
C HIS F 6 12.69 -12.55 -58.54
N ILE F 7 11.75 -11.61 -58.60
CA ILE F 7 12.04 -10.25 -59.04
C ILE F 7 11.76 -9.32 -57.88
N GLN F 8 12.61 -8.30 -57.72
CA GLN F 8 12.46 -7.32 -56.66
C GLN F 8 12.49 -5.92 -57.27
N ALA F 9 11.49 -5.11 -56.94
CA ALA F 9 11.37 -3.77 -57.48
C ALA F 9 11.09 -2.79 -56.35
N GLY F 10 11.73 -1.63 -56.41
CA GLY F 10 11.61 -0.63 -55.38
C GLY F 10 12.45 -0.98 -54.16
N GLN F 11 12.74 0.06 -53.37
CA GLN F 11 13.66 -0.11 -52.24
C GLN F 11 13.11 -1.12 -51.24
N CYS F 12 11.81 -1.01 -50.92
CA CYS F 12 11.18 -2.01 -50.09
C CYS F 12 11.27 -3.39 -50.73
N GLY F 13 11.15 -3.46 -52.06
CA GLY F 13 11.28 -4.73 -52.74
C GLY F 13 12.64 -5.38 -52.51
N ASN F 14 13.72 -4.59 -52.67
CA ASN F 14 15.05 -5.14 -52.46
C ASN F 14 15.29 -5.51 -51.00
N GLN F 15 14.78 -4.70 -50.06
CA GLN F 15 15.00 -5.03 -48.65
C GLN F 15 14.25 -6.30 -48.25
N ILE F 16 12.97 -6.41 -48.63
CA ILE F 16 12.22 -7.63 -48.39
C ILE F 16 12.90 -8.82 -49.06
N GLY F 17 13.41 -8.62 -50.27
CA GLY F 17 14.07 -9.71 -50.96
C GLY F 17 15.37 -10.15 -50.28
N ALA F 18 16.13 -9.19 -49.76
CA ALA F 18 17.35 -9.55 -49.04
C ALA F 18 17.03 -10.37 -47.81
N LYS F 19 16.05 -9.93 -47.02
CA LYS F 19 15.66 -10.71 -45.84
C LYS F 19 15.09 -12.06 -46.24
N PHE F 20 14.34 -12.09 -47.34
CA PHE F 20 13.73 -13.33 -47.84
C PHE F 20 14.80 -14.34 -48.23
N TRP F 21 15.82 -13.88 -48.95
CA TRP F 21 16.89 -14.78 -49.36
C TRP F 21 17.73 -15.21 -48.17
N GLU F 22 17.88 -14.36 -47.17
CA GLU F 22 18.52 -14.80 -45.92
C GLU F 22 17.72 -15.94 -45.29
N VAL F 23 16.40 -15.80 -45.24
CA VAL F 23 15.56 -16.85 -44.65
C VAL F 23 15.69 -18.15 -45.44
N ILE F 24 15.64 -18.06 -46.77
CA ILE F 24 15.75 -19.26 -47.59
C ILE F 24 17.13 -19.91 -47.44
N SER F 25 18.18 -19.10 -47.37
CA SER F 25 19.51 -19.64 -47.14
C SER F 25 19.59 -20.36 -45.80
N ASP F 26 18.95 -19.80 -44.77
CA ASP F 26 18.89 -20.49 -43.49
C ASP F 26 18.14 -21.82 -43.60
N GLU F 27 17.03 -21.83 -44.35
CA GLU F 27 16.23 -23.04 -44.48
C GLU F 27 17.01 -24.13 -45.20
N HIS F 28 17.69 -23.79 -46.29
CA HIS F 28 18.42 -24.77 -47.08
C HIS F 28 19.88 -24.92 -46.66
N GLY F 29 20.31 -24.21 -45.61
CA GLY F 29 21.65 -24.36 -45.09
C GLY F 29 22.74 -24.00 -46.07
N ILE F 30 22.81 -22.73 -46.47
CA ILE F 30 23.78 -22.24 -47.43
C ILE F 30 24.54 -21.08 -46.80
N ASP F 31 25.87 -21.09 -46.97
CA ASP F 31 26.67 -19.97 -46.50
C ASP F 31 26.40 -18.73 -47.35
N PRO F 32 26.74 -17.54 -46.84
CA PRO F 32 26.76 -16.37 -47.71
C PRO F 32 27.67 -16.53 -48.91
N SER F 33 28.76 -17.29 -48.76
CA SER F 33 29.62 -17.61 -49.90
C SER F 33 28.91 -18.48 -50.93
N GLY F 34 27.86 -19.19 -50.54
CA GLY F 34 27.11 -20.01 -51.46
C GLY F 34 27.39 -21.50 -51.40
N ASN F 35 28.22 -21.96 -50.48
CA ASN F 35 28.47 -23.39 -50.33
C ASN F 35 27.41 -24.04 -49.45
N TYR F 36 27.30 -25.36 -49.58
CA TYR F 36 26.33 -26.13 -48.81
C TYR F 36 26.98 -26.62 -47.51
N VAL F 37 26.44 -26.20 -46.37
CA VAL F 37 26.90 -26.64 -45.07
C VAL F 37 25.73 -27.21 -44.25
N GLY F 38 24.73 -27.75 -44.93
CA GLY F 38 23.62 -28.39 -44.25
C GLY F 38 24.02 -29.76 -43.73
N ASP F 39 23.03 -30.48 -43.21
CA ASP F 39 23.26 -31.80 -42.62
C ASP F 39 22.24 -32.85 -43.03
N SER F 40 21.31 -32.53 -43.94
CA SER F 40 20.32 -33.49 -44.41
C SER F 40 20.19 -33.36 -45.93
N ASP F 41 20.09 -34.51 -46.60
CA ASP F 41 19.98 -34.51 -48.05
C ASP F 41 18.71 -33.80 -48.52
N LEU F 42 17.66 -33.77 -47.70
CA LEU F 42 16.40 -33.18 -48.11
C LEU F 42 16.54 -31.69 -48.40
N GLN F 43 17.48 -31.02 -47.73
CA GLN F 43 17.75 -29.62 -48.05
C GLN F 43 18.23 -29.45 -49.48
N LEU F 44 18.91 -30.47 -50.03
CA LEU F 44 19.46 -30.38 -51.38
C LEU F 44 18.59 -31.06 -52.43
N GLU F 45 17.68 -31.94 -52.03
CA GLU F 45 16.91 -32.70 -53.02
C GLU F 45 16.02 -31.81 -53.88
N ARG F 46 15.64 -30.62 -53.37
CA ARG F 46 14.89 -29.65 -54.14
C ARG F 46 15.56 -28.27 -54.07
N ILE F 47 16.89 -28.25 -54.10
CA ILE F 47 17.62 -26.98 -54.04
C ILE F 47 17.42 -26.16 -55.30
N SER F 48 17.09 -26.81 -56.42
CA SER F 48 17.06 -26.15 -57.73
C SER F 48 15.87 -25.20 -57.89
N VAL F 49 14.89 -25.23 -57.00
CA VAL F 49 13.71 -24.39 -57.18
C VAL F 49 14.08 -22.91 -57.13
N TYR F 50 14.93 -22.53 -56.19
CA TYR F 50 15.38 -21.14 -56.07
C TYR F 50 16.85 -20.94 -56.42
N TYR F 51 17.67 -21.98 -56.37
CA TYR F 51 19.10 -21.82 -56.57
C TYR F 51 19.53 -22.52 -57.85
N ASN F 52 20.42 -21.86 -58.58
CA ASN F 52 21.08 -22.40 -59.76
C ASN F 52 22.45 -22.93 -59.37
N GLU F 53 22.76 -24.14 -59.84
CA GLU F 53 24.04 -24.78 -59.58
C GLU F 53 25.10 -24.26 -60.54
N ALA F 54 25.95 -23.35 -60.06
CA ALA F 54 27.15 -23.01 -60.79
C ALA F 54 28.18 -24.12 -60.62
N SER F 55 29.35 -23.93 -61.22
CA SER F 55 30.41 -24.91 -61.06
C SER F 55 30.95 -24.86 -59.64
N SER F 56 31.77 -25.87 -59.31
CA SER F 56 32.46 -25.96 -58.02
C SER F 56 31.48 -26.00 -56.84
N HIS F 57 30.38 -26.73 -57.03
CA HIS F 57 29.43 -27.02 -55.95
C HIS F 57 28.85 -25.74 -55.34
N LYS F 58 28.68 -24.69 -56.14
CA LYS F 58 28.21 -23.41 -55.65
C LYS F 58 26.76 -23.17 -56.08
N TYR F 59 26.00 -22.53 -55.20
CA TYR F 59 24.58 -22.25 -55.43
C TYR F 59 24.36 -20.74 -55.47
N VAL F 60 23.68 -20.27 -56.51
CA VAL F 60 23.40 -18.83 -56.63
C VAL F 60 21.89 -18.62 -56.66
N PRO F 61 21.38 -17.54 -56.07
CA PRO F 61 19.94 -17.30 -56.12
C PRO F 61 19.47 -17.02 -57.54
N ARG F 62 18.24 -17.42 -57.82
CA ARG F 62 17.58 -17.09 -59.08
C ARG F 62 16.70 -15.84 -58.89
N ALA F 63 17.37 -14.76 -58.50
CA ALA F 63 16.71 -13.52 -58.13
C ALA F 63 17.15 -12.40 -59.06
N ILE F 64 16.22 -11.47 -59.31
CA ILE F 64 16.48 -10.29 -60.11
C ILE F 64 16.20 -9.07 -59.26
N LEU F 65 17.18 -8.19 -59.14
CA LEU F 65 17.10 -7.00 -58.31
C LEU F 65 17.07 -5.77 -59.22
N VAL F 66 16.00 -4.98 -59.11
CA VAL F 66 15.75 -3.87 -60.00
C VAL F 66 15.46 -2.62 -59.17
N ASP F 67 16.11 -1.51 -59.52
CA ASP F 67 15.85 -0.22 -58.89
C ASP F 67 16.37 0.85 -59.84
N LEU F 68 16.12 2.10 -59.48
CA LEU F 68 16.61 3.25 -60.26
C LEU F 68 17.61 4.10 -59.50
N GLU F 69 17.93 3.73 -58.26
CA GLU F 69 18.96 4.42 -57.49
C GLU F 69 19.98 3.41 -56.98
N PRO F 70 21.28 3.72 -57.09
CA PRO F 70 22.31 2.75 -56.72
C PRO F 70 22.51 2.59 -55.22
N GLY F 71 21.85 3.41 -54.39
CA GLY F 71 22.03 3.29 -52.95
C GLY F 71 21.60 1.93 -52.42
N THR F 72 20.42 1.47 -52.84
CA THR F 72 19.92 0.18 -52.38
C THR F 72 20.82 -0.96 -52.84
N MET F 73 21.27 -0.92 -54.10
CA MET F 73 22.14 -1.95 -54.61
C MET F 73 23.48 -1.97 -53.86
N ASP F 74 24.02 -0.78 -53.58
CA ASP F 74 25.25 -0.70 -52.80
C ASP F 74 25.06 -1.26 -51.40
N SER F 75 23.91 -0.96 -50.78
CA SER F 75 23.62 -1.52 -49.46
C SER F 75 23.57 -3.04 -49.50
N VAL F 76 22.90 -3.60 -50.51
CA VAL F 76 22.82 -5.04 -50.63
C VAL F 76 24.19 -5.66 -50.85
N ARG F 77 25.00 -5.03 -51.71
CA ARG F 77 26.32 -5.57 -52.03
C ARG F 77 27.24 -5.53 -50.82
N SER F 78 27.24 -4.41 -50.07
CA SER F 78 28.22 -4.21 -49.02
C SER F 78 28.00 -5.16 -47.85
N GLY F 79 26.75 -5.36 -47.44
CA GLY F 79 26.45 -6.14 -46.27
C GLY F 79 26.66 -7.63 -46.49
N ALA F 80 26.53 -8.37 -45.39
CA ALA F 80 26.64 -9.81 -45.44
C ALA F 80 25.53 -10.41 -46.30
N PHE F 81 25.73 -11.67 -46.71
CA PHE F 81 24.82 -12.34 -47.63
C PHE F 81 24.65 -11.54 -48.93
N GLY F 82 25.77 -10.99 -49.41
CA GLY F 82 25.74 -10.19 -50.63
C GLY F 82 26.52 -10.80 -51.78
N HIS F 83 27.44 -11.71 -51.47
CA HIS F 83 28.30 -12.30 -52.49
C HIS F 83 27.64 -13.42 -53.26
N LEU F 84 26.53 -13.97 -52.77
CA LEU F 84 25.92 -15.11 -53.44
C LEU F 84 25.14 -14.72 -54.70
N PHE F 85 24.65 -13.48 -54.77
CA PHE F 85 23.95 -13.03 -55.95
C PHE F 85 24.90 -12.94 -57.15
N ARG F 86 24.37 -13.23 -58.32
CA ARG F 86 25.14 -13.07 -59.55
C ARG F 86 25.30 -11.59 -59.85
N PRO F 87 26.52 -11.08 -60.01
CA PRO F 87 26.70 -9.63 -60.20
C PRO F 87 26.00 -9.07 -61.43
N ASP F 88 25.74 -9.90 -62.45
CA ASP F 88 25.08 -9.40 -63.64
C ASP F 88 23.62 -9.05 -63.40
N ASN F 89 22.97 -9.75 -62.47
CA ASN F 89 21.56 -9.48 -62.18
C ASN F 89 21.34 -8.14 -61.49
N PHE F 90 22.41 -7.49 -61.02
CA PHE F 90 22.30 -6.21 -60.32
C PHE F 90 22.02 -5.11 -61.34
N ILE F 91 20.76 -5.04 -61.77
CA ILE F 91 20.33 -4.02 -62.72
C ILE F 91 19.77 -2.84 -61.95
N PHE F 92 20.29 -1.65 -62.23
CA PHE F 92 19.87 -0.46 -61.50
C PHE F 92 19.99 0.77 -62.40
N GLY F 93 19.23 1.79 -62.05
CA GLY F 93 19.24 3.05 -62.76
C GLY F 93 20.18 4.06 -62.11
N GLN F 94 19.97 5.32 -62.45
CA GLN F 94 20.86 6.35 -61.94
C GLN F 94 20.14 7.48 -61.20
N SER F 95 18.99 7.93 -61.71
CA SER F 95 18.36 9.12 -61.15
C SER F 95 17.27 8.80 -60.14
N GLY F 96 16.64 7.63 -60.23
CA GLY F 96 15.51 7.33 -59.38
C GLY F 96 14.22 7.90 -59.95
N ALA F 97 13.12 7.15 -59.85
CA ALA F 97 11.86 7.59 -60.42
C ALA F 97 11.25 8.79 -59.71
N GLY F 98 11.74 9.13 -58.52
CA GLY F 98 11.25 10.30 -57.82
C GLY F 98 9.79 10.25 -57.44
N ASN F 99 9.34 9.09 -56.93
CA ASN F 99 7.97 8.91 -56.44
C ASN F 99 6.93 9.13 -57.53
N ASN F 100 7.33 9.13 -58.80
CA ASN F 100 6.42 9.43 -59.90
C ASN F 100 6.23 8.14 -60.69
N TRP F 101 4.96 7.73 -60.83
CA TRP F 101 4.67 6.46 -61.49
C TRP F 101 4.95 6.54 -62.98
N ALA F 102 4.92 7.73 -63.56
CA ALA F 102 5.26 7.89 -64.97
C ALA F 102 6.69 7.45 -65.24
N LYS F 103 7.64 7.99 -64.49
CA LYS F 103 9.03 7.63 -64.68
C LYS F 103 9.29 6.17 -64.36
N GLY F 104 8.48 5.55 -63.51
CA GLY F 104 8.68 4.16 -63.20
C GLY F 104 8.04 3.22 -64.22
N HIS F 105 7.06 3.73 -64.98
CA HIS F 105 6.35 2.90 -65.93
C HIS F 105 6.50 3.35 -67.39
N TYR F 106 6.84 4.61 -67.63
CA TYR F 106 6.90 5.13 -68.99
C TYR F 106 8.27 5.68 -69.36
N THR F 107 8.87 6.52 -68.53
CA THR F 107 10.08 7.26 -68.94
C THR F 107 11.36 6.53 -68.54
N GLU F 108 11.57 6.35 -67.23
CA GLU F 108 12.83 5.78 -66.77
C GLU F 108 12.83 4.26 -66.86
N GLY F 109 11.71 3.63 -66.51
CA GLY F 109 11.61 2.19 -66.61
C GLY F 109 11.84 1.66 -68.01
N ALA F 110 11.58 2.50 -69.02
CA ALA F 110 11.77 2.08 -70.40
C ALA F 110 13.24 1.88 -70.76
N GLU F 111 14.16 2.53 -70.05
CA GLU F 111 15.58 2.41 -70.36
C GLU F 111 16.22 1.16 -69.76
N LEU F 112 15.55 0.49 -68.81
CA LEU F 112 16.07 -0.73 -68.22
C LEU F 112 15.16 -1.93 -68.41
N VAL F 113 13.93 -1.72 -68.91
CA VAL F 113 13.01 -2.84 -69.09
C VAL F 113 13.57 -3.85 -70.07
N ASP F 114 14.25 -3.37 -71.12
CA ASP F 114 14.80 -4.29 -72.10
C ASP F 114 15.87 -5.19 -71.48
N SER F 115 16.81 -4.61 -70.72
CA SER F 115 17.84 -5.41 -70.08
C SER F 115 17.24 -6.39 -69.08
N VAL F 116 16.27 -5.94 -68.29
CA VAL F 116 15.63 -6.83 -67.34
C VAL F 116 14.95 -7.99 -68.06
N LEU F 117 14.26 -7.70 -69.16
CA LEU F 117 13.59 -8.75 -69.92
C LEU F 117 14.58 -9.72 -70.56
N ASP F 118 15.74 -9.23 -71.02
CA ASP F 118 16.73 -10.16 -71.55
C ASP F 118 17.26 -11.08 -70.46
N VAL F 119 17.52 -10.54 -69.26
CA VAL F 119 17.99 -11.38 -68.17
C VAL F 119 16.93 -12.42 -67.80
N VAL F 120 15.67 -11.99 -67.73
CA VAL F 120 14.58 -12.91 -67.42
C VAL F 120 14.47 -13.98 -68.50
N ARG F 121 14.62 -13.60 -69.77
CA ARG F 121 14.56 -14.57 -70.86
C ARG F 121 15.68 -15.59 -70.73
N LYS F 122 16.89 -15.13 -70.42
CA LYS F 122 18.01 -16.05 -70.23
C LYS F 122 17.74 -17.03 -69.10
N GLU F 123 17.23 -16.52 -67.97
CA GLU F 123 16.94 -17.40 -66.85
C GLU F 123 15.84 -18.40 -67.20
N CYS F 124 14.81 -17.95 -67.91
CA CYS F 124 13.73 -18.85 -68.31
C CYS F 124 14.25 -19.96 -69.22
N GLU F 125 15.12 -19.60 -70.17
CA GLU F 125 15.69 -20.62 -71.05
C GLU F 125 16.57 -21.59 -70.26
N ASN F 126 17.30 -21.08 -69.27
CA ASN F 126 18.20 -21.93 -68.50
C ASN F 126 17.46 -22.87 -67.55
N CYS F 127 16.28 -22.50 -67.08
CA CYS F 127 15.55 -23.34 -66.15
C CYS F 127 15.00 -24.58 -66.85
N ASP F 128 14.73 -25.62 -66.06
CA ASP F 128 14.27 -26.89 -66.60
C ASP F 128 12.79 -26.83 -66.95
N CYS F 129 11.93 -26.62 -65.95
CA CYS F 129 10.48 -26.60 -66.14
C CYS F 129 9.93 -25.48 -65.28
N LEU F 130 9.72 -24.32 -65.89
CA LEU F 130 9.33 -23.12 -65.16
C LEU F 130 7.97 -23.28 -64.51
N GLN F 131 7.86 -22.85 -63.26
CA GLN F 131 6.59 -22.86 -62.52
C GLN F 131 5.89 -21.50 -62.62
N GLY F 132 6.56 -20.46 -62.14
CA GLY F 132 5.97 -19.13 -62.14
C GLY F 132 6.91 -18.14 -61.50
N PHE F 133 6.47 -16.89 -61.47
CA PHE F 133 7.27 -15.79 -60.95
C PHE F 133 6.57 -15.16 -59.75
N GLN F 134 7.38 -14.63 -58.83
CA GLN F 134 6.88 -13.86 -57.70
C GLN F 134 7.63 -12.54 -57.64
N LEU F 135 6.88 -11.44 -57.53
CA LEU F 135 7.45 -10.10 -57.48
C LEU F 135 7.21 -9.50 -56.10
N THR F 136 8.26 -8.89 -55.54
CA THR F 136 8.17 -8.18 -54.27
C THR F 136 8.42 -6.70 -54.55
N HIS F 137 7.40 -5.87 -54.32
CA HIS F 137 7.50 -4.45 -54.58
C HIS F 137 6.53 -3.71 -53.67
N SER F 138 6.40 -2.41 -53.88
CA SER F 138 5.48 -1.58 -53.12
C SER F 138 4.69 -0.70 -54.09
N LEU F 139 3.53 -0.24 -53.63
CA LEU F 139 2.65 0.59 -54.44
C LEU F 139 2.71 2.05 -54.04
N GLY F 140 3.61 2.42 -53.12
CA GLY F 140 3.72 3.80 -52.71
C GLY F 140 4.72 4.59 -53.52
N GLY F 141 5.95 4.08 -53.62
CA GLY F 141 6.96 4.74 -54.43
C GLY F 141 6.70 4.59 -55.91
N GLY F 142 7.22 5.56 -56.66
CA GLY F 142 7.08 5.51 -58.11
C GLY F 142 7.85 4.37 -58.74
N THR F 143 9.10 4.16 -58.29
CA THR F 143 9.97 3.16 -58.89
C THR F 143 9.34 1.77 -58.82
N GLY F 144 9.13 1.28 -57.60
CA GLY F 144 8.63 -0.08 -57.45
C GLY F 144 7.30 -0.28 -58.15
N SER F 145 6.36 0.63 -57.92
CA SER F 145 5.04 0.51 -58.50
C SER F 145 5.11 0.47 -60.02
N GLY F 146 5.62 1.53 -60.64
CA GLY F 146 5.61 1.61 -62.09
C GLY F 146 6.43 0.52 -62.75
N MET F 147 7.65 0.30 -62.25
CA MET F 147 8.52 -0.69 -62.88
C MET F 147 7.96 -2.09 -62.71
N GLY F 148 7.41 -2.41 -61.53
CA GLY F 148 6.79 -3.72 -61.37
C GLY F 148 5.59 -3.91 -62.28
N THR F 149 4.75 -2.89 -62.42
CA THR F 149 3.63 -2.99 -63.33
C THR F 149 4.09 -3.26 -64.75
N LEU F 150 5.09 -2.49 -65.21
CA LEU F 150 5.61 -2.67 -66.56
C LEU F 150 6.18 -4.05 -66.76
N LEU F 151 7.01 -4.51 -65.82
CA LEU F 151 7.63 -5.82 -65.95
C LEU F 151 6.60 -6.93 -65.95
N ILE F 152 5.58 -6.85 -65.08
CA ILE F 152 4.56 -7.88 -65.04
C ILE F 152 3.80 -7.91 -66.36
N SER F 153 3.44 -6.74 -66.88
CA SER F 153 2.74 -6.70 -68.16
C SER F 153 3.57 -7.36 -69.26
N LYS F 154 4.83 -6.96 -69.38
CA LYS F 154 5.68 -7.51 -70.45
C LYS F 154 5.89 -9.01 -70.28
N VAL F 155 6.10 -9.47 -69.05
CA VAL F 155 6.34 -10.89 -68.83
C VAL F 155 5.10 -11.72 -69.16
N ARG F 156 3.93 -11.30 -68.67
CA ARG F 156 2.73 -12.05 -69.00
C ARG F 156 2.44 -12.03 -70.50
N GLU F 157 2.78 -10.93 -71.17
CA GLU F 157 2.68 -10.96 -72.63
C GLU F 157 3.74 -11.86 -73.26
N GLU F 158 4.83 -12.14 -72.53
CA GLU F 158 5.83 -13.09 -72.98
C GLU F 158 5.53 -14.52 -72.55
N TYR F 159 4.78 -14.70 -71.47
CA TYR F 159 4.44 -16.04 -70.97
C TYR F 159 2.99 -16.00 -70.49
N PRO F 160 2.04 -16.45 -71.31
CA PRO F 160 0.62 -16.28 -70.94
C PRO F 160 0.17 -17.23 -69.85
N ASP F 161 0.57 -18.50 -69.89
CA ASP F 161 0.00 -19.52 -69.01
C ASP F 161 0.75 -19.65 -67.69
N ARG F 162 1.85 -18.92 -67.50
CA ARG F 162 2.54 -18.97 -66.23
C ARG F 162 1.77 -18.17 -65.18
N ILE F 163 2.13 -18.40 -63.91
CA ILE F 163 1.50 -17.72 -62.80
C ILE F 163 2.49 -16.74 -62.18
N MET F 164 1.98 -15.60 -61.74
CA MET F 164 2.80 -14.49 -61.26
C MET F 164 2.26 -14.00 -59.94
N ASN F 165 3.13 -13.96 -58.92
CA ASN F 165 2.78 -13.50 -57.60
C ASN F 165 3.35 -12.11 -57.37
N THR F 166 2.59 -11.27 -56.67
CA THR F 166 3.05 -9.94 -56.28
C THR F 166 2.74 -9.75 -54.81
N PHE F 167 3.73 -9.30 -54.05
CA PHE F 167 3.57 -9.05 -52.62
C PHE F 167 3.76 -7.54 -52.43
N SER F 168 2.69 -6.79 -52.62
CA SER F 168 2.76 -5.34 -52.74
C SER F 168 2.37 -4.68 -51.43
N VAL F 169 3.23 -3.79 -50.94
CA VAL F 169 2.93 -3.03 -49.72
C VAL F 169 1.89 -1.97 -50.04
N VAL F 170 0.74 -2.03 -49.37
CA VAL F 170 -0.37 -1.12 -49.60
C VAL F 170 -0.27 0.01 -48.57
N PRO F 171 -0.50 1.27 -48.97
CA PRO F 171 -0.34 2.38 -48.03
C PRO F 171 -1.29 2.28 -46.84
N SER F 172 -0.80 2.77 -45.70
CA SER F 172 -1.55 2.70 -44.45
C SER F 172 -2.75 3.63 -44.47
N PRO F 173 -3.82 3.30 -43.74
CA PRO F 173 -5.00 4.18 -43.74
C PRO F 173 -4.80 5.47 -42.96
N LYS F 174 -4.26 5.39 -41.74
CA LYS F 174 -4.14 6.59 -40.92
C LYS F 174 -3.12 7.56 -41.50
N VAL F 175 -1.93 7.07 -41.81
CA VAL F 175 -0.83 7.92 -42.25
C VAL F 175 -0.46 7.55 -43.67
N SER F 176 0.20 8.49 -44.35
CA SER F 176 0.76 8.28 -45.67
C SER F 176 2.26 8.53 -45.63
N ASP F 177 3.05 7.57 -46.12
CA ASP F 177 4.48 7.76 -46.17
C ASP F 177 4.89 8.67 -47.33
N THR F 178 4.06 8.76 -48.36
CA THR F 178 4.26 9.69 -49.46
C THR F 178 3.06 10.63 -49.56
N VAL F 179 3.05 11.47 -50.60
CA VAL F 179 2.03 12.48 -50.77
C VAL F 179 1.10 12.15 -51.94
N VAL F 180 1.63 11.56 -53.00
CA VAL F 180 0.85 11.34 -54.22
C VAL F 180 0.61 9.85 -54.42
N GLU F 181 0.58 9.09 -53.33
CA GLU F 181 0.38 7.65 -53.43
C GLU F 181 -1.01 7.24 -53.95
N PRO F 182 -2.07 8.05 -53.84
CA PRO F 182 -3.35 7.64 -54.47
C PRO F 182 -3.24 7.32 -55.95
N TYR F 183 -2.64 8.21 -56.75
CA TYR F 183 -2.54 7.96 -58.19
C TYR F 183 -1.72 6.70 -58.46
N ASN F 184 -0.56 6.60 -57.80
CA ASN F 184 0.34 5.47 -58.03
C ASN F 184 -0.34 4.17 -57.66
N ALA F 185 -1.00 4.14 -56.50
CA ALA F 185 -1.70 2.94 -56.06
C ALA F 185 -2.83 2.58 -57.01
N THR F 186 -3.59 3.58 -57.48
CA THR F 186 -4.69 3.29 -58.39
C THR F 186 -4.18 2.67 -59.68
N LEU F 187 -3.16 3.27 -60.29
CA LEU F 187 -2.63 2.74 -61.54
C LEU F 187 -1.99 1.38 -61.35
N SER F 188 -1.29 1.17 -60.22
CA SER F 188 -0.64 -0.11 -59.98
C SER F 188 -1.67 -1.21 -59.75
N ILE F 189 -2.72 -0.92 -58.98
CA ILE F 189 -3.79 -1.90 -58.79
C ILE F 189 -4.50 -2.17 -60.11
N HIS F 190 -4.60 -1.15 -60.97
CA HIS F 190 -5.15 -1.36 -62.31
C HIS F 190 -4.32 -2.38 -63.10
N GLN F 191 -3.01 -2.18 -63.13
CA GLN F 191 -2.16 -3.12 -63.85
C GLN F 191 -2.26 -4.52 -63.23
N LEU F 192 -2.31 -4.59 -61.90
CA LEU F 192 -2.41 -5.88 -61.22
C LEU F 192 -3.72 -6.58 -61.56
N VAL F 193 -4.84 -5.85 -61.55
CA VAL F 193 -6.12 -6.49 -61.83
C VAL F 193 -6.15 -6.98 -63.27
N GLU F 194 -5.49 -6.26 -64.18
CA GLU F 194 -5.41 -6.80 -65.54
C GLU F 194 -4.58 -8.07 -65.59
N ASN F 195 -3.37 -8.05 -65.03
CA ASN F 195 -2.37 -9.04 -65.41
C ASN F 195 -1.67 -9.63 -64.18
N THR F 196 -2.42 -10.04 -63.17
CA THR F 196 -1.84 -10.77 -62.05
C THR F 196 -2.80 -11.86 -61.61
N ASP F 197 -2.26 -13.04 -61.29
CA ASP F 197 -3.08 -14.18 -60.88
C ASP F 197 -3.39 -14.19 -59.39
N GLU F 198 -2.63 -13.47 -58.56
CA GLU F 198 -2.96 -13.24 -57.17
C GLU F 198 -1.93 -12.27 -56.59
N THR F 199 -2.37 -11.54 -55.56
CA THR F 199 -1.55 -10.55 -54.89
C THR F 199 -1.84 -10.64 -53.41
N TYR F 200 -0.83 -10.38 -52.57
CA TYR F 200 -0.99 -10.40 -51.12
C TYR F 200 -0.84 -8.97 -50.62
N CYS F 201 -1.97 -8.34 -50.27
CA CYS F 201 -1.91 -6.97 -49.77
C CYS F 201 -1.25 -6.96 -48.40
N ILE F 202 -0.28 -6.06 -48.23
CA ILE F 202 0.46 -5.92 -46.98
C ILE F 202 0.53 -4.45 -46.63
N ASP F 203 0.35 -4.12 -45.36
CA ASP F 203 0.32 -2.75 -44.91
C ASP F 203 1.28 -2.58 -43.74
N ASN F 204 2.03 -1.47 -43.76
CA ASN F 204 3.00 -1.20 -42.70
C ASN F 204 2.33 -1.01 -41.34
N GLU F 205 1.17 -0.35 -41.32
CA GLU F 205 0.47 -0.13 -40.06
C GLU F 205 0.10 -1.43 -39.39
N ALA F 206 -0.37 -2.40 -40.17
CA ALA F 206 -0.75 -3.69 -39.59
C ALA F 206 0.46 -4.40 -39.00
N LEU F 207 1.60 -4.39 -39.70
CA LEU F 207 2.80 -5.01 -39.16
C LEU F 207 3.27 -4.30 -37.90
N TYR F 208 3.19 -2.97 -37.87
CA TYR F 208 3.55 -2.23 -36.67
C TYR F 208 2.68 -2.63 -35.50
N ASP F 209 1.37 -2.72 -35.73
CA ASP F 209 0.44 -3.10 -34.66
C ASP F 209 0.73 -4.51 -34.16
N ILE F 210 0.98 -5.44 -35.09
CA ILE F 210 1.26 -6.81 -34.70
C ILE F 210 2.54 -6.89 -33.88
N CYS F 211 3.60 -6.23 -34.37
CA CYS F 211 4.89 -6.33 -33.69
C CYS F 211 4.85 -5.67 -32.33
N PHE F 212 4.15 -4.54 -32.20
CA PHE F 212 4.05 -3.88 -30.91
C PHE F 212 3.19 -4.68 -29.93
N ARG F 213 2.06 -5.20 -30.41
CA ARG F 213 1.13 -5.88 -29.51
C ARG F 213 1.53 -7.33 -29.27
N THR F 214 1.57 -8.13 -30.33
CA THR F 214 1.83 -9.56 -30.18
C THR F 214 3.30 -9.84 -29.88
N LEU F 215 4.22 -9.23 -30.63
CA LEU F 215 5.64 -9.49 -30.44
C LEU F 215 6.21 -8.76 -29.22
N LYS F 216 5.51 -7.75 -28.71
CA LYS F 216 5.96 -6.98 -27.54
C LYS F 216 7.32 -6.34 -27.79
N LEU F 217 7.54 -5.88 -29.03
CA LEU F 217 8.75 -5.15 -29.39
C LEU F 217 8.43 -3.67 -29.40
N ALA F 218 8.99 -2.93 -28.44
CA ALA F 218 8.77 -1.50 -28.37
C ALA F 218 9.57 -0.73 -29.41
N THR F 219 10.62 -1.34 -29.96
CA THR F 219 11.49 -0.68 -30.94
C THR F 219 11.59 -1.59 -32.17
N PRO F 220 10.55 -1.61 -33.01
CA PRO F 220 10.58 -2.41 -34.24
C PRO F 220 11.20 -1.65 -35.40
N THR F 221 12.36 -2.13 -35.85
CA THR F 221 12.96 -1.64 -37.08
C THR F 221 12.33 -2.34 -38.29
N TYR F 222 12.64 -1.83 -39.49
CA TYR F 222 12.26 -2.53 -40.72
C TYR F 222 12.82 -3.94 -40.77
N GLY F 223 13.91 -4.23 -40.07
CA GLY F 223 14.43 -5.58 -40.08
C GLY F 223 13.39 -6.60 -39.67
N ASP F 224 12.65 -6.30 -38.60
CA ASP F 224 11.67 -7.27 -38.10
C ASP F 224 10.47 -7.38 -39.04
N LEU F 225 9.97 -6.26 -39.55
CA LEU F 225 8.84 -6.30 -40.47
C LEU F 225 9.18 -7.08 -41.74
N ASN F 226 10.37 -6.81 -42.30
CA ASN F 226 10.82 -7.58 -43.45
C ASN F 226 11.00 -9.04 -43.09
N HIS F 227 11.40 -9.33 -41.85
CA HIS F 227 11.53 -10.72 -41.42
C HIS F 227 10.18 -11.44 -41.42
N LEU F 228 9.14 -10.78 -40.90
CA LEU F 228 7.81 -11.38 -40.95
C LEU F 228 7.31 -11.55 -42.38
N VAL F 229 7.55 -10.56 -43.24
CA VAL F 229 7.13 -10.71 -44.64
C VAL F 229 7.85 -11.87 -45.29
N SER F 230 9.15 -12.01 -45.03
CA SER F 230 9.93 -13.12 -45.57
C SER F 230 9.44 -14.46 -45.03
N ALA F 231 9.08 -14.50 -43.74
CA ALA F 231 8.54 -15.72 -43.15
C ALA F 231 7.24 -16.11 -43.82
N THR F 232 6.38 -15.13 -44.11
CA THR F 232 5.15 -15.40 -44.85
C THR F 232 5.47 -15.94 -46.24
N MET F 233 6.44 -15.33 -46.93
CA MET F 233 6.89 -15.83 -48.23
C MET F 233 7.28 -17.31 -48.13
N SER F 234 8.15 -17.62 -47.18
CA SER F 234 8.64 -18.99 -47.05
C SER F 234 7.53 -19.95 -46.67
N GLY F 235 6.62 -19.52 -45.79
CA GLY F 235 5.51 -20.38 -45.41
C GLY F 235 4.59 -20.69 -46.56
N VAL F 236 4.35 -19.71 -47.43
CA VAL F 236 3.56 -19.97 -48.64
C VAL F 236 4.28 -20.95 -49.56
N THR F 237 5.58 -20.75 -49.76
CA THR F 237 6.31 -21.54 -50.75
C THR F 237 6.74 -22.92 -50.26
N THR F 238 6.69 -23.17 -48.94
CA THR F 238 7.26 -24.39 -48.39
C THR F 238 6.64 -25.67 -48.94
N SER F 239 5.39 -25.62 -49.41
CA SER F 239 4.73 -26.84 -49.87
C SER F 239 5.33 -27.38 -51.15
N LEU F 240 6.15 -26.60 -51.85
CA LEU F 240 6.75 -27.00 -53.12
C LEU F 240 8.18 -27.50 -52.97
N ARG F 241 8.93 -26.97 -52.02
CA ARG F 241 10.35 -27.25 -51.90
C ARG F 241 10.66 -28.39 -50.94
N PHE F 242 9.64 -29.00 -50.33
CA PHE F 242 9.84 -30.08 -49.38
C PHE F 242 8.64 -31.01 -49.46
N PRO F 243 8.80 -32.28 -49.08
CA PRO F 243 7.65 -33.20 -49.09
C PRO F 243 6.66 -32.86 -48.00
N GLY F 244 5.49 -33.49 -48.10
CA GLY F 244 4.47 -33.34 -47.08
C GLY F 244 3.45 -34.45 -47.17
N GLN F 245 2.75 -34.67 -46.06
CA GLN F 245 1.66 -35.63 -46.07
C GLN F 245 0.52 -35.19 -46.97
N LEU F 246 0.45 -33.90 -47.29
CA LEU F 246 -0.49 -33.38 -48.30
C LEU F 246 0.25 -32.26 -49.02
N ASN F 247 0.85 -32.60 -50.15
CA ASN F 247 1.66 -31.64 -50.91
C ASN F 247 0.77 -30.63 -51.63
N ALA F 248 1.26 -29.39 -51.71
CA ALA F 248 0.62 -28.35 -52.49
C ALA F 248 1.69 -27.54 -53.21
N ASP F 249 1.24 -26.61 -54.03
CA ASP F 249 2.14 -25.67 -54.69
C ASP F 249 1.39 -24.36 -54.91
N LEU F 250 2.01 -23.44 -55.65
CA LEU F 250 1.37 -22.17 -55.94
C LEU F 250 0.12 -22.36 -56.81
N ARG F 251 0.15 -23.34 -57.72
CA ARG F 251 -0.99 -23.58 -58.59
C ARG F 251 -2.22 -24.02 -57.80
N LYS F 252 -2.04 -24.91 -56.82
CA LYS F 252 -3.17 -25.39 -56.05
C LYS F 252 -3.84 -24.26 -55.27
N LEU F 253 -3.02 -23.44 -54.62
CA LEU F 253 -3.56 -22.30 -53.87
C LEU F 253 -4.23 -21.29 -54.80
N ALA F 254 -3.63 -21.05 -55.97
CA ALA F 254 -4.24 -20.13 -56.93
C ALA F 254 -5.59 -20.64 -57.40
N VAL F 255 -5.69 -21.93 -57.71
CA VAL F 255 -6.95 -22.48 -58.22
C VAL F 255 -8.02 -22.48 -57.13
N ASN F 256 -7.66 -22.90 -55.91
CA ASN F 256 -8.64 -22.94 -54.84
C ASN F 256 -9.05 -21.54 -54.39
N MET F 257 -8.13 -20.58 -54.49
CA MET F 257 -8.30 -19.29 -53.84
C MET F 257 -8.90 -18.22 -54.75
N VAL F 258 -9.05 -18.50 -56.04
CA VAL F 258 -9.56 -17.51 -56.98
C VAL F 258 -10.81 -18.04 -57.65
N PRO F 259 -12.00 -17.76 -57.11
CA PRO F 259 -13.24 -18.21 -57.76
C PRO F 259 -13.65 -17.35 -58.94
N PHE F 260 -13.11 -16.14 -59.08
CA PHE F 260 -13.40 -15.27 -60.20
C PHE F 260 -12.10 -14.57 -60.57
N PRO F 261 -11.78 -14.46 -61.87
CA PRO F 261 -10.41 -14.06 -62.25
C PRO F 261 -9.98 -12.71 -61.70
N ARG F 262 -10.90 -11.75 -61.61
CA ARG F 262 -10.52 -10.44 -61.09
C ARG F 262 -10.20 -10.50 -59.60
N LEU F 263 -11.00 -11.25 -58.84
CA LEU F 263 -10.81 -11.31 -57.39
C LEU F 263 -9.59 -12.14 -57.02
N HIS F 264 -8.43 -11.51 -56.94
CA HIS F 264 -7.18 -12.18 -56.58
C HIS F 264 -6.36 -11.33 -55.63
N PHE F 265 -7.03 -10.73 -54.64
CA PHE F 265 -6.39 -9.86 -53.66
C PHE F 265 -6.58 -10.47 -52.29
N PHE F 266 -5.48 -10.85 -51.64
CA PHE F 266 -5.52 -11.74 -50.49
C PHE F 266 -4.86 -11.02 -49.31
N MET F 267 -5.00 -11.62 -48.13
CA MET F 267 -4.30 -11.10 -46.96
C MET F 267 -3.45 -12.19 -46.33
N PRO F 268 -2.19 -11.90 -45.98
CA PRO F 268 -1.33 -12.91 -45.36
C PRO F 268 -1.41 -12.89 -43.83
N GLY F 269 -1.01 -14.00 -43.24
CA GLY F 269 -0.92 -14.12 -41.80
C GLY F 269 0.07 -15.20 -41.42
N PHE F 270 0.65 -15.05 -40.23
CA PHE F 270 1.68 -15.97 -39.76
C PHE F 270 1.41 -16.36 -38.31
N ALA F 271 1.90 -17.55 -37.94
CA ALA F 271 1.79 -18.08 -36.60
C ALA F 271 2.78 -19.22 -36.41
N PRO F 272 3.32 -19.41 -35.20
CA PRO F 272 3.08 -18.60 -34.00
C PRO F 272 3.95 -17.35 -33.94
N LEU F 273 3.48 -16.35 -33.19
CA LEU F 273 4.21 -15.12 -32.95
C LEU F 273 4.20 -14.85 -31.45
N THR F 274 5.39 -14.80 -30.85
CA THR F 274 5.51 -14.70 -29.41
C THR F 274 6.57 -13.67 -29.05
N ALA F 275 6.43 -13.09 -27.86
CA ALA F 275 7.48 -12.25 -27.31
C ALA F 275 8.68 -13.11 -26.93
N ARG F 276 9.77 -12.44 -26.59
CA ARG F 276 11.01 -13.16 -26.25
C ARG F 276 10.83 -13.99 -25.00
N GLY F 277 10.17 -13.44 -23.98
CA GLY F 277 10.01 -14.13 -22.72
C GLY F 277 8.81 -15.06 -22.64
N SER F 278 7.76 -14.74 -23.41
CA SER F 278 6.51 -15.48 -23.34
C SER F 278 6.48 -16.70 -24.27
N GLN F 279 7.64 -17.23 -24.67
CA GLN F 279 7.65 -18.34 -25.62
C GLN F 279 7.47 -19.69 -24.95
N GLN F 280 8.06 -19.91 -23.78
CA GLN F 280 7.97 -21.20 -23.13
C GLN F 280 6.71 -21.38 -22.30
N TYR F 281 5.89 -20.33 -22.16
CA TYR F 281 4.67 -20.40 -21.36
C TYR F 281 3.49 -20.94 -22.15
N ARG F 282 3.72 -21.58 -23.29
CA ARG F 282 2.65 -22.05 -24.15
C ARG F 282 3.11 -23.29 -24.90
N ALA F 283 2.24 -24.29 -24.99
CA ALA F 283 2.52 -25.47 -25.78
C ALA F 283 2.06 -25.24 -27.21
N LEU F 284 2.95 -25.49 -28.16
CA LEU F 284 2.66 -25.20 -29.57
C LEU F 284 1.91 -26.38 -30.15
N THR F 285 0.59 -26.32 -30.02
CA THR F 285 -0.31 -27.32 -30.56
C THR F 285 -1.16 -26.69 -31.66
N VAL F 286 -1.70 -27.56 -32.51
CA VAL F 286 -2.47 -27.15 -33.68
C VAL F 286 -3.62 -26.18 -33.34
N PRO F 287 -4.48 -26.46 -32.35
CA PRO F 287 -5.56 -25.50 -32.11
C PRO F 287 -5.09 -24.13 -31.66
N GLU F 288 -3.94 -24.03 -30.98
CA GLU F 288 -3.42 -22.72 -30.63
C GLU F 288 -3.09 -21.90 -31.87
N LEU F 289 -2.42 -22.54 -32.85
CA LEU F 289 -2.15 -21.85 -34.11
C LEU F 289 -3.44 -21.49 -34.82
N THR F 290 -4.42 -22.40 -34.83
CA THR F 290 -5.68 -22.11 -35.51
C THR F 290 -6.39 -20.92 -34.89
N GLN F 291 -6.46 -20.86 -33.56
CA GLN F 291 -7.10 -19.72 -32.91
C GLN F 291 -6.26 -18.46 -32.97
N GLN F 292 -4.95 -18.59 -33.19
CA GLN F 292 -4.11 -17.41 -33.38
C GLN F 292 -4.29 -16.81 -34.77
N MET F 293 -4.50 -17.65 -35.78
CA MET F 293 -4.61 -17.14 -37.15
C MET F 293 -5.89 -16.35 -37.35
N PHE F 294 -7.04 -16.95 -37.03
CA PHE F 294 -8.33 -16.34 -37.31
C PHE F 294 -8.62 -15.26 -36.25
N ASP F 295 -7.99 -14.11 -36.44
CA ASP F 295 -8.31 -12.92 -35.66
C ASP F 295 -7.70 -11.70 -36.34
N ALA F 296 -8.23 -10.52 -36.00
CA ALA F 296 -7.81 -9.30 -36.67
C ALA F 296 -6.37 -8.93 -36.33
N LYS F 297 -5.97 -9.13 -35.08
CA LYS F 297 -4.66 -8.69 -34.62
C LYS F 297 -3.51 -9.44 -35.25
N ASN F 298 -3.77 -10.55 -35.94
CA ASN F 298 -2.72 -11.30 -36.63
C ASN F 298 -2.85 -11.21 -38.14
N MET F 299 -3.64 -10.27 -38.65
CA MET F 299 -3.81 -10.05 -40.08
C MET F 299 -2.96 -8.88 -40.52
N MET F 300 -2.12 -9.10 -41.54
CA MET F 300 -1.20 -8.09 -42.04
C MET F 300 -1.88 -7.07 -42.96
N ALA F 301 -3.20 -7.10 -43.07
CA ALA F 301 -3.95 -6.12 -43.85
C ALA F 301 -4.75 -5.23 -42.91
N ALA F 302 -4.83 -3.94 -43.24
CA ALA F 302 -5.53 -2.96 -42.39
C ALA F 302 -7.03 -2.93 -42.70
N CYS F 303 -7.69 -4.04 -42.42
CA CYS F 303 -9.13 -4.15 -42.58
C CYS F 303 -9.62 -5.32 -41.75
N ASP F 304 -10.58 -5.06 -40.87
CA ASP F 304 -11.12 -6.11 -40.02
C ASP F 304 -11.95 -7.07 -40.84
N PRO F 305 -11.65 -8.38 -40.82
CA PRO F 305 -12.43 -9.32 -41.64
C PRO F 305 -13.90 -9.37 -41.27
N ARG F 306 -14.24 -9.11 -40.00
CA ARG F 306 -15.65 -9.08 -39.61
C ARG F 306 -16.42 -7.89 -40.17
N HIS F 307 -15.75 -6.91 -40.77
CA HIS F 307 -16.52 -5.95 -41.57
C HIS F 307 -17.11 -6.58 -42.82
N GLY F 308 -16.53 -7.70 -43.28
CA GLY F 308 -17.04 -8.38 -44.45
C GLY F 308 -17.17 -9.88 -44.24
N ARG F 309 -17.00 -10.64 -45.31
CA ARG F 309 -17.12 -12.09 -45.27
C ARG F 309 -15.85 -12.74 -45.80
N TYR F 310 -15.52 -13.90 -45.26
CA TYR F 310 -14.39 -14.69 -45.73
C TYR F 310 -14.85 -15.55 -46.89
N LEU F 311 -14.26 -15.31 -48.07
CA LEU F 311 -14.65 -16.07 -49.25
C LEU F 311 -13.95 -17.42 -49.27
N THR F 312 -12.63 -17.43 -49.20
CA THR F 312 -11.86 -18.67 -49.09
C THR F 312 -10.68 -18.46 -48.12
N VAL F 313 -10.22 -19.56 -47.53
CA VAL F 313 -9.15 -19.51 -46.52
C VAL F 313 -8.18 -20.66 -46.77
N ALA F 314 -6.92 -20.32 -47.06
CA ALA F 314 -5.86 -21.29 -47.24
C ALA F 314 -4.99 -21.35 -46.00
N THR F 315 -4.68 -22.56 -45.55
CA THR F 315 -3.85 -22.78 -44.37
C THR F 315 -2.75 -23.77 -44.71
N VAL F 316 -1.51 -23.31 -44.66
CA VAL F 316 -0.35 -24.16 -44.86
C VAL F 316 0.30 -24.41 -43.51
N PHE F 317 0.69 -25.65 -43.25
CA PHE F 317 1.28 -26.04 -41.98
C PHE F 317 2.66 -26.63 -42.24
N ARG F 318 3.52 -26.53 -41.23
CA ARG F 318 4.86 -27.10 -41.29
C ARG F 318 5.16 -27.74 -39.95
N GLY F 319 5.71 -28.95 -40.00
CA GLY F 319 6.04 -29.66 -38.78
C GLY F 319 5.22 -30.93 -38.63
N ARG F 320 5.80 -31.91 -37.94
CA ARG F 320 5.14 -33.19 -37.69
C ARG F 320 3.92 -33.03 -36.79
N MET F 321 2.75 -33.21 -37.39
CA MET F 321 1.47 -33.02 -36.71
C MET F 321 0.47 -34.02 -37.26
N SER F 322 -0.56 -34.30 -36.47
CA SER F 322 -1.58 -35.25 -36.87
C SER F 322 -2.61 -34.58 -37.77
N MET F 323 -2.88 -35.22 -38.92
CA MET F 323 -3.80 -34.65 -39.90
C MET F 323 -5.22 -34.52 -39.37
N LYS F 324 -5.68 -35.53 -38.60
CA LYS F 324 -7.04 -35.44 -38.10
C LYS F 324 -7.21 -34.19 -37.24
N GLU F 325 -6.16 -33.80 -36.51
CA GLU F 325 -6.27 -32.66 -35.62
C GLU F 325 -6.39 -31.36 -36.39
N VAL F 326 -5.56 -31.19 -37.44
CA VAL F 326 -5.68 -30.02 -38.30
C VAL F 326 -7.08 -29.97 -38.91
N ASP F 327 -7.54 -31.11 -39.41
CA ASP F 327 -8.87 -31.18 -40.01
C ASP F 327 -9.96 -30.83 -39.00
N GLU F 328 -9.83 -31.32 -37.77
CA GLU F 328 -10.82 -31.04 -36.74
C GLU F 328 -10.84 -29.55 -36.38
N GLN F 329 -9.67 -28.93 -36.26
CA GLN F 329 -9.64 -27.50 -35.97
C GLN F 329 -10.23 -26.69 -37.11
N MET F 330 -9.94 -27.07 -38.37
CA MET F 330 -10.59 -26.36 -39.49
C MET F 330 -12.10 -26.52 -39.46
N LEU F 331 -12.58 -27.74 -39.19
CA LEU F 331 -14.02 -27.97 -39.14
C LEU F 331 -14.66 -27.17 -38.02
N ALA F 332 -14.03 -27.14 -36.85
CA ALA F 332 -14.59 -26.40 -35.73
C ALA F 332 -14.58 -24.89 -36.00
N ILE F 333 -13.48 -24.37 -36.54
CA ILE F 333 -13.37 -22.94 -36.78
C ILE F 333 -14.31 -22.52 -37.91
N GLN F 334 -14.68 -23.46 -38.79
CA GLN F 334 -15.68 -23.13 -39.80
C GLN F 334 -17.09 -23.22 -39.23
N SER F 335 -17.37 -24.25 -38.43
CA SER F 335 -18.71 -24.44 -37.90
C SER F 335 -19.09 -23.31 -36.94
N LYS F 336 -18.19 -22.96 -36.03
CA LYS F 336 -18.48 -21.87 -35.10
C LYS F 336 -18.41 -20.51 -35.78
N ASN F 337 -17.90 -20.43 -37.00
CA ASN F 337 -17.78 -19.19 -37.75
C ASN F 337 -18.55 -19.27 -39.05
N SER F 338 -19.80 -19.74 -38.99
CA SER F 338 -20.66 -19.78 -40.16
C SER F 338 -20.99 -18.39 -40.69
N SER F 339 -20.97 -17.36 -39.84
CA SER F 339 -21.43 -16.05 -40.25
C SER F 339 -20.47 -15.35 -41.19
N TYR F 340 -19.16 -15.42 -40.90
CA TYR F 340 -18.19 -14.72 -41.73
C TYR F 340 -17.72 -15.52 -42.94
N PHE F 341 -18.28 -16.71 -43.16
CA PHE F 341 -17.95 -17.52 -44.33
C PHE F 341 -19.07 -17.49 -45.34
N VAL F 342 -18.70 -17.52 -46.62
CA VAL F 342 -19.69 -17.54 -47.70
C VAL F 342 -20.47 -18.84 -47.66
N GLU F 343 -21.80 -18.73 -47.79
CA GLU F 343 -22.64 -19.93 -47.76
C GLU F 343 -22.58 -20.72 -49.05
N TRP F 344 -22.53 -20.05 -50.21
CA TRP F 344 -22.53 -20.74 -51.49
C TRP F 344 -21.15 -21.28 -51.88
N ILE F 345 -20.20 -21.28 -50.95
CA ILE F 345 -18.96 -22.07 -51.03
C ILE F 345 -18.91 -23.01 -49.82
N PRO F 346 -19.56 -24.17 -49.89
CA PRO F 346 -19.35 -25.17 -48.83
C PRO F 346 -17.91 -25.65 -48.82
N ASN F 347 -17.36 -25.81 -47.62
CA ASN F 347 -15.96 -26.21 -47.42
C ASN F 347 -15.02 -25.25 -48.15
N ASN F 348 -15.02 -24.00 -47.67
CA ASN F 348 -14.26 -22.93 -48.28
C ASN F 348 -12.84 -22.82 -47.73
N VAL F 349 -12.27 -23.93 -47.26
CA VAL F 349 -10.95 -23.94 -46.64
C VAL F 349 -10.07 -24.93 -47.37
N LYS F 350 -8.89 -24.47 -47.80
CA LYS F 350 -7.85 -25.33 -48.34
C LYS F 350 -6.78 -25.58 -47.28
N VAL F 351 -6.30 -26.82 -47.21
CA VAL F 351 -5.29 -27.22 -46.24
C VAL F 351 -4.11 -27.84 -46.97
N ALA F 352 -2.91 -27.37 -46.64
CA ALA F 352 -1.67 -27.94 -47.16
C ALA F 352 -0.72 -28.15 -45.99
N VAL F 353 0.05 -29.23 -46.01
CA VAL F 353 0.95 -29.57 -44.92
C VAL F 353 2.27 -30.07 -45.48
N CYS F 354 3.37 -29.53 -44.97
CA CYS F 354 4.73 -29.96 -45.29
C CYS F 354 5.28 -30.81 -44.15
N ASP F 355 6.58 -31.14 -44.21
CA ASP F 355 7.21 -31.91 -43.16
C ASP F 355 8.33 -31.16 -42.43
N ILE F 356 8.84 -30.07 -42.98
CA ILE F 356 10.01 -29.38 -42.43
C ILE F 356 9.53 -28.16 -41.65
N PRO F 357 9.75 -28.09 -40.34
CA PRO F 357 9.41 -26.88 -39.61
C PRO F 357 10.34 -25.75 -40.00
N PRO F 358 9.93 -24.52 -39.65
CA PRO F 358 10.74 -23.31 -39.83
C PRO F 358 11.70 -23.29 -38.63
N ARG F 359 12.99 -23.19 -38.89
CA ARG F 359 14.05 -23.21 -37.87
C ARG F 359 13.78 -22.71 -36.43
N GLY F 360 14.13 -23.57 -35.46
CA GLY F 360 14.05 -23.29 -34.04
C GLY F 360 12.70 -23.62 -33.45
N LEU F 361 11.68 -23.45 -34.28
CA LEU F 361 10.29 -23.70 -33.97
C LEU F 361 9.91 -25.13 -34.32
N LYS F 362 9.15 -25.77 -33.43
CA LYS F 362 8.76 -27.15 -33.66
C LYS F 362 7.79 -27.29 -34.83
N MET F 363 6.86 -26.34 -34.95
CA MET F 363 5.95 -26.32 -36.10
C MET F 363 5.37 -24.93 -36.22
N SER F 364 4.84 -24.62 -37.41
CA SER F 364 4.30 -23.30 -37.66
C SER F 364 3.23 -23.40 -38.74
N SER F 365 2.63 -22.25 -39.06
CA SER F 365 1.56 -22.19 -40.02
C SER F 365 1.73 -20.95 -40.90
N THR F 366 0.80 -20.81 -41.85
CA THR F 366 0.79 -19.69 -42.79
C THR F 366 -0.63 -19.57 -43.31
N PHE F 367 -1.14 -18.34 -43.33
CA PHE F 367 -2.54 -18.07 -43.55
C PHE F 367 -2.69 -17.18 -44.78
N ILE F 368 -3.56 -17.60 -45.70
CA ILE F 368 -3.93 -16.80 -46.86
C ILE F 368 -5.43 -16.60 -46.80
N GLY F 369 -5.88 -15.35 -46.77
CA GLY F 369 -7.30 -15.10 -46.66
C GLY F 369 -7.86 -14.31 -47.81
N ASN F 370 -8.73 -14.93 -48.58
CA ASN F 370 -9.47 -14.25 -49.64
C ASN F 370 -10.80 -13.84 -49.04
N SER F 371 -10.89 -12.57 -48.62
CA SER F 371 -12.07 -12.01 -48.02
C SER F 371 -12.38 -10.68 -48.68
N THR F 372 -13.65 -10.28 -48.60
CA THR F 372 -14.09 -9.05 -49.26
C THR F 372 -13.80 -7.81 -48.44
N ALA F 373 -13.36 -7.94 -47.18
CA ALA F 373 -13.16 -6.76 -46.34
C ALA F 373 -12.20 -5.77 -46.99
N ILE F 374 -11.21 -6.28 -47.71
CA ILE F 374 -10.21 -5.43 -48.36
C ILE F 374 -10.83 -4.38 -49.27
N GLN F 375 -12.08 -4.59 -49.72
CA GLN F 375 -12.70 -3.60 -50.59
C GLN F 375 -12.75 -2.24 -49.92
N GLU F 376 -12.93 -2.22 -48.59
CA GLU F 376 -12.89 -0.96 -47.86
C GLU F 376 -11.62 -0.19 -48.20
N LEU F 377 -10.47 -0.88 -48.11
CA LEU F 377 -9.20 -0.33 -48.54
C LEU F 377 -9.36 0.40 -49.87
N PHE F 378 -9.79 -0.34 -50.89
CA PHE F 378 -9.95 0.26 -52.22
C PHE F 378 -10.81 1.51 -52.15
N LYS F 379 -11.98 1.41 -51.49
CA LYS F 379 -12.87 2.56 -51.40
C LYS F 379 -12.10 3.78 -50.89
N ARG F 380 -11.39 3.60 -49.77
CA ARG F 380 -10.63 4.71 -49.20
C ARG F 380 -9.72 5.32 -50.25
N ILE F 381 -8.90 4.48 -50.88
CA ILE F 381 -7.99 4.99 -51.91
C ILE F 381 -8.79 5.69 -52.99
N SER F 382 -9.86 5.04 -53.46
CA SER F 382 -10.70 5.63 -54.49
C SER F 382 -11.15 7.01 -54.07
N GLU F 383 -11.67 7.14 -52.85
CA GLU F 383 -12.12 8.45 -52.38
C GLU F 383 -10.97 9.43 -52.41
N GLN F 384 -9.82 9.05 -51.84
CA GLN F 384 -8.67 9.93 -51.87
C GLN F 384 -8.32 10.31 -53.30
N PHE F 385 -8.38 9.32 -54.22
CA PHE F 385 -8.11 9.61 -55.61
C PHE F 385 -8.98 10.75 -56.11
N THR F 386 -10.29 10.64 -55.88
CA THR F 386 -11.19 11.72 -56.30
C THR F 386 -10.81 13.01 -55.62
N ALA F 387 -10.51 12.95 -54.31
CA ALA F 387 -10.14 14.16 -53.59
C ALA F 387 -8.91 14.82 -54.18
N MET F 388 -8.04 14.02 -54.81
CA MET F 388 -6.85 14.56 -55.45
C MET F 388 -6.98 14.62 -56.96
N PHE F 389 -8.08 14.11 -57.52
CA PHE F 389 -8.28 14.16 -58.96
C PHE F 389 -9.26 15.25 -59.39
N ARG F 390 -10.09 15.73 -58.46
CA ARG F 390 -11.11 16.71 -58.82
C ARG F 390 -10.50 18.08 -59.12
N ARG F 391 -9.46 18.49 -58.39
CA ARG F 391 -8.85 19.79 -58.65
C ARG F 391 -7.58 19.71 -59.48
N LYS F 392 -7.28 18.57 -60.10
CA LYS F 392 -6.08 18.41 -60.92
C LYS F 392 -4.83 18.61 -60.06
N ALA F 393 -4.78 17.88 -58.94
CA ALA F 393 -3.69 18.05 -57.98
C ALA F 393 -2.54 17.10 -58.31
N PHE F 394 -1.36 17.67 -58.53
CA PHE F 394 -0.16 16.94 -58.95
C PHE F 394 -0.32 16.23 -60.29
N LEU F 395 -1.43 16.44 -61.01
CA LEU F 395 -1.57 15.78 -62.31
C LEU F 395 -0.63 16.34 -63.35
N HIS F 396 -0.27 17.62 -63.25
CA HIS F 396 0.59 18.20 -64.28
C HIS F 396 1.94 17.51 -64.36
N TRP F 397 2.36 16.83 -63.28
CA TRP F 397 3.60 16.05 -63.35
C TRP F 397 3.44 14.87 -64.29
N TYR F 398 2.35 14.11 -64.12
CA TYR F 398 2.13 12.93 -64.95
C TYR F 398 1.70 13.29 -66.37
N THR F 399 1.10 14.47 -66.58
CA THR F 399 0.81 14.91 -67.93
C THR F 399 2.07 15.36 -68.65
N GLY F 400 3.04 15.90 -67.91
CA GLY F 400 4.30 16.32 -68.51
C GLY F 400 5.19 15.18 -68.95
N GLU F 401 4.85 13.94 -68.57
CA GLU F 401 5.55 12.77 -69.04
C GLU F 401 4.84 12.09 -70.20
N GLY F 402 3.76 12.69 -70.71
CA GLY F 402 3.08 12.24 -71.90
C GLY F 402 1.74 11.57 -71.67
N MET F 403 1.42 11.16 -70.45
CA MET F 403 0.18 10.46 -70.20
C MET F 403 -1.02 11.42 -70.24
N ASP F 404 -2.21 10.84 -70.39
CA ASP F 404 -3.45 11.58 -70.48
C ASP F 404 -4.32 11.36 -69.24
N GLU F 405 -5.26 12.27 -69.01
CA GLU F 405 -6.21 12.12 -67.91
C GLU F 405 -7.11 10.90 -68.12
N MET F 406 -7.31 10.50 -69.38
CA MET F 406 -8.21 9.39 -69.67
C MET F 406 -7.79 8.10 -68.98
N GLU F 407 -6.48 7.87 -68.85
CA GLU F 407 -6.04 6.68 -68.13
C GLU F 407 -6.49 6.75 -66.67
N PHE F 408 -6.38 7.93 -66.06
CA PHE F 408 -6.79 8.08 -64.66
C PHE F 408 -8.29 7.81 -64.51
N THR F 409 -9.09 8.38 -65.42
CA THR F 409 -10.53 8.13 -65.36
C THR F 409 -10.85 6.66 -65.55
N GLU F 410 -10.19 6.01 -66.51
CA GLU F 410 -10.50 4.62 -66.81
C GLU F 410 -10.07 3.70 -65.67
N ALA F 411 -8.89 3.96 -65.09
CA ALA F 411 -8.41 3.17 -63.96
C ALA F 411 -9.31 3.35 -62.74
N GLU F 412 -9.73 4.59 -62.47
CA GLU F 412 -10.66 4.82 -61.36
C GLU F 412 -11.97 4.08 -61.60
N SER F 413 -12.46 4.10 -62.83
CA SER F 413 -13.68 3.35 -63.16
C SER F 413 -13.49 1.86 -62.93
N ASN F 414 -12.34 1.32 -63.32
CA ASN F 414 -12.10 -0.11 -63.16
C ASN F 414 -11.99 -0.50 -61.68
N MET F 415 -11.33 0.33 -60.87
CA MET F 415 -11.30 0.06 -59.42
C MET F 415 -12.69 0.15 -58.81
N ASN F 416 -13.50 1.14 -59.22
CA ASN F 416 -14.86 1.19 -58.73
C ASN F 416 -15.66 -0.04 -59.16
N ASP F 417 -15.40 -0.55 -60.37
CA ASP F 417 -16.04 -1.78 -60.81
C ASP F 417 -15.61 -2.96 -59.94
N LEU F 418 -14.32 -3.02 -59.60
CA LEU F 418 -13.85 -4.08 -58.72
C LEU F 418 -14.51 -4.01 -57.35
N VAL F 419 -14.64 -2.80 -56.80
CA VAL F 419 -15.35 -2.63 -55.54
C VAL F 419 -16.80 -3.09 -55.66
N SER F 420 -17.44 -2.77 -56.79
CA SER F 420 -18.81 -3.18 -57.00
C SER F 420 -18.94 -4.70 -57.06
N GLU F 421 -17.99 -5.36 -57.74
CA GLU F 421 -18.01 -6.82 -57.79
C GLU F 421 -17.81 -7.43 -56.40
N TYR F 422 -16.88 -6.86 -55.63
CA TYR F 422 -16.70 -7.32 -54.25
C TYR F 422 -17.98 -7.17 -53.45
N GLN F 423 -18.64 -6.02 -53.58
CA GLN F 423 -19.89 -5.79 -52.86
C GLN F 423 -20.98 -6.77 -53.29
N GLN F 424 -21.11 -7.01 -54.59
CA GLN F 424 -22.15 -7.89 -55.09
C GLN F 424 -21.91 -9.32 -54.63
N TYR F 425 -20.68 -9.82 -54.76
CA TYR F 425 -20.38 -11.16 -54.30
C TYR F 425 -20.46 -11.27 -52.78
N GLN F 426 -20.29 -10.14 -52.07
CA GLN F 426 -20.63 -10.07 -50.66
C GLN F 426 -22.12 -10.25 -50.42
N ASP F 427 -22.96 -9.69 -51.28
CA ASP F 427 -24.40 -9.74 -51.10
C ASP F 427 -25.03 -10.96 -51.76
N ALA F 428 -24.23 -11.83 -52.37
CA ALA F 428 -24.78 -13.02 -53.00
C ALA F 428 -25.30 -13.99 -51.95
N THR F 429 -26.26 -14.82 -52.36
CA THR F 429 -26.85 -15.82 -51.48
C THR F 429 -27.03 -17.15 -52.19
N MET G 1 41.48 47.68 -58.53
CA MET G 1 40.05 47.44 -58.62
C MET G 1 39.27 48.53 -57.90
N ARG G 2 38.34 49.18 -58.63
CA ARG G 2 37.48 50.22 -58.08
C ARG G 2 38.30 51.37 -57.50
N GLU G 3 39.05 52.03 -58.38
CA GLU G 3 39.92 53.12 -57.99
C GLU G 3 39.15 54.44 -57.95
N ILE G 4 39.58 55.34 -57.06
CA ILE G 4 38.92 56.61 -56.85
C ILE G 4 39.96 57.73 -56.95
N VAL G 5 39.66 58.74 -57.75
CA VAL G 5 40.50 59.93 -57.85
C VAL G 5 39.93 60.99 -56.91
N HIS G 6 40.77 61.52 -56.04
CA HIS G 6 40.39 62.55 -55.09
C HIS G 6 40.87 63.90 -55.57
N ILE G 7 39.95 64.85 -55.69
CA ILE G 7 40.28 66.19 -56.16
C ILE G 7 39.95 67.18 -55.03
N GLN G 8 40.84 68.15 -54.85
CA GLN G 8 40.70 69.14 -53.78
C GLN G 8 40.74 70.52 -54.39
N ALA G 9 39.77 71.37 -54.02
CA ALA G 9 39.66 72.71 -54.55
C ALA G 9 39.49 73.69 -53.41
N GLY G 10 40.19 74.83 -53.50
CA GLY G 10 40.13 75.84 -52.49
C GLY G 10 41.02 75.53 -51.29
N GLN G 11 41.18 76.55 -50.43
CA GLN G 11 41.97 76.37 -49.22
C GLN G 11 41.31 75.35 -48.29
N CYS G 12 39.99 75.46 -48.13
CA CYS G 12 39.26 74.45 -47.37
C CYS G 12 39.44 73.06 -47.96
N GLY G 13 39.32 72.95 -49.28
CA GLY G 13 39.49 71.65 -49.91
C GLY G 13 40.86 71.07 -49.65
N ASN G 14 41.90 71.89 -49.79
CA ASN G 14 43.26 71.40 -49.59
C ASN G 14 43.51 70.99 -48.16
N GLN G 15 43.01 71.78 -47.19
CA GLN G 15 43.24 71.44 -45.79
C GLN G 15 42.48 70.16 -45.39
N ILE G 16 41.21 70.07 -45.78
CA ILE G 16 40.45 68.85 -45.48
C ILE G 16 41.07 67.65 -46.18
N GLY G 17 41.58 67.85 -47.40
CA GLY G 17 42.23 66.75 -48.09
C GLY G 17 43.51 66.31 -47.41
N ALA G 18 44.29 67.27 -46.90
CA ALA G 18 45.50 66.90 -46.16
C ALA G 18 45.16 66.07 -44.93
N LYS G 19 44.16 66.52 -44.17
CA LYS G 19 43.77 65.74 -42.98
C LYS G 19 43.21 64.38 -43.39
N PHE G 20 42.45 64.34 -44.48
CA PHE G 20 41.86 63.09 -44.97
C PHE G 20 42.93 62.10 -45.37
N TRP G 21 43.95 62.56 -46.09
CA TRP G 21 45.03 61.66 -46.48
C TRP G 21 45.87 61.24 -45.29
N GLU G 22 46.01 62.11 -44.29
CA GLU G 22 46.65 61.66 -43.06
C GLU G 22 45.87 60.51 -42.42
N VAL G 23 44.54 60.67 -42.33
CA VAL G 23 43.71 59.62 -41.73
C VAL G 23 43.81 58.33 -42.53
N ILE G 24 43.78 58.42 -43.86
CA ILE G 24 43.89 57.25 -44.71
C ILE G 24 45.25 56.58 -44.53
N SER G 25 46.31 57.38 -44.43
CA SER G 25 47.64 56.82 -44.21
C SER G 25 47.71 56.07 -42.88
N ASP G 26 47.11 56.63 -41.83
CA ASP G 26 47.03 55.89 -40.57
C ASP G 26 46.25 54.60 -40.74
N GLU G 27 45.16 54.62 -41.49
CA GLU G 27 44.34 53.43 -41.66
C GLU G 27 45.11 52.33 -42.38
N HIS G 28 45.82 52.68 -43.45
CA HIS G 28 46.58 51.71 -44.22
C HIS G 28 48.02 51.55 -43.77
N GLY G 29 48.43 52.26 -42.72
CA GLY G 29 49.77 52.12 -42.17
C GLY G 29 50.87 52.48 -43.15
N ILE G 30 50.92 53.74 -43.56
CA ILE G 30 51.91 54.23 -44.52
C ILE G 30 52.67 55.38 -43.89
N ASP G 31 53.99 55.37 -44.05
CA ASP G 31 54.81 56.47 -43.60
C ASP G 31 54.54 57.72 -44.44
N PRO G 32 54.88 58.89 -43.92
CA PRO G 32 54.89 60.08 -44.79
C PRO G 32 55.80 59.91 -45.98
N SER G 33 56.90 59.15 -45.83
CA SER G 33 57.76 58.84 -46.97
C SER G 33 57.05 57.98 -48.01
N GLY G 34 56.00 57.26 -47.62
CA GLY G 34 55.25 56.44 -48.54
C GLY G 34 55.52 54.96 -48.49
N ASN G 35 56.35 54.50 -47.57
CA ASN G 35 56.61 53.07 -47.45
C ASN G 35 55.54 52.41 -46.57
N TYR G 36 55.43 51.09 -46.69
CA TYR G 36 54.46 50.32 -45.94
C TYR G 36 55.09 49.82 -44.63
N VAL G 37 54.50 50.22 -43.51
CA VAL G 37 54.96 49.79 -42.19
C VAL G 37 53.83 49.17 -41.38
N GLY G 38 52.79 48.65 -42.04
CA GLY G 38 51.70 48.00 -41.36
C GLY G 38 52.09 46.63 -40.85
N ASP G 39 51.09 45.92 -40.32
CA ASP G 39 51.33 44.60 -39.75
C ASP G 39 50.29 43.57 -40.15
N SER G 40 49.35 43.90 -41.04
CA SER G 40 48.34 42.97 -41.50
C SER G 40 48.18 43.10 -43.01
N ASP G 41 48.07 41.96 -43.68
CA ASP G 41 47.93 41.96 -45.14
C ASP G 41 46.61 42.60 -45.59
N LEU G 42 45.64 42.71 -44.68
CA LEU G 42 44.38 43.37 -45.02
C LEU G 42 44.61 44.82 -45.42
N GLN G 43 45.62 45.47 -44.83
CA GLN G 43 45.91 46.86 -45.18
C GLN G 43 46.38 46.99 -46.62
N LEU G 44 47.06 45.98 -47.16
CA LEU G 44 47.60 46.05 -48.51
C LEU G 44 46.75 45.36 -49.55
N GLU G 45 45.81 44.49 -49.15
CA GLU G 45 45.05 43.74 -50.15
C GLU G 45 44.19 44.65 -51.02
N ARG G 46 43.87 45.86 -50.54
CA ARG G 46 43.08 46.81 -51.31
C ARG G 46 43.71 48.20 -51.26
N ILE G 47 45.04 48.27 -51.22
CA ILE G 47 45.74 49.54 -51.16
C ILE G 47 45.52 50.35 -52.43
N SER G 48 45.22 49.70 -53.55
CA SER G 48 45.18 50.36 -54.85
C SER G 48 43.99 51.30 -55.02
N VAL G 49 43.01 51.27 -54.13
CA VAL G 49 41.82 52.09 -54.31
C VAL G 49 42.17 53.57 -54.26
N TYR G 50 43.02 53.97 -53.30
CA TYR G 50 43.48 55.34 -53.20
C TYR G 50 44.94 55.53 -53.56
N TYR G 51 45.74 54.47 -53.56
CA TYR G 51 47.18 54.57 -53.72
C TYR G 51 47.63 53.87 -54.99
N ASN G 52 48.50 54.54 -55.73
CA ASN G 52 49.18 53.96 -56.87
C ASN G 52 50.55 53.47 -56.42
N GLU G 53 50.85 52.22 -56.73
CA GLU G 53 52.10 51.60 -56.28
C GLU G 53 53.18 51.94 -57.30
N ALA G 54 53.96 52.97 -57.01
CA ALA G 54 55.10 53.30 -57.85
C ALA G 54 56.22 52.29 -57.60
N SER G 55 57.35 52.50 -58.27
CA SER G 55 58.45 51.56 -58.15
C SER G 55 59.04 51.58 -56.74
N SER G 56 59.83 50.54 -56.44
CA SER G 56 60.52 50.39 -55.16
C SER G 56 59.55 50.37 -53.98
N HIS G 57 58.41 49.71 -54.17
CA HIS G 57 57.44 49.43 -53.11
C HIS G 57 56.93 50.70 -52.44
N LYS G 58 56.89 51.81 -53.17
CA LYS G 58 56.41 53.09 -52.66
C LYS G 58 54.98 53.31 -53.13
N TYR G 59 54.17 53.95 -52.29
CA TYR G 59 52.77 54.20 -52.60
C TYR G 59 52.52 55.70 -52.61
N VAL G 60 51.88 56.19 -53.67
CA VAL G 60 51.54 57.61 -53.74
C VAL G 60 50.03 57.76 -53.85
N PRO G 61 49.43 58.74 -53.18
CA PRO G 61 47.96 58.87 -53.26
C PRO G 61 47.51 59.31 -54.64
N ARG G 62 46.29 58.91 -54.98
CA ARG G 62 45.67 59.27 -56.24
C ARG G 62 44.83 60.54 -56.07
N ALA G 63 45.53 61.60 -55.68
CA ALA G 63 44.91 62.87 -55.32
C ALA G 63 45.41 63.98 -56.23
N ILE G 64 44.52 64.95 -56.49
CA ILE G 64 44.85 66.14 -57.25
C ILE G 64 44.52 67.36 -56.39
N LEU G 65 45.51 68.24 -56.22
CA LEU G 65 45.36 69.44 -55.40
C LEU G 65 45.31 70.65 -56.33
N VAL G 66 44.27 71.45 -56.19
CA VAL G 66 44.03 72.60 -57.06
C VAL G 66 43.73 73.83 -56.22
N ASP G 67 44.39 74.94 -56.55
CA ASP G 67 44.11 76.23 -55.95
C ASP G 67 44.62 77.31 -56.90
N LEU G 68 44.38 78.57 -56.54
CA LEU G 68 44.86 79.69 -57.33
C LEU G 68 45.87 80.55 -56.59
N GLU G 69 46.17 80.22 -55.33
CA GLU G 69 47.13 80.97 -54.54
C GLU G 69 48.13 80.00 -53.94
N PRO G 70 49.44 80.28 -54.09
CA PRO G 70 50.46 79.29 -53.73
C PRO G 70 50.65 79.08 -52.24
N GLY G 71 50.02 79.88 -51.39
CA GLY G 71 50.22 79.74 -49.95
C GLY G 71 49.77 78.38 -49.43
N THR G 72 48.58 77.95 -49.85
CA THR G 72 48.06 76.65 -49.41
C THR G 72 48.94 75.52 -49.89
N MET G 73 49.38 75.58 -51.15
CA MET G 73 50.26 74.54 -51.69
C MET G 73 51.57 74.49 -50.92
N ASP G 74 52.14 75.65 -50.61
CA ASP G 74 53.38 75.69 -49.84
C ASP G 74 53.17 75.15 -48.44
N SER G 75 52.04 75.46 -47.81
CA SER G 75 51.76 74.94 -46.48
C SER G 75 51.66 73.42 -46.50
N VAL G 76 50.98 72.88 -47.52
CA VAL G 76 50.87 71.42 -47.63
C VAL G 76 52.23 70.79 -47.88
N ARG G 77 53.03 71.38 -48.77
CA ARG G 77 54.32 70.80 -49.13
C ARG G 77 55.31 70.84 -47.96
N SER G 78 55.35 71.96 -47.23
CA SER G 78 56.36 72.14 -46.20
C SER G 78 56.15 71.21 -45.02
N GLY G 79 54.90 71.04 -44.59
CA GLY G 79 54.61 70.28 -43.39
C GLY G 79 54.81 68.78 -43.60
N ALA G 80 54.66 68.06 -42.50
CA ALA G 80 54.78 66.61 -42.53
C ALA G 80 53.70 66.01 -43.42
N PHE G 81 53.90 64.74 -43.78
CA PHE G 81 53.00 64.01 -44.67
C PHE G 81 52.86 64.73 -46.01
N GLY G 82 53.95 65.33 -46.48
CA GLY G 82 53.93 66.13 -47.68
C GLY G 82 54.75 65.59 -48.83
N HIS G 83 55.73 64.75 -48.52
CA HIS G 83 56.59 64.14 -49.55
C HIS G 83 55.89 63.03 -50.30
N LEU G 84 54.76 62.55 -49.80
CA LEU G 84 54.01 61.48 -50.42
C LEU G 84 53.27 61.89 -51.69
N PHE G 85 52.86 63.15 -51.81
CA PHE G 85 52.15 63.57 -53.01
C PHE G 85 53.10 63.63 -54.20
N ARG G 86 52.57 63.29 -55.37
CA ARG G 86 53.33 63.41 -56.60
C ARG G 86 53.48 64.89 -56.95
N PRO G 87 54.71 65.39 -57.11
CA PRO G 87 54.89 66.85 -57.29
C PRO G 87 54.20 67.39 -58.52
N ASP G 88 53.94 66.57 -59.53
CA ASP G 88 53.27 67.07 -60.73
C ASP G 88 51.81 67.42 -60.48
N ASN G 89 51.16 66.73 -59.53
CA ASN G 89 49.75 66.98 -59.25
C ASN G 89 49.51 68.32 -58.57
N PHE G 90 50.55 68.99 -58.07
CA PHE G 90 50.41 70.27 -57.38
C PHE G 90 50.15 71.36 -58.44
N ILE G 91 48.90 71.44 -58.87
CA ILE G 91 48.47 72.45 -59.82
C ILE G 91 47.93 73.66 -59.05
N PHE G 92 48.49 74.83 -59.32
CA PHE G 92 48.08 76.02 -58.59
C PHE G 92 48.24 77.25 -59.47
N GLY G 93 47.49 78.30 -59.14
CA GLY G 93 47.55 79.56 -59.83
C GLY G 93 48.50 80.54 -59.16
N GLN G 94 48.33 81.81 -59.49
CA GLN G 94 49.22 82.82 -58.94
C GLN G 94 48.48 83.95 -58.23
N SER G 95 47.34 84.39 -58.75
CA SER G 95 46.68 85.57 -58.22
C SER G 95 45.58 85.26 -57.23
N GLY G 96 44.93 84.10 -57.33
CA GLY G 96 43.79 83.81 -56.49
C GLY G 96 42.51 84.38 -57.08
N ALA G 97 41.40 83.65 -56.93
CA ALA G 97 40.14 84.10 -57.51
C ALA G 97 39.56 85.33 -56.81
N GLY G 98 40.12 85.72 -55.67
CA GLY G 98 39.62 86.90 -54.98
C GLY G 98 38.20 86.77 -54.50
N ASN G 99 37.82 85.59 -54.00
CA ASN G 99 36.49 85.34 -53.46
C ASN G 99 35.38 85.59 -54.48
N ASN G 100 35.70 85.52 -55.77
CA ASN G 100 34.75 85.80 -56.83
C ASN G 100 34.51 84.52 -57.61
N TRP G 101 33.25 84.14 -57.77
CA TRP G 101 32.92 82.89 -58.45
C TRP G 101 33.16 82.99 -59.95
N ALA G 102 33.04 84.21 -60.50
CA ALA G 102 33.28 84.41 -61.93
C ALA G 102 34.72 84.05 -62.29
N LYS G 103 35.68 84.60 -61.56
CA LYS G 103 37.08 84.31 -61.83
C LYS G 103 37.40 82.85 -61.56
N GLY G 104 36.65 82.18 -60.68
CA GLY G 104 36.91 80.79 -60.39
C GLY G 104 36.28 79.84 -61.38
N HIS G 105 35.26 80.30 -62.12
CA HIS G 105 34.57 79.45 -63.07
C HIS G 105 34.72 79.89 -64.52
N TYR G 106 35.07 81.15 -64.78
CA TYR G 106 35.13 81.66 -66.14
C TYR G 106 36.52 82.17 -66.52
N THR G 107 37.12 83.04 -65.70
CA THR G 107 38.33 83.76 -66.13
C THR G 107 39.61 83.04 -65.71
N GLU G 108 39.81 82.86 -64.40
CA GLU G 108 41.05 82.26 -63.92
C GLU G 108 41.01 80.74 -64.02
N GLY G 109 39.85 80.14 -63.73
CA GLY G 109 39.75 78.69 -63.80
C GLY G 109 40.00 78.13 -65.18
N ALA G 110 39.71 78.93 -66.22
CA ALA G 110 39.94 78.47 -67.59
C ALA G 110 41.42 78.32 -67.90
N GLU G 111 42.30 78.99 -67.15
CA GLU G 111 43.73 78.93 -67.40
C GLU G 111 44.40 77.69 -66.82
N LEU G 112 43.74 76.98 -65.91
CA LEU G 112 44.28 75.76 -65.34
C LEU G 112 43.37 74.56 -65.55
N VAL G 113 42.16 74.75 -66.06
CA VAL G 113 41.23 73.64 -66.24
C VAL G 113 41.79 72.62 -67.22
N ASP G 114 42.48 73.09 -68.26
CA ASP G 114 43.04 72.17 -69.24
C ASP G 114 44.09 71.26 -68.60
N SER G 115 45.02 71.84 -67.84
CA SER G 115 46.04 71.02 -67.18
C SER G 115 45.43 70.06 -66.17
N VAL G 116 44.43 70.52 -65.41
CA VAL G 116 43.79 69.64 -64.44
C VAL G 116 43.12 68.47 -65.14
N LEU G 117 42.42 68.73 -66.26
CA LEU G 117 41.80 67.64 -67.00
C LEU G 117 42.83 66.72 -67.66
N ASP G 118 43.99 67.22 -68.07
CA ASP G 118 45.01 66.32 -68.58
C ASP G 118 45.52 65.38 -67.48
N VAL G 119 45.72 65.92 -66.27
CA VAL G 119 46.12 65.06 -65.16
C VAL G 119 45.03 64.04 -64.85
N VAL G 120 43.77 64.48 -64.86
CA VAL G 120 42.64 63.59 -64.61
C VAL G 120 42.60 62.48 -65.66
N ARG G 121 42.78 62.85 -66.94
CA ARG G 121 42.75 61.86 -68.01
C ARG G 121 43.87 60.85 -67.87
N LYS G 122 45.08 61.33 -67.54
CA LYS G 122 46.19 60.40 -67.35
C LYS G 122 45.91 59.43 -66.21
N GLU G 123 45.40 59.94 -65.10
CA GLU G 123 45.10 59.08 -63.97
C GLU G 123 44.00 58.08 -64.31
N CYS G 124 42.97 58.53 -65.04
CA CYS G 124 41.90 57.64 -65.45
C CYS G 124 42.42 56.52 -66.34
N GLU G 125 43.28 56.86 -67.29
CA GLU G 125 43.86 55.83 -68.16
C GLU G 125 44.72 54.85 -67.36
N ASN G 126 45.43 55.35 -66.36
CA ASN G 126 46.33 54.49 -65.58
C ASN G 126 45.57 53.55 -64.66
N CYS G 127 44.37 53.92 -64.22
CA CYS G 127 43.63 53.08 -63.29
C CYS G 127 43.05 51.86 -64.00
N ASP G 128 42.75 50.83 -63.20
CA ASP G 128 42.26 49.57 -63.75
C ASP G 128 40.76 49.64 -64.06
N CYS G 129 39.95 49.89 -63.03
CA CYS G 129 38.49 49.98 -63.18
C CYS G 129 38.04 51.16 -62.32
N LEU G 130 37.86 52.31 -62.95
CA LEU G 130 37.48 53.51 -62.22
C LEU G 130 36.09 53.35 -61.60
N GLN G 131 35.97 53.73 -60.33
CA GLN G 131 34.70 53.68 -59.63
C GLN G 131 33.98 55.03 -59.71
N GLY G 132 34.63 56.08 -59.25
CA GLY G 132 34.02 57.40 -59.27
C GLY G 132 34.97 58.41 -58.65
N PHE G 133 34.52 59.66 -58.63
CA PHE G 133 35.31 60.78 -58.16
C PHE G 133 34.65 61.42 -56.96
N GLN G 134 35.47 61.88 -56.01
CA GLN G 134 34.99 62.63 -54.86
C GLN G 134 35.73 63.95 -54.77
N LEU G 135 34.98 65.03 -54.59
CA LEU G 135 35.51 66.38 -54.55
C LEU G 135 35.32 66.96 -53.16
N THR G 136 36.37 67.58 -52.62
CA THR G 136 36.31 68.29 -51.34
C THR G 136 36.57 69.77 -51.62
N HIS G 137 35.55 70.59 -51.39
CA HIS G 137 35.65 72.02 -51.65
C HIS G 137 34.65 72.75 -50.76
N SER G 138 34.51 74.05 -50.98
CA SER G 138 33.54 74.87 -50.25
C SER G 138 32.80 75.76 -51.23
N LEU G 139 31.62 76.22 -50.80
CA LEU G 139 30.77 77.06 -51.62
C LEU G 139 30.84 78.53 -51.22
N GLY G 140 31.73 78.89 -50.29
CA GLY G 140 31.85 80.27 -49.87
C GLY G 140 32.86 81.06 -50.66
N GLY G 141 34.08 80.55 -50.76
CA GLY G 141 35.11 81.23 -51.53
C GLY G 141 34.89 81.10 -53.02
N GLY G 142 35.42 82.07 -53.76
CA GLY G 142 35.30 82.03 -55.21
C GLY G 142 36.10 80.90 -55.82
N THR G 143 37.33 80.69 -55.35
CA THR G 143 38.20 79.67 -55.94
C THR G 143 37.56 78.29 -55.87
N GLY G 144 37.32 77.81 -54.65
CA GLY G 144 36.80 76.46 -54.49
C GLY G 144 35.49 76.26 -55.25
N SER G 145 34.54 77.17 -55.04
CA SER G 145 33.23 77.03 -55.65
C SER G 145 33.33 77.03 -57.18
N GLY G 146 33.87 78.10 -57.76
CA GLY G 146 33.88 78.21 -59.21
C GLY G 146 34.70 77.13 -59.87
N MET G 147 35.93 76.91 -59.38
CA MET G 147 36.80 75.93 -60.01
C MET G 147 36.24 74.52 -59.86
N GLY G 148 35.65 74.21 -58.69
CA GLY G 148 35.04 72.91 -58.51
C GLY G 148 33.87 72.70 -59.45
N THR G 149 33.02 73.72 -59.62
CA THR G 149 31.90 73.59 -60.54
C THR G 149 32.38 73.36 -61.97
N LEU G 150 33.40 74.12 -62.40
CA LEU G 150 33.92 73.96 -63.75
C LEU G 150 34.49 72.56 -63.96
N LEU G 151 35.31 72.10 -63.01
CA LEU G 151 35.87 70.76 -63.09
C LEU G 151 34.77 69.71 -63.10
N ILE G 152 33.72 69.94 -62.31
CA ILE G 152 32.60 69.00 -62.22
C ILE G 152 31.96 68.85 -63.59
N SER G 153 31.66 69.99 -64.24
CA SER G 153 31.04 69.94 -65.55
C SER G 153 31.92 69.22 -66.55
N LYS G 154 33.19 69.61 -66.64
CA LYS G 154 34.07 69.00 -67.64
C LYS G 154 34.24 67.51 -67.40
N VAL G 155 34.44 67.10 -66.14
CA VAL G 155 34.65 65.68 -65.85
C VAL G 155 33.40 64.87 -66.18
N ARG G 156 32.23 65.30 -65.70
CA ARG G 156 31.02 64.53 -65.97
C ARG G 156 30.69 64.51 -67.46
N GLU G 157 31.05 65.56 -68.20
CA GLU G 157 30.89 65.48 -69.65
C GLU G 157 31.92 64.56 -70.29
N GLU G 158 33.07 64.34 -69.62
CA GLU G 158 34.03 63.36 -70.12
C GLU G 158 33.72 61.94 -69.68
N TYR G 159 32.98 61.76 -68.60
CA TYR G 159 32.63 60.43 -68.08
C TYR G 159 31.19 60.46 -67.60
N PRO G 160 30.24 60.01 -68.42
CA PRO G 160 28.82 60.16 -68.05
C PRO G 160 28.37 59.18 -66.98
N ASP G 161 28.76 57.91 -67.07
CA ASP G 161 28.17 56.88 -66.23
C ASP G 161 28.87 56.71 -64.90
N ARG G 162 29.97 57.41 -64.66
CA ARG G 162 30.62 57.34 -63.37
C ARG G 162 29.80 58.09 -62.32
N ILE G 163 30.10 57.80 -61.06
CA ILE G 163 29.44 58.45 -59.94
C ILE G 163 30.40 59.43 -59.31
N MET G 164 29.85 60.47 -58.69
CA MET G 164 30.69 61.57 -58.22
C MET G 164 30.19 62.08 -56.86
N ASN G 165 31.13 62.24 -55.94
CA ASN G 165 30.86 62.79 -54.62
C ASN G 165 31.42 64.20 -54.52
N THR G 166 30.72 65.06 -53.78
CA THR G 166 31.21 66.38 -53.41
C THR G 166 30.95 66.60 -51.93
N PHE G 167 31.97 67.09 -51.22
CA PHE G 167 31.87 67.38 -49.80
C PHE G 167 32.02 68.89 -49.65
N SER G 168 30.90 69.61 -49.79
CA SER G 168 30.92 71.06 -49.91
C SER G 168 30.56 71.71 -48.58
N VAL G 169 31.41 72.62 -48.12
CA VAL G 169 31.12 73.37 -46.91
C VAL G 169 30.09 74.45 -47.23
N VAL G 170 28.95 74.42 -46.55
CA VAL G 170 27.86 75.35 -46.77
C VAL G 170 27.95 76.47 -45.75
N PRO G 171 27.71 77.73 -46.12
CA PRO G 171 27.86 78.84 -45.18
C PRO G 171 26.95 78.72 -43.98
N SER G 172 27.44 79.20 -42.84
CA SER G 172 26.70 79.13 -41.59
C SER G 172 25.51 80.08 -41.61
N PRO G 173 24.43 79.75 -40.90
CA PRO G 173 23.25 80.63 -40.88
C PRO G 173 23.46 81.88 -40.06
N LYS G 174 24.08 81.74 -38.88
CA LYS G 174 24.23 82.87 -37.98
C LYS G 174 25.20 83.90 -38.54
N VAL G 175 26.46 83.51 -38.72
CA VAL G 175 27.50 84.42 -39.19
C VAL G 175 27.88 84.00 -40.61
N SER G 176 28.37 84.98 -41.37
CA SER G 176 28.84 84.75 -42.72
C SER G 176 30.32 85.09 -42.77
N ASP G 177 31.14 84.14 -43.23
CA ASP G 177 32.57 84.34 -43.27
C ASP G 177 32.99 85.27 -44.40
N THR G 178 32.21 85.33 -45.47
CA THR G 178 32.42 86.28 -46.56
C THR G 178 31.20 87.20 -46.65
N VAL G 179 31.17 88.02 -47.70
CA VAL G 179 30.13 89.01 -47.88
C VAL G 179 29.21 88.66 -49.06
N VAL G 180 29.77 88.10 -50.12
CA VAL G 180 28.99 87.87 -51.34
C VAL G 180 28.78 86.38 -51.55
N GLU G 181 28.78 85.62 -50.46
CA GLU G 181 28.57 84.18 -50.54
C GLU G 181 27.18 83.77 -51.05
N PRO G 182 26.13 84.59 -50.95
CA PRO G 182 24.86 84.19 -51.59
C PRO G 182 24.99 83.88 -53.08
N TYR G 183 25.59 84.76 -53.87
CA TYR G 183 25.72 84.52 -55.31
C TYR G 183 26.56 83.27 -55.57
N ASN G 184 27.69 83.15 -54.89
CA ASN G 184 28.59 82.02 -55.12
C ASN G 184 27.90 80.70 -54.79
N ALA G 185 27.24 80.65 -53.63
CA ALA G 185 26.53 79.45 -53.23
C ALA G 185 25.38 79.15 -54.19
N THR G 186 24.69 80.19 -54.67
CA THR G 186 23.59 79.97 -55.60
C THR G 186 24.07 79.32 -56.89
N LEU G 187 25.10 79.90 -57.50
CA LEU G 187 25.61 79.34 -58.75
C LEU G 187 26.19 77.95 -58.53
N SER G 188 26.88 77.74 -57.41
CA SER G 188 27.47 76.43 -57.14
C SER G 188 26.40 75.37 -56.94
N ILE G 189 25.35 75.68 -56.18
CA ILE G 189 24.28 74.71 -55.95
C ILE G 189 23.53 74.43 -57.25
N HIS G 190 23.34 75.45 -58.08
CA HIS G 190 22.79 75.22 -59.41
C HIS G 190 23.61 74.18 -60.16
N GLN G 191 24.93 74.38 -60.21
CA GLN G 191 25.79 73.42 -60.88
C GLN G 191 25.67 72.03 -60.26
N LEU G 192 25.72 71.95 -58.93
CA LEU G 192 25.71 70.65 -58.27
C LEU G 192 24.43 69.89 -58.56
N VAL G 193 23.27 70.56 -58.47
CA VAL G 193 22.03 69.87 -58.78
C VAL G 193 22.00 69.49 -60.25
N GLU G 194 22.71 70.23 -61.11
CA GLU G 194 22.77 69.83 -62.50
C GLU G 194 23.55 68.53 -62.68
N ASN G 195 24.76 68.43 -62.15
CA ASN G 195 25.61 67.29 -62.54
C ASN G 195 26.39 66.73 -61.35
N THR G 196 25.71 66.38 -60.27
CA THR G 196 26.32 65.61 -59.20
C THR G 196 25.36 64.50 -58.78
N ASP G 197 25.89 63.32 -58.48
CA ASP G 197 25.07 62.20 -58.06
C ASP G 197 24.78 62.20 -56.57
N GLU G 198 25.52 62.97 -55.77
CA GLU G 198 25.19 63.24 -54.38
C GLU G 198 26.19 64.26 -53.84
N THR G 199 25.78 64.95 -52.78
CA THR G 199 26.56 66.00 -52.15
C THR G 199 26.31 65.90 -50.65
N TYR G 200 27.32 66.21 -49.85
CA TYR G 200 27.19 66.15 -48.39
C TYR G 200 27.34 67.57 -47.85
N CYS G 201 26.21 68.18 -47.47
CA CYS G 201 26.27 69.53 -46.92
C CYS G 201 26.93 69.53 -45.56
N ILE G 202 27.88 70.44 -45.36
CA ILE G 202 28.61 70.56 -44.09
C ILE G 202 28.67 72.04 -43.73
N ASP G 203 28.46 72.35 -42.46
CA ASP G 203 28.39 73.73 -42.01
C ASP G 203 29.36 73.92 -40.85
N ASN G 204 30.08 75.04 -40.86
CA ASN G 204 31.05 75.34 -39.81
C ASN G 204 30.36 75.57 -38.47
N GLU G 205 29.18 76.17 -38.47
CA GLU G 205 28.47 76.43 -37.21
C GLU G 205 28.14 75.12 -36.49
N ALA G 206 27.63 74.14 -37.23
CA ALA G 206 27.30 72.85 -36.62
C ALA G 206 28.55 72.16 -36.11
N LEU G 207 29.65 72.23 -36.86
CA LEU G 207 30.90 71.62 -36.40
C LEU G 207 31.40 72.30 -35.13
N TYR G 208 31.33 73.62 -35.06
CA TYR G 208 31.71 74.34 -33.85
C TYR G 208 30.85 73.91 -32.68
N ASP G 209 29.54 73.80 -32.89
CA ASP G 209 28.64 73.39 -31.81
C ASP G 209 28.96 71.98 -31.34
N ILE G 210 29.23 71.08 -32.29
CA ILE G 210 29.55 69.70 -31.93
C ILE G 210 30.84 69.65 -31.12
N CYS G 211 31.87 70.39 -31.57
CA CYS G 211 33.14 70.39 -30.88
C CYS G 211 33.01 70.97 -29.46
N PHE G 212 32.24 72.04 -29.31
CA PHE G 212 32.12 72.67 -28.00
C PHE G 212 31.28 71.83 -27.05
N ARG G 213 30.14 71.32 -27.52
CA ARG G 213 29.24 70.61 -26.61
C ARG G 213 29.67 69.17 -26.40
N THR G 214 29.69 68.37 -27.48
CA THR G 214 29.95 66.94 -27.33
C THR G 214 31.41 66.65 -27.02
N LEU G 215 32.33 67.27 -27.76
CA LEU G 215 33.74 67.00 -27.56
C LEU G 215 34.33 67.74 -26.36
N LYS G 216 33.60 68.73 -25.83
CA LYS G 216 34.06 69.52 -24.68
C LYS G 216 35.41 70.17 -24.94
N LEU G 217 35.61 70.64 -26.18
CA LEU G 217 36.81 71.37 -26.56
C LEU G 217 36.50 72.85 -26.53
N ALA G 218 37.07 73.57 -25.56
CA ALA G 218 36.84 75.00 -25.43
C ALA G 218 37.61 75.81 -26.46
N THR G 219 38.66 75.25 -27.04
CA THR G 219 39.50 75.93 -28.03
C THR G 219 39.60 75.08 -29.30
N PRO G 220 38.51 74.98 -30.06
CA PRO G 220 38.50 74.12 -31.25
C PRO G 220 39.22 74.76 -32.42
N THR G 221 40.39 74.22 -32.76
CA THR G 221 41.11 74.68 -33.92
C THR G 221 40.52 74.04 -35.19
N TYR G 222 40.87 74.62 -36.33
CA TYR G 222 40.38 74.10 -37.61
C TYR G 222 40.83 72.66 -37.82
N GLY G 223 41.96 72.27 -37.23
CA GLY G 223 42.43 70.91 -37.37
C GLY G 223 41.43 69.87 -36.90
N ASP G 224 40.75 70.15 -35.78
CA ASP G 224 39.78 69.20 -35.26
C ASP G 224 38.56 69.10 -36.17
N LEU G 225 38.09 70.22 -36.70
CA LEU G 225 36.96 70.18 -37.63
C LEU G 225 37.31 69.39 -38.88
N ASN G 226 38.50 69.65 -39.45
CA ASN G 226 38.92 68.89 -40.61
C ASN G 226 39.12 67.42 -40.29
N HIS G 227 39.58 67.11 -39.07
CA HIS G 227 39.70 65.73 -38.64
C HIS G 227 38.34 65.04 -38.61
N LEU G 228 37.32 65.75 -38.10
CA LEU G 228 35.98 65.17 -38.06
C LEU G 228 35.45 64.93 -39.46
N VAL G 229 35.64 65.90 -40.36
CA VAL G 229 35.19 65.72 -41.75
C VAL G 229 35.91 64.56 -42.40
N SER G 230 37.23 64.44 -42.16
CA SER G 230 37.99 63.34 -42.74
C SER G 230 37.54 62.00 -42.17
N ALA G 231 37.21 61.95 -40.88
CA ALA G 231 36.67 60.73 -40.30
C ALA G 231 35.35 60.36 -40.96
N THR G 232 34.51 61.35 -41.26
CA THR G 232 33.28 61.08 -42.00
C THR G 232 33.58 60.50 -43.38
N MET G 233 34.55 61.10 -44.09
CA MET G 233 34.97 60.58 -45.39
C MET G 233 35.39 59.13 -45.29
N SER G 234 36.26 58.82 -44.33
CA SER G 234 36.78 57.48 -44.19
C SER G 234 35.69 56.50 -43.81
N GLY G 235 34.77 56.91 -42.93
CA GLY G 235 33.67 56.03 -42.57
C GLY G 235 32.75 55.75 -43.73
N VAL G 236 32.54 56.75 -44.59
CA VAL G 236 31.73 56.51 -45.80
C VAL G 236 32.42 55.53 -46.72
N THR G 237 33.73 55.71 -46.94
CA THR G 237 34.42 54.89 -47.93
C THR G 237 34.84 53.52 -47.42
N THR G 238 34.83 53.29 -46.10
CA THR G 238 35.42 52.08 -45.54
C THR G 238 34.76 50.80 -46.03
N SER G 239 33.52 50.85 -46.49
CA SER G 239 32.85 49.65 -46.96
C SER G 239 33.46 49.08 -48.23
N LEU G 240 34.30 49.85 -48.91
CA LEU G 240 34.90 49.45 -50.18
C LEU G 240 36.32 48.93 -50.05
N ARG G 241 37.08 49.44 -49.08
CA ARG G 241 38.50 49.14 -48.98
C ARG G 241 38.81 47.98 -48.02
N PHE G 242 37.80 47.38 -47.39
CA PHE G 242 38.02 46.31 -46.44
C PHE G 242 36.85 45.35 -46.49
N PRO G 243 37.06 44.08 -46.10
CA PRO G 243 35.95 43.14 -46.07
C PRO G 243 34.96 43.47 -44.98
N GLY G 244 33.75 42.92 -45.13
CA GLY G 244 32.71 43.11 -44.13
C GLY G 244 31.64 42.06 -44.28
N GLN G 245 30.90 41.84 -43.19
CA GLN G 245 29.81 40.87 -43.22
C GLN G 245 28.70 41.31 -44.16
N LEU G 246 28.59 42.59 -44.46
CA LEU G 246 27.65 43.12 -45.45
C LEU G 246 28.36 44.25 -46.17
N ASN G 247 28.98 43.91 -47.30
CA ASN G 247 29.77 44.89 -48.03
C ASN G 247 28.88 45.84 -48.81
N ALA G 248 29.33 47.10 -48.88
CA ALA G 248 28.69 48.11 -49.70
C ALA G 248 29.77 48.95 -50.37
N ASP G 249 29.36 49.87 -51.23
CA ASP G 249 30.28 50.81 -51.84
C ASP G 249 29.55 52.13 -52.03
N LEU G 250 30.19 53.04 -52.76
CA LEU G 250 29.54 54.32 -53.07
C LEU G 250 28.29 54.12 -53.91
N ARG G 251 28.32 53.14 -54.82
CA ARG G 251 27.19 52.92 -55.72
C ARG G 251 25.94 52.47 -54.97
N LYS G 252 26.10 51.54 -54.01
CA LYS G 252 24.94 51.08 -53.25
C LYS G 252 24.33 52.23 -52.46
N LEU G 253 25.17 53.03 -51.81
CA LEU G 253 24.66 54.16 -51.04
C LEU G 253 23.97 55.17 -51.93
N ALA G 254 24.53 55.44 -53.11
CA ALA G 254 23.90 56.37 -54.04
C ALA G 254 22.54 55.85 -54.50
N VAL G 255 22.45 54.55 -54.83
CA VAL G 255 21.19 54.00 -55.30
C VAL G 255 20.14 54.03 -54.19
N ASN G 256 20.53 53.66 -52.96
CA ASN G 256 19.57 53.59 -51.87
C ASN G 256 19.13 54.98 -51.41
N MET G 257 20.04 55.95 -51.42
CA MET G 257 19.76 57.28 -50.88
C MET G 257 19.13 58.24 -51.87
N VAL G 258 19.07 57.91 -53.15
CA VAL G 258 18.59 58.87 -54.14
C VAL G 258 17.33 58.34 -54.81
N PRO G 259 16.14 58.67 -54.30
CA PRO G 259 14.91 58.24 -54.99
C PRO G 259 14.55 59.08 -56.19
N PHE G 260 15.12 60.28 -56.31
CA PHE G 260 14.83 61.19 -57.41
C PHE G 260 16.12 61.90 -57.78
N PRO G 261 16.42 62.04 -59.07
CA PRO G 261 17.78 62.48 -59.46
C PRO G 261 18.19 63.82 -58.88
N ARG G 262 17.26 64.76 -58.77
CA ARG G 262 17.61 66.09 -58.27
C ARG G 262 17.93 66.03 -56.78
N LEU G 263 17.16 65.26 -56.01
CA LEU G 263 17.33 65.20 -54.56
C LEU G 263 18.55 64.37 -54.19
N HIS G 264 19.72 64.99 -54.12
CA HIS G 264 20.96 64.31 -53.76
C HIS G 264 21.80 65.17 -52.83
N PHE G 265 21.16 65.79 -51.85
CA PHE G 265 21.83 66.66 -50.88
C PHE G 265 21.62 66.06 -49.50
N PHE G 266 22.71 65.69 -48.84
CA PHE G 266 22.67 64.80 -47.70
C PHE G 266 23.31 65.48 -46.51
N MET G 267 23.14 64.85 -45.33
CA MET G 267 23.78 65.34 -44.12
C MET G 267 24.65 64.25 -43.50
N PRO G 268 25.88 64.57 -43.11
CA PRO G 268 26.76 63.59 -42.48
C PRO G 268 26.71 63.62 -40.96
N GLY G 269 27.14 62.52 -40.36
CA GLY G 269 27.27 62.42 -38.92
C GLY G 269 28.26 61.33 -38.56
N PHE G 270 28.86 61.45 -37.38
CA PHE G 270 29.88 60.51 -36.95
C PHE G 270 29.63 60.10 -35.51
N ALA G 271 30.14 58.92 -35.15
CA ALA G 271 29.99 58.36 -33.81
C ALA G 271 30.99 57.22 -33.59
N PRO G 272 31.47 57.02 -32.35
CA PRO G 272 31.15 57.80 -31.16
C PRO G 272 32.03 59.04 -31.00
N LEU G 273 31.50 60.05 -30.29
CA LEU G 273 32.24 61.27 -29.96
C LEU G 273 32.19 61.45 -28.46
N THR G 274 33.36 61.50 -27.83
CA THR G 274 33.47 61.66 -26.39
C THR G 274 34.59 62.63 -26.06
N ALA G 275 34.49 63.25 -24.89
CA ALA G 275 35.55 64.10 -24.39
C ALA G 275 36.77 63.27 -24.02
N ARG G 276 37.87 63.96 -23.73
CA ARG G 276 39.12 63.26 -23.41
C ARG G 276 38.98 62.43 -22.14
N GLY G 277 38.38 62.99 -21.10
CA GLY G 277 38.22 62.29 -19.85
C GLY G 277 36.97 61.42 -19.80
N SER G 278 36.01 61.74 -20.66
CA SER G 278 34.71 61.08 -20.69
C SER G 278 34.70 59.83 -21.56
N GLN G 279 35.85 59.22 -21.84
CA GLN G 279 35.87 58.08 -22.75
C GLN G 279 35.66 56.74 -22.06
N GLN G 280 36.29 56.53 -20.90
CA GLN G 280 36.21 55.24 -20.24
C GLN G 280 34.95 55.05 -19.42
N TYR G 281 34.12 56.08 -19.27
CA TYR G 281 32.91 55.99 -18.47
C TYR G 281 31.72 55.47 -19.26
N ARG G 282 31.90 55.04 -20.50
CA ARG G 282 30.76 54.70 -21.34
C ARG G 282 31.08 53.46 -22.16
N ALA G 283 30.14 52.54 -22.23
CA ALA G 283 30.30 51.32 -23.00
C ALA G 283 29.98 51.59 -24.46
N LEU G 284 30.87 51.15 -25.35
CA LEU G 284 30.69 51.36 -26.78
C LEU G 284 29.95 50.17 -27.35
N THR G 285 28.62 50.24 -27.27
CA THR G 285 27.73 49.22 -27.78
C THR G 285 26.86 49.80 -28.88
N VAL G 286 26.30 48.90 -29.69
CA VAL G 286 25.49 49.33 -30.85
C VAL G 286 24.36 50.29 -30.47
N PRO G 287 23.52 50.03 -29.46
CA PRO G 287 22.48 51.01 -29.14
C PRO G 287 23.03 52.36 -28.72
N GLU G 288 24.19 52.40 -28.07
CA GLU G 288 24.81 53.67 -27.75
C GLU G 288 25.08 54.50 -29.00
N LEU G 289 25.70 53.88 -30.01
CA LEU G 289 25.95 54.60 -31.26
C LEU G 289 24.65 54.99 -31.95
N THR G 290 23.67 54.09 -31.95
CA THR G 290 22.41 54.37 -32.63
C THR G 290 21.70 55.57 -32.01
N GLN G 291 21.63 55.61 -30.67
CA GLN G 291 21.00 56.74 -30.01
C GLN G 291 21.85 58.00 -30.08
N GLN G 292 23.15 57.87 -30.28
CA GLN G 292 23.99 59.05 -30.45
C GLN G 292 23.85 59.63 -31.85
N MET G 293 23.49 58.80 -32.84
CA MET G 293 23.37 59.29 -34.21
C MET G 293 22.15 60.18 -34.39
N PHE G 294 20.96 59.63 -34.10
CA PHE G 294 19.69 60.28 -34.45
C PHE G 294 19.38 61.38 -33.43
N ASP G 295 20.02 62.52 -33.62
CA ASP G 295 19.70 63.75 -32.90
C ASP G 295 20.38 64.91 -33.61
N ALA G 296 19.84 66.11 -33.41
CA ALA G 296 20.35 67.28 -34.10
C ALA G 296 21.77 67.62 -33.67
N LYS G 297 22.08 67.42 -32.38
CA LYS G 297 23.37 67.82 -31.86
C LYS G 297 24.53 67.03 -32.46
N ASN G 298 24.26 65.91 -33.13
CA ASN G 298 25.29 65.14 -33.81
C ASN G 298 25.17 65.23 -35.33
N MET G 299 24.44 66.22 -35.83
CA MET G 299 24.29 66.45 -37.26
C MET G 299 25.16 67.64 -37.68
N MET G 300 25.97 67.44 -38.70
CA MET G 300 26.95 68.43 -39.14
C MET G 300 26.37 69.52 -40.02
N ALA G 301 25.06 69.52 -40.25
CA ALA G 301 24.38 70.56 -41.00
C ALA G 301 23.54 71.42 -40.05
N ALA G 302 23.51 72.73 -40.32
CA ALA G 302 22.83 73.68 -39.45
C ALA G 302 21.34 73.76 -39.79
N CYS G 303 20.65 72.67 -39.49
CA CYS G 303 19.19 72.61 -39.65
C CYS G 303 18.68 71.47 -38.78
N ASP G 304 17.74 71.77 -37.90
CA ASP G 304 17.21 70.74 -37.02
C ASP G 304 16.41 69.74 -37.84
N PRO G 305 16.79 68.46 -37.86
CA PRO G 305 16.08 67.49 -38.71
C PRO G 305 14.62 67.29 -38.32
N ARG G 306 14.26 67.57 -37.07
CA ARG G 306 12.87 67.41 -36.67
C ARG G 306 11.95 68.47 -37.27
N HIS G 307 12.49 69.53 -37.88
CA HIS G 307 11.64 70.45 -38.63
C HIS G 307 11.05 69.81 -39.87
N GLY G 308 11.64 68.73 -40.37
CA GLY G 308 11.16 68.11 -41.59
C GLY G 308 10.96 66.61 -41.46
N ARG G 309 11.11 65.89 -42.56
CA ARG G 309 10.92 64.45 -42.61
C ARG G 309 12.21 63.76 -43.05
N TYR G 310 12.41 62.54 -42.57
CA TYR G 310 13.51 61.70 -43.03
C TYR G 310 13.05 60.93 -44.26
N LEU G 311 13.74 61.14 -45.38
CA LEU G 311 13.42 60.40 -46.59
C LEU G 311 14.15 59.05 -46.59
N THR G 312 15.47 59.08 -46.50
CA THR G 312 16.26 57.86 -46.36
C THR G 312 17.40 58.06 -45.38
N VAL G 313 17.89 56.96 -44.81
CA VAL G 313 18.97 57.00 -43.83
C VAL G 313 19.93 55.84 -44.11
N ALA G 314 21.19 56.15 -44.40
CA ALA G 314 22.23 55.17 -44.57
C ALA G 314 23.14 55.16 -43.34
N THR G 315 23.48 53.96 -42.87
CA THR G 315 24.27 53.79 -41.66
C THR G 315 25.37 52.78 -41.92
N VAL G 316 26.62 53.21 -41.81
CA VAL G 316 27.79 52.35 -42.00
C VAL G 316 28.41 52.09 -40.63
N PHE G 317 28.82 50.85 -40.41
CA PHE G 317 29.42 50.42 -39.15
C PHE G 317 30.80 49.83 -39.40
N ARG G 318 31.65 49.91 -38.37
CA ARG G 318 33.00 49.38 -38.42
C ARG G 318 33.31 48.74 -37.07
N GLY G 319 33.92 47.57 -37.10
CA GLY G 319 34.22 46.83 -35.90
C GLY G 319 33.41 45.54 -35.82
N ARG G 320 33.98 44.53 -35.18
CA ARG G 320 33.32 43.24 -35.04
C ARG G 320 32.10 43.36 -34.16
N MET G 321 30.92 43.28 -34.75
CA MET G 321 29.65 43.43 -34.04
C MET G 321 28.65 42.42 -34.57
N SER G 322 27.70 42.06 -33.71
CA SER G 322 26.70 41.07 -34.07
C SER G 322 25.55 41.73 -34.83
N MET G 323 25.18 41.13 -35.96
CA MET G 323 24.34 41.82 -36.93
C MET G 323 22.92 42.05 -36.41
N LYS G 324 22.34 41.09 -35.67
CA LYS G 324 20.94 41.28 -35.33
C LYS G 324 20.80 42.46 -34.38
N GLU G 325 21.83 42.74 -33.58
CA GLU G 325 21.78 43.90 -32.70
C GLU G 325 21.69 45.19 -33.51
N VAL G 326 22.48 45.28 -34.58
CA VAL G 326 22.39 46.40 -35.50
C VAL G 326 20.97 46.49 -36.06
N ASP G 327 20.46 45.35 -36.52
CA ASP G 327 19.14 45.31 -37.14
C ASP G 327 18.04 45.71 -36.15
N GLU G 328 18.14 45.19 -34.92
CA GLU G 328 17.16 45.48 -33.88
C GLU G 328 17.17 46.95 -33.51
N GLN G 329 18.36 47.54 -33.40
CA GLN G 329 18.42 48.98 -33.11
C GLN G 329 17.83 49.79 -34.26
N MET G 330 18.10 49.38 -35.50
CA MET G 330 17.51 50.10 -36.63
C MET G 330 15.99 50.02 -36.61
N LEU G 331 15.45 48.82 -36.38
CA LEU G 331 14.00 48.68 -36.30
C LEU G 331 13.42 49.45 -35.13
N ALA G 332 14.08 49.44 -33.98
CA ALA G 332 13.57 50.19 -32.83
C ALA G 332 13.57 51.68 -33.12
N ILE G 333 14.66 52.21 -33.68
CA ILE G 333 14.75 53.64 -33.94
C ILE G 333 13.80 54.05 -35.05
N GLN G 334 13.45 53.13 -35.95
CA GLN G 334 12.46 53.46 -36.97
C GLN G 334 11.04 53.39 -36.41
N SER G 335 10.76 52.37 -35.59
CA SER G 335 9.40 52.19 -35.07
C SER G 335 9.03 53.29 -34.09
N LYS G 336 9.93 53.62 -33.16
CA LYS G 336 9.62 54.69 -32.22
C LYS G 336 9.67 56.08 -32.87
N ASN G 337 10.18 56.16 -34.09
CA ASN G 337 10.32 57.43 -34.81
C ASN G 337 9.55 57.37 -36.12
N SER G 338 8.35 56.77 -36.08
CA SER G 338 7.53 56.67 -37.28
C SER G 338 7.12 58.03 -37.83
N SER G 339 7.04 59.05 -36.96
CA SER G 339 6.55 60.35 -37.40
C SER G 339 7.51 61.06 -38.36
N TYR G 340 8.81 60.97 -38.10
CA TYR G 340 9.78 61.74 -38.87
C TYR G 340 10.26 61.04 -40.14
N PHE G 341 9.84 59.79 -40.37
CA PHE G 341 10.19 59.08 -41.60
C PHE G 341 9.02 59.10 -42.58
N VAL G 342 9.36 59.15 -43.87
CA VAL G 342 8.34 59.13 -44.92
C VAL G 342 7.60 57.81 -44.90
N GLU G 343 6.27 57.88 -45.05
CA GLU G 343 5.46 56.67 -45.03
C GLU G 343 5.54 55.88 -46.33
N TRP G 344 5.56 56.54 -47.48
CA TRP G 344 5.56 55.83 -48.75
C TRP G 344 6.94 55.28 -49.15
N ILE G 345 7.90 55.32 -48.23
CA ILE G 345 9.13 54.51 -48.29
C ILE G 345 9.15 53.60 -47.06
N PRO G 346 8.49 52.45 -47.11
CA PRO G 346 8.64 51.48 -46.02
C PRO G 346 10.07 50.96 -45.95
N ASN G 347 10.57 50.82 -44.72
CA ASN G 347 11.92 50.30 -44.47
C ASN G 347 12.96 51.14 -45.21
N ASN G 348 13.02 52.41 -44.80
CA ASN G 348 13.83 53.43 -45.48
C ASN G 348 15.25 53.53 -44.94
N VAL G 349 15.81 52.44 -44.41
CA VAL G 349 17.13 52.47 -43.81
C VAL G 349 18.03 51.49 -44.55
N LYS G 350 19.15 51.99 -45.06
CA LYS G 350 20.21 51.18 -45.65
C LYS G 350 21.32 51.02 -44.62
N VAL G 351 21.83 49.80 -44.48
CA VAL G 351 22.86 49.51 -43.49
C VAL G 351 24.02 48.79 -44.17
N ALA G 352 25.23 49.17 -43.80
CA ALA G 352 26.45 48.51 -44.26
C ALA G 352 27.34 48.25 -43.06
N VAL G 353 28.06 47.12 -43.09
CA VAL G 353 28.90 46.72 -41.97
C VAL G 353 30.26 46.30 -42.51
N CYS G 354 31.32 46.91 -42.00
CA CYS G 354 32.69 46.52 -42.30
C CYS G 354 33.24 45.70 -41.14
N ASP G 355 34.53 45.35 -41.21
CA ASP G 355 35.17 44.55 -40.18
C ASP G 355 36.35 45.23 -39.51
N ILE G 356 36.88 46.30 -40.06
CA ILE G 356 38.07 46.98 -39.54
C ILE G 356 37.62 48.22 -38.79
N PRO G 357 37.85 48.31 -37.47
CA PRO G 357 37.54 49.54 -36.76
C PRO G 357 38.48 50.65 -37.20
N PRO G 358 38.12 51.89 -36.84
CA PRO G 358 38.99 53.05 -37.02
C PRO G 358 40.03 53.08 -35.87
N ARG G 359 41.14 53.79 -36.02
CA ARG G 359 42.17 53.80 -34.96
C ARG G 359 41.85 54.28 -33.55
N GLY G 360 42.28 53.48 -32.55
CA GLY G 360 42.06 53.79 -31.14
C GLY G 360 40.67 53.58 -30.57
N LEU G 361 39.79 53.02 -31.38
CA LEU G 361 38.39 52.77 -31.04
C LEU G 361 38.02 51.33 -31.37
N LYS G 362 37.26 50.70 -30.46
CA LYS G 362 36.85 49.32 -30.67
C LYS G 362 35.89 49.19 -31.85
N MET G 363 34.98 50.14 -32.01
CA MET G 363 34.09 50.15 -33.16
C MET G 363 33.51 51.55 -33.31
N SER G 364 33.04 51.86 -34.51
CA SER G 364 32.52 53.18 -34.79
C SER G 364 31.50 53.09 -35.92
N SER G 365 30.98 54.25 -36.32
CA SER G 365 29.92 54.31 -37.31
C SER G 365 30.09 55.52 -38.22
N THR G 366 29.12 55.69 -39.09
CA THR G 366 29.01 56.85 -39.98
C THR G 366 27.56 56.94 -40.43
N PHE G 367 27.02 58.15 -40.41
CA PHE G 367 25.61 58.40 -40.65
C PHE G 367 25.48 59.30 -41.88
N ILE G 368 24.64 58.89 -42.82
CA ILE G 368 24.26 59.72 -43.96
C ILE G 368 22.75 59.85 -43.93
N GLY G 369 22.25 61.08 -43.98
CA GLY G 369 20.82 61.29 -43.89
C GLY G 369 20.28 62.12 -45.04
N ASN G 370 19.36 61.55 -45.81
CA ASN G 370 18.65 62.26 -46.86
C ASN G 370 17.31 62.68 -46.27
N SER G 371 17.22 63.93 -45.84
CA SER G 371 16.02 64.49 -45.22
C SER G 371 15.72 65.83 -45.86
N THR G 372 14.46 66.26 -45.75
CA THR G 372 14.02 67.49 -46.38
C THR G 372 14.31 68.74 -45.54
N ALA G 373 14.79 68.58 -44.30
CA ALA G 373 15.01 69.74 -43.44
C ALA G 373 15.99 70.72 -44.07
N ILE G 374 16.98 70.20 -44.80
CA ILE G 374 17.98 71.04 -45.46
C ILE G 374 17.34 72.07 -46.39
N GLN G 375 16.10 71.84 -46.81
CA GLN G 375 15.43 72.81 -47.67
C GLN G 375 15.39 74.18 -47.02
N GLU G 376 15.24 74.23 -45.69
CA GLU G 376 15.28 75.51 -44.98
C GLU G 376 16.53 76.27 -45.36
N LEU G 377 17.69 75.60 -45.27
CA LEU G 377 18.96 76.14 -45.74
C LEU G 377 18.78 76.88 -47.05
N PHE G 378 18.32 76.15 -48.08
CA PHE G 378 18.20 76.74 -49.40
C PHE G 378 17.35 78.01 -49.34
N LYS G 379 16.17 77.93 -48.71
CA LYS G 379 15.31 79.10 -48.66
C LYS G 379 16.05 80.29 -48.08
N ARG G 380 16.75 80.08 -46.96
CA ARG G 380 17.50 81.18 -46.35
C ARG G 380 18.43 81.79 -47.38
N ILE G 381 19.26 80.96 -48.02
CA ILE G 381 20.17 81.46 -49.02
C ILE G 381 19.39 82.19 -50.11
N SER G 382 18.32 81.55 -50.60
CA SER G 382 17.51 82.16 -51.63
C SER G 382 17.06 83.55 -51.20
N GLU G 383 16.54 83.66 -49.98
CA GLU G 383 16.08 84.97 -49.51
C GLU G 383 17.23 85.96 -49.55
N GLN G 384 18.38 85.58 -49.02
CA GLN G 384 19.54 86.47 -49.04
C GLN G 384 19.89 86.84 -50.47
N PHE G 385 19.85 85.86 -51.38
CA PHE G 385 20.11 86.15 -52.79
C PHE G 385 19.20 87.27 -53.27
N THR G 386 17.90 87.12 -53.03
CA THR G 386 16.97 88.17 -53.42
C THR G 386 17.32 89.48 -52.73
N ALA G 387 17.63 89.43 -51.44
CA ALA G 387 17.97 90.64 -50.69
C ALA G 387 19.19 91.32 -51.29
N MET G 388 20.05 90.58 -51.97
CA MET G 388 21.23 91.16 -52.60
C MET G 388 21.11 91.28 -54.10
N PHE G 389 20.02 90.80 -54.71
CA PHE G 389 19.86 90.91 -56.15
C PHE G 389 18.80 91.92 -56.56
N ARG G 390 17.85 92.24 -55.68
CA ARG G 390 16.85 93.25 -56.01
C ARG G 390 17.49 94.62 -56.19
N ARG G 391 18.47 94.95 -55.36
CA ARG G 391 19.17 96.23 -55.45
C ARG G 391 20.48 96.12 -56.21
N LYS G 392 20.78 94.96 -56.78
CA LYS G 392 21.98 94.75 -57.61
C LYS G 392 23.26 95.07 -56.82
N ALA G 393 23.42 94.38 -55.70
CA ALA G 393 24.59 94.56 -54.86
C ALA G 393 25.74 93.71 -55.37
N PHE G 394 26.89 94.34 -55.59
CA PHE G 394 28.13 93.71 -56.05
C PHE G 394 27.97 93.01 -57.40
N LEU G 395 26.86 93.23 -58.10
CA LEU G 395 26.60 92.49 -59.33
C LEU G 395 27.57 92.87 -60.43
N HIS G 396 27.99 94.14 -60.47
CA HIS G 396 28.85 94.60 -61.56
C HIS G 396 30.20 93.87 -61.58
N TRP G 397 30.62 93.31 -60.44
CA TRP G 397 31.85 92.52 -60.43
C TRP G 397 31.72 91.30 -61.32
N TYR G 398 30.63 90.54 -61.17
CA TYR G 398 30.41 89.39 -62.03
C TYR G 398 29.98 89.81 -63.43
N THR G 399 29.37 90.99 -63.56
CA THR G 399 29.01 91.49 -64.88
C THR G 399 30.26 91.90 -65.67
N GLY G 400 31.29 92.37 -64.98
CA GLY G 400 32.53 92.77 -65.64
C GLY G 400 33.37 91.62 -66.14
N GLU G 401 33.01 90.39 -65.80
CA GLU G 401 33.73 89.20 -66.29
C GLU G 401 33.03 88.55 -67.47
N GLY G 402 31.98 89.16 -68.01
CA GLY G 402 31.24 88.63 -69.13
C GLY G 402 29.92 87.99 -68.73
N MET G 403 29.73 87.70 -67.46
CA MET G 403 28.54 87.02 -66.97
C MET G 403 27.34 87.95 -67.02
N ASP G 404 26.15 87.36 -67.20
CA ASP G 404 24.91 88.09 -67.41
C ASP G 404 23.96 87.88 -66.24
N GLU G 405 22.96 88.75 -66.15
CA GLU G 405 21.94 88.61 -65.10
C GLU G 405 21.08 87.37 -65.32
N MET G 406 20.91 86.95 -66.57
CA MET G 406 19.98 85.86 -66.90
C MET G 406 20.37 84.59 -66.18
N GLU G 407 21.67 84.31 -66.07
CA GLU G 407 22.13 83.12 -65.36
C GLU G 407 21.77 83.19 -63.87
N PHE G 408 21.88 84.39 -63.27
CA PHE G 408 21.45 84.53 -61.87
C PHE G 408 19.97 84.24 -61.73
N THR G 409 19.16 84.76 -62.65
CA THR G 409 17.73 84.48 -62.61
C THR G 409 17.47 82.99 -62.77
N GLU G 410 18.16 82.34 -63.70
CA GLU G 410 17.96 80.92 -63.94
C GLU G 410 18.37 80.08 -62.73
N ALA G 411 19.51 80.39 -62.12
CA ALA G 411 19.96 79.64 -60.95
C ALA G 411 18.99 79.82 -59.78
N GLU G 412 18.53 81.05 -59.56
CA GLU G 412 17.57 81.29 -58.49
C GLU G 412 16.27 80.53 -58.75
N SER G 413 15.80 80.55 -59.99
CA SER G 413 14.58 79.82 -60.34
C SER G 413 14.75 78.32 -60.14
N ASN G 414 15.90 77.78 -60.54
CA ASN G 414 16.14 76.35 -60.39
C ASN G 414 16.19 75.95 -58.92
N MET G 415 16.84 76.76 -58.09
CA MET G 415 16.87 76.45 -56.66
C MET G 415 15.49 76.58 -56.02
N ASN G 416 14.70 77.56 -56.45
CA ASN G 416 13.33 77.64 -55.94
C ASN G 416 12.51 76.44 -56.36
N ASP G 417 12.72 75.95 -57.59
CA ASP G 417 12.08 74.71 -58.02
C ASP G 417 12.51 73.55 -57.15
N LEU G 418 13.80 73.50 -56.80
CA LEU G 418 14.32 72.47 -55.91
C LEU G 418 13.65 72.53 -54.53
N VAL G 419 13.50 73.74 -53.99
CA VAL G 419 12.86 73.91 -52.68
C VAL G 419 11.41 73.44 -52.74
N SER G 420 10.68 73.84 -53.79
CA SER G 420 9.30 73.39 -53.93
C SER G 420 9.23 71.88 -54.10
N GLU G 421 10.23 71.29 -54.75
CA GLU G 421 10.26 69.85 -54.96
C GLU G 421 10.41 69.12 -53.63
N TYR G 422 11.35 69.58 -52.80
CA TYR G 422 11.48 69.07 -51.44
C TYR G 422 10.19 69.24 -50.66
N GLN G 423 9.55 70.41 -50.78
CA GLN G 423 8.32 70.66 -50.03
C GLN G 423 7.23 69.68 -50.46
N GLN G 424 7.09 69.45 -51.76
CA GLN G 424 6.05 68.56 -52.27
C GLN G 424 6.28 67.13 -51.80
N TYR G 425 7.51 66.63 -51.92
CA TYR G 425 7.77 65.28 -51.43
C TYR G 425 7.69 65.18 -49.91
N GLN G 426 7.93 66.27 -49.19
CA GLN G 426 7.69 66.26 -47.76
C GLN G 426 6.20 66.18 -47.44
N ASP G 427 5.37 66.77 -48.30
CA ASP G 427 3.93 66.74 -48.10
C ASP G 427 3.26 65.54 -48.77
N ALA G 428 4.03 64.66 -49.41
CA ALA G 428 3.44 63.51 -50.07
C ALA G 428 2.93 62.50 -49.04
N THR G 429 1.87 61.79 -49.43
CA THR G 429 1.27 60.78 -48.55
C THR G 429 1.19 59.43 -49.26
N MET H 1 18.98 44.42 -13.87
CA MET H 1 17.61 44.07 -13.55
C MET H 1 17.04 44.98 -12.47
N ARG H 2 15.88 45.57 -12.75
CA ARG H 2 15.20 46.47 -11.83
C ARG H 2 16.12 47.63 -11.43
N GLU H 3 16.49 48.42 -12.42
CA GLU H 3 17.45 49.49 -12.25
C GLU H 3 16.78 50.74 -11.69
N ILE H 4 17.55 51.50 -10.92
CA ILE H 4 17.07 52.71 -10.25
C ILE H 4 17.99 53.86 -10.61
N VAL H 5 17.40 54.98 -11.03
CA VAL H 5 18.13 56.21 -11.29
C VAL H 5 18.03 57.09 -10.05
N HIS H 6 19.17 57.51 -9.53
CA HIS H 6 19.22 58.35 -8.33
C HIS H 6 19.50 59.79 -8.74
N ILE H 7 18.65 60.70 -8.29
CA ILE H 7 18.80 62.12 -8.59
C ILE H 7 19.00 62.88 -7.28
N GLN H 8 19.90 63.85 -7.31
CA GLN H 8 20.19 64.68 -6.15
C GLN H 8 20.02 66.14 -6.53
N ALA H 9 19.30 66.89 -5.69
CA ALA H 9 19.04 68.30 -5.94
C ALA H 9 19.39 69.10 -4.70
N GLY H 10 20.03 70.26 -4.91
CA GLY H 10 20.43 71.11 -3.81
C GLY H 10 21.73 70.67 -3.18
N GLN H 11 22.26 71.54 -2.31
CA GLN H 11 23.50 71.22 -1.60
C GLN H 11 23.29 70.03 -0.66
N CYS H 12 22.18 70.04 0.07
CA CYS H 12 21.82 68.89 0.90
C CYS H 12 21.69 67.63 0.06
N GLY H 13 20.99 67.73 -1.07
CA GLY H 13 20.83 66.55 -1.91
C GLY H 13 22.16 66.01 -2.39
N ASN H 14 23.05 66.89 -2.82
CA ASN H 14 24.35 66.46 -3.31
C ASN H 14 25.19 65.82 -2.22
N GLN H 15 25.17 66.41 -1.01
CA GLN H 15 25.98 65.85 0.07
C GLN H 15 25.47 64.49 0.51
N ILE H 16 24.16 64.38 0.72
CA ILE H 16 23.60 63.07 1.10
C ILE H 16 23.81 62.06 -0.01
N GLY H 17 23.70 62.48 -1.26
CA GLY H 17 23.94 61.55 -2.36
C GLY H 17 25.38 61.07 -2.41
N ALA H 18 26.33 61.97 -2.18
CA ALA H 18 27.73 61.57 -2.16
C ALA H 18 28.01 60.56 -1.06
N LYS H 19 27.52 60.84 0.15
CA LYS H 19 27.78 59.92 1.25
C LYS H 19 27.03 58.60 1.03
N PHE H 20 25.84 58.68 0.43
CA PHE H 20 25.07 57.49 0.09
C PHE H 20 25.82 56.61 -0.90
N TRP H 21 26.39 57.21 -1.93
CA TRP H 21 27.16 56.44 -2.90
C TRP H 21 28.43 55.88 -2.28
N GLU H 22 29.02 56.59 -1.32
CA GLU H 22 30.13 55.99 -0.57
C GLU H 22 29.67 54.74 0.17
N VAL H 23 28.52 54.80 0.84
CA VAL H 23 28.00 53.64 1.57
C VAL H 23 27.73 52.49 0.61
N ILE H 24 27.13 52.79 -0.54
CA ILE H 24 26.83 51.75 -1.52
C ILE H 24 28.12 51.13 -2.05
N SER H 25 29.14 51.96 -2.30
CA SER H 25 30.41 51.45 -2.77
C SER H 25 31.04 50.51 -1.75
N ASP H 26 30.96 50.87 -0.47
CA ASP H 26 31.43 49.94 0.57
C ASP H 26 30.64 48.64 0.55
N GLU H 27 29.31 48.74 0.37
CA GLU H 27 28.48 47.53 0.37
C GLU H 27 28.85 46.60 -0.78
N HIS H 28 29.04 47.15 -1.97
CA HIS H 28 29.35 46.34 -3.14
C HIS H 28 30.83 46.19 -3.40
N GLY H 29 31.68 46.74 -2.53
CA GLY H 29 33.12 46.59 -2.67
C GLY H 29 33.68 47.15 -3.95
N ILE H 30 33.60 48.47 -4.11
CA ILE H 30 34.06 49.16 -5.31
C ILE H 30 35.05 50.25 -4.90
N ASP H 31 36.17 50.32 -5.60
CA ASP H 31 37.13 51.39 -5.38
C ASP H 31 36.55 52.73 -5.80
N PRO H 32 37.10 53.84 -5.29
CA PRO H 32 36.76 55.15 -5.87
C PRO H 32 37.05 55.21 -7.36
N SER H 33 38.10 54.50 -7.82
CA SER H 33 38.37 54.42 -9.25
C SER H 33 37.26 53.71 -10.02
N GLY H 34 36.48 52.87 -9.34
CA GLY H 34 35.38 52.17 -9.97
C GLY H 34 35.62 50.71 -10.29
N ASN H 35 36.76 50.16 -9.90
CA ASN H 35 37.01 48.74 -10.12
C ASN H 35 36.42 47.90 -8.99
N TYR H 36 36.25 46.61 -9.26
CA TYR H 36 35.69 45.68 -8.29
C TYR H 36 36.82 45.03 -7.49
N VAL H 37 36.78 45.20 -6.16
CA VAL H 37 37.76 44.60 -5.27
C VAL H 37 37.09 43.80 -4.16
N GLY H 38 35.86 43.33 -4.39
CA GLY H 38 35.17 42.52 -3.41
C GLY H 38 35.71 41.11 -3.36
N ASP H 39 35.02 40.27 -2.59
CA ASP H 39 35.44 38.89 -2.40
C ASP H 39 34.30 37.88 -2.48
N SER H 40 33.09 38.30 -2.81
CA SER H 40 31.95 37.40 -2.94
C SER H 40 31.15 37.75 -4.18
N ASP H 41 30.75 36.72 -4.93
CA ASP H 41 29.98 36.93 -6.15
C ASP H 41 28.62 37.56 -5.86
N LEU H 42 28.13 37.46 -4.62
CA LEU H 42 26.87 38.09 -4.26
C LEU H 42 26.92 39.61 -4.45
N GLN H 43 28.10 40.20 -4.24
CA GLN H 43 28.23 41.64 -4.44
C GLN H 43 28.03 42.03 -5.90
N LEU H 44 28.36 41.13 -6.83
CA LEU H 44 28.29 41.47 -8.24
C LEU H 44 27.06 40.94 -8.95
N GLU H 45 26.36 39.95 -8.37
CA GLU H 45 25.24 39.35 -9.07
C GLU H 45 24.10 40.34 -9.30
N ARG H 46 24.07 41.44 -8.56
CA ARG H 46 23.05 42.46 -8.74
C ARG H 46 23.66 43.86 -8.72
N ILE H 47 24.87 44.00 -9.27
CA ILE H 47 25.52 45.31 -9.35
C ILE H 47 24.77 46.27 -10.25
N SER H 48 23.98 45.75 -11.19
CA SER H 48 23.37 46.57 -12.23
C SER H 48 22.25 47.47 -11.71
N VAL H 49 21.77 47.26 -10.48
CA VAL H 49 20.66 48.05 -9.98
C VAL H 49 21.05 49.53 -9.84
N TYR H 50 22.24 49.79 -9.30
CA TYR H 50 22.76 51.14 -9.18
C TYR H 50 23.94 51.45 -10.10
N TYR H 51 24.63 50.44 -10.60
CA TYR H 51 25.86 50.64 -11.35
C TYR H 51 25.69 50.18 -12.79
N ASN H 52 26.24 50.97 -13.71
CA ASN H 52 26.30 50.65 -15.13
C ASN H 52 27.69 50.15 -15.46
N GLU H 53 27.75 49.07 -16.23
CA GLU H 53 29.02 48.48 -16.68
C GLU H 53 29.54 49.25 -17.87
N ALA H 54 30.53 50.12 -17.64
CA ALA H 54 31.32 50.65 -18.73
C ALA H 54 32.30 49.57 -19.21
N SER H 55 33.08 49.91 -20.23
CA SER H 55 34.08 48.99 -20.71
C SER H 55 35.21 48.84 -19.67
N SER H 56 36.05 47.82 -19.90
CA SER H 56 37.23 47.57 -19.07
C SER H 56 36.85 47.30 -17.61
N HIS H 57 35.77 46.54 -17.40
CA HIS H 57 35.37 46.03 -16.09
C HIS H 57 35.11 47.16 -15.09
N LYS H 58 34.63 48.30 -15.54
CA LYS H 58 34.45 49.47 -14.69
C LYS H 58 32.97 49.70 -14.42
N TYR H 59 32.66 50.15 -13.20
CA TYR H 59 31.29 50.39 -12.76
C TYR H 59 31.11 51.89 -12.50
N VAL H 60 30.09 52.48 -13.09
CA VAL H 60 29.78 53.89 -12.81
C VAL H 60 28.39 54.00 -12.22
N PRO H 61 28.17 54.83 -11.20
CA PRO H 61 26.83 54.93 -10.61
C PRO H 61 25.84 55.54 -11.57
N ARG H 62 24.59 55.12 -11.41
CA ARG H 62 23.48 55.63 -12.21
C ARG H 62 22.83 56.81 -11.50
N ALA H 63 23.63 57.84 -11.28
CA ALA H 63 23.25 59.01 -10.49
C ALA H 63 23.34 60.28 -11.32
N ILE H 64 22.45 61.22 -11.00
CA ILE H 64 22.43 62.54 -11.61
C ILE H 64 22.53 63.58 -10.51
N LEU H 65 23.49 64.50 -10.66
CA LEU H 65 23.71 65.57 -9.69
C LEU H 65 23.22 66.88 -10.30
N VAL H 66 22.35 67.58 -9.58
CA VAL H 66 21.75 68.82 -10.06
C VAL H 66 21.91 69.88 -8.98
N ASP H 67 22.36 71.07 -9.38
CA ASP H 67 22.44 72.23 -8.50
C ASP H 67 22.50 73.47 -9.38
N LEU H 68 22.47 74.64 -8.75
CA LEU H 68 22.59 75.90 -9.47
C LEU H 68 23.84 76.67 -9.10
N GLU H 69 24.66 76.15 -8.20
CA GLU H 69 25.92 76.78 -7.84
C GLU H 69 27.06 75.79 -7.98
N PRO H 70 28.21 76.22 -8.50
CA PRO H 70 29.31 75.28 -8.77
C PRO H 70 30.07 74.84 -7.53
N GLY H 71 29.81 75.45 -6.36
CA GLY H 71 30.58 75.09 -5.18
C GLY H 71 30.40 73.65 -4.76
N THR H 72 29.14 73.19 -4.72
CA THR H 72 28.88 71.82 -4.32
C THR H 72 29.46 70.82 -5.31
N MET H 73 29.31 71.11 -6.61
CA MET H 73 29.85 70.21 -7.63
C MET H 73 31.37 70.15 -7.55
N ASP H 74 32.02 71.28 -7.34
CA ASP H 74 33.47 71.29 -7.19
C ASP H 74 33.90 70.51 -5.96
N SER H 75 33.16 70.65 -4.85
CA SER H 75 33.49 69.89 -3.65
C SER H 75 33.36 68.39 -3.91
N VAL H 76 32.31 67.98 -4.62
CA VAL H 76 32.13 66.57 -4.94
C VAL H 76 33.26 66.07 -5.83
N ARG H 77 33.63 66.86 -6.85
CA ARG H 77 34.67 66.43 -7.78
C ARG H 77 36.02 66.32 -7.09
N SER H 78 36.37 67.30 -6.26
CA SER H 78 37.73 67.38 -5.74
C SER H 78 38.01 66.26 -4.75
N GLY H 79 37.05 65.94 -3.90
CA GLY H 79 37.27 64.97 -2.83
C GLY H 79 37.35 63.55 -3.35
N ALA H 80 37.69 62.65 -2.43
CA ALA H 80 37.76 61.23 -2.74
C ALA H 80 36.38 60.71 -3.16
N PHE H 81 36.39 59.53 -3.77
CA PHE H 81 35.17 58.91 -4.28
C PHE H 81 34.47 59.82 -5.29
N GLY H 82 35.27 60.56 -6.05
CA GLY H 82 34.73 61.53 -6.99
C GLY H 82 35.00 61.22 -8.45
N HIS H 83 36.01 60.39 -8.71
CA HIS H 83 36.33 59.99 -10.07
C HIS H 83 35.35 58.95 -10.62
N LEU H 84 34.49 58.39 -9.77
CA LEU H 84 33.52 57.39 -10.18
C LEU H 84 32.33 57.96 -10.94
N PHE H 85 31.91 59.18 -10.65
CA PHE H 85 30.74 59.73 -11.33
C PHE H 85 31.08 60.05 -12.78
N ARG H 86 30.13 59.77 -13.66
CA ARG H 86 30.33 60.01 -15.08
C ARG H 86 30.12 61.50 -15.38
N PRO H 87 31.08 62.17 -16.03
CA PRO H 87 31.16 63.64 -15.93
C PRO H 87 29.95 64.42 -16.44
N ASP H 88 29.22 63.95 -17.46
CA ASP H 88 28.21 64.84 -18.03
C ASP H 88 27.04 65.01 -17.09
N ASN H 89 26.85 64.04 -16.18
CA ASN H 89 25.78 64.07 -15.20
C ASN H 89 25.92 65.22 -14.22
N PHE H 90 27.10 65.83 -14.14
CA PHE H 90 27.35 66.97 -13.26
C PHE H 90 26.72 68.20 -13.91
N ILE H 91 25.39 68.25 -13.83
CA ILE H 91 24.63 69.37 -14.38
C ILE H 91 24.46 70.42 -13.28
N PHE H 92 24.91 71.64 -13.56
CA PHE H 92 24.89 72.68 -12.56
C PHE H 92 24.68 74.03 -13.23
N GLY H 93 24.17 74.98 -12.44
CA GLY H 93 23.96 76.34 -12.88
C GLY H 93 25.13 77.23 -12.53
N GLN H 94 24.88 78.53 -12.55
CA GLN H 94 25.94 79.48 -12.27
C GLN H 94 25.61 80.44 -11.14
N SER H 95 24.36 80.89 -11.02
CA SER H 95 24.02 81.93 -10.07
C SER H 95 23.44 81.41 -8.77
N GLY H 96 22.80 80.24 -8.77
CA GLY H 96 22.12 79.76 -7.59
C GLY H 96 20.72 80.33 -7.47
N ALA H 97 19.77 79.54 -6.98
CA ALA H 97 18.40 80.00 -6.87
C ALA H 97 18.20 81.07 -5.82
N GLY H 98 19.20 81.32 -4.98
CA GLY H 98 19.07 82.36 -3.96
C GLY H 98 17.98 82.09 -2.95
N ASN H 99 17.82 80.83 -2.55
CA ASN H 99 16.85 80.41 -1.55
C ASN H 99 15.41 80.77 -1.92
N ASN H 100 15.14 80.92 -3.22
CA ASN H 100 13.83 81.29 -3.73
C ASN H 100 13.26 80.11 -4.49
N TRP H 101 12.05 79.68 -4.11
CA TRP H 101 11.42 78.54 -4.78
C TRP H 101 10.99 78.87 -6.20
N ALA H 102 10.57 80.11 -6.44
CA ALA H 102 10.13 80.49 -7.78
C ALA H 102 11.26 80.37 -8.79
N LYS H 103 12.44 80.89 -8.43
CA LYS H 103 13.59 80.76 -9.31
C LYS H 103 14.02 79.31 -9.48
N GLY H 104 13.75 78.45 -8.49
CA GLY H 104 14.14 77.06 -8.58
C GLY H 104 13.14 76.21 -9.34
N HIS H 105 11.92 76.73 -9.51
CA HIS H 105 10.87 75.99 -10.20
C HIS H 105 10.38 76.66 -11.47
N TYR H 106 10.59 77.96 -11.64
CA TYR H 106 10.07 78.69 -12.80
C TYR H 106 11.17 79.31 -13.65
N THR H 107 12.08 80.07 -13.04
CA THR H 107 13.01 80.91 -13.82
C THR H 107 14.33 80.20 -14.10
N GLU H 108 15.06 79.84 -13.05
CA GLU H 108 16.38 79.25 -13.23
C GLU H 108 16.28 77.76 -13.57
N GLY H 109 15.37 77.05 -12.89
CA GLY H 109 15.21 75.63 -13.17
C GLY H 109 14.81 75.34 -14.60
N ALA H 110 14.13 76.29 -15.25
CA ALA H 110 13.72 76.11 -16.64
C ALA H 110 14.92 76.07 -17.58
N GLU H 111 16.06 76.62 -17.18
CA GLU H 111 17.24 76.66 -18.04
C GLU H 111 18.05 75.38 -18.01
N LEU H 112 17.82 74.50 -17.03
CA LEU H 112 18.54 73.23 -16.95
C LEU H 112 17.62 72.02 -16.95
N VAL H 113 16.30 72.23 -16.84
CA VAL H 113 15.37 71.09 -16.79
C VAL H 113 15.47 70.28 -18.06
N ASP H 114 15.63 70.94 -19.20
CA ASP H 114 15.70 70.21 -20.47
C ASP H 114 16.92 69.29 -20.51
N SER H 115 18.09 69.79 -20.10
CA SER H 115 19.29 68.96 -20.10
C SER H 115 19.15 67.81 -19.11
N VAL H 116 18.58 68.08 -17.92
CA VAL H 116 18.39 67.03 -16.94
C VAL H 116 17.48 65.93 -17.51
N LEU H 117 16.40 66.33 -18.17
CA LEU H 117 15.50 65.33 -18.77
C LEU H 117 16.15 64.60 -19.94
N ASP H 118 17.03 65.24 -20.71
CA ASP H 118 17.74 64.48 -21.74
C ASP H 118 18.62 63.40 -21.11
N VAL H 119 19.33 63.74 -20.04
CA VAL H 119 20.12 62.74 -19.35
C VAL H 119 19.23 61.63 -18.80
N VAL H 120 18.10 62.02 -18.20
CA VAL H 120 17.18 61.04 -17.63
C VAL H 120 16.67 60.09 -18.70
N ARG H 121 16.26 60.62 -19.86
CA ARG H 121 15.73 59.78 -20.93
C ARG H 121 16.81 58.85 -21.46
N LYS H 122 18.03 59.36 -21.62
CA LYS H 122 19.12 58.50 -22.09
C LYS H 122 19.35 57.36 -21.11
N GLU H 123 19.36 57.65 -19.82
CA GLU H 123 19.58 56.61 -18.82
C GLU H 123 18.43 55.61 -18.82
N CYS H 124 17.19 56.08 -18.93
CA CYS H 124 16.05 55.18 -18.96
C CYS H 124 16.10 54.26 -20.18
N GLU H 125 16.47 54.81 -21.34
CA GLU H 125 16.60 53.97 -22.53
C GLU H 125 17.72 52.94 -22.36
N ASN H 126 18.81 53.33 -21.70
CA ASN H 126 19.94 52.41 -21.55
C ASN H 126 19.64 51.29 -20.57
N CYS H 127 18.75 51.53 -19.60
CA CYS H 127 18.47 50.50 -18.60
C CYS H 127 17.64 49.37 -19.21
N ASP H 128 17.61 48.23 -18.51
CA ASP H 128 16.91 47.06 -19.00
C ASP H 128 15.40 47.21 -18.81
N CYS H 129 14.96 47.27 -17.55
CA CYS H 129 13.56 47.54 -17.22
C CYS H 129 13.56 48.36 -15.93
N LEU H 130 13.30 49.66 -16.08
CA LEU H 130 13.37 50.59 -14.96
C LEU H 130 12.41 50.19 -13.85
N GLN H 131 12.89 50.30 -12.60
CA GLN H 131 12.05 50.07 -11.43
C GLN H 131 11.38 51.35 -10.97
N GLY H 132 12.17 52.38 -10.70
CA GLY H 132 11.65 53.65 -10.23
C GLY H 132 12.77 54.61 -9.97
N PHE H 133 12.40 55.79 -9.49
CA PHE H 133 13.34 56.85 -9.18
C PHE H 133 13.28 57.21 -7.71
N GLN H 134 14.42 57.61 -7.16
CA GLN H 134 14.52 58.13 -5.80
C GLN H 134 15.22 59.48 -5.82
N LEU H 135 14.64 60.46 -5.17
CA LEU H 135 15.17 61.82 -5.12
C LEU H 135 15.62 62.16 -3.72
N THR H 136 16.81 62.74 -3.60
CA THR H 136 17.33 63.23 -2.33
C THR H 136 17.48 64.74 -2.45
N HIS H 137 16.67 65.47 -1.68
CA HIS H 137 16.68 66.92 -1.72
C HIS H 137 16.17 67.44 -0.38
N SER H 138 15.96 68.76 -0.30
CA SER H 138 15.43 69.40 0.89
C SER H 138 14.35 70.40 0.49
N LEU H 139 13.49 70.72 1.46
CA LEU H 139 12.38 71.64 1.24
C LEU H 139 12.66 73.03 1.79
N GLY H 140 13.86 73.28 2.32
CA GLY H 140 14.19 74.57 2.87
C GLY H 140 14.74 75.53 1.84
N GLY H 141 15.80 75.12 1.14
CA GLY H 141 16.38 75.98 0.12
C GLY H 141 15.53 76.04 -1.13
N GLY H 142 15.68 77.14 -1.86
CA GLY H 142 14.95 77.30 -3.10
C GLY H 142 15.39 76.32 -4.17
N THR H 143 16.70 76.12 -4.30
CA THR H 143 17.23 75.26 -5.37
C THR H 143 16.66 73.85 -5.27
N GLY H 144 16.97 73.16 -4.17
CA GLY H 144 16.53 71.78 -4.05
C GLY H 144 15.03 71.63 -4.15
N SER H 145 14.30 72.46 -3.41
CA SER H 145 12.84 72.36 -3.40
C SER H 145 12.25 72.55 -4.79
N GLY H 146 12.49 73.73 -5.39
CA GLY H 146 11.89 74.02 -6.67
C GLY H 146 12.33 73.08 -7.78
N MET H 147 13.66 72.84 -7.86
CA MET H 147 14.17 71.99 -8.92
C MET H 147 13.65 70.57 -8.78
N GLY H 148 13.61 70.05 -7.55
CA GLY H 148 13.08 68.71 -7.35
C GLY H 148 11.61 68.60 -7.69
N THR H 149 10.81 69.60 -7.30
CA THR H 149 9.39 69.57 -7.65
C THR H 149 9.21 69.57 -9.16
N LEU H 150 9.96 70.43 -9.86
CA LEU H 150 9.86 70.48 -11.31
C LEU H 150 10.26 69.14 -11.94
N LEU H 151 11.38 68.57 -11.48
CA LEU H 151 11.84 67.31 -12.03
C LEU H 151 10.84 66.20 -11.79
N ILE H 152 10.28 66.12 -10.59
CA ILE H 152 9.30 65.09 -10.28
C ILE H 152 8.08 65.24 -11.18
N SER H 153 7.60 66.47 -11.36
CA SER H 153 6.44 66.68 -12.22
C SER H 153 6.72 66.22 -13.64
N LYS H 154 7.82 66.69 -14.24
CA LYS H 154 8.12 66.34 -15.63
C LYS H 154 8.37 64.85 -15.79
N VAL H 155 9.10 64.24 -14.87
CA VAL H 155 9.40 62.81 -14.99
C VAL H 155 8.14 61.98 -14.87
N ARG H 156 7.32 62.24 -13.83
CA ARG H 156 6.11 61.45 -13.67
C ARG H 156 5.14 61.66 -14.83
N GLU H 157 5.15 62.84 -15.45
CA GLU H 157 4.41 62.99 -16.69
C GLU H 157 5.05 62.24 -17.85
N GLU H 158 6.37 61.99 -17.78
CA GLU H 158 7.04 61.20 -18.79
C GLU H 158 6.94 59.70 -18.53
N TYR H 159 6.73 59.30 -17.27
CA TYR H 159 6.61 57.89 -16.90
C TYR H 159 5.51 57.77 -15.85
N PRO H 160 4.29 57.41 -16.25
CA PRO H 160 3.17 57.43 -15.29
C PRO H 160 3.21 56.29 -14.28
N ASP H 161 3.51 55.08 -14.72
CA ASP H 161 3.35 53.90 -13.87
C ASP H 161 4.58 53.59 -13.02
N ARG H 162 5.68 54.30 -13.22
CA ARG H 162 6.84 54.08 -12.37
C ARG H 162 6.60 54.68 -10.98
N ILE H 163 7.46 54.28 -10.05
CA ILE H 163 7.39 54.74 -8.67
C ILE H 163 8.53 55.71 -8.42
N MET H 164 8.29 56.67 -7.52
CA MET H 164 9.22 57.77 -7.31
C MET H 164 9.35 58.05 -5.83
N ASN H 165 10.58 57.98 -5.33
CA ASN H 165 10.88 58.20 -3.92
C ASN H 165 11.51 59.57 -3.76
N THR H 166 11.17 60.23 -2.64
CA THR H 166 11.77 61.50 -2.27
C THR H 166 12.18 61.44 -0.81
N PHE H 167 13.41 61.84 -0.53
CA PHE H 167 13.94 61.88 0.83
C PHE H 167 14.17 63.35 1.16
N SER H 168 13.13 64.03 1.61
CA SER H 168 13.12 65.48 1.72
C SER H 168 13.37 65.90 3.16
N VAL H 169 14.37 66.76 3.36
CA VAL H 169 14.64 67.30 4.68
C VAL H 169 13.60 68.35 5.02
N VAL H 170 12.86 68.14 6.10
CA VAL H 170 11.79 69.04 6.52
C VAL H 170 12.35 69.99 7.57
N PRO H 171 12.00 71.28 7.53
CA PRO H 171 12.59 72.24 8.47
C PRO H 171 12.30 71.90 9.92
N SER H 172 13.26 72.23 10.79
CA SER H 172 13.14 71.92 12.20
C SER H 172 12.07 72.77 12.87
N PRO H 173 11.40 72.23 13.89
CA PRO H 173 10.36 73.02 14.56
C PRO H 173 10.93 74.14 15.42
N LYS H 174 11.99 73.87 16.19
CA LYS H 174 12.53 74.87 17.11
C LYS H 174 13.16 76.03 16.36
N VAL H 175 14.22 75.75 15.60
CA VAL H 175 14.96 76.77 14.88
C VAL H 175 14.68 76.61 13.39
N SER H 176 14.81 77.72 12.67
CA SER H 176 14.66 77.74 11.22
C SER H 176 15.98 78.16 10.59
N ASP H 177 16.47 77.33 9.68
CA ASP H 177 17.77 77.61 9.06
C ASP H 177 17.66 78.73 8.02
N THR H 178 16.49 78.91 7.43
CA THR H 178 16.24 80.02 6.52
C THR H 178 15.12 80.88 7.11
N VAL H 179 14.65 81.85 6.32
CA VAL H 179 13.65 82.80 6.77
C VAL H 179 12.32 82.59 6.06
N VAL H 180 12.35 82.24 4.77
CA VAL H 180 11.12 82.17 3.97
C VAL H 180 10.81 80.71 3.65
N GLU H 181 11.24 79.80 4.51
CA GLU H 181 10.97 78.38 4.30
C GLU H 181 9.49 77.99 4.38
N PRO H 182 8.60 78.74 5.04
CA PRO H 182 7.17 78.39 4.95
C PRO H 182 6.64 78.27 3.54
N TYR H 183 6.84 79.30 2.70
CA TYR H 183 6.32 79.25 1.34
C TYR H 183 6.95 78.11 0.56
N ASN H 184 8.26 77.95 0.66
CA ASN H 184 8.96 76.93 -0.11
C ASN H 184 8.46 75.54 0.28
N ALA H 185 8.37 75.29 1.59
CA ALA H 185 7.89 74.00 2.07
C ALA H 185 6.45 73.76 1.66
N THR H 186 5.60 74.78 1.72
CA THR H 186 4.20 74.61 1.34
C THR H 186 4.08 74.22 -0.13
N LEU H 187 4.74 74.97 -1.01
CA LEU H 187 4.66 74.67 -2.43
C LEU H 187 5.27 73.31 -2.75
N SER H 188 6.38 72.97 -2.10
CA SER H 188 7.03 71.70 -2.35
C SER H 188 6.17 70.53 -1.90
N ILE H 189 5.55 70.63 -0.72
CA ILE H 189 4.66 69.57 -0.25
C ILE H 189 3.44 69.47 -1.15
N HIS H 190 2.95 70.61 -1.67
CA HIS H 190 1.86 70.57 -2.64
C HIS H 190 2.25 69.74 -3.86
N GLN H 191 3.40 70.04 -4.45
CA GLN H 191 3.85 69.29 -5.62
C GLN H 191 4.05 67.82 -5.28
N LEU H 192 4.61 67.54 -4.10
CA LEU H 192 4.88 66.16 -3.69
C LEU H 192 3.59 65.37 -3.55
N VAL H 193 2.57 65.97 -2.92
CA VAL H 193 1.32 65.25 -2.71
C VAL H 193 0.63 65.02 -4.04
N GLU H 194 0.82 65.91 -5.01
CA GLU H 194 0.28 65.62 -6.33
C GLU H 194 1.01 64.46 -7.00
N ASN H 195 2.34 64.47 -7.00
CA ASN H 195 3.04 63.58 -7.94
C ASN H 195 4.16 62.79 -7.28
N THR H 196 3.92 62.25 -6.09
CA THR H 196 4.87 61.31 -5.48
C THR H 196 4.10 60.15 -4.84
N ASP H 197 4.66 58.94 -4.97
CA ASP H 197 4.06 57.77 -4.38
C ASP H 197 4.49 57.51 -2.94
N GLU H 198 5.54 58.18 -2.46
CA GLU H 198 5.88 58.20 -1.05
C GLU H 198 6.99 59.20 -0.83
N THR H 199 7.16 59.59 0.43
CA THR H 199 8.13 60.59 0.85
C THR H 199 8.56 60.23 2.27
N TYR H 200 9.84 60.43 2.58
CA TYR H 200 10.36 60.16 3.92
C TYR H 200 10.74 61.49 4.55
N CYS H 201 9.93 61.97 5.48
CA CYS H 201 10.24 63.23 6.15
C CYS H 201 11.44 63.04 7.06
N ILE H 202 12.42 63.95 6.95
CA ILE H 202 13.63 63.90 7.76
C ILE H 202 13.87 65.29 8.32
N ASP H 203 14.21 65.36 9.61
CA ASP H 203 14.29 66.64 10.30
C ASP H 203 15.65 66.76 10.97
N ASN H 204 16.27 67.93 10.82
CA ASN H 204 17.63 68.14 11.34
C ASN H 204 17.65 68.13 12.86
N GLU H 205 16.62 68.67 13.51
CA GLU H 205 16.57 68.68 14.97
C GLU H 205 16.54 67.26 15.52
N ALA H 206 15.74 66.40 14.91
CA ALA H 206 15.68 65.00 15.35
C ALA H 206 17.01 64.31 15.16
N LEU H 207 17.69 64.56 14.04
CA LEU H 207 19.00 63.94 13.81
C LEU H 207 20.02 64.43 14.82
N TYR H 208 20.03 65.73 15.12
CA TYR H 208 20.91 66.25 16.17
C TYR H 208 20.62 65.59 17.50
N ASP H 209 19.34 65.45 17.85
CA ASP H 209 18.98 64.84 19.13
C ASP H 209 19.44 63.39 19.19
N ILE H 210 19.26 62.63 18.10
CA ILE H 210 19.68 61.24 18.07
C ILE H 210 21.20 61.14 18.20
N CYS H 211 21.92 61.98 17.46
CA CYS H 211 23.38 61.95 17.52
C CYS H 211 23.89 62.30 18.92
N PHE H 212 23.27 63.29 19.57
CA PHE H 212 23.76 63.71 20.88
C PHE H 212 23.41 62.69 21.96
N ARG H 213 22.18 62.19 21.96
CA ARG H 213 21.75 61.31 23.05
C ARG H 213 22.20 59.87 22.81
N THR H 214 21.73 59.25 21.71
CA THR H 214 21.99 57.83 21.50
C THR H 214 23.45 57.58 21.08
N LEU H 215 23.95 58.34 20.11
CA LEU H 215 25.31 58.14 19.63
C LEU H 215 26.36 58.71 20.57
N LYS H 216 25.96 59.58 21.50
CA LYS H 216 26.89 60.18 22.47
C LYS H 216 28.01 60.95 21.77
N LEU H 217 27.66 61.61 20.66
CA LEU H 217 28.60 62.45 19.93
C LEU H 217 28.37 63.90 20.34
N ALA H 218 29.32 64.47 21.08
CA ALA H 218 29.18 65.85 21.54
C ALA H 218 29.43 66.85 20.43
N THR H 219 30.12 66.46 19.36
CA THR H 219 30.43 67.34 18.24
C THR H 219 29.97 66.67 16.96
N PRO H 220 28.66 66.67 16.69
CA PRO H 220 28.13 66.00 15.51
C PRO H 220 28.29 66.85 14.25
N THR H 221 29.18 66.43 13.37
CA THR H 221 29.32 67.09 12.09
C THR H 221 28.23 66.62 11.13
N TYR H 222 28.03 67.40 10.06
CA TYR H 222 27.01 67.05 9.07
C TYR H 222 27.29 65.71 8.42
N GLY H 223 28.56 65.30 8.37
CA GLY H 223 28.90 64.00 7.79
C GLY H 223 28.20 62.86 8.50
N ASP H 224 28.09 62.93 9.83
CA ASP H 224 27.43 61.86 10.58
C ASP H 224 25.94 61.81 10.28
N LEU H 225 25.30 62.98 10.20
CA LEU H 225 23.87 63.02 9.86
C LEU H 225 23.64 62.42 8.47
N ASN H 226 24.47 62.80 7.51
CA ASN H 226 24.38 62.20 6.18
C ASN H 226 24.67 60.70 6.24
N HIS H 227 25.53 60.26 7.15
CA HIS H 227 25.78 58.83 7.30
C HIS H 227 24.53 58.09 7.74
N LEU H 228 23.81 58.63 8.72
CA LEU H 228 22.57 58.00 9.15
C LEU H 228 21.53 58.01 8.03
N VAL H 229 21.41 59.13 7.31
CA VAL H 229 20.43 59.17 6.22
C VAL H 229 20.79 58.16 5.14
N SER H 230 22.07 58.05 4.78
CA SER H 230 22.49 57.10 3.77
C SER H 230 22.29 55.66 4.25
N ALA H 231 22.53 55.41 5.53
CA ALA H 231 22.27 54.07 6.07
C ALA H 231 20.79 53.73 5.98
N THR H 232 19.92 54.70 6.24
CA THR H 232 18.49 54.49 6.06
C THR H 232 18.16 54.16 4.61
N MET H 233 18.74 54.92 3.67
CA MET H 233 18.55 54.65 2.25
C MET H 233 18.95 53.22 1.91
N SER H 234 20.14 52.81 2.34
CA SER H 234 20.65 51.49 2.03
C SER H 234 19.80 50.40 2.66
N GLY H 235 19.36 50.62 3.90
CA GLY H 235 18.51 49.64 4.56
C GLY H 235 17.17 49.48 3.87
N VAL H 236 16.61 50.59 3.36
CA VAL H 236 15.37 50.51 2.61
C VAL H 236 15.57 49.72 1.33
N THR H 237 16.66 50.00 0.60
CA THR H 237 16.85 49.39 -0.71
C THR H 237 17.42 47.98 -0.65
N THR H 238 17.98 47.55 0.48
CA THR H 238 18.74 46.30 0.53
C THR H 238 17.92 45.07 0.16
N SER H 239 16.60 45.13 0.30
CA SER H 239 15.76 43.97 -0.02
C SER H 239 15.76 43.65 -1.50
N LEU H 240 16.23 44.57 -2.35
CA LEU H 240 16.22 44.40 -3.79
C LEU H 240 17.55 43.96 -4.37
N ARG H 241 18.66 44.34 -3.75
CA ARG H 241 19.99 44.10 -4.29
C ARG H 241 20.65 42.84 -3.77
N PHE H 242 20.00 42.10 -2.88
CA PHE H 242 20.59 40.91 -2.28
C PHE H 242 19.48 39.90 -1.99
N PRO H 243 19.81 38.62 -1.92
CA PRO H 243 18.79 37.61 -1.58
C PRO H 243 18.38 37.72 -0.12
N GLY H 244 17.22 37.12 0.17
CA GLY H 244 16.73 37.09 1.53
C GLY H 244 15.70 36.00 1.69
N GLN H 245 15.51 35.57 2.93
CA GLN H 245 14.49 34.57 3.22
C GLN H 245 13.09 35.08 2.94
N LEU H 246 12.90 36.40 2.93
CA LEU H 246 11.62 37.02 2.55
C LEU H 246 11.97 38.29 1.78
N ASN H 247 12.04 38.17 0.46
CA ASN H 247 12.44 39.27 -0.39
C ASN H 247 11.31 40.29 -0.53
N ALA H 248 11.72 41.56 -0.58
CA ALA H 248 10.80 42.66 -0.87
C ALA H 248 11.51 43.63 -1.81
N ASP H 249 10.77 44.64 -2.26
CA ASP H 249 11.36 45.70 -3.05
C ASP H 249 10.66 47.00 -2.69
N LEU H 250 10.93 48.05 -3.47
CA LEU H 250 10.27 49.33 -3.25
C LEU H 250 8.77 49.22 -3.46
N ARG H 251 8.35 48.43 -4.45
CA ARG H 251 6.94 48.33 -4.79
C ARG H 251 6.13 47.68 -3.67
N LYS H 252 6.66 46.63 -3.04
CA LYS H 252 5.95 46.00 -1.94
C LYS H 252 5.74 46.97 -0.77
N LEU H 253 6.80 47.72 -0.42
CA LEU H 253 6.67 48.68 0.66
C LEU H 253 5.67 49.79 0.30
N ALA H 254 5.70 50.25 -0.95
CA ALA H 254 4.76 51.27 -1.38
C ALA H 254 3.32 50.76 -1.28
N VAL H 255 3.08 49.53 -1.73
CA VAL H 255 1.72 48.98 -1.68
C VAL H 255 1.26 48.78 -0.25
N ASN H 256 2.12 48.24 0.62
CA ASN H 256 1.72 47.92 1.97
C ASN H 256 1.54 49.17 2.83
N MET H 257 2.39 50.19 2.64
CA MET H 257 2.38 51.35 3.52
C MET H 257 1.46 52.47 3.06
N VAL H 258 0.86 52.36 1.88
CA VAL H 258 0.02 53.46 1.38
C VAL H 258 -1.41 52.97 1.22
N PRO H 259 -2.27 53.17 2.23
CA PRO H 259 -3.68 52.77 2.08
C PRO H 259 -4.51 53.77 1.29
N PHE H 260 -4.04 55.01 1.13
CA PHE H 260 -4.77 56.05 0.43
C PHE H 260 -3.76 56.88 -0.35
N PRO H 261 -4.06 57.23 -1.60
CA PRO H 261 -3.01 57.80 -2.47
C PRO H 261 -2.37 59.05 -1.93
N ARG H 262 -3.15 59.92 -1.28
CA ARG H 262 -2.58 61.15 -0.74
C ARG H 262 -1.63 60.88 0.41
N LEU H 263 -2.01 59.95 1.30
CA LEU H 263 -1.23 59.67 2.50
C LEU H 263 0.00 58.85 2.17
N HIS H 264 1.10 59.51 1.85
CA HIS H 264 2.35 58.83 1.50
C HIS H 264 3.54 59.55 2.09
N PHE H 265 3.45 59.98 3.35
CA PHE H 265 4.53 60.66 4.04
C PHE H 265 4.89 59.88 5.29
N PHE H 266 6.15 59.47 5.39
CA PHE H 266 6.57 58.42 6.29
C PHE H 266 7.68 58.97 7.17
N MET H 267 8.03 58.20 8.21
CA MET H 267 9.17 58.55 9.05
C MET H 267 10.20 57.43 9.05
N PRO H 268 11.48 57.75 8.88
CA PRO H 268 12.51 56.71 8.89
C PRO H 268 13.15 56.52 10.26
N GLY H 269 13.74 55.35 10.43
CA GLY H 269 14.45 55.02 11.65
C GLY H 269 15.48 53.94 11.38
N PHE H 270 16.53 53.92 12.21
CA PHE H 270 17.64 53.00 12.02
C PHE H 270 18.00 52.34 13.34
N ALA H 271 18.55 51.14 13.24
CA ALA H 271 18.98 50.36 14.39
C ALA H 271 19.93 49.25 13.95
N PRO H 272 20.92 48.87 14.78
CA PRO H 272 21.21 49.44 16.10
C PRO H 272 22.04 50.72 16.03
N LEU H 273 21.95 51.53 17.08
CA LEU H 273 22.76 52.74 17.21
C LEU H 273 23.38 52.74 18.60
N THR H 274 24.70 52.71 18.67
CA THR H 274 25.42 52.65 19.95
C THR H 274 26.59 53.61 19.90
N ALA H 275 27.01 54.06 21.08
CA ALA H 275 28.20 54.89 21.20
C ALA H 275 29.45 54.06 20.88
N ARG H 276 30.58 54.76 20.79
CA ARG H 276 31.83 54.09 20.45
C ARG H 276 32.24 53.08 21.52
N GLY H 277 32.10 53.44 22.79
CA GLY H 277 32.50 52.56 23.87
C GLY H 277 31.42 51.59 24.31
N SER H 278 30.16 51.96 24.11
CA SER H 278 29.02 51.17 24.56
C SER H 278 28.59 50.10 23.57
N GLN H 279 29.45 49.69 22.65
CA GLN H 279 29.05 48.74 21.62
C GLN H 279 29.15 47.29 22.07
N GLN H 280 30.22 46.94 22.78
CA GLN H 280 30.44 45.54 23.16
C GLN H 280 29.65 45.12 24.38
N TYR H 281 29.04 46.06 25.10
CA TYR H 281 28.32 45.77 26.33
C TYR H 281 26.87 45.38 26.09
N ARG H 282 26.50 45.06 24.84
CA ARG H 282 25.12 44.80 24.48
C ARG H 282 25.08 43.66 23.48
N ALA H 283 24.17 42.71 23.67
CA ALA H 283 23.94 41.65 22.71
C ALA H 283 22.94 42.13 21.67
N LEU H 284 23.30 42.00 20.39
CA LEU H 284 22.48 42.51 19.29
C LEU H 284 21.55 41.40 18.81
N THR H 285 20.39 41.34 19.46
CA THR H 285 19.36 40.37 19.14
C THR H 285 18.14 41.08 18.58
N VAL H 286 17.28 40.33 17.91
CA VAL H 286 16.06 40.84 17.28
C VAL H 286 15.19 41.66 18.24
N PRO H 287 14.87 41.17 19.45
CA PRO H 287 14.07 42.04 20.34
C PRO H 287 14.78 43.32 20.75
N GLU H 288 16.11 43.31 20.84
CA GLU H 288 16.83 44.54 21.16
C GLU H 288 16.61 45.60 20.09
N LEU H 289 16.73 45.23 18.81
CA LEU H 289 16.44 46.17 17.73
C LEU H 289 14.99 46.61 17.75
N THR H 290 14.07 45.65 17.97
CA THR H 290 12.64 45.98 17.95
C THR H 290 12.30 46.99 19.04
N GLN H 291 12.82 46.79 20.25
CA GLN H 291 12.58 47.77 21.31
C GLN H 291 13.37 49.05 21.09
N GLN H 292 14.43 49.02 20.29
CA GLN H 292 15.13 50.25 19.97
C GLN H 292 14.31 51.14 19.05
N MET H 293 13.59 50.55 18.09
CA MET H 293 12.86 51.35 17.12
C MET H 293 11.64 52.02 17.72
N PHE H 294 10.69 51.21 18.23
CA PHE H 294 9.39 51.73 18.63
C PHE H 294 9.56 52.59 19.87
N ASP H 295 10.07 53.80 19.64
CA ASP H 295 10.20 54.85 20.65
C ASP H 295 10.49 56.15 19.93
N ALA H 296 10.21 57.26 20.62
CA ALA H 296 10.37 58.57 20.00
C ALA H 296 11.82 58.89 19.70
N LYS H 297 12.72 58.55 20.62
CA LYS H 297 14.11 59.00 20.53
C LYS H 297 14.87 58.43 19.34
N ASN H 298 14.34 57.40 18.68
CA ASN H 298 14.98 56.82 17.51
C ASN H 298 14.24 57.13 16.22
N MET H 299 13.38 58.15 16.22
CA MET H 299 12.64 58.55 15.04
C MET H 299 13.24 59.84 14.47
N MET H 300 13.53 59.82 13.18
CA MET H 300 14.17 60.95 12.51
C MET H 300 13.20 62.07 12.17
N ALA H 301 11.94 61.98 12.61
CA ALA H 301 10.96 63.03 12.37
C ALA H 301 10.71 63.81 13.65
N ALA H 302 10.55 65.12 13.53
CA ALA H 302 10.39 66.01 14.68
C ALA H 302 8.93 66.07 15.13
N CYS H 303 8.44 64.92 15.57
CA CYS H 303 7.08 64.81 16.09
C CYS H 303 6.99 63.53 16.90
N ASP H 304 6.52 63.63 18.14
CA ASP H 304 6.39 62.45 18.97
C ASP H 304 5.30 61.56 18.40
N PRO H 305 5.60 60.32 18.00
CA PRO H 305 4.57 59.47 17.40
C PRO H 305 3.43 59.14 18.33
N ARG H 306 3.66 59.18 19.65
CA ARG H 306 2.60 58.86 20.60
C ARG H 306 1.51 59.93 20.65
N HIS H 307 1.73 61.10 20.06
CA HIS H 307 0.64 62.06 19.93
C HIS H 307 -0.44 61.57 18.98
N GLY H 308 -0.13 60.63 18.10
CA GLY H 308 -1.12 60.15 17.15
C GLY H 308 -1.24 58.64 17.08
N ARG H 309 -1.59 58.13 15.91
CA ARG H 309 -1.82 56.70 15.71
C ARG H 309 -0.85 56.17 14.66
N TYR H 310 -0.49 54.89 14.79
CA TYR H 310 0.29 54.20 13.77
C TYR H 310 -0.67 53.61 12.74
N LEU H 311 -0.51 54.02 11.49
CA LEU H 311 -1.35 53.47 10.44
C LEU H 311 -0.73 52.19 9.86
N THR H 312 0.51 52.28 9.39
CA THR H 312 1.26 51.10 8.96
C THR H 312 2.72 51.22 9.39
N VAL H 313 3.39 50.07 9.48
CA VAL H 313 4.80 50.02 9.88
C VAL H 313 5.51 48.97 9.04
N ALA H 314 6.50 49.39 8.27
CA ALA H 314 7.36 48.49 7.52
C ALA H 314 8.69 48.34 8.24
N THR H 315 9.17 47.09 8.33
CA THR H 315 10.40 46.78 9.05
C THR H 315 11.27 45.87 8.18
N VAL H 316 12.44 46.36 7.81
CA VAL H 316 13.40 45.61 6.98
C VAL H 316 14.56 45.17 7.86
N PHE H 317 14.99 43.93 7.69
CA PHE H 317 16.04 43.32 8.49
C PHE H 317 17.20 42.87 7.59
N ARG H 318 18.39 42.86 8.17
CA ARG H 318 19.60 42.41 7.48
C ARG H 318 20.43 41.60 8.45
N GLY H 319 20.96 40.49 7.96
CA GLY H 319 21.72 39.57 8.78
C GLY H 319 20.99 38.25 8.96
N ARG H 320 21.76 37.18 9.16
CA ARG H 320 21.20 35.86 9.38
C ARG H 320 20.45 35.80 10.71
N MET H 321 19.13 35.72 10.66
CA MET H 321 18.31 35.66 11.86
C MET H 321 17.22 34.61 11.67
N SER H 322 16.68 34.14 12.79
CA SER H 322 15.54 33.24 12.75
C SER H 322 14.27 34.04 12.51
N MET H 323 13.52 33.66 11.48
CA MET H 323 12.33 34.41 11.09
C MET H 323 11.27 34.38 12.18
N LYS H 324 11.17 33.28 12.91
CA LYS H 324 10.13 33.18 13.93
C LYS H 324 10.35 34.23 15.02
N GLU H 325 11.62 34.50 15.36
CA GLU H 325 11.92 35.50 16.39
C GLU H 325 11.50 36.88 15.92
N VAL H 326 11.77 37.19 14.65
CA VAL H 326 11.27 38.42 14.03
C VAL H 326 9.76 38.50 14.18
N ASP H 327 9.08 37.41 13.83
CA ASP H 327 7.63 37.38 13.85
C ASP H 327 7.08 37.52 15.26
N GLU H 328 7.69 36.83 16.22
CA GLU H 328 7.27 36.92 17.61
C GLU H 328 7.46 38.32 18.16
N GLN H 329 8.60 38.95 17.85
CA GLN H 329 8.83 40.32 18.31
C GLN H 329 7.80 41.27 17.71
N MET H 330 7.50 41.11 16.41
CA MET H 330 6.49 41.96 15.79
C MET H 330 5.13 41.77 16.44
N LEU H 331 4.75 40.51 16.68
CA LEU H 331 3.46 40.23 17.31
C LEU H 331 3.39 40.81 18.71
N ALA H 332 4.46 40.66 19.50
CA ALA H 332 4.47 41.20 20.85
C ALA H 332 4.40 42.72 20.84
N ILE H 333 5.17 43.36 19.97
CA ILE H 333 5.18 44.83 19.96
C ILE H 333 3.86 45.36 19.44
N GLN H 334 3.15 44.59 18.62
CA GLN H 334 1.81 45.02 18.21
C GLN H 334 0.79 44.80 19.32
N SER H 335 0.87 43.66 20.01
CA SER H 335 -0.12 43.31 21.01
C SER H 335 -0.03 44.23 22.22
N LYS H 336 1.18 44.47 22.72
CA LYS H 336 1.32 45.37 23.87
C LYS H 336 1.12 46.82 23.50
N ASN H 337 1.04 47.14 22.22
CA ASN H 337 0.89 48.50 21.73
C ASN H 337 -0.38 48.61 20.90
N SER H 338 -1.46 47.98 21.36
CA SER H 338 -2.73 48.03 20.64
C SER H 338 -3.29 49.44 20.54
N SER H 339 -2.95 50.32 21.51
CA SER H 339 -3.57 51.64 21.55
C SER H 339 -3.10 52.53 20.40
N TYR H 340 -1.81 52.48 20.06
CA TYR H 340 -1.25 53.40 19.08
C TYR H 340 -1.41 52.93 17.64
N PHE H 341 -1.91 51.73 17.41
CA PHE H 341 -2.15 51.23 16.06
C PHE H 341 -3.62 51.32 15.70
N VAL H 342 -3.89 51.59 14.41
CA VAL H 342 -5.25 51.68 13.92
C VAL H 342 -5.94 50.33 14.05
N GLU H 343 -7.19 50.34 14.51
CA GLU H 343 -7.94 49.10 14.68
C GLU H 343 -8.45 48.54 13.35
N TRP H 344 -8.92 49.38 12.44
CA TRP H 344 -9.49 48.90 11.19
C TRP H 344 -8.43 48.53 10.15
N ILE H 345 -7.16 48.46 10.55
CA ILE H 345 -6.10 47.75 9.83
C ILE H 345 -5.56 46.66 10.75
N PRO H 346 -6.21 45.50 10.82
CA PRO H 346 -5.62 44.38 11.57
C PRO H 346 -4.33 43.93 10.92
N ASN H 347 -3.35 43.61 11.77
CA ASN H 347 -2.04 43.11 11.33
C ASN H 347 -1.39 44.12 10.36
N ASN H 348 -1.12 45.29 10.91
CA ASN H 348 -0.67 46.45 10.14
C ASN H 348 0.84 46.56 10.03
N VAL H 349 1.56 45.44 10.07
CA VAL H 349 3.03 45.46 10.04
C VAL H 349 3.49 44.66 8.84
N LYS H 350 4.33 45.28 8.02
CA LYS H 350 5.02 44.62 6.91
C LYS H 350 6.44 44.27 7.35
N VAL H 351 6.88 43.07 7.00
CA VAL H 351 8.20 42.57 7.38
C VAL H 351 8.95 42.14 6.13
N ALA H 352 10.20 42.56 6.02
CA ALA H 352 11.10 42.11 4.97
C ALA H 352 12.42 41.72 5.61
N VAL H 353 13.05 40.67 5.11
CA VAL H 353 14.31 40.17 5.66
C VAL H 353 15.28 39.89 4.52
N CYS H 354 16.48 40.46 4.60
CA CYS H 354 17.56 40.21 3.67
C CYS H 354 18.55 39.23 4.30
N ASP H 355 19.66 39.00 3.61
CA ASP H 355 20.67 38.06 4.09
C ASP H 355 22.04 38.68 4.30
N ILE H 356 22.30 39.87 3.78
CA ILE H 356 23.62 40.49 3.86
C ILE H 356 23.56 41.58 4.93
N PRO H 357 24.35 41.46 6.00
CA PRO H 357 24.42 42.55 6.98
C PRO H 357 25.10 43.76 6.37
N PRO H 358 24.95 44.94 6.99
CA PRO H 358 25.67 46.08 6.39
C PRO H 358 27.09 46.49 6.86
N ARG H 359 28.05 45.55 6.95
CA ARG H 359 29.49 45.78 7.34
C ARG H 359 29.82 45.91 8.84
N GLY H 360 30.96 45.40 9.34
CA GLY H 360 31.14 45.49 10.77
C GLY H 360 30.04 45.04 11.69
N LEU H 361 28.79 45.28 11.29
CA LEU H 361 27.64 44.87 12.09
C LEU H 361 27.13 43.53 11.58
N LYS H 362 26.92 42.60 12.51
CA LYS H 362 26.49 41.26 12.15
C LYS H 362 25.00 41.21 11.79
N MET H 363 24.18 42.11 12.34
CA MET H 363 22.85 42.31 11.80
C MET H 363 22.35 43.69 12.18
N SER H 364 21.44 44.22 11.35
CA SER H 364 20.85 45.54 11.57
C SER H 364 19.48 45.57 10.92
N SER H 365 18.86 46.75 10.92
CA SER H 365 17.52 46.88 10.39
C SER H 365 17.27 48.29 9.89
N THR H 366 15.99 48.52 9.53
CA THR H 366 15.51 49.80 9.03
C THR H 366 14.00 49.87 9.26
N PHE H 367 13.53 51.04 9.66
CA PHE H 367 12.15 51.25 10.08
C PHE H 367 11.53 52.32 9.20
N ILE H 368 10.35 52.02 8.65
CA ILE H 368 9.53 52.99 7.95
C ILE H 368 8.19 53.04 8.67
N GLY H 369 7.75 54.24 9.05
CA GLY H 369 6.51 54.34 9.78
C GLY H 369 5.52 55.31 9.13
N ASN H 370 4.34 54.81 8.76
CA ASN H 370 3.26 55.65 8.27
C ASN H 370 2.32 55.89 9.44
N SER H 371 2.44 57.06 10.05
CA SER H 371 1.65 57.45 11.21
C SER H 371 1.12 58.86 10.98
N THR H 372 0.04 59.19 11.68
CA THR H 372 -0.61 60.48 11.53
C THR H 372 0.06 61.59 12.33
N ALA H 373 1.04 61.29 13.18
CA ALA H 373 1.65 62.31 14.02
C ALA H 373 2.25 63.43 13.19
N ILE H 374 2.79 63.09 12.01
CA ILE H 374 3.39 64.08 11.12
C ILE H 374 2.43 65.21 10.79
N GLN H 375 1.12 64.98 10.93
CA GLN H 375 0.16 66.03 10.63
C GLN H 375 0.46 67.28 11.47
N GLU H 376 0.90 67.09 12.71
CA GLU H 376 1.29 68.24 13.53
C GLU H 376 2.27 69.12 12.79
N LEU H 377 3.33 68.50 12.27
CA LEU H 377 4.29 69.17 11.41
C LEU H 377 3.58 70.08 10.42
N PHE H 378 2.72 69.49 9.60
CA PHE H 378 2.04 70.27 8.57
C PHE H 378 1.33 71.46 9.19
N LYS H 379 0.53 71.23 10.24
CA LYS H 379 -0.21 72.34 10.84
C LYS H 379 0.74 73.46 11.22
N ARG H 380 1.86 73.11 11.87
CA ARG H 380 2.81 74.13 12.27
C ARG H 380 3.21 74.98 11.08
N ILE H 381 3.66 74.31 10.01
CA ILE H 381 4.05 75.05 8.80
C ILE H 381 2.88 75.87 8.30
N SER H 382 1.69 75.24 8.25
CA SER H 382 0.51 75.95 7.78
C SER H 382 0.31 77.23 8.59
N GLU H 383 0.39 77.12 9.92
CA GLU H 383 0.21 78.30 10.74
C GLU H 383 1.23 79.36 10.36
N GLN H 384 2.51 78.96 10.31
CA GLN H 384 3.55 79.90 9.92
C GLN H 384 3.25 80.50 8.56
N PHE H 385 2.80 79.67 7.61
CA PHE H 385 2.44 80.17 6.30
C PHE H 385 1.42 81.31 6.43
N THR H 386 0.35 81.05 7.18
CA THR H 386 -0.64 82.10 7.40
C THR H 386 0.00 83.31 8.08
N ALA H 387 0.82 83.05 9.09
CA ALA H 387 1.47 84.15 9.81
C ALA H 387 2.35 84.97 8.88
N MET H 388 2.83 84.38 7.80
CA MET H 388 3.65 85.11 6.84
C MET H 388 2.90 85.46 5.56
N PHE H 389 1.66 85.01 5.41
CA PHE H 389 0.89 85.33 4.21
C PHE H 389 -0.24 86.31 4.47
N ARG H 390 -0.67 86.46 5.72
CA ARG H 390 -1.71 87.45 6.03
C ARG H 390 -1.22 88.87 5.77
N ARG H 391 0.05 89.14 6.06
CA ARG H 391 0.63 90.46 5.87
C ARG H 391 1.46 90.58 4.61
N LYS H 392 1.47 89.55 3.75
CA LYS H 392 2.22 89.54 2.50
C LYS H 392 3.72 89.80 2.76
N ALA H 393 4.31 88.94 3.59
CA ALA H 393 5.73 89.04 3.90
C ALA H 393 6.54 88.34 2.81
N PHE H 394 7.50 89.08 2.24
CA PHE H 394 8.38 88.61 1.17
C PHE H 394 7.63 88.13 -0.06
N LEU H 395 6.33 88.44 -0.16
CA LEU H 395 5.52 87.90 -1.25
C LEU H 395 5.94 88.48 -2.59
N HIS H 396 6.36 89.75 -2.62
CA HIS H 396 6.68 90.40 -3.87
C HIS H 396 7.85 89.74 -4.59
N TRP H 397 8.73 89.05 -3.86
CA TRP H 397 9.82 88.32 -4.51
C TRP H 397 9.29 87.24 -5.43
N TYR H 398 8.35 86.43 -4.94
CA TYR H 398 7.73 85.41 -5.77
C TYR H 398 6.72 86.01 -6.75
N THR H 399 6.18 87.19 -6.44
CA THR H 399 5.30 87.86 -7.39
C THR H 399 6.11 88.43 -8.56
N GLY H 400 7.35 88.85 -8.31
CA GLY H 400 8.19 89.38 -9.37
C GLY H 400 8.71 88.35 -10.34
N GLU H 401 8.54 87.06 -10.05
CA GLU H 401 8.95 86.00 -10.96
C GLU H 401 7.78 85.42 -11.76
N GLY H 402 6.59 85.99 -11.61
CA GLY H 402 5.42 85.55 -12.37
C GLY H 402 4.43 84.72 -11.58
N MET H 403 4.82 84.18 -10.43
CA MET H 403 3.90 83.40 -9.62
C MET H 403 2.81 84.30 -9.04
N ASP H 404 1.63 83.72 -8.84
CA ASP H 404 0.45 84.46 -8.41
C ASP H 404 0.05 84.04 -7.00
N GLU H 405 -0.63 84.97 -6.31
CA GLU H 405 -1.11 84.67 -4.96
C GLU H 405 -2.11 83.51 -4.95
N MET H 406 -2.84 83.35 -6.06
CA MET H 406 -3.78 82.24 -6.16
C MET H 406 -3.08 80.90 -5.98
N GLU H 407 -1.86 80.77 -6.52
CA GLU H 407 -1.11 79.52 -6.38
C GLU H 407 -0.79 79.24 -4.92
N PHE H 408 -0.38 80.26 -4.17
CA PHE H 408 -0.17 80.10 -2.74
C PHE H 408 -1.46 79.68 -2.05
N THR H 409 -2.59 80.28 -2.44
CA THR H 409 -3.86 79.94 -1.82
C THR H 409 -4.23 78.48 -2.07
N GLU H 410 -4.07 78.00 -3.30
CA GLU H 410 -4.37 76.60 -3.59
C GLU H 410 -3.44 75.66 -2.84
N ALA H 411 -2.14 76.00 -2.76
CA ALA H 411 -1.22 75.15 -2.03
C ALA H 411 -1.62 75.05 -0.55
N GLU H 412 -1.93 76.19 0.07
CA GLU H 412 -2.35 76.19 1.47
C GLU H 412 -3.63 75.41 1.66
N SER H 413 -4.60 75.58 0.76
CA SER H 413 -5.87 74.86 0.87
C SER H 413 -5.66 73.36 0.73
N ASN H 414 -4.82 72.93 -0.21
CA ASN H 414 -4.57 71.51 -0.39
C ASN H 414 -3.87 70.93 0.84
N MET H 415 -2.90 71.66 1.41
CA MET H 415 -2.25 71.17 2.62
C MET H 415 -3.23 71.06 3.77
N ASN H 416 -4.12 72.03 3.93
CA ASN H 416 -5.12 71.94 5.00
C ASN H 416 -6.09 70.79 4.77
N ASP H 417 -6.44 70.52 3.51
CA ASP H 417 -7.26 69.35 3.20
C ASP H 417 -6.54 68.07 3.60
N LEU H 418 -5.23 68.01 3.33
CA LEU H 418 -4.43 66.88 3.77
C LEU H 418 -4.43 66.72 5.29
N VAL H 419 -4.29 67.84 6.01
CA VAL H 419 -4.29 67.79 7.47
C VAL H 419 -5.62 67.24 7.98
N SER H 420 -6.73 67.75 7.43
CA SER H 420 -8.04 67.24 7.83
C SER H 420 -8.19 65.78 7.46
N GLU H 421 -7.57 65.35 6.36
CA GLU H 421 -7.67 63.96 5.92
C GLU H 421 -6.98 63.03 6.91
N TYR H 422 -5.76 63.40 7.32
CA TYR H 422 -5.08 62.68 8.40
C TYR H 422 -5.91 62.68 9.67
N GLN H 423 -6.50 63.82 10.03
CA GLN H 423 -7.28 63.88 11.26
C GLN H 423 -8.47 62.92 11.20
N GLN H 424 -9.16 62.89 10.06
CA GLN H 424 -10.33 62.03 9.91
C GLN H 424 -9.95 60.56 10.00
N TYR H 425 -8.90 60.14 9.26
CA TYR H 425 -8.49 58.75 9.37
C TYR H 425 -7.89 58.41 10.74
N GLN H 426 -7.37 59.39 11.45
CA GLN H 426 -6.96 59.15 12.83
C GLN H 426 -8.16 58.92 13.73
N ASP H 427 -9.27 59.60 13.44
CA ASP H 427 -10.49 59.45 14.23
C ASP H 427 -11.40 58.33 13.74
N ALA H 428 -11.00 57.61 12.70
CA ALA H 428 -11.83 56.53 12.20
C ALA H 428 -11.88 55.37 13.20
N THR H 429 -12.98 54.63 13.16
CA THR H 429 -13.17 53.51 14.06
C THR H 429 -13.64 52.26 13.32
N MET I 1 17.08 32.81 34.29
CA MET I 1 15.95 32.53 35.18
C MET I 1 16.17 33.18 36.53
N ARG I 2 15.11 33.83 37.04
CA ARG I 2 15.13 34.51 38.34
C ARG I 2 16.25 35.56 38.38
N GLU I 3 16.15 36.52 37.47
CA GLU I 3 17.12 37.59 37.37
C GLU I 3 16.79 38.71 38.35
N ILE I 4 17.82 39.36 38.86
CA ILE I 4 17.69 40.41 39.86
C ILE I 4 18.35 41.67 39.34
N VAL I 5 17.63 42.78 39.39
CA VAL I 5 18.18 44.08 39.03
C VAL I 5 18.59 44.78 40.33
N HIS I 6 19.86 45.13 40.43
CA HIS I 6 20.44 45.71 41.63
C HIS I 6 20.64 47.22 41.42
N ILE I 7 20.09 48.02 42.33
CA ILE I 7 20.19 49.47 42.25
C ILE I 7 20.94 49.95 43.49
N GLN I 8 21.79 50.96 43.29
CA GLN I 8 22.48 51.62 44.39
C GLN I 8 22.25 53.11 44.26
N ALA I 9 21.94 53.78 45.38
CA ALA I 9 21.70 55.21 45.40
C ALA I 9 22.54 55.85 46.49
N GLY I 10 23.04 57.05 46.20
CA GLY I 10 23.88 57.76 47.14
C GLY I 10 25.33 57.29 47.08
N GLN I 11 26.20 58.05 47.75
CA GLN I 11 27.61 57.69 47.82
C GLN I 11 27.79 56.37 48.57
N CYS I 12 27.10 56.22 49.69
CA CYS I 12 27.12 54.95 50.42
C CYS I 12 26.67 53.80 49.55
N GLY I 13 25.54 53.95 48.87
CA GLY I 13 25.05 52.90 48.00
C GLY I 13 26.06 52.57 46.91
N ASN I 14 26.67 53.59 46.33
CA ASN I 14 27.64 53.40 45.26
C ASN I 14 28.83 52.59 45.74
N GLN I 15 29.34 52.93 46.93
CA GLN I 15 30.53 52.25 47.44
C GLN I 15 30.22 50.82 47.85
N ILE I 16 29.11 50.60 48.57
CA ILE I 16 28.75 49.23 48.93
C ILE I 16 28.50 48.41 47.68
N GLY I 17 27.91 49.00 46.64
CA GLY I 17 27.69 48.28 45.41
C GLY I 17 28.96 47.93 44.69
N ALA I 18 29.94 48.85 44.68
CA ALA I 18 31.22 48.53 44.08
C ALA I 18 31.87 47.34 44.78
N LYS I 19 31.86 47.35 46.11
CA LYS I 19 32.43 46.23 46.86
C LYS I 19 31.63 44.96 46.63
N PHE I 20 30.31 45.08 46.53
CA PHE I 20 29.44 43.93 46.31
C PHE I 20 29.72 43.27 44.97
N TRP I 21 29.86 44.08 43.92
CA TRP I 21 30.14 43.53 42.61
C TRP I 21 31.55 42.96 42.55
N GLU I 22 32.49 43.53 43.30
CA GLU I 22 33.79 42.89 43.46
C GLU I 22 33.63 41.49 44.04
N VAL I 23 32.86 41.36 45.13
CA VAL I 23 32.70 40.07 45.79
C VAL I 23 32.04 39.08 44.85
N ILE I 24 31.01 39.52 44.13
CA ILE I 24 30.31 38.63 43.19
C ILE I 24 31.24 38.20 42.06
N SER I 25 32.06 39.12 41.56
CA SER I 25 33.02 38.76 40.52
C SER I 25 34.00 37.71 41.01
N ASP I 26 34.47 37.84 42.25
CA ASP I 26 35.31 36.79 42.82
C ASP I 26 34.57 35.48 42.93
N GLU I 27 33.30 35.52 43.34
CA GLU I 27 32.53 34.28 43.51
C GLU I 27 32.34 33.56 42.18
N HIS I 28 32.00 34.30 41.13
CA HIS I 28 31.76 33.72 39.82
C HIS I 28 32.99 33.71 38.92
N GLY I 29 34.13 34.19 39.41
CA GLY I 29 35.36 34.15 38.65
C GLY I 29 35.33 34.95 37.36
N ILE I 30 35.21 36.26 37.48
CA ILE I 30 35.13 37.16 36.32
C ILE I 30 36.23 38.21 36.43
N ASP I 31 36.91 38.46 35.32
CA ASP I 31 37.95 39.47 35.27
C ASP I 31 37.36 40.87 35.42
N PRO I 32 38.21 41.88 35.66
CA PRO I 32 37.74 43.26 35.49
C PRO I 32 37.18 43.51 34.10
N SER I 33 37.79 42.91 33.08
CA SER I 33 37.32 43.06 31.71
C SER I 33 35.96 42.40 31.47
N GLY I 34 35.57 41.46 32.31
CA GLY I 34 34.30 40.79 32.16
C GLY I 34 34.34 39.41 31.54
N ASN I 35 35.53 38.88 31.27
CA ASN I 35 35.63 37.53 30.73
C ASN I 35 35.58 36.50 31.85
N TYR I 36 35.29 35.26 31.47
CA TYR I 36 35.20 34.16 32.43
C TYR I 36 36.53 33.45 32.53
N VAL I 37 37.11 33.46 33.73
CA VAL I 37 38.36 32.75 34.01
C VAL I 37 38.19 31.82 35.21
N GLY I 38 36.98 31.31 35.40
CA GLY I 38 36.74 30.32 36.45
C GLY I 38 37.25 28.95 36.04
N ASP I 39 36.95 27.98 36.89
CA ASP I 39 37.40 26.61 36.64
C ASP I 39 36.32 25.56 36.90
N SER I 40 35.10 25.96 37.20
CA SER I 40 34.00 25.02 37.43
C SER I 40 32.75 25.51 36.73
N ASP I 41 32.04 24.60 36.08
CA ASP I 41 30.83 24.95 35.35
C ASP I 41 29.74 25.46 36.29
N LEU I 42 29.83 25.15 37.59
CA LEU I 42 28.85 25.67 38.54
C LEU I 42 28.85 27.19 38.58
N GLN I 43 30.00 27.81 38.33
CA GLN I 43 30.06 29.27 38.34
C GLN I 43 29.26 29.87 37.19
N LEU I 44 29.18 29.17 36.05
CA LEU I 44 28.48 29.70 34.88
C LEU I 44 27.05 29.18 34.74
N GLU I 45 26.68 28.10 35.41
CA GLU I 45 25.35 27.54 35.20
C GLU I 45 24.25 28.49 35.64
N ARG I 46 24.55 29.45 36.50
CA ARG I 46 23.57 30.44 36.94
C ARG I 46 24.15 31.84 36.92
N ILE I 47 25.00 32.14 35.93
CA ILE I 47 25.58 33.46 35.80
C ILE I 47 24.52 34.52 35.47
N SER I 48 23.39 34.11 34.90
CA SER I 48 22.41 35.05 34.39
C SER I 48 21.64 35.79 35.48
N VAL I 49 21.74 35.37 36.73
CA VAL I 49 20.96 36.00 37.80
C VAL I 49 21.40 37.46 37.99
N TYR I 50 22.72 37.70 38.00
CA TYR I 50 23.25 39.05 38.12
C TYR I 50 23.92 39.57 36.86
N TYR I 51 24.31 38.70 35.94
CA TYR I 51 25.09 39.10 34.79
C TYR I 51 24.29 38.88 33.50
N ASN I 52 24.36 39.87 32.62
CA ASN I 52 23.83 39.77 31.28
C ASN I 52 24.98 39.42 30.34
N GLU I 53 24.80 38.36 29.55
CA GLU I 53 25.84 37.92 28.62
C GLU I 53 25.72 38.72 27.34
N ALA I 54 26.64 39.67 27.15
CA ALA I 54 26.74 40.37 25.89
C ALA I 54 27.45 39.48 24.86
N SER I 55 27.70 40.04 23.69
CA SER I 55 28.37 39.28 22.65
C SER I 55 29.83 38.99 23.05
N SER I 56 30.44 38.05 22.33
CA SER I 56 31.84 37.68 22.51
C SER I 56 32.13 37.18 23.92
N HIS I 57 31.20 36.39 24.47
CA HIS I 57 31.39 35.66 25.73
C HIS I 57 31.70 36.59 26.90
N LYS I 58 31.23 37.83 26.85
CA LYS I 58 31.49 38.81 27.89
C LYS I 58 30.26 38.97 28.77
N TYR I 59 30.48 39.24 30.05
CA TYR I 59 29.40 39.35 31.02
C TYR I 59 29.42 40.74 31.65
N VAL I 60 28.26 41.37 31.73
CA VAL I 60 28.15 42.70 32.33
C VAL I 60 27.20 42.64 33.53
N PRO I 61 27.43 43.42 34.58
CA PRO I 61 26.51 43.41 35.71
C PRO I 61 25.15 43.98 35.33
N ARG I 62 24.12 43.46 36.00
CA ARG I 62 22.77 43.99 35.86
C ARG I 62 22.47 44.99 36.97
N ALA I 63 23.31 46.04 36.99
CA ALA I 63 23.29 47.04 38.04
C ALA I 63 23.05 48.42 37.46
N ILE I 64 22.44 49.28 38.27
CA ILE I 64 22.15 50.67 37.90
C ILE I 64 22.80 51.57 38.93
N LEU I 65 23.54 52.56 38.47
CA LEU I 65 24.23 53.50 39.35
C LEU I 65 23.52 54.84 39.29
N VAL I 66 23.12 55.35 40.45
CA VAL I 66 22.37 56.60 40.55
C VAL I 66 23.01 57.47 41.62
N ASP I 67 23.24 58.74 41.28
CA ASP I 67 23.69 59.74 42.23
C ASP I 67 23.40 61.12 41.63
N LEU I 68 23.67 62.16 42.41
CA LEU I 68 23.50 63.53 41.94
C LEU I 68 24.80 64.31 41.87
N GLU I 69 25.92 63.71 42.26
CA GLU I 69 27.21 64.36 42.21
C GLU I 69 28.20 63.45 41.48
N PRO I 70 28.93 63.98 40.50
CA PRO I 70 29.72 63.11 39.61
C PRO I 70 30.98 62.53 40.25
N GLY I 71 31.33 62.95 41.47
CA GLY I 71 32.55 62.44 42.08
C GLY I 71 32.52 60.95 42.32
N THR I 72 31.40 60.45 42.84
CA THR I 72 31.28 59.01 43.10
C THR I 72 31.36 58.20 41.82
N MET I 73 30.67 58.66 40.77
CA MET I 73 30.72 57.95 39.49
C MET I 73 32.12 57.97 38.91
N ASP I 74 32.81 59.10 39.01
CA ASP I 74 34.18 59.17 38.53
C ASP I 74 35.09 58.23 39.30
N SER I 75 34.91 58.15 40.62
CA SER I 75 35.69 57.23 41.43
C SER I 75 35.44 55.79 41.01
N VAL I 76 34.18 55.43 40.78
CA VAL I 76 33.86 54.07 40.34
C VAL I 76 34.48 53.79 38.98
N ARG I 77 34.39 54.74 38.05
CA ARG I 77 34.90 54.52 36.71
C ARG I 77 36.43 54.39 36.70
N SER I 78 37.11 55.23 37.48
CA SER I 78 38.57 55.31 37.38
C SER I 78 39.24 54.05 37.93
N GLY I 79 38.76 53.54 39.06
CA GLY I 79 39.40 52.43 39.72
C GLY I 79 39.19 51.11 39.00
N ALA I 80 39.87 50.09 39.50
CA ALA I 80 39.71 48.74 38.97
C ALA I 80 38.28 48.25 39.18
N PHE I 81 37.93 47.20 38.45
CA PHE I 81 36.56 46.68 38.44
C PHE I 81 35.57 47.76 38.03
N GLY I 82 35.98 48.59 37.06
CA GLY I 82 35.15 49.68 36.60
C GLY I 82 34.72 49.57 35.15
N HIS I 83 35.46 48.79 34.35
CA HIS I 83 35.16 48.65 32.94
C HIS I 83 34.02 47.68 32.66
N LEU I 84 33.64 46.86 33.64
CA LEU I 84 32.59 45.88 33.40
C LEU I 84 31.20 46.49 33.39
N PHE I 85 31.00 47.63 34.04
CA PHE I 85 29.71 48.29 34.03
C PHE I 85 29.40 48.91 32.66
N ARG I 86 28.13 48.90 32.32
CA ARG I 86 27.64 49.53 31.10
C ARG I 86 27.48 51.04 31.28
N PRO I 87 28.12 51.86 30.44
CA PRO I 87 28.14 53.32 30.70
C PRO I 87 26.78 54.00 30.68
N ASP I 88 25.78 53.45 30.00
CA ASP I 88 24.49 54.14 29.97
C ASP I 88 23.79 54.05 31.33
N ASN I 89 24.09 53.01 32.09
CA ASN I 89 23.60 52.89 33.46
C ASN I 89 24.21 53.92 34.39
N PHE I 90 25.25 54.63 33.95
CA PHE I 90 25.95 55.60 34.79
C PHE I 90 25.10 56.87 34.85
N ILE I 91 24.00 56.79 35.56
CA ILE I 91 23.07 57.91 35.65
C ILE I 91 23.45 58.75 36.87
N PHE I 92 23.74 60.03 36.63
CA PHE I 92 24.19 60.89 37.71
C PHE I 92 23.75 62.32 37.42
N GLY I 93 23.62 63.11 38.49
CA GLY I 93 23.25 64.50 38.39
C GLY I 93 24.47 65.40 38.37
N GLN I 94 24.24 66.67 38.67
CA GLN I 94 25.33 67.65 38.62
C GLN I 94 25.54 68.40 39.92
N SER I 95 24.47 68.75 40.63
CA SER I 95 24.58 69.63 41.79
C SER I 95 24.64 68.87 43.11
N GLY I 96 24.04 67.68 43.19
CA GLY I 96 23.93 66.99 44.46
C GLY I 96 22.75 67.46 45.26
N ALA I 97 22.08 66.54 45.97
CA ALA I 97 20.89 66.91 46.74
C ALA I 97 21.21 67.79 47.94
N GLY I 98 22.47 67.95 48.30
CA GLY I 98 22.82 68.81 49.41
C GLY I 98 22.27 68.34 50.74
N ASN I 99 22.27 67.01 50.96
CA ASN I 99 21.83 66.40 52.22
C ASN I 99 20.38 66.75 52.55
N ASN I 100 19.58 67.07 51.55
CA ASN I 100 18.18 67.45 51.73
C ASN I 100 17.31 66.38 51.10
N TRP I 101 16.37 65.84 51.90
CA TRP I 101 15.51 64.77 51.40
C TRP I 101 14.50 65.29 50.38
N ALA I 102 14.04 66.53 50.54
CA ALA I 102 13.06 67.08 49.61
C ALA I 102 13.65 67.19 48.21
N LYS I 103 14.87 67.71 48.10
CA LYS I 103 15.52 67.77 46.79
C LYS I 103 15.80 66.39 46.23
N GLY I 104 15.98 65.38 47.07
CA GLY I 104 16.26 64.05 46.60
C GLY I 104 15.01 63.27 46.23
N HIS I 105 13.86 63.73 46.69
CA HIS I 105 12.60 63.06 46.42
C HIS I 105 11.61 63.89 45.60
N TYR I 106 11.77 65.21 45.57
CA TYR I 106 10.80 66.07 44.88
C TYR I 106 11.42 66.88 43.76
N THR I 107 12.53 67.58 44.01
CA THR I 107 13.04 68.58 43.05
C THR I 107 14.09 67.98 42.12
N GLU I 108 15.21 67.51 42.68
CA GLU I 108 16.31 67.02 41.85
C GLU I 108 16.05 65.61 41.36
N GLY I 109 15.50 64.75 42.23
CA GLY I 109 15.21 63.38 41.82
C GLY I 109 14.21 63.30 40.68
N ALA I 110 13.34 64.31 40.56
CA ALA I 110 12.36 64.33 39.48
C ALA I 110 13.01 64.50 38.12
N GLU I 111 14.23 65.05 38.07
CA GLU I 111 14.91 65.29 36.80
C GLU I 111 15.63 64.06 36.27
N LEU I 112 15.84 63.04 37.10
CA LEU I 112 16.50 61.81 36.67
C LEU I 112 15.64 60.57 36.84
N VAL I 113 14.50 60.68 37.53
CA VAL I 113 13.67 59.51 37.80
C VAL I 113 13.17 58.90 36.49
N ASP I 114 12.83 59.74 35.51
CA ASP I 114 12.33 59.21 34.25
C ASP I 114 13.38 58.37 33.55
N SER I 115 14.62 58.86 33.46
CA SER I 115 15.68 58.09 32.82
C SER I 115 15.97 56.81 33.58
N VAL I 116 15.99 56.89 34.92
CA VAL I 116 16.24 55.68 35.71
C VAL I 116 15.17 54.64 35.45
N LEU I 117 13.90 55.07 35.41
CA LEU I 117 12.81 54.12 35.14
C LEU I 117 12.83 53.59 33.71
N ASP I 118 13.29 54.38 32.73
CA ASP I 118 13.44 53.81 31.39
C ASP I 118 14.51 52.74 31.37
N VAL I 119 15.63 52.96 32.06
CA VAL I 119 16.66 51.93 32.14
C VAL I 119 16.11 50.69 32.84
N VAL I 120 15.37 50.89 33.94
CA VAL I 120 14.77 49.77 34.66
C VAL I 120 13.82 49.00 33.75
N ARG I 121 12.99 49.72 33.00
CA ARG I 121 12.03 49.08 32.11
C ARG I 121 12.73 48.27 31.03
N LYS I 122 13.79 48.83 30.45
CA LYS I 122 14.53 48.09 29.43
C LYS I 122 15.13 46.81 30.02
N GLU I 123 15.72 46.91 31.21
CA GLU I 123 16.31 45.72 31.81
C GLU I 123 15.25 44.69 32.17
N CYS I 124 14.10 45.13 32.66
CA CYS I 124 13.01 44.21 32.97
C CYS I 124 12.50 43.51 31.73
N GLU I 125 12.36 44.24 30.63
CA GLU I 125 11.94 43.60 29.38
C GLU I 125 12.98 42.60 28.89
N ASN I 126 14.27 42.92 29.08
CA ASN I 126 15.33 42.05 28.57
C ASN I 126 15.47 40.77 29.37
N CYS I 127 15.18 40.79 30.67
CA CYS I 127 15.40 39.60 31.48
C CYS I 127 14.32 38.56 31.22
N ASP I 128 14.63 37.31 31.58
CA ASP I 128 13.73 36.19 31.28
C ASP I 128 12.56 36.14 32.26
N CYS I 129 12.85 35.99 33.55
CA CYS I 129 11.83 35.92 34.58
C CYS I 129 12.34 36.72 35.78
N LEU I 130 11.89 37.96 35.90
CA LEU I 130 12.34 38.82 36.98
C LEU I 130 11.95 38.23 38.33
N GLN I 131 12.89 38.23 39.26
CA GLN I 131 12.64 37.76 40.62
C GLN I 131 12.26 38.92 41.53
N GLY I 132 13.08 39.95 41.58
CA GLY I 132 12.81 41.09 42.45
C GLY I 132 13.92 42.11 42.34
N PHE I 133 13.79 43.17 43.12
CA PHE I 133 14.73 44.26 43.14
C PHE I 133 15.38 44.35 44.51
N GLN I 134 16.67 44.70 44.53
CA GLN I 134 17.37 44.98 45.77
C GLN I 134 18.10 46.32 45.64
N LEU I 135 17.87 47.20 46.61
CA LEU I 135 18.42 48.55 46.61
C LEU I 135 19.40 48.70 47.76
N THR I 136 20.55 49.30 47.47
CA THR I 136 21.57 49.61 48.48
C THR I 136 21.68 51.13 48.58
N HIS I 137 21.29 51.68 49.72
CA HIS I 137 21.31 53.13 49.92
C HIS I 137 21.44 53.39 51.42
N SER I 138 21.32 54.66 51.80
CA SER I 138 21.37 55.07 53.20
C SER I 138 20.25 56.07 53.47
N LEU I 139 19.91 56.20 54.75
CA LEU I 139 18.84 57.09 55.18
C LEU I 139 19.35 58.38 55.78
N GLY I 140 20.66 58.61 55.75
CA GLY I 140 21.22 59.83 56.32
C GLY I 140 21.32 60.97 55.33
N GLY I 141 21.95 60.72 54.19
CA GLY I 141 22.05 61.73 53.17
C GLY I 141 20.74 61.95 52.44
N GLY I 142 20.58 63.15 51.91
CA GLY I 142 19.37 63.47 51.16
C GLY I 142 19.27 62.69 49.85
N THR I 143 20.39 62.59 49.12
CA THR I 143 20.38 61.95 47.81
C THR I 143 19.88 60.51 47.91
N GLY I 144 20.62 59.67 48.63
CA GLY I 144 20.26 58.26 48.68
C GLY I 144 18.87 58.04 49.23
N SER I 145 18.56 58.68 50.36
CA SER I 145 17.25 58.49 50.99
C SER I 145 16.12 58.88 50.06
N GLY I 146 16.10 60.15 49.62
CA GLY I 146 14.98 60.62 48.82
C GLY I 146 14.87 59.90 47.49
N MET I 147 15.99 59.76 46.78
CA MET I 147 15.93 59.14 45.46
C MET I 147 15.55 57.67 45.57
N GLY I 148 16.05 56.96 46.58
CA GLY I 148 15.67 55.58 46.78
C GLY I 148 14.19 55.43 47.11
N THR I 149 13.66 56.31 47.96
CA THR I 149 12.24 56.25 48.26
C THR I 149 11.42 56.46 46.99
N LEU I 150 11.80 57.46 46.19
CA LEU I 150 11.07 57.72 44.95
C LEU I 150 11.14 56.53 44.00
N LEU I 151 12.34 55.96 43.84
CA LEU I 151 12.51 54.83 42.93
C LEU I 151 11.71 53.63 43.39
N ILE I 152 11.74 53.33 44.70
CA ILE I 152 10.98 52.19 45.20
C ILE I 152 9.49 52.40 44.97
N SER I 153 8.98 53.61 45.26
CA SER I 153 7.58 53.89 45.01
C SER I 153 7.21 53.66 43.55
N LYS I 154 7.97 54.28 42.63
CA LYS I 154 7.64 54.18 41.21
C LYS I 154 7.75 52.74 40.71
N VAL I 155 8.80 52.02 41.09
CA VAL I 155 8.99 50.66 40.60
C VAL I 155 7.90 49.74 41.13
N ARG I 156 7.59 49.81 42.43
CA ARG I 156 6.56 48.95 42.97
C ARG I 156 5.19 49.29 42.38
N GLU I 157 4.96 50.56 42.04
CA GLU I 157 3.74 50.88 41.31
C GLU I 157 3.77 50.37 39.87
N GLU I 158 4.97 50.18 39.30
CA GLU I 158 5.09 49.57 37.98
C GLU I 158 5.08 48.05 38.03
N TYR I 159 5.44 47.47 39.18
CA TYR I 159 5.48 46.01 39.33
C TYR I 159 4.95 45.67 40.73
N PRO I 160 3.67 45.31 40.84
CA PRO I 160 3.09 45.12 42.17
C PRO I 160 3.53 43.85 42.86
N ASP I 161 3.60 42.73 42.15
CA ASP I 161 3.81 41.43 42.77
C ASP I 161 5.28 41.07 42.94
N ARG I 162 6.20 41.87 42.41
CA ARG I 162 7.61 41.64 42.64
C ARG I 162 7.99 42.02 44.07
N ILE I 163 9.16 41.57 44.49
CA ILE I 163 9.66 41.85 45.83
C ILE I 163 10.83 42.82 45.73
N MET I 164 11.02 43.59 46.80
CA MET I 164 12.01 44.67 46.81
C MET I 164 12.81 44.59 48.09
N ASN I 165 14.13 44.50 47.96
CA ASN I 165 15.03 44.50 49.09
C ASN I 165 15.68 45.87 49.21
N THR I 166 15.78 46.36 50.45
CA THR I 166 16.43 47.63 50.73
C THR I 166 17.43 47.42 51.86
N PHE I 167 18.66 47.84 51.62
CA PHE I 167 19.77 47.63 52.54
C PHE I 167 20.23 49.03 52.97
N SER I 168 19.53 49.59 53.96
CA SER I 168 19.64 51.01 54.27
C SER I 168 20.50 51.20 55.52
N VAL I 169 21.51 52.06 55.41
CA VAL I 169 22.34 52.40 56.55
C VAL I 169 21.56 53.34 57.47
N VAL I 170 21.36 52.91 58.70
CA VAL I 170 20.60 53.67 59.68
C VAL I 170 21.57 54.48 60.53
N PRO I 171 21.26 55.73 60.86
CA PRO I 171 22.21 56.57 61.61
C PRO I 171 22.58 55.99 62.97
N SER I 172 23.81 56.23 63.37
CA SER I 172 24.32 55.69 64.63
C SER I 172 23.65 56.38 65.82
N PRO I 173 23.48 55.66 66.93
CA PRO I 173 22.84 56.27 68.11
C PRO I 173 23.74 57.27 68.83
N LYS I 174 25.03 56.93 68.98
CA LYS I 174 25.94 57.80 69.73
C LYS I 174 26.21 59.09 68.98
N VAL I 175 26.80 59.00 67.80
CA VAL I 175 27.17 60.16 67.02
C VAL I 175 26.29 60.22 65.78
N SER I 176 26.11 61.43 65.26
CA SER I 176 25.35 61.67 64.05
C SER I 176 26.28 62.25 62.99
N ASP I 177 26.32 61.61 61.83
CA ASP I 177 27.21 62.06 60.77
C ASP I 177 26.70 63.31 60.09
N THR I 178 25.39 63.52 60.09
CA THR I 178 24.77 64.75 59.58
C THR I 178 24.04 65.44 60.73
N VAL I 179 23.29 66.48 60.39
CA VAL I 179 22.60 67.30 61.38
C VAL I 179 21.09 67.13 61.31
N VAL I 180 20.54 66.98 60.10
CA VAL I 180 19.09 66.97 59.92
C VAL I 180 18.64 65.57 59.51
N GLU I 181 19.39 64.55 59.92
CA GLU I 181 19.04 63.17 59.61
C GLU I 181 17.74 62.68 60.24
N PRO I 182 17.24 63.25 61.36
CA PRO I 182 15.91 62.82 61.83
C PRO I 182 14.80 62.92 60.80
N TYR I 183 14.65 64.09 60.14
CA TYR I 183 13.60 64.25 59.15
C TYR I 183 13.77 63.27 57.99
N ASN I 184 14.99 63.17 57.48
CA ASN I 184 15.26 62.32 56.33
C ASN I 184 14.96 60.86 56.67
N ALA I 185 15.43 60.41 57.83
CA ALA I 185 15.18 59.03 58.24
C ALA I 185 13.70 58.78 58.46
N THR I 186 12.99 59.74 59.06
CA THR I 186 11.56 59.56 59.30
C THR I 186 10.80 59.39 57.99
N LEU I 187 11.03 60.30 57.04
CA LEU I 187 10.33 60.21 55.76
C LEU I 187 10.72 58.94 55.00
N SER I 188 11.99 58.58 55.05
CA SER I 188 12.44 57.39 54.34
C SER I 188 11.85 56.12 54.94
N ILE I 189 11.80 56.02 56.26
CA ILE I 189 11.19 54.86 56.90
C ILE I 189 9.69 54.82 56.62
N HIS I 190 9.05 55.98 56.57
CA HIS I 190 7.64 56.02 56.16
C HIS I 190 7.47 55.40 54.78
N GLN I 191 8.26 55.85 53.82
CA GLN I 191 8.16 55.31 52.46
C GLN I 191 8.46 53.82 52.43
N LEU I 192 9.48 53.39 53.19
CA LEU I 192 9.88 51.99 53.17
C LEU I 192 8.78 51.10 53.75
N VAL I 193 8.21 51.48 54.89
CA VAL I 193 7.15 50.67 55.48
C VAL I 193 5.92 50.69 54.57
N GLU I 194 5.75 51.75 53.78
CA GLU I 194 4.65 51.75 52.81
C GLU I 194 4.89 50.74 51.70
N ASN I 195 6.07 50.75 51.09
CA ASN I 195 6.22 50.05 49.81
C ASN I 195 7.51 49.23 49.74
N THR I 196 7.82 48.48 50.80
CA THR I 196 8.93 47.53 50.74
C THR I 196 8.52 46.22 51.41
N ASP I 197 8.99 45.10 50.84
CA ASP I 197 8.69 43.80 51.42
C ASP I 197 9.65 43.38 52.52
N GLU I 198 10.80 44.03 52.64
CA GLU I 198 11.71 43.82 53.75
C GLU I 198 12.85 44.83 53.64
N THR I 199 13.55 45.01 54.75
CA THR I 199 14.61 45.99 54.89
C THR I 199 15.62 45.43 55.89
N TYR I 200 16.90 45.67 55.65
CA TYR I 200 17.96 45.24 56.55
C TYR I 200 18.61 46.47 57.16
N CYS I 201 18.28 46.77 58.41
CA CYS I 201 18.88 47.91 59.08
C CYS I 201 20.37 47.65 59.34
N ILE I 202 21.20 48.60 58.97
CA ILE I 202 22.64 48.49 59.16
C ILE I 202 23.13 49.79 59.78
N ASP I 203 23.99 49.68 60.79
CA ASP I 203 24.40 50.84 61.57
C ASP I 203 25.92 50.92 61.61
N ASN I 204 26.44 52.13 61.39
CA ASN I 204 27.88 52.33 61.32
C ASN I 204 28.57 52.08 62.66
N GLU I 205 27.93 52.45 63.77
CA GLU I 205 28.52 52.22 65.08
C GLU I 205 28.71 50.74 65.35
N ALA I 206 27.69 49.93 65.00
CA ALA I 206 27.79 48.49 65.19
C ALA I 206 28.91 47.90 64.33
N LEU I 207 29.04 48.37 63.08
CA LEU I 207 30.10 47.89 62.21
C LEU I 207 31.47 48.26 62.76
N TYR I 208 31.63 49.50 63.26
CA TYR I 208 32.89 49.91 63.87
C TYR I 208 33.21 49.03 65.07
N ASP I 209 32.22 48.76 65.92
CA ASP I 209 32.44 47.93 67.09
C ASP I 209 32.85 46.52 66.69
N ILE I 210 32.18 45.96 65.67
CA ILE I 210 32.51 44.61 65.22
C ILE I 210 33.93 44.57 64.68
N CYS I 211 34.31 45.57 63.88
CA CYS I 211 35.65 45.60 63.31
C CYS I 211 36.71 45.72 64.40
N PHE I 212 36.45 46.58 65.41
CA PHE I 212 37.47 46.81 66.43
C PHE I 212 37.60 45.61 67.36
N ARG I 213 36.47 45.04 67.81
CA ARG I 213 36.53 43.97 68.79
C ARG I 213 36.82 42.62 68.13
N THR I 214 35.92 42.16 67.27
CA THR I 214 36.04 40.81 66.72
C THR I 214 37.17 40.71 65.70
N LEU I 215 37.21 41.65 64.75
CA LEU I 215 38.23 41.59 63.71
C LEU I 215 39.59 42.07 64.18
N LYS I 216 39.66 42.75 65.33
CA LYS I 216 40.91 43.25 65.89
C LYS I 216 41.62 44.18 64.91
N LEU I 217 40.85 44.98 64.18
CA LEU I 217 41.40 45.98 63.27
C LEU I 217 41.37 47.34 63.96
N ALA I 218 42.56 47.85 64.30
CA ALA I 218 42.67 49.13 64.98
C ALA I 218 42.44 50.31 64.04
N THR I 219 42.58 50.11 62.73
CA THR I 219 42.41 51.16 61.73
C THR I 219 41.41 50.71 60.68
N PRO I 220 40.12 50.65 61.03
CA PRO I 220 39.11 50.14 60.09
C PRO I 220 38.72 51.19 59.07
N THR I 221 39.13 50.96 57.82
CA THR I 221 38.72 51.84 56.74
C THR I 221 37.32 51.47 56.26
N TYR I 222 36.71 52.39 55.51
CA TYR I 222 35.37 52.17 55.00
C TYR I 222 35.30 50.95 54.09
N GLY I 223 36.42 50.62 53.44
CA GLY I 223 36.44 49.45 52.57
C GLY I 223 36.09 48.18 53.32
N ASP I 224 36.59 48.04 54.54
CA ASP I 224 36.30 46.84 55.33
C ASP I 224 34.83 46.76 55.69
N LEU I 225 34.24 47.88 56.12
CA LEU I 225 32.81 47.88 56.45
C LEU I 225 31.97 47.51 55.24
N ASN I 226 32.28 48.11 54.09
CA ASN I 226 31.57 47.74 52.87
C ASN I 226 31.80 46.28 52.51
N HIS I 227 32.99 45.75 52.81
CA HIS I 227 33.26 44.34 52.54
C HIS I 227 32.37 43.44 53.38
N LEU I 228 32.20 43.75 54.66
CA LEU I 228 31.28 42.97 55.49
C LEU I 228 29.85 43.09 54.99
N VAL I 229 29.43 44.29 54.60
CA VAL I 229 28.06 44.45 54.08
C VAL I 229 27.88 43.61 52.82
N SER I 230 28.87 43.65 51.93
CA SER I 230 28.78 42.88 50.68
C SER I 230 28.78 41.39 50.96
N ALA I 231 29.60 40.94 51.92
CA ALA I 231 29.62 39.53 52.28
C ALA I 231 28.27 39.08 52.82
N THR I 232 27.64 39.92 53.66
CA THR I 232 26.30 39.61 54.15
C THR I 232 25.31 39.52 52.99
N MET I 233 25.39 40.47 52.06
CA MET I 233 24.45 40.48 50.93
C MET I 233 24.61 39.22 50.09
N SER I 234 25.87 38.85 49.81
CA SER I 234 26.15 37.65 49.03
C SER I 234 25.71 36.40 49.76
N GLY I 235 25.91 36.34 51.07
CA GLY I 235 25.43 35.20 51.84
C GLY I 235 23.92 35.09 51.82
N VAL I 236 23.23 36.22 51.81
CA VAL I 236 21.78 36.21 51.69
C VAL I 236 21.37 35.64 50.34
N THR I 237 22.02 36.10 49.27
CA THR I 237 21.59 35.71 47.93
C THR I 237 22.10 34.34 47.49
N THR I 238 23.09 33.76 48.18
CA THR I 238 23.77 32.57 47.69
C THR I 238 22.84 31.38 47.51
N SER I 239 21.71 31.34 48.22
CA SER I 239 20.81 30.19 48.10
C SER I 239 20.15 30.10 46.74
N LEU I 240 20.23 31.17 45.93
CA LEU I 240 19.58 31.21 44.63
C LEU I 240 20.52 30.93 43.47
N ARG I 241 21.81 31.27 43.60
CA ARG I 241 22.75 31.19 42.49
C ARG I 241 23.55 29.90 42.47
N PHE I 242 23.34 29.00 43.42
CA PHE I 242 24.11 27.77 43.50
C PHE I 242 23.24 26.67 44.09
N PRO I 243 23.54 25.40 43.79
CA PRO I 243 22.76 24.30 44.38
C PRO I 243 23.04 24.15 45.86
N GLY I 244 22.13 23.45 46.53
CA GLY I 244 22.28 23.17 47.94
C GLY I 244 21.37 22.04 48.35
N GLN I 245 21.72 21.40 49.48
CA GLN I 245 20.91 20.32 50.01
C GLN I 245 19.53 20.81 50.44
N LEU I 246 19.38 22.10 50.73
CA LEU I 246 18.08 22.69 51.05
C LEU I 246 18.07 24.08 50.43
N ASN I 247 17.51 24.17 49.23
CA ASN I 247 17.52 25.41 48.47
C ASN I 247 16.48 26.39 48.98
N ALA I 248 16.84 27.67 48.96
CA ALA I 248 15.92 28.76 49.27
C ALA I 248 16.20 29.91 48.32
N ASP I 249 15.39 30.96 48.43
CA ASP I 249 15.61 32.18 47.67
C ASP I 249 15.10 33.35 48.49
N LEU I 250 15.03 34.52 47.86
CA LEU I 250 14.51 35.70 48.54
C LEU I 250 13.06 35.51 48.94
N ARG I 251 12.27 34.83 48.10
CA ARG I 251 10.85 34.66 48.37
C ARG I 251 10.61 33.83 49.62
N LYS I 252 11.35 32.73 49.78
CA LYS I 252 11.18 31.89 50.97
C LYS I 252 11.53 32.66 52.23
N LEU I 253 12.64 33.41 52.20
CA LEU I 253 13.04 34.18 53.37
C LEU I 253 12.02 35.26 53.69
N ALA I 254 11.48 35.92 52.66
CA ALA I 254 10.46 36.94 52.90
C ALA I 254 9.21 36.33 53.51
N VAL I 255 8.75 35.18 52.98
CA VAL I 255 7.53 34.57 53.48
C VAL I 255 7.73 34.09 54.92
N ASN I 256 8.85 33.45 55.21
CA ASN I 256 9.09 32.93 56.56
C ASN I 256 9.31 34.05 57.56
N MET I 257 9.97 35.12 57.15
CA MET I 257 10.43 36.15 58.07
C MET I 257 9.43 37.27 58.32
N VAL I 258 8.34 37.33 57.56
CA VAL I 258 7.40 38.45 57.68
C VAL I 258 6.03 37.93 58.10
N PRO I 259 5.72 37.92 59.39
CA PRO I 259 4.37 37.48 59.82
C PRO I 259 3.31 38.54 59.62
N PHE I 260 3.70 39.81 59.47
CA PHE I 260 2.75 40.91 59.33
C PHE I 260 3.35 41.91 58.35
N PRO I 261 2.54 42.44 57.42
CA PRO I 261 3.12 43.17 56.28
C PRO I 261 3.95 44.38 56.69
N ARG I 262 3.55 45.08 57.75
CA ARG I 262 4.29 46.26 58.16
C ARG I 262 5.64 45.87 58.77
N LEU I 263 5.66 44.80 59.56
CA LEU I 263 6.89 44.37 60.24
C LEU I 263 7.84 43.67 59.28
N HIS I 264 8.72 44.43 58.62
CA HIS I 264 9.67 43.87 57.67
C HIS I 264 11.02 44.57 57.80
N PHE I 265 11.47 44.80 59.03
CA PHE I 265 12.74 45.46 59.29
C PHE I 265 13.61 44.51 60.12
N PHE I 266 14.77 44.16 59.59
CA PHE I 266 15.54 43.02 60.04
C PHE I 266 16.94 43.48 60.43
N MET I 267 17.70 42.58 61.05
CA MET I 267 19.11 42.85 61.31
C MET I 267 19.99 41.78 60.67
N PRO I 268 21.10 42.17 60.05
CA PRO I 268 22.01 41.19 59.45
C PRO I 268 23.16 40.82 60.37
N GLY I 269 23.76 39.67 60.07
CA GLY I 269 24.92 39.21 60.78
C GLY I 269 25.70 38.23 59.93
N PHE I 270 27.01 38.15 60.19
CA PHE I 270 27.90 37.32 59.39
C PHE I 270 28.81 36.50 60.29
N ALA I 271 29.24 35.35 59.76
CA ALA I 271 30.13 34.45 60.48
C ALA I 271 30.75 33.47 59.49
N PRO I 272 32.00 33.01 59.74
CA PRO I 272 32.85 33.38 60.87
C PRO I 272 33.62 34.68 60.66
N LEU I 273 33.97 35.33 61.78
CA LEU I 273 34.81 36.53 61.78
C LEU I 273 35.96 36.31 62.75
N THR I 274 37.19 36.33 62.25
CA THR I 274 38.37 36.13 63.07
C THR I 274 39.44 37.13 62.66
N ALA I 275 40.32 37.43 63.61
CA ALA I 275 41.46 38.29 63.32
C ALA I 275 42.43 37.60 62.37
N ARG I 276 43.42 38.38 61.91
CA ARG I 276 44.38 37.84 60.96
C ARG I 276 45.19 36.70 61.56
N GLY I 277 45.63 36.85 62.81
CA GLY I 277 46.44 35.82 63.45
C GLY I 277 45.64 34.76 64.16
N SER I 278 44.43 35.09 64.58
CA SER I 278 43.58 34.18 65.36
C SER I 278 42.74 33.26 64.49
N GLN I 279 43.11 33.02 63.24
CA GLN I 279 42.29 32.22 62.35
C GLN I 279 42.55 30.72 62.49
N GLN I 280 43.81 30.33 62.64
CA GLN I 280 44.15 28.90 62.72
C GLN I 280 43.97 28.32 64.11
N TYR I 281 43.70 29.15 65.13
CA TYR I 281 43.50 28.67 66.48
C TYR I 281 42.08 28.22 66.76
N ARG I 282 41.23 28.14 65.74
CA ARG I 282 39.82 27.80 65.95
C ARG I 282 39.35 26.90 64.82
N ALA I 283 38.61 25.86 65.18
CA ALA I 283 38.02 24.95 64.19
C ALA I 283 36.70 25.53 63.69
N LEU I 284 36.53 25.54 62.36
CA LEU I 284 35.33 26.11 61.75
C LEU I 284 34.29 25.00 61.59
N THR I 285 33.54 24.79 62.67
CA THR I 285 32.48 23.81 62.72
C THR I 285 31.16 24.51 63.03
N VAL I 286 30.06 23.84 62.72
CA VAL I 286 28.71 24.40 62.82
C VAL I 286 28.39 25.02 64.18
N PRO I 287 28.62 24.32 65.31
CA PRO I 287 28.29 24.97 66.60
C PRO I 287 29.09 26.23 66.86
N GLU I 288 30.33 26.32 66.36
CA GLU I 288 31.10 27.54 66.53
C GLU I 288 30.41 28.73 65.85
N LEU I 289 29.96 28.54 64.61
CA LEU I 289 29.24 29.61 63.92
C LEU I 289 27.93 29.93 64.64
N THR I 290 27.20 28.90 65.07
CA THR I 290 25.90 29.13 65.71
C THR I 290 26.05 29.93 67.00
N GLN I 291 27.05 29.59 67.82
CA GLN I 291 27.29 30.36 69.03
C GLN I 291 27.91 31.72 68.72
N GLN I 292 28.52 31.88 67.55
CA GLN I 292 29.05 33.19 67.19
C GLN I 292 27.94 34.17 66.82
N MET I 293 26.88 33.69 66.18
CA MET I 293 25.81 34.61 65.76
C MET I 293 24.97 35.08 66.93
N PHE I 294 24.32 34.16 67.64
CA PHE I 294 23.33 34.54 68.64
C PHE I 294 24.04 35.20 69.81
N ASP I 295 24.42 36.46 69.61
CA ASP I 295 25.00 37.32 70.63
C ASP I 295 24.96 38.76 70.12
N ALA I 296 25.05 39.70 71.06
CA ALA I 296 24.92 41.11 70.70
C ALA I 296 26.08 41.58 69.83
N LYS I 297 27.31 41.14 70.15
CA LYS I 297 28.49 41.72 69.53
C LYS I 297 28.63 41.38 68.06
N ASN I 298 27.84 40.45 67.52
CA ASN I 298 27.91 40.09 66.10
C ASN I 298 26.69 40.56 65.32
N MET I 299 25.92 41.49 65.87
CA MET I 299 24.75 42.05 65.21
C MET I 299 25.09 43.42 64.65
N MET I 300 24.82 43.61 63.35
CA MET I 300 25.14 44.86 62.67
C MET I 300 24.14 45.98 62.96
N ALA I 301 23.20 45.77 63.88
CA ALA I 301 22.23 46.78 64.25
C ALA I 301 22.59 47.35 65.62
N ALA I 302 22.40 48.66 65.78
CA ALA I 302 22.75 49.35 67.02
C ALA I 302 21.62 49.24 68.05
N CYS I 303 21.37 48.00 68.46
CA CYS I 303 20.35 47.71 69.46
C CYS I 303 20.64 46.33 70.03
N ASP I 304 20.74 46.23 71.35
CA ASP I 304 20.96 44.93 71.97
C ASP I 304 19.71 44.09 71.81
N PRO I 305 19.80 42.94 71.12
CA PRO I 305 18.59 42.12 70.91
C PRO I 305 17.98 41.61 72.20
N ARG I 306 18.77 41.46 73.26
CA ARG I 306 18.24 40.97 74.52
C ARG I 306 17.32 41.96 75.21
N HIS I 307 17.29 43.23 74.77
CA HIS I 307 16.27 44.14 75.28
C HIS I 307 14.87 43.74 74.82
N GLY I 308 14.76 42.94 73.77
CA GLY I 308 13.47 42.57 73.24
C GLY I 308 13.29 41.08 73.02
N ARG I 309 12.44 40.72 72.06
CA ARG I 309 12.13 39.33 71.76
C ARG I 309 12.50 39.02 70.32
N TYR I 310 12.88 37.76 70.08
CA TYR I 310 13.10 37.27 68.73
C TYR I 310 11.77 36.80 68.15
N LEU I 311 11.35 37.43 67.05
CA LEU I 311 10.12 36.98 66.39
C LEU I 311 10.42 35.85 65.42
N THR I 312 11.30 36.09 64.45
CA THR I 312 11.75 35.04 63.53
C THR I 312 13.25 35.18 63.30
N VAL I 313 13.89 34.08 62.89
CA VAL I 313 15.32 34.05 62.64
C VAL I 313 15.60 33.19 61.42
N ALA I 314 16.19 33.78 60.39
CA ALA I 314 16.62 33.05 59.19
C ALA I 314 18.14 32.85 59.22
N THR I 315 18.57 31.64 58.86
CA THR I 315 19.98 31.26 58.91
C THR I 315 20.34 30.54 57.61
N VAL I 316 21.28 31.12 56.85
CA VAL I 316 21.75 30.52 55.61
C VAL I 316 23.16 30.02 55.83
N PHE I 317 23.45 28.82 55.30
CA PHE I 317 24.75 28.17 55.43
C PHE I 317 25.37 27.95 54.06
N ARG I 318 26.69 27.92 54.03
CA ARG I 318 27.45 27.66 52.81
C ARG I 318 28.64 26.77 53.16
N GLY I 319 28.86 25.77 52.33
CA GLY I 319 29.89 24.78 52.57
C GLY I 319 29.31 23.42 52.86
N ARG I 320 30.07 22.37 52.53
CA ARG I 320 29.60 21.01 52.75
C ARG I 320 29.54 20.72 54.24
N MET I 321 28.33 20.62 54.80
CA MET I 321 28.15 20.30 56.20
C MET I 321 27.02 19.28 56.33
N SER I 322 27.03 18.57 57.45
CA SER I 322 25.98 17.60 57.73
C SER I 322 24.73 18.33 58.24
N MET I 323 23.59 18.04 57.61
CA MET I 323 22.36 18.74 57.95
C MET I 323 21.91 18.43 59.37
N LYS I 324 22.15 17.21 59.84
CA LYS I 324 21.71 16.84 61.18
C LYS I 324 22.39 17.70 62.24
N GLU I 325 23.68 17.97 62.07
CA GLU I 325 24.39 18.83 63.01
C GLU I 325 23.80 20.24 63.00
N VAL I 326 23.49 20.75 61.81
CA VAL I 326 22.84 22.05 61.68
C VAL I 326 21.53 22.07 62.45
N ASP I 327 20.71 21.04 62.23
CA ASP I 327 19.40 20.98 62.85
C ASP I 327 19.50 20.84 64.36
N GLU I 328 20.47 20.05 64.83
CA GLU I 328 20.70 19.89 66.26
C GLU I 328 21.09 21.21 66.90
N GLN I 329 22.00 21.96 66.26
CA GLN I 329 22.38 23.25 66.82
C GLN I 329 21.22 24.22 66.82
N MET I 330 20.42 24.24 65.75
CA MET I 330 19.25 25.13 65.73
C MET I 330 18.28 24.78 66.86
N LEU I 331 18.01 23.48 67.04
CA LEU I 331 17.13 23.06 68.12
C LEU I 331 17.70 23.44 69.49
N ALA I 332 19.00 23.22 69.68
CA ALA I 332 19.60 23.54 70.99
C ALA I 332 19.59 25.02 71.27
N ILE I 333 19.92 25.85 70.27
CA ILE I 333 19.97 27.29 70.49
C ILE I 333 18.57 27.84 70.68
N GLN I 334 17.55 27.18 70.12
CA GLN I 334 16.18 27.60 70.41
C GLN I 334 15.75 27.14 71.80
N SER I 335 16.11 25.92 72.19
CA SER I 335 15.64 25.37 73.46
C SER I 335 16.26 26.10 74.65
N LYS I 336 17.59 26.32 74.61
CA LYS I 336 18.22 27.03 75.71
C LYS I 336 17.90 28.51 75.72
N ASN I 337 17.27 29.02 74.66
CA ASN I 337 16.96 30.43 74.52
C ASN I 337 15.45 30.62 74.36
N SER I 338 14.66 29.88 75.15
CA SER I 338 13.22 29.98 75.07
C SER I 338 12.70 31.37 75.44
N SER I 339 13.41 32.09 76.30
CA SER I 339 12.90 33.35 76.80
C SER I 339 12.86 34.44 75.73
N TYR I 340 13.89 34.51 74.88
CA TYR I 340 13.99 35.59 73.91
C TYR I 340 13.22 35.34 72.63
N PHE I 341 12.62 34.17 72.45
CA PHE I 341 11.82 33.86 71.27
C PHE I 341 10.33 33.94 71.60
N VAL I 342 9.55 34.35 70.60
CA VAL I 342 8.10 34.43 70.77
C VAL I 342 7.53 33.04 70.98
N GLU I 343 6.60 32.91 71.93
CA GLU I 343 5.99 31.62 72.22
C GLU I 343 4.96 31.23 71.16
N TRP I 344 4.15 32.17 70.69
CA TRP I 344 3.09 31.86 69.73
C TRP I 344 3.60 31.71 68.30
N ILE I 345 4.92 31.63 68.11
CA ILE I 345 5.54 31.13 66.89
C ILE I 345 6.40 29.93 67.25
N PRO I 346 5.83 28.73 67.37
CA PRO I 346 6.67 27.54 67.54
C PRO I 346 7.53 27.30 66.31
N ASN I 347 8.79 26.91 66.55
CA ASN I 347 9.77 26.67 65.48
C ASN I 347 9.91 27.91 64.59
N ASN I 348 10.39 28.98 65.22
CA ASN I 348 10.52 30.29 64.58
C ASN I 348 11.86 30.47 63.87
N VAL I 349 12.46 29.39 63.39
CA VAL I 349 13.77 29.45 62.74
C VAL I 349 13.65 28.87 61.34
N LYS I 350 14.06 29.65 60.35
CA LYS I 350 14.18 29.20 58.97
C LYS I 350 15.64 28.86 58.70
N VAL I 351 15.86 27.73 58.02
CA VAL I 351 17.20 27.25 57.72
C VAL I 351 17.32 27.02 56.22
N ALA I 352 18.40 27.52 55.64
CA ALA I 352 18.73 27.26 54.25
C ALA I 352 20.20 26.86 54.16
N VAL I 353 20.52 25.95 53.26
CA VAL I 353 21.88 25.45 53.13
C VAL I 353 22.26 25.40 51.66
N CYS I 354 23.38 26.02 51.31
CA CYS I 354 23.95 25.96 49.98
C CYS I 354 25.12 24.98 49.98
N ASP I 355 25.84 24.90 48.85
CA ASP I 355 26.95 23.97 48.71
C ASP I 355 28.28 24.64 48.38
N ILE I 356 28.28 25.91 48.00
CA ILE I 356 29.50 26.61 47.58
C ILE I 356 29.96 27.50 48.72
N PRO I 357 31.13 27.26 49.32
CA PRO I 357 31.63 28.17 50.34
C PRO I 357 32.03 29.49 49.70
N PRO I 358 32.23 30.52 50.55
CA PRO I 358 32.64 31.86 50.10
C PRO I 358 34.14 32.22 49.99
N ARG I 359 34.78 31.89 48.87
CA ARG I 359 36.18 32.26 48.54
C ARG I 359 37.44 32.03 49.44
N GLY I 360 37.66 30.83 49.95
CA GLY I 360 38.85 30.56 50.76
C GLY I 360 38.47 29.76 51.98
N LEU I 361 37.58 30.36 52.75
CA LEU I 361 36.93 29.79 53.93
C LEU I 361 36.31 28.44 53.59
N LYS I 362 36.47 27.49 54.51
CA LYS I 362 35.91 26.15 54.28
C LYS I 362 34.39 26.18 54.30
N MET I 363 33.80 26.97 55.20
CA MET I 363 32.36 27.15 55.22
C MET I 363 32.05 28.43 55.98
N SER I 364 30.88 28.99 55.72
CA SER I 364 30.45 30.21 56.38
C SER I 364 28.94 30.24 56.41
N SER I 365 28.40 31.36 56.90
CA SER I 365 26.95 31.48 57.04
C SER I 365 26.52 32.93 56.94
N THR I 366 25.24 33.16 57.20
CA THR I 366 24.63 34.47 57.17
C THR I 366 23.37 34.43 58.03
N PHE I 367 23.16 35.49 58.81
CA PHE I 367 22.11 35.57 59.80
C PHE I 367 21.20 36.74 59.47
N ILE I 368 19.89 36.48 59.43
CA ILE I 368 18.88 37.52 59.34
C ILE I 368 17.99 37.38 60.56
N GLY I 369 17.77 38.48 61.26
CA GLY I 369 16.96 38.40 62.48
C GLY I 369 15.82 39.39 62.49
N ASN I 370 14.59 38.88 62.59
CA ASN I 370 13.39 39.70 62.75
C ASN I 370 13.06 39.71 64.24
N SER I 371 13.47 40.78 64.92
CA SER I 371 13.25 40.96 66.34
C SER I 371 12.70 42.35 66.59
N THR I 372 12.04 42.51 67.74
CA THR I 372 11.41 43.78 68.09
C THR I 372 12.38 44.78 68.70
N ALA I 373 13.62 44.39 68.99
CA ALA I 373 14.55 45.30 69.65
C ALA I 373 14.76 46.58 68.84
N ILE I 374 14.74 46.46 67.52
CA ILE I 374 14.94 47.61 66.64
C ILE I 374 13.93 48.72 66.92
N GLN I 375 12.81 48.40 67.57
CA GLN I 375 11.84 49.44 67.90
C GLN I 375 12.47 50.55 68.72
N GLU I 376 13.42 50.20 69.60
CA GLU I 376 14.13 51.22 70.36
C GLU I 376 14.72 52.26 69.40
N LEU I 377 15.44 51.78 68.38
CA LEU I 377 15.93 52.62 67.30
C LEU I 377 14.88 53.65 66.90
N PHE I 378 13.72 53.15 66.45
CA PHE I 378 12.67 54.05 65.97
C PHE I 378 12.33 55.09 67.03
N LYS I 379 12.07 54.64 68.26
CA LYS I 379 11.71 55.59 69.30
C LYS I 379 12.75 56.70 69.41
N ARG I 380 14.03 56.32 69.45
CA ARG I 380 15.07 57.33 69.55
C ARG I 380 14.92 58.35 68.43
N ILE I 381 14.85 57.86 67.19
CA ILE I 381 14.70 58.77 66.06
C ILE I 381 13.45 59.60 66.25
N SER I 382 12.34 58.95 66.60
CA SER I 382 11.09 59.67 66.81
C SER I 382 11.28 60.79 67.80
N GLU I 383 11.92 60.49 68.94
CA GLU I 383 12.14 61.52 69.95
C GLU I 383 12.92 62.68 69.34
N GLN I 384 14.03 62.35 68.67
CA GLN I 384 14.83 63.40 68.04
C GLN I 384 13.99 64.19 67.06
N PHE I 385 13.15 63.49 66.27
CA PHE I 385 12.26 64.18 65.35
C PHE I 385 11.43 65.22 66.09
N THR I 386 10.79 64.80 67.18
CA THR I 386 10.02 65.74 67.97
C THR I 386 10.91 66.86 68.49
N ALA I 387 12.10 66.51 68.98
CA ALA I 387 13.02 67.51 69.51
C ALA I 387 13.40 68.53 68.45
N MET I 388 13.33 68.14 67.17
CA MET I 388 13.64 69.06 66.09
C MET I 388 12.41 69.56 65.36
N PHE I 389 11.22 69.06 65.70
CA PHE I 389 10.00 69.51 65.04
C PHE I 389 9.12 70.38 65.92
N ARG I 390 9.30 70.31 67.24
CA ARG I 390 8.53 71.19 68.12
C ARG I 390 8.89 72.65 67.91
N ARG I 391 10.16 72.93 67.66
CA ARG I 391 10.65 74.30 67.46
C ARG I 391 10.86 74.65 66.00
N LYS I 392 10.46 73.76 65.07
CA LYS I 392 10.60 73.99 63.63
C LYS I 392 12.06 74.27 63.25
N ALA I 393 12.93 73.33 63.60
CA ALA I 393 14.34 73.46 63.27
C ALA I 393 14.60 72.99 61.84
N PHE I 394 15.22 73.86 61.05
CA PHE I 394 15.54 73.61 59.64
C PHE I 394 14.31 73.31 58.80
N LEU I 395 13.10 73.58 59.32
CA LEU I 395 11.89 73.18 58.62
C LEU I 395 11.71 73.97 57.34
N HIS I 396 12.09 75.26 57.33
CA HIS I 396 11.86 76.10 56.17
C HIS I 396 12.59 75.62 54.93
N TRP I 397 13.67 74.85 55.10
CA TRP I 397 14.36 74.29 53.94
C TRP I 397 13.47 73.34 53.17
N TYR I 398 12.83 72.41 53.89
CA TYR I 398 11.88 71.50 53.24
C TYR I 398 10.56 72.19 52.92
N THR I 399 10.22 73.26 53.63
CA THR I 399 9.02 74.03 53.29
C THR I 399 9.24 74.81 51.99
N GLY I 400 10.46 75.25 51.74
CA GLY I 400 10.77 75.99 50.53
C GLY I 400 10.76 75.16 49.26
N GLU I 401 10.68 73.83 49.38
CA GLU I 401 10.62 72.95 48.23
C GLU I 401 9.20 72.49 47.92
N GLY I 402 8.20 72.97 48.65
CA GLY I 402 6.80 72.72 48.37
C GLY I 402 6.13 71.73 49.28
N MET I 403 6.88 70.82 49.90
CA MET I 403 6.30 69.92 50.88
C MET I 403 5.99 70.69 52.16
N ASP I 404 4.87 70.33 52.79
CA ASP I 404 4.34 71.05 53.94
C ASP I 404 4.46 70.20 55.20
N GLU I 405 4.09 70.79 56.34
CA GLU I 405 4.27 70.12 57.62
C GLU I 405 3.44 68.83 57.72
N MET I 406 2.39 68.72 56.90
CA MET I 406 1.48 67.58 57.03
C MET I 406 2.17 66.25 56.73
N GLU I 407 3.08 66.21 55.75
CA GLU I 407 3.86 64.98 55.56
C GLU I 407 4.69 64.65 56.78
N PHE I 408 5.30 65.65 57.42
CA PHE I 408 6.04 65.38 58.65
C PHE I 408 5.14 64.78 59.70
N THR I 409 3.95 65.37 59.89
CA THR I 409 3.03 64.86 60.91
C THR I 409 2.57 63.44 60.59
N GLU I 410 2.22 63.19 59.33
CA GLU I 410 1.74 61.86 58.93
C GLU I 410 2.84 60.82 59.07
N ALA I 411 4.07 61.15 58.65
CA ALA I 411 5.18 60.22 58.78
C ALA I 411 5.48 59.92 60.24
N GLU I 412 5.47 60.95 61.09
CA GLU I 412 5.73 60.74 62.51
C GLU I 412 4.64 59.85 63.12
N SER I 413 3.39 60.11 62.76
CA SER I 413 2.29 59.30 63.30
C SER I 413 2.39 57.85 62.83
N ASN I 414 2.75 57.63 61.56
CA ASN I 414 2.87 56.26 61.06
C ASN I 414 4.03 55.53 61.73
N MET I 415 5.15 56.22 61.94
CA MET I 415 6.27 55.60 62.63
C MET I 415 5.90 55.25 64.07
N ASN I 416 5.19 56.13 64.76
CA ASN I 416 4.76 55.82 66.12
C ASN I 416 3.76 54.66 66.13
N ASP I 417 2.90 54.57 65.11
CA ASP I 417 2.01 53.42 64.99
C ASP I 417 2.82 52.14 64.82
N LEU I 418 3.88 52.19 64.01
CA LEU I 418 4.76 51.03 63.85
C LEU I 418 5.41 50.64 65.17
N VAL I 419 5.87 51.64 65.94
CA VAL I 419 6.49 51.35 67.23
C VAL I 419 5.50 50.67 68.16
N SER I 420 4.27 51.20 68.24
CA SER I 420 3.26 50.60 69.09
C SER I 420 2.91 49.20 68.61
N GLU I 421 2.95 48.99 67.29
CA GLU I 421 2.64 47.67 66.73
C GLU I 421 3.69 46.65 67.15
N TYR I 422 4.97 47.03 67.06
CA TYR I 422 6.05 46.21 67.57
C TYR I 422 5.87 45.93 69.05
N GLN I 423 5.52 46.96 69.83
CA GLN I 423 5.35 46.78 71.27
C GLN I 423 4.24 45.78 71.57
N GLN I 424 3.11 45.90 70.87
CA GLN I 424 1.98 45.02 71.11
C GLN I 424 2.31 43.57 70.77
N TYR I 425 2.92 43.33 69.61
CA TYR I 425 3.32 41.96 69.29
C TYR I 425 4.44 41.45 70.20
N GLN I 426 5.24 42.35 70.76
CA GLN I 426 6.21 41.93 71.77
C GLN I 426 5.51 41.48 73.05
N ASP I 427 4.39 42.13 73.38
CA ASP I 427 3.65 41.80 74.60
C ASP I 427 2.60 40.72 74.38
N ALA I 428 2.48 40.18 73.17
CA ALA I 428 1.49 39.15 72.90
C ALA I 428 1.87 37.86 73.62
N THR I 429 0.86 37.05 73.90
CA THR I 429 1.07 35.79 74.61
C THR I 429 0.31 34.65 73.94
N MET J 1 0.43 -67.98 -61.65
CA MET J 1 -0.38 -68.31 -62.81
C MET J 1 -1.62 -67.42 -62.82
N ARG J 2 -1.92 -66.82 -61.67
CA ARG J 2 -3.07 -65.94 -61.49
C ARG J 2 -2.53 -64.55 -61.16
N GLU J 3 -2.60 -63.64 -62.12
CA GLU J 3 -1.95 -62.34 -62.01
C GLU J 3 -2.96 -61.21 -61.86
N CYS J 4 -2.60 -60.20 -61.08
CA CYS J 4 -3.50 -59.07 -60.84
C CYS J 4 -2.65 -57.86 -60.51
N ILE J 5 -2.72 -56.84 -61.35
CA ILE J 5 -1.81 -55.70 -61.22
C ILE J 5 -2.55 -54.54 -60.58
N SER J 6 -1.79 -53.64 -59.97
CA SER J 6 -2.35 -52.50 -59.24
C SER J 6 -1.86 -51.21 -59.87
N ILE J 7 -2.74 -50.20 -59.88
CA ILE J 7 -2.51 -48.91 -60.50
C ILE J 7 -2.80 -47.85 -59.46
N HIS J 8 -1.78 -47.15 -58.99
CA HIS J 8 -1.92 -46.15 -57.94
C HIS J 8 -1.81 -44.76 -58.57
N VAL J 9 -2.91 -44.01 -58.54
CA VAL J 9 -2.96 -42.68 -59.13
C VAL J 9 -3.14 -41.65 -58.02
N GLY J 10 -2.38 -40.58 -58.09
CA GLY J 10 -2.46 -39.52 -57.11
C GLY J 10 -1.61 -39.79 -55.88
N GLN J 11 -1.41 -38.73 -55.09
CA GLN J 11 -0.60 -38.84 -53.88
C GLN J 11 -1.19 -39.84 -52.90
N ALA J 12 -2.51 -39.80 -52.71
CA ALA J 12 -3.18 -40.80 -51.88
C ALA J 12 -2.95 -42.19 -52.43
N GLY J 13 -3.03 -42.34 -53.75
CA GLY J 13 -2.76 -43.64 -54.35
C GLY J 13 -1.37 -44.14 -54.04
N VAL J 14 -0.38 -43.26 -54.13
CA VAL J 14 1.00 -43.68 -53.88
C VAL J 14 1.21 -44.04 -52.42
N GLN J 15 0.60 -43.29 -51.50
CA GLN J 15 0.77 -43.62 -50.09
C GLN J 15 0.07 -44.94 -49.74
N ILE J 16 -1.14 -45.16 -50.25
CA ILE J 16 -1.77 -46.45 -50.10
C ILE J 16 -0.91 -47.54 -50.72
N GLY J 17 -0.21 -47.24 -51.80
CA GLY J 17 0.69 -48.21 -52.39
C GLY J 17 1.86 -48.55 -51.47
N ASN J 18 2.45 -47.53 -50.85
CA ASN J 18 3.50 -47.78 -49.87
C ASN J 18 3.01 -48.73 -48.78
N ALA J 19 1.85 -48.42 -48.21
CA ALA J 19 1.31 -49.26 -47.14
C ALA J 19 1.02 -50.67 -47.63
N CYS J 20 0.33 -50.79 -48.77
CA CYS J 20 -0.07 -52.09 -49.28
C CYS J 20 1.13 -52.96 -49.62
N TRP J 21 2.15 -52.37 -50.25
CA TRP J 21 3.30 -53.18 -50.65
C TRP J 21 4.22 -53.49 -49.47
N GLU J 22 4.28 -52.62 -48.45
CA GLU J 22 4.91 -53.02 -47.20
C GLU J 22 4.19 -54.24 -46.62
N LEU J 23 2.86 -54.20 -46.60
CA LEU J 23 2.09 -55.32 -46.08
C LEU J 23 2.35 -56.59 -46.90
N TYR J 24 2.39 -56.47 -48.22
CA TYR J 24 2.60 -57.63 -49.08
C TYR J 24 3.99 -58.22 -48.87
N CYS J 25 5.01 -57.36 -48.81
CA CYS J 25 6.37 -57.83 -48.57
C CYS J 25 6.46 -58.57 -47.24
N LEU J 26 5.72 -58.10 -46.23
CA LEU J 26 5.69 -58.82 -44.96
C LEU J 26 4.94 -60.14 -45.08
N GLU J 27 3.85 -60.17 -45.85
CA GLU J 27 3.03 -61.38 -45.93
C GLU J 27 3.80 -62.54 -46.53
N HIS J 28 4.55 -62.30 -47.60
CA HIS J 28 5.21 -63.37 -48.34
C HIS J 28 6.67 -63.55 -47.94
N GLY J 29 7.10 -62.92 -46.85
CA GLY J 29 8.46 -63.07 -46.38
C GLY J 29 9.50 -62.58 -47.36
N ILE J 30 9.29 -61.39 -47.91
CA ILE J 30 10.18 -60.80 -48.90
C ILE J 30 10.91 -59.62 -48.28
N GLN J 31 12.24 -59.68 -48.29
CA GLN J 31 13.05 -58.58 -47.80
C GLN J 31 12.91 -57.38 -48.74
N PRO J 32 13.17 -56.17 -48.24
CA PRO J 32 13.00 -54.98 -49.09
C PRO J 32 13.85 -54.99 -50.35
N ASP J 33 15.01 -55.64 -50.32
CA ASP J 33 15.83 -55.77 -51.53
C ASP J 33 15.37 -56.90 -52.44
N GLY J 34 14.15 -57.42 -52.24
CA GLY J 34 13.56 -58.38 -53.13
C GLY J 34 13.96 -59.82 -52.92
N GLN J 35 14.75 -60.12 -51.89
CA GLN J 35 15.20 -61.48 -51.62
C GLN J 35 14.29 -62.14 -50.59
N MET J 36 14.29 -63.48 -50.61
CA MET J 36 13.52 -64.29 -49.67
C MET J 36 14.45 -65.33 -49.07
N PRO J 37 14.87 -65.16 -47.81
CA PRO J 37 15.75 -66.12 -47.12
C PRO J 37 15.09 -67.48 -46.95
N HIS J 46 -0.22 -73.23 -45.40
CA HIS J 46 -1.13 -72.19 -45.86
C HIS J 46 -0.59 -71.51 -47.11
N HIS J 47 0.63 -71.88 -47.50
CA HIS J 47 1.32 -71.28 -48.63
C HIS J 47 1.46 -72.31 -49.75
N HIS J 48 1.18 -71.87 -50.97
CA HIS J 48 1.30 -72.73 -52.14
C HIS J 48 2.75 -73.07 -52.43
N ASP J 53 3.27 -71.30 -55.53
CA ASP J 53 3.82 -69.96 -55.44
C ASP J 53 2.74 -68.93 -55.12
N SER J 54 2.55 -68.67 -53.82
CA SER J 54 1.56 -67.70 -53.40
C SER J 54 1.92 -66.30 -53.88
N PHE J 55 3.20 -65.94 -53.81
CA PHE J 55 3.65 -64.61 -54.19
C PHE J 55 3.60 -64.37 -55.70
N ASN J 56 3.33 -65.40 -56.49
CA ASN J 56 3.35 -65.26 -57.94
C ASN J 56 2.28 -64.30 -58.45
N THR J 57 1.28 -63.98 -57.62
CA THR J 57 0.23 -63.06 -58.05
C THR J 57 0.76 -61.64 -58.21
N PHE J 58 1.24 -61.06 -57.11
CA PHE J 58 1.72 -59.68 -57.13
C PHE J 58 3.17 -59.57 -57.58
N PHE J 59 3.97 -60.60 -57.32
CA PHE J 59 5.42 -60.51 -57.47
C PHE J 59 5.86 -61.33 -58.68
N SER J 60 6.42 -60.66 -59.68
CA SER J 60 7.07 -61.37 -60.76
C SER J 60 8.51 -61.71 -60.36
N GLU J 61 9.02 -62.79 -60.94
CA GLU J 61 10.31 -63.34 -60.57
C GLU J 61 11.33 -63.13 -61.68
N THR J 62 12.53 -62.73 -61.29
CA THR J 62 13.64 -62.58 -62.22
C THR J 62 14.45 -63.87 -62.24
N GLY J 63 15.62 -63.84 -62.90
CA GLY J 63 16.46 -65.01 -62.95
C GLY J 63 16.97 -65.42 -61.57
N ALA J 64 17.38 -64.45 -60.77
CA ALA J 64 17.81 -64.71 -59.40
C ALA J 64 16.59 -64.78 -58.50
N GLY J 65 16.81 -64.73 -57.19
CA GLY J 65 15.72 -64.74 -56.23
C GLY J 65 15.01 -63.43 -56.06
N LYS J 66 15.42 -62.39 -56.79
CA LYS J 66 14.78 -61.09 -56.68
C LYS J 66 13.36 -61.14 -57.23
N HIS J 67 12.44 -60.52 -56.49
CA HIS J 67 11.05 -60.43 -56.89
C HIS J 67 10.66 -58.97 -57.00
N VAL J 68 9.95 -58.62 -58.07
CA VAL J 68 9.54 -57.23 -58.27
C VAL J 68 8.02 -57.14 -58.38
N PRO J 69 7.41 -56.09 -57.84
CA PRO J 69 5.95 -55.99 -57.86
C PRO J 69 5.42 -55.64 -59.23
N ARG J 70 4.18 -56.06 -59.49
CA ARG J 70 3.44 -55.68 -60.70
C ARG J 70 2.49 -54.54 -60.33
N ALA J 71 3.06 -53.35 -60.20
CA ALA J 71 2.31 -52.15 -59.86
C ALA J 71 2.86 -50.98 -60.66
N VAL J 72 2.04 -49.95 -60.81
CA VAL J 72 2.44 -48.72 -61.49
C VAL J 72 2.18 -47.56 -60.56
N PHE J 73 3.24 -46.83 -60.22
CA PHE J 73 3.15 -45.63 -59.39
C PHE J 73 3.26 -44.42 -60.30
N VAL J 74 2.14 -43.72 -60.48
CA VAL J 74 2.06 -42.57 -61.38
C VAL J 74 1.53 -41.38 -60.60
N ASP J 75 2.21 -40.24 -60.73
CA ASP J 75 1.76 -39.00 -60.12
C ASP J 75 2.47 -37.87 -60.83
N LEU J 76 1.77 -36.75 -61.01
CA LEU J 76 2.31 -35.63 -61.76
C LEU J 76 3.33 -34.81 -60.98
N GLU J 77 3.28 -34.82 -59.65
CA GLU J 77 4.27 -34.11 -58.85
C GLU J 77 5.30 -35.09 -58.32
N PRO J 78 6.59 -34.91 -58.63
CA PRO J 78 7.58 -35.95 -58.31
C PRO J 78 7.93 -36.06 -56.84
N THR J 79 7.24 -35.33 -55.97
CA THR J 79 7.62 -35.31 -54.56
C THR J 79 7.47 -36.69 -53.91
N VAL J 80 6.26 -37.24 -53.94
CA VAL J 80 6.03 -38.52 -53.27
C VAL J 80 6.76 -39.64 -53.99
N ILE J 81 6.91 -39.54 -55.31
CA ILE J 81 7.65 -40.58 -56.04
C ILE J 81 9.11 -40.56 -55.65
N ASP J 82 9.69 -39.37 -55.48
CA ASP J 82 11.06 -39.27 -54.98
C ASP J 82 11.17 -39.82 -53.57
N GLU J 83 10.15 -39.56 -52.74
CA GLU J 83 10.14 -40.13 -51.39
C GLU J 83 10.16 -41.66 -51.45
N VAL J 84 9.39 -42.25 -52.37
CA VAL J 84 9.42 -43.69 -52.54
C VAL J 84 10.80 -44.14 -53.04
N ARG J 85 11.37 -43.41 -53.99
CA ARG J 85 12.65 -43.80 -54.58
C ARG J 85 13.77 -43.79 -53.55
N THR J 86 13.81 -42.76 -52.72
CA THR J 86 14.83 -42.62 -51.69
C THR J 86 14.47 -43.32 -50.39
N GLY J 87 13.29 -43.93 -50.31
CA GLY J 87 12.86 -44.61 -49.11
C GLY J 87 13.53 -45.95 -48.94
N THR J 88 13.06 -46.68 -47.93
CA THR J 88 13.63 -47.99 -47.63
C THR J 88 13.33 -49.00 -48.74
N TYR J 89 12.17 -48.87 -49.39
CA TYR J 89 11.82 -49.76 -50.49
C TYR J 89 12.35 -49.24 -51.80
N ARG J 90 13.68 -49.02 -51.85
CA ARG J 90 14.31 -48.46 -53.04
C ARG J 90 14.62 -49.54 -54.07
N GLN J 91 15.40 -50.56 -53.66
CA GLN J 91 15.84 -51.60 -54.59
C GLN J 91 14.68 -52.45 -55.09
N LEU J 92 13.55 -52.46 -54.38
CA LEU J 92 12.46 -53.40 -54.72
C LEU J 92 11.85 -53.08 -56.07
N PHE J 93 11.30 -51.89 -56.23
CA PHE J 93 10.56 -51.55 -57.44
C PHE J 93 11.49 -51.48 -58.64
N HIS J 94 10.96 -51.90 -59.78
CA HIS J 94 11.66 -51.72 -61.05
C HIS J 94 11.56 -50.25 -61.44
N PRO J 95 12.69 -49.58 -61.75
CA PRO J 95 12.66 -48.12 -61.87
C PRO J 95 11.67 -47.57 -62.90
N GLU J 96 11.14 -48.41 -63.79
CA GLU J 96 10.25 -47.90 -64.83
C GLU J 96 8.88 -47.51 -64.28
N GLN J 97 8.31 -48.34 -63.40
CA GLN J 97 6.94 -48.11 -62.97
C GLN J 97 6.80 -46.94 -62.00
N LEU J 98 7.85 -46.15 -61.79
CA LEU J 98 7.78 -44.94 -60.97
C LEU J 98 7.75 -43.77 -61.93
N ILE J 99 6.55 -43.42 -62.38
CA ILE J 99 6.35 -42.39 -63.39
C ILE J 99 6.03 -41.06 -62.71
N THR J 100 6.74 -40.00 -63.12
CA THR J 100 6.52 -38.68 -62.57
C THR J 100 6.22 -37.71 -63.71
N GLY J 101 5.47 -36.66 -63.37
CA GLY J 101 5.20 -35.57 -64.26
C GLY J 101 6.09 -34.38 -63.98
N LYS J 102 5.60 -33.19 -64.33
CA LYS J 102 6.32 -31.95 -64.05
C LYS J 102 5.54 -31.00 -63.16
N GLU J 103 4.27 -30.75 -63.48
CA GLU J 103 3.36 -30.00 -62.63
C GLU J 103 2.19 -30.88 -62.22
N ASP J 104 1.66 -30.61 -61.04
CA ASP J 104 0.46 -31.30 -60.57
C ASP J 104 -0.79 -30.67 -61.19
N ALA J 105 -1.86 -31.46 -61.24
CA ALA J 105 -3.11 -30.97 -61.83
C ALA J 105 -3.73 -29.84 -61.00
N ALA J 106 -3.32 -29.70 -59.73
CA ALA J 106 -3.78 -28.62 -58.86
C ALA J 106 -5.30 -28.65 -58.68
N ASN J 107 -5.79 -29.79 -58.20
CA ASN J 107 -7.21 -29.96 -57.87
C ASN J 107 -8.11 -29.56 -59.03
N ASN J 108 -7.65 -29.83 -60.25
CA ASN J 108 -8.36 -29.41 -61.46
C ASN J 108 -8.54 -30.64 -62.33
N TYR J 109 -9.77 -31.13 -62.42
CA TYR J 109 -10.07 -32.26 -63.31
C TYR J 109 -9.71 -31.92 -64.75
N ALA J 110 -9.80 -30.63 -65.11
CA ALA J 110 -9.42 -30.20 -66.45
C ALA J 110 -7.96 -30.48 -66.73
N ARG J 111 -7.08 -30.08 -65.80
CA ARG J 111 -5.65 -30.26 -66.02
C ARG J 111 -5.26 -31.72 -66.00
N GLY J 112 -5.88 -32.52 -65.14
CA GLY J 112 -5.56 -33.93 -65.03
C GLY J 112 -6.23 -34.84 -66.04
N HIS J 113 -7.06 -34.31 -66.93
CA HIS J 113 -7.77 -35.12 -67.92
C HIS J 113 -7.63 -34.64 -69.36
N TYR J 114 -7.36 -33.36 -69.59
CA TYR J 114 -7.24 -32.85 -70.95
C TYR J 114 -5.89 -32.21 -71.25
N THR J 115 -5.33 -31.45 -70.31
CA THR J 115 -4.11 -30.70 -70.57
C THR J 115 -2.85 -31.44 -70.14
N ILE J 116 -2.75 -31.82 -68.87
CA ILE J 116 -1.54 -32.41 -68.32
C ILE J 116 -1.59 -33.93 -68.32
N GLY J 117 -2.78 -34.49 -68.26
CA GLY J 117 -2.90 -35.94 -68.31
C GLY J 117 -2.40 -36.53 -69.62
N LYS J 118 -2.51 -35.77 -70.72
CA LYS J 118 -2.34 -36.35 -72.05
C LYS J 118 -0.89 -36.67 -72.40
N GLU J 119 0.09 -35.87 -71.96
CA GLU J 119 1.45 -36.04 -72.47
C GLU J 119 2.18 -37.24 -71.88
N ILE J 120 1.62 -37.89 -70.84
CA ILE J 120 2.26 -39.06 -70.26
C ILE J 120 1.36 -40.29 -70.27
N ILE J 121 0.14 -40.19 -70.82
CA ILE J 121 -0.76 -41.33 -70.82
C ILE J 121 -0.20 -42.47 -71.67
N ASP J 122 0.48 -42.13 -72.77
CA ASP J 122 1.01 -43.16 -73.65
C ASP J 122 2.05 -44.01 -72.96
N LEU J 123 2.94 -43.37 -72.17
CA LEU J 123 3.96 -44.12 -71.46
C LEU J 123 3.34 -45.06 -70.43
N VAL J 124 2.33 -44.59 -69.70
CA VAL J 124 1.66 -45.44 -68.72
C VAL J 124 0.99 -46.62 -69.40
N LEU J 125 0.30 -46.36 -70.53
CA LEU J 125 -0.33 -47.45 -71.27
C LEU J 125 0.70 -48.45 -71.76
N ASP J 126 1.84 -47.97 -72.25
CA ASP J 126 2.89 -48.87 -72.72
C ASP J 126 3.43 -49.73 -71.59
N ARG J 127 3.65 -49.14 -70.41
CA ARG J 127 4.16 -49.92 -69.30
C ARG J 127 3.15 -50.95 -68.82
N ILE J 128 1.87 -50.57 -68.79
CA ILE J 128 0.82 -51.53 -68.42
C ILE J 128 0.76 -52.67 -69.42
N ARG J 129 0.87 -52.36 -70.70
CA ARG J 129 0.87 -53.41 -71.72
C ARG J 129 2.08 -54.33 -71.58
N LYS J 130 3.25 -53.75 -71.27
CA LYS J 130 4.44 -54.57 -71.04
C LYS J 130 4.24 -55.50 -69.86
N LEU J 131 3.64 -55.00 -68.77
CA LEU J 131 3.35 -55.85 -67.62
C LEU J 131 2.37 -56.96 -67.99
N ALA J 132 1.33 -56.62 -68.75
CA ALA J 132 0.30 -57.60 -69.05
C ALA J 132 0.78 -58.67 -70.01
N ASP J 133 1.62 -58.30 -70.98
CA ASP J 133 2.01 -59.24 -72.04
C ASP J 133 2.85 -60.40 -71.53
N GLN J 134 3.46 -60.26 -70.35
CA GLN J 134 4.27 -61.33 -69.78
C GLN J 134 3.52 -62.11 -68.70
N CYS J 135 2.25 -61.80 -68.46
CA CYS J 135 1.42 -62.55 -67.54
C CYS J 135 0.75 -63.72 -68.26
N THR J 136 0.08 -64.57 -67.48
CA THR J 136 -0.57 -65.76 -68.04
C THR J 136 -2.06 -65.82 -67.73
N GLY J 137 -2.47 -65.50 -66.51
CA GLY J 137 -3.86 -65.62 -66.12
C GLY J 137 -4.42 -64.37 -65.47
N LEU J 138 -4.02 -63.21 -65.98
CA LEU J 138 -4.42 -61.91 -65.43
C LEU J 138 -5.92 -61.82 -65.23
N GLN J 139 -6.34 -61.56 -63.99
CA GLN J 139 -7.74 -61.25 -63.71
C GLN J 139 -8.06 -59.77 -63.85
N GLY J 140 -7.24 -58.89 -63.30
CA GLY J 140 -7.60 -57.48 -63.44
C GLY J 140 -6.71 -56.53 -62.67
N PHE J 141 -7.28 -55.34 -62.46
CA PHE J 141 -6.58 -54.15 -62.01
C PHE J 141 -7.17 -53.69 -60.69
N LEU J 142 -6.28 -53.34 -59.75
CA LEU J 142 -6.68 -52.74 -58.48
C LEU J 142 -6.25 -51.27 -58.51
N VAL J 143 -7.20 -50.36 -58.66
CA VAL J 143 -6.92 -48.95 -58.89
C VAL J 143 -7.14 -48.19 -57.60
N PHE J 144 -6.11 -47.46 -57.15
CA PHE J 144 -6.13 -46.74 -55.88
C PHE J 144 -5.99 -45.26 -56.19
N HIS J 145 -7.06 -44.49 -55.98
CA HIS J 145 -7.04 -43.07 -56.30
C HIS J 145 -8.06 -42.34 -55.44
N SER J 146 -7.88 -41.03 -55.33
CA SER J 146 -8.81 -40.17 -54.63
C SER J 146 -9.65 -39.35 -55.61
N PHE J 147 -10.81 -38.88 -55.11
CA PHE J 147 -11.66 -37.97 -55.86
C PHE J 147 -11.34 -36.51 -55.61
N GLY J 148 -10.47 -36.20 -54.64
CA GLY J 148 -10.21 -34.83 -54.28
C GLY J 148 -9.23 -34.13 -55.21
N GLY J 149 -8.02 -34.70 -55.35
CA GLY J 149 -7.02 -34.08 -56.18
C GLY J 149 -7.38 -34.16 -57.66
N GLY J 150 -6.90 -33.18 -58.41
CA GLY J 150 -7.12 -33.18 -59.85
C GLY J 150 -6.41 -34.33 -60.55
N THR J 151 -5.18 -34.61 -60.13
CA THR J 151 -4.42 -35.72 -60.72
C THR J 151 -5.20 -37.02 -60.60
N GLY J 152 -5.51 -37.43 -59.37
CA GLY J 152 -6.24 -38.65 -59.13
C GLY J 152 -7.47 -38.78 -60.00
N SER J 153 -8.42 -37.85 -59.83
CA SER J 153 -9.69 -37.94 -60.54
C SER J 153 -9.49 -37.94 -62.05
N GLY J 154 -8.86 -36.90 -62.58
CA GLY J 154 -8.79 -36.76 -64.03
C GLY J 154 -7.97 -37.86 -64.69
N PHE J 155 -6.78 -38.14 -64.15
CA PHE J 155 -5.93 -39.16 -64.76
C PHE J 155 -6.54 -40.54 -64.62
N THR J 156 -7.23 -40.81 -63.50
CA THR J 156 -7.91 -42.09 -63.37
C THR J 156 -9.04 -42.22 -64.38
N SER J 157 -9.79 -41.13 -64.61
CA SER J 157 -10.84 -41.17 -65.62
C SER J 157 -10.25 -41.48 -67.00
N LEU J 158 -9.19 -40.77 -67.37
CA LEU J 158 -8.57 -41.00 -68.67
C LEU J 158 -8.03 -42.42 -68.77
N LEU J 159 -7.38 -42.90 -67.71
CA LEU J 159 -6.80 -44.24 -67.72
C LEU J 159 -7.87 -45.30 -67.82
N MET J 160 -8.99 -45.14 -67.10
CA MET J 160 -10.08 -46.11 -67.20
C MET J 160 -10.67 -46.13 -68.59
N GLU J 161 -10.85 -44.94 -69.21
CA GLU J 161 -11.28 -44.91 -70.60
C GLU J 161 -10.32 -45.71 -71.48
N ARG J 162 -9.02 -45.45 -71.36
CA ARG J 162 -8.04 -46.08 -72.24
C ARG J 162 -8.00 -47.59 -72.02
N LEU J 163 -8.04 -48.04 -70.76
CA LEU J 163 -8.03 -49.47 -70.47
C LEU J 163 -9.29 -50.15 -70.99
N SER J 164 -10.45 -49.53 -70.79
CA SER J 164 -11.70 -50.11 -71.30
C SER J 164 -11.67 -50.24 -72.81
N VAL J 165 -11.15 -49.21 -73.50
CA VAL J 165 -11.04 -49.29 -74.95
C VAL J 165 -10.03 -50.36 -75.37
N ASP J 166 -8.94 -50.49 -74.60
CA ASP J 166 -7.82 -51.35 -75.00
C ASP J 166 -8.03 -52.79 -74.54
N TYR J 167 -8.41 -52.99 -73.28
CA TYR J 167 -8.79 -54.30 -72.75
C TYR J 167 -10.29 -54.37 -72.59
N GLY J 168 -10.91 -55.38 -73.19
CA GLY J 168 -12.35 -55.44 -73.31
C GLY J 168 -13.14 -55.65 -72.03
N LYS J 169 -13.04 -56.85 -71.44
CA LYS J 169 -13.85 -57.23 -70.27
C LYS J 169 -12.92 -57.78 -69.20
N LYS J 170 -12.38 -56.89 -68.37
CA LYS J 170 -11.52 -57.29 -67.27
C LYS J 170 -11.93 -56.51 -66.04
N SER J 171 -12.06 -57.18 -64.91
CA SER J 171 -12.53 -56.53 -63.69
C SER J 171 -11.58 -55.41 -63.29
N LYS J 172 -12.14 -54.25 -62.97
CA LYS J 172 -11.37 -53.05 -62.63
C LYS J 172 -11.92 -52.49 -61.32
N LEU J 173 -11.25 -52.78 -60.22
CA LEU J 173 -11.70 -52.34 -58.90
C LEU J 173 -11.12 -50.98 -58.57
N GLU J 174 -11.97 -50.10 -58.06
CA GLU J 174 -11.57 -48.77 -57.61
C GLU J 174 -11.80 -48.66 -56.10
N PHE J 175 -10.75 -48.36 -55.36
CA PHE J 175 -10.86 -48.13 -53.92
C PHE J 175 -10.63 -46.63 -53.71
N SER J 176 -11.69 -45.86 -53.91
CA SER J 176 -11.59 -44.42 -54.02
C SER J 176 -11.78 -43.74 -52.66
N ILE J 177 -11.11 -42.60 -52.50
CA ILE J 177 -11.22 -41.79 -51.28
C ILE J 177 -12.36 -40.80 -51.52
N TYR J 178 -13.55 -41.18 -51.08
CA TYR J 178 -14.72 -40.32 -51.26
C TYR J 178 -14.55 -39.05 -50.44
N PRO J 179 -14.97 -37.89 -50.96
CA PRO J 179 -14.93 -36.67 -50.17
C PRO J 179 -15.81 -36.78 -48.93
N ALA J 180 -15.34 -36.22 -47.83
CA ALA J 180 -16.06 -36.27 -46.58
C ALA J 180 -17.22 -35.28 -46.59
N PRO J 181 -18.24 -35.52 -45.76
CA PRO J 181 -19.37 -34.57 -45.71
C PRO J 181 -18.97 -33.19 -45.21
N GLN J 182 -18.25 -33.10 -44.10
CA GLN J 182 -17.89 -31.82 -43.52
C GLN J 182 -16.39 -31.61 -43.40
N VAL J 183 -15.61 -32.67 -43.22
CA VAL J 183 -14.15 -32.53 -43.00
C VAL J 183 -13.49 -32.65 -44.36
N SER J 184 -13.40 -31.53 -45.06
CA SER J 184 -12.82 -31.47 -46.39
C SER J 184 -11.53 -30.65 -46.37
N THR J 185 -10.58 -31.04 -47.22
CA THR J 185 -9.29 -30.37 -47.28
C THR J 185 -9.15 -29.41 -48.44
N ALA J 186 -9.91 -29.58 -49.51
CA ALA J 186 -9.90 -28.66 -50.64
C ALA J 186 -11.22 -27.91 -50.71
N VAL J 187 -11.39 -27.12 -51.77
CA VAL J 187 -12.57 -26.29 -51.94
C VAL J 187 -13.33 -26.73 -53.18
N VAL J 188 -12.61 -27.28 -54.15
CA VAL J 188 -13.20 -27.66 -55.42
C VAL J 188 -13.41 -29.18 -55.50
N GLU J 189 -13.48 -29.86 -54.35
CA GLU J 189 -13.75 -31.29 -54.37
C GLU J 189 -15.06 -31.67 -55.04
N PRO J 190 -16.19 -31.00 -54.82
CA PRO J 190 -17.43 -31.41 -55.51
C PRO J 190 -17.33 -31.43 -57.03
N TYR J 191 -16.73 -30.40 -57.65
CA TYR J 191 -16.60 -30.40 -59.10
C TYR J 191 -15.82 -31.62 -59.59
N ASN J 192 -14.63 -31.83 -59.02
CA ASN J 192 -13.79 -32.93 -59.47
C ASN J 192 -14.45 -34.28 -59.24
N SER J 193 -15.09 -34.43 -58.07
CA SER J 193 -15.74 -35.69 -57.75
C SER J 193 -16.91 -35.98 -58.69
N ILE J 194 -17.73 -34.96 -58.98
CA ILE J 194 -18.85 -35.15 -59.89
C ILE J 194 -18.34 -35.52 -61.27
N LEU J 195 -17.32 -34.80 -61.75
CA LEU J 195 -16.77 -35.07 -63.07
C LEU J 195 -16.21 -36.48 -63.16
N THR J 196 -15.44 -36.90 -62.16
CA THR J 196 -14.82 -38.22 -62.24
C THR J 196 -15.85 -39.33 -62.08
N THR J 197 -16.88 -39.12 -61.25
CA THR J 197 -17.92 -40.12 -61.12
C THR J 197 -18.69 -40.27 -62.43
N HIS J 198 -19.07 -39.14 -63.05
CA HIS J 198 -19.77 -39.18 -64.32
C HIS J 198 -18.92 -39.84 -65.39
N THR J 199 -17.60 -39.62 -65.35
CA THR J 199 -16.73 -40.19 -66.37
C THR J 199 -16.53 -41.69 -66.16
N THR J 200 -16.31 -42.12 -64.93
CA THR J 200 -16.00 -43.50 -64.63
C THR J 200 -17.23 -44.37 -64.41
N LEU J 201 -18.45 -43.81 -64.48
CA LEU J 201 -19.64 -44.62 -64.30
C LEU J 201 -19.72 -45.77 -65.29
N GLU J 202 -19.12 -45.64 -66.47
CA GLU J 202 -19.24 -46.63 -67.53
C GLU J 202 -18.02 -47.54 -67.62
N HIS J 203 -17.06 -47.44 -66.70
CA HIS J 203 -15.84 -48.22 -66.80
C HIS J 203 -15.54 -48.98 -65.52
N SER J 204 -16.00 -48.44 -64.39
CA SER J 204 -15.75 -49.07 -63.09
C SER J 204 -16.64 -50.29 -62.94
N ASP J 205 -16.06 -51.48 -63.06
CA ASP J 205 -16.82 -52.71 -62.85
C ASP J 205 -17.30 -52.83 -61.42
N CYS J 206 -16.57 -52.25 -60.46
CA CYS J 206 -16.97 -52.19 -59.07
C CYS J 206 -16.11 -51.18 -58.33
N ALA J 207 -16.75 -50.26 -57.60
CA ALA J 207 -16.05 -49.22 -56.86
C ALA J 207 -16.37 -49.36 -55.39
N PHE J 208 -15.32 -49.40 -54.57
CA PHE J 208 -15.43 -49.61 -53.12
C PHE J 208 -15.16 -48.29 -52.43
N MET J 209 -16.20 -47.66 -51.90
CA MET J 209 -16.09 -46.33 -51.33
C MET J 209 -15.52 -46.40 -49.92
N VAL J 210 -14.60 -45.48 -49.61
CA VAL J 210 -14.03 -45.36 -48.27
C VAL J 210 -13.84 -43.87 -47.97
N ASP J 211 -14.16 -43.47 -46.74
CA ASP J 211 -14.18 -42.07 -46.35
C ASP J 211 -13.19 -41.82 -45.22
N ASN J 212 -12.64 -40.59 -45.20
CA ASN J 212 -11.60 -40.26 -44.23
C ASN J 212 -12.15 -40.07 -42.82
N GLU J 213 -13.30 -39.37 -42.71
CA GLU J 213 -13.84 -39.04 -41.39
C GLU J 213 -14.19 -40.28 -40.59
N ALA J 214 -14.79 -41.27 -41.26
CA ALA J 214 -15.15 -42.50 -40.56
C ALA J 214 -13.91 -43.23 -40.05
N ILE J 215 -12.84 -43.24 -40.84
CA ILE J 215 -11.61 -43.89 -40.39
C ILE J 215 -10.98 -43.13 -39.24
N TYR J 216 -11.06 -41.79 -39.27
CA TYR J 216 -10.62 -41.00 -38.11
C TYR J 216 -11.40 -41.41 -36.86
N ASP J 217 -12.72 -41.54 -36.99
CA ASP J 217 -13.55 -41.91 -35.85
C ASP J 217 -13.18 -43.31 -35.34
N ILE J 218 -12.92 -44.24 -36.27
CA ILE J 218 -12.51 -45.59 -35.88
C ILE J 218 -11.19 -45.53 -35.13
N CYS J 219 -10.22 -44.76 -35.65
CA CYS J 219 -8.91 -44.70 -35.04
C CYS J 219 -8.98 -44.11 -33.63
N ARG J 220 -9.76 -43.05 -33.45
CA ARG J 220 -9.87 -42.46 -32.11
C ARG J 220 -10.60 -43.39 -31.16
N ARG J 221 -11.62 -44.11 -31.66
CA ARG J 221 -12.46 -44.91 -30.78
C ARG J 221 -11.78 -46.23 -30.41
N ASN J 222 -11.35 -47.00 -31.40
CA ASN J 222 -10.89 -48.37 -31.17
C ASN J 222 -9.38 -48.43 -30.94
N LEU J 223 -8.60 -47.90 -31.86
CA LEU J 223 -7.14 -47.95 -31.73
C LEU J 223 -6.64 -47.14 -30.54
N ASP J 224 -7.47 -46.25 -29.99
CA ASP J 224 -7.09 -45.42 -28.85
C ASP J 224 -5.88 -44.55 -29.16
N ILE J 225 -5.67 -44.26 -30.44
CA ILE J 225 -4.62 -43.33 -30.87
C ILE J 225 -5.28 -41.96 -30.91
N GLU J 226 -4.98 -41.13 -29.91
CA GLU J 226 -5.64 -39.84 -29.81
C GLU J 226 -5.27 -38.93 -30.98
N ARG J 227 -4.12 -39.15 -31.61
CA ARG J 227 -3.66 -38.34 -32.74
C ARG J 227 -3.10 -39.22 -33.85
N PRO J 228 -3.97 -39.86 -34.64
CA PRO J 228 -3.50 -40.66 -35.77
C PRO J 228 -3.13 -39.82 -36.98
N THR J 229 -2.30 -40.40 -37.84
CA THR J 229 -1.86 -39.79 -39.09
C THR J 229 -2.32 -40.66 -40.27
N TYR J 230 -2.07 -40.15 -41.48
CA TYR J 230 -2.43 -40.88 -42.69
C TYR J 230 -1.82 -42.28 -42.75
N THR J 231 -0.67 -42.49 -42.11
CA THR J 231 -0.07 -43.82 -42.11
C THR J 231 -1.04 -44.87 -41.61
N ASN J 232 -1.79 -44.55 -40.55
CA ASN J 232 -2.73 -45.52 -39.99
C ASN J 232 -3.88 -45.81 -40.95
N LEU J 233 -4.46 -44.78 -41.57
CA LEU J 233 -5.51 -45.00 -42.54
C LEU J 233 -5.01 -45.85 -43.71
N ASN J 234 -3.77 -45.59 -44.15
CA ASN J 234 -3.18 -46.41 -45.19
C ASN J 234 -3.04 -47.85 -44.73
N ARG J 235 -2.69 -48.06 -43.47
CA ARG J 235 -2.58 -49.42 -42.93
C ARG J 235 -3.91 -50.15 -42.97
N LEU J 236 -4.98 -49.47 -42.54
CA LEU J 236 -6.30 -50.09 -42.59
C LEU J 236 -6.73 -50.40 -44.03
N ILE J 237 -6.50 -49.47 -44.95
CA ILE J 237 -6.89 -49.71 -46.34
C ILE J 237 -6.08 -50.86 -46.93
N SER J 238 -4.79 -50.94 -46.58
CA SER J 238 -3.97 -52.06 -47.02
C SER J 238 -4.48 -53.37 -46.46
N GLN J 239 -4.92 -53.36 -45.19
CA GLN J 239 -5.52 -54.56 -44.61
C GLN J 239 -6.76 -54.97 -45.38
N ILE J 240 -7.59 -53.99 -45.78
CA ILE J 240 -8.76 -54.30 -46.60
C ILE J 240 -8.35 -54.99 -47.89
N VAL J 241 -7.36 -54.42 -48.58
CA VAL J 241 -6.96 -54.98 -49.88
C VAL J 241 -6.36 -56.37 -49.70
N SER J 242 -5.58 -56.56 -48.64
CA SER J 242 -5.00 -57.87 -48.37
C SER J 242 -6.08 -58.90 -48.07
N SER J 243 -7.10 -58.53 -47.30
CA SER J 243 -8.21 -59.44 -47.05
C SER J 243 -8.94 -59.77 -48.35
N ILE J 244 -9.05 -58.79 -49.26
CA ILE J 244 -9.70 -59.04 -50.53
C ILE J 244 -8.91 -60.04 -51.37
N THR J 245 -7.58 -59.87 -51.42
CA THR J 245 -6.74 -60.70 -52.28
C THR J 245 -6.25 -61.98 -51.60
N ALA J 246 -6.62 -62.21 -50.34
CA ALA J 246 -6.18 -63.42 -49.64
C ALA J 246 -6.64 -64.68 -50.36
N SER J 247 -7.88 -64.68 -50.87
CA SER J 247 -8.39 -65.88 -51.53
C SER J 247 -7.56 -66.25 -52.75
N LEU J 248 -7.18 -65.25 -53.54
CA LEU J 248 -6.30 -65.52 -54.69
C LEU J 248 -4.90 -65.92 -54.24
N ARG J 249 -4.36 -65.24 -53.24
CA ARG J 249 -2.97 -65.41 -52.86
C ARG J 249 -2.73 -66.55 -51.89
N PHE J 250 -3.77 -67.22 -51.39
CA PHE J 250 -3.58 -68.24 -50.39
C PHE J 250 -4.61 -69.34 -50.55
N ASP J 251 -4.29 -70.52 -50.02
CA ASP J 251 -5.23 -71.62 -50.00
C ASP J 251 -6.36 -71.29 -49.03
N GLY J 252 -7.57 -71.70 -49.37
CA GLY J 252 -8.72 -71.39 -48.56
C GLY J 252 -9.74 -72.50 -48.61
N ALA J 253 -10.55 -72.59 -47.55
CA ALA J 253 -11.58 -73.62 -47.50
C ALA J 253 -12.72 -73.34 -48.47
N LEU J 254 -12.96 -72.06 -48.78
CA LEU J 254 -13.96 -71.68 -49.77
C LEU J 254 -13.40 -70.45 -50.47
N ASN J 255 -12.89 -70.64 -51.68
CA ASN J 255 -12.24 -69.56 -52.41
C ASN J 255 -13.27 -68.71 -53.15
N VAL J 256 -12.87 -67.47 -53.46
CA VAL J 256 -13.68 -66.52 -54.22
C VAL J 256 -12.73 -65.68 -55.08
N ASP J 257 -13.13 -65.42 -56.32
CA ASP J 257 -12.32 -64.64 -57.24
C ASP J 257 -12.91 -63.24 -57.42
N LEU J 258 -12.18 -62.41 -58.17
CA LEU J 258 -12.63 -61.04 -58.41
C LEU J 258 -13.94 -61.01 -59.19
N THR J 259 -14.11 -61.97 -60.12
CA THR J 259 -15.37 -62.07 -60.85
C THR J 259 -16.54 -62.29 -59.90
N ALA J 260 -16.33 -63.07 -58.84
CA ALA J 260 -17.37 -63.25 -57.83
C ALA J 260 -17.70 -61.93 -57.15
N PHE J 261 -16.68 -61.12 -56.86
CA PHE J 261 -16.91 -59.80 -56.29
C PHE J 261 -17.76 -58.94 -57.22
N GLN J 262 -17.41 -58.92 -58.51
CA GLN J 262 -18.15 -58.11 -59.48
C GLN J 262 -19.56 -58.62 -59.70
N THR J 263 -19.79 -59.93 -59.55
CA THR J 263 -21.09 -60.51 -59.86
C THR J 263 -22.04 -60.43 -58.67
N ASN J 264 -21.58 -60.80 -57.48
CA ASN J 264 -22.46 -60.93 -56.33
C ASN J 264 -22.80 -59.60 -55.67
N LEU J 265 -22.05 -58.54 -55.97
CA LEU J 265 -22.25 -57.26 -55.33
C LEU J 265 -22.92 -56.22 -56.22
N VAL J 266 -23.11 -56.53 -57.50
CA VAL J 266 -23.67 -55.56 -58.44
C VAL J 266 -24.97 -56.10 -59.00
N PRO J 267 -26.12 -55.75 -58.42
CA PRO J 267 -27.39 -56.22 -58.98
C PRO J 267 -27.77 -55.51 -60.27
N TYR J 268 -27.51 -54.21 -60.36
CA TYR J 268 -27.81 -53.41 -61.53
C TYR J 268 -26.54 -52.75 -62.05
N PRO J 269 -26.40 -52.58 -63.36
CA PRO J 269 -25.11 -52.11 -63.91
C PRO J 269 -24.67 -50.75 -63.42
N ARG J 270 -25.61 -49.82 -63.16
CA ARG J 270 -25.20 -48.49 -62.73
C ARG J 270 -24.93 -48.41 -61.24
N ILE J 271 -25.56 -49.28 -60.44
CA ILE J 271 -25.40 -49.27 -58.98
C ILE J 271 -24.33 -50.31 -58.67
N HIS J 272 -23.09 -49.84 -58.54
CA HIS J 272 -21.94 -50.70 -58.27
C HIS J 272 -21.02 -50.03 -57.24
N PHE J 273 -21.62 -49.49 -56.17
CA PHE J 273 -20.90 -48.68 -55.20
C PHE J 273 -21.08 -49.25 -53.79
N PRO J 274 -20.44 -50.37 -53.47
CA PRO J 274 -20.44 -50.85 -52.09
C PRO J 274 -19.39 -50.13 -51.25
N LEU J 275 -19.50 -50.34 -49.93
CA LEU J 275 -18.61 -49.77 -48.94
C LEU J 275 -17.94 -50.88 -48.15
N ALA J 276 -16.76 -50.56 -47.59
CA ALA J 276 -15.91 -51.53 -46.92
C ALA J 276 -15.96 -51.36 -45.39
N THR J 277 -15.61 -52.44 -44.70
CA THR J 277 -15.61 -52.51 -43.25
C THR J 277 -14.64 -53.60 -42.83
N TYR J 278 -13.93 -53.38 -41.71
CA TYR J 278 -12.96 -54.35 -41.24
C TYR J 278 -13.17 -54.63 -39.76
N ALA J 279 -12.82 -55.85 -39.34
CA ALA J 279 -12.82 -56.19 -37.92
C ALA J 279 -11.91 -57.37 -37.70
N PRO J 280 -11.33 -57.53 -36.50
CA PRO J 280 -11.36 -56.52 -35.44
C PRO J 280 -10.28 -55.48 -35.59
N VAL J 281 -10.46 -54.32 -34.95
CA VAL J 281 -9.44 -53.29 -34.87
C VAL J 281 -9.28 -52.93 -33.39
N ILE J 282 -8.28 -53.54 -32.74
CA ILE J 282 -8.03 -53.38 -31.31
C ILE J 282 -6.53 -53.30 -31.09
N SER J 283 -6.15 -52.55 -30.06
CA SER J 283 -4.75 -52.36 -29.71
C SER J 283 -4.19 -53.57 -28.98
N ALA J 284 -2.86 -53.64 -28.91
CA ALA J 284 -2.19 -54.74 -28.22
C ALA J 284 -2.55 -54.77 -26.75
N GLU J 285 -2.63 -53.61 -26.11
CA GLU J 285 -3.08 -53.55 -24.73
C GLU J 285 -4.50 -54.08 -24.58
N LYS J 286 -5.31 -53.90 -25.62
CA LYS J 286 -6.71 -54.33 -25.62
C LYS J 286 -6.89 -55.65 -26.35
N ALA J 287 -5.80 -56.23 -26.86
CA ALA J 287 -5.89 -57.50 -27.57
C ALA J 287 -6.44 -58.61 -26.67
N TYR J 288 -6.10 -58.57 -25.38
CA TYR J 288 -6.63 -59.52 -24.42
C TYR J 288 -8.04 -59.08 -24.02
N HIS J 289 -8.56 -59.70 -22.96
CA HIS J 289 -9.82 -59.34 -22.30
C HIS J 289 -11.06 -59.71 -23.11
N GLU J 290 -10.90 -60.19 -24.33
CA GLU J 290 -12.04 -60.62 -25.15
C GLU J 290 -11.53 -61.54 -26.25
N GLN J 291 -12.30 -62.61 -26.50
CA GLN J 291 -11.81 -63.75 -27.27
C GLN J 291 -11.91 -63.59 -28.78
N LEU J 292 -12.64 -62.58 -29.27
CA LEU J 292 -12.84 -62.38 -30.71
C LEU J 292 -13.50 -63.59 -31.36
N SER J 293 -14.69 -63.93 -30.87
CA SER J 293 -15.51 -64.92 -31.55
C SER J 293 -16.00 -64.34 -32.87
N VAL J 294 -16.29 -65.25 -33.82
CA VAL J 294 -16.75 -64.81 -35.14
C VAL J 294 -18.05 -64.04 -35.03
N ALA J 295 -18.93 -64.45 -34.10
CA ALA J 295 -20.16 -63.71 -33.88
C ALA J 295 -19.86 -62.29 -33.39
N GLU J 296 -18.88 -62.16 -32.49
CA GLU J 296 -18.53 -60.84 -31.94
C GLU J 296 -18.03 -59.91 -33.04
N ILE J 297 -17.07 -60.39 -33.85
CA ILE J 297 -16.52 -59.52 -34.89
C ILE J 297 -17.57 -59.25 -35.96
N THR J 298 -18.44 -60.21 -36.25
CA THR J 298 -19.54 -59.96 -37.20
C THR J 298 -20.48 -58.89 -36.68
N ASN J 299 -20.82 -58.94 -35.38
CA ASN J 299 -21.66 -57.91 -34.78
C ASN J 299 -20.99 -56.55 -34.86
N ALA J 300 -19.67 -56.52 -34.62
CA ALA J 300 -18.94 -55.26 -34.75
C ALA J 300 -18.98 -54.75 -36.19
N CYS J 301 -18.89 -55.66 -37.17
CA CYS J 301 -18.95 -55.26 -38.56
C CYS J 301 -20.30 -54.64 -38.91
N PHE J 302 -21.39 -55.31 -38.54
CA PHE J 302 -22.71 -54.73 -38.79
C PHE J 302 -23.04 -53.55 -37.89
N GLU J 303 -22.26 -53.29 -36.86
CA GLU J 303 -22.51 -52.12 -36.02
C GLU J 303 -22.30 -50.84 -36.85
N PRO J 304 -23.23 -49.88 -36.80
CA PRO J 304 -23.16 -48.73 -37.72
C PRO J 304 -21.98 -47.81 -37.49
N ALA J 305 -21.22 -47.98 -36.41
CA ALA J 305 -20.08 -47.11 -36.15
C ALA J 305 -18.86 -47.53 -36.95
N ASN J 306 -18.68 -48.82 -37.20
CA ASN J 306 -17.38 -49.35 -37.64
C ASN J 306 -17.18 -49.24 -39.16
N GLN J 307 -18.21 -48.86 -39.92
CA GLN J 307 -18.02 -48.71 -41.36
C GLN J 307 -17.15 -47.49 -41.68
N MET J 308 -16.58 -47.50 -42.88
CA MET J 308 -15.60 -46.51 -43.30
C MET J 308 -16.21 -45.41 -44.18
N VAL J 309 -17.52 -45.22 -44.12
CA VAL J 309 -18.20 -44.13 -44.81
C VAL J 309 -19.15 -43.45 -43.83
N LYS J 310 -19.20 -42.12 -43.89
CA LYS J 310 -20.09 -41.36 -43.01
C LYS J 310 -21.53 -41.47 -43.50
N CYS J 311 -22.10 -42.68 -43.36
CA CYS J 311 -23.48 -42.93 -43.76
C CYS J 311 -24.05 -44.01 -42.85
N ASP J 312 -25.30 -43.81 -42.42
CA ASP J 312 -25.95 -44.78 -41.54
C ASP J 312 -26.79 -45.78 -42.32
N PRO J 313 -26.40 -47.05 -42.39
CA PRO J 313 -27.19 -48.02 -43.17
C PRO J 313 -28.56 -48.29 -42.60
N ARG J 314 -28.79 -47.98 -41.32
CA ARG J 314 -30.10 -48.22 -40.72
C ARG J 314 -31.19 -47.34 -41.31
N HIS J 315 -30.82 -46.27 -42.02
CA HIS J 315 -31.77 -45.41 -42.72
C HIS J 315 -31.92 -45.80 -44.18
N GLY J 316 -31.28 -46.90 -44.60
CA GLY J 316 -31.36 -47.33 -45.98
C GLY J 316 -31.70 -48.79 -46.09
N LYS J 317 -31.17 -49.45 -47.12
CA LYS J 317 -31.52 -50.83 -47.39
C LYS J 317 -30.27 -51.58 -47.83
N TYR J 318 -30.20 -52.86 -47.48
CA TYR J 318 -29.07 -53.72 -47.84
C TYR J 318 -29.44 -54.53 -49.07
N MET J 319 -28.84 -54.21 -50.22
CA MET J 319 -29.03 -55.05 -51.39
C MET J 319 -28.14 -56.30 -51.33
N ALA J 320 -26.89 -56.15 -50.89
CA ALA J 320 -25.99 -57.30 -50.91
C ALA J 320 -24.87 -57.11 -49.90
N CYS J 321 -24.29 -58.24 -49.49
CA CYS J 321 -23.17 -58.25 -48.56
C CYS J 321 -22.22 -59.38 -48.91
N CYS J 322 -20.93 -59.13 -48.72
CA CYS J 322 -19.89 -60.13 -48.92
C CYS J 322 -18.96 -60.12 -47.71
N LEU J 323 -18.89 -61.24 -47.00
CA LEU J 323 -18.05 -61.39 -45.83
C LEU J 323 -16.87 -62.29 -46.17
N LEU J 324 -15.67 -61.81 -45.89
CA LEU J 324 -14.46 -62.59 -46.09
C LEU J 324 -13.80 -62.80 -44.73
N TYR J 325 -13.67 -64.06 -44.32
CA TYR J 325 -13.04 -64.43 -43.07
C TYR J 325 -11.68 -65.05 -43.36
N ARG J 326 -10.71 -64.76 -42.48
CA ARG J 326 -9.40 -65.35 -42.60
C ARG J 326 -8.88 -65.71 -41.21
N GLY J 327 -8.09 -66.78 -41.17
CA GLY J 327 -7.62 -67.32 -39.92
C GLY J 327 -8.30 -68.63 -39.56
N ASP J 328 -8.21 -68.97 -38.27
CA ASP J 328 -8.79 -70.21 -37.75
C ASP J 328 -10.30 -69.99 -37.61
N VAL J 329 -11.01 -70.11 -38.72
CA VAL J 329 -12.44 -69.84 -38.79
C VAL J 329 -13.15 -71.13 -39.19
N VAL J 330 -14.13 -71.54 -38.38
CA VAL J 330 -14.90 -72.76 -38.62
C VAL J 330 -16.23 -72.37 -39.27
N PRO J 331 -16.64 -73.02 -40.36
CA PRO J 331 -17.83 -72.56 -41.09
C PRO J 331 -19.12 -72.59 -40.28
N LYS J 332 -19.29 -73.54 -39.36
CA LYS J 332 -20.55 -73.67 -38.65
C LYS J 332 -20.84 -72.44 -37.79
N ASP J 333 -19.82 -71.92 -37.09
CA ASP J 333 -20.01 -70.70 -36.33
C ASP J 333 -20.28 -69.51 -37.25
N VAL J 334 -19.68 -69.52 -38.44
CA VAL J 334 -19.98 -68.48 -39.43
C VAL J 334 -21.46 -68.49 -39.78
N ASN J 335 -22.00 -69.68 -40.06
CA ASN J 335 -23.41 -69.80 -40.40
C ASN J 335 -24.28 -69.34 -39.24
N ALA J 336 -23.93 -69.74 -38.02
CA ALA J 336 -24.72 -69.34 -36.85
C ALA J 336 -24.71 -67.83 -36.69
N ALA J 337 -23.54 -67.21 -36.81
CA ALA J 337 -23.44 -65.76 -36.66
C ALA J 337 -24.22 -65.02 -37.74
N ILE J 338 -24.13 -65.51 -38.98
CA ILE J 338 -24.86 -64.86 -40.07
C ILE J 338 -26.37 -64.99 -39.87
N ALA J 339 -26.81 -66.15 -39.37
CA ALA J 339 -28.23 -66.33 -39.05
C ALA J 339 -28.67 -65.36 -37.96
N THR J 340 -27.83 -65.20 -36.92
CA THR J 340 -28.17 -64.27 -35.85
C THR J 340 -28.27 -62.84 -36.38
N ILE J 341 -27.38 -62.46 -37.29
CA ILE J 341 -27.48 -61.16 -37.94
C ILE J 341 -28.78 -61.06 -38.73
N LYS J 342 -29.13 -62.13 -39.44
CA LYS J 342 -30.38 -62.17 -40.18
C LYS J 342 -31.57 -61.92 -39.27
N THR J 343 -31.50 -62.38 -38.02
CA THR J 343 -32.60 -62.21 -37.07
C THR J 343 -32.72 -60.78 -36.56
N LYS J 344 -31.64 -60.01 -36.56
CA LYS J 344 -31.61 -58.72 -35.86
C LYS J 344 -32.57 -57.73 -36.51
N ARG J 345 -32.73 -56.58 -35.84
CA ARG J 345 -33.72 -55.57 -36.19
C ARG J 345 -33.17 -54.48 -37.11
N SER J 346 -31.88 -54.18 -37.03
CA SER J 346 -31.30 -53.07 -37.76
C SER J 346 -30.80 -53.48 -39.15
N ILE J 347 -31.07 -54.70 -39.58
CA ILE J 347 -30.63 -55.21 -40.88
C ILE J 347 -31.88 -55.77 -41.56
N GLN J 348 -32.53 -54.93 -42.37
CA GLN J 348 -33.70 -55.34 -43.15
C GLN J 348 -33.34 -55.34 -44.63
N PHE J 349 -33.73 -56.39 -45.33
CA PHE J 349 -33.28 -56.60 -46.70
C PHE J 349 -34.32 -56.14 -47.70
N VAL J 350 -33.86 -55.93 -48.94
CA VAL J 350 -34.74 -55.41 -49.98
C VAL J 350 -35.70 -56.49 -50.44
N ASP J 351 -36.83 -56.05 -51.01
CA ASP J 351 -37.89 -56.96 -51.39
C ASP J 351 -37.43 -57.98 -52.44
N TRP J 352 -36.70 -57.52 -53.45
CA TRP J 352 -36.38 -58.39 -54.58
C TRP J 352 -35.17 -59.28 -54.34
N CYS J 353 -34.41 -59.06 -53.27
CA CYS J 353 -33.26 -59.91 -52.95
C CYS J 353 -33.49 -60.65 -51.64
N PRO J 354 -33.84 -61.94 -51.67
CA PRO J 354 -34.05 -62.66 -50.41
C PRO J 354 -32.77 -63.20 -49.79
N THR J 355 -31.67 -63.27 -50.53
CA THR J 355 -30.41 -63.82 -50.02
C THR J 355 -29.29 -62.88 -50.46
N GLY J 356 -28.76 -62.10 -49.51
CA GLY J 356 -27.74 -61.12 -49.83
C GLY J 356 -26.39 -61.33 -49.20
N PHE J 357 -26.09 -62.55 -48.75
CA PHE J 357 -24.81 -62.87 -48.14
C PHE J 357 -23.99 -63.78 -49.04
N LYS J 358 -22.76 -63.38 -49.31
CA LYS J 358 -21.75 -64.25 -49.88
C LYS J 358 -20.63 -64.42 -48.86
N VAL J 359 -20.04 -65.61 -48.82
CA VAL J 359 -19.09 -65.99 -47.78
C VAL J 359 -17.80 -66.45 -48.43
N GLY J 360 -16.68 -65.99 -47.88
CA GLY J 360 -15.38 -66.51 -48.28
C GLY J 360 -14.56 -66.84 -47.05
N ILE J 361 -13.77 -67.91 -47.16
CA ILE J 361 -12.99 -68.42 -46.04
C ILE J 361 -11.56 -68.66 -46.49
N ASN J 362 -10.60 -68.19 -45.70
CA ASN J 362 -9.19 -68.44 -45.93
C ASN J 362 -8.51 -68.81 -44.63
N TYR J 363 -7.60 -69.78 -44.68
CA TYR J 363 -6.90 -70.20 -43.47
C TYR J 363 -5.82 -69.20 -43.04
N GLN J 364 -5.29 -68.41 -43.96
CA GLN J 364 -4.16 -67.55 -43.64
C GLN J 364 -4.62 -66.41 -42.73
N PRO J 365 -4.13 -66.32 -41.51
CA PRO J 365 -4.53 -65.23 -40.63
C PRO J 365 -3.91 -63.92 -41.07
N PRO J 366 -4.46 -62.78 -40.63
CA PRO J 366 -3.88 -61.50 -41.03
C PRO J 366 -2.47 -61.32 -40.48
N THR J 367 -1.66 -60.58 -41.22
CA THR J 367 -0.25 -60.37 -40.87
C THR J 367 -0.09 -59.01 -40.22
N VAL J 368 0.65 -58.98 -39.12
CA VAL J 368 0.86 -57.77 -38.33
C VAL J 368 2.14 -57.09 -38.81
N VAL J 369 2.05 -55.78 -39.05
CA VAL J 369 3.21 -54.97 -39.42
C VAL J 369 3.97 -54.55 -38.18
N PRO J 370 5.28 -54.81 -38.12
CA PRO J 370 6.09 -54.29 -37.01
C PRO J 370 6.04 -52.77 -36.98
N GLY J 371 5.95 -52.21 -35.78
CA GLY J 371 5.78 -50.78 -35.65
C GLY J 371 4.39 -50.26 -35.93
N GLY J 372 3.43 -51.15 -36.19
CA GLY J 372 2.08 -50.75 -36.52
C GLY J 372 1.26 -50.43 -35.29
N ASP J 373 -0.06 -50.41 -35.49
CA ASP J 373 -1.00 -50.04 -34.44
C ASP J 373 -1.94 -51.17 -34.04
N LEU J 374 -2.34 -52.03 -34.96
CA LEU J 374 -3.22 -53.13 -34.64
C LEU J 374 -2.46 -54.20 -33.85
N ALA J 375 -3.17 -55.24 -33.46
CA ALA J 375 -2.60 -56.35 -32.70
C ALA J 375 -2.76 -57.64 -33.48
N LYS J 376 -1.81 -58.55 -33.30
CA LYS J 376 -1.84 -59.83 -33.98
C LYS J 376 -3.03 -60.66 -33.46
N VAL J 377 -3.97 -60.96 -34.34
CA VAL J 377 -5.17 -61.70 -33.96
C VAL J 377 -5.18 -63.04 -34.69
N GLN J 378 -6.14 -63.89 -34.35
CA GLN J 378 -6.26 -65.20 -34.98
C GLN J 378 -7.38 -65.27 -36.00
N ARG J 379 -8.34 -64.36 -35.95
CA ARG J 379 -9.41 -64.30 -36.94
C ARG J 379 -9.59 -62.86 -37.40
N ALA J 380 -9.98 -62.71 -38.66
CA ALA J 380 -10.26 -61.40 -39.21
C ALA J 380 -11.39 -61.50 -40.22
N VAL J 381 -12.12 -60.40 -40.40
CA VAL J 381 -13.29 -60.37 -41.25
C VAL J 381 -13.37 -59.02 -41.96
N CYS J 382 -13.63 -59.08 -43.25
CA CYS J 382 -13.83 -57.89 -44.08
C CYS J 382 -15.24 -57.95 -44.67
N MET J 383 -15.97 -56.84 -44.55
CA MET J 383 -17.32 -56.70 -45.07
C MET J 383 -17.29 -55.76 -46.27
N LEU J 384 -17.78 -56.25 -47.40
CA LEU J 384 -18.01 -55.44 -48.59
C LEU J 384 -19.51 -55.43 -48.83
N SER J 385 -20.17 -54.33 -48.48
CA SER J 385 -21.63 -54.28 -48.47
C SER J 385 -22.13 -53.26 -49.47
N ASN J 386 -23.03 -53.68 -50.35
CA ASN J 386 -23.72 -52.78 -51.27
C ASN J 386 -25.09 -52.49 -50.66
N THR J 387 -25.24 -51.27 -50.14
CA THR J 387 -26.45 -50.83 -49.45
C THR J 387 -27.03 -49.61 -50.15
N THR J 388 -28.11 -49.08 -49.59
CA THR J 388 -28.86 -47.98 -50.19
C THR J 388 -28.59 -46.63 -49.54
N ALA J 389 -28.22 -46.61 -48.26
CA ALA J 389 -27.97 -45.35 -47.57
C ALA J 389 -26.88 -44.53 -48.24
N ILE J 390 -25.95 -45.18 -48.96
CA ILE J 390 -24.87 -44.47 -49.65
C ILE J 390 -25.44 -43.44 -50.62
N ALA J 391 -26.63 -43.70 -51.17
CA ALA J 391 -27.26 -42.75 -52.08
C ALA J 391 -27.39 -41.37 -51.44
N GLU J 392 -27.70 -41.33 -50.14
CA GLU J 392 -27.81 -40.06 -49.43
C GLU J 392 -26.57 -39.22 -49.64
N ALA J 393 -25.39 -39.84 -49.56
CA ALA J 393 -24.14 -39.11 -49.73
C ALA J 393 -24.13 -38.34 -51.04
N TRP J 394 -24.52 -39.00 -52.14
CA TRP J 394 -24.54 -38.32 -53.43
C TRP J 394 -25.35 -37.04 -53.36
N ALA J 395 -26.53 -37.10 -52.74
CA ALA J 395 -27.38 -35.92 -52.63
C ALA J 395 -26.58 -34.75 -52.07
N ARG J 396 -25.85 -34.99 -50.98
CA ARG J 396 -25.05 -33.94 -50.37
C ARG J 396 -24.14 -33.29 -51.40
N LEU J 397 -23.35 -34.11 -52.10
CA LEU J 397 -22.45 -33.57 -53.12
C LEU J 397 -23.23 -32.74 -54.12
N ASP J 398 -24.33 -33.30 -54.63
CA ASP J 398 -25.15 -32.57 -55.59
C ASP J 398 -25.50 -31.20 -55.04
N HIS J 399 -26.01 -31.16 -53.80
CA HIS J 399 -26.36 -29.89 -53.20
C HIS J 399 -25.17 -28.94 -53.22
N LYS J 400 -24.03 -29.40 -52.71
CA LYS J 400 -22.83 -28.57 -52.71
C LYS J 400 -22.54 -28.09 -54.12
N PHE J 401 -22.55 -29.02 -55.08
CA PHE J 401 -22.28 -28.66 -56.46
C PHE J 401 -23.19 -27.53 -56.90
N ASP J 402 -24.49 -27.69 -56.66
CA ASP J 402 -25.44 -26.69 -57.11
C ASP J 402 -25.13 -25.33 -56.49
N LEU J 403 -24.80 -25.31 -55.19
CA LEU J 403 -24.43 -24.05 -54.57
C LEU J 403 -23.24 -23.43 -55.29
N MET J 404 -22.15 -24.21 -55.46
CA MET J 404 -21.02 -23.65 -56.18
C MET J 404 -21.33 -23.45 -57.65
N TYR J 405 -22.40 -24.05 -58.15
CA TYR J 405 -22.84 -23.82 -59.52
C TYR J 405 -23.84 -22.69 -59.61
N ALA J 406 -24.31 -22.16 -58.48
CA ALA J 406 -25.28 -21.07 -58.53
C ALA J 406 -24.65 -19.78 -59.06
N LYS J 407 -23.39 -19.51 -58.71
CA LYS J 407 -22.72 -18.27 -59.08
C LYS J 407 -21.57 -18.49 -60.05
N ARG J 408 -21.46 -19.69 -60.64
CA ARG J 408 -20.38 -20.00 -61.59
C ARG J 408 -19.00 -19.83 -60.96
N ALA J 409 -18.83 -20.34 -59.76
CA ALA J 409 -17.55 -20.24 -59.06
C ALA J 409 -16.53 -21.22 -59.63
N PHE J 410 -15.28 -20.78 -59.72
CA PHE J 410 -14.13 -21.58 -60.13
C PHE J 410 -14.28 -22.16 -61.54
N VAL J 411 -15.27 -21.71 -62.30
CA VAL J 411 -15.53 -22.31 -63.61
C VAL J 411 -14.41 -21.98 -64.59
N HIS J 412 -13.84 -20.77 -64.49
CA HIS J 412 -12.87 -20.32 -65.49
C HIS J 412 -11.65 -21.21 -65.55
N TRP J 413 -11.24 -21.78 -64.40
CA TRP J 413 -10.07 -22.66 -64.39
C TRP J 413 -10.29 -23.86 -65.30
N TYR J 414 -11.48 -24.45 -65.25
CA TYR J 414 -11.80 -25.55 -66.14
C TYR J 414 -12.00 -25.07 -67.57
N VAL J 415 -12.67 -23.92 -67.74
CA VAL J 415 -12.99 -23.43 -69.08
C VAL J 415 -11.72 -23.17 -69.88
N GLY J 416 -10.72 -22.57 -69.25
CA GLY J 416 -9.49 -22.21 -69.93
C GLY J 416 -8.49 -23.32 -70.13
N GLU J 417 -8.88 -24.57 -69.87
CA GLU J 417 -7.97 -25.70 -70.03
C GLU J 417 -8.51 -26.78 -70.97
N GLY J 418 -9.51 -26.46 -71.78
CA GLY J 418 -10.03 -27.42 -72.74
C GLY J 418 -11.27 -28.12 -72.23
N MET J 419 -12.07 -27.43 -71.42
CA MET J 419 -13.26 -27.99 -70.81
C MET J 419 -14.46 -27.12 -71.15
N GLU J 420 -15.62 -27.75 -71.32
CA GLU J 420 -16.85 -27.08 -71.74
C GLU J 420 -17.85 -26.99 -70.61
N GLU J 421 -18.79 -26.06 -70.73
CA GLU J 421 -19.82 -25.90 -69.70
C GLU J 421 -20.87 -27.02 -69.79
N GLY J 422 -21.21 -27.43 -71.00
CA GLY J 422 -22.25 -28.44 -71.18
C GLY J 422 -21.91 -29.75 -70.52
N GLU J 423 -20.62 -30.05 -70.36
CA GLU J 423 -20.23 -31.27 -69.67
C GLU J 423 -20.45 -31.16 -68.17
N PHE J 424 -20.28 -29.96 -67.59
CA PHE J 424 -20.77 -29.75 -66.23
C PHE J 424 -22.27 -30.03 -66.16
N SER J 425 -23.02 -29.51 -67.13
CA SER J 425 -24.47 -29.71 -67.12
C SER J 425 -24.82 -31.20 -67.19
N GLU J 426 -24.18 -31.93 -68.10
CA GLU J 426 -24.50 -33.34 -68.27
C GLU J 426 -24.04 -34.17 -67.07
N ALA J 427 -22.92 -33.78 -66.45
CA ALA J 427 -22.48 -34.48 -65.25
C ALA J 427 -23.49 -34.31 -64.12
N ARG J 428 -24.01 -33.09 -63.95
CA ARG J 428 -25.04 -32.89 -62.94
C ARG J 428 -26.29 -33.70 -63.26
N GLU J 429 -26.70 -33.72 -64.54
CA GLU J 429 -27.87 -34.49 -64.94
C GLU J 429 -27.66 -35.98 -64.69
N ASP J 430 -26.47 -36.49 -65.00
CA ASP J 430 -26.19 -37.91 -64.80
C ASP J 430 -26.17 -38.26 -63.32
N MET J 431 -25.65 -37.36 -62.48
CA MET J 431 -25.71 -37.60 -61.04
C MET J 431 -27.14 -37.64 -60.54
N ALA J 432 -27.99 -36.74 -61.06
CA ALA J 432 -29.41 -36.79 -60.71
C ALA J 432 -30.05 -38.10 -61.16
N ALA J 433 -29.67 -38.57 -62.35
CA ALA J 433 -30.20 -39.84 -62.84
C ALA J 433 -29.75 -41.00 -61.96
N LEU J 434 -28.49 -40.99 -61.53
CA LEU J 434 -28.01 -42.03 -60.62
C LEU J 434 -28.78 -41.98 -59.31
N GLU J 435 -29.04 -40.79 -58.78
CA GLU J 435 -29.80 -40.67 -57.55
C GLU J 435 -31.21 -41.20 -57.71
N LYS J 436 -31.88 -40.87 -58.81
CA LYS J 436 -33.25 -41.37 -58.99
C LYS J 436 -33.25 -42.87 -59.19
N ASP J 437 -32.22 -43.42 -59.84
CA ASP J 437 -32.11 -44.87 -59.96
C ASP J 437 -31.94 -45.52 -58.60
N TYR J 438 -31.10 -44.94 -57.74
CA TYR J 438 -30.95 -45.44 -56.38
C TYR J 438 -32.28 -45.42 -55.64
N GLU J 439 -33.02 -44.30 -55.75
CA GLU J 439 -34.30 -44.20 -55.08
C GLU J 439 -35.29 -45.24 -55.59
N GLU J 440 -35.33 -45.45 -56.91
CA GLU J 440 -36.24 -46.44 -57.49
C GLU J 440 -35.89 -47.85 -57.02
N VAL J 441 -34.59 -48.16 -56.98
CA VAL J 441 -34.18 -49.46 -56.45
C VAL J 441 -34.54 -49.59 -54.98
N GLY J 442 -34.54 -48.48 -54.24
CA GLY J 442 -34.86 -48.53 -52.82
C GLY J 442 -36.28 -49.02 -52.54
N VAL J 443 -37.24 -48.60 -53.36
CA VAL J 443 -38.64 -48.94 -53.07
C VAL J 443 -38.89 -50.43 -53.35
N ASP J 444 -40.00 -50.91 -52.82
CA ASP J 444 -40.39 -52.31 -52.96
C ASP J 444 -41.28 -52.51 -54.19
N SER J 445 -41.39 -53.77 -54.60
CA SER J 445 -42.21 -54.13 -55.75
C SER J 445 -43.63 -54.46 -55.32
N VAL J 446 -44.55 -54.38 -56.27
CA VAL J 446 -45.96 -54.65 -56.03
C VAL J 446 -46.20 -56.14 -56.21
N GLU J 447 -47.11 -56.68 -55.40
CA GLU J 447 -47.50 -58.09 -55.46
C GLU J 447 -46.31 -59.01 -55.20
N MET K 1 -22.10 -71.59 -18.15
CA MET K 1 -23.34 -71.77 -18.89
C MET K 1 -24.46 -70.97 -18.21
N ARG K 2 -24.18 -70.52 -16.99
CA ARG K 2 -25.11 -69.71 -16.20
C ARG K 2 -24.43 -68.38 -15.92
N GLU K 3 -24.84 -67.32 -16.61
CA GLU K 3 -24.19 -66.02 -16.51
C GLU K 3 -25.10 -65.02 -15.80
N CYS K 4 -24.46 -64.08 -15.09
CA CYS K 4 -25.19 -63.06 -14.34
C CYS K 4 -24.28 -61.85 -14.20
N ILE K 5 -24.68 -60.71 -14.75
CA ILE K 5 -23.78 -59.57 -14.82
C ILE K 5 -24.12 -58.59 -13.71
N SER K 6 -23.13 -57.77 -13.35
CA SER K 6 -23.27 -56.80 -12.28
C SER K 6 -23.10 -55.39 -12.82
N ILE K 7 -23.86 -54.46 -12.27
CA ILE K 7 -23.88 -53.06 -12.69
C ILE K 7 -23.67 -52.22 -11.45
N HIS K 8 -22.55 -51.51 -11.39
CA HIS K 8 -22.21 -50.69 -10.23
C HIS K 8 -22.37 -49.22 -10.62
N VAL K 9 -23.34 -48.55 -10.01
CA VAL K 9 -23.63 -47.15 -10.29
C VAL K 9 -23.29 -46.32 -9.07
N GLY K 10 -22.62 -45.19 -9.30
CA GLY K 10 -22.25 -44.29 -8.22
C GLY K 10 -20.94 -44.70 -7.56
N GLN K 11 -20.40 -43.77 -6.77
CA GLN K 11 -19.14 -44.03 -6.07
C GLN K 11 -19.27 -45.19 -5.09
N ALA K 12 -20.38 -45.24 -4.35
CA ALA K 12 -20.64 -46.38 -3.48
C ALA K 12 -20.69 -47.67 -4.30
N GLY K 13 -21.33 -47.63 -5.47
CA GLY K 13 -21.36 -48.80 -6.32
C GLY K 13 -19.98 -49.25 -6.73
N VAL K 14 -19.12 -48.31 -7.09
CA VAL K 14 -17.78 -48.68 -7.55
C VAL K 14 -16.95 -49.25 -6.40
N GLN K 15 -17.07 -48.68 -5.20
CA GLN K 15 -16.32 -49.23 -4.06
C GLN K 15 -16.83 -50.61 -3.67
N ILE K 16 -18.14 -50.80 -3.66
CA ILE K 16 -18.70 -52.14 -3.46
C ILE K 16 -18.18 -53.09 -4.55
N GLY K 17 -18.02 -52.59 -5.77
CA GLY K 17 -17.47 -53.42 -6.82
C GLY K 17 -16.03 -53.82 -6.56
N ASN K 18 -15.21 -52.87 -6.10
CA ASN K 18 -13.85 -53.20 -5.72
C ASN K 18 -13.83 -54.34 -4.70
N ALA K 19 -14.63 -54.19 -3.64
CA ALA K 19 -14.66 -55.22 -2.60
C ALA K 19 -15.18 -56.56 -3.15
N CYS K 20 -16.30 -56.52 -3.88
CA CYS K 20 -16.90 -57.75 -4.37
C CYS K 20 -15.99 -58.49 -5.33
N TRP K 21 -15.33 -57.77 -6.24
CA TRP K 21 -14.48 -58.43 -7.22
C TRP K 21 -13.16 -58.88 -6.62
N GLU K 22 -12.65 -58.17 -5.60
CA GLU K 22 -11.54 -58.73 -4.83
C GLU K 22 -11.94 -60.06 -4.20
N LEU K 23 -13.13 -60.09 -3.61
CA LEU K 23 -13.63 -61.32 -3.00
C LEU K 23 -13.77 -62.43 -4.03
N TYR K 24 -14.32 -62.11 -5.21
CA TYR K 24 -14.50 -63.11 -6.26
C TYR K 24 -13.16 -63.65 -6.75
N CYS K 25 -12.21 -62.75 -7.02
CA CYS K 25 -10.88 -63.17 -7.45
C CYS K 25 -10.25 -64.10 -6.43
N LEU K 26 -10.47 -63.83 -5.15
CA LEU K 26 -9.97 -64.74 -4.12
C LEU K 26 -10.72 -66.07 -4.12
N GLU K 27 -12.03 -66.04 -4.33
CA GLU K 27 -12.83 -67.26 -4.25
C GLU K 27 -12.43 -68.28 -5.32
N HIS K 28 -12.22 -67.82 -6.55
CA HIS K 28 -11.96 -68.72 -7.67
C HIS K 28 -10.47 -68.87 -7.96
N GLY K 29 -9.61 -68.39 -7.07
CA GLY K 29 -8.18 -68.53 -7.25
C GLY K 29 -7.65 -67.82 -8.48
N ILE K 30 -8.06 -66.58 -8.68
CA ILE K 30 -7.70 -65.80 -9.86
C ILE K 30 -6.70 -64.73 -9.45
N GLN K 31 -5.55 -64.73 -10.10
CA GLN K 31 -4.56 -63.69 -9.86
C GLN K 31 -5.08 -62.35 -10.38
N PRO K 32 -4.58 -61.24 -9.83
CA PRO K 32 -5.05 -59.93 -10.30
C PRO K 32 -4.83 -59.68 -11.78
N ASP K 33 -3.81 -60.31 -12.38
CA ASP K 33 -3.60 -60.20 -13.81
C ASP K 33 -4.47 -61.16 -14.62
N GLY K 34 -5.50 -61.75 -14.00
CA GLY K 34 -6.45 -62.58 -14.70
C GLY K 34 -6.04 -64.02 -14.94
N GLN K 35 -4.90 -64.45 -14.41
CA GLN K 35 -4.42 -65.81 -14.61
C GLN K 35 -4.80 -66.69 -13.43
N MET K 36 -4.79 -68.01 -13.69
CA MET K 36 -5.09 -69.02 -12.67
C MET K 36 -3.94 -70.01 -12.62
N PRO K 37 -3.07 -69.93 -11.60
CA PRO K 37 -1.94 -70.85 -11.43
C PRO K 37 -2.38 -72.29 -11.20
N HIS K 46 -15.72 -79.22 -4.33
CA HIS K 46 -16.74 -78.19 -4.17
C HIS K 46 -16.79 -77.29 -5.41
N HIS K 47 -15.85 -77.51 -6.33
CA HIS K 47 -15.72 -76.71 -7.53
C HIS K 47 -16.10 -77.55 -8.75
N HIS K 48 -16.90 -76.97 -9.64
CA HIS K 48 -17.32 -77.65 -10.86
C HIS K 48 -16.14 -77.87 -11.80
N ASP K 53 -16.67 -75.86 -14.21
CA ASP K 53 -16.21 -74.48 -14.30
C ASP K 53 -17.14 -73.55 -13.52
N SER K 54 -16.79 -73.31 -12.26
CA SER K 54 -17.59 -72.45 -11.40
C SER K 54 -17.56 -71.00 -11.89
N PHE K 55 -16.38 -70.53 -12.30
CA PHE K 55 -16.16 -69.11 -12.53
C PHE K 55 -16.78 -68.60 -13.83
N ASN K 56 -17.39 -69.45 -14.65
CA ASN K 56 -18.01 -68.97 -15.87
C ASN K 56 -19.18 -68.03 -15.60
N THR K 57 -19.67 -67.99 -14.36
CA THR K 57 -20.77 -67.08 -14.02
C THR K 57 -20.32 -65.63 -14.13
N PHE K 58 -19.32 -65.24 -13.33
CA PHE K 58 -18.84 -63.86 -13.33
C PHE K 58 -17.73 -63.62 -14.33
N PHE K 59 -16.93 -64.63 -14.64
CA PHE K 59 -15.68 -64.47 -15.39
C PHE K 59 -15.85 -65.08 -16.77
N SER K 60 -15.77 -64.24 -17.80
CA SER K 60 -15.66 -64.74 -19.16
C SER K 60 -14.21 -65.07 -19.48
N GLU K 61 -14.02 -65.98 -20.44
CA GLU K 61 -12.72 -66.55 -20.76
C GLU K 61 -12.23 -66.04 -22.10
N THR K 62 -10.93 -65.75 -22.18
CA THR K 62 -10.29 -65.36 -23.42
C THR K 62 -9.66 -66.59 -24.08
N GLY K 63 -8.90 -66.38 -25.15
CA GLY K 63 -8.17 -67.48 -25.75
C GLY K 63 -7.13 -68.07 -24.82
N ALA K 64 -6.39 -67.21 -24.13
CA ALA K 64 -5.41 -67.66 -23.14
C ALA K 64 -6.12 -67.93 -21.82
N GLY K 65 -5.34 -68.06 -20.75
CA GLY K 65 -5.90 -68.28 -19.44
C GLY K 65 -6.45 -67.05 -18.76
N LYS K 66 -6.39 -65.90 -19.41
CA LYS K 66 -6.91 -64.67 -18.83
C LYS K 66 -8.43 -64.73 -18.71
N HIS K 67 -8.94 -64.30 -17.56
CA HIS K 67 -10.37 -64.25 -17.29
C HIS K 67 -10.75 -62.82 -16.95
N VAL K 68 -11.87 -62.34 -17.49
CA VAL K 68 -12.29 -60.97 -17.23
C VAL K 68 -13.71 -60.93 -16.69
N PRO K 69 -14.01 -60.00 -15.78
CA PRO K 69 -15.34 -59.96 -15.17
C PRO K 69 -16.42 -59.44 -16.12
N ARG K 70 -17.65 -59.88 -15.87
CA ARG K 70 -18.82 -59.37 -16.58
C ARG K 70 -19.49 -58.32 -15.68
N ALA K 71 -18.90 -57.14 -15.65
CA ALA K 71 -19.38 -56.04 -14.82
C ALA K 71 -19.24 -54.74 -15.59
N VAL K 72 -20.00 -53.74 -15.16
CA VAL K 72 -19.92 -52.39 -15.73
C VAL K 72 -19.72 -51.41 -14.59
N PHE K 73 -18.62 -50.66 -14.63
CA PHE K 73 -18.34 -49.61 -13.66
C PHE K 73 -18.62 -48.27 -14.34
N VAL K 74 -19.69 -47.61 -13.90
CA VAL K 74 -20.13 -46.35 -14.48
C VAL K 74 -20.22 -45.31 -13.37
N ASP K 75 -19.62 -44.14 -13.60
CA ASP K 75 -19.71 -43.03 -12.66
C ASP K 75 -19.33 -41.76 -13.41
N LEU K 76 -20.07 -40.69 -13.15
CA LEU K 76 -19.87 -39.44 -13.87
C LEU K 76 -18.61 -38.69 -13.43
N GLU K 77 -18.10 -38.96 -12.23
CA GLU K 77 -16.85 -38.35 -11.78
C GLU K 77 -15.71 -39.34 -11.94
N PRO K 78 -14.67 -38.99 -12.70
CA PRO K 78 -13.63 -39.98 -13.04
C PRO K 78 -12.67 -40.33 -11.91
N THR K 79 -12.90 -39.79 -10.70
CA THR K 79 -11.94 -39.98 -9.62
C THR K 79 -11.84 -41.45 -9.22
N VAL K 80 -12.96 -42.05 -8.80
CA VAL K 80 -12.92 -43.43 -8.32
C VAL K 80 -12.59 -44.39 -9.46
N ILE K 81 -13.03 -44.07 -10.69
CA ILE K 81 -12.71 -44.93 -11.81
C ILE K 81 -11.21 -44.90 -12.12
N ASP K 82 -10.60 -43.73 -12.02
CA ASP K 82 -9.14 -43.64 -12.17
C ASP K 82 -8.43 -44.39 -11.04
N GLU K 83 -8.97 -44.32 -9.82
CA GLU K 83 -8.39 -45.10 -8.73
C GLU K 83 -8.45 -46.59 -9.03
N VAL K 84 -9.55 -47.06 -9.60
CA VAL K 84 -9.64 -48.46 -10.01
C VAL K 84 -8.63 -48.76 -11.12
N ARG K 85 -8.50 -47.85 -12.08
CA ARG K 85 -7.62 -48.06 -13.22
C ARG K 85 -6.16 -48.17 -12.78
N THR K 86 -5.73 -47.28 -11.89
CA THR K 86 -4.36 -47.25 -11.40
C THR K 86 -4.13 -48.16 -10.20
N GLY K 87 -5.18 -48.82 -9.71
CA GLY K 87 -5.06 -49.71 -8.57
C GLY K 87 -4.40 -51.03 -8.94
N THR K 88 -4.40 -51.93 -7.95
CA THR K 88 -3.78 -53.24 -8.15
C THR K 88 -4.55 -54.07 -9.17
N TYR K 89 -5.87 -53.90 -9.23
CA TYR K 89 -6.69 -54.63 -10.21
C TYR K 89 -6.76 -53.87 -11.51
N ARG K 90 -5.60 -53.58 -12.10
CA ARG K 90 -5.53 -52.80 -13.33
C ARG K 90 -5.72 -53.68 -14.56
N GLN K 91 -4.87 -54.70 -14.70
CA GLN K 91 -4.89 -55.55 -15.90
C GLN K 91 -6.17 -56.36 -16.02
N LEU K 92 -6.91 -56.55 -14.92
CA LEU K 92 -8.04 -57.47 -14.91
C LEU K 92 -9.15 -57.00 -15.83
N PHE K 93 -9.69 -55.81 -15.56
CA PHE K 93 -10.89 -55.37 -16.25
C PHE K 93 -10.61 -55.03 -17.71
N HIS K 94 -11.60 -55.27 -18.55
CA HIS K 94 -11.56 -54.82 -19.95
C HIS K 94 -11.82 -53.32 -19.98
N PRO K 95 -10.98 -52.53 -20.66
CA PRO K 95 -11.02 -51.06 -20.47
C PRO K 95 -12.35 -50.39 -20.79
N GLU K 96 -13.27 -51.04 -21.52
CA GLU K 96 -14.54 -50.38 -21.82
C GLU K 96 -15.41 -50.26 -20.57
N GLN K 97 -15.55 -51.33 -19.78
CA GLN K 97 -16.51 -51.27 -18.68
C GLN K 97 -16.10 -50.33 -17.56
N LEU K 98 -15.08 -49.51 -17.76
CA LEU K 98 -14.74 -48.42 -16.85
C LEU K 98 -15.19 -47.14 -17.55
N ILE K 99 -16.46 -46.79 -17.39
CA ILE K 99 -17.07 -45.64 -18.03
C ILE K 99 -17.04 -44.45 -17.08
N THR K 100 -16.57 -43.31 -17.58
CA THR K 100 -16.50 -42.09 -16.79
C THR K 100 -17.26 -40.99 -17.52
N GLY K 101 -17.79 -40.05 -16.74
CA GLY K 101 -18.40 -38.84 -17.24
C GLY K 101 -17.44 -37.67 -17.17
N LYS K 102 -18.00 -36.48 -17.07
CA LYS K 102 -17.20 -35.27 -16.92
C LYS K 102 -17.52 -34.52 -15.64
N GLU K 103 -18.80 -34.27 -15.35
CA GLU K 103 -19.23 -33.70 -14.09
C GLU K 103 -20.15 -34.68 -13.36
N ASP K 104 -20.10 -34.64 -12.04
CA ASP K 104 -20.98 -35.46 -11.21
C ASP K 104 -22.36 -34.83 -11.11
N ALA K 105 -23.36 -35.66 -10.80
CA ALA K 105 -24.73 -35.18 -10.69
C ALA K 105 -24.92 -34.22 -9.52
N ALA K 106 -23.99 -34.21 -8.55
CA ALA K 106 -24.02 -33.31 -7.41
C ALA K 106 -25.30 -33.46 -6.59
N ASN K 107 -25.56 -34.70 -6.18
CA ASN K 107 -26.71 -35.05 -5.34
C ASN K 107 -28.01 -34.48 -5.91
N ASN K 108 -28.12 -34.49 -7.23
CA ASN K 108 -29.28 -33.93 -7.93
C ASN K 108 -29.83 -35.03 -8.83
N TYR K 109 -30.98 -35.57 -8.45
CA TYR K 109 -31.64 -36.59 -9.27
C TYR K 109 -31.93 -36.06 -10.66
N ALA K 110 -32.23 -34.76 -10.76
CA ALA K 110 -32.49 -34.15 -12.07
C ALA K 110 -31.27 -34.23 -12.96
N ARG K 111 -30.09 -33.88 -12.43
CA ARG K 111 -28.87 -33.90 -13.24
C ARG K 111 -28.50 -35.33 -13.63
N GLY K 112 -28.71 -36.29 -12.74
CA GLY K 112 -28.37 -37.67 -13.02
C GLY K 112 -29.40 -38.46 -13.78
N HIS K 113 -30.53 -37.84 -14.14
CA HIS K 113 -31.59 -38.54 -14.85
C HIS K 113 -32.10 -37.83 -16.09
N TYR K 114 -31.93 -36.51 -16.20
CA TYR K 114 -32.40 -35.78 -17.37
C TYR K 114 -31.32 -35.01 -18.09
N THR K 115 -30.40 -34.39 -17.38
CA THR K 115 -29.43 -33.48 -18.00
C THR K 115 -28.15 -34.19 -18.41
N ILE K 116 -27.48 -34.85 -17.47
CA ILE K 116 -26.17 -35.44 -17.72
C ILE K 116 -26.27 -36.93 -18.05
N GLY K 117 -27.16 -37.65 -17.38
CA GLY K 117 -27.27 -39.08 -17.60
C GLY K 117 -27.58 -39.46 -19.04
N LYS K 118 -28.34 -38.62 -19.75
CA LYS K 118 -28.68 -38.92 -21.12
C LYS K 118 -27.47 -38.93 -22.04
N GLU K 119 -26.38 -38.25 -21.66
CA GLU K 119 -25.26 -38.06 -22.55
C GLU K 119 -24.39 -39.31 -22.70
N ILE K 120 -24.49 -40.27 -21.78
CA ILE K 120 -23.68 -41.48 -21.83
C ILE K 120 -24.50 -42.75 -21.71
N ILE K 121 -25.84 -42.65 -21.63
CA ILE K 121 -26.66 -43.84 -21.41
C ILE K 121 -26.55 -44.79 -22.60
N ASP K 122 -26.42 -44.24 -23.82
CA ASP K 122 -26.36 -45.10 -25.00
C ASP K 122 -25.12 -45.99 -24.98
N LEU K 123 -23.98 -45.43 -24.56
CA LEU K 123 -22.75 -46.23 -24.49
C LEU K 123 -22.88 -47.35 -23.46
N VAL K 124 -23.47 -47.04 -22.30
CA VAL K 124 -23.66 -48.05 -21.27
C VAL K 124 -24.57 -49.17 -21.77
N LEU K 125 -25.68 -48.78 -22.42
CA LEU K 125 -26.59 -49.79 -22.96
C LEU K 125 -25.92 -50.63 -24.03
N ASP K 126 -25.10 -50.01 -24.88
CA ASP K 126 -24.38 -50.76 -25.91
C ASP K 126 -23.43 -51.76 -25.29
N ARG K 127 -22.70 -51.35 -24.25
CA ARG K 127 -21.77 -52.27 -23.60
C ARG K 127 -22.50 -53.40 -22.90
N ILE K 128 -23.63 -53.11 -22.26
CA ILE K 128 -24.42 -54.17 -21.63
C ILE K 128 -24.92 -55.14 -22.68
N ARG K 129 -25.38 -54.63 -23.83
CA ARG K 129 -25.84 -55.51 -24.90
C ARG K 129 -24.70 -56.36 -25.45
N LYS K 130 -23.50 -55.79 -25.58
CA LYS K 130 -22.35 -56.56 -26.04
C LYS K 130 -22.02 -57.68 -25.04
N LEU K 131 -22.07 -57.37 -23.75
CA LEU K 131 -21.84 -58.40 -22.74
C LEU K 131 -22.91 -59.50 -22.83
N ALA K 132 -24.17 -59.11 -22.98
CA ALA K 132 -25.25 -60.08 -22.97
C ALA K 132 -25.24 -60.98 -24.21
N ASP K 133 -24.92 -60.40 -25.37
CA ASP K 133 -25.06 -61.14 -26.63
C ASP K 133 -24.08 -62.32 -26.73
N GLN K 134 -23.01 -62.32 -25.94
CA GLN K 134 -22.06 -63.43 -25.95
C GLN K 134 -22.30 -64.41 -24.82
N CYS K 135 -23.34 -64.21 -24.02
CA CYS K 135 -23.71 -65.14 -22.96
C CYS K 135 -24.65 -66.21 -23.50
N THR K 136 -24.90 -67.22 -22.66
CA THR K 136 -25.76 -68.34 -23.03
C THR K 136 -26.94 -68.53 -22.08
N GLY K 137 -26.73 -68.39 -20.78
CA GLY K 137 -27.78 -68.63 -19.81
C GLY K 137 -27.95 -67.51 -18.82
N LEU K 138 -27.85 -66.27 -19.31
CA LEU K 138 -27.95 -65.08 -18.46
C LEU K 138 -29.19 -65.11 -17.59
N GLN K 139 -28.98 -65.08 -16.26
CA GLN K 139 -30.12 -64.98 -15.35
C GLN K 139 -30.52 -63.55 -15.07
N GLY K 140 -29.57 -62.65 -14.82
CA GLY K 140 -29.98 -61.29 -14.53
C GLY K 140 -28.84 -60.37 -14.14
N PHE K 141 -29.25 -59.24 -13.56
CA PHE K 141 -28.39 -58.11 -13.26
C PHE K 141 -28.35 -57.90 -11.76
N LEU K 142 -27.15 -57.71 -11.21
CA LEU K 142 -26.96 -57.36 -9.81
C LEU K 142 -26.54 -55.90 -9.76
N VAL K 143 -27.44 -55.04 -9.28
CA VAL K 143 -27.26 -53.59 -9.37
C VAL K 143 -26.88 -53.06 -8.00
N PHE K 144 -25.73 -52.39 -7.93
CA PHE K 144 -25.17 -51.84 -6.70
C PHE K 144 -25.14 -50.33 -6.81
N HIS K 145 -25.98 -49.64 -6.03
CA HIS K 145 -26.06 -48.19 -6.11
C HIS K 145 -26.58 -47.65 -4.79
N SER K 146 -26.35 -46.37 -4.56
CA SER K 146 -26.86 -45.66 -3.39
C SER K 146 -28.05 -44.78 -3.75
N PHE K 147 -28.86 -44.47 -2.74
CA PHE K 147 -29.95 -43.53 -2.86
C PHE K 147 -29.54 -42.09 -2.55
N GLY K 148 -28.35 -41.88 -2.01
CA GLY K 148 -27.93 -40.55 -1.59
C GLY K 148 -27.43 -39.69 -2.73
N GLY K 149 -26.43 -40.17 -3.46
CA GLY K 149 -25.88 -39.39 -4.54
C GLY K 149 -26.84 -39.24 -5.69
N GLY K 150 -26.74 -38.10 -6.37
CA GLY K 150 -27.54 -37.88 -7.57
C GLY K 150 -27.19 -38.84 -8.68
N THR K 151 -25.90 -39.12 -8.85
CA THR K 151 -25.45 -40.06 -9.87
C THR K 151 -26.13 -41.42 -9.67
N GLY K 152 -25.90 -42.04 -8.52
CA GLY K 152 -26.49 -43.33 -8.21
C GLY K 152 -27.98 -43.37 -8.50
N SER K 153 -28.75 -42.54 -7.79
CA SER K 153 -30.20 -42.58 -7.89
C SER K 153 -30.67 -42.32 -9.32
N GLY K 154 -30.29 -41.18 -9.90
CA GLY K 154 -30.83 -40.80 -11.20
C GLY K 154 -30.40 -41.75 -12.30
N PHE K 155 -29.10 -42.05 -12.37
CA PHE K 155 -28.61 -42.91 -13.45
C PHE K 155 -29.14 -44.32 -13.28
N THR K 156 -29.32 -44.78 -12.03
CA THR K 156 -29.91 -46.09 -11.82
C THR K 156 -31.36 -46.11 -12.29
N SER K 157 -32.13 -45.07 -12.01
CA SER K 157 -33.50 -45.01 -12.49
C SER K 157 -33.54 -45.07 -14.02
N LEU K 158 -32.71 -44.25 -14.66
CA LEU K 158 -32.65 -44.25 -16.12
C LEU K 158 -32.25 -45.61 -16.67
N LEU K 159 -31.23 -46.22 -16.07
CA LEU K 159 -30.75 -47.50 -16.57
C LEU K 159 -31.78 -48.60 -16.36
N MET K 160 -32.46 -48.60 -15.21
CA MET K 160 -33.48 -49.61 -14.96
C MET K 160 -34.63 -49.49 -15.94
N GLU K 161 -35.11 -48.26 -16.20
CA GLU K 161 -36.19 -48.12 -17.17
C GLU K 161 -35.74 -48.55 -18.57
N ARG K 162 -34.52 -48.18 -18.95
CA ARG K 162 -34.01 -48.59 -20.26
C ARG K 162 -33.89 -50.12 -20.37
N LEU K 163 -33.37 -50.76 -19.33
CA LEU K 163 -33.23 -52.22 -19.36
C LEU K 163 -34.59 -52.90 -19.40
N SER K 164 -35.55 -52.40 -18.61
CA SER K 164 -36.89 -52.97 -18.63
C SER K 164 -37.51 -52.85 -20.01
N VAL K 165 -37.33 -51.70 -20.67
CA VAL K 165 -37.84 -51.54 -22.03
C VAL K 165 -37.11 -52.49 -22.99
N ASP K 166 -35.82 -52.68 -22.77
CA ASP K 166 -35.00 -53.49 -23.66
C ASP K 166 -35.13 -54.98 -23.38
N TYR K 167 -34.93 -55.38 -22.12
CA TYR K 167 -34.99 -56.78 -21.72
C TYR K 167 -36.29 -57.01 -20.95
N GLY K 168 -37.09 -57.96 -21.41
CA GLY K 168 -38.45 -58.10 -20.93
C GLY K 168 -38.61 -58.55 -19.50
N LYS K 169 -38.27 -59.81 -19.22
CA LYS K 169 -38.48 -60.39 -17.88
C LYS K 169 -37.18 -61.06 -17.44
N LYS K 170 -36.29 -60.28 -16.84
CA LYS K 170 -35.05 -60.78 -16.26
C LYS K 170 -34.90 -60.19 -14.88
N SER K 171 -34.54 -61.02 -13.90
CA SER K 171 -34.44 -60.56 -12.52
C SER K 171 -33.39 -59.46 -12.41
N LYS K 172 -33.75 -58.37 -11.73
CA LYS K 172 -32.89 -57.20 -11.58
C LYS K 172 -32.81 -56.87 -10.09
N LEU K 173 -31.73 -57.30 -9.44
CA LEU K 173 -31.56 -57.12 -8.02
C LEU K 173 -30.85 -55.81 -7.74
N GLU K 174 -31.38 -55.05 -6.78
CA GLU K 174 -30.78 -53.79 -6.35
C GLU K 174 -30.29 -53.92 -4.91
N PHE K 175 -29.01 -53.64 -4.70
CA PHE K 175 -28.42 -53.70 -3.37
C PHE K 175 -28.12 -52.25 -2.98
N SER K 176 -29.13 -51.57 -2.44
CA SER K 176 -29.08 -50.13 -2.27
C SER K 176 -28.54 -49.74 -0.91
N ILE K 177 -27.96 -48.54 -0.84
CA ILE K 177 -27.57 -47.93 0.43
C ILE K 177 -28.70 -46.99 0.82
N TYR K 178 -29.64 -47.52 1.60
CA TYR K 178 -30.79 -46.74 2.04
C TYR K 178 -30.30 -45.62 2.97
N PRO K 179 -30.83 -44.40 2.82
CA PRO K 179 -30.35 -43.29 3.66
C PRO K 179 -30.68 -43.54 5.13
N ALA K 180 -29.74 -43.16 5.99
CA ALA K 180 -29.83 -43.47 7.41
C ALA K 180 -30.83 -42.55 8.10
N PRO K 181 -31.36 -42.98 9.27
CA PRO K 181 -32.34 -42.14 9.96
C PRO K 181 -31.77 -40.82 10.46
N GLN K 182 -30.65 -40.86 11.17
CA GLN K 182 -30.06 -39.67 11.74
C GLN K 182 -28.65 -39.38 11.22
N VAL K 183 -27.90 -40.41 10.85
CA VAL K 183 -26.50 -40.22 10.42
C VAL K 183 -26.52 -40.08 8.90
N SER K 184 -26.70 -38.85 8.44
CA SER K 184 -26.74 -38.53 7.03
C SER K 184 -25.56 -37.67 6.63
N THR K 185 -25.07 -37.89 5.42
CA THR K 185 -23.93 -37.15 4.89
C THR K 185 -24.32 -36.05 3.91
N ALA K 186 -25.51 -36.10 3.33
CA ALA K 186 -26.00 -35.08 2.43
C ALA K 186 -27.13 -34.31 3.09
N VAL K 187 -27.72 -33.39 2.34
CA VAL K 187 -28.82 -32.57 2.85
C VAL K 187 -30.06 -32.83 2.00
N VAL K 188 -29.85 -33.18 0.74
CA VAL K 188 -30.95 -33.41 -0.19
C VAL K 188 -31.21 -34.89 -0.41
N GLU K 189 -30.76 -35.74 0.52
CA GLU K 189 -31.04 -37.17 0.41
C GLU K 189 -32.53 -37.52 0.33
N PRO K 190 -33.42 -36.92 1.12
CA PRO K 190 -34.85 -37.29 0.98
C PRO K 190 -35.42 -37.10 -0.41
N TYR K 191 -35.14 -35.97 -1.07
CA TYR K 191 -35.64 -35.75 -2.42
C TYR K 191 -35.17 -36.84 -3.38
N ASN K 192 -33.86 -37.07 -3.41
CA ASN K 192 -33.31 -38.05 -4.35
C ASN K 192 -33.83 -39.45 -4.05
N SER K 193 -33.90 -39.81 -2.78
CA SER K 193 -34.38 -41.14 -2.42
C SER K 193 -35.84 -41.33 -2.81
N ILE K 194 -36.68 -40.32 -2.55
CA ILE K 194 -38.09 -40.42 -2.91
C ILE K 194 -38.25 -40.54 -4.42
N LEU K 195 -37.52 -39.71 -5.17
CA LEU K 195 -37.63 -39.74 -6.62
C LEU K 195 -37.18 -41.08 -7.19
N THR K 196 -36.04 -41.59 -6.70
CA THR K 196 -35.53 -42.84 -7.27
C THR K 196 -36.41 -44.02 -6.87
N THR K 197 -36.97 -44.01 -5.65
CA THR K 197 -37.88 -45.08 -5.25
C THR K 197 -39.14 -45.04 -6.11
N HIS K 198 -39.71 -43.84 -6.33
CA HIS K 198 -40.90 -43.73 -7.15
C HIS K 198 -40.63 -44.18 -8.58
N THR K 199 -39.44 -43.88 -9.11
CA THR K 199 -39.13 -44.30 -10.47
C THR K 199 -38.89 -45.80 -10.58
N THR K 200 -38.14 -46.37 -9.65
CA THR K 200 -37.74 -47.77 -9.72
C THR K 200 -38.76 -48.73 -9.12
N LEU K 201 -39.87 -48.22 -8.56
CA LEU K 201 -40.89 -49.12 -8.02
C LEU K 201 -41.42 -50.10 -9.06
N GLU K 202 -41.39 -49.73 -10.34
CA GLU K 202 -41.96 -50.54 -11.40
C GLU K 202 -40.94 -51.38 -12.15
N HIS K 203 -39.68 -51.37 -11.72
CA HIS K 203 -38.65 -52.08 -12.48
C HIS K 203 -37.82 -52.99 -11.58
N SER K 204 -37.71 -52.65 -10.30
CA SER K 204 -36.94 -53.46 -9.36
C SER K 204 -37.73 -54.71 -9.03
N ASP K 205 -37.30 -55.85 -9.61
CA ASP K 205 -37.96 -57.11 -9.30
C ASP K 205 -37.77 -57.53 -7.85
N CYS K 206 -36.66 -57.10 -7.23
CA CYS K 206 -36.43 -57.30 -5.81
C CYS K 206 -35.26 -56.43 -5.35
N ALA K 207 -35.45 -55.66 -4.29
CA ALA K 207 -34.44 -54.75 -3.77
C ALA K 207 -34.16 -55.07 -2.31
N PHE K 208 -32.88 -55.16 -1.95
CA PHE K 208 -32.47 -55.46 -0.58
C PHE K 208 -31.96 -54.18 0.06
N MET K 209 -32.65 -53.72 1.10
CA MET K 209 -32.28 -52.50 1.78
C MET K 209 -31.06 -52.73 2.66
N VAL K 210 -30.13 -51.79 2.63
CA VAL K 210 -28.91 -51.83 3.44
C VAL K 210 -28.66 -50.43 3.97
N ASP K 211 -28.35 -50.33 5.26
CA ASP K 211 -28.20 -49.05 5.94
C ASP K 211 -26.82 -48.93 6.56
N ASN K 212 -26.29 -47.71 6.58
CA ASN K 212 -24.92 -47.48 7.05
C ASN K 212 -24.82 -47.57 8.57
N GLU K 213 -25.77 -46.97 9.29
CA GLU K 213 -25.67 -46.91 10.75
C GLU K 213 -25.65 -48.29 11.38
N ALA K 214 -26.48 -49.20 10.88
CA ALA K 214 -26.52 -50.54 11.44
C ALA K 214 -25.20 -51.26 11.22
N ILE K 215 -24.58 -51.09 10.06
CA ILE K 215 -23.29 -51.72 9.80
C ILE K 215 -22.20 -51.10 10.68
N TYR K 216 -22.27 -49.79 10.91
CA TYR K 216 -21.37 -49.15 11.87
C TYR K 216 -21.50 -49.80 13.24
N ASP K 217 -22.74 -49.97 13.70
CA ASP K 217 -22.97 -50.55 15.02
C ASP K 217 -22.46 -51.99 15.07
N ILE K 218 -22.69 -52.76 14.01
CA ILE K 218 -22.21 -54.14 13.96
C ILE K 218 -20.69 -54.19 14.03
N CYS K 219 -20.03 -53.32 13.25
CA CYS K 219 -18.57 -53.28 13.26
C CYS K 219 -18.03 -52.91 14.63
N ARG K 220 -18.65 -51.93 15.29
CA ARG K 220 -18.19 -51.55 16.62
C ARG K 220 -18.41 -52.67 17.62
N ARG K 221 -19.58 -53.29 17.59
CA ARG K 221 -19.96 -54.26 18.62
C ARG K 221 -19.24 -55.59 18.43
N ASN K 222 -19.26 -56.12 17.20
CA ASN K 222 -18.75 -57.47 16.95
C ASN K 222 -17.27 -57.46 16.54
N LEU K 223 -16.94 -56.73 15.47
CA LEU K 223 -15.58 -56.70 14.98
C LEU K 223 -14.62 -56.01 15.94
N ASP K 224 -15.13 -55.25 16.91
CA ASP K 224 -14.32 -54.49 17.87
C ASP K 224 -13.38 -53.53 17.17
N ILE K 225 -13.76 -53.05 15.98
CA ILE K 225 -13.03 -52.01 15.28
C ILE K 225 -13.66 -50.69 15.69
N GLU K 226 -12.98 -49.96 16.58
CA GLU K 226 -13.54 -48.71 17.08
C GLU K 226 -13.62 -47.66 15.98
N ARG K 227 -12.75 -47.73 14.99
CA ARG K 227 -12.66 -46.73 13.92
C ARG K 227 -12.64 -47.43 12.56
N PRO K 228 -13.77 -47.96 12.11
CA PRO K 228 -13.82 -48.59 10.79
C PRO K 228 -14.01 -47.57 9.67
N THR K 229 -13.63 -48.01 8.47
CA THR K 229 -13.77 -47.24 7.26
C THR K 229 -14.74 -47.94 6.31
N TYR K 230 -15.02 -47.29 5.18
CA TYR K 230 -15.87 -47.88 4.14
C TYR K 230 -15.36 -49.24 3.68
N THR K 231 -14.06 -49.50 3.78
CA THR K 231 -13.55 -50.79 3.33
C THR K 231 -14.27 -51.94 4.03
N ASN K 232 -14.50 -51.81 5.35
CA ASN K 232 -15.12 -52.89 6.10
C ASN K 232 -16.57 -53.10 5.70
N LEU K 233 -17.35 -52.01 5.57
CA LEU K 233 -18.73 -52.15 5.12
C LEU K 233 -18.79 -52.76 3.74
N ASN K 234 -17.87 -52.37 2.85
CA ASN K 234 -17.82 -52.98 1.54
C ASN K 234 -17.52 -54.47 1.64
N ARG K 235 -16.64 -54.86 2.58
CA ARG K 235 -16.34 -56.28 2.78
C ARG K 235 -17.59 -57.05 3.20
N LEU K 236 -18.35 -56.51 4.15
CA LEU K 236 -19.58 -57.19 4.57
C LEU K 236 -20.58 -57.29 3.43
N ILE K 237 -20.76 -56.20 2.66
CA ILE K 237 -21.72 -56.25 1.56
C ILE K 237 -21.27 -57.24 0.49
N SER K 238 -19.96 -57.30 0.23
CA SER K 238 -19.42 -58.28 -0.70
C SER K 238 -19.67 -59.70 -0.19
N GLN K 239 -19.52 -59.92 1.12
CA GLN K 239 -19.82 -61.23 1.69
C GLN K 239 -21.29 -61.58 1.48
N ILE K 240 -22.18 -60.60 1.64
CA ILE K 240 -23.60 -60.81 1.37
C ILE K 240 -23.81 -61.26 -0.06
N VAL K 241 -23.20 -60.55 -1.02
CA VAL K 241 -23.42 -60.88 -2.43
C VAL K 241 -22.84 -62.25 -2.75
N SER K 242 -21.68 -62.56 -2.18
CA SER K 242 -21.07 -63.87 -2.40
C SER K 242 -21.95 -64.99 -1.85
N SER K 243 -22.52 -64.78 -0.66
CA SER K 243 -23.44 -65.77 -0.11
C SER K 243 -24.67 -65.92 -1.01
N ILE K 244 -25.13 -64.82 -1.61
CA ILE K 244 -26.26 -64.89 -2.52
C ILE K 244 -25.93 -65.73 -3.75
N THR K 245 -24.74 -65.51 -4.34
CA THR K 245 -24.38 -66.16 -5.58
C THR K 245 -23.67 -67.49 -5.40
N ALA K 246 -23.46 -67.93 -4.16
CA ALA K 246 -22.79 -69.21 -3.92
C ALA K 246 -23.54 -70.37 -4.56
N SER K 247 -24.88 -70.37 -4.48
CA SER K 247 -25.66 -71.48 -5.03
C SER K 247 -25.44 -71.60 -6.53
N LEU K 248 -25.43 -70.48 -7.24
CA LEU K 248 -25.15 -70.53 -8.68
C LEU K 248 -23.71 -70.92 -8.94
N ARG K 249 -22.76 -70.40 -8.16
CA ARG K 249 -21.35 -70.56 -8.47
C ARG K 249 -20.73 -71.83 -7.89
N PHE K 250 -21.47 -72.62 -7.12
CA PHE K 250 -20.85 -73.76 -6.45
C PHE K 250 -21.85 -74.90 -6.29
N ASP K 251 -21.30 -76.09 -6.05
CA ASP K 251 -22.12 -77.24 -5.72
C ASP K 251 -22.78 -77.05 -4.36
N GLY K 252 -24.00 -77.55 -4.24
CA GLY K 252 -24.74 -77.45 -2.99
C GLY K 252 -25.69 -78.60 -2.83
N ALA K 253 -25.98 -78.94 -1.57
CA ALA K 253 -26.94 -80.01 -1.30
C ALA K 253 -28.35 -79.59 -1.67
N LEU K 254 -28.65 -78.29 -1.63
CA LEU K 254 -29.96 -77.77 -2.00
C LEU K 254 -29.72 -76.41 -2.66
N ASN K 255 -29.78 -76.38 -3.99
CA ASN K 255 -29.50 -75.16 -4.73
C ASN K 255 -30.74 -74.27 -4.80
N VAL K 256 -30.49 -72.98 -5.08
CA VAL K 256 -31.53 -71.97 -5.22
C VAL K 256 -31.08 -70.95 -6.28
N ASP K 257 -32.00 -70.52 -7.13
CA ASP K 257 -31.70 -69.60 -8.20
C ASP K 257 -32.22 -68.20 -7.87
N LEU K 258 -31.85 -67.22 -8.69
CA LEU K 258 -32.32 -65.86 -8.50
C LEU K 258 -33.83 -65.77 -8.64
N THR K 259 -34.41 -66.55 -9.56
CA THR K 259 -35.86 -66.60 -9.70
C THR K 259 -36.52 -67.06 -8.40
N ALA K 260 -35.88 -67.99 -7.69
CA ALA K 260 -36.39 -68.41 -6.39
C ALA K 260 -36.37 -67.25 -5.40
N PHE K 261 -35.31 -66.43 -5.44
CA PHE K 261 -35.26 -65.23 -4.60
C PHE K 261 -36.42 -64.30 -4.91
N GLN K 262 -36.65 -64.04 -6.20
CA GLN K 262 -37.73 -63.12 -6.60
C GLN K 262 -39.10 -63.69 -6.28
N THR K 263 -39.26 -65.01 -6.25
CA THR K 263 -40.57 -65.61 -6.05
C THR K 263 -40.89 -65.77 -4.56
N ASN K 264 -39.96 -66.30 -3.77
CA ASN K 264 -40.25 -66.65 -2.39
C ASN K 264 -40.25 -65.44 -1.46
N LEU K 265 -39.68 -64.31 -1.88
CA LEU K 265 -39.56 -63.15 -1.01
C LEU K 265 -40.54 -62.02 -1.37
N VAL K 266 -41.28 -62.14 -2.46
CA VAL K 266 -42.17 -61.07 -2.90
C VAL K 266 -43.61 -61.58 -2.91
N PRO K 267 -44.38 -61.38 -1.84
CA PRO K 267 -45.78 -61.83 -1.87
C PRO K 267 -46.67 -60.95 -2.73
N TYR K 268 -46.45 -59.63 -2.71
CA TYR K 268 -47.21 -58.68 -3.49
C TYR K 268 -46.29 -57.88 -4.40
N PRO K 269 -46.74 -57.49 -5.59
CA PRO K 269 -45.81 -56.88 -6.56
C PRO K 269 -45.17 -55.59 -6.07
N ARG K 270 -45.88 -54.76 -5.30
CA ARG K 270 -45.30 -53.50 -4.87
C ARG K 270 -44.40 -53.64 -3.65
N ILE K 271 -44.63 -54.66 -2.82
CA ILE K 271 -43.86 -54.85 -1.59
C ILE K 271 -42.77 -55.86 -1.91
N HIS K 272 -41.59 -55.34 -2.25
CA HIS K 272 -40.45 -56.16 -2.64
C HIS K 272 -39.17 -55.60 -2.01
N PHE K 273 -39.23 -55.27 -0.72
CA PHE K 273 -38.14 -54.60 -0.02
C PHE K 273 -37.73 -55.39 1.22
N PRO K 274 -37.06 -56.53 1.05
CA PRO K 274 -36.46 -57.22 2.21
C PRO K 274 -35.14 -56.58 2.61
N LEU K 275 -34.65 -57.01 3.78
CA LEU K 275 -33.40 -56.55 4.36
C LEU K 275 -32.47 -57.73 4.60
N ALA K 276 -31.17 -57.44 4.65
CA ALA K 276 -30.13 -58.45 4.72
C ALA K 276 -29.50 -58.53 6.10
N THR K 277 -28.92 -59.68 6.40
CA THR K 277 -28.21 -59.92 7.66
C THR K 277 -27.20 -61.04 7.42
N TYR K 278 -26.05 -60.97 8.11
CA TYR K 278 -25.01 -61.96 7.95
C TYR K 278 -24.55 -62.48 9.31
N ALA K 279 -24.11 -63.74 9.33
CA ALA K 279 -23.51 -64.29 10.54
C ALA K 279 -22.62 -65.47 10.15
N PRO K 280 -21.59 -65.78 10.95
CA PRO K 280 -21.13 -64.98 12.08
C PRO K 280 -20.20 -63.85 11.66
N VAL K 281 -20.06 -62.83 12.50
CA VAL K 281 -19.13 -61.73 12.26
C VAL K 281 -18.31 -61.57 13.55
N ILE K 282 -17.18 -62.28 13.62
CA ILE K 282 -16.32 -62.26 14.79
C ILE K 282 -14.87 -62.17 14.35
N SER K 283 -14.05 -61.52 15.17
CA SER K 283 -12.65 -61.33 14.89
C SER K 283 -11.87 -62.62 15.15
N ALA K 284 -10.62 -62.63 14.67
CA ALA K 284 -9.75 -63.80 14.87
C ALA K 284 -9.50 -64.05 16.35
N GLU K 285 -9.32 -62.97 17.13
CA GLU K 285 -9.14 -63.13 18.57
C GLU K 285 -10.36 -63.76 19.22
N LYS K 286 -11.56 -63.48 18.69
CA LYS K 286 -12.78 -64.12 19.16
C LYS K 286 -13.22 -65.26 18.27
N ALA K 287 -12.40 -65.65 17.29
CA ALA K 287 -12.75 -66.79 16.45
C ALA K 287 -12.88 -68.07 17.28
N TYR K 288 -12.05 -68.21 18.31
CA TYR K 288 -12.15 -69.33 19.23
C TYR K 288 -13.25 -69.03 20.26
N HIS K 289 -13.30 -69.83 21.32
CA HIS K 289 -14.13 -69.65 22.50
C HIS K 289 -15.61 -69.90 22.25
N GLU K 290 -16.02 -70.20 21.01
CA GLU K 290 -17.38 -70.61 20.73
C GLU K 290 -17.37 -71.44 19.45
N GLN K 291 -18.18 -72.50 19.44
CA GLN K 291 -18.18 -73.45 18.32
C GLN K 291 -18.97 -72.95 17.11
N LEU K 292 -19.78 -71.90 17.28
CA LEU K 292 -20.55 -71.32 16.18
C LEU K 292 -21.45 -72.36 15.53
N SER K 293 -22.31 -72.96 16.34
CA SER K 293 -23.28 -73.92 15.83
C SER K 293 -24.32 -73.21 14.97
N VAL K 294 -25.00 -73.99 14.13
CA VAL K 294 -26.00 -73.42 13.23
C VAL K 294 -27.12 -72.76 14.03
N ALA K 295 -27.50 -73.36 15.15
CA ALA K 295 -28.50 -72.74 16.02
C ALA K 295 -27.99 -71.41 16.56
N GLU K 296 -26.73 -71.36 16.96
CA GLU K 296 -26.16 -70.14 17.52
C GLU K 296 -26.16 -69.01 16.48
N ILE K 297 -25.65 -69.30 15.27
CA ILE K 297 -25.59 -68.27 14.25
C ILE K 297 -26.98 -67.87 13.80
N THR K 298 -27.93 -68.81 13.75
CA THR K 298 -29.31 -68.46 13.40
C THR K 298 -29.92 -67.54 14.46
N ASN K 299 -29.69 -67.84 15.74
CA ASN K 299 -30.16 -66.96 16.81
C ASN K 299 -29.55 -65.58 16.68
N ALA K 300 -28.26 -65.51 16.34
CA ALA K 300 -27.62 -64.21 16.12
C ALA K 300 -28.26 -63.47 14.96
N CYS K 301 -28.60 -64.21 13.89
CA CYS K 301 -29.26 -63.59 12.75
C CYS K 301 -30.60 -62.99 13.14
N PHE K 302 -31.44 -63.76 13.83
CA PHE K 302 -32.73 -63.25 14.24
C PHE K 302 -32.65 -62.24 15.38
N GLU K 303 -31.48 -62.08 16.01
CA GLU K 303 -31.33 -61.07 17.04
C GLU K 303 -31.48 -59.68 16.42
N PRO K 304 -32.23 -58.76 17.03
CA PRO K 304 -32.52 -57.47 16.38
C PRO K 304 -31.29 -56.58 16.20
N ALA K 305 -30.16 -56.91 16.81
CA ALA K 305 -28.97 -56.07 16.66
C ALA K 305 -28.27 -56.29 15.33
N ASN K 306 -28.30 -57.51 14.80
CA ASN K 306 -27.39 -57.92 13.73
C ASN K 306 -27.91 -57.56 12.34
N GLN K 307 -29.12 -57.00 12.23
CA GLN K 307 -29.60 -56.59 10.91
C GLN K 307 -28.89 -55.31 10.45
N MET K 308 -28.91 -55.12 9.13
CA MET K 308 -28.19 -54.03 8.49
C MET K 308 -29.09 -52.84 8.16
N VAL K 309 -30.25 -52.73 8.83
CA VAL K 309 -31.15 -51.59 8.69
C VAL K 309 -31.55 -51.13 10.07
N LYS K 310 -31.60 -49.81 10.27
CA LYS K 310 -32.00 -49.25 11.55
C LYS K 310 -33.52 -49.38 11.73
N CYS K 311 -34.00 -50.60 11.90
CA CYS K 311 -35.42 -50.87 12.10
C CYS K 311 -35.55 -52.10 12.99
N ASP K 312 -36.50 -52.05 13.93
CA ASP K 312 -36.72 -53.16 14.83
C ASP K 312 -37.83 -54.08 14.33
N PRO K 313 -37.52 -55.30 13.90
CA PRO K 313 -38.57 -56.19 13.37
C PRO K 313 -39.58 -56.64 14.41
N ARG K 314 -39.26 -56.51 15.71
CA ARG K 314 -40.19 -56.94 16.74
C ARG K 314 -41.45 -56.08 16.80
N HIS K 315 -41.46 -54.92 16.15
CA HIS K 315 -42.63 -54.05 16.10
C HIS K 315 -43.46 -54.26 14.84
N GLY K 316 -43.12 -55.26 14.03
CA GLY K 316 -43.92 -55.60 12.87
C GLY K 316 -44.09 -57.10 12.72
N LYS K 317 -44.28 -57.55 11.47
CA LYS K 317 -44.49 -58.96 11.16
C LYS K 317 -43.53 -59.40 10.08
N TYR K 318 -43.23 -60.69 10.08
CA TYR K 318 -42.36 -61.30 9.09
C TYR K 318 -43.22 -61.94 8.01
N MET K 319 -43.25 -61.33 6.82
CA MET K 319 -43.95 -61.97 5.71
C MET K 319 -43.14 -63.14 5.16
N ALA K 320 -41.83 -63.00 5.03
CA ALA K 320 -41.05 -64.09 4.46
C ALA K 320 -39.60 -63.98 4.90
N CYS K 321 -38.91 -65.11 4.85
CA CYS K 321 -37.48 -65.16 5.16
C CYS K 321 -36.80 -66.20 4.26
N CYS K 322 -35.56 -65.90 3.88
CA CYS K 322 -34.73 -66.82 3.10
C CYS K 322 -33.38 -66.93 3.77
N LEU K 323 -33.05 -68.14 4.22
CA LEU K 323 -31.80 -68.41 4.91
C LEU K 323 -30.90 -69.20 3.98
N LEU K 324 -29.68 -68.72 3.76
CA LEU K 324 -28.70 -69.40 2.94
C LEU K 324 -27.51 -69.78 3.82
N TYR K 325 -27.23 -71.07 3.91
CA TYR K 325 -26.12 -71.57 4.69
C TYR K 325 -25.04 -72.08 3.76
N ARG K 326 -23.79 -71.89 4.15
CA ARG K 326 -22.67 -72.39 3.38
C ARG K 326 -21.62 -72.95 4.32
N GLY K 327 -20.93 -73.97 3.85
CA GLY K 327 -19.94 -74.68 4.65
C GLY K 327 -20.42 -76.06 5.06
N ASP K 328 -19.77 -76.59 6.09
CA ASP K 328 -20.08 -77.92 6.62
C ASP K 328 -21.37 -77.81 7.44
N VAL K 329 -22.50 -77.79 6.74
CA VAL K 329 -23.80 -77.59 7.35
C VAL K 329 -24.65 -78.84 7.09
N VAL K 330 -25.18 -79.42 8.15
CA VAL K 330 -26.00 -80.63 8.08
C VAL K 330 -27.47 -80.23 8.13
N PRO K 331 -28.32 -80.72 7.23
CA PRO K 331 -29.71 -80.22 7.16
C PRO K 331 -30.52 -80.45 8.44
N LYS K 332 -30.29 -81.54 9.16
CA LYS K 332 -31.12 -81.85 10.32
C LYS K 332 -30.99 -80.78 11.39
N ASP K 333 -29.76 -80.35 11.68
CA ASP K 333 -29.57 -79.27 12.64
C ASP K 333 -30.18 -77.97 12.13
N VAL K 334 -30.16 -77.75 10.82
CA VAL K 334 -30.82 -76.57 10.26
C VAL K 334 -32.31 -76.61 10.57
N ASN K 335 -32.94 -77.76 10.35
CA ASN K 335 -34.37 -77.89 10.63
C ASN K 335 -34.66 -77.68 12.10
N ALA K 336 -33.84 -78.25 12.97
CA ALA K 336 -34.03 -78.09 14.41
C ALA K 336 -33.91 -76.62 14.82
N ALA K 337 -32.89 -75.93 14.30
CA ALA K 337 -32.69 -74.53 14.61
C ALA K 337 -33.86 -73.67 14.11
N ILE K 338 -34.33 -73.95 12.89
CA ILE K 338 -35.45 -73.19 12.34
C ILE K 338 -36.71 -73.42 13.16
N ALA K 339 -36.95 -74.65 13.61
CA ALA K 339 -38.09 -74.93 14.48
C ALA K 339 -37.97 -74.16 15.79
N THR K 340 -36.77 -74.16 16.39
CA THR K 340 -36.58 -73.41 17.63
C THR K 340 -36.83 -71.92 17.42
N ILE K 341 -36.42 -71.39 16.26
CA ILE K 341 -36.75 -70.00 15.93
C ILE K 341 -38.26 -69.83 15.86
N LYS K 342 -38.94 -70.77 15.21
CA LYS K 342 -40.39 -70.72 15.09
C LYS K 342 -41.06 -70.68 16.46
N THR K 343 -40.45 -71.34 17.45
CA THR K 343 -41.04 -71.40 18.78
C THR K 343 -40.95 -70.08 19.55
N LYS K 344 -39.95 -69.26 19.27
CA LYS K 344 -39.65 -68.11 20.12
C LYS K 344 -40.77 -67.07 20.08
N ARG K 345 -40.60 -66.03 20.90
CA ARG K 345 -41.61 -65.01 21.15
C ARG K 345 -41.46 -63.77 20.27
N SER K 346 -40.25 -63.47 19.82
CA SER K 346 -39.99 -62.23 19.10
C SER K 346 -40.20 -62.38 17.59
N ILE K 347 -40.66 -63.53 17.13
CA ILE K 347 -40.90 -63.77 15.71
C ILE K 347 -42.34 -64.25 15.58
N GLN K 348 -43.24 -63.33 15.25
CA GLN K 348 -44.63 -63.66 14.98
C GLN K 348 -44.93 -63.36 13.51
N PHE K 349 -45.43 -64.36 12.80
CA PHE K 349 -45.62 -64.26 11.37
C PHE K 349 -46.97 -63.63 11.04
N VAL K 350 -47.10 -63.15 9.79
CA VAL K 350 -48.34 -62.55 9.35
C VAL K 350 -49.41 -63.64 9.18
N ASP K 351 -50.67 -63.22 9.28
CA ASP K 351 -51.78 -64.17 9.30
C ASP K 351 -51.85 -65.01 8.03
N TRP K 352 -51.69 -64.37 6.88
CA TRP K 352 -51.94 -65.05 5.61
C TRP K 352 -50.77 -65.92 5.15
N CYS K 353 -49.62 -65.85 5.82
CA CYS K 353 -48.47 -66.67 5.46
C CYS K 353 -48.15 -67.64 6.58
N PRO K 354 -48.53 -68.92 6.47
CA PRO K 354 -48.20 -69.88 7.53
C PRO K 354 -46.79 -70.44 7.45
N THR K 355 -46.13 -70.31 6.30
CA THR K 355 -44.77 -70.82 6.12
C THR K 355 -43.98 -69.76 5.37
N GLY K 356 -43.12 -69.04 6.09
CA GLY K 356 -42.35 -67.97 5.50
C GLY K 356 -40.85 -68.21 5.49
N PHE K 357 -40.43 -69.46 5.59
CA PHE K 357 -39.03 -69.82 5.64
C PHE K 357 -38.64 -70.60 4.40
N LYS K 358 -37.61 -70.13 3.70
CA LYS K 358 -36.96 -70.88 2.63
C LYS K 358 -35.51 -71.12 3.00
N VAL K 359 -34.98 -72.28 2.62
CA VAL K 359 -33.66 -72.73 3.04
C VAL K 359 -32.83 -73.04 1.80
N GLY K 360 -31.56 -72.63 1.84
CA GLY K 360 -30.61 -73.03 0.82
C GLY K 360 -29.31 -73.47 1.48
N ILE K 361 -28.65 -74.44 0.85
CA ILE K 361 -27.45 -75.07 1.41
C ILE K 361 -26.38 -75.12 0.33
N ASN K 362 -25.15 -74.73 0.70
CA ASN K 362 -24.01 -74.83 -0.19
C ASN K 362 -22.82 -75.41 0.57
N TYR K 363 -22.05 -76.25 -0.12
CA TYR K 363 -20.89 -76.90 0.50
C TYR K 363 -19.71 -75.96 0.65
N GLN K 364 -19.59 -74.95 -0.21
CA GLN K 364 -18.41 -74.10 -0.21
C GLN K 364 -18.43 -73.18 1.00
N PRO K 365 -17.46 -73.26 1.90
CA PRO K 365 -17.42 -72.34 3.04
C PRO K 365 -17.00 -70.95 2.59
N PRO K 366 -17.30 -69.92 3.38
CA PRO K 366 -16.93 -68.56 2.99
C PRO K 366 -15.42 -68.39 2.93
N THR K 367 -14.98 -67.49 2.06
CA THR K 367 -13.57 -67.26 1.80
C THR K 367 -13.10 -66.01 2.54
N VAL K 368 -11.97 -66.11 3.21
CA VAL K 368 -11.41 -65.03 4.00
C VAL K 368 -10.45 -64.22 3.14
N VAL K 369 -10.61 -62.90 3.15
CA VAL K 369 -9.72 -61.99 2.43
C VAL K 369 -8.49 -61.71 3.28
N PRO K 370 -7.28 -61.92 2.75
CA PRO K 370 -6.07 -61.52 3.49
C PRO K 370 -6.08 -60.02 3.76
N GLY K 371 -5.66 -59.65 4.96
CA GLY K 371 -5.72 -58.27 5.38
C GLY K 371 -7.09 -57.80 5.83
N GLY K 372 -8.07 -58.69 5.85
CA GLY K 372 -9.43 -58.34 6.22
C GLY K 372 -9.62 -58.24 7.72
N ASP K 373 -10.88 -58.25 8.13
CA ASP K 373 -11.26 -58.12 9.52
C ASP K 373 -11.94 -59.34 10.10
N LEU K 374 -12.72 -60.07 9.30
CA LEU K 374 -13.39 -61.26 9.79
C LEU K 374 -12.39 -62.39 9.98
N ALA K 375 -12.88 -63.53 10.48
CA ALA K 375 -12.06 -64.70 10.72
C ALA K 375 -12.57 -65.87 9.88
N LYS K 376 -11.65 -66.74 9.50
CA LYS K 376 -12.00 -67.90 8.69
C LYS K 376 -12.87 -68.85 9.51
N VAL K 377 -14.10 -69.07 9.04
CA VAL K 377 -15.08 -69.88 9.76
C VAL K 377 -15.43 -71.08 8.89
N GLN K 378 -16.07 -72.08 9.49
CA GLN K 378 -16.49 -73.28 8.76
C GLN K 378 -17.94 -73.25 8.34
N ARG K 379 -18.77 -72.41 8.96
CA ARG K 379 -20.16 -72.25 8.57
C ARG K 379 -20.49 -70.77 8.49
N ALA K 380 -21.39 -70.43 7.56
CA ALA K 380 -21.87 -69.06 7.44
C ALA K 380 -23.33 -69.10 7.02
N VAL K 381 -24.05 -68.04 7.36
CA VAL K 381 -25.48 -67.95 7.09
C VAL K 381 -25.86 -66.50 6.77
N CYS K 382 -26.58 -66.33 5.68
CA CYS K 382 -27.10 -65.04 5.24
C CYS K 382 -28.62 -65.08 5.28
N MET K 383 -29.22 -64.04 5.86
CA MET K 383 -30.66 -63.92 5.99
C MET K 383 -31.15 -62.79 5.09
N LEU K 384 -32.13 -63.10 4.25
CA LEU K 384 -32.84 -62.10 3.46
C LEU K 384 -34.30 -62.15 3.91
N SER K 385 -34.71 -61.16 4.70
CA SER K 385 -36.02 -61.20 5.35
C SER K 385 -36.88 -60.05 4.85
N ASN K 386 -38.08 -60.40 4.37
CA ASN K 386 -39.09 -59.41 3.99
C ASN K 386 -40.06 -59.31 5.15
N THR K 387 -39.98 -58.20 5.89
CA THR K 387 -40.77 -57.95 7.09
C THR K 387 -41.55 -56.65 6.91
N THR K 388 -42.26 -56.27 7.97
CA THR K 388 -43.18 -55.13 7.93
C THR K 388 -42.61 -53.87 8.57
N ALA K 389 -41.70 -54.02 9.54
CA ALA K 389 -41.15 -52.86 10.24
C ALA K 389 -40.42 -51.91 9.31
N ILE K 390 -39.93 -52.39 8.18
CA ILE K 390 -39.22 -51.53 7.23
C ILE K 390 -40.10 -50.38 6.77
N ALA K 391 -41.42 -50.61 6.69
CA ALA K 391 -42.34 -49.55 6.30
C ALA K 391 -42.19 -48.32 7.18
N GLU K 392 -41.92 -48.53 8.47
CA GLU K 392 -41.72 -47.42 9.40
C GLU K 392 -40.69 -46.45 8.85
N ALA K 393 -39.57 -46.98 8.36
CA ALA K 393 -38.51 -46.13 7.81
C ALA K 393 -39.06 -45.20 6.74
N TRP K 394 -39.88 -45.73 5.83
CA TRP K 394 -40.46 -44.90 4.78
C TRP K 394 -41.16 -43.67 5.37
N ALA K 395 -41.97 -43.90 6.41
CA ALA K 395 -42.68 -42.79 7.04
C ALA K 395 -41.71 -41.68 7.40
N ARG K 396 -40.59 -42.03 8.04
CA ARG K 396 -39.59 -41.05 8.42
C ARG K 396 -39.19 -40.21 7.21
N LEU K 397 -38.79 -40.87 6.13
CA LEU K 397 -38.40 -40.15 4.92
C LEU K 397 -39.52 -39.21 4.49
N ASP K 398 -40.74 -39.74 4.42
CA ASP K 398 -41.88 -38.91 4.04
C ASP K 398 -41.93 -37.66 4.90
N HIS K 399 -41.85 -37.85 6.22
CA HIS K 399 -41.88 -36.70 7.12
C HIS K 399 -40.80 -35.71 6.74
N LYS K 400 -39.55 -36.18 6.64
CA LYS K 400 -38.46 -35.30 6.25
C LYS K 400 -38.80 -34.59 4.95
N PHE K 401 -39.24 -35.36 3.95
CA PHE K 401 -39.59 -34.77 2.67
C PHE K 401 -40.57 -33.63 2.87
N ASP K 402 -41.65 -33.90 3.61
CA ASP K 402 -42.68 -32.89 3.79
C ASP K 402 -42.11 -31.64 4.45
N LEU K 403 -41.24 -31.80 5.44
CA LEU K 403 -40.60 -30.64 6.03
C LEU K 403 -39.82 -29.86 4.99
N MET K 404 -38.95 -30.55 4.25
CA MET K 404 -38.21 -29.87 3.19
C MET K 404 -39.13 -29.44 2.07
N TYR K 405 -40.33 -30.00 2.00
CA TYR K 405 -41.31 -29.56 1.01
C TYR K 405 -42.22 -28.47 1.55
N ALA K 406 -42.14 -28.15 2.83
CA ALA K 406 -43.00 -27.12 3.40
C ALA K 406 -42.64 -25.73 2.87
N LYS K 407 -41.36 -25.47 2.64
CA LYS K 407 -40.90 -24.15 2.23
C LYS K 407 -40.29 -24.14 0.83
N ARG K 408 -40.47 -25.22 0.07
CA ARG K 408 -39.93 -25.33 -1.30
C ARG K 408 -38.40 -25.18 -1.31
N ALA K 409 -37.73 -25.87 -0.39
CA ALA K 409 -36.28 -25.82 -0.32
C ALA K 409 -35.63 -26.64 -1.42
N PHE K 410 -34.53 -26.13 -1.96
CA PHE K 410 -33.69 -26.79 -2.96
C PHE K 410 -34.46 -27.15 -4.23
N VAL K 411 -35.67 -26.63 -4.41
CA VAL K 411 -36.49 -27.02 -5.55
C VAL K 411 -35.91 -26.48 -6.85
N HIS K 412 -35.33 -25.28 -6.81
CA HIS K 412 -34.89 -24.62 -8.05
C HIS K 412 -33.84 -25.44 -8.78
N TRP K 413 -33.00 -26.17 -8.04
CA TRP K 413 -31.97 -26.97 -8.68
C TRP K 413 -32.60 -28.02 -9.59
N TYR K 414 -33.66 -28.66 -9.12
CA TYR K 414 -34.36 -29.64 -9.93
C TYR K 414 -35.18 -28.96 -11.03
N VAL K 415 -35.79 -27.81 -10.71
CA VAL K 415 -36.64 -27.12 -11.68
C VAL K 415 -35.84 -26.68 -12.90
N GLY K 416 -34.66 -26.12 -12.67
CA GLY K 416 -33.85 -25.59 -13.74
C GLY K 416 -33.04 -26.60 -14.52
N GLU K 417 -33.26 -27.90 -14.31
CA GLU K 417 -32.52 -28.94 -15.02
C GLU K 417 -33.43 -29.92 -15.74
N GLY K 418 -34.71 -29.59 -15.90
CA GLY K 418 -35.60 -30.43 -16.70
C GLY K 418 -36.52 -31.30 -15.88
N MET K 419 -37.01 -30.79 -14.75
CA MET K 419 -37.91 -31.51 -13.87
C MET K 419 -39.12 -30.66 -13.57
N GLU K 420 -40.26 -31.31 -13.37
CA GLU K 420 -41.52 -30.65 -13.11
C GLU K 420 -41.94 -30.86 -11.66
N GLU K 421 -42.55 -29.83 -11.07
CA GLU K 421 -42.98 -29.89 -9.68
C GLU K 421 -44.00 -31.01 -9.48
N GLY K 422 -44.83 -31.26 -10.50
CA GLY K 422 -45.78 -32.36 -10.42
C GLY K 422 -45.11 -33.70 -10.20
N GLU K 423 -43.87 -33.85 -10.66
CA GLU K 423 -43.14 -35.08 -10.38
C GLU K 423 -42.87 -35.25 -8.90
N PHE K 424 -42.50 -34.17 -8.20
CA PHE K 424 -42.39 -34.22 -6.75
C PHE K 424 -43.73 -34.59 -6.11
N SER K 425 -44.81 -33.96 -6.58
CA SER K 425 -46.12 -34.24 -6.01
C SER K 425 -46.51 -35.71 -6.18
N GLU K 426 -46.33 -36.24 -7.39
CA GLU K 426 -46.72 -37.62 -7.65
C GLU K 426 -45.82 -38.60 -6.93
N ALA K 427 -44.53 -38.27 -6.78
CA ALA K 427 -43.65 -39.13 -6.02
C ALA K 427 -44.08 -39.20 -4.56
N ARG K 428 -44.46 -38.06 -3.97
CA ARG K 428 -44.95 -38.07 -2.59
C ARG K 428 -46.24 -38.88 -2.48
N GLU K 429 -47.16 -38.71 -3.44
CA GLU K 429 -48.40 -39.47 -3.42
C GLU K 429 -48.14 -40.97 -3.54
N ASP K 430 -47.21 -41.36 -4.42
CA ASP K 430 -46.89 -42.78 -4.58
C ASP K 430 -46.24 -43.36 -3.33
N MET K 431 -45.40 -42.56 -2.66
CA MET K 431 -44.82 -43.03 -1.40
C MET K 431 -45.91 -43.22 -0.34
N ALA K 432 -46.87 -42.31 -0.28
CA ALA K 432 -48.00 -42.48 0.64
C ALA K 432 -48.80 -43.74 0.29
N ALA K 433 -48.99 -44.01 -1.00
CA ALA K 433 -49.70 -45.21 -1.42
C ALA K 433 -48.93 -46.47 -1.02
N LEU K 434 -47.61 -46.45 -1.17
CA LEU K 434 -46.80 -47.59 -0.74
C LEU K 434 -46.92 -47.81 0.76
N GLU K 435 -46.91 -46.71 1.53
CA GLU K 435 -47.05 -46.82 2.98
C GLU K 435 -48.41 -47.42 3.37
N LYS K 436 -49.48 -46.95 2.73
CA LYS K 436 -50.80 -47.49 3.08
C LYS K 436 -50.92 -48.94 2.65
N ASP K 437 -50.28 -49.32 1.53
CA ASP K 437 -50.25 -50.73 1.14
C ASP K 437 -49.52 -51.58 2.17
N TYR K 438 -48.39 -51.10 2.67
CA TYR K 438 -47.68 -51.80 3.73
C TYR K 438 -48.55 -51.97 4.97
N GLU K 439 -49.24 -50.89 5.36
CA GLU K 439 -50.11 -50.97 6.53
C GLU K 439 -51.24 -51.96 6.33
N GLU K 440 -51.85 -51.96 5.14
CA GLU K 440 -52.94 -52.89 4.85
C GLU K 440 -52.45 -54.33 4.89
N VAL K 441 -51.26 -54.59 4.34
CA VAL K 441 -50.68 -55.92 4.41
C VAL K 441 -50.39 -56.30 5.87
N GLY K 442 -50.06 -55.33 6.70
CA GLY K 442 -49.74 -55.63 8.09
C GLY K 442 -50.91 -56.22 8.86
N VAL K 443 -52.12 -55.70 8.64
CA VAL K 443 -53.26 -56.15 9.43
C VAL K 443 -53.67 -57.56 9.03
N ASP K 444 -54.36 -58.24 9.94
CA ASP K 444 -54.78 -59.62 9.73
C ASP K 444 -56.13 -59.69 9.00
N SER K 445 -56.43 -60.87 8.47
CA SER K 445 -57.66 -61.09 7.75
C SER K 445 -58.77 -61.56 8.68
N VAL K 446 -60.01 -61.38 8.24
CA VAL K 446 -61.18 -61.76 9.01
C VAL K 446 -61.51 -63.21 8.72
N GLU K 447 -62.00 -63.92 9.74
CA GLU K 447 -62.40 -65.32 9.62
C GLU K 447 -61.23 -66.20 9.18
N MET L 1 -23.57 -83.05 29.50
CA MET L 1 -25.01 -83.19 29.37
C MET L 1 -25.67 -82.50 30.57
N ARG L 2 -24.87 -82.26 31.60
CA ARG L 2 -25.33 -81.62 32.84
C ARG L 2 -24.57 -80.31 33.00
N GLU L 3 -25.26 -79.19 32.78
CA GLU L 3 -24.66 -77.87 32.77
C GLU L 3 -25.08 -77.08 34.01
N CYS L 4 -24.17 -76.23 34.49
CA CYS L 4 -24.46 -75.37 35.63
C CYS L 4 -23.54 -74.17 35.54
N ILE L 5 -24.11 -72.98 35.38
CA ILE L 5 -23.31 -71.80 35.06
C ILE L 5 -23.09 -70.99 36.34
N SER L 6 -22.04 -70.19 36.33
CA SER L 6 -21.63 -69.41 37.49
C SER L 6 -21.68 -67.92 37.17
N ILE L 7 -22.09 -67.14 38.17
CA ILE L 7 -22.24 -65.68 38.05
C ILE L 7 -21.51 -65.06 39.23
N HIS L 8 -20.47 -64.28 38.95
CA HIS L 8 -19.68 -63.63 39.98
C HIS L 8 -20.00 -62.13 39.96
N VAL L 9 -20.59 -61.63 41.04
CA VAL L 9 -20.94 -60.23 41.15
C VAL L 9 -20.07 -59.59 42.21
N GLY L 10 -19.52 -58.42 41.91
CA GLY L 10 -18.69 -57.70 42.84
C GLY L 10 -17.24 -58.15 42.82
N GLN L 11 -16.39 -57.35 43.46
CA GLN L 11 -14.97 -57.66 43.53
C GLN L 11 -14.73 -58.96 44.29
N ALA L 12 -15.47 -59.18 45.37
CA ALA L 12 -15.42 -60.45 46.07
C ALA L 12 -15.77 -61.59 45.13
N GLY L 13 -16.85 -61.42 44.36
CA GLY L 13 -17.26 -62.47 43.44
C GLY L 13 -16.19 -62.79 42.41
N VAL L 14 -15.58 -61.77 41.83
CA VAL L 14 -14.61 -62.02 40.77
C VAL L 14 -13.32 -62.62 41.31
N GLN L 15 -12.90 -62.22 42.53
CA GLN L 15 -11.72 -62.86 43.11
C GLN L 15 -12.00 -64.32 43.46
N ILE L 16 -13.18 -64.60 44.03
CA ILE L 16 -13.59 -65.98 44.23
C ILE L 16 -13.61 -66.72 42.90
N GLY L 17 -13.97 -66.03 41.83
CA GLY L 17 -13.95 -66.65 40.51
C GLY L 17 -12.55 -67.00 40.05
N ASN L 18 -11.60 -66.09 40.25
CA ASN L 18 -10.21 -66.40 39.95
C ASN L 18 -9.78 -67.68 40.65
N ALA L 19 -10.04 -67.75 41.97
CA ALA L 19 -9.63 -68.93 42.73
C ALA L 19 -10.36 -70.19 42.24
N CYS L 20 -11.68 -70.11 42.09
CA CYS L 20 -12.48 -71.27 41.72
C CYS L 20 -12.09 -71.79 40.34
N TRP L 21 -11.89 -70.90 39.38
CA TRP L 21 -11.57 -71.36 38.04
C TRP L 21 -10.12 -71.82 37.92
N GLU L 22 -9.20 -71.26 38.72
CA GLU L 22 -7.89 -71.88 38.83
C GLU L 22 -8.00 -73.32 39.33
N LEU L 23 -8.81 -73.51 40.37
CA LEU L 23 -9.01 -74.85 40.92
C LEU L 23 -9.63 -75.78 39.89
N TYR L 24 -10.61 -75.29 39.13
CA TYR L 24 -11.27 -76.12 38.12
C TYR L 24 -10.30 -76.50 37.00
N CYS L 25 -9.53 -75.52 36.52
CA CYS L 25 -8.55 -75.81 35.48
C CYS L 25 -7.53 -76.85 35.95
N LEU L 26 -7.15 -76.78 37.23
CA LEU L 26 -6.26 -77.80 37.77
C LEU L 26 -6.96 -79.16 37.88
N GLU L 27 -8.23 -79.17 38.28
CA GLU L 27 -8.94 -80.43 38.51
C GLU L 27 -9.08 -81.24 37.22
N HIS L 28 -9.44 -80.58 36.13
CA HIS L 28 -9.71 -81.28 34.87
C HIS L 28 -8.49 -81.30 33.95
N GLY L 29 -7.32 -80.91 34.44
CA GLY L 29 -6.11 -80.95 33.64
C GLY L 29 -6.16 -80.03 32.44
N ILE L 30 -6.61 -78.79 32.65
CA ILE L 30 -6.77 -77.80 31.58
C ILE L 30 -5.68 -76.76 31.74
N GLN L 31 -4.87 -76.60 30.69
CA GLN L 31 -3.87 -75.55 30.67
C GLN L 31 -4.55 -74.19 30.61
N PRO L 32 -3.87 -73.13 31.08
CA PRO L 32 -4.50 -71.79 31.05
C PRO L 32 -4.90 -71.35 29.66
N ASP L 33 -4.21 -71.80 28.62
CA ASP L 33 -4.59 -71.48 27.25
C ASP L 33 -5.68 -72.40 26.70
N GLY L 34 -6.34 -73.18 27.56
CA GLY L 34 -7.56 -73.89 27.22
C GLY L 34 -7.40 -75.23 26.55
N GLN L 35 -6.19 -75.72 26.34
CA GLN L 35 -5.99 -77.04 25.75
C GLN L 35 -5.72 -78.10 26.82
N MET L 36 -5.91 -79.35 26.44
CA MET L 36 -5.72 -80.50 27.32
C MET L 36 -4.70 -81.45 26.71
N PRO L 37 -3.46 -81.46 27.21
CA PRO L 37 -2.40 -82.36 26.72
C PRO L 37 -2.75 -83.82 26.93
N HIS L 46 -11.87 -92.38 37.72
CA HIS L 46 -12.69 -91.44 38.47
C HIS L 46 -13.24 -90.36 37.54
N HIS L 47 -12.82 -90.40 36.28
CA HIS L 47 -13.20 -89.41 35.28
C HIS L 47 -14.09 -90.05 34.24
N HIS L 48 -15.18 -89.36 33.88
CA HIS L 48 -16.11 -89.85 32.87
C HIS L 48 -15.46 -89.84 31.49
N ASP L 53 -17.30 -87.45 29.99
CA ASP L 53 -16.72 -86.12 29.85
C ASP L 53 -17.08 -85.34 31.11
N SER L 54 -16.16 -85.35 32.07
CA SER L 54 -16.39 -84.66 33.35
C SER L 54 -16.42 -83.15 33.18
N PHE L 55 -15.52 -82.61 32.36
CA PHE L 55 -15.39 -81.16 32.25
C PHE L 55 -16.54 -80.51 31.50
N ASN L 56 -17.46 -81.29 30.93
CA ASN L 56 -18.57 -80.71 30.17
C ASN L 56 -19.46 -79.81 31.02
N THR L 57 -19.43 -79.96 32.34
CA THR L 57 -20.31 -79.18 33.20
C THR L 57 -19.94 -77.70 33.17
N PHE L 58 -18.70 -77.39 33.57
CA PHE L 58 -18.25 -76.00 33.61
C PHE L 58 -17.68 -75.52 32.29
N PHE L 59 -17.13 -76.44 31.48
CA PHE L 59 -16.34 -76.08 30.32
C PHE L 59 -17.10 -76.47 29.05
N SER L 60 -17.48 -75.47 28.25
CA SER L 60 -17.97 -75.74 26.92
C SER L 60 -16.80 -75.92 25.96
N GLU L 61 -17.01 -76.74 24.94
CA GLU L 61 -15.95 -77.17 24.04
C GLU L 61 -16.16 -76.58 22.66
N THR L 62 -15.09 -76.10 22.06
CA THR L 62 -15.12 -75.51 20.73
C THR L 62 -14.76 -76.58 19.69
N GLY L 63 -14.56 -76.16 18.45
CA GLY L 63 -14.17 -77.10 17.41
C GLY L 63 -12.83 -77.76 17.68
N ALA L 64 -11.86 -76.96 18.11
CA ALA L 64 -10.55 -77.47 18.49
C ALA L 64 -10.61 -78.00 19.93
N GLY L 65 -9.44 -78.26 20.52
CA GLY L 65 -9.39 -78.71 21.89
C GLY L 65 -9.56 -77.64 22.93
N LYS L 66 -9.77 -76.39 22.51
CA LYS L 66 -9.94 -75.29 23.45
C LYS L 66 -11.25 -75.43 24.20
N HIS L 67 -11.19 -75.22 25.51
CA HIS L 67 -12.36 -75.27 26.38
C HIS L 67 -12.52 -73.93 27.09
N VAL L 68 -13.75 -73.43 27.15
CA VAL L 68 -13.99 -72.13 27.78
C VAL L 68 -15.03 -72.27 28.88
N PRO L 69 -14.90 -71.52 29.97
CA PRO L 69 -15.85 -71.65 31.09
C PRO L 69 -17.21 -71.05 30.77
N ARG L 70 -18.22 -71.59 31.45
CA ARG L 70 -19.58 -71.03 31.40
C ARG L 70 -19.77 -70.18 32.65
N ALA L 71 -19.19 -68.99 32.62
CA ALA L 71 -19.19 -68.07 33.75
C ALA L 71 -19.42 -66.66 33.25
N VAL L 72 -19.88 -65.80 34.16
CA VAL L 72 -20.09 -64.38 33.87
C VAL L 72 -19.35 -63.57 34.94
N PHE L 73 -18.38 -62.77 34.51
CA PHE L 73 -17.66 -61.86 35.41
C PHE L 73 -18.18 -60.45 35.15
N VAL L 74 -18.91 -59.92 36.12
CA VAL L 74 -19.54 -58.61 36.02
C VAL L 74 -19.11 -57.77 37.22
N ASP L 75 -18.69 -56.53 36.95
CA ASP L 75 -18.32 -55.60 38.00
C ASP L 75 -18.28 -54.20 37.38
N LEU L 76 -18.82 -53.22 38.10
CA LEU L 76 -18.92 -51.87 37.58
C LEU L 76 -17.59 -51.13 37.54
N GLU L 77 -16.62 -51.55 38.36
CA GLU L 77 -15.29 -50.93 38.32
C GLU L 77 -14.34 -51.81 37.52
N PRO L 78 -13.73 -51.29 36.46
CA PRO L 78 -12.98 -52.16 35.53
C PRO L 78 -11.62 -52.62 36.04
N THR L 79 -11.26 -52.28 37.28
CA THR L 79 -9.91 -52.57 37.77
C THR L 79 -9.64 -54.07 37.83
N VAL L 80 -10.44 -54.80 38.61
CA VAL L 80 -10.17 -56.22 38.79
C VAL L 80 -10.44 -56.98 37.50
N ILE L 81 -11.37 -56.50 36.68
CA ILE L 81 -11.61 -57.16 35.39
C ILE L 81 -10.41 -56.98 34.47
N ASP L 82 -9.77 -55.81 34.50
CA ASP L 82 -8.53 -55.62 33.76
C ASP L 82 -7.44 -56.53 34.30
N GLU L 83 -7.38 -56.70 35.62
CA GLU L 83 -6.41 -57.62 36.21
C GLU L 83 -6.63 -59.05 35.71
N VAL L 84 -7.89 -59.48 35.61
CA VAL L 84 -8.18 -60.80 35.07
C VAL L 84 -7.79 -60.87 33.59
N ARG L 85 -8.08 -59.82 32.83
CA ARG L 85 -7.79 -59.82 31.40
C ARG L 85 -6.29 -59.90 31.14
N THR L 86 -5.50 -59.15 31.90
CA THR L 86 -4.05 -59.12 31.76
C THR L 86 -3.36 -60.21 32.57
N GLY L 87 -4.10 -60.99 33.35
CA GLY L 87 -3.51 -62.02 34.16
C GLY L 87 -3.10 -63.24 33.35
N THR L 88 -2.69 -64.28 34.08
CA THR L 88 -2.25 -65.51 33.41
C THR L 88 -3.39 -66.22 32.71
N TYR L 89 -4.61 -66.12 33.26
CA TYR L 89 -5.78 -66.73 32.64
C TYR L 89 -6.40 -65.79 31.62
N ARG L 90 -5.60 -65.34 30.66
CA ARG L 90 -6.06 -64.39 29.66
C ARG L 90 -6.77 -65.08 28.50
N GLN L 91 -6.09 -66.01 27.84
CA GLN L 91 -6.65 -66.67 26.67
C GLN L 91 -7.86 -67.52 26.99
N LEU L 92 -8.02 -67.93 28.25
CA LEU L 92 -9.06 -68.90 28.60
C LEU L 92 -10.46 -68.34 28.36
N PHE L 93 -10.79 -67.24 29.04
CA PHE L 93 -12.17 -66.75 29.02
C PHE L 93 -12.54 -66.18 27.65
N HIS L 94 -13.80 -66.34 27.30
CA HIS L 94 -14.38 -65.66 26.15
C HIS L 94 -14.52 -64.17 26.48
N PRO L 95 -14.05 -63.28 25.61
CA PRO L 95 -13.99 -61.85 25.98
C PRO L 95 -15.32 -61.23 26.35
N GLU L 96 -16.46 -61.83 25.96
CA GLU L 96 -17.75 -61.21 26.24
C GLU L 96 -18.11 -61.29 27.72
N GLN L 97 -17.87 -62.43 28.35
CA GLN L 97 -18.27 -62.63 29.74
C GLN L 97 -17.44 -61.84 30.74
N LEU L 98 -16.58 -60.94 30.28
CA LEU L 98 -15.86 -60.03 31.16
C LEU L 98 -16.51 -58.65 30.97
N ILE L 99 -17.57 -58.41 31.73
CA ILE L 99 -18.37 -57.19 31.62
C ILE L 99 -17.89 -56.18 32.63
N THR L 100 -17.66 -54.95 32.18
CA THR L 100 -17.23 -53.86 33.05
C THR L 100 -18.20 -52.70 32.93
N GLY L 101 -18.31 -51.95 34.01
CA GLY L 101 -19.06 -50.71 34.03
C GLY L 101 -18.14 -49.51 33.86
N LYS L 102 -18.56 -48.38 34.39
CA LYS L 102 -17.73 -47.18 34.37
C LYS L 102 -17.43 -46.66 35.77
N GLU L 103 -18.44 -46.49 36.62
CA GLU L 103 -18.26 -46.17 38.02
C GLU L 103 -18.86 -47.25 38.89
N ASP L 104 -18.26 -47.45 40.07
CA ASP L 104 -18.74 -48.43 41.03
C ASP L 104 -19.91 -47.88 41.82
N ALA L 105 -20.70 -48.79 42.40
CA ALA L 105 -21.86 -48.38 43.17
C ALA L 105 -21.49 -47.65 44.45
N ALA L 106 -20.24 -47.78 44.90
CA ALA L 106 -19.72 -47.06 46.06
C ALA L 106 -20.51 -47.40 47.33
N ASN L 107 -20.57 -48.70 47.63
CA ASN L 107 -21.23 -49.20 48.85
C ASN L 107 -22.64 -48.66 48.99
N ASN L 108 -23.32 -48.47 47.87
CA ASN L 108 -24.66 -47.89 47.84
C ASN L 108 -25.57 -48.86 47.10
N TYR L 109 -26.46 -49.51 47.86
CA TYR L 109 -27.43 -50.42 47.25
C TYR L 109 -28.28 -49.69 46.22
N ALA L 110 -28.58 -48.42 46.47
CA ALA L 110 -29.38 -47.64 45.52
C ALA L 110 -28.66 -47.51 44.18
N ARG L 111 -27.37 -47.17 44.21
CA ARG L 111 -26.61 -47.04 42.96
C ARG L 111 -26.45 -48.37 42.25
N GLY L 112 -26.29 -49.46 43.01
CA GLY L 112 -26.13 -50.77 42.42
C GLY L 112 -27.41 -51.47 42.05
N HIS L 113 -28.56 -50.85 42.32
CA HIS L 113 -29.84 -51.47 42.04
C HIS L 113 -30.81 -50.58 41.27
N TYR L 114 -30.66 -49.26 41.33
CA TYR L 114 -31.55 -48.36 40.61
C TYR L 114 -30.84 -47.44 39.63
N THR L 115 -29.72 -46.84 40.02
CA THR L 115 -29.13 -45.77 39.22
C THR L 115 -28.19 -46.29 38.15
N ILE L 116 -27.20 -47.10 38.53
CA ILE L 116 -26.23 -47.62 37.58
C ILE L 116 -26.60 -49.01 37.10
N GLY L 117 -27.31 -49.77 37.93
CA GLY L 117 -27.59 -51.17 37.61
C GLY L 117 -28.36 -51.37 36.32
N LYS L 118 -29.31 -50.49 36.02
CA LYS L 118 -30.12 -50.67 34.81
C LYS L 118 -29.29 -50.53 33.53
N GLU L 119 -28.17 -49.82 33.58
CA GLU L 119 -27.47 -49.43 32.37
C GLU L 119 -26.75 -50.59 31.69
N ILE L 120 -26.50 -51.69 32.40
CA ILE L 120 -25.82 -52.84 31.83
C ILE L 120 -26.55 -54.15 32.09
N ILE L 121 -27.71 -54.11 32.75
CA ILE L 121 -28.41 -55.35 33.10
C ILE L 121 -28.84 -56.11 31.86
N ASP L 122 -29.25 -55.38 30.81
CA ASP L 122 -29.73 -56.04 29.60
C ASP L 122 -28.62 -56.86 28.94
N LEU L 123 -27.41 -56.32 28.89
CA LEU L 123 -26.30 -57.07 28.31
C LEU L 123 -26.00 -58.34 29.09
N VAL L 124 -26.03 -58.24 30.43
CA VAL L 124 -25.78 -59.41 31.27
C VAL L 124 -26.84 -60.48 31.03
N LEU L 125 -28.11 -60.07 30.99
CA LEU L 125 -29.19 -61.02 30.74
C LEU L 125 -29.04 -61.65 29.36
N ASP L 126 -28.66 -60.85 28.36
CA ASP L 126 -28.48 -61.38 27.01
C ASP L 126 -27.36 -62.43 26.99
N ARG L 127 -26.25 -62.14 27.65
CA ARG L 127 -25.14 -63.10 27.65
C ARG L 127 -25.52 -64.37 28.40
N ILE L 128 -26.24 -64.24 29.51
CA ILE L 128 -26.71 -65.42 30.23
C ILE L 128 -27.64 -66.25 29.35
N ARG L 129 -28.52 -65.59 28.61
CA ARG L 129 -29.42 -66.31 27.71
C ARG L 129 -28.64 -67.01 26.60
N LYS L 130 -27.62 -66.36 26.05
CA LYS L 130 -26.78 -67.01 25.05
C LYS L 130 -26.10 -68.25 25.62
N LEU L 131 -25.58 -68.15 26.85
CA LEU L 131 -24.96 -69.30 27.48
C LEU L 131 -25.98 -70.43 27.68
N ALA L 132 -27.18 -70.08 28.14
CA ALA L 132 -28.17 -71.11 28.47
C ALA L 132 -28.72 -71.78 27.22
N ASP L 133 -28.92 -71.03 26.14
CA ASP L 133 -29.59 -71.57 24.96
C ASP L 133 -28.79 -72.67 24.26
N GLN L 134 -27.48 -72.74 24.49
CA GLN L 134 -26.65 -73.77 23.89
C GLN L 134 -26.39 -74.93 24.84
N CYS L 135 -26.98 -74.92 26.04
CA CYS L 135 -26.87 -76.02 26.97
C CYS L 135 -27.97 -77.05 26.73
N THR L 136 -27.85 -78.18 27.42
CA THR L 136 -28.81 -79.28 27.28
C THR L 136 -29.48 -79.67 28.59
N GLY L 137 -28.73 -79.74 29.68
CA GLY L 137 -29.28 -80.17 30.95
C GLY L 137 -28.96 -79.22 32.08
N LEU L 138 -29.00 -77.93 31.80
CA LEU L 138 -28.68 -76.89 32.78
C LEU L 138 -29.44 -77.10 34.07
N GLN L 139 -28.70 -77.29 35.18
CA GLN L 139 -29.36 -77.38 36.47
C GLN L 139 -29.56 -76.01 37.11
N GLY L 140 -28.56 -75.14 37.10
CA GLY L 140 -28.77 -73.85 37.74
C GLY L 140 -27.54 -72.97 37.78
N PHE L 141 -27.62 -71.98 38.68
CA PHE L 141 -26.70 -70.86 38.75
C PHE L 141 -25.97 -70.89 40.08
N LEU L 142 -24.65 -70.67 40.03
CA LEU L 142 -23.83 -70.51 41.21
C LEU L 142 -23.46 -69.04 41.34
N VAL L 143 -24.10 -68.33 42.26
CA VAL L 143 -23.96 -66.88 42.37
C VAL L 143 -23.04 -66.56 43.53
N PHE L 144 -21.94 -65.88 43.24
CA PHE L 144 -20.93 -65.52 44.25
C PHE L 144 -20.86 -64.00 44.34
N HIS L 145 -21.26 -63.46 45.49
CA HIS L 145 -21.31 -62.02 45.69
C HIS L 145 -21.18 -61.72 47.17
N SER L 146 -20.85 -60.46 47.47
CA SER L 146 -20.77 -59.98 48.84
C SER L 146 -21.99 -59.13 49.20
N PHE L 147 -22.25 -59.02 50.51
CA PHE L 147 -23.26 -58.12 51.03
C PHE L 147 -22.72 -56.73 51.35
N GLY L 148 -21.40 -56.55 51.33
CA GLY L 148 -20.82 -55.29 51.73
C GLY L 148 -20.85 -54.23 50.65
N GLY L 149 -20.26 -54.53 49.49
CA GLY L 149 -20.22 -53.55 48.42
C GLY L 149 -21.58 -53.27 47.83
N GLY L 150 -21.75 -52.05 47.34
CA GLY L 150 -23.00 -51.69 46.68
C GLY L 150 -23.24 -52.46 45.41
N THR L 151 -22.18 -52.63 44.60
CA THR L 151 -22.29 -53.40 43.37
C THR L 151 -22.81 -54.80 43.65
N GLY L 152 -22.10 -55.56 44.47
CA GLY L 152 -22.51 -56.91 44.81
C GLY L 152 -23.95 -57.00 45.20
N SER L 153 -24.33 -56.33 46.30
CA SER L 153 -25.67 -56.45 46.84
C SER L 153 -26.73 -56.00 45.82
N GLY L 154 -26.62 -54.76 45.34
CA GLY L 154 -27.67 -54.22 44.50
C GLY L 154 -27.80 -54.95 43.17
N PHE L 155 -26.67 -55.15 42.48
CA PHE L 155 -26.72 -55.81 41.18
C PHE L 155 -27.16 -57.25 41.33
N THR L 156 -26.75 -57.93 42.41
CA THR L 156 -27.22 -59.29 42.63
C THR L 156 -28.72 -59.31 42.86
N SER L 157 -29.25 -58.36 43.62
CA SER L 157 -30.70 -58.30 43.84
C SER L 157 -31.42 -58.13 42.51
N LEU L 158 -30.99 -57.16 41.70
CA LEU L 158 -31.63 -56.92 40.41
C LEU L 158 -31.52 -58.14 39.51
N LEU L 159 -30.33 -58.74 39.45
CA LEU L 159 -30.12 -59.90 38.57
C LEU L 159 -30.94 -61.09 39.02
N MET L 160 -31.06 -61.32 40.32
CA MET L 160 -31.86 -62.45 40.79
C MET L 160 -33.33 -62.22 40.47
N GLU L 161 -33.80 -60.98 40.63
CA GLU L 161 -35.17 -60.66 40.20
C GLU L 161 -35.36 -61.00 38.73
N ARG L 162 -34.44 -60.53 37.88
CA ARG L 162 -34.59 -60.72 36.45
C ARG L 162 -34.54 -62.19 36.07
N LEU L 163 -33.64 -62.96 36.69
CA LEU L 163 -33.55 -64.38 36.41
C LEU L 163 -34.80 -65.13 36.85
N SER L 164 -35.31 -64.79 38.04
CA SER L 164 -36.54 -65.43 38.53
C SER L 164 -37.70 -65.14 37.59
N VAL L 165 -37.81 -63.89 37.13
CA VAL L 165 -38.88 -63.54 36.18
C VAL L 165 -38.67 -64.27 34.85
N ASP L 166 -37.43 -64.42 34.42
CA ASP L 166 -37.12 -65.02 33.12
C ASP L 166 -37.10 -66.54 33.17
N TYR L 167 -36.39 -67.11 34.14
CA TYR L 167 -36.31 -68.55 34.30
C TYR L 167 -37.14 -68.95 35.52
N GLY L 168 -38.08 -69.86 35.32
CA GLY L 168 -39.08 -70.15 36.33
C GLY L 168 -38.61 -70.84 37.59
N LYS L 169 -38.20 -72.10 37.48
CA LYS L 169 -37.83 -72.92 38.64
C LYS L 169 -36.50 -73.59 38.37
N LYS L 170 -35.42 -72.90 38.70
CA LYS L 170 -34.07 -73.46 38.57
C LYS L 170 -33.30 -73.17 39.84
N SER L 171 -32.62 -74.17 40.38
CA SER L 171 -31.88 -73.98 41.63
C SER L 171 -30.76 -72.98 41.42
N LYS L 172 -30.72 -71.95 42.27
CA LYS L 172 -29.78 -70.85 42.14
C LYS L 172 -29.22 -70.52 43.52
N LEU L 173 -27.99 -70.97 43.77
CA LEU L 173 -27.36 -70.89 45.08
C LEU L 173 -26.54 -69.61 45.20
N GLU L 174 -26.56 -69.02 46.39
CA GLU L 174 -25.78 -67.83 46.70
C GLU L 174 -24.73 -68.18 47.75
N PHE L 175 -23.47 -67.89 47.44
CA PHE L 175 -22.37 -68.09 48.38
C PHE L 175 -21.91 -66.68 48.77
N SER L 176 -22.60 -66.09 49.73
CA SER L 176 -22.46 -64.67 50.04
C SER L 176 -21.43 -64.43 51.12
N ILE L 177 -20.79 -63.27 51.05
CA ILE L 177 -19.86 -62.82 52.09
C ILE L 177 -20.70 -62.05 53.10
N TYR L 178 -21.21 -62.75 54.10
CA TYR L 178 -22.02 -62.12 55.13
C TYR L 178 -21.15 -61.14 55.92
N PRO L 179 -21.67 -59.95 56.25
CA PRO L 179 -20.84 -58.97 56.97
C PRO L 179 -20.45 -59.50 58.35
N ALA L 180 -19.24 -59.14 58.76
CA ALA L 180 -18.68 -59.67 59.99
C ALA L 180 -19.42 -59.13 61.21
N PRO L 181 -19.42 -59.87 62.31
CA PRO L 181 -20.02 -59.34 63.55
C PRO L 181 -19.41 -58.03 63.98
N GLN L 182 -18.08 -57.93 63.96
CA GLN L 182 -17.41 -56.68 64.20
C GLN L 182 -16.45 -56.26 63.09
N VAL L 183 -15.67 -57.19 62.54
CA VAL L 183 -14.49 -56.81 61.75
C VAL L 183 -15.00 -56.42 60.36
N SER L 184 -15.43 -55.17 60.25
CA SER L 184 -16.06 -54.66 59.05
C SER L 184 -15.14 -53.66 58.37
N THR L 185 -15.19 -53.65 57.04
CA THR L 185 -14.33 -52.78 56.24
C THR L 185 -15.02 -51.51 55.78
N ALA L 186 -16.34 -51.49 55.70
CA ALA L 186 -17.10 -50.31 55.34
C ALA L 186 -17.88 -49.81 56.56
N VAL L 187 -18.73 -48.81 56.33
CA VAL L 187 -19.51 -48.19 57.41
C VAL L 187 -20.99 -48.42 57.16
N VAL L 188 -21.36 -48.53 55.89
CA VAL L 188 -22.76 -48.66 55.51
C VAL L 188 -23.12 -50.11 55.16
N GLU L 189 -22.36 -51.08 55.67
CA GLU L 189 -22.68 -52.47 55.43
C GLU L 189 -24.07 -52.89 55.92
N PRO L 190 -24.52 -52.52 57.12
CA PRO L 190 -25.87 -52.95 57.54
C PRO L 190 -26.99 -52.53 56.61
N TYR L 191 -26.98 -51.29 56.11
CA TYR L 191 -28.03 -50.87 55.17
C TYR L 191 -28.05 -51.76 53.93
N ASN L 192 -26.90 -51.92 53.29
CA ASN L 192 -26.85 -52.69 52.06
C ASN L 192 -27.22 -54.14 52.31
N SER L 193 -26.74 -54.71 53.41
CA SER L 193 -27.04 -56.10 53.72
C SER L 193 -28.53 -56.31 53.98
N ILE L 194 -29.14 -55.41 54.75
CA ILE L 194 -30.57 -55.51 55.03
C ILE L 194 -31.38 -55.40 53.75
N LEU L 195 -31.02 -54.42 52.91
CA LEU L 195 -31.76 -54.23 51.66
C LEU L 195 -31.64 -55.45 50.74
N THR L 196 -30.41 -55.97 50.58
CA THR L 196 -30.23 -57.10 49.67
C THR L 196 -30.87 -58.37 50.23
N THR L 197 -30.85 -58.56 51.55
CA THR L 197 -31.51 -59.73 52.13
C THR L 197 -33.01 -59.64 51.95
N HIS L 198 -33.59 -58.46 52.21
CA HIS L 198 -35.02 -58.28 52.02
C HIS L 198 -35.41 -58.48 50.56
N THR L 199 -34.55 -58.06 49.64
CA THR L 199 -34.86 -58.20 48.22
C THR L 199 -34.76 -59.65 47.77
N THR L 200 -33.71 -60.36 48.18
CA THR L 200 -33.46 -61.72 47.72
C THR L 200 -34.15 -62.79 48.55
N LEU L 201 -34.86 -62.42 49.62
CA LEU L 201 -35.56 -63.42 50.40
C LEU L 201 -36.59 -64.19 49.58
N GLU L 202 -37.09 -63.59 48.49
CA GLU L 202 -38.13 -64.21 47.69
C GLU L 202 -37.59 -64.91 46.44
N HIS L 203 -36.26 -64.98 46.28
CA HIS L 203 -35.72 -65.60 45.08
C HIS L 203 -34.69 -66.67 45.40
N SER L 204 -33.94 -66.49 46.48
CA SER L 204 -32.81 -67.37 46.79
C SER L 204 -33.34 -68.73 47.22
N ASP L 205 -33.20 -69.72 46.33
CA ASP L 205 -33.58 -71.08 46.67
C ASP L 205 -32.71 -71.67 47.78
N CYS L 206 -31.48 -71.20 47.91
CA CYS L 206 -30.59 -71.59 49.00
C CYS L 206 -29.39 -70.64 49.06
N ALA L 207 -29.12 -70.08 50.24
CA ALA L 207 -28.01 -69.17 50.43
C ALA L 207 -27.08 -69.72 51.50
N PHE L 208 -25.79 -69.79 51.16
CA PHE L 208 -24.77 -70.38 52.04
C PHE L 208 -23.95 -69.24 52.63
N MET L 209 -24.13 -69.00 53.93
CA MET L 209 -23.46 -67.90 54.60
C MET L 209 -22.01 -68.28 54.90
N VAL L 210 -21.10 -67.34 54.66
CA VAL L 210 -19.69 -67.49 55.00
C VAL L 210 -19.17 -66.15 55.48
N ASP L 211 -18.32 -66.17 56.50
CA ASP L 211 -17.89 -64.97 57.20
C ASP L 211 -16.38 -64.83 57.18
N ASN L 212 -15.91 -63.58 57.16
CA ASN L 212 -14.48 -63.30 57.04
C ASN L 212 -13.73 -63.59 58.35
N GLU L 213 -14.31 -63.19 59.50
CA GLU L 213 -13.62 -63.36 60.77
C GLU L 213 -13.33 -64.83 61.06
N ALA L 214 -14.31 -65.70 60.83
CA ALA L 214 -14.12 -67.11 61.11
C ALA L 214 -13.04 -67.71 60.21
N ILE L 215 -13.00 -67.31 58.95
CA ILE L 215 -11.97 -67.83 58.05
C ILE L 215 -10.59 -67.32 58.47
N TYR L 216 -10.52 -66.06 58.91
CA TYR L 216 -9.26 -65.56 59.48
C TYR L 216 -8.82 -66.42 60.66
N ASP L 217 -9.75 -66.74 61.54
CA ASP L 217 -9.43 -67.56 62.71
C ASP L 217 -8.96 -68.95 62.30
N ILE L 218 -9.63 -69.55 61.31
CA ILE L 218 -9.23 -70.86 60.81
C ILE L 218 -7.82 -70.79 60.23
N CYS L 219 -7.54 -69.74 59.46
CA CYS L 219 -6.23 -69.60 58.84
C CYS L 219 -5.13 -69.47 59.89
N ARG L 220 -5.37 -68.66 60.93
CA ARG L 220 -4.33 -68.50 61.95
C ARG L 220 -4.15 -69.78 62.76
N ARG L 221 -5.25 -70.48 63.07
CA ARG L 221 -5.17 -71.63 63.96
C ARG L 221 -4.65 -72.87 63.26
N ASN L 222 -5.20 -73.20 62.09
CA ASN L 222 -4.88 -74.45 61.42
C ASN L 222 -3.74 -74.28 60.41
N LEU L 223 -3.91 -73.37 59.45
CA LEU L 223 -2.90 -73.19 58.41
C LEU L 223 -1.60 -72.60 58.94
N ASP L 224 -1.60 -72.07 60.17
CA ASP L 224 -0.42 -71.49 60.79
C ASP L 224 0.15 -70.33 59.98
N ILE L 225 -0.70 -69.67 59.20
CA ILE L 225 -0.31 -68.49 58.45
C ILE L 225 -0.67 -67.28 59.30
N GLU L 226 0.35 -66.66 59.90
CA GLU L 226 0.10 -65.53 60.78
C GLU L 226 -0.44 -64.32 60.02
N ARG L 227 -0.08 -64.18 58.75
CA ARG L 227 -0.49 -63.04 57.94
C ARG L 227 -1.06 -63.53 56.62
N PRO L 228 -2.25 -64.13 56.64
CA PRO L 228 -2.88 -64.58 55.39
C PRO L 228 -3.53 -63.43 54.64
N THR L 229 -3.67 -63.64 53.34
CA THR L 229 -4.29 -62.68 52.43
C THR L 229 -5.59 -63.22 51.88
N TYR L 230 -6.30 -62.36 51.15
CA TYR L 230 -7.58 -62.73 50.55
C TYR L 230 -7.46 -63.93 49.62
N THR L 231 -6.28 -64.17 49.05
CA THR L 231 -6.10 -65.33 48.19
C THR L 231 -6.42 -66.62 48.93
N ASN L 232 -5.99 -66.72 50.20
CA ASN L 232 -6.23 -67.94 50.96
C ASN L 232 -7.72 -68.16 51.23
N LEU L 233 -8.44 -67.10 51.62
CA LEU L 233 -9.88 -67.23 51.81
C LEU L 233 -10.56 -67.65 50.51
N ASN L 234 -10.12 -67.08 49.39
CA ASN L 234 -10.65 -67.49 48.10
C ASN L 234 -10.37 -68.97 47.83
N ARG L 235 -9.19 -69.45 48.24
CA ARG L 235 -8.85 -70.85 48.06
C ARG L 235 -9.79 -71.75 48.84
N LEU L 236 -10.06 -71.41 50.10
CA LEU L 236 -10.99 -72.20 50.90
C LEU L 236 -12.39 -72.19 50.30
N ILE L 237 -12.87 -71.03 49.88
CA ILE L 237 -14.21 -70.96 49.30
C ILE L 237 -14.27 -71.76 48.00
N SER L 238 -13.20 -71.71 47.20
CA SER L 238 -13.15 -72.51 45.98
C SER L 238 -13.16 -74.00 46.29
N GLN L 239 -12.45 -74.41 47.35
CA GLN L 239 -12.49 -75.80 47.77
C GLN L 239 -13.91 -76.21 48.15
N ILE L 240 -14.63 -75.32 48.85
CA ILE L 240 -16.02 -75.61 49.21
C ILE L 240 -16.86 -75.82 47.96
N VAL L 241 -16.73 -74.91 46.99
CA VAL L 241 -17.55 -75.01 45.79
C VAL L 241 -17.20 -76.27 45.00
N SER L 242 -15.92 -76.61 44.94
CA SER L 242 -15.49 -77.83 44.26
C SER L 242 -16.06 -79.06 44.95
N SER L 243 -16.05 -79.09 46.27
CA SER L 243 -16.66 -80.21 47.00
C SER L 243 -18.15 -80.29 46.71
N ILE L 244 -18.82 -79.13 46.57
CA ILE L 244 -20.24 -79.13 46.25
C ILE L 244 -20.50 -79.73 44.87
N THR L 245 -19.69 -79.34 43.88
CA THR L 245 -19.91 -79.75 42.50
C THR L 245 -19.22 -81.06 42.13
N ALA L 246 -18.50 -81.69 43.07
CA ALA L 246 -17.82 -82.94 42.77
C ALA L 246 -18.79 -84.03 42.35
N SER L 247 -19.96 -84.11 43.00
CA SER L 247 -20.92 -85.16 42.66
C SER L 247 -21.38 -85.04 41.22
N LEU L 248 -21.67 -83.82 40.77
CA LEU L 248 -22.04 -83.62 39.37
C LEU L 248 -20.86 -83.89 38.44
N ARG L 249 -19.67 -83.45 38.81
CA ARG L 249 -18.53 -83.49 37.89
C ARG L 249 -17.75 -84.80 37.93
N PHE L 250 -18.10 -85.74 38.80
CA PHE L 250 -17.27 -86.93 38.95
C PHE L 250 -18.12 -88.13 39.34
N ASP L 251 -17.56 -89.31 39.12
CA ASP L 251 -18.17 -90.55 39.58
C ASP L 251 -18.17 -90.60 41.10
N GLY L 252 -19.23 -91.16 41.67
CA GLY L 252 -19.34 -91.28 43.11
C GLY L 252 -20.13 -92.50 43.50
N ALA L 253 -19.84 -93.03 44.69
CA ALA L 253 -20.59 -94.17 45.19
C ALA L 253 -22.02 -93.80 45.53
N LEU L 254 -22.27 -92.55 45.90
CA LEU L 254 -23.62 -92.07 46.20
C LEU L 254 -23.66 -90.61 45.72
N ASN L 255 -24.28 -90.38 44.57
CA ASN L 255 -24.34 -89.06 43.98
C ASN L 255 -25.48 -88.23 44.59
N VAL L 256 -25.35 -86.91 44.47
CA VAL L 256 -26.34 -85.95 44.93
C VAL L 256 -26.34 -84.77 43.97
N ASP L 257 -27.52 -84.26 43.64
CA ASP L 257 -27.65 -83.12 42.74
C ASP L 257 -28.01 -81.85 43.50
N LEU L 258 -28.04 -80.74 42.76
CA LEU L 258 -28.35 -79.45 43.38
C LEU L 258 -29.77 -79.43 43.94
N THR L 259 -30.71 -80.10 43.26
CA THR L 259 -32.06 -80.20 43.78
C THR L 259 -32.08 -80.88 45.15
N ALA L 260 -31.21 -81.87 45.35
CA ALA L 260 -31.10 -82.48 46.67
C ALA L 260 -30.64 -81.46 47.70
N PHE L 261 -29.69 -80.59 47.33
CA PHE L 261 -29.26 -79.54 48.23
C PHE L 261 -30.41 -78.62 48.60
N GLN L 262 -31.19 -78.19 47.60
CA GLN L 262 -32.31 -77.29 47.85
C GLN L 262 -33.42 -77.94 48.65
N THR L 263 -33.60 -79.26 48.53
CA THR L 263 -34.71 -79.94 49.17
C THR L 263 -34.36 -80.36 50.60
N ASN L 264 -33.17 -80.94 50.80
CA ASN L 264 -32.84 -81.55 52.07
C ASN L 264 -32.42 -80.53 53.13
N LEU L 265 -32.08 -79.31 52.72
CA LEU L 265 -31.57 -78.30 53.64
C LEU L 265 -32.58 -77.20 53.96
N VAL L 266 -33.71 -77.16 53.27
CA VAL L 266 -34.68 -76.08 53.45
C VAL L 266 -36.00 -76.66 53.96
N PRO L 267 -36.21 -76.69 55.28
CA PRO L 267 -37.49 -77.20 55.78
C PRO L 267 -38.64 -76.24 55.55
N TYR L 268 -38.41 -74.93 55.68
CA TYR L 268 -39.42 -73.91 55.47
C TYR L 268 -38.96 -72.93 54.41
N PRO L 269 -39.87 -72.39 53.60
CA PRO L 269 -39.44 -71.58 52.44
C PRO L 269 -38.63 -70.35 52.80
N ARG L 270 -38.91 -69.70 53.94
CA ARG L 270 -38.17 -68.48 54.28
C ARG L 270 -36.84 -68.77 54.96
N ILE L 271 -36.71 -69.91 55.63
CA ILE L 271 -35.49 -70.26 56.36
C ILE L 271 -34.67 -71.14 55.42
N HIS L 272 -33.75 -70.53 54.71
CA HIS L 272 -32.90 -71.20 53.72
C HIS L 272 -31.47 -70.68 53.81
N PHE L 273 -30.95 -70.56 55.03
CA PHE L 273 -29.64 -69.94 55.28
C PHE L 273 -28.74 -70.91 56.04
N PRO L 274 -28.22 -71.95 55.37
CA PRO L 274 -27.20 -72.78 56.00
C PRO L 274 -25.82 -72.14 55.93
N LEU L 275 -24.91 -72.72 56.70
CA LEU L 275 -23.52 -72.29 56.77
C LEU L 275 -22.60 -73.44 56.39
N ALA L 276 -21.41 -73.09 55.92
CA ALA L 276 -20.47 -74.05 55.36
C ALA L 276 -19.28 -74.29 56.30
N THR L 277 -18.65 -75.45 56.11
CA THR L 277 -17.47 -75.84 56.87
C THR L 277 -16.69 -76.85 56.04
N TYR L 278 -15.37 -76.80 56.12
CA TYR L 278 -14.51 -77.71 55.36
C TYR L 278 -13.50 -78.38 56.28
N ALA L 279 -13.12 -79.61 55.93
CA ALA L 279 -12.09 -80.31 56.67
C ALA L 279 -11.49 -81.39 55.78
N PRO L 280 -10.23 -81.77 56.00
CA PRO L 280 -9.30 -81.15 56.95
C PRO L 280 -8.62 -79.93 56.34
N VAL L 281 -8.11 -79.05 57.20
CA VAL L 281 -7.34 -77.87 56.77
C VAL L 281 -6.03 -77.89 57.56
N ILE L 282 -5.00 -78.51 56.99
CA ILE L 282 -3.72 -78.67 57.67
C ILE L 282 -2.60 -78.39 56.68
N SER L 283 -1.49 -77.87 57.20
CA SER L 283 -0.32 -77.56 56.40
C SER L 283 0.46 -78.83 56.06
N ALA L 284 1.37 -78.69 55.09
CA ALA L 284 2.21 -79.82 54.71
C ALA L 284 3.09 -80.29 55.85
N GLU L 285 3.63 -79.34 56.63
CA GLU L 285 4.42 -79.71 57.80
C GLU L 285 3.59 -80.49 58.82
N LYS L 286 2.30 -80.18 58.92
CA LYS L 286 1.38 -80.91 59.79
C LYS L 286 0.54 -81.93 59.01
N ALA L 287 0.85 -82.15 57.74
CA ALA L 287 0.14 -83.17 56.98
C ALA L 287 0.36 -84.55 57.59
N TYR L 288 1.55 -84.80 58.12
CA TYR L 288 1.85 -86.03 58.83
C TYR L 288 1.32 -85.90 60.26
N HIS L 289 1.72 -86.84 61.13
CA HIS L 289 1.45 -86.88 62.57
C HIS L 289 0.02 -87.27 62.92
N GLU L 290 -0.89 -87.39 61.94
CA GLU L 290 -2.20 -87.94 62.21
C GLU L 290 -2.78 -88.45 60.89
N GLN L 291 -3.57 -89.53 60.99
CA GLN L 291 -4.02 -90.27 59.82
C GLN L 291 -5.25 -89.67 59.15
N LEU L 292 -5.93 -88.71 59.79
CA LEU L 292 -7.10 -88.05 59.23
C LEU L 292 -8.20 -89.07 58.89
N SER L 293 -8.63 -89.81 59.91
CA SER L 293 -9.75 -90.72 59.74
C SER L 293 -11.04 -89.94 59.54
N VAL L 294 -12.03 -90.61 58.97
CA VAL L 294 -13.31 -89.96 58.69
C VAL L 294 -13.96 -89.48 60.00
N ALA L 295 -13.82 -90.27 61.06
CA ALA L 295 -14.32 -89.84 62.36
C ALA L 295 -13.61 -88.58 62.84
N GLU L 296 -12.29 -88.52 62.65
CA GLU L 296 -11.51 -87.37 63.11
C GLU L 296 -11.93 -86.10 62.37
N ILE L 297 -12.02 -86.16 61.04
CA ILE L 297 -12.38 -84.98 60.28
C ILE L 297 -13.84 -84.60 60.54
N THR L 298 -14.71 -85.59 60.76
CA THR L 298 -16.10 -85.28 61.10
C THR L 298 -16.19 -84.57 62.45
N ASN L 299 -15.42 -85.03 63.44
CA ASN L 299 -15.38 -84.36 64.73
C ASN L 299 -14.86 -82.94 64.60
N ALA L 300 -13.84 -82.74 63.75
CA ALA L 300 -13.34 -81.40 63.49
C ALA L 300 -14.42 -80.53 62.85
N CYS L 301 -15.20 -81.11 61.94
CA CYS L 301 -16.29 -80.37 61.30
C CYS L 301 -17.32 -79.91 62.34
N PHE L 302 -17.79 -80.84 63.17
CA PHE L 302 -18.74 -80.47 64.22
C PHE L 302 -18.11 -79.68 65.37
N GLU L 303 -16.78 -79.59 65.43
CA GLU L 303 -16.16 -78.70 66.40
C GLU L 303 -16.50 -77.26 66.05
N PRO L 304 -17.01 -76.46 66.99
CA PRO L 304 -17.54 -75.13 66.63
C PRO L 304 -16.50 -74.14 66.14
N ALA L 305 -15.20 -74.43 66.30
CA ALA L 305 -14.18 -73.49 65.86
C ALA L 305 -14.03 -73.48 64.35
N ASN L 306 -14.28 -74.61 63.70
CA ASN L 306 -13.98 -74.78 62.29
C ASN L 306 -15.08 -74.22 61.39
N GLN L 307 -16.17 -73.69 61.96
CA GLN L 307 -17.19 -73.09 61.13
C GLN L 307 -16.71 -71.75 60.58
N MET L 308 -17.31 -71.36 59.45
CA MET L 308 -16.93 -70.15 58.74
C MET L 308 -17.91 -69.00 58.96
N VAL L 309 -18.67 -69.06 60.05
CA VAL L 309 -19.52 -67.96 60.49
C VAL L 309 -19.28 -67.75 61.98
N LYS L 310 -19.18 -66.49 62.39
CA LYS L 310 -18.96 -66.19 63.80
C LYS L 310 -20.24 -66.41 64.59
N CYS L 311 -20.65 -67.66 64.74
CA CYS L 311 -21.85 -68.04 65.47
C CYS L 311 -21.62 -69.40 66.12
N ASP L 312 -22.03 -69.54 67.37
CA ASP L 312 -21.86 -70.79 68.08
C ASP L 312 -23.10 -71.67 67.97
N PRO L 313 -23.04 -72.80 67.25
CA PRO L 313 -24.23 -73.63 67.09
C PRO L 313 -24.69 -74.29 68.37
N ARG L 314 -23.84 -74.36 69.40
CA ARG L 314 -24.23 -74.99 70.66
C ARG L 314 -25.31 -74.22 71.39
N HIS L 315 -25.59 -72.97 71.00
CA HIS L 315 -26.64 -72.17 71.61
C HIS L 315 -27.94 -72.23 70.83
N GLY L 316 -28.02 -73.08 69.81
CA GLY L 316 -29.25 -73.26 69.06
C GLY L 316 -29.53 -74.72 68.76
N LYS L 317 -30.18 -74.98 67.63
CA LYS L 317 -30.56 -76.33 67.24
C LYS L 317 -30.18 -76.55 65.77
N TYR L 318 -29.93 -77.81 65.44
CA TYR L 318 -29.59 -78.21 64.07
C TYR L 318 -30.86 -78.71 63.40
N MET L 319 -31.38 -77.94 62.45
CA MET L 319 -32.51 -78.43 61.67
C MET L 319 -32.06 -79.45 60.62
N ALA L 320 -30.92 -79.23 59.98
CA ALA L 320 -30.49 -80.17 58.95
C ALA L 320 -28.99 -80.07 58.74
N CYS L 321 -28.42 -81.15 58.21
CA CYS L 321 -27.00 -81.21 57.87
C CYS L 321 -26.83 -82.04 56.61
N CYS L 322 -25.90 -81.61 55.76
CA CYS L 322 -25.52 -82.33 54.55
C CYS L 322 -24.01 -82.42 54.50
N LEU L 323 -23.48 -83.64 54.55
CA LEU L 323 -22.05 -83.88 54.54
C LEU L 323 -21.65 -84.55 53.23
N LEU L 324 -20.67 -83.96 52.55
CA LEU L 324 -20.14 -84.50 51.31
C LEU L 324 -18.70 -84.93 51.54
N TYR L 325 -18.43 -86.22 51.33
CA TYR L 325 -17.09 -86.77 51.47
C TYR L 325 -16.54 -87.07 50.09
N ARG L 326 -15.23 -86.90 49.94
CA ARG L 326 -14.58 -87.22 48.69
C ARG L 326 -13.23 -87.85 48.96
N GLY L 327 -12.84 -88.76 48.08
CA GLY L 327 -11.62 -89.53 48.24
C GLY L 327 -11.91 -90.98 48.60
N ASP L 328 -10.89 -91.62 49.16
CA ASP L 328 -10.97 -93.02 49.56
C ASP L 328 -11.79 -93.12 50.84
N VAL L 329 -13.12 -93.06 50.67
CA VAL L 329 -14.06 -93.02 51.78
C VAL L 329 -14.93 -94.26 51.72
N VAL L 330 -14.96 -95.02 52.82
CA VAL L 330 -15.74 -96.25 52.93
C VAL L 330 -17.02 -95.94 53.68
N PRO L 331 -18.20 -96.35 53.18
CA PRO L 331 -19.45 -95.94 53.83
C PRO L 331 -19.62 -96.39 55.27
N LYS L 332 -19.12 -97.58 55.64
CA LYS L 332 -19.36 -98.11 56.97
C LYS L 332 -18.74 -97.21 58.05
N ASP L 333 -17.51 -96.76 57.83
CA ASP L 333 -16.89 -95.84 58.77
C ASP L 333 -17.64 -94.52 58.81
N VAL L 334 -18.19 -94.09 57.67
CA VAL L 334 -19.01 -92.88 57.66
C VAL L 334 -20.21 -93.04 58.56
N ASN L 335 -20.90 -94.18 58.46
CA ASN L 335 -22.07 -94.42 59.31
C ASN L 335 -21.69 -94.47 60.78
N ALA L 336 -20.57 -95.13 61.09
CA ALA L 336 -20.12 -95.18 62.48
C ALA L 336 -19.82 -93.78 63.01
N ALA L 337 -19.14 -92.95 62.20
CA ALA L 337 -18.84 -91.59 62.61
C ALA L 337 -20.12 -90.78 62.82
N ILE L 338 -21.09 -90.95 61.92
CA ILE L 338 -22.35 -90.22 62.07
C ILE L 338 -23.06 -90.63 63.35
N ALA L 339 -23.06 -91.92 63.67
CA ALA L 339 -23.67 -92.38 64.91
C ALA L 339 -22.96 -91.77 66.12
N THR L 340 -21.63 -91.77 66.10
CA THR L 340 -20.88 -91.19 67.21
C THR L 340 -21.19 -89.71 67.37
N ILE L 341 -21.31 -88.99 66.26
CA ILE L 341 -21.71 -87.58 66.31
C ILE L 341 -23.10 -87.46 66.93
N LYS L 342 -24.03 -88.32 66.51
CA LYS L 342 -25.38 -88.29 67.03
C LYS L 342 -25.41 -88.52 68.54
N THR L 343 -24.46 -89.30 69.05
CA THR L 343 -24.44 -89.61 70.47
C THR L 343 -23.95 -88.44 71.33
N LYS L 344 -23.20 -87.50 70.76
CA LYS L 344 -22.52 -86.49 71.58
C LYS L 344 -23.53 -85.54 72.23
N ARG L 345 -22.99 -84.64 73.04
CA ARG L 345 -23.77 -83.72 73.87
C ARG L 345 -24.00 -82.37 73.23
N SER L 346 -23.10 -81.92 72.36
CA SER L 346 -23.15 -80.58 71.80
C SER L 346 -23.98 -80.50 70.53
N ILE L 347 -24.63 -81.59 70.12
CA ILE L 347 -25.46 -81.61 68.93
C ILE L 347 -26.83 -82.12 69.35
N GLN L 348 -27.73 -81.20 69.68
CA GLN L 348 -29.12 -81.52 70.02
C GLN L 348 -30.03 -81.00 68.92
N PHE L 349 -30.91 -81.86 68.43
CA PHE L 349 -31.69 -81.56 67.26
C PHE L 349 -33.03 -80.93 67.62
N VAL L 350 -33.67 -80.32 66.61
CA VAL L 350 -35.00 -79.77 66.78
C VAL L 350 -36.01 -80.90 66.89
N ASP L 351 -37.14 -80.61 67.52
CA ASP L 351 -38.15 -81.64 67.81
C ASP L 351 -38.68 -82.29 66.54
N TRP L 352 -39.02 -81.47 65.53
CA TRP L 352 -39.81 -81.95 64.39
C TRP L 352 -38.95 -82.65 63.34
N CYS L 353 -37.63 -82.62 63.46
CA CYS L 353 -36.75 -83.31 62.53
C CYS L 353 -35.99 -84.41 63.25
N PRO L 354 -36.40 -85.68 63.14
CA PRO L 354 -35.67 -86.75 63.81
C PRO L 354 -34.45 -87.24 63.04
N THR L 355 -34.33 -86.90 61.76
CA THR L 355 -33.20 -87.35 60.93
C THR L 355 -32.75 -86.14 60.11
N GLY L 356 -31.63 -85.54 60.51
CA GLY L 356 -31.14 -84.35 59.86
C GLY L 356 -29.81 -84.51 59.14
N PHE L 357 -29.42 -85.74 58.83
CA PHE L 357 -28.17 -86.02 58.14
C PHE L 357 -28.44 -86.54 56.74
N LYS L 358 -27.89 -85.85 55.74
CA LYS L 358 -27.79 -86.36 54.38
C LYS L 358 -26.31 -86.55 54.05
N VAL L 359 -26.00 -87.62 53.33
CA VAL L 359 -24.63 -88.02 53.08
C VAL L 359 -24.40 -88.15 51.58
N GLY L 360 -23.25 -87.67 51.13
CA GLY L 360 -22.83 -87.90 49.76
C GLY L 360 -21.38 -88.34 49.73
N ILE L 361 -21.07 -89.21 48.76
CA ILE L 361 -19.74 -89.80 48.64
C ILE L 361 -19.27 -89.66 47.19
N ASN L 362 -18.02 -89.22 47.01
CA ASN L 362 -17.39 -89.14 45.70
C ASN L 362 -16.00 -89.76 45.76
N TYR L 363 -15.63 -90.44 44.68
CA TYR L 363 -14.34 -91.11 44.62
C TYR L 363 -13.19 -90.15 44.39
N GLN L 364 -13.44 -89.01 43.75
CA GLN L 364 -12.36 -88.11 43.38
C GLN L 364 -11.83 -87.39 44.61
N PRO L 365 -10.57 -87.56 44.97
CA PRO L 365 -10.01 -86.82 46.11
C PRO L 365 -9.82 -85.35 45.75
N PRO L 366 -9.70 -84.47 46.75
CA PRO L 366 -9.55 -83.05 46.45
C PRO L 366 -8.22 -82.77 45.75
N THR L 367 -8.22 -81.72 44.94
CA THR L 367 -7.06 -81.35 44.13
C THR L 367 -6.29 -80.23 44.80
N VAL L 368 -4.97 -80.41 44.89
CA VAL L 368 -4.09 -79.45 45.55
C VAL L 368 -3.56 -78.47 44.51
N VAL L 369 -3.65 -77.18 44.82
CA VAL L 369 -3.14 -76.13 43.94
C VAL L 369 -1.66 -75.92 44.21
N PRO L 370 -0.81 -75.98 43.19
CA PRO L 370 0.60 -75.64 43.38
C PRO L 370 0.75 -74.21 43.87
N GLY L 371 1.66 -74.00 44.81
CA GLY L 371 1.81 -72.71 45.43
C GLY L 371 0.78 -72.38 46.49
N GLY L 372 -0.12 -73.31 46.80
CA GLY L 372 -1.17 -73.08 47.77
C GLY L 372 -0.68 -73.24 49.20
N ASP L 373 -1.65 -73.37 50.10
CA ASP L 373 -1.36 -73.48 51.53
C ASP L 373 -1.75 -74.82 52.14
N LEU L 374 -2.81 -75.45 51.64
CA LEU L 374 -3.22 -76.74 52.17
C LEU L 374 -2.25 -77.84 51.73
N ALA L 375 -2.51 -79.05 52.19
CA ALA L 375 -1.69 -80.21 51.86
C ALA L 375 -2.54 -81.25 51.15
N LYS L 376 -1.89 -82.01 50.27
CA LYS L 376 -2.59 -83.04 49.51
C LYS L 376 -3.05 -84.15 50.45
N VAL L 377 -4.36 -84.36 50.52
CA VAL L 377 -4.95 -85.32 51.44
C VAL L 377 -5.67 -86.39 50.63
N GLN L 378 -6.00 -87.51 51.28
CA GLN L 378 -6.72 -88.59 50.62
C GLN L 378 -8.21 -88.59 50.89
N ARG L 379 -8.66 -87.89 51.93
CA ARG L 379 -10.08 -87.75 52.22
C ARG L 379 -10.39 -86.30 52.53
N ALA L 380 -11.58 -85.87 52.15
CA ALA L 380 -12.04 -84.52 52.49
C ALA L 380 -13.54 -84.57 52.75
N VAL L 381 -14.02 -83.61 53.54
CA VAL L 381 -15.42 -83.57 53.93
C VAL L 381 -15.87 -82.11 54.04
N CYS L 382 -17.00 -81.82 53.42
CA CYS L 382 -17.63 -80.51 53.46
C CYS L 382 -18.98 -80.63 54.17
N MET L 383 -19.22 -79.72 55.11
CA MET L 383 -20.46 -79.65 55.87
C MET L 383 -21.26 -78.44 55.41
N LEU L 384 -22.53 -78.67 55.07
CA LEU L 384 -23.49 -77.59 54.86
C LEU L 384 -24.61 -77.81 55.87
N SER L 385 -24.64 -76.98 56.91
CA SER L 385 -25.54 -77.19 58.03
C SER L 385 -26.53 -76.03 58.14
N ASN L 386 -27.81 -76.36 58.20
CA ASN L 386 -28.87 -75.39 58.46
C ASN L 386 -29.22 -75.51 59.94
N THR L 387 -28.79 -74.53 60.73
CA THR L 387 -28.98 -74.50 62.17
C THR L 387 -29.73 -73.24 62.57
N THR L 388 -29.90 -73.06 63.88
CA THR L 388 -30.72 -71.98 64.43
C THR L 388 -29.90 -70.81 64.95
N ALA L 389 -28.67 -71.06 65.40
CA ALA L 389 -27.85 -70.00 65.98
C ALA L 389 -27.57 -68.86 64.99
N ILE L 390 -27.63 -69.14 63.68
CA ILE L 390 -27.38 -68.11 62.68
C ILE L 390 -28.35 -66.95 62.85
N ALA L 391 -29.58 -67.24 63.31
CA ALA L 391 -30.56 -66.19 63.53
C ALA L 391 -30.02 -65.10 64.45
N GLU L 392 -29.22 -65.50 65.45
CA GLU L 392 -28.61 -64.53 66.36
C GLU L 392 -27.90 -63.43 65.59
N ALA L 393 -27.11 -63.81 64.57
CA ALA L 393 -26.39 -62.83 63.78
C ALA L 393 -27.33 -61.77 63.22
N TRP L 394 -28.48 -62.19 62.68
CA TRP L 394 -29.45 -61.24 62.13
C TRP L 394 -29.78 -60.17 63.16
N ALA L 395 -30.08 -60.59 64.40
CA ALA L 395 -30.43 -59.63 65.44
C ALA L 395 -29.38 -58.54 65.53
N ARG L 396 -28.11 -58.94 65.55
CA ARG L 396 -27.01 -57.97 65.63
C ARG L 396 -27.15 -56.94 64.52
N LEU L 397 -27.28 -57.39 63.27
CA LEU L 397 -27.42 -56.47 62.16
C LEU L 397 -28.59 -55.54 62.41
N ASP L 398 -29.75 -56.11 62.78
CA ASP L 398 -30.91 -55.30 63.07
C ASP L 398 -30.57 -54.20 64.06
N HIS L 399 -29.93 -54.59 65.17
CA HIS L 399 -29.54 -53.61 66.17
C HIS L 399 -28.71 -52.50 65.53
N LYS L 400 -27.65 -52.90 64.81
CA LYS L 400 -26.81 -51.91 64.15
C LYS L 400 -27.67 -51.02 63.27
N PHE L 401 -28.50 -51.64 62.43
CA PHE L 401 -29.37 -50.88 61.54
C PHE L 401 -30.15 -49.85 62.32
N ASP L 402 -30.80 -50.28 63.41
CA ASP L 402 -31.64 -49.37 64.17
C ASP L 402 -30.82 -48.20 64.70
N LEU L 403 -29.62 -48.47 65.20
CA LEU L 403 -28.77 -47.37 65.66
C LEU L 403 -28.51 -46.40 64.51
N MET L 404 -28.05 -46.91 63.36
CA MET L 404 -27.80 -46.00 62.25
C MET L 404 -29.08 -45.43 61.69
N TYR L 405 -30.23 -46.03 62.01
CA TYR L 405 -31.50 -45.48 61.59
C TYR L 405 -32.13 -44.58 62.63
N ALA L 406 -31.53 -44.50 63.82
CA ALA L 406 -32.05 -43.60 64.85
C ALA L 406 -31.86 -42.14 64.47
N LYS L 407 -30.78 -41.82 63.77
CA LYS L 407 -30.45 -40.44 63.42
C LYS L 407 -30.55 -40.17 61.93
N ARG L 408 -31.09 -41.11 61.15
CA ARG L 408 -31.21 -40.98 59.70
C ARG L 408 -29.85 -40.75 59.04
N ALA L 409 -28.85 -41.52 59.46
CA ALA L 409 -27.51 -41.40 58.91
C ALA L 409 -27.41 -42.02 57.52
N PHE L 410 -26.65 -41.38 56.65
CA PHE L 410 -26.36 -41.84 55.30
C PHE L 410 -27.60 -42.02 54.43
N VAL L 411 -28.76 -41.56 54.90
CA VAL L 411 -30.00 -41.80 54.17
C VAL L 411 -30.03 -41.04 52.86
N HIS L 412 -29.47 -39.82 52.84
CA HIS L 412 -29.59 -38.96 51.67
C HIS L 412 -28.99 -39.60 50.43
N TRP L 413 -27.93 -40.38 50.60
CA TRP L 413 -27.29 -41.02 49.45
C TRP L 413 -28.27 -41.95 48.75
N TYR L 414 -29.03 -42.72 49.53
CA TYR L 414 -30.05 -43.58 48.94
C TYR L 414 -31.25 -42.78 48.44
N VAL L 415 -31.64 -41.73 49.16
CA VAL L 415 -32.82 -40.96 48.79
C VAL L 415 -32.62 -40.28 47.44
N GLY L 416 -31.45 -39.70 47.22
CA GLY L 416 -31.18 -38.96 46.00
C GLY L 416 -30.81 -39.80 44.80
N GLU L 417 -30.95 -41.11 44.88
CA GLU L 417 -30.61 -41.99 43.76
C GLU L 417 -31.77 -42.91 43.37
N GLY L 418 -32.98 -42.64 43.84
CA GLY L 418 -34.14 -43.40 43.40
C GLY L 418 -34.63 -44.43 44.40
N MET L 419 -34.54 -44.11 45.69
CA MET L 419 -34.97 -45.01 46.74
C MET L 419 -35.88 -44.26 47.71
N GLU L 420 -36.81 -44.98 48.32
CA GLU L 420 -37.79 -44.43 49.23
C GLU L 420 -37.51 -44.89 50.65
N GLU L 421 -37.82 -44.01 51.62
CA GLU L 421 -37.72 -44.37 53.03
C GLU L 421 -38.61 -45.55 53.38
N GLY L 422 -39.75 -45.68 52.69
CA GLY L 422 -40.61 -46.82 52.91
C GLY L 422 -39.93 -48.14 52.63
N GLU L 423 -39.00 -48.16 51.68
CA GLU L 423 -38.24 -49.39 51.43
C GLU L 423 -37.38 -49.76 52.63
N PHE L 424 -36.73 -48.78 53.26
CA PHE L 424 -35.99 -49.04 54.49
C PHE L 424 -36.92 -49.58 55.57
N SER L 425 -38.09 -48.95 55.74
CA SER L 425 -39.02 -49.39 56.77
C SER L 425 -39.49 -50.82 56.53
N GLU L 426 -39.87 -51.14 55.29
CA GLU L 426 -40.36 -52.48 54.99
C GLU L 426 -39.25 -53.52 55.08
N ALA L 427 -38.02 -53.15 54.72
CA ALA L 427 -36.90 -54.07 54.88
C ALA L 427 -36.67 -54.39 56.35
N ARG L 428 -36.72 -53.37 57.21
CA ARG L 428 -36.57 -53.62 58.65
C ARG L 428 -37.69 -54.51 59.18
N GLU L 429 -38.93 -54.24 58.75
CA GLU L 429 -40.05 -55.06 59.17
C GLU L 429 -39.90 -56.50 58.71
N ASP L 430 -39.46 -56.70 57.48
CA ASP L 430 -39.26 -58.05 56.95
C ASP L 430 -38.15 -58.78 57.69
N MET L 431 -37.08 -58.07 58.05
CA MET L 431 -36.03 -58.68 58.85
C MET L 431 -36.55 -59.10 60.22
N ALA L 432 -37.36 -58.26 60.84
CA ALA L 432 -37.98 -58.63 62.12
C ALA L 432 -38.87 -59.86 61.95
N ALA L 433 -39.62 -59.93 60.84
CA ALA L 433 -40.45 -61.09 60.58
C ALA L 433 -39.62 -62.35 60.41
N LEU L 434 -38.49 -62.25 59.70
CA LEU L 434 -37.60 -63.39 59.55
C LEU L 434 -37.05 -63.84 60.89
N GLU L 435 -36.68 -62.88 61.75
CA GLU L 435 -36.19 -63.23 63.08
C GLU L 435 -37.25 -63.94 63.91
N LYS L 436 -38.49 -63.44 63.89
CA LYS L 436 -39.53 -64.10 64.67
C LYS L 436 -39.85 -65.48 64.11
N ASP L 437 -39.78 -65.64 62.79
CA ASP L 437 -39.96 -66.96 62.19
C ASP L 437 -38.87 -67.92 62.66
N TYR L 438 -37.62 -67.46 62.68
CA TYR L 438 -36.53 -68.28 63.19
C TYR L 438 -36.78 -68.68 64.64
N GLU L 439 -37.21 -67.73 65.47
CA GLU L 439 -37.48 -68.02 66.87
C GLU L 439 -38.61 -69.03 67.01
N GLU L 440 -39.67 -68.88 66.23
CA GLU L 440 -40.80 -69.81 66.28
C GLU L 440 -40.37 -71.21 65.88
N VAL L 441 -39.53 -71.32 64.84
CA VAL L 441 -39.01 -72.62 64.45
C VAL L 441 -38.13 -73.20 65.56
N GLY L 442 -37.45 -72.34 66.30
CA GLY L 442 -36.56 -72.83 67.35
C GLY L 442 -37.29 -73.58 68.45
N VAL L 443 -38.47 -73.08 68.86
CA VAL L 443 -39.16 -73.66 70.01
C VAL L 443 -39.73 -75.03 69.64
N ASP L 444 -39.95 -75.86 70.66
CA ASP L 444 -40.44 -77.21 70.46
C ASP L 444 -41.96 -77.24 70.39
N SER L 445 -42.48 -78.34 69.85
CA SER L 445 -43.92 -78.52 69.67
C SER L 445 -44.54 -79.23 70.88
N VAL L 446 -45.84 -79.05 71.03
CA VAL L 446 -46.59 -79.63 72.13
C VAL L 446 -47.03 -81.03 71.75
N GLU L 447 -47.04 -81.93 72.75
CA GLU L 447 -47.47 -83.31 72.57
C GLU L 447 -46.63 -84.04 71.53
N MET M 1 -24.65 25.05 33.31
CA MET M 1 -23.45 24.43 33.87
C MET M 1 -23.81 23.31 34.84
N ALA M 2 -22.88 22.38 35.02
CA ALA M 2 -23.08 21.27 35.95
C ALA M 2 -21.83 21.07 36.78
N VAL M 3 -22.02 20.68 38.04
CA VAL M 3 -20.90 20.43 38.93
C VAL M 3 -20.49 18.97 38.79
N ASN M 4 -19.25 18.67 39.22
CA ASN M 4 -18.68 17.35 39.09
C ASN M 4 -18.07 16.91 40.41
N VAL M 5 -17.96 15.60 40.59
CA VAL M 5 -17.49 14.99 41.82
C VAL M 5 -16.55 13.84 41.47
N TYR M 6 -16.02 13.20 42.51
CA TYR M 6 -15.13 12.05 42.35
C TYR M 6 -15.56 10.97 43.34
N SER M 7 -14.79 9.88 43.38
CA SER M 7 -15.07 8.78 44.29
C SER M 7 -13.75 8.07 44.56
N THR M 8 -13.19 8.27 45.76
CA THR M 8 -11.90 7.68 46.10
C THR M 8 -12.02 6.65 47.22
N SER M 9 -12.46 7.05 48.41
CA SER M 9 -12.62 6.09 49.51
C SER M 9 -13.59 6.71 50.52
N VAL M 10 -14.83 6.23 50.53
CA VAL M 10 -15.83 6.70 51.48
C VAL M 10 -16.60 5.50 52.01
N THR M 11 -16.83 5.48 53.32
CA THR M 11 -17.63 4.44 53.95
C THR M 11 -19.06 4.92 54.14
N SER M 12 -19.96 3.96 54.34
CA SER M 12 -21.39 4.19 54.54
C SER M 12 -22.04 4.91 53.37
N GLU M 13 -21.34 5.08 52.25
CA GLU M 13 -21.88 5.74 51.07
C GLU M 13 -21.69 4.91 49.81
N ASN M 14 -21.24 3.66 49.94
CA ASN M 14 -21.10 2.76 48.81
C ASN M 14 -22.30 1.83 48.81
N LEU M 15 -23.08 1.86 47.72
CA LEU M 15 -24.32 1.11 47.68
C LEU M 15 -24.09 -0.27 47.07
N SER M 16 -24.96 -1.22 47.42
CA SER M 16 -24.81 -2.58 46.97
C SER M 16 -25.22 -2.73 45.50
N ARG M 17 -24.87 -3.88 44.91
CA ARG M 17 -25.23 -4.14 43.53
C ARG M 17 -26.74 -4.12 43.33
N HIS M 18 -27.45 -4.91 44.13
CA HIS M 18 -28.91 -5.00 44.01
C HIS M 18 -29.57 -3.65 44.27
N ASP M 19 -29.03 -2.88 45.21
CA ASP M 19 -29.64 -1.58 45.52
C ASP M 19 -29.54 -0.63 44.33
N MET M 20 -28.35 -0.53 43.72
CA MET M 20 -28.21 0.33 42.54
C MET M 20 -29.02 -0.20 41.36
N LEU M 21 -29.11 -1.53 41.22
CA LEU M 21 -29.93 -2.09 40.15
C LEU M 21 -31.40 -1.72 40.35
N ALA M 22 -31.89 -1.81 41.58
CA ALA M 22 -33.25 -1.36 41.87
C ALA M 22 -33.39 0.13 41.64
N TRP M 23 -32.35 0.91 41.95
CA TRP M 23 -32.41 2.36 41.73
C TRP M 23 -32.60 2.68 40.25
N VAL M 24 -31.79 2.06 39.38
CA VAL M 24 -31.91 2.32 37.95
C VAL M 24 -33.25 1.80 37.43
N ASN M 25 -33.67 0.62 37.91
CA ASN M 25 -34.94 0.05 37.47
C ASN M 25 -36.10 0.96 37.84
N ASP M 26 -36.09 1.54 39.04
CA ASP M 26 -37.18 2.40 39.46
C ASP M 26 -37.11 3.78 38.80
N SER M 27 -35.90 4.28 38.55
CA SER M 27 -35.76 5.61 37.96
C SER M 27 -35.98 5.61 36.45
N LEU M 28 -35.91 4.46 35.79
CA LEU M 28 -36.19 4.38 34.36
C LEU M 28 -37.29 3.38 34.01
N HIS M 29 -37.89 2.72 35.01
CA HIS M 29 -39.04 1.85 34.82
C HIS M 29 -38.75 0.73 33.81
N LEU M 30 -37.83 -0.16 34.20
CA LEU M 30 -37.49 -1.31 33.37
C LEU M 30 -37.03 -2.43 34.28
N ASN M 31 -36.56 -3.53 33.67
CA ASN M 31 -36.32 -4.77 34.40
C ASN M 31 -34.95 -5.36 34.07
N TYR M 32 -33.89 -4.54 34.13
CA TYR M 32 -32.54 -5.09 34.15
C TYR M 32 -32.34 -5.97 35.38
N THR M 33 -31.69 -7.12 35.17
CA THR M 33 -31.31 -8.02 36.24
C THR M 33 -29.81 -8.17 36.39
N LYS M 34 -29.01 -7.71 35.43
CA LYS M 34 -27.56 -7.75 35.49
C LYS M 34 -27.03 -6.33 35.31
N ILE M 35 -26.14 -5.92 36.20
CA ILE M 35 -25.65 -4.54 36.16
C ILE M 35 -24.76 -4.31 34.94
N GLU M 36 -24.06 -5.33 34.46
CA GLU M 36 -23.18 -5.18 33.32
C GLU M 36 -23.93 -4.95 32.02
N GLN M 37 -25.24 -5.22 32.00
CA GLN M 37 -26.06 -4.84 30.86
C GLN M 37 -26.02 -3.34 30.64
N LEU M 38 -25.67 -2.57 31.67
CA LEU M 38 -25.47 -1.13 31.50
C LEU M 38 -24.36 -0.79 30.51
N CYS M 39 -23.64 -1.80 29.99
CA CYS M 39 -22.74 -1.55 28.88
C CYS M 39 -23.48 -1.04 27.65
N SER M 40 -24.81 -1.20 27.61
CA SER M 40 -25.60 -0.69 26.50
C SER M 40 -25.46 0.83 26.37
N GLY M 41 -25.49 1.54 27.51
CA GLY M 41 -25.38 2.98 27.50
C GLY M 41 -26.69 3.71 27.31
N ALA M 42 -27.76 3.00 26.97
CA ALA M 42 -29.07 3.63 26.83
C ALA M 42 -29.55 4.19 28.16
N ALA M 43 -29.32 3.44 29.24
CA ALA M 43 -29.70 3.92 30.57
C ALA M 43 -29.00 5.22 30.90
N TYR M 44 -27.70 5.31 30.59
CA TYR M 44 -26.96 6.54 30.84
C TYR M 44 -27.51 7.70 30.02
N CYS M 45 -27.86 7.45 28.76
CA CYS M 45 -28.40 8.53 27.92
C CYS M 45 -29.73 9.03 28.46
N GLN M 46 -30.62 8.12 28.85
CA GLN M 46 -31.89 8.56 29.42
C GLN M 46 -31.69 9.23 30.78
N PHE M 47 -30.68 8.80 31.52
CA PHE M 47 -30.34 9.46 32.78
C PHE M 47 -29.91 10.90 32.53
N MET M 48 -29.06 11.11 31.51
CA MET M 48 -28.67 12.46 31.13
C MET M 48 -29.86 13.28 30.69
N ASP M 49 -30.80 12.65 29.97
CA ASP M 49 -32.03 13.34 29.59
C ASP M 49 -32.81 13.81 30.82
N MET M 50 -32.94 12.93 31.82
CA MET M 50 -33.71 13.30 33.00
C MET M 50 -32.97 14.33 33.87
N LEU M 51 -31.64 14.34 33.83
CA LEU M 51 -30.90 15.33 34.61
C LEU M 51 -31.02 16.72 34.03
N PHE M 52 -30.89 16.86 32.71
CA PHE M 52 -30.96 18.16 32.05
C PHE M 52 -31.97 18.06 30.92
N PRO M 53 -32.98 18.93 30.88
CA PRO M 53 -33.91 18.93 29.74
C PRO M 53 -33.17 19.22 28.45
N GLY M 54 -33.59 18.56 27.37
CA GLY M 54 -32.80 18.58 26.17
C GLY M 54 -31.45 17.98 26.45
N CYS M 55 -30.38 18.68 26.03
CA CYS M 55 -29.00 18.35 26.37
C CYS M 55 -28.53 17.09 25.66
N VAL M 56 -29.47 16.37 25.04
CA VAL M 56 -29.21 15.18 24.26
C VAL M 56 -30.23 15.14 23.12
N HIS M 57 -30.11 14.11 22.28
CA HIS M 57 -31.08 13.90 21.21
C HIS M 57 -31.24 12.39 21.06
N LEU M 58 -32.27 11.85 21.71
CA LEU M 58 -32.44 10.41 21.86
C LEU M 58 -32.73 9.69 20.55
N ARG M 59 -32.95 10.43 19.45
CA ARG M 59 -33.23 9.76 18.18
C ARG M 59 -32.03 8.96 17.68
N LYS M 60 -30.82 9.43 17.92
CA LYS M 60 -29.63 8.71 17.48
C LYS M 60 -29.34 7.46 18.32
N VAL M 61 -29.54 7.53 19.64
CA VAL M 61 -29.23 6.37 20.48
C VAL M 61 -30.15 5.22 20.13
N LYS M 62 -29.63 4.00 20.20
CA LYS M 62 -30.34 2.80 19.79
C LYS M 62 -30.60 1.93 21.02
N PHE M 63 -31.83 2.02 21.53
CA PHE M 63 -32.24 1.25 22.70
C PHE M 63 -32.26 -0.25 22.42
N GLN M 64 -32.32 -0.66 21.15
CA GLN M 64 -32.27 -2.06 20.77
C GLN M 64 -30.86 -2.53 20.45
N ALA M 65 -29.83 -1.86 20.99
CA ALA M 65 -28.46 -2.20 20.68
C ALA M 65 -28.10 -3.60 21.18
N LYS M 66 -27.45 -4.39 20.32
CA LYS M 66 -27.02 -5.72 20.70
C LYS M 66 -25.62 -6.07 20.19
N LEU M 67 -24.93 -5.13 19.54
CA LEU M 67 -23.59 -5.38 19.04
C LEU M 67 -22.60 -4.36 19.61
N GLU M 68 -21.31 -4.52 19.33
CA GLU M 68 -20.29 -3.72 19.98
C GLU M 68 -20.21 -2.31 19.39
N HIS M 69 -20.25 -2.20 18.07
CA HIS M 69 -20.22 -0.88 17.43
C HIS M 69 -21.43 -0.04 17.84
N GLU M 70 -22.56 -0.68 18.09
CA GLU M 70 -23.72 0.03 18.62
C GLU M 70 -23.41 0.60 20.01
N TYR M 71 -22.72 -0.19 20.84
CA TYR M 71 -22.32 0.30 22.16
C TYR M 71 -21.40 1.50 22.00
N ILE M 72 -20.44 1.41 21.07
CA ILE M 72 -19.49 2.50 20.86
C ILE M 72 -20.21 3.76 20.42
N HIS M 73 -21.20 3.63 19.52
CA HIS M 73 -21.92 4.81 19.07
C HIS M 73 -22.72 5.44 20.20
N ASN M 74 -23.38 4.61 21.01
CA ASN M 74 -24.11 5.14 22.17
C ASN M 74 -23.15 5.87 23.12
N PHE M 75 -21.95 5.33 23.30
CA PHE M 75 -20.99 6.00 24.17
C PHE M 75 -20.43 7.27 23.54
N LYS M 76 -20.36 7.33 22.21
CA LYS M 76 -20.02 8.58 21.54
C LYS M 76 -21.07 9.65 21.84
N VAL M 77 -22.35 9.26 21.79
CA VAL M 77 -23.41 10.21 22.13
C VAL M 77 -23.28 10.65 23.58
N LEU M 78 -22.99 9.70 24.48
CA LEU M 78 -22.83 10.04 25.89
C LEU M 78 -21.65 10.99 26.10
N GLN M 79 -20.56 10.77 25.38
CA GLN M 79 -19.39 11.65 25.48
C GLN M 79 -19.72 13.05 24.97
N ALA M 80 -20.49 13.13 23.89
CA ALA M 80 -20.93 14.43 23.40
C ALA M 80 -21.78 15.15 24.44
N ALA M 81 -22.67 14.43 25.09
CA ALA M 81 -23.49 15.03 26.16
C ALA M 81 -22.61 15.52 27.30
N PHE M 82 -21.64 14.70 27.72
CA PHE M 82 -20.73 15.08 28.79
C PHE M 82 -19.97 16.35 28.43
N LYS M 83 -19.47 16.43 27.19
CA LYS M 83 -18.78 17.63 26.74
C LYS M 83 -19.72 18.84 26.76
N LYS M 84 -20.97 18.65 26.32
CA LYS M 84 -21.90 19.76 26.27
C LYS M 84 -22.19 20.31 27.67
N MET M 85 -22.37 19.43 28.65
CA MET M 85 -22.64 19.90 30.01
C MET M 85 -21.38 20.31 30.77
N GLY M 86 -20.20 20.13 30.20
CA GLY M 86 -18.98 20.56 30.86
C GLY M 86 -18.46 19.63 31.93
N VAL M 87 -19.08 18.49 32.15
CA VAL M 87 -18.53 17.50 33.05
C VAL M 87 -17.34 16.82 32.37
N ASP M 88 -16.20 16.81 33.05
CA ASP M 88 -14.92 16.49 32.43
C ASP M 88 -14.37 15.14 32.85
N LYS M 89 -15.22 14.26 33.38
CA LYS M 89 -14.77 12.92 33.76
C LYS M 89 -14.66 12.07 32.51
N ILE M 90 -13.42 11.85 32.05
CA ILE M 90 -13.22 10.99 30.90
C ILE M 90 -13.72 9.58 31.22
N ILE M 91 -14.48 9.00 30.31
CA ILE M 91 -15.09 7.70 30.55
C ILE M 91 -14.32 6.63 29.80
N PRO M 92 -14.08 5.47 30.42
CA PRO M 92 -13.34 4.36 29.77
C PRO M 92 -14.25 3.47 28.92
N VAL M 93 -14.56 3.95 27.71
CA VAL M 93 -15.44 3.21 26.82
C VAL M 93 -14.84 1.87 26.44
N GLU M 94 -13.52 1.82 26.29
CA GLU M 94 -12.87 0.59 25.83
C GLU M 94 -13.12 -0.57 26.77
N LYS M 95 -13.00 -0.34 28.09
CA LYS M 95 -13.30 -1.40 29.05
C LYS M 95 -14.80 -1.61 29.24
N LEU M 96 -15.59 -0.54 29.15
CA LEU M 96 -17.03 -0.65 29.35
C LEU M 96 -17.68 -1.51 28.27
N VAL M 97 -17.25 -1.36 27.01
CA VAL M 97 -17.95 -1.97 25.89
C VAL M 97 -17.91 -3.49 25.98
N LYS M 98 -16.84 -4.06 26.56
CA LYS M 98 -16.77 -5.51 26.70
C LYS M 98 -17.83 -6.06 27.64
N GLY M 99 -18.47 -5.20 28.44
CA GLY M 99 -19.59 -5.63 29.25
C GLY M 99 -19.22 -6.39 30.50
N LYS M 100 -18.06 -6.12 31.07
CA LYS M 100 -17.59 -6.87 32.23
C LYS M 100 -17.95 -6.14 33.51
N PHE M 101 -17.98 -6.89 34.62
CA PHE M 101 -18.52 -6.37 35.87
C PHE M 101 -17.70 -5.21 36.42
N GLN M 102 -16.37 -5.32 36.38
CA GLN M 102 -15.51 -4.37 37.09
C GLN M 102 -15.76 -2.93 36.67
N ASP M 103 -15.46 -2.62 35.41
CA ASP M 103 -15.55 -1.23 34.96
C ASP M 103 -17.00 -0.77 34.87
N ASN M 104 -17.92 -1.67 34.56
CA ASN M 104 -19.34 -1.30 34.54
C ASN M 104 -19.80 -0.83 35.91
N PHE M 105 -19.48 -1.60 36.95
CA PHE M 105 -19.85 -1.21 38.30
C PHE M 105 -19.15 0.06 38.73
N GLU M 106 -17.86 0.20 38.39
CA GLU M 106 -17.15 1.43 38.73
C GLU M 106 -17.80 2.64 38.11
N PHE M 107 -18.10 2.56 36.81
CA PHE M 107 -18.73 3.68 36.12
C PHE M 107 -20.10 3.98 36.71
N ILE M 108 -20.89 2.94 37.04
CA ILE M 108 -22.23 3.22 37.56
C ILE M 108 -22.17 3.78 38.97
N GLN M 109 -21.20 3.40 39.79
CA GLN M 109 -21.13 3.99 41.13
C GLN M 109 -20.68 5.45 41.05
N TRP M 110 -19.69 5.75 40.20
CA TRP M 110 -19.34 7.14 39.98
C TRP M 110 -20.54 7.91 39.44
N PHE M 111 -21.31 7.29 38.54
CA PHE M 111 -22.44 7.96 37.93
C PHE M 111 -23.56 8.19 38.94
N LYS M 112 -23.73 7.26 39.89
CA LYS M 112 -24.67 7.48 40.97
C LYS M 112 -24.25 8.67 41.82
N LYS M 113 -22.96 8.77 42.13
CA LYS M 113 -22.47 9.93 42.86
C LYS M 113 -22.77 11.22 42.10
N PHE M 114 -22.44 11.25 40.81
CA PHE M 114 -22.63 12.45 40.00
C PHE M 114 -24.11 12.79 39.85
N PHE M 115 -24.96 11.76 39.72
CA PHE M 115 -26.39 11.95 39.64
C PHE M 115 -26.95 12.56 40.91
N ASP M 116 -26.53 12.03 42.07
CA ASP M 116 -26.93 12.64 43.33
C ASP M 116 -26.42 14.08 43.43
N ALA M 117 -25.30 14.37 42.77
CA ALA M 117 -24.78 15.74 42.79
C ALA M 117 -25.70 16.70 42.03
N ASN M 118 -26.16 16.31 40.86
CA ASN M 118 -26.85 17.21 39.93
C ASN M 118 -28.29 16.80 39.65
N TYR M 119 -29.08 16.54 40.68
CA TYR M 119 -30.50 16.27 40.50
C TYR M 119 -31.32 17.23 41.34
N ASP M 120 -32.44 17.70 40.77
CA ASP M 120 -33.26 18.74 41.36
C ASP M 120 -34.50 18.19 42.08
N GLY M 121 -35.31 17.38 41.40
CA GLY M 121 -36.55 16.91 41.98
C GLY M 121 -37.71 16.89 41.00
N LYS M 122 -37.42 17.02 39.71
CA LYS M 122 -38.47 16.97 38.70
C LYS M 122 -39.05 15.56 38.58
N ASP M 123 -40.24 15.49 37.98
CA ASP M 123 -40.90 14.22 37.69
C ASP M 123 -41.35 14.24 36.23
N TYR M 124 -41.36 13.06 35.63
CA TYR M 124 -41.80 12.90 34.25
C TYR M 124 -41.99 11.41 33.98
N ASN M 125 -42.34 11.09 32.74
CA ASN M 125 -42.53 9.70 32.32
C ASN M 125 -41.33 9.28 31.49
N PRO M 126 -40.51 8.32 31.95
CA PRO M 126 -39.39 7.87 31.11
C PRO M 126 -39.82 7.27 29.78
N LEU M 127 -41.04 6.73 29.70
CA LEU M 127 -41.49 6.09 28.46
C LEU M 127 -41.64 7.08 27.31
N LEU M 128 -42.18 8.28 27.58
CA LEU M 128 -42.37 9.25 26.51
C LEU M 128 -41.04 9.66 25.91
N ALA M 129 -40.02 9.85 26.74
CA ALA M 129 -38.67 10.09 26.24
C ALA M 129 -38.14 8.87 25.50
N ARG M 130 -38.37 7.68 26.05
CA ARG M 130 -37.94 6.44 25.42
C ARG M 130 -38.72 6.15 24.13
N GLN M 131 -39.90 6.73 23.97
CA GLN M 131 -40.66 6.58 22.74
C GLN M 131 -41.74 7.66 22.63
N MET N 1 -18.94 35.52 -32.07
CA MET N 1 -18.14 35.05 -30.96
C MET N 1 -18.95 34.14 -30.04
N ALA N 2 -18.26 33.26 -29.31
CA ALA N 2 -18.90 32.35 -28.38
C ALA N 2 -18.12 32.32 -27.08
N VAL N 3 -18.81 32.16 -25.96
CA VAL N 3 -18.18 32.07 -24.66
C VAL N 3 -17.84 30.61 -24.39
N ASN N 4 -16.93 30.39 -23.45
CA ASN N 4 -16.43 29.06 -23.13
C ASN N 4 -16.48 28.84 -21.62
N VAL N 5 -16.54 27.56 -21.25
CA VAL N 5 -16.67 27.14 -19.86
C VAL N 5 -15.72 25.96 -19.61
N TYR N 6 -15.72 25.48 -18.37
CA TYR N 6 -14.90 24.35 -17.95
C TYR N 6 -15.76 23.41 -17.11
N SER N 7 -15.14 22.31 -16.66
CA SER N 7 -15.86 21.31 -15.85
C SER N 7 -14.83 20.59 -14.98
N THR N 8 -14.77 20.95 -13.70
CA THR N 8 -13.86 20.29 -12.76
C THR N 8 -14.60 19.54 -11.67
N SER N 9 -15.42 20.21 -10.86
CA SER N 9 -16.12 19.55 -9.76
C SER N 9 -17.33 20.40 -9.37
N VAL N 10 -18.51 19.94 -9.78
CA VAL N 10 -19.78 20.58 -9.41
C VAL N 10 -20.79 19.50 -9.06
N THR N 11 -21.54 19.72 -7.98
CA THR N 11 -22.60 18.79 -7.59
C THR N 11 -23.94 19.28 -8.13
N SER N 12 -24.90 18.35 -8.18
CA SER N 12 -26.26 18.59 -8.64
C SER N 12 -26.33 19.10 -10.08
N GLU N 13 -25.20 19.10 -10.80
CA GLU N 13 -25.16 19.54 -12.18
C GLU N 13 -24.49 18.52 -13.10
N ASN N 14 -24.21 17.32 -12.60
CA ASN N 14 -23.67 16.24 -13.40
C ASN N 14 -24.80 15.30 -13.77
N LEU N 15 -25.02 15.13 -15.08
CA LEU N 15 -26.17 14.36 -15.54
C LEU N 15 -25.78 12.90 -15.74
N SER N 16 -26.77 12.01 -15.63
CA SER N 16 -26.51 10.59 -15.73
C SER N 16 -26.23 10.18 -17.17
N ARG N 17 -25.76 8.94 -17.35
CA ARG N 17 -25.48 8.43 -18.68
C ARG N 17 -26.74 8.41 -19.54
N HIS N 18 -27.79 7.75 -19.04
CA HIS N 18 -29.02 7.62 -19.80
C HIS N 18 -29.67 8.98 -20.06
N ASP N 19 -29.54 9.91 -19.12
CA ASP N 19 -30.15 11.22 -19.31
C ASP N 19 -29.48 11.96 -20.47
N MET N 20 -28.13 11.96 -20.50
CA MET N 20 -27.43 12.60 -21.61
C MET N 20 -27.70 11.88 -22.92
N LEU N 21 -27.79 10.55 -22.89
CA LEU N 21 -28.11 9.81 -24.11
C LEU N 21 -29.49 10.19 -24.64
N ALA N 22 -30.48 10.29 -23.75
CA ALA N 22 -31.80 10.75 -24.16
C ALA N 22 -31.76 12.18 -24.66
N TRP N 23 -30.92 13.02 -24.05
CA TRP N 23 -30.78 14.40 -24.50
C TRP N 23 -30.29 14.46 -25.94
N VAL N 24 -29.22 13.73 -26.26
CA VAL N 24 -28.70 13.76 -27.62
C VAL N 24 -29.69 13.13 -28.59
N ASN N 25 -30.36 12.05 -28.16
CA ASN N 25 -31.35 11.40 -29.01
C ASN N 25 -32.50 12.35 -29.35
N ASP N 26 -32.98 13.10 -28.36
CA ASP N 26 -34.09 14.02 -28.60
C ASP N 26 -33.65 15.25 -29.38
N SER N 27 -32.42 15.73 -29.16
CA SER N 27 -31.95 16.92 -29.85
C SER N 27 -31.49 16.64 -31.27
N LEU N 28 -31.27 15.38 -31.63
CA LEU N 28 -30.90 15.04 -33.00
C LEU N 28 -31.83 14.03 -33.65
N HIS N 29 -32.88 13.58 -32.96
CA HIS N 29 -33.88 12.67 -33.50
C HIS N 29 -33.23 11.40 -34.06
N LEU N 30 -32.56 10.68 -33.17
CA LEU N 30 -31.87 9.44 -33.51
C LEU N 30 -31.91 8.51 -32.31
N ASN N 31 -31.31 7.33 -32.48
CA ASN N 31 -31.50 6.22 -31.54
C ASN N 31 -30.17 5.59 -31.14
N TYR N 32 -29.19 6.41 -30.75
CA TYR N 32 -28.01 5.84 -30.11
C TYR N 32 -28.38 5.16 -28.80
N THR N 33 -27.76 4.00 -28.55
CA THR N 33 -27.93 3.28 -27.30
C THR N 33 -26.65 3.20 -26.48
N LYS N 34 -25.50 3.55 -27.06
CA LYS N 34 -24.22 3.56 -26.37
C LYS N 34 -23.61 4.94 -26.54
N ILE N 35 -23.17 5.55 -25.43
CA ILE N 35 -22.60 6.89 -25.50
C ILE N 35 -21.25 6.89 -26.20
N GLU N 36 -20.49 5.79 -26.14
CA GLU N 36 -19.20 5.76 -26.79
C GLU N 36 -19.32 5.75 -28.31
N GLN N 37 -20.51 5.46 -28.85
CA GLN N 37 -20.73 5.62 -30.28
C GLN N 37 -20.50 7.06 -30.73
N LEU N 38 -20.64 8.02 -29.81
CA LEU N 38 -20.32 9.41 -30.14
C LEU N 38 -18.86 9.61 -30.48
N CYS N 39 -18.03 8.56 -30.43
CA CYS N 39 -16.70 8.65 -31.00
C CYS N 39 -16.75 8.94 -32.50
N SER N 40 -17.89 8.69 -33.14
CA SER N 40 -18.03 8.98 -34.56
C SER N 40 -17.84 10.46 -34.85
N GLY N 41 -18.39 11.33 -34.00
CA GLY N 41 -18.24 12.75 -34.13
C GLY N 41 -19.28 13.45 -34.98
N ALA N 42 -20.15 12.70 -35.66
CA ALA N 42 -21.22 13.31 -36.44
C ALA N 42 -22.18 14.09 -35.55
N ALA N 43 -22.50 13.54 -34.38
CA ALA N 43 -23.39 14.22 -33.45
C ALA N 43 -22.83 15.58 -33.04
N TYR N 44 -21.53 15.63 -32.76
CA TYR N 44 -20.90 16.90 -32.40
C TYR N 44 -20.98 17.92 -33.53
N CYS N 45 -20.76 17.46 -34.78
CA CYS N 45 -20.85 18.38 -35.91
C CYS N 45 -22.26 18.92 -36.08
N GLN N 46 -23.27 18.06 -35.94
CA GLN N 46 -24.64 18.57 -36.04
C GLN N 46 -25.02 19.46 -34.86
N PHE N 47 -24.45 19.19 -33.69
CA PHE N 47 -24.62 20.10 -32.55
C PHE N 47 -24.03 21.47 -32.86
N MET N 48 -22.85 21.50 -33.46
CA MET N 48 -22.26 22.77 -33.87
C MET N 48 -23.13 23.47 -34.91
N ASP N 49 -23.70 22.70 -35.84
CA ASP N 49 -24.60 23.28 -36.84
C ASP N 49 -25.81 23.93 -36.18
N MET N 50 -26.44 23.23 -35.24
CA MET N 50 -27.61 23.79 -34.57
C MET N 50 -27.22 24.95 -33.65
N LEU N 51 -25.98 24.94 -33.15
CA LEU N 51 -25.56 25.98 -32.21
C LEU N 51 -25.34 27.31 -32.92
N PHE N 52 -24.71 27.27 -34.09
CA PHE N 52 -24.45 28.48 -34.87
C PHE N 52 -24.84 28.20 -36.32
N PRO N 53 -25.69 29.02 -36.92
CA PRO N 53 -26.03 28.83 -38.35
C PRO N 53 -24.78 28.93 -39.21
N GLY N 54 -24.73 28.09 -40.24
CA GLY N 54 -23.49 27.94 -40.99
C GLY N 54 -22.41 27.43 -40.05
N CYS N 55 -21.23 28.06 -40.11
CA CYS N 55 -20.14 27.82 -39.18
C CYS N 55 -19.49 26.46 -39.41
N VAL N 56 -20.14 25.64 -40.22
CA VAL N 56 -19.66 24.32 -40.61
C VAL N 56 -20.11 24.08 -42.04
N HIS N 57 -19.70 22.93 -42.59
CA HIS N 57 -20.18 22.52 -43.91
C HIS N 57 -20.31 21.00 -43.88
N LEU N 58 -21.54 20.53 -43.66
CA LEU N 58 -21.80 19.12 -43.39
C LEU N 58 -21.52 18.20 -44.58
N ARG N 59 -21.09 18.74 -45.72
CA ARG N 59 -20.84 17.87 -46.87
C ARG N 59 -19.62 16.97 -46.65
N LYS N 60 -18.57 17.49 -46.03
CA LYS N 60 -17.38 16.68 -45.76
C LYS N 60 -17.56 15.69 -44.61
N VAL N 61 -18.37 16.00 -43.60
CA VAL N 61 -18.54 15.05 -42.51
C VAL N 61 -19.25 13.79 -43.04
N LYS N 62 -18.86 12.65 -42.50
CA LYS N 62 -19.29 11.35 -43.00
C LYS N 62 -20.16 10.70 -41.93
N PHE N 63 -21.48 10.81 -42.10
CA PHE N 63 -22.43 10.24 -41.15
C PHE N 63 -22.43 8.72 -41.17
N GLN N 64 -21.95 8.10 -42.25
CA GLN N 64 -21.82 6.65 -42.33
C GLN N 64 -20.45 6.16 -41.92
N ALA N 65 -19.73 6.93 -41.09
CA ALA N 65 -18.38 6.56 -40.69
C ALA N 65 -18.38 5.27 -39.88
N LYS N 66 -17.47 4.36 -40.24
CA LYS N 66 -17.33 3.10 -39.52
C LYS N 66 -15.88 2.71 -39.29
N LEU N 67 -14.92 3.59 -39.60
CA LEU N 67 -13.51 3.28 -39.40
C LEU N 67 -12.83 4.35 -38.56
N GLU N 68 -11.51 4.23 -38.36
CA GLU N 68 -10.81 5.16 -37.50
C GLU N 68 -10.43 6.44 -38.23
N HIS N 69 -9.90 6.33 -39.44
CA HIS N 69 -9.52 7.52 -40.20
C HIS N 69 -10.72 8.40 -40.50
N GLU N 70 -11.89 7.80 -40.69
CA GLU N 70 -13.11 8.59 -40.85
C GLU N 70 -13.42 9.38 -39.58
N TYR N 71 -13.23 8.75 -38.41
CA TYR N 71 -13.38 9.46 -37.16
C TYR N 71 -12.40 10.62 -37.07
N ILE N 72 -11.16 10.39 -37.47
CA ILE N 72 -10.15 11.44 -37.44
C ILE N 72 -10.54 12.59 -38.35
N HIS N 73 -11.08 12.29 -39.54
CA HIS N 73 -11.50 13.35 -40.46
C HIS N 73 -12.64 14.16 -39.88
N ASN N 74 -13.63 13.48 -39.30
CA ASN N 74 -14.74 14.19 -38.65
C ASN N 74 -14.24 15.07 -37.52
N PHE N 75 -13.26 14.58 -36.75
CA PHE N 75 -12.72 15.40 -35.67
C PHE N 75 -11.87 16.55 -36.19
N LYS N 76 -11.24 16.38 -37.36
CA LYS N 76 -10.56 17.51 -38.00
C LYS N 76 -11.57 18.60 -38.35
N VAL N 77 -12.72 18.20 -38.90
CA VAL N 77 -13.78 19.16 -39.20
C VAL N 77 -14.25 19.85 -37.92
N LEU N 78 -14.43 19.07 -36.85
CA LEU N 78 -14.87 19.63 -35.58
C LEU N 78 -13.84 20.62 -35.04
N GLN N 79 -12.56 20.31 -35.16
CA GLN N 79 -11.50 21.21 -34.71
C GLN N 79 -11.51 22.51 -35.54
N ALA N 80 -11.74 22.39 -36.84
CA ALA N 80 -11.86 23.58 -37.67
C ALA N 80 -13.02 24.45 -37.22
N ALA N 81 -14.16 23.84 -36.91
CA ALA N 81 -15.31 24.59 -36.42
C ALA N 81 -14.98 25.27 -35.08
N PHE N 82 -14.33 24.54 -34.18
CA PHE N 82 -13.94 25.11 -32.90
C PHE N 82 -13.04 26.33 -33.08
N LYS N 83 -12.05 26.21 -33.97
CA LYS N 83 -11.18 27.34 -34.26
C LYS N 83 -11.97 28.51 -34.85
N LYS N 84 -12.94 28.21 -35.72
CA LYS N 84 -13.74 29.27 -36.34
C LYS N 84 -14.53 30.05 -35.29
N MET N 85 -15.15 29.35 -34.34
CA MET N 85 -15.95 30.06 -33.34
C MET N 85 -15.13 30.62 -32.19
N GLY N 86 -13.83 30.38 -32.14
CA GLY N 86 -13.00 30.93 -31.09
C GLY N 86 -13.05 30.19 -29.78
N VAL N 87 -13.74 29.06 -29.70
CA VAL N 87 -13.68 28.22 -28.51
C VAL N 87 -12.34 27.49 -28.51
N ASP N 88 -11.62 27.60 -27.39
CA ASP N 88 -10.22 27.21 -27.34
C ASP N 88 -9.97 25.95 -26.51
N LYS N 89 -11.02 25.16 -26.26
CA LYS N 89 -10.86 23.92 -25.51
C LYS N 89 -10.27 22.87 -26.44
N ILE N 90 -8.96 22.60 -26.29
CA ILE N 90 -8.32 21.56 -27.09
C ILE N 90 -8.99 20.23 -26.81
N ILE N 91 -9.31 19.49 -27.86
CA ILE N 91 -10.04 18.24 -27.72
C ILE N 91 -9.08 17.07 -27.88
N PRO N 92 -9.19 16.04 -27.04
CA PRO N 92 -8.31 14.85 -27.13
C PRO N 92 -8.82 13.80 -28.11
N VAL N 93 -8.57 14.06 -29.40
CA VAL N 93 -9.03 13.17 -30.46
C VAL N 93 -8.40 11.78 -30.32
N GLU N 94 -7.15 11.73 -29.87
CA GLU N 94 -6.43 10.46 -29.82
C GLU N 94 -7.14 9.46 -28.92
N LYS N 95 -7.63 9.90 -27.76
CA LYS N 95 -8.36 8.99 -26.88
C LYS N 95 -9.80 8.79 -27.33
N LEU N 96 -10.43 9.83 -27.89
CA LEU N 96 -11.82 9.71 -28.33
C LEU N 96 -11.97 8.69 -29.45
N VAL N 97 -11.04 8.67 -30.40
CA VAL N 97 -11.21 7.84 -31.60
C VAL N 97 -11.26 6.37 -31.24
N LYS N 98 -10.61 5.98 -30.15
CA LYS N 98 -10.64 4.58 -29.72
C LYS N 98 -12.03 4.12 -29.30
N GLY N 99 -12.96 5.05 -29.05
CA GLY N 99 -14.32 4.68 -28.74
C GLY N 99 -14.53 4.17 -27.34
N LYS N 100 -13.74 4.62 -26.38
CA LYS N 100 -13.78 4.08 -25.03
C LYS N 100 -14.62 4.99 -24.14
N PHE N 101 -15.17 4.40 -23.07
CA PHE N 101 -16.18 5.09 -22.28
C PHE N 101 -15.65 6.36 -21.63
N GLN N 102 -14.45 6.31 -21.06
CA GLN N 102 -13.95 7.38 -20.20
C GLN N 102 -13.91 8.73 -20.90
N ASP N 103 -13.08 8.83 -21.94
CA ASP N 103 -12.86 10.13 -22.56
C ASP N 103 -14.08 10.60 -23.35
N ASN N 104 -14.84 9.66 -23.92
CA ASN N 104 -16.08 10.05 -24.59
C ASN N 104 -17.08 10.66 -23.62
N PHE N 105 -17.24 10.06 -22.44
CA PHE N 105 -18.16 10.63 -21.46
C PHE N 105 -17.65 11.97 -20.94
N GLU N 106 -16.34 12.08 -20.70
CA GLU N 106 -15.76 13.35 -20.28
C GLU N 106 -16.04 14.44 -21.31
N PHE N 107 -15.77 14.14 -22.58
CA PHE N 107 -16.00 15.11 -23.65
C PHE N 107 -17.48 15.47 -23.77
N ILE N 108 -18.37 14.49 -23.67
CA ILE N 108 -19.79 14.81 -23.86
C ILE N 108 -20.35 15.60 -22.69
N GLN N 109 -19.85 15.38 -21.46
CA GLN N 109 -20.34 16.20 -20.36
C GLN N 109 -19.80 17.63 -20.45
N TRP N 110 -18.53 17.79 -20.84
CA TRP N 110 -18.03 19.14 -21.11
C TRP N 110 -18.84 19.79 -22.23
N PHE N 111 -19.18 19.01 -23.25
CA PHE N 111 -19.92 19.54 -24.40
C PHE N 111 -21.34 19.92 -24.00
N LYS N 112 -21.94 19.17 -23.07
CA LYS N 112 -23.24 19.56 -22.54
C LYS N 112 -23.14 20.89 -21.82
N LYS N 113 -22.10 21.08 -21.00
CA LYS N 113 -21.90 22.36 -20.34
C LYS N 113 -21.76 23.49 -21.37
N PHE N 114 -20.89 23.29 -22.36
CA PHE N 114 -20.65 24.30 -23.39
C PHE N 114 -21.90 24.59 -24.20
N PHE N 115 -22.68 23.55 -24.49
CA PHE N 115 -23.90 23.69 -25.29
C PHE N 115 -24.95 24.48 -24.51
N ASP N 116 -25.14 24.16 -23.24
CA ASP N 116 -26.03 24.97 -22.40
C ASP N 116 -25.55 26.40 -22.30
N ALA N 117 -24.23 26.61 -22.38
CA ALA N 117 -23.70 27.97 -22.34
C ALA N 117 -24.14 28.80 -23.54
N ASN N 118 -24.14 28.20 -24.74
CA ASN N 118 -24.23 28.96 -25.98
C ASN N 118 -25.45 28.60 -26.81
N TYR N 119 -26.60 28.39 -26.18
CA TYR N 119 -27.80 28.04 -26.93
C TYR N 119 -28.88 29.10 -26.68
N ASP N 120 -29.60 29.45 -27.75
CA ASP N 120 -30.55 30.54 -27.75
C ASP N 120 -32.00 30.10 -27.58
N GLY N 121 -32.46 29.16 -28.40
CA GLY N 121 -33.84 28.74 -28.37
C GLY N 121 -34.47 28.54 -29.74
N LYS N 122 -33.63 28.47 -30.77
CA LYS N 122 -34.14 28.24 -32.11
C LYS N 122 -34.67 26.83 -32.27
N ASP N 123 -35.50 26.63 -33.29
CA ASP N 123 -36.04 25.33 -33.65
C ASP N 123 -35.81 25.10 -35.13
N TYR N 124 -35.61 23.83 -35.49
CA TYR N 124 -35.43 23.45 -36.89
C TYR N 124 -35.56 21.93 -36.97
N ASN N 125 -35.37 21.41 -38.18
CA ASN N 125 -35.42 19.96 -38.41
C ASN N 125 -34.01 19.44 -38.55
N PRO N 126 -33.52 18.58 -37.66
CA PRO N 126 -32.17 18.02 -37.83
C PRO N 126 -32.02 17.20 -39.10
N LEU N 127 -33.10 16.64 -39.63
CA LEU N 127 -33.01 15.79 -40.82
C LEU N 127 -32.59 16.58 -42.06
N LEU N 128 -33.12 17.78 -42.24
CA LEU N 128 -32.78 18.57 -43.43
C LEU N 128 -31.30 18.90 -43.44
N ALA N 129 -30.74 19.24 -42.28
CA ALA N 129 -29.30 19.43 -42.18
C ALA N 129 -28.56 18.12 -42.41
N ARG N 130 -29.07 17.02 -41.83
CA ARG N 130 -28.46 15.71 -42.02
C ARG N 130 -28.62 15.21 -43.45
N GLN N 131 -29.58 15.72 -44.20
CA GLN N 131 -29.75 15.35 -45.60
C GLN N 131 -30.61 16.38 -46.34
#